data_6QC5
#
_entry.id   6QC5
#
loop_
_entity.id
_entity.type
_entity.pdbx_description
1 polymer 'NADH dehydrogenase [ubiquinone] flavoprotein 1, mitochondrial'
2 polymer NDUFV2
3 polymer 'NADH:ubiquinone oxidoreductase core subunit S1'
4 polymer 'NDUFS2,NADH:ubiquinone oxidoreductase core subunit S2'
5 polymer 'NADH:ubiquinone oxidoreductase core subunit S3'
6 polymer 'NADH:ubiquinone oxidoreductase core subunit S7,NDUFS7'
7 polymer NDUFS8
8 polymer NDUFV3
9 polymer NDUFS6
10 polymer 'NADH:ubiquinone oxidoreductase subunit S4'
11 polymer 'NADH:ubiquinone oxidoreductase subunit A9'
12 polymer 'NADH dehydrogenase [ubiquinone] 1 alpha subcomplex subunit 2'
13 polymer NDUFA5
14 polymer 'NADH:ubiquinone oxidoreductase subunit A6'
15 polymer NDUFA7
16 polymer 'NADH dehydrogenase [ubiquinone] 1 alpha subcomplex subunit 12'
17 polymer 'Acyl carrier protein'
18 polymer NDUFA13
19 polymer 'NADH-ubiquinone oxidoreductase chain 3'
20 polymer 'NADH-ubiquinone oxidoreductase chain 1'
21 polymer 'NADH-ubiquinone oxidoreductase chain 6'
22 polymer 'NADH-ubiquinone oxidoreductase chain 4L'
23 polymer 'NADH-ubiquinone oxidoreductase chain 5'
24 polymer 'NADH-ubiquinone oxidoreductase chain 4'
25 polymer 'NADH-ubiquinone oxidoreductase chain 2'
26 polymer NDUFA11
27 polymer 'NADH:ubiquinone oxidoreductase subunit B5'
28 polymer 'NADH dehydrogenase [ubiquinone] 1 alpha subcomplex subunit 8'
29 polymer NDUFB10
30 polymer 'NADH dehydrogenase [ubiquinone] 1 alpha subcomplex subunit 10, mitochondrial'
31 polymer 'NADH:ubiquinone oxidoreductase subunit S5'
32 polymer 'NADH:ubiquinone oxidoreductase subunit A3'
33 polymer 'NADH:ubiquinone oxidoreductase subunit B3'
34 polymer 'NADH dehydrogenase [ubiquinone] 1 subunit C2'
35 polymer 'NADH:ubiquinone oxidoreductase subunit B4'
36 polymer NDUFB6
37 polymer 'NADH:ubiquinone oxidoreductase subunit B7'
38 polymer 'NADH:ubiquinone oxidoreductase subunit B9'
39 polymer 'NADH:ubiquinone oxidoreductase subunit B2'
40 polymer 'NADH dehydrogenase [ubiquinone] 1 beta subcomplex subunit 8, mitochondrial'
41 polymer NDUFB11
42 polymer NDUFC1
43 polymer NDUFB1
44 polymer NDUFA1
45 non-polymer 'IRON/SULFUR CLUSTER'
46 non-polymer 'FLAVIN MONONUCLEOTIDE'
47 non-polymer 'FE2/S2 (INORGANIC) CLUSTER'
48 non-polymer 1,2-Distearoyl-sn-glycerophosphoethanolamine
49 non-polymer 'ZINC ION'
50 non-polymer 'NADPH DIHYDRO-NICOTINAMIDE-ADENINE-DINUCLEOTIDE PHOSPHATE'
51 non-polymer 'S-[2-({N-[(2S)-2-hydroxy-3,3-dimethyl-4-(phosphonooxy)butanoyl]-beta-alanyl}amino)ethyl] tetradecanethioate'
52 non-polymer 1,2-DIACYL-SN-GLYCERO-3-PHOSPHOCHOLINE
#
loop_
_entity_poly.entity_id
_entity_poly.type
_entity_poly.pdbx_seq_one_letter_code
_entity_poly.pdbx_strand_id
1 'polypeptide(L)'
;FSGDTTAPKKTSFGSLKDEDRIFTNLYGRHDWRLKGAQSRGDWYKTKEILLKGPDWILGEVKTSGLRGRGGAGFPTGLKW
SFMNKPSDGRPKYLVVNADEGEPGTCKDREIIRHDPHKLVEGCLVGGRAMGARAAYIYIRGEFYNEASNLQVAIREAYEA
GLIGKNACGSGYDFDVFVVRGAGAYICGEETALIESIEGKQGKPRLKPPFPADVGVFGCPTTVANVETVAVSPTICRRGG
AWFASFGRERNSGTKLFNISGHVNNPCTVEEEMSVPLKELIEKHAGGVTGGWDNLLAVIPGGSSTPLIPKSVCETVLMDF
DALIQAQTGLGTAAVIVMDRSTDIVKAIARLIEFYKHESCGQCTPCREGVDWMNKVMARFVRGDARPAEIDSLWEISKQI
EGHTICALGDGAAWPVQGLIRHFRPELEERMQRFAQQHQARQAAS
;
V1
2 'polypeptide(L)'
;GAGGALFVHRDTPKNNPETPFDFTPENYKRIEAIVKNYPEGHKAAAVLPVLDLAQRQNGWLPISAMNKVAEILQVPPMRV
YEVATFYTMYNRKPVGKYHIQVCTTTPCMLRNSDSILEAIQKKLGIKVGETTPDKLFTLIEVECLGACVNAPMVQINDNY
YEDLTPKDIEEIIDELKAGKIPKPGPRSGRFSCEPAGGLTSLTEPPKGPGFGVQAGL
;
V2
3 'polypeptide(L)'
;TATAASNLIEVFVDGQSVMVEPGTTVLQACEKVGMQIPRFCYHERLSVAGNCRMCLVEIEKAPKVVAACAMPVMKGWNIL
TNSEKTKKAREGVMEFLLANHPLDCPICDQGGECDLQDQSMMFGSDRSRFLEGKRAVEDKNIGPLVKTIMTRCIQCTRCI
RFASEIAGVDDLGTTGRGNDMQVGTYIEKMFMSELSGNIIDICPVGALTSKPYAFTARPWETRKTESIDVMDAVGSNIVV
STRTGEVMRILPRMHEDINEEWISDKTRFAYDGLKRQRLTEPMVRNEKGLLTHTTWEDALSRVAGMLQSCQGNDVAAIAG
GLVDAEALIALKDLLNRVDSDTLCTEEVFPTAGAGTDLRSNYLLNTTIAGVEEADVVLLVGTNPRFEAPLFNARIRKSWL
HNDLKVALIGSPVDLTYRYDHLGDSPKILQDIASGSHPFSQVLQEAKKPMVVLGSSALQRNDGAAILAAVSNIAQKIRTS
SGVTGDWKVMNILHRIASQVAALDLGYKPGVEAIRKNPPKMLFLLGADGGCVTRQDLPKDCFIVYQGHHGDVGAPIADVI
LPGAAYTEKSATYVNTEGRAQQTKVAVMPPGLAREDWKIIRALSEIAGMTLPYDTLDQVRNRLEEVSPNLVRYDDVEGAN
YFQQASELSKLVNQQLLADPLVPPQLTIKDFYMTDSISRASQTMAKCVKAVTEGAHAVEEPSIC
;
S1
4 'polypeptide(L)'
;ARQWQPDVEWAEQYGGAVMYPTKETAHWKPPPWNDVDPPKDTLVSNLTLNFGPQHPAAHGVLRLVMELSGEMVRKCDPHI
GLLHRGTEKLIEYKTYLQALPYFDRLDYVSMMCNEQAYSLAVEKLLNIQPPPRAQWIRVLFGEITRLLNHIMAVTTHALD
IGAMTPFFWMFEEREKMFEFYERVSGARMHAAYVRPGGVHQDLPLGLMDDIYEFSKNFSLRIDELEEMLTNNRIWRNRTV
DIGVVTAEDALNYGFSGVMLRGSGIQWDLRKTQPYDVYDQVEFDVPIGSRGDCYDRYLCRVEEMRQSIRIISQCLNKMPP
GEIKVDDAKVSPPKRAEMKTSMESLIHHFKLYTEGYQVPPGATYTAIEAPKGEFGVYLVSDGSSRPYRCKIKAPGFAHLA
GLDKMSKGHMLADVVAIIGTQDIVFGEVDR
;
S2
5 'polypeptide(L)'
;ESASADTRPTVRPRNDVAHKQLSAFGEYVAEILPKYVQQVQVSCFSELEICIHPDGVIPVLTFLRDHSNAQFKSLADLTA
VDIPTRQNRFEIVYNLLSLRFNSRIRVKTYTDELTPVESSVSVYKAANWYEREIWDMFGVFFANHPDLRRILTDYGFEGH
PFRKDFPLSGYVELRYDDEVKRVVAEPVELAQEFRKFDLNSPWEAFPAYRQPPESLKLEAGDKKPEAK
;
S3
6 'polypeptide(L)'
;PSSTQPAVSQARAVVPKPAALPSSRGEYVVAKLDDLINWARRSSLWPMTFGLACCAVEMMHMAAPRYDMDRFGVVFRASP
RQSDVMIVAGTLTNKMAPALRKVYDQMPEPRYVVSMGSCANGGGYYHYSYSVVRGCDRIVPVDIYVPGCPPTAEALLYGI
LQLQKKIKREKRLRIWYRR
;
S7
7 'polypeptide(L)'
;TYKYVNLREPSMDMKSVTDRAAQTLLWTELIRGLGMTLSYLFREPATINYPFEKGPLSPRFRGEHALRRYPSGEERCIAC
KLCEAVCPAQAITIEAEPRADGSRRTTRYDIDMTKCIYCGFCQEACPVDAIVEGPNFEFSTETHEELLYNKEKLLNNGDK
WEAEIAANIQADYLYR
;
S8
8 'polypeptide(L)' SAESGKNEKGLPPNPKKQSPPKKPASAAPTEPFDNTTYKNLQHHDYSTYTFLDLNLDLSKFRMPQPSSGRESPRH V3
9 'polypeptide(L)'
;GVRTSPTGEKVTHTGQVYDDEDYRRVRFVGRQKEVNENFAIDLIAEQPVSQVGSRVISCDGGGGALGHPRVYINLDKETK
TGTCGYCGLQFRQQHH
;
S6
10 'polypeptide(L)'
;AQDQTRDTQLITVDEKLDITTLTGVPEEHIKTRKARIFVPARNNMQSGVNNTKKWKMEFDTRERWENPLMGWASTADPLS
NLVLTFSTKEDAIAFAEKNGWSYDVEERKVPKPKSKSYGANFSWNKRTRVSTK
;
S4
11 'polypeptide(L)'
;LHHAVIPHGKGGRSSVSGIVATVFGATGFLGRYLVNHLGRMGSQVIVPYRCEPYDTMHLRPMGDLGQIIFMDWNGRDKDS
IRRAVEHSNVVINLVGREWETKNFDFEDVFVKIPQAIAQVSKEAGVEKFIHISHLNADIKSSSKYLRNKAVGEKEVRETF
PEATIIKPADIFGREDRFLNYFANIRWFGGVPLISLGKKTVKQPVYIVDVTKGIINAIKDPDARGKTFAFVGPNRYLLFD
LVQYVFAVAHRPFLPYPMPHFAYRWIGRLFEISPFEPWTTRDKVERIHTTDRTLPHLPGLEDLGVQATPLELKAIEVLRR
HRTYRWLSSEIEDVQPAK
;
A9
12 'polypeptide(L)'
;AAAAAIRGVRGKLGLREIRIHLCQRSPGSQGVRDFIEKRYVELKKANPDLPILIRECSDVQPKLWARYAFGQEKNVSLNN
FSADQVTRALENVLSSKA
;
A2
13 'polypeptide(L)'
;AGLLKKTTGLVGLAVCETPHERLKILYTKILDVLGHIPKNAAYRKYTEQITNEKLSIVKAEPDVKKLEEQLQGGQIEEVI
LQAENELSLARKMIQWKPWEPLVEEPPASQWKWPI
;
A5
14 'polypeptide(L)'
;AASGLRQAAVAASTSVKPIFSRDMNEAKRRVRELYRAWYREVPNTVHLFQLDISVKQGRDKVREMFKKNAHVTDPRVVDL
LVIKGKMELEETINVWKQRTHVMRFFHETEAPRPKDFLSKFYVGHDP
;
A6
15 'polypeptide(L)'
;ASATRLIQGLRNWASGRDLQAKLQLRYQEISKRTQPPPKLPVGPSHRLSNNYYCARDGRREAMPPSIVMSSQKVLVAGKP
AESSAVAASEKKAVSPAPPIKRWELSQDEPYL
;
A7
16 'polypeptide(L)'
;MELLQVLKRGLQQVSGHGGLRGYLRVLFRANDVRVGTLVGEDKYGNKYYEDNKQFFGRHRWVIYTTEMNGKNTFWDVDGS
MVPPEWHRWLHCMTDDPPTVKPPTARKFIWTNHKFNLSGTPQQYVPYSTTRKKIQEWVPPSTPYK
;
AL
17 'polypeptide(L)'
;SDAPPLTLEGIKDRVLYVLKLYDKIDPEKLSVNSHFMKDLGLDSLDQVEIIMAMEDEFGFEIPDIDAEKLMCPQEIVDYI
ADKKDVYE
;
AA,AB
18 'polypeptide(L)'
;AASKVKQDMPPVGGYGPIDYKRNLPRRGLSGYSMFAVGIGALLFGYWSMMRWNRERRRLQIEDFEARIALMPLLQAEKDR
RVLQMLRENLEEEATIMKDVPGWKVGESVFHTTRWVTPMMGELYGLRTGEEILSSTYGFIWYT
;
AM
19 'polypeptide(L)'
;MNLMITLLTNFTLATLLVTIAFWLPQLNVYSEKTSPYECGFDPMGSARLPFSMKFFLVAITFLLFDLEIALLLPLPWASQ
TTNLNTMLTMALLLIFLLAVSLAYEWTQKGLEWTE
;
D3
20 'polypeptide(L)'
;MFMINVLTLIIPILLAVAFLTLVERKVLGYMQFRKGPNVVGPYGLLQPIADAIKLFIKEPLRPATSSISMFILAPILALT
LALTMWIPLPMPYPLINMNLGVLFMLAMSSLAVYSILWSGWASNSKYALIGALRAVAQTISYEVTLAIILLSVLLMNGSF
TLSTLIITQEQVWLIFPAWPLAMMWFISTLAETNRAPFDLTEGESELVSGFNVEYAAGPFALFFMAEYANIIMMNIFTTT
LFLGAFHNPYMPELYTINFTIKSLLLSITFLWIRASYPRFRYDQLMHLLWKNFLPLTLALCMWHVSLPILLSSIPPQT
;
D1
21 'polypeptide(L)'
;MMTYIVFILSIIFVMGFVGFSSKPSPIYGGLGLIVSGGVGCGIVLNFGGSFLGLMVFLIYLGGMMVVFGYTTAMATEQYP
EVWVSNKVVLGTFITGLLMEFLMVYYVLKDKEVEIVFKFNGMGDWVIYDTGDSGFFSEEAMGIAALYSYGTWLVIVTGWS
LLIGVVVIMEITRGN
;
D6
22 'polypeptide(L)'
;MSLVYMNIMMAFTVSLTGLLMYRSHLMSSLLCLEGMMLSLFILATLMILNSHFTLASMMPIILLVFAACEAALGLSLLVM
VSNTYGTDYVQNLNLLQC
;
4L
23 'polypeptide(L)'
;MNLFSSLTLVTLILLTMPIAAINFNTHKFTNYPLYVKTTISCAFITSMIPTMMFIHTGQEMIISNWHWLTIQTLKLSLSF
KMDFFSMMFVPVALFVTWSIMEFSMWYMHSDPNINQFFKYLLLFLITMLILVTANNLFQLFIGWEGVGIMSFLLIGWWYG
RTDANTAALQAILYNRIGDIGFILAMAWFLINLNTWDLQQIFMLNPNDSNLPLMGLILAATGKSAQFGLHPWLPSAMEGP
TPVSALLHSSTMVVAGIFLLIRFYPLTENNKFGQSIMLCLGAMTTLFTAMCALTQNDIKKIIAFSTSSQLGLMMVTIGIN
QPHLAFLHICTHAFFKAMLFMCSGSIIHSLNDEQDIRKMGGLFKAMPFTTTALIIGSLALTGMPFLTGFYSKDLIIESAN
TSYTNAWALLMTLVATSFTAIYSTRIIFFALLGQPRFPTLININENNPFLINSIKRLLIGSLFAGFIISNNIPPMTIPQM
TMPHYLKMTALTVTILGFILALEISNTTHYLKFNYPSNTFKFSNLLGYYPTIMHRLTPYMNLTMSQKSASSLLDLIWLET
ILPKTISLAQMKMSTTITSQKGLIKLYFLSFLITILISTTLLNFHE
;
D5
24 'polypeptide(L)'
;MLKYIIPTMMLMPLTWLSKNSMIWINTTLHSLLISLTSLLLLNQFGDNSLNFSLTFFSDSLSTPLLILTMWLLPLMLMAS
QHHLSKENLARKKLFISMLILLQLFLIMTFTATELIFFYIMFEATLVPTLIIITRWGNQTERLNAGLYFLFYTLAGSLPL
LVALIYIQNTMGSLNFLILQYWVQPMPNSWSNTFMWLACMMAFMVKMPLYGLHLWLPKAHVEAPIAGSMVLAAILLKLGG
YGMMRITLLLNPITDFMAYPFIMLSLWGMIMTSSICLRQTDLKSLIAYSSVSHMALVIVAILIQTPWSYMGATALMIAHG
LTSSMLFCLANSNYERVHSRTMILARGLQTLLPLMAAWWLLASLTNLALPPSINLIGELFVVMSTFSWSNITIILMGLNM
VITALYSLYMLITTQRGKHTHHINNILPSFTRENALMSLHMLPLLLLSLNPKIILGPLY
;
D4
25 'polypeptide(L)'
;MNPIILIIILMTVMLGTIIVMISTHWLLIWIGFEMNMLAIIPIMMKKHNPRATEASTKYFLTQSTASMLLMMAIIINLMF
SGQWTVMKLFNPMASMLMTMALAMKLGMAPFHFWVPEVTQGIPLSSGLILLTWQKLAPMSVLYQILPSINLDLILTLSIL
SITIGGWGGLNQTQLRKIMAYSSIAHMGWMTAVLLYNPTMTLLNLIIYIIMTSTMFTLFMANSTTTTLSLSHTWNKAPIM
TILVLITLLSMGGLPPLSGFMPKWMIIQEMTKNDSIILPTLMAITALLNLYFYMRLTYSTALTMFPSTNNMKMKWQFPTT
KRMTLLPTMTVLSTMLLPLTPILSILE
;
D2
26 'polypeptide(L)'
;AKTLLHQYWDIPEGTECHRKTYAATSIGGASGLVVSAYSVALKTPTSFLEGVARTGRYTFTAAAIGAIFGLTSCISAQVR
EKPDDPLNYLIGGCAGGLTLGARTRSYGIGAAACAYMGLTAALVKMGQLEGWKVFAEPKV
;
AK
27 'polypeptide(L)'
;SGDHGKRLFIIKPSGFYDKRFLKLLRFYILLTGIPVVIGITLINVFIGEAELAEIPEGYVPEHWEYFKHPISRWIARTFF
DAPEKNYERTMAILQIESEKAELRLKELEVRRLMRAKGDGPWFQYPTIDKALIDHSPKATPDN
;
B5
28 'polypeptide(L)'
;PGIVELPSLEDLKVQEVKVSSSVLKAAAHHYGAQCDKPNKEFMLCRWEEKDPRRCLEEGKLVNQCALEFFRQIKRHCAEP
FTEYWTCIDYSGLQLFRRCRKEQAQFDKCVLDKLGWVRPDLGELSKVTKVKTDRPLPENPYHSRARPEPNPEVEGDLKPA
RHGSRLFFWTM
;
A8
29 'polypeptide(L)'
;PDSWDKDVYPEPPRRTPAPSPQTSLPNPITYLTKAFDLLVDRPVTLVREFIERQHAKNKYYYYHREFRRVPDITECHEKD
VLCMFEAEMQWKRDYKVDQEIVNIIQERLKACQQREGESHRQNCAKELQQFTQVVKAYQDRYHDLGAHYSARKCLAKQKQ
RMLAERKATKEAAAA
;
BJ
30 'polypeptide(L)'
;LQYGPLAYILGEKTTKKMTENSKLITVDGNICSGKSKLAKEVAEKLGLKHFPEAGIHYADSTTGDGKPLPVRFSGNCSLE
KFYDDPKSNDGNSYRLQAWLYASRLLQYADALEHLLSTGQGVVLERSIYSDFVFLEAMYRQGFIRKQCVDHYNQVKKVTV
CEYLPPHVVIYVDVPVSEVQSRIQKKGNPHEMKITSAYLQDIENVYKGTFLPEMSEKCEVLQYSAWEAEDAEKVVEDIQY
LKYDKGPWLDQDDRKLHNLRMLVQDKLEVLNYTSIPVFLPEVTIGAHQSDRVFQEFTELPGRKYRAGYNEDVGDKWIWLK
;
AJ
31 'polypeptide(L)'
;PFFDVQKKLGVDLDHWMTIQSAEQPHRIPARCHAFEKEWIECAHGIGSIRAEKECKIEFEDFRECLLRQKTMKRLNAIKR
QRDKLIKEGKYTPPPHHSGQEDLRP
;
S5
32 'polypeptide(L)'
;APRVAAFLKNVWAKEPVLVASFAIAGLAVILPTLSPYTKYSLMINRATPYNYPVPLRDDGNMPDVPSHPQDPQGPSLEWL
KRL
;
A3
33 'polypeptide(L)'
;AHGHGHEHGPSKMELPDYKQWKIEGTPLETVQEKLAARGLRDPWGRNEAWRYMGGFANNVSFVGALLKGFKWGFAAFVVA
VGAEYYLESQKKDKKHH
;
B3
34 'polypeptide(L)'
;MMTGRQARAPLQFLPDEARSLPPPKLTDPRLAYIGFLGYCSGLIDNAIRRRPVLSAGLHRQFLYITSFVFVGYYLLKRQD
YMYAVRDHDMFSYIKSHPEDFPEKDKKTYREVFEEFHPVR
;
C2
35 'polypeptide(L)'
;SFPKYEPSRLASLPTTLDPAEYDISSETRKAQAERLAIRSRLKREYQLQYNDPSRRGVVEDPALIRWTCARSANVYPNFR
PNTKTSLLGALFGIGPLIFWYYVFKTDRDRKEKLIQEGKLDRTFNISY
;
B4
36 'polypeptide(L)'
;SGYTPDEKLRLQQLRELRRRWLKDQELSPREPVLPPRRVSPVERFWNKFLQDGALWKNVIYKTYRHSIFAFTHVLIPVWI
IHYYLKYHVTTKPYTIVEKKPRIFPGDTILETGEVIPPMKEFPDQHH
;
B6
37 'polypeptide(L)'
;GAHLARRYLGDASVEPEPLRMPTFPPDYGFPERKEREMVATQQEMNDAQLVLQQRDYCAHYLIRFLKCKRDSFPNFLACK
HEQHDWDYCEHLDYVKRMKEFERERRLLQRKKRREQREADMAKGLGPGEVAPEVAL
;
B7
38 'polypeptide(L)'
;AFLPSAAYLTHQQKVLQLYKRALRHLESRCVHRDKYRYFACLLRARFDEHKNEKDMVKATQLLREAEKEFWHGQHPQPYI
FPESPGGTSYERYECYKVPEWCLDDWHPSEKAMYPDYFAKREQWKKLRRESWEREVKQLQEETPVGGPRTEALPPARKQG
DLPPLWWHIVTRPRERPM
;
B9
39 'polypeptide(L)' AGGGAHIEPRYRQFPQLTRSQVIQAEFFSATMWFWILWRFWHDSDAVLGHFPYPDPSQWTDEELGIPPDDED B2
40 'polypeptide(L)'
;ASHITKDMLPGPYPKTPEERAAAAKKYNMRVEDYEPYPDDGMGYGDYPKLPDRSQQERDPWYDWDHPDLRLNWGEPMHWD
LDMYIRNRVDTSPTPVNWNLMCKHLFGFVAFMLFMFWVGETYPTYQPVGPKQYPYNNLYLERGGDPNKEPEPVVHYEI
;
B8
41 'polypeptide(L)'
;ESSSSRAVIAPSTLAGKRPSEPTLRWQEDPEPEDENLYEKNPDSHGYDKDPAVDVWNMRVVFFFGFSIVLVLGSTFVAYL
PDYRMQEWARREAERLVKYREAHGLPLMESNCFDPSKIQLPEDED
;
BK
42 'polypeptide(L)' KFYIQEPPHGSPNWLKVGLTLGTSAFLWIYLIKQHNEDVLEYKRRNGLE C1
43 'polypeptide(L)' MNLLQVVRDHWIHVLVPVGFVFGYYLDRKNDEKLAAFRNKSLLYKRELKPNEEVTWK B1
44 'polypeptide(L)' MWFEVLPGIAVMGVCLFIPGMATARIHRFSNGGREKRVAHYSYQWYLMERDRRVSGVNRYYVSKGLENID A1
#
loop_
_chem_comp.id
_chem_comp.type
_chem_comp.name
_chem_comp.formula
3PE non-polymer 1,2-Distearoyl-sn-glycerophosphoethanolamine 'C41 H82 N O8 P'
FES non-polymer 'FE2/S2 (INORGANIC) CLUSTER' 'Fe2 S2'
FMN non-polymer 'FLAVIN MONONUCLEOTIDE' 'C17 H21 N4 O9 P'
NDP non-polymer 'NADPH DIHYDRO-NICOTINAMIDE-ADENINE-DINUCLEOTIDE PHOSPHATE' 'C21 H30 N7 O17 P3'
PC1 non-polymer 1,2-DIACYL-SN-GLYCERO-3-PHOSPHOCHOLINE 'C44 H88 N O8 P'
SF4 non-polymer 'IRON/SULFUR CLUSTER' 'Fe4 S4'
ZMP non-polymer 'S-[2-({N-[(2S)-2-hydroxy-3,3-dimethyl-4-(phosphonooxy)butanoyl]-beta-alanyl}amino)ethyl] tetradecanethioate' 'C25 H49 N2 O8 P S'
ZN non-polymer 'ZINC ION' 'Zn 2'
#
# COMPACT_ATOMS: atom_id res chain seq x y z
N LYS A 10 43.10 -59.83 -106.83
CA LYS A 10 41.67 -60.01 -106.60
C LYS A 10 40.94 -60.58 -107.80
N THR A 11 39.61 -60.44 -107.74
CA THR A 11 38.72 -60.56 -108.88
C THR A 11 37.81 -59.35 -108.89
N SER A 12 36.99 -59.23 -109.93
CA SER A 12 35.91 -58.25 -109.96
C SER A 12 34.68 -58.87 -109.29
N PHE A 13 34.83 -59.08 -107.98
CA PHE A 13 33.82 -59.61 -107.06
C PHE A 13 33.39 -61.05 -107.40
N GLY A 14 34.17 -61.76 -108.21
CA GLY A 14 34.09 -63.20 -108.29
C GLY A 14 32.91 -63.86 -108.99
N SER A 15 33.16 -65.07 -109.48
CA SER A 15 32.19 -66.02 -109.98
C SER A 15 32.89 -67.37 -110.06
N LEU A 16 32.19 -68.44 -109.69
CA LEU A 16 32.86 -69.69 -109.37
C LEU A 16 33.33 -70.42 -110.64
N LYS A 17 34.36 -71.22 -110.47
CA LYS A 17 34.98 -72.01 -111.53
C LYS A 17 34.91 -73.48 -111.17
N ASP A 18 34.48 -74.33 -112.12
CA ASP A 18 34.19 -75.72 -111.83
C ASP A 18 35.49 -76.52 -111.64
N GLU A 19 35.34 -77.75 -111.10
CA GLU A 19 36.33 -78.73 -110.64
C GLU A 19 36.93 -78.29 -109.30
N ASP A 20 36.63 -77.07 -108.88
CA ASP A 20 37.04 -76.54 -107.59
C ASP A 20 35.89 -76.51 -106.61
N ARG A 21 34.79 -77.19 -106.93
CA ARG A 21 33.69 -77.28 -106.00
C ARG A 21 34.05 -78.23 -104.87
N ILE A 22 33.33 -78.09 -103.75
CA ILE A 22 33.79 -78.67 -102.51
C ILE A 22 33.51 -80.17 -102.47
N PHE A 23 32.28 -80.55 -102.78
CA PHE A 23 31.90 -81.95 -102.84
C PHE A 23 31.07 -82.20 -104.09
N THR A 24 30.68 -83.45 -104.27
CA THR A 24 30.02 -83.91 -105.48
C THR A 24 28.65 -84.47 -105.15
N ASN A 25 28.02 -85.05 -106.17
CA ASN A 25 26.72 -85.71 -106.12
C ASN A 25 25.62 -84.76 -105.61
N LEU A 26 25.35 -83.77 -106.45
CA LEU A 26 24.14 -82.99 -106.29
C LEU A 26 22.89 -83.87 -106.41
N TYR A 27 22.81 -84.62 -107.50
CA TYR A 27 21.70 -85.57 -107.66
C TYR A 27 22.19 -86.75 -108.46
N GLY A 28 21.88 -87.95 -107.97
CA GLY A 28 22.00 -89.19 -108.71
C GLY A 28 23.37 -89.52 -109.25
N ARG A 29 24.43 -88.97 -108.68
CA ARG A 29 25.73 -89.30 -109.24
C ARG A 29 26.16 -90.66 -108.75
N HIS A 30 27.39 -91.01 -109.14
CA HIS A 30 27.87 -92.35 -109.51
C HIS A 30 27.26 -93.52 -108.78
N ASP A 31 27.28 -93.49 -107.46
CA ASP A 31 26.73 -94.51 -106.59
C ASP A 31 26.69 -93.96 -105.18
N TRP A 32 26.44 -94.83 -104.23
CA TRP A 32 26.68 -94.53 -102.82
C TRP A 32 27.08 -95.79 -102.10
N ARG A 33 28.29 -95.79 -101.57
CA ARG A 33 29.04 -96.93 -101.09
C ARG A 33 30.35 -96.36 -100.54
N LEU A 34 31.02 -97.12 -99.67
CA LEU A 34 32.38 -96.71 -99.32
C LEU A 34 33.29 -96.81 -100.53
N LYS A 35 33.03 -97.77 -101.41
CA LYS A 35 33.74 -97.83 -102.70
C LYS A 35 33.46 -96.59 -103.52
N GLY A 36 32.22 -96.13 -103.52
CA GLY A 36 31.87 -94.94 -104.31
C GLY A 36 32.50 -93.68 -103.77
N ALA A 37 32.47 -93.49 -102.45
CA ALA A 37 33.09 -92.32 -101.86
C ALA A 37 34.60 -92.38 -101.97
N GLN A 38 35.18 -93.58 -101.92
CA GLN A 38 36.61 -93.75 -102.14
C GLN A 38 36.99 -93.38 -103.56
N SER A 39 36.16 -93.78 -104.53
CA SER A 39 36.43 -93.45 -105.92
C SER A 39 36.22 -91.97 -106.20
N ARG A 40 35.29 -91.34 -105.49
CA ARG A 40 34.98 -89.94 -105.72
C ARG A 40 35.74 -89.01 -104.79
N GLY A 41 36.64 -89.53 -103.96
CA GLY A 41 37.55 -88.64 -103.28
C GLY A 41 37.42 -88.55 -101.77
N ASP A 42 37.06 -89.65 -101.11
CA ASP A 42 37.02 -89.71 -99.66
C ASP A 42 37.90 -90.84 -99.17
N TRP A 43 38.33 -90.72 -97.91
CA TRP A 43 39.30 -91.61 -97.25
C TRP A 43 40.60 -91.68 -98.05
N TYR A 44 41.28 -90.54 -98.14
CA TYR A 44 42.50 -90.48 -98.94
C TYR A 44 43.56 -89.71 -98.18
N LYS A 45 44.64 -90.41 -97.81
CA LYS A 45 45.83 -89.88 -97.16
C LYS A 45 45.54 -89.21 -95.82
N THR A 46 44.39 -89.49 -95.21
CA THR A 46 44.01 -88.78 -94.00
C THR A 46 44.69 -89.34 -92.77
N LYS A 47 45.29 -90.53 -92.87
CA LYS A 47 46.17 -91.02 -91.81
C LYS A 47 47.36 -90.09 -91.64
N GLU A 48 47.95 -89.65 -92.77
CA GLU A 48 49.07 -88.73 -92.72
C GLU A 48 48.62 -87.31 -92.40
N ILE A 49 47.33 -87.01 -92.58
CA ILE A 49 46.79 -85.73 -92.13
C ILE A 49 46.67 -85.73 -90.61
N LEU A 50 45.90 -86.68 -90.08
CA LEU A 50 45.62 -86.73 -88.65
C LEU A 50 46.76 -87.31 -87.83
N LEU A 51 47.85 -87.69 -88.48
CA LEU A 51 49.07 -88.09 -87.79
C LEU A 51 50.18 -87.09 -88.07
N LYS A 52 49.81 -85.81 -88.17
CA LYS A 52 50.77 -84.72 -88.33
C LYS A 52 50.79 -83.77 -87.15
N GLY A 53 49.66 -83.17 -86.80
CA GLY A 53 49.64 -82.26 -85.69
C GLY A 53 48.46 -81.32 -85.69
N PRO A 54 47.93 -81.00 -84.51
CA PRO A 54 46.73 -80.16 -84.43
C PRO A 54 46.96 -78.74 -84.87
N ASP A 55 48.13 -78.18 -84.57
CA ASP A 55 48.40 -76.80 -84.91
C ASP A 55 48.52 -76.60 -86.41
N TRP A 56 48.87 -77.65 -87.16
CA TRP A 56 48.87 -77.52 -88.61
C TRP A 56 47.46 -77.34 -89.14
N ILE A 57 46.52 -78.14 -88.65
CA ILE A 57 45.13 -78.02 -89.06
C ILE A 57 44.54 -76.69 -88.58
N LEU A 58 44.87 -76.29 -87.35
CA LEU A 58 44.30 -75.07 -86.81
C LEU A 58 44.87 -73.83 -87.50
N GLY A 59 46.14 -73.87 -87.91
CA GLY A 59 46.69 -72.79 -88.71
C GLY A 59 46.15 -72.79 -90.12
N GLU A 60 45.88 -73.97 -90.67
CA GLU A 60 45.19 -74.06 -91.95
C GLU A 60 43.81 -73.42 -91.89
N VAL A 61 43.12 -73.61 -90.76
CA VAL A 61 41.79 -73.04 -90.61
C VAL A 61 41.85 -71.53 -90.46
N LYS A 62 42.68 -71.06 -89.52
CA LYS A 62 42.74 -69.63 -89.26
C LYS A 62 43.46 -68.84 -90.36
N THR A 63 44.19 -69.50 -91.26
CA THR A 63 44.81 -68.84 -92.39
C THR A 63 43.94 -68.92 -93.64
N SER A 64 43.25 -70.05 -93.80
CA SER A 64 42.22 -70.16 -94.82
C SER A 64 41.07 -69.22 -94.54
N GLY A 65 40.75 -68.99 -93.28
CA GLY A 65 39.71 -68.07 -92.90
C GLY A 65 38.33 -68.65 -93.16
N LEU A 66 38.14 -69.89 -92.73
CA LEU A 66 36.88 -70.59 -92.95
C LEU A 66 35.79 -69.96 -92.11
N ARG A 67 34.90 -69.21 -92.76
CA ARG A 67 33.82 -68.54 -92.05
C ARG A 67 32.76 -69.56 -91.66
N GLY A 68 32.29 -69.46 -90.41
CA GLY A 68 31.31 -70.39 -89.92
C GLY A 68 29.96 -70.22 -90.61
N ARG A 69 29.22 -71.31 -90.67
CA ARG A 69 27.96 -71.36 -91.39
C ARG A 69 26.81 -71.58 -90.41
N GLY A 70 25.60 -71.53 -90.93
CA GLY A 70 24.41 -71.66 -90.10
C GLY A 70 23.79 -70.36 -89.66
N GLY A 71 24.17 -69.24 -90.24
CA GLY A 71 23.59 -67.96 -89.91
C GLY A 71 24.23 -67.24 -88.75
N ALA A 72 25.05 -67.93 -87.95
CA ALA A 72 25.69 -67.26 -86.82
C ALA A 72 26.81 -66.34 -87.30
N GLY A 73 27.80 -66.88 -87.99
CA GLY A 73 28.86 -66.07 -88.52
C GLY A 73 30.09 -66.00 -87.63
N PHE A 74 30.36 -67.08 -86.91
CA PHE A 74 31.56 -67.12 -86.09
C PHE A 74 32.79 -67.37 -86.96
N PRO A 75 33.91 -66.73 -86.65
CA PRO A 75 35.19 -67.21 -87.16
C PRO A 75 35.53 -68.53 -86.50
N THR A 76 35.55 -69.59 -87.31
CA THR A 76 35.56 -70.96 -86.81
C THR A 76 36.87 -71.28 -86.09
N GLY A 77 37.97 -70.71 -86.55
CA GLY A 77 39.27 -71.04 -86.01
C GLY A 77 39.45 -70.58 -84.58
N LEU A 78 38.83 -69.46 -84.22
CA LEU A 78 38.84 -69.03 -82.82
C LEU A 78 38.13 -70.04 -81.93
N LYS A 79 36.97 -70.53 -82.37
CA LYS A 79 36.18 -71.48 -81.60
C LYS A 79 36.93 -72.79 -81.39
N TRP A 80 37.44 -73.35 -82.49
CA TRP A 80 38.14 -74.62 -82.36
C TRP A 80 39.54 -74.46 -81.80
N SER A 81 40.06 -73.24 -81.69
CA SER A 81 41.25 -73.03 -80.88
C SER A 81 40.91 -72.86 -79.40
N PHE A 82 39.69 -72.41 -79.08
CA PHE A 82 39.26 -72.47 -77.68
C PHE A 82 39.07 -73.91 -77.25
N MET A 83 38.78 -74.80 -78.18
CA MET A 83 38.72 -76.22 -77.85
C MET A 83 40.08 -76.88 -77.60
N ASN A 84 41.19 -76.14 -77.64
CA ASN A 84 42.52 -76.72 -77.43
C ASN A 84 42.98 -76.56 -76.00
N LYS A 85 42.06 -76.72 -75.07
CA LYS A 85 42.40 -76.72 -73.65
C LYS A 85 43.26 -77.94 -73.33
N PRO A 86 44.29 -77.78 -72.48
CA PRO A 86 45.12 -78.92 -72.10
C PRO A 86 44.33 -79.95 -71.30
N SER A 87 44.74 -81.21 -71.45
CA SER A 87 43.91 -82.36 -71.10
C SER A 87 43.76 -82.49 -69.60
N ASP A 88 42.57 -82.22 -69.11
CA ASP A 88 42.22 -82.53 -67.72
C ASP A 88 41.55 -83.90 -67.68
N GLY A 89 40.93 -84.23 -66.55
CA GLY A 89 40.33 -85.53 -66.39
C GLY A 89 38.97 -85.75 -67.01
N ARG A 90 38.52 -84.87 -67.89
CA ARG A 90 37.19 -85.05 -68.45
C ARG A 90 37.27 -85.12 -69.97
N PRO A 91 36.51 -86.01 -70.60
CA PRO A 91 36.59 -86.18 -72.05
C PRO A 91 36.00 -85.00 -72.79
N LYS A 92 36.25 -84.96 -74.09
CA LYS A 92 35.83 -83.86 -74.93
C LYS A 92 35.04 -84.41 -76.11
N TYR A 93 33.94 -83.75 -76.43
CA TYR A 93 33.02 -84.26 -77.43
C TYR A 93 32.83 -83.28 -78.58
N LEU A 94 32.53 -83.82 -79.75
CA LEU A 94 32.13 -83.02 -80.89
C LEU A 94 30.70 -83.38 -81.23
N VAL A 95 29.83 -82.37 -81.28
CA VAL A 95 28.42 -82.59 -81.53
C VAL A 95 28.05 -81.91 -82.82
N VAL A 96 27.49 -82.66 -83.75
CA VAL A 96 27.14 -82.17 -85.08
C VAL A 96 25.65 -81.89 -85.13
N ASN A 97 25.32 -80.63 -85.43
CA ASN A 97 23.94 -80.18 -85.62
C ASN A 97 23.49 -80.60 -87.01
N ALA A 98 22.77 -81.71 -87.11
CA ALA A 98 22.22 -82.15 -88.39
C ALA A 98 20.73 -81.86 -88.49
N ASP A 99 20.30 -80.68 -88.06
CA ASP A 99 18.90 -80.33 -88.12
C ASP A 99 18.65 -79.34 -89.24
N GLU A 100 17.36 -79.15 -89.53
CA GLU A 100 16.90 -78.03 -90.35
C GLU A 100 15.63 -77.45 -89.75
N GLY A 101 15.77 -76.31 -89.12
CA GLY A 101 14.70 -75.33 -89.07
C GLY A 101 14.86 -74.41 -90.27
N GLU A 102 14.54 -73.13 -90.04
CA GLU A 102 14.72 -72.02 -90.98
C GLU A 102 14.07 -72.34 -92.31
N PRO A 103 12.75 -72.19 -92.41
CA PRO A 103 11.99 -72.66 -93.58
C PRO A 103 12.53 -72.18 -94.92
N GLY A 104 13.01 -73.14 -95.71
CA GLY A 104 13.93 -72.82 -96.78
C GLY A 104 15.36 -73.08 -96.38
N THR A 105 15.68 -74.29 -95.92
CA THR A 105 17.05 -74.63 -95.57
C THR A 105 17.66 -75.67 -96.49
N CYS A 106 17.04 -76.85 -96.63
CA CYS A 106 17.35 -77.88 -97.66
C CYS A 106 18.83 -78.27 -97.72
N LYS A 107 19.53 -78.06 -96.62
CA LYS A 107 20.98 -77.89 -96.64
C LYS A 107 21.65 -79.24 -96.38
N ASP A 108 21.46 -79.77 -95.20
CA ASP A 108 22.12 -81.02 -94.86
C ASP A 108 21.29 -82.23 -95.24
N ARG A 109 20.04 -82.02 -95.66
CA ARG A 109 19.29 -83.08 -96.30
C ARG A 109 19.98 -83.51 -97.59
N GLU A 110 20.54 -82.54 -98.31
CA GLU A 110 21.37 -82.81 -99.48
C GLU A 110 22.61 -83.64 -99.12
N ILE A 111 23.37 -83.18 -98.12
CA ILE A 111 24.63 -83.84 -97.76
C ILE A 111 24.36 -85.24 -97.20
N ILE A 112 23.37 -85.38 -96.34
CA ILE A 112 23.15 -86.69 -95.76
C ILE A 112 22.29 -87.56 -96.68
N ARG A 113 21.75 -87.00 -97.75
CA ARG A 113 21.08 -87.84 -98.73
C ARG A 113 22.05 -88.36 -99.77
N HIS A 114 23.14 -87.64 -100.03
CA HIS A 114 24.10 -88.15 -101.03
C HIS A 114 25.39 -88.66 -100.40
N ASP A 115 26.11 -87.83 -99.66
CA ASP A 115 27.49 -88.12 -99.27
C ASP A 115 27.62 -88.07 -97.75
N PRO A 116 27.35 -89.16 -97.05
CA PRO A 116 27.61 -89.16 -95.60
C PRO A 116 29.06 -89.45 -95.25
N HIS A 117 29.81 -90.10 -96.13
CA HIS A 117 31.17 -90.49 -95.80
C HIS A 117 32.08 -89.28 -95.68
N LYS A 118 31.80 -88.23 -96.45
CA LYS A 118 32.57 -87.00 -96.29
C LYS A 118 32.24 -86.30 -94.97
N LEU A 119 30.99 -86.45 -94.50
CA LEU A 119 30.64 -85.97 -93.17
C LEU A 119 31.39 -86.73 -92.09
N VAL A 120 31.59 -88.04 -92.30
CA VAL A 120 32.35 -88.82 -91.33
C VAL A 120 33.84 -88.45 -91.38
N GLU A 121 34.35 -88.12 -92.57
CA GLU A 121 35.69 -87.55 -92.70
C GLU A 121 35.81 -86.29 -91.85
N GLY A 122 34.80 -85.43 -91.95
CA GLY A 122 34.86 -84.16 -91.25
C GLY A 122 34.78 -84.31 -89.75
N CYS A 123 33.95 -85.23 -89.26
CA CYS A 123 33.88 -85.41 -87.81
C CYS A 123 35.13 -86.07 -87.27
N LEU A 124 35.75 -86.98 -88.05
CA LEU A 124 37.02 -87.56 -87.65
C LEU A 124 38.13 -86.53 -87.59
N VAL A 125 38.21 -85.66 -88.61
CA VAL A 125 39.23 -84.63 -88.65
C VAL A 125 39.01 -83.60 -87.55
N GLY A 126 37.76 -83.22 -87.29
CA GLY A 126 37.49 -82.29 -86.22
C GLY A 126 37.74 -82.88 -84.85
N GLY A 127 37.53 -84.19 -84.70
CA GLY A 127 37.80 -84.81 -83.41
C GLY A 127 39.28 -84.89 -83.11
N ARG A 128 40.07 -85.36 -84.07
CA ARG A 128 41.52 -85.45 -83.84
C ARG A 128 42.15 -84.06 -83.83
N ALA A 129 41.54 -83.10 -84.53
CA ALA A 129 42.13 -81.79 -84.69
C ALA A 129 42.13 -80.99 -83.40
N MET A 130 41.10 -81.15 -82.57
CA MET A 130 41.08 -80.52 -81.28
C MET A 130 41.41 -81.47 -80.15
N GLY A 131 41.82 -82.69 -80.48
CA GLY A 131 42.17 -83.66 -79.46
C GLY A 131 40.99 -84.13 -78.65
N ALA A 132 39.81 -84.15 -79.25
CA ALA A 132 38.60 -84.57 -78.57
C ALA A 132 38.51 -86.09 -78.58
N ARG A 133 37.35 -86.62 -78.21
CA ARG A 133 37.26 -88.06 -78.01
C ARG A 133 36.25 -88.74 -78.92
N ALA A 134 35.00 -88.30 -78.93
CA ALA A 134 33.99 -88.93 -79.78
C ALA A 134 33.06 -87.86 -80.31
N ALA A 135 32.08 -88.30 -81.09
CA ALA A 135 31.15 -87.38 -81.73
C ALA A 135 29.74 -87.90 -81.57
N TYR A 136 28.84 -87.00 -81.26
CA TYR A 136 27.40 -87.24 -81.30
C TYR A 136 26.83 -86.42 -82.44
N ILE A 137 26.16 -87.07 -83.37
CA ILE A 137 25.46 -86.38 -84.44
C ILE A 137 23.99 -86.37 -84.09
N TYR A 138 23.45 -85.18 -83.89
CA TYR A 138 22.05 -85.02 -83.56
C TYR A 138 21.32 -84.69 -84.85
N ILE A 139 20.64 -85.67 -85.39
CA ILE A 139 19.89 -85.48 -86.62
C ILE A 139 18.47 -85.09 -86.25
N ARG A 140 17.81 -84.39 -87.17
CA ARG A 140 16.39 -84.06 -87.03
C ARG A 140 15.56 -85.32 -86.94
N GLY A 141 14.50 -85.28 -86.13
CA GLY A 141 13.64 -86.43 -85.96
C GLY A 141 12.82 -86.79 -87.18
N GLU A 142 12.62 -85.85 -88.09
CA GLU A 142 11.80 -86.04 -89.27
C GLU A 142 12.48 -86.82 -90.38
N PHE A 143 13.64 -87.41 -90.11
CA PHE A 143 14.55 -87.94 -91.12
C PHE A 143 14.83 -89.42 -90.95
N TYR A 144 13.79 -90.25 -90.85
CA TYR A 144 14.00 -91.69 -90.64
C TYR A 144 14.79 -92.29 -91.80
N ASN A 145 14.42 -91.94 -93.03
CA ASN A 145 15.08 -92.49 -94.21
C ASN A 145 16.55 -92.10 -94.28
N GLU A 146 16.82 -90.80 -94.21
CA GLU A 146 18.19 -90.36 -94.37
C GLU A 146 19.03 -90.65 -93.13
N ALA A 147 18.39 -90.76 -91.97
CA ALA A 147 19.10 -91.21 -90.78
C ALA A 147 19.54 -92.65 -90.93
N SER A 148 18.71 -93.50 -91.53
CA SER A 148 19.17 -94.87 -91.73
C SER A 148 20.17 -94.96 -92.88
N ASN A 149 20.12 -94.03 -93.84
CA ASN A 149 21.21 -93.95 -94.81
C ASN A 149 22.53 -93.63 -94.11
N LEU A 150 22.49 -92.70 -93.15
CA LEU A 150 23.65 -92.39 -92.35
C LEU A 150 24.13 -93.59 -91.54
N GLN A 151 23.17 -94.38 -91.05
CA GLN A 151 23.50 -95.63 -90.36
C GLN A 151 24.21 -96.61 -91.26
N VAL A 152 23.74 -96.73 -92.51
CA VAL A 152 24.38 -97.64 -93.46
C VAL A 152 25.79 -97.18 -93.78
N ALA A 153 25.99 -95.86 -93.87
CA ALA A 153 27.33 -95.35 -94.18
C ALA A 153 28.29 -95.57 -93.01
N ILE A 154 27.83 -95.36 -91.78
CA ILE A 154 28.68 -95.62 -90.62
C ILE A 154 28.92 -97.12 -90.48
N ARG A 155 27.94 -97.93 -90.85
CA ARG A 155 28.11 -99.37 -90.89
C ARG A 155 29.17 -99.77 -91.90
N GLU A 156 29.21 -99.09 -93.05
CA GLU A 156 30.29 -99.32 -94.01
C GLU A 156 31.64 -98.90 -93.45
N ALA A 157 31.66 -97.78 -92.72
CA ALA A 157 32.90 -97.27 -92.14
C ALA A 157 33.48 -98.24 -91.13
N TYR A 158 32.65 -98.74 -90.22
CA TYR A 158 33.10 -99.71 -89.23
C TYR A 158 33.31 -101.10 -89.81
N GLU A 159 32.55 -101.46 -90.86
CA GLU A 159 32.69 -102.77 -91.48
C GLU A 159 34.00 -102.87 -92.25
N ALA A 160 34.48 -101.74 -92.78
CA ALA A 160 35.85 -101.70 -93.23
C ALA A 160 36.85 -101.67 -92.09
N GLY A 161 36.40 -101.45 -90.86
CA GLY A 161 37.32 -101.20 -89.75
C GLY A 161 38.07 -99.90 -89.93
N LEU A 162 37.47 -98.97 -90.64
CA LEU A 162 38.18 -97.81 -91.15
C LEU A 162 38.24 -96.70 -90.13
N ILE A 163 37.29 -96.68 -89.21
CA ILE A 163 37.38 -96.01 -87.92
C ILE A 163 36.95 -96.99 -86.85
N GLY A 164 37.03 -96.55 -85.59
CA GLY A 164 36.83 -97.42 -84.45
C GLY A 164 38.08 -97.42 -83.58
N LYS A 165 38.36 -98.57 -82.96
CA LYS A 165 39.58 -98.70 -82.19
C LYS A 165 40.79 -98.67 -83.11
N ASN A 166 41.67 -97.69 -82.87
CA ASN A 166 42.91 -97.45 -83.62
C ASN A 166 42.62 -97.24 -85.11
N ALA A 167 41.96 -96.11 -85.37
CA ALA A 167 41.39 -95.82 -86.68
C ALA A 167 42.46 -95.63 -87.74
N CYS A 168 42.11 -96.04 -88.96
CA CYS A 168 42.91 -95.90 -90.19
C CYS A 168 44.26 -96.63 -90.09
N GLY A 169 44.33 -97.67 -89.28
CA GLY A 169 45.59 -98.35 -89.08
C GLY A 169 46.63 -97.55 -88.31
N SER A 170 46.18 -96.68 -87.40
CA SER A 170 47.07 -95.81 -86.67
C SER A 170 46.54 -95.63 -85.25
N GLY A 171 47.45 -95.34 -84.33
CA GLY A 171 47.16 -95.37 -82.92
C GLY A 171 46.33 -94.22 -82.39
N TYR A 172 45.06 -94.15 -82.81
CA TYR A 172 44.10 -93.21 -82.24
C TYR A 172 42.70 -93.70 -82.57
N ASP A 173 41.81 -93.63 -81.58
CA ASP A 173 40.43 -94.08 -81.74
C ASP A 173 39.47 -92.90 -81.74
N PHE A 174 38.34 -93.10 -82.41
CA PHE A 174 37.33 -92.06 -82.56
C PHE A 174 36.02 -92.71 -83.00
N ASP A 175 34.92 -92.31 -82.39
CA ASP A 175 33.65 -93.01 -82.54
C ASP A 175 32.52 -92.01 -82.75
N VAL A 176 31.45 -92.47 -83.40
CA VAL A 176 30.30 -91.64 -83.73
C VAL A 176 29.01 -92.30 -83.24
N PHE A 177 28.14 -91.49 -82.65
CA PHE A 177 26.86 -91.94 -82.11
C PHE A 177 25.77 -91.07 -82.70
N VAL A 178 24.80 -91.69 -83.34
CA VAL A 178 23.70 -90.98 -83.97
C VAL A 178 22.54 -90.92 -83.00
N VAL A 179 22.02 -89.73 -82.74
CA VAL A 179 20.80 -89.56 -81.95
C VAL A 179 19.80 -88.78 -82.79
N ARG A 180 18.61 -89.33 -82.92
CA ARG A 180 17.55 -88.65 -83.66
C ARG A 180 17.00 -87.50 -82.83
N GLY A 181 16.22 -86.66 -83.49
CA GLY A 181 15.49 -85.61 -82.82
C GLY A 181 14.14 -86.09 -82.37
N ALA A 182 13.30 -85.13 -82.02
CA ALA A 182 11.89 -85.43 -81.80
C ALA A 182 11.00 -84.32 -82.30
N GLY A 183 11.55 -83.33 -83.00
CA GLY A 183 10.72 -82.39 -83.71
C GLY A 183 10.51 -81.10 -82.96
N ALA A 184 11.31 -80.10 -83.29
CA ALA A 184 11.25 -78.75 -82.77
C ALA A 184 12.16 -77.91 -83.63
N TYR A 185 11.91 -76.60 -83.65
CA TYR A 185 12.91 -75.72 -84.22
C TYR A 185 14.15 -75.71 -83.37
N ILE A 186 13.97 -75.42 -82.07
CA ILE A 186 15.10 -75.01 -81.24
C ILE A 186 16.01 -76.14 -80.84
N CYS A 187 15.67 -77.37 -81.21
CA CYS A 187 16.66 -78.44 -81.12
C CYS A 187 17.80 -78.19 -82.08
N GLY A 188 17.57 -77.47 -83.17
CA GLY A 188 18.61 -77.03 -84.06
C GLY A 188 19.49 -75.91 -83.54
N GLU A 189 19.27 -75.43 -82.32
CA GLU A 189 20.07 -74.32 -81.79
C GLU A 189 21.41 -74.83 -81.29
N GLU A 190 22.11 -73.97 -80.54
CA GLU A 190 23.46 -74.30 -80.16
C GLU A 190 23.52 -75.00 -78.80
N THR A 191 22.57 -74.76 -77.90
CA THR A 191 22.74 -75.33 -76.57
C THR A 191 21.52 -76.13 -76.14
N ALA A 192 20.36 -75.77 -76.68
CA ALA A 192 19.20 -76.64 -76.50
C ALA A 192 19.42 -77.98 -77.19
N LEU A 193 20.17 -77.98 -78.29
CA LEU A 193 20.91 -79.13 -78.77
C LEU A 193 21.56 -79.94 -77.66
N ILE A 194 22.35 -79.26 -76.84
CA ILE A 194 23.17 -79.94 -75.85
C ILE A 194 22.29 -80.57 -74.79
N GLU A 195 21.22 -79.89 -74.40
CA GLU A 195 20.32 -80.54 -73.46
C GLU A 195 19.40 -81.56 -74.11
N SER A 196 19.23 -81.52 -75.44
CA SER A 196 18.53 -82.61 -76.09
C SER A 196 19.37 -83.87 -76.06
N ILE A 197 20.69 -83.72 -76.20
CA ILE A 197 21.55 -84.88 -76.03
C ILE A 197 21.64 -85.27 -74.56
N GLU A 198 21.66 -84.28 -73.66
CA GLU A 198 21.73 -84.57 -72.24
C GLU A 198 20.47 -85.21 -71.68
N GLY A 199 19.34 -85.07 -72.37
CA GLY A 199 18.15 -85.74 -71.94
C GLY A 199 17.26 -84.96 -71.01
N LYS A 200 17.42 -83.65 -70.94
CA LYS A 200 16.40 -82.84 -70.29
C LYS A 200 15.30 -82.55 -71.30
N GLN A 201 14.41 -81.63 -70.94
CA GLN A 201 13.57 -81.01 -71.93
C GLN A 201 14.41 -80.11 -72.82
N GLY A 202 13.91 -79.85 -74.02
CA GLY A 202 14.74 -79.14 -74.96
C GLY A 202 14.67 -77.64 -74.72
N LYS A 203 15.66 -77.10 -74.03
CA LYS A 203 15.72 -75.68 -73.69
C LYS A 203 17.16 -75.25 -73.70
N PRO A 204 17.45 -74.03 -74.07
CA PRO A 204 18.85 -73.60 -74.17
C PRO A 204 19.49 -73.30 -72.83
N ARG A 205 20.68 -72.71 -72.84
CA ARG A 205 21.38 -72.35 -71.63
C ARG A 205 21.93 -70.93 -71.75
N LEU A 206 22.57 -70.47 -70.68
CA LEU A 206 23.12 -69.12 -70.65
C LEU A 206 24.55 -69.11 -71.16
N LYS A 207 24.86 -68.13 -71.98
CA LYS A 207 26.17 -67.99 -72.63
C LYS A 207 27.42 -67.78 -71.76
N PRO A 208 27.42 -67.10 -70.61
CA PRO A 208 28.70 -66.88 -69.91
C PRO A 208 29.32 -68.12 -69.29
N PRO A 209 28.54 -69.16 -68.93
CA PRO A 209 29.15 -70.50 -68.91
C PRO A 209 29.18 -71.11 -70.31
N PHE A 210 30.38 -71.18 -70.88
CA PHE A 210 30.54 -71.49 -72.28
C PHE A 210 30.60 -72.99 -72.52
N PRO A 211 30.27 -73.45 -73.73
CA PRO A 211 30.44 -74.88 -74.05
C PRO A 211 31.88 -75.35 -74.04
N ALA A 212 32.86 -74.45 -74.08
CA ALA A 212 34.25 -74.84 -73.93
C ALA A 212 34.61 -75.20 -72.50
N ASP A 213 33.73 -74.95 -71.53
CA ASP A 213 33.98 -75.28 -70.14
C ASP A 213 32.94 -76.21 -69.56
N VAL A 214 31.67 -76.05 -69.93
CA VAL A 214 30.61 -76.94 -69.52
C VAL A 214 29.80 -77.27 -70.76
N GLY A 215 29.76 -78.54 -71.12
CA GLY A 215 29.06 -78.90 -72.35
C GLY A 215 28.06 -80.03 -72.20
N VAL A 216 28.23 -81.06 -73.02
CA VAL A 216 27.44 -82.28 -72.90
C VAL A 216 27.84 -82.97 -71.61
N PHE A 217 26.90 -83.01 -70.65
CA PHE A 217 27.09 -83.48 -69.28
C PHE A 217 28.23 -82.73 -68.58
N GLY A 218 28.47 -81.48 -68.94
CA GLY A 218 29.57 -80.73 -68.39
C GLY A 218 30.90 -80.99 -69.07
N CYS A 219 31.04 -82.09 -69.79
CA CYS A 219 32.28 -82.32 -70.54
C CYS A 219 32.34 -81.33 -71.69
N PRO A 220 33.46 -80.61 -71.85
CA PRO A 220 33.47 -79.49 -72.78
C PRO A 220 33.45 -79.95 -74.23
N THR A 221 32.28 -79.85 -74.81
CA THR A 221 32.03 -80.24 -76.18
C THR A 221 32.11 -79.01 -77.06
N THR A 222 31.94 -79.23 -78.36
CA THR A 222 31.73 -78.08 -79.24
C THR A 222 30.76 -78.44 -80.35
N VAL A 223 30.06 -77.39 -80.80
CA VAL A 223 28.95 -77.50 -81.74
C VAL A 223 29.50 -77.29 -83.14
N ALA A 224 29.09 -78.13 -84.07
CA ALA A 224 29.57 -78.02 -85.43
C ALA A 224 28.44 -78.20 -86.42
N ASN A 225 28.34 -77.25 -87.36
CA ASN A 225 27.38 -77.33 -88.44
C ASN A 225 27.89 -78.29 -89.52
N VAL A 226 26.94 -78.85 -90.28
CA VAL A 226 27.24 -79.90 -91.24
C VAL A 226 28.11 -79.38 -92.38
N GLU A 227 27.86 -78.15 -92.83
CA GLU A 227 28.65 -77.58 -93.92
C GLU A 227 30.09 -77.36 -93.50
N THR A 228 30.30 -76.81 -92.31
CA THR A 228 31.67 -76.60 -91.82
C THR A 228 32.38 -77.92 -91.57
N VAL A 229 31.64 -78.93 -91.11
CA VAL A 229 32.20 -80.27 -90.96
C VAL A 229 32.62 -80.82 -92.31
N ALA A 230 31.75 -80.70 -93.31
CA ALA A 230 32.02 -81.30 -94.61
C ALA A 230 33.18 -80.61 -95.32
N VAL A 231 33.28 -79.29 -95.18
CA VAL A 231 34.40 -78.60 -95.81
C VAL A 231 35.68 -78.77 -94.99
N SER A 232 35.57 -79.18 -93.73
CA SER A 232 36.75 -79.22 -92.86
C SER A 232 37.89 -80.19 -93.26
N PRO A 233 37.67 -81.40 -93.80
CA PRO A 233 38.83 -82.18 -94.24
C PRO A 233 39.30 -81.84 -95.63
N THR A 234 38.44 -81.24 -96.47
CA THR A 234 38.86 -80.89 -97.82
C THR A 234 39.88 -79.79 -97.80
N ILE A 235 39.75 -78.84 -96.86
CA ILE A 235 40.74 -77.78 -96.74
C ILE A 235 42.05 -78.35 -96.22
N CYS A 236 41.98 -79.39 -95.40
CA CYS A 236 43.19 -80.03 -94.91
C CYS A 236 43.89 -80.80 -96.01
N ARG A 237 43.15 -81.64 -96.73
CA ARG A 237 43.76 -82.49 -97.75
C ARG A 237 44.11 -81.72 -99.01
N ARG A 238 43.48 -80.58 -99.24
CA ARG A 238 43.74 -79.80 -100.43
C ARG A 238 44.63 -78.62 -100.05
N GLY A 239 44.74 -77.66 -100.96
CA GLY A 239 45.79 -76.68 -100.89
C GLY A 239 45.63 -75.73 -99.72
N GLY A 240 46.76 -75.43 -99.07
CA GLY A 240 46.76 -74.49 -97.97
C GLY A 240 46.54 -73.09 -98.46
N ALA A 241 45.56 -72.40 -97.88
CA ALA A 241 45.15 -71.03 -98.20
C ALA A 241 44.67 -70.84 -99.64
N TRP A 242 44.49 -71.93 -100.39
CA TRP A 242 43.87 -71.83 -101.71
C TRP A 242 42.41 -71.47 -101.59
N PHE A 243 41.76 -71.91 -100.52
CA PHE A 243 40.37 -71.61 -100.26
C PHE A 243 40.15 -70.12 -100.01
N ALA A 244 41.16 -69.41 -99.52
CA ALA A 244 41.02 -68.01 -99.20
C ALA A 244 40.99 -67.12 -100.43
N SER A 245 41.25 -67.65 -101.64
CA SER A 245 41.23 -66.85 -102.85
C SER A 245 39.87 -66.86 -103.54
N PHE A 246 38.79 -66.99 -102.78
CA PHE A 246 37.44 -67.06 -103.31
C PHE A 246 36.64 -65.88 -102.79
N GLY A 247 36.49 -64.87 -103.64
CA GLY A 247 35.68 -63.72 -103.30
C GLY A 247 36.36 -62.73 -102.38
N ARG A 248 35.59 -62.15 -101.47
CA ARG A 248 36.10 -61.08 -100.62
C ARG A 248 37.09 -61.63 -99.61
N GLU A 249 38.13 -60.85 -99.32
CA GLU A 249 39.19 -61.25 -98.41
C GLU A 249 38.71 -61.40 -96.98
N ARG A 250 37.60 -60.76 -96.61
CA ARG A 250 37.06 -60.93 -95.26
C ARG A 250 36.41 -62.30 -95.09
N ASN A 251 35.41 -62.59 -95.91
CA ASN A 251 34.60 -63.79 -95.79
C ASN A 251 34.82 -64.68 -97.02
N SER A 252 35.80 -65.56 -96.94
CA SER A 252 36.11 -66.46 -98.04
C SER A 252 35.24 -67.70 -97.94
N GLY A 253 34.55 -68.02 -99.02
CA GLY A 253 33.74 -69.23 -99.00
C GLY A 253 32.86 -69.52 -100.19
N THR A 254 32.49 -70.79 -100.33
CA THR A 254 31.41 -71.22 -101.21
C THR A 254 30.34 -71.86 -100.34
N LYS A 255 29.09 -71.66 -100.74
CA LYS A 255 27.96 -71.97 -99.88
C LYS A 255 26.83 -72.47 -100.77
N LEU A 256 25.90 -73.18 -100.14
CA LEU A 256 24.71 -73.70 -100.81
C LEU A 256 23.74 -72.55 -101.00
N PHE A 257 24.00 -71.72 -101.99
CA PHE A 257 23.10 -70.62 -102.32
C PHE A 257 21.93 -71.23 -103.06
N ASN A 258 20.76 -71.21 -102.44
CA ASN A 258 19.68 -71.97 -103.02
C ASN A 258 18.47 -71.07 -103.16
N ILE A 259 17.77 -71.22 -104.28
CA ILE A 259 16.46 -70.62 -104.44
C ILE A 259 15.47 -71.69 -104.03
N SER A 260 14.92 -71.51 -102.84
CA SER A 260 13.74 -72.25 -102.47
C SER A 260 12.54 -71.32 -102.28
N GLY A 261 11.63 -71.32 -103.24
CA GLY A 261 10.60 -70.31 -103.27
C GLY A 261 10.03 -70.06 -104.65
N HIS A 262 9.99 -68.82 -105.13
CA HIS A 262 9.11 -68.49 -106.26
C HIS A 262 9.92 -68.13 -107.50
N VAL A 263 10.40 -69.14 -108.20
CA VAL A 263 10.94 -68.96 -109.54
C VAL A 263 10.38 -70.07 -110.41
N ASN A 264 10.84 -70.13 -111.66
CA ASN A 264 10.63 -71.31 -112.47
C ASN A 264 11.52 -72.43 -111.97
N ASN A 265 10.91 -73.45 -111.37
CA ASN A 265 11.54 -74.70 -110.93
C ASN A 265 12.71 -74.46 -109.98
N PRO A 266 12.43 -74.17 -108.71
CA PRO A 266 13.48 -73.77 -107.77
C PRO A 266 14.41 -74.92 -107.38
N CYS A 267 15.64 -74.56 -106.98
CA CYS A 267 16.67 -75.56 -106.77
C CYS A 267 17.82 -74.98 -105.95
N THR A 268 18.94 -75.69 -105.98
CA THR A 268 20.10 -75.46 -105.13
C THR A 268 21.38 -75.38 -105.96
N VAL A 269 22.24 -74.38 -105.70
CA VAL A 269 23.56 -74.39 -106.33
C VAL A 269 24.62 -74.06 -105.29
N GLU A 270 25.88 -74.30 -105.68
CA GLU A 270 27.04 -74.14 -104.83
C GLU A 270 27.88 -72.99 -105.39
N GLU A 271 27.86 -71.84 -104.74
CA GLU A 271 28.46 -70.66 -105.33
C GLU A 271 29.40 -69.95 -104.36
N GLU A 272 30.22 -69.06 -104.92
CA GLU A 272 31.17 -68.25 -104.15
C GLU A 272 30.45 -67.30 -103.22
N MET A 273 31.19 -66.78 -102.23
CA MET A 273 30.62 -65.85 -101.28
C MET A 273 30.31 -64.50 -101.94
N SER A 274 31.35 -63.82 -102.39
CA SER A 274 31.16 -62.63 -103.21
C SER A 274 30.60 -63.06 -104.56
N VAL A 275 29.33 -62.76 -104.81
CA VAL A 275 28.66 -63.25 -106.01
C VAL A 275 27.52 -62.30 -106.36
N PRO A 276 27.28 -62.02 -107.65
CA PRO A 276 26.11 -61.22 -108.01
C PRO A 276 24.81 -61.95 -107.72
N LEU A 277 23.96 -61.28 -106.94
CA LEU A 277 22.67 -61.83 -106.55
C LEU A 277 21.75 -62.03 -107.75
N LYS A 278 21.82 -61.13 -108.73
CA LYS A 278 20.99 -61.27 -109.91
C LYS A 278 21.43 -62.46 -110.76
N GLU A 279 22.73 -62.73 -110.79
CA GLU A 279 23.22 -63.93 -111.47
C GLU A 279 22.77 -65.18 -110.75
N LEU A 280 22.78 -65.15 -109.41
CA LEU A 280 22.29 -66.26 -108.63
C LEU A 280 20.81 -66.50 -108.87
N ILE A 281 20.05 -65.42 -109.05
CA ILE A 281 18.62 -65.56 -109.25
C ILE A 281 18.31 -66.11 -110.64
N GLU A 282 18.95 -65.56 -111.67
CA GLU A 282 18.50 -65.86 -113.02
C GLU A 282 19.30 -66.96 -113.72
N LYS A 283 20.59 -67.08 -113.45
CA LYS A 283 21.44 -67.96 -114.24
C LYS A 283 21.60 -69.35 -113.64
N HIS A 284 20.92 -69.67 -112.55
CA HIS A 284 21.10 -70.96 -111.93
C HIS A 284 19.80 -71.67 -111.57
N ALA A 285 18.68 -70.96 -111.44
CA ALA A 285 17.39 -71.63 -111.22
C ALA A 285 16.36 -70.98 -112.12
N GLY A 286 16.32 -71.43 -113.38
CA GLY A 286 15.35 -71.00 -114.36
C GLY A 286 15.22 -69.50 -114.56
N GLY A 287 14.09 -68.98 -114.11
CA GLY A 287 13.87 -67.55 -114.07
C GLY A 287 12.74 -67.26 -113.14
N VAL A 288 12.60 -65.98 -112.79
CA VAL A 288 11.47 -65.56 -111.97
C VAL A 288 10.21 -65.66 -112.81
N THR A 289 9.12 -66.07 -112.18
CA THR A 289 7.85 -66.27 -112.87
C THR A 289 7.31 -64.92 -113.30
N GLY A 290 7.67 -64.52 -114.51
CA GLY A 290 7.42 -63.18 -114.99
C GLY A 290 8.72 -62.46 -115.31
N GLY A 291 9.71 -62.59 -114.44
CA GLY A 291 11.03 -62.05 -114.69
C GLY A 291 11.48 -61.14 -113.58
N TRP A 292 12.57 -60.41 -113.86
CA TRP A 292 13.23 -59.58 -112.87
C TRP A 292 12.38 -58.40 -112.40
N ASP A 293 11.40 -57.98 -113.20
CA ASP A 293 10.53 -56.88 -112.83
C ASP A 293 9.25 -57.34 -112.13
N ASN A 294 8.89 -58.61 -112.26
CA ASN A 294 7.65 -59.09 -111.68
C ASN A 294 7.76 -59.27 -110.18
N LEU A 295 8.97 -59.35 -109.64
CA LEU A 295 9.15 -59.61 -108.23
C LEU A 295 8.71 -58.43 -107.39
N LEU A 296 8.47 -58.71 -106.11
CA LEU A 296 8.19 -57.67 -105.15
C LEU A 296 9.25 -57.59 -104.06
N ALA A 297 9.64 -58.73 -103.49
CA ALA A 297 10.60 -58.67 -102.41
C ALA A 297 11.57 -59.84 -102.49
N VAL A 298 12.66 -59.71 -101.73
CA VAL A 298 13.73 -60.70 -101.66
C VAL A 298 14.06 -60.89 -100.19
N ILE A 299 14.08 -62.13 -99.73
CA ILE A 299 14.60 -62.47 -98.42
C ILE A 299 15.92 -63.21 -98.59
N PRO A 300 16.97 -62.76 -97.97
CA PRO A 300 18.13 -63.61 -97.77
C PRO A 300 17.99 -64.35 -96.47
N GLY A 301 18.98 -65.16 -96.10
CA GLY A 301 19.03 -65.70 -94.76
C GLY A 301 18.19 -66.92 -94.49
N GLY A 302 17.00 -66.98 -95.09
CA GLY A 302 16.00 -67.90 -94.65
C GLY A 302 14.88 -67.11 -94.00
N SER A 303 14.76 -67.19 -92.68
CA SER A 303 13.73 -66.46 -91.98
C SER A 303 14.24 -65.73 -90.76
N SER A 304 15.49 -65.91 -90.38
CA SER A 304 16.09 -65.20 -89.25
C SER A 304 16.80 -63.95 -89.71
N THR A 305 16.23 -63.30 -90.73
CA THR A 305 16.88 -62.31 -91.56
C THR A 305 15.79 -61.52 -92.25
N PRO A 306 15.86 -60.19 -92.30
CA PRO A 306 14.77 -59.39 -92.89
C PRO A 306 14.61 -59.55 -94.39
N LEU A 307 13.69 -58.80 -94.97
CA LEU A 307 13.50 -58.79 -96.40
C LEU A 307 14.26 -57.63 -97.03
N ILE A 308 14.32 -57.64 -98.35
CA ILE A 308 15.06 -56.64 -99.12
C ILE A 308 14.17 -56.13 -100.26
N PRO A 309 14.08 -54.82 -100.46
CA PRO A 309 13.32 -54.29 -101.61
C PRO A 309 14.03 -54.49 -102.94
N LYS A 310 13.46 -53.92 -104.00
CA LYS A 310 13.89 -54.27 -105.35
C LYS A 310 15.10 -53.47 -105.80
N SER A 311 15.06 -52.15 -105.62
CA SER A 311 16.13 -51.27 -106.10
C SER A 311 17.43 -51.52 -105.35
N VAL A 312 17.35 -51.95 -104.10
CA VAL A 312 18.54 -52.36 -103.39
C VAL A 312 19.07 -53.67 -103.98
N CYS A 313 18.21 -54.67 -104.11
CA CYS A 313 18.66 -55.99 -104.52
C CYS A 313 19.00 -56.10 -106.00
N GLU A 314 18.88 -55.01 -106.76
CA GLU A 314 19.38 -55.02 -108.14
C GLU A 314 20.86 -55.37 -108.19
N THR A 315 21.70 -54.64 -107.43
CA THR A 315 23.15 -54.79 -107.54
C THR A 315 23.83 -55.15 -106.24
N VAL A 316 23.09 -55.50 -105.19
CA VAL A 316 23.69 -55.84 -103.91
C VAL A 316 24.07 -57.32 -103.89
N LEU A 317 25.34 -57.59 -103.57
CA LEU A 317 25.89 -58.94 -103.56
C LEU A 317 25.76 -59.56 -102.18
N MET A 318 26.00 -60.88 -102.12
CA MET A 318 25.67 -61.70 -100.95
C MET A 318 26.90 -61.96 -100.10
N ASP A 319 27.34 -60.92 -99.39
CA ASP A 319 28.38 -61.08 -98.38
C ASP A 319 27.79 -60.79 -97.01
N PHE A 320 28.50 -61.25 -95.98
CA PHE A 320 28.06 -61.03 -94.61
C PHE A 320 28.04 -59.55 -94.28
N ASP A 321 29.16 -58.86 -94.50
CA ASP A 321 29.20 -57.43 -94.24
C ASP A 321 28.37 -56.65 -95.24
N ALA A 322 28.24 -57.16 -96.47
CA ALA A 322 27.42 -56.47 -97.46
C ALA A 322 25.96 -56.49 -97.06
N LEU A 323 25.50 -57.58 -96.46
CA LEU A 323 24.12 -57.63 -96.03
C LEU A 323 23.89 -56.98 -94.67
N ILE A 324 24.91 -56.93 -93.82
CA ILE A 324 24.80 -56.09 -92.64
C ILE A 324 24.69 -54.62 -93.03
N GLN A 325 25.44 -54.23 -94.05
CA GLN A 325 25.36 -52.88 -94.62
C GLN A 325 24.14 -52.66 -95.49
N ALA A 326 23.44 -53.73 -95.88
CA ALA A 326 22.09 -53.64 -96.43
C ALA A 326 21.05 -54.06 -95.41
N GLN A 327 21.44 -54.13 -94.14
CA GLN A 327 20.55 -54.24 -92.98
C GLN A 327 19.80 -55.57 -92.95
N THR A 328 20.51 -56.66 -93.28
CA THR A 328 20.00 -58.01 -93.09
C THR A 328 21.13 -58.89 -92.55
N GLY A 329 20.80 -60.15 -92.29
CA GLY A 329 21.78 -61.14 -91.96
C GLY A 329 22.15 -61.96 -93.18
N LEU A 330 22.62 -63.18 -92.94
CA LEU A 330 22.94 -64.09 -94.03
C LEU A 330 22.82 -65.51 -93.52
N GLY A 331 22.23 -66.36 -94.33
CA GLY A 331 21.98 -67.73 -93.98
C GLY A 331 21.81 -68.51 -95.25
N THR A 332 20.92 -69.50 -95.25
CA THR A 332 20.92 -70.48 -96.32
C THR A 332 19.57 -70.54 -97.01
N ALA A 333 19.64 -70.62 -98.35
CA ALA A 333 18.75 -71.40 -99.21
C ALA A 333 17.34 -70.91 -99.46
N ALA A 334 16.93 -69.89 -98.74
CA ALA A 334 15.70 -69.24 -99.14
C ALA A 334 16.11 -67.89 -99.65
N VAL A 335 17.20 -67.80 -100.41
CA VAL A 335 17.63 -66.47 -100.81
C VAL A 335 16.83 -66.13 -102.06
N ILE A 336 15.58 -65.73 -101.82
CA ILE A 336 14.53 -65.86 -102.83
C ILE A 336 13.73 -64.60 -103.04
N VAL A 337 12.92 -64.65 -104.08
CA VAL A 337 12.00 -63.60 -104.41
C VAL A 337 10.60 -64.07 -104.06
N MET A 338 9.70 -63.10 -103.90
CA MET A 338 8.27 -63.39 -103.92
C MET A 338 7.55 -62.25 -104.61
N ASP A 339 6.45 -62.62 -105.25
CA ASP A 339 5.80 -61.90 -106.32
C ASP A 339 5.00 -60.71 -105.80
N ARG A 340 4.80 -59.75 -106.70
CA ARG A 340 3.86 -58.67 -106.50
C ARG A 340 2.43 -59.18 -106.33
N SER A 341 2.11 -60.32 -106.94
CA SER A 341 0.79 -60.93 -106.77
C SER A 341 0.59 -61.58 -105.42
N THR A 342 1.63 -61.65 -104.58
CA THR A 342 1.59 -62.37 -103.33
C THR A 342 1.49 -61.39 -102.16
N ASP A 343 0.61 -61.71 -101.22
CA ASP A 343 0.37 -60.86 -100.07
C ASP A 343 1.50 -61.07 -99.08
N ILE A 344 2.46 -60.14 -99.10
CA ILE A 344 3.62 -60.25 -98.24
C ILE A 344 3.24 -60.06 -96.77
N VAL A 345 2.14 -59.35 -96.50
CA VAL A 345 1.62 -59.27 -95.14
C VAL A 345 1.16 -60.64 -94.67
N LYS A 346 0.46 -61.36 -95.55
CA LYS A 346 0.03 -62.72 -95.22
C LYS A 346 1.23 -63.64 -95.03
N ALA A 347 2.26 -63.46 -95.85
CA ALA A 347 3.45 -64.31 -95.77
C ALA A 347 4.20 -64.09 -94.47
N ILE A 348 4.42 -62.83 -94.10
CA ILE A 348 5.15 -62.55 -92.86
C ILE A 348 4.32 -62.92 -91.64
N ALA A 349 2.99 -62.78 -91.74
CA ALA A 349 2.13 -63.20 -90.64
C ALA A 349 2.19 -64.71 -90.44
N ARG A 350 2.27 -65.47 -91.53
CA ARG A 350 2.46 -66.90 -91.41
C ARG A 350 3.84 -67.23 -90.83
N LEU A 351 4.85 -66.42 -91.16
CA LEU A 351 6.17 -66.65 -90.60
C LEU A 351 6.19 -66.38 -89.10
N ILE A 352 5.47 -65.35 -88.65
CA ILE A 352 5.37 -65.10 -87.22
C ILE A 352 4.58 -66.19 -86.53
N GLU A 353 3.59 -66.77 -87.21
CA GLU A 353 2.87 -67.89 -86.62
C GLU A 353 3.75 -69.12 -86.51
N PHE A 354 4.67 -69.30 -87.46
CA PHE A 354 5.71 -70.31 -87.32
C PHE A 354 6.55 -70.06 -86.08
N TYR A 355 6.94 -68.81 -85.88
CA TYR A 355 7.74 -68.45 -84.71
C TYR A 355 6.99 -68.70 -83.41
N LYS A 356 5.68 -68.43 -83.40
CA LYS A 356 4.90 -68.67 -82.19
C LYS A 356 4.71 -70.15 -81.93
N HIS A 357 4.38 -70.92 -82.97
CA HIS A 357 4.15 -72.33 -82.74
C HIS A 357 5.43 -73.12 -82.55
N GLU A 358 6.60 -72.54 -82.78
CA GLU A 358 7.86 -73.17 -82.38
C GLU A 358 8.70 -72.18 -81.59
N SER A 359 8.55 -72.23 -80.27
CA SER A 359 9.36 -71.49 -79.31
C SER A 359 9.27 -72.19 -77.97
N CYS A 360 10.32 -72.09 -77.18
CA CYS A 360 10.21 -72.71 -75.87
C CYS A 360 9.81 -71.63 -74.90
N GLY A 361 9.72 -71.98 -73.63
CA GLY A 361 9.22 -71.03 -72.67
C GLY A 361 10.15 -70.77 -71.52
N GLN A 362 11.45 -70.76 -71.78
CA GLN A 362 12.39 -70.31 -70.77
C GLN A 362 12.11 -68.86 -70.40
N CYS A 363 12.29 -67.97 -71.36
CA CYS A 363 12.28 -66.57 -71.03
C CYS A 363 10.85 -66.07 -70.97
N THR A 364 10.69 -64.91 -70.38
CA THR A 364 9.43 -64.19 -70.53
C THR A 364 9.30 -63.37 -71.82
N PRO A 365 10.34 -62.57 -72.28
CA PRO A 365 10.00 -61.59 -73.31
C PRO A 365 9.78 -62.16 -74.69
N CYS A 366 10.41 -63.28 -75.06
CA CYS A 366 10.15 -63.78 -76.40
C CYS A 366 8.75 -64.33 -76.48
N ARG A 367 8.35 -65.02 -75.41
CA ARG A 367 6.99 -65.51 -75.24
C ARG A 367 5.97 -64.40 -75.40
N GLU A 368 6.12 -63.32 -74.62
CA GLU A 368 5.09 -62.30 -74.68
C GLU A 368 5.18 -61.42 -75.93
N GLY A 369 6.39 -61.12 -76.41
CA GLY A 369 6.52 -60.28 -77.59
C GLY A 369 6.08 -60.98 -78.86
N VAL A 370 6.38 -62.27 -78.97
CA VAL A 370 5.89 -63.05 -80.08
C VAL A 370 4.38 -63.21 -80.01
N ASP A 371 3.82 -63.26 -78.79
CA ASP A 371 2.36 -63.27 -78.64
C ASP A 371 1.73 -61.99 -79.20
N TRP A 372 2.27 -60.81 -78.79
CA TRP A 372 1.73 -59.56 -79.33
C TRP A 372 1.95 -59.45 -80.82
N MET A 373 3.11 -59.87 -81.30
CA MET A 373 3.39 -59.66 -82.71
C MET A 373 2.53 -60.53 -83.59
N ASN A 374 2.19 -61.74 -83.14
CA ASN A 374 1.23 -62.53 -83.89
C ASN A 374 -0.14 -61.87 -83.88
N LYS A 375 -0.58 -61.36 -82.72
CA LYS A 375 -1.91 -60.79 -82.68
C LYS A 375 -2.00 -59.49 -83.49
N VAL A 376 -0.94 -58.70 -83.48
CA VAL A 376 -0.94 -57.44 -84.22
C VAL A 376 -0.78 -57.68 -85.71
N MET A 377 -0.01 -58.70 -86.12
CA MET A 377 0.06 -59.02 -87.53
C MET A 377 -1.24 -59.61 -88.06
N ALA A 378 -1.97 -60.36 -87.22
CA ALA A 378 -3.29 -60.79 -87.61
C ALA A 378 -4.23 -59.61 -87.78
N ARG A 379 -4.14 -58.65 -86.87
CA ARG A 379 -4.95 -57.44 -87.01
C ARG A 379 -4.52 -56.57 -88.18
N PHE A 380 -3.29 -56.74 -88.68
CA PHE A 380 -2.89 -56.07 -89.90
C PHE A 380 -3.37 -56.80 -91.13
N VAL A 381 -3.49 -58.13 -91.06
CA VAL A 381 -4.16 -58.87 -92.12
C VAL A 381 -5.61 -58.41 -92.23
N ARG A 382 -6.25 -58.13 -91.11
CA ARG A 382 -7.58 -57.57 -91.17
C ARG A 382 -7.63 -56.05 -91.13
N GLY A 383 -6.49 -55.38 -90.98
CA GLY A 383 -6.45 -53.93 -91.08
C GLY A 383 -7.13 -53.18 -89.94
N ASP A 384 -6.91 -53.61 -88.71
CA ASP A 384 -7.69 -53.10 -87.58
C ASP A 384 -7.25 -51.71 -87.15
N ALA A 385 -6.01 -51.34 -87.40
CA ALA A 385 -5.36 -50.34 -86.57
C ALA A 385 -5.22 -48.98 -87.23
N ARG A 386 -4.48 -48.11 -86.56
CA ARG A 386 -4.01 -46.79 -86.93
C ARG A 386 -2.49 -46.82 -86.91
N PRO A 387 -1.80 -45.88 -87.58
CA PRO A 387 -0.33 -45.99 -87.69
C PRO A 387 0.45 -45.83 -86.38
N ALA A 388 -0.17 -45.29 -85.33
CA ALA A 388 0.48 -45.29 -84.03
C ALA A 388 0.72 -46.72 -83.52
N GLU A 389 -0.17 -47.63 -83.88
CA GLU A 389 0.03 -49.04 -83.57
C GLU A 389 1.24 -49.60 -84.29
N ILE A 390 1.51 -49.14 -85.51
CA ILE A 390 2.63 -49.75 -86.20
C ILE A 390 3.94 -49.13 -85.70
N ASP A 391 3.87 -47.90 -85.19
CA ASP A 391 5.03 -47.37 -84.47
C ASP A 391 5.28 -48.15 -83.20
N SER A 392 4.21 -48.57 -82.53
CA SER A 392 4.37 -49.41 -81.35
C SER A 392 4.93 -50.78 -81.70
N LEU A 393 4.60 -51.28 -82.89
CA LEU A 393 5.16 -52.55 -83.33
C LEU A 393 6.66 -52.43 -83.56
N TRP A 394 7.07 -51.30 -84.12
CA TRP A 394 8.52 -51.04 -84.23
C TRP A 394 9.16 -50.93 -82.86
N GLU A 395 8.47 -50.30 -81.90
CA GLU A 395 9.00 -50.15 -80.55
C GLU A 395 9.22 -51.49 -79.87
N ILE A 396 8.21 -52.37 -79.93
CA ILE A 396 8.34 -53.66 -79.26
C ILE A 396 9.40 -54.50 -79.96
N SER A 397 9.52 -54.39 -81.29
CA SER A 397 10.56 -55.16 -81.94
C SER A 397 11.94 -54.59 -81.69
N LYS A 398 12.03 -53.34 -81.23
CA LYS A 398 13.30 -52.87 -80.69
C LYS A 398 13.55 -53.37 -79.28
N GLN A 399 12.49 -53.56 -78.49
CA GLN A 399 12.72 -54.04 -77.13
C GLN A 399 13.12 -55.50 -77.08
N ILE A 400 12.60 -56.33 -77.99
CA ILE A 400 12.91 -57.76 -77.92
C ILE A 400 14.35 -58.03 -78.29
N GLU A 401 14.90 -57.23 -79.19
CA GLU A 401 16.22 -57.46 -79.77
C GLU A 401 17.34 -57.39 -78.72
N GLY A 402 17.86 -58.54 -78.34
CA GLY A 402 18.95 -58.57 -77.38
C GLY A 402 18.51 -58.54 -75.94
N HIS A 403 17.49 -59.30 -75.59
CA HIS A 403 17.09 -59.40 -74.19
C HIS A 403 16.72 -60.82 -73.82
N THR A 404 17.13 -61.79 -74.60
CA THR A 404 16.63 -63.15 -74.47
C THR A 404 17.77 -64.08 -74.07
N ILE A 405 17.49 -65.37 -74.16
CA ILE A 405 18.55 -66.37 -74.10
C ILE A 405 19.03 -66.76 -75.47
N CYS A 406 18.13 -67.18 -76.35
CA CYS A 406 18.53 -67.67 -77.65
C CYS A 406 18.17 -66.64 -78.70
N ALA A 407 18.53 -66.94 -79.94
CA ALA A 407 18.40 -65.97 -81.01
C ALA A 407 17.07 -66.04 -81.71
N LEU A 408 16.14 -66.86 -81.20
CA LEU A 408 14.82 -66.93 -81.82
C LEU A 408 14.06 -65.63 -81.61
N GLY A 409 14.28 -64.95 -80.49
CA GLY A 409 13.66 -63.64 -80.31
C GLY A 409 14.16 -62.62 -81.30
N ASP A 410 15.46 -62.61 -81.55
CA ASP A 410 16.01 -61.74 -82.57
C ASP A 410 15.48 -62.13 -83.95
N GLY A 411 15.38 -63.43 -84.22
CA GLY A 411 14.81 -63.90 -85.45
C GLY A 411 13.35 -63.58 -85.64
N ALA A 412 12.63 -63.35 -84.55
CA ALA A 412 11.26 -62.87 -84.67
C ALA A 412 11.24 -61.35 -84.81
N ALA A 413 12.25 -60.68 -84.29
CA ALA A 413 12.34 -59.24 -84.44
C ALA A 413 12.61 -58.85 -85.89
N TRP A 414 13.59 -59.51 -86.53
CA TRP A 414 14.08 -59.03 -87.83
C TRP A 414 13.07 -58.94 -88.98
N PRO A 415 12.10 -59.84 -89.16
CA PRO A 415 11.12 -59.61 -90.23
C PRO A 415 10.23 -58.43 -89.98
N VAL A 416 9.82 -58.22 -88.72
CA VAL A 416 9.01 -57.07 -88.39
C VAL A 416 9.83 -55.79 -88.54
N GLN A 417 11.11 -55.85 -88.18
CA GLN A 417 12.00 -54.70 -88.34
C GLN A 417 12.13 -54.31 -89.80
N GLY A 418 12.50 -55.26 -90.67
CA GLY A 418 12.65 -54.95 -92.08
C GLY A 418 11.35 -54.59 -92.76
N LEU A 419 10.24 -55.17 -92.30
CA LEU A 419 8.93 -54.84 -92.83
C LEU A 419 8.55 -53.40 -92.54
N ILE A 420 8.78 -52.95 -91.30
CA ILE A 420 8.53 -51.55 -90.96
C ILE A 420 9.56 -50.64 -91.63
N ARG A 421 10.77 -51.15 -91.88
CA ARG A 421 11.79 -50.38 -92.60
C ARG A 421 11.37 -50.08 -94.03
N HIS A 422 10.78 -51.04 -94.72
CA HIS A 422 10.64 -50.88 -96.15
C HIS A 422 9.21 -50.82 -96.67
N PHE A 423 8.24 -51.51 -96.09
CA PHE A 423 6.91 -51.60 -96.69
C PHE A 423 5.85 -50.94 -95.83
N ARG A 424 6.20 -49.77 -95.30
CA ARG A 424 5.25 -48.82 -94.73
C ARG A 424 4.02 -48.52 -95.59
N PRO A 425 4.11 -48.16 -96.89
CA PRO A 425 2.91 -47.61 -97.54
C PRO A 425 1.86 -48.64 -97.84
N GLU A 426 2.23 -49.89 -98.08
CA GLU A 426 1.23 -50.93 -98.35
C GLU A 426 0.42 -51.22 -97.09
N LEU A 427 1.07 -51.16 -95.93
CA LEU A 427 0.36 -51.25 -94.67
C LEU A 427 -0.60 -50.09 -94.49
N GLU A 428 -0.15 -48.88 -94.83
CA GLU A 428 -1.03 -47.72 -94.78
C GLU A 428 -2.24 -47.89 -95.70
N GLU A 429 -2.00 -48.45 -96.90
CA GLU A 429 -3.05 -48.73 -97.86
C GLU A 429 -4.08 -49.69 -97.30
N ARG A 430 -3.61 -50.83 -96.76
CA ARG A 430 -4.49 -51.87 -96.23
C ARG A 430 -5.34 -51.33 -95.07
N MET A 431 -4.73 -50.52 -94.22
CA MET A 431 -5.45 -50.01 -93.06
C MET A 431 -6.48 -48.96 -93.45
N GLN A 432 -6.17 -48.13 -94.45
CA GLN A 432 -7.15 -47.15 -94.91
C GLN A 432 -8.31 -47.82 -95.65
N ARG A 433 -7.99 -48.89 -96.40
CA ARG A 433 -9.03 -49.69 -97.07
C ARG A 433 -10.00 -50.28 -96.06
N PHE A 434 -9.47 -50.88 -94.99
CA PHE A 434 -10.39 -51.48 -94.02
C PHE A 434 -11.16 -50.42 -93.25
N ALA A 435 -10.55 -49.26 -93.02
CA ALA A 435 -11.26 -48.19 -92.32
C ALA A 435 -12.46 -47.71 -93.12
N GLN A 436 -12.25 -47.37 -94.39
CA GLN A 436 -13.37 -46.92 -95.19
C GLN A 436 -14.29 -48.05 -95.63
N GLN A 437 -13.89 -49.31 -95.48
CA GLN A 437 -14.81 -50.40 -95.76
C GLN A 437 -15.72 -50.67 -94.57
N HIS A 438 -15.14 -50.77 -93.37
CA HIS A 438 -15.93 -51.08 -92.19
C HIS A 438 -16.81 -49.92 -91.76
N GLN A 439 -16.33 -48.68 -91.96
CA GLN A 439 -17.12 -47.54 -91.53
C GLN A 439 -18.19 -47.21 -92.56
N ALA B 5 -3.44 -77.68 -76.23
CA ALA B 5 -4.64 -78.47 -76.47
C ALA B 5 -4.76 -79.62 -75.47
N LEU B 6 -5.33 -79.30 -74.30
CA LEU B 6 -5.73 -80.26 -73.26
C LEU B 6 -4.54 -81.03 -72.71
N PHE B 7 -3.69 -80.31 -71.98
CA PHE B 7 -2.46 -80.86 -71.44
C PHE B 7 -2.62 -81.38 -70.03
N VAL B 8 -3.83 -81.56 -69.56
CA VAL B 8 -4.10 -82.26 -68.31
C VAL B 8 -4.72 -83.59 -68.73
N HIS B 9 -4.47 -84.63 -67.92
CA HIS B 9 -4.67 -85.99 -68.42
C HIS B 9 -6.14 -86.33 -68.63
N ARG B 10 -6.99 -86.01 -67.63
CA ARG B 10 -8.46 -86.10 -67.74
C ARG B 10 -8.91 -87.52 -68.10
N ASP B 11 -8.78 -88.41 -67.10
CA ASP B 11 -8.38 -89.82 -67.24
C ASP B 11 -8.70 -90.55 -68.53
N THR B 12 -9.98 -90.54 -68.96
CA THR B 12 -10.46 -91.03 -70.26
C THR B 12 -10.04 -92.48 -70.51
N PRO B 13 -10.73 -93.47 -69.92
CA PRO B 13 -10.32 -94.88 -70.06
C PRO B 13 -10.24 -95.32 -71.52
N LYS B 14 -9.37 -96.31 -71.74
CA LYS B 14 -8.38 -96.53 -72.81
C LYS B 14 -7.07 -95.84 -72.41
N ASN B 15 -7.01 -95.36 -71.17
CA ASN B 15 -5.84 -94.72 -70.57
C ASN B 15 -5.84 -95.10 -69.10
N ASN B 16 -5.21 -94.25 -68.27
CA ASN B 16 -5.42 -94.22 -66.83
C ASN B 16 -4.98 -95.49 -66.14
N PRO B 17 -3.70 -95.57 -65.76
CA PRO B 17 -3.02 -96.83 -65.47
C PRO B 17 -3.72 -97.72 -64.44
N GLU B 18 -3.65 -99.04 -64.64
CA GLU B 18 -2.83 -99.68 -65.68
C GLU B 18 -3.55 -100.14 -66.94
N THR B 19 -3.39 -99.34 -68.00
CA THR B 19 -3.58 -99.85 -69.34
C THR B 19 -2.54 -100.93 -69.61
N PRO B 20 -2.92 -102.08 -70.17
CA PRO B 20 -1.96 -103.16 -70.38
C PRO B 20 -0.89 -102.83 -71.42
N PHE B 21 0.35 -102.65 -70.95
CA PHE B 21 1.42 -102.25 -71.85
C PHE B 21 2.72 -102.91 -71.45
N ASP B 22 3.49 -103.33 -72.45
CA ASP B 22 4.76 -104.00 -72.22
C ASP B 22 5.57 -103.94 -73.51
N PHE B 23 6.87 -104.10 -73.37
CA PHE B 23 7.75 -104.18 -74.52
C PHE B 23 7.86 -105.63 -74.99
N THR B 24 8.86 -105.92 -75.80
CA THR B 24 9.33 -107.20 -76.30
C THR B 24 10.71 -107.48 -75.71
N PRO B 25 11.07 -108.74 -75.47
CA PRO B 25 12.49 -109.05 -75.20
C PRO B 25 13.41 -108.65 -76.33
N GLU B 26 12.91 -108.65 -77.57
CA GLU B 26 13.65 -108.02 -78.66
C GLU B 26 13.75 -106.51 -78.44
N ASN B 27 12.67 -105.88 -77.96
CA ASN B 27 12.74 -104.47 -77.63
C ASN B 27 13.60 -104.21 -76.40
N TYR B 28 13.65 -105.17 -75.46
CA TYR B 28 14.61 -105.07 -74.37
C TYR B 28 16.04 -105.11 -74.89
N LYS B 29 16.27 -105.89 -75.94
CA LYS B 29 17.60 -105.92 -76.55
C LYS B 29 17.93 -104.58 -77.23
N ARG B 30 16.92 -103.96 -77.86
CA ARG B 30 17.06 -102.58 -78.35
C ARG B 30 17.44 -101.62 -77.23
N ILE B 31 16.77 -101.74 -76.08
CA ILE B 31 17.04 -100.85 -74.95
C ILE B 31 18.45 -101.07 -74.40
N GLU B 32 18.93 -102.32 -74.44
CA GLU B 32 20.31 -102.57 -74.03
C GLU B 32 21.31 -101.91 -74.97
N ALA B 33 21.02 -101.91 -76.28
CA ALA B 33 21.88 -101.16 -77.19
C ALA B 33 21.81 -99.65 -76.92
N ILE B 34 20.60 -99.14 -76.68
CA ILE B 34 20.39 -97.70 -76.51
C ILE B 34 21.06 -97.19 -75.25
N VAL B 35 20.80 -97.83 -74.12
CA VAL B 35 21.72 -97.59 -73.01
C VAL B 35 22.79 -98.67 -73.10
N LYS B 36 23.53 -98.63 -74.19
CA LYS B 36 24.96 -98.86 -74.26
C LYS B 36 25.63 -97.70 -74.97
N ASN B 37 24.89 -96.95 -75.81
CA ASN B 37 25.46 -95.77 -76.48
C ASN B 37 25.92 -94.69 -75.51
N TYR B 38 25.15 -94.43 -74.50
CA TYR B 38 25.41 -93.28 -73.63
C TYR B 38 26.43 -93.61 -72.56
N PRO B 39 27.12 -92.62 -71.99
CA PRO B 39 28.06 -92.93 -70.91
C PRO B 39 27.34 -93.21 -69.62
N GLU B 40 28.00 -93.98 -68.76
CA GLU B 40 27.45 -94.37 -67.47
C GLU B 40 27.44 -93.19 -66.52
N GLY B 41 26.43 -93.14 -65.67
CA GLY B 41 26.24 -92.05 -64.74
C GLY B 41 25.21 -91.05 -65.20
N HIS B 42 24.81 -91.15 -66.46
CA HIS B 42 23.88 -90.23 -67.08
C HIS B 42 22.84 -91.01 -67.86
N LYS B 43 22.25 -91.98 -67.16
CA LYS B 43 21.30 -92.92 -67.75
C LYS B 43 20.06 -92.22 -68.29
N ALA B 44 19.68 -91.09 -67.72
CA ALA B 44 18.42 -90.44 -68.01
C ALA B 44 18.35 -89.79 -69.39
N ALA B 45 19.35 -89.95 -70.24
CA ALA B 45 19.31 -89.30 -71.53
C ALA B 45 18.66 -90.14 -72.61
N ALA B 46 18.36 -91.41 -72.34
CA ALA B 46 17.77 -92.29 -73.34
C ALA B 46 16.26 -92.15 -73.44
N VAL B 47 15.70 -91.15 -72.75
CA VAL B 47 14.26 -91.02 -72.65
C VAL B 47 13.65 -90.71 -74.01
N LEU B 48 14.32 -89.89 -74.82
CA LEU B 48 13.79 -89.55 -76.13
C LEU B 48 13.73 -90.74 -77.09
N PRO B 49 14.81 -91.51 -77.34
CA PRO B 49 14.65 -92.63 -78.28
C PRO B 49 13.90 -93.80 -77.69
N VAL B 50 14.02 -94.06 -76.38
CA VAL B 50 13.25 -95.15 -75.79
C VAL B 50 11.76 -94.87 -75.86
N LEU B 51 11.37 -93.61 -75.63
CA LEU B 51 9.98 -93.25 -75.73
C LEU B 51 9.53 -93.24 -77.18
N ASP B 52 10.44 -92.94 -78.10
CA ASP B 52 10.11 -93.09 -79.51
C ASP B 52 9.90 -94.56 -79.87
N LEU B 53 10.66 -95.46 -79.24
CA LEU B 53 10.44 -96.89 -79.44
C LEU B 53 9.07 -97.31 -78.90
N ALA B 54 8.65 -96.69 -77.80
CA ALA B 54 7.32 -96.99 -77.26
C ALA B 54 6.23 -96.56 -78.23
N GLN B 55 6.41 -95.40 -78.88
CA GLN B 55 5.41 -95.00 -79.88
C GLN B 55 5.45 -95.92 -81.10
N ARG B 56 6.64 -96.37 -81.48
CA ARG B 56 6.72 -97.25 -82.64
C ARG B 56 6.14 -98.63 -82.34
N GLN B 57 6.22 -99.07 -81.10
CA GLN B 57 5.62 -100.35 -80.75
C GLN B 57 4.12 -100.23 -80.66
N ASN B 58 3.62 -99.22 -79.95
CA ASN B 58 2.19 -98.98 -79.82
C ASN B 58 1.91 -97.57 -80.33
N GLY B 59 1.12 -97.49 -81.41
CA GLY B 59 0.93 -96.32 -82.26
C GLY B 59 0.82 -94.95 -81.62
N TRP B 60 0.08 -94.87 -80.53
CA TRP B 60 0.04 -93.68 -79.70
C TRP B 60 0.40 -94.08 -78.29
N LEU B 61 1.02 -93.20 -77.58
CA LEU B 61 1.51 -93.68 -76.30
C LEU B 61 0.54 -93.32 -75.18
N PRO B 62 0.17 -94.26 -74.35
CA PRO B 62 -0.66 -93.92 -73.20
C PRO B 62 0.18 -93.48 -72.02
N ILE B 63 -0.48 -93.27 -70.89
CA ILE B 63 0.23 -92.87 -69.69
C ILE B 63 0.84 -94.06 -68.94
N SER B 64 0.29 -95.26 -69.14
CA SER B 64 0.89 -96.47 -68.60
C SER B 64 2.24 -96.72 -69.23
N ALA B 65 2.38 -96.37 -70.52
CA ALA B 65 3.67 -96.48 -71.19
C ALA B 65 4.69 -95.55 -70.59
N MET B 66 4.28 -94.32 -70.25
CA MET B 66 5.22 -93.37 -69.67
C MET B 66 5.65 -93.81 -68.28
N ASN B 67 4.70 -94.29 -67.47
CA ASN B 67 5.06 -94.82 -66.16
C ASN B 67 5.92 -96.07 -66.27
N LYS B 68 5.69 -96.87 -67.31
CA LYS B 68 6.49 -98.06 -67.56
C LYS B 68 7.93 -97.69 -67.89
N VAL B 69 8.13 -96.72 -68.78
CA VAL B 69 9.47 -96.32 -69.18
C VAL B 69 10.20 -95.65 -68.01
N ALA B 70 9.47 -94.86 -67.22
CA ALA B 70 10.07 -94.27 -66.03
C ALA B 70 10.50 -95.33 -65.03
N GLU B 71 9.74 -96.41 -64.92
CA GLU B 71 10.17 -97.52 -64.07
C GLU B 71 11.31 -98.31 -64.70
N ILE B 72 11.42 -98.30 -66.04
CA ILE B 72 12.56 -98.96 -66.68
C ILE B 72 13.86 -98.24 -66.33
N LEU B 73 13.95 -96.96 -66.67
CA LEU B 73 15.19 -96.23 -66.47
C LEU B 73 15.28 -95.56 -65.10
N GLN B 74 14.41 -95.96 -64.15
CA GLN B 74 14.36 -95.50 -62.73
C GLN B 74 14.39 -93.98 -62.58
N VAL B 75 13.96 -93.25 -63.60
CA VAL B 75 13.90 -91.80 -63.56
C VAL B 75 12.58 -91.40 -62.93
N PRO B 76 12.47 -90.23 -62.32
CA PRO B 76 11.18 -89.75 -61.84
C PRO B 76 10.25 -89.50 -63.01
N PRO B 77 8.97 -89.88 -62.89
CA PRO B 77 8.08 -89.83 -64.07
C PRO B 77 7.76 -88.44 -64.56
N MET B 78 7.96 -87.41 -63.75
CA MET B 78 7.61 -86.06 -64.19
C MET B 78 8.52 -85.58 -65.31
N ARG B 79 9.79 -85.99 -65.29
CA ARG B 79 10.67 -85.72 -66.41
C ARG B 79 10.20 -86.43 -67.67
N VAL B 80 9.62 -87.61 -67.50
CA VAL B 80 9.09 -88.35 -68.64
C VAL B 80 7.88 -87.61 -69.22
N TYR B 81 7.03 -87.04 -68.36
CA TYR B 81 5.89 -86.29 -68.88
C TYR B 81 6.35 -85.01 -69.59
N GLU B 82 7.39 -84.36 -69.06
CA GLU B 82 7.94 -83.17 -69.70
C GLU B 82 8.46 -83.48 -71.09
N VAL B 83 9.36 -84.46 -71.20
CA VAL B 83 9.97 -84.75 -72.50
C VAL B 83 8.95 -85.41 -73.42
N ALA B 84 7.90 -86.01 -72.86
CA ALA B 84 6.87 -86.60 -73.71
C ALA B 84 6.02 -85.53 -74.36
N THR B 85 5.59 -84.54 -73.60
CA THR B 85 4.71 -83.52 -74.14
C THR B 85 5.44 -82.30 -74.65
N PHE B 86 6.76 -82.28 -74.63
CA PHE B 86 7.43 -81.09 -75.11
C PHE B 86 7.51 -81.03 -76.63
N TYR B 87 7.65 -82.17 -77.29
CA TYR B 87 8.01 -82.21 -78.68
C TYR B 87 6.77 -82.28 -79.58
N THR B 88 6.99 -82.61 -80.85
CA THR B 88 5.93 -82.65 -81.82
C THR B 88 5.76 -84.00 -82.50
N MET B 89 6.66 -84.95 -82.28
CA MET B 89 6.40 -86.33 -82.73
C MET B 89 5.27 -86.96 -81.94
N TYR B 90 5.24 -86.71 -80.65
CA TYR B 90 4.53 -87.58 -79.75
C TYR B 90 3.09 -87.14 -79.64
N ASN B 91 2.19 -88.11 -79.79
CA ASN B 91 0.77 -87.86 -79.95
C ASN B 91 -0.01 -88.71 -78.94
N ARG B 92 -0.28 -88.10 -77.79
CA ARG B 92 -1.03 -88.74 -76.73
C ARG B 92 -2.47 -88.93 -77.14
N LYS B 93 -3.03 -87.95 -77.84
CA LYS B 93 -4.32 -88.10 -78.46
C LYS B 93 -4.19 -89.18 -79.53
N PRO B 94 -4.95 -90.28 -79.45
CA PRO B 94 -4.68 -91.45 -80.27
C PRO B 94 -5.01 -91.21 -81.73
N VAL B 95 -3.99 -91.35 -82.58
CA VAL B 95 -4.15 -91.25 -84.01
C VAL B 95 -4.12 -92.64 -84.60
N GLY B 96 -4.43 -92.73 -85.88
CA GLY B 96 -4.57 -94.00 -86.55
C GLY B 96 -3.29 -94.51 -87.16
N LYS B 97 -3.44 -95.48 -88.06
CA LYS B 97 -2.32 -96.09 -88.75
C LYS B 97 -1.61 -95.06 -89.63
N TYR B 98 -2.28 -94.55 -90.64
CA TYR B 98 -1.70 -93.52 -91.47
C TYR B 98 -2.01 -92.16 -90.85
N HIS B 99 -1.08 -91.23 -91.04
CA HIS B 99 -1.10 -89.95 -90.32
C HIS B 99 -0.71 -88.85 -91.29
N ILE B 100 -1.71 -88.19 -91.88
CA ILE B 100 -1.46 -87.22 -92.93
C ILE B 100 -0.95 -85.94 -92.30
N GLN B 101 0.20 -85.45 -92.78
CA GLN B 101 0.70 -84.15 -92.38
C GLN B 101 0.90 -83.31 -93.63
N VAL B 102 0.22 -82.18 -93.67
CA VAL B 102 0.44 -81.18 -94.71
C VAL B 102 1.40 -80.14 -94.14
N CYS B 103 2.63 -80.15 -94.62
CA CYS B 103 3.58 -79.15 -94.18
C CYS B 103 3.39 -77.86 -94.96
N THR B 104 3.26 -76.76 -94.19
CA THR B 104 2.99 -75.43 -94.75
C THR B 104 3.48 -74.30 -93.85
N THR B 105 4.66 -73.75 -94.13
CA THR B 105 4.86 -72.39 -93.63
C THR B 105 5.17 -71.30 -94.67
N THR B 106 6.42 -71.20 -95.14
CA THR B 106 6.65 -70.11 -96.09
C THR B 106 6.62 -70.47 -97.56
N PRO B 107 7.37 -71.45 -98.10
CA PRO B 107 7.29 -71.67 -99.54
C PRO B 107 6.03 -72.41 -99.93
N CYS B 108 5.39 -73.07 -98.98
CA CYS B 108 4.20 -73.81 -99.26
C CYS B 108 3.02 -72.87 -99.43
N MET B 109 2.91 -71.87 -98.55
CA MET B 109 1.91 -70.83 -98.75
C MET B 109 2.28 -69.96 -99.94
N LEU B 110 3.56 -69.85 -100.24
CA LEU B 110 3.98 -69.18 -101.46
C LEU B 110 3.56 -69.95 -102.70
N ARG B 111 3.52 -71.28 -102.64
CA ARG B 111 3.15 -72.08 -103.80
C ARG B 111 1.75 -72.65 -103.66
N ASN B 112 0.86 -71.86 -103.05
CA ASN B 112 -0.59 -72.04 -103.06
C ASN B 112 -0.99 -73.38 -102.41
N SER B 113 -0.74 -73.44 -101.10
CA SER B 113 -1.03 -74.64 -100.34
C SER B 113 -2.52 -74.91 -100.18
N ASP B 114 -3.36 -73.89 -100.31
CA ASP B 114 -4.78 -74.03 -100.05
C ASP B 114 -5.48 -74.93 -101.05
N SER B 115 -4.94 -75.05 -102.26
CA SER B 115 -5.44 -76.05 -103.20
C SER B 115 -5.26 -77.45 -102.65
N ILE B 116 -4.09 -77.72 -102.06
CA ILE B 116 -3.85 -79.02 -101.47
C ILE B 116 -4.73 -79.24 -100.27
N LEU B 117 -4.93 -78.20 -99.46
CA LEU B 117 -5.75 -78.29 -98.25
C LEU B 117 -7.19 -78.61 -98.60
N GLU B 118 -7.76 -77.91 -99.57
CA GLU B 118 -9.13 -78.17 -99.96
C GLU B 118 -9.25 -79.50 -100.71
N ALA B 119 -8.19 -79.93 -101.40
CA ALA B 119 -8.21 -81.23 -102.04
C ALA B 119 -8.26 -82.36 -101.02
N ILE B 120 -7.45 -82.24 -99.96
CA ILE B 120 -7.49 -83.20 -98.87
C ILE B 120 -8.83 -83.14 -98.17
N GLN B 121 -9.37 -81.93 -98.00
CA GLN B 121 -10.62 -81.74 -97.27
C GLN B 121 -11.80 -82.37 -98.00
N LYS B 122 -11.83 -82.27 -99.32
CA LYS B 122 -12.95 -82.85 -100.06
C LYS B 122 -12.69 -84.29 -100.51
N LYS B 123 -11.45 -84.77 -100.41
CA LYS B 123 -11.21 -86.16 -100.74
C LYS B 123 -11.36 -87.07 -99.54
N LEU B 124 -10.82 -86.64 -98.39
CA LEU B 124 -10.93 -87.45 -97.20
C LEU B 124 -12.24 -87.17 -96.47
N GLY B 125 -12.68 -85.91 -96.48
CA GLY B 125 -14.00 -85.57 -95.96
C GLY B 125 -14.00 -84.97 -94.58
N ILE B 126 -12.87 -84.90 -93.90
CA ILE B 126 -12.84 -84.46 -92.51
C ILE B 126 -11.84 -83.33 -92.32
N LYS B 127 -12.09 -82.54 -91.29
CA LYS B 127 -11.29 -81.37 -90.96
C LYS B 127 -10.01 -81.77 -90.23
N VAL B 128 -9.15 -80.79 -89.96
CA VAL B 128 -7.91 -81.07 -89.25
C VAL B 128 -8.22 -81.37 -87.79
N GLY B 129 -7.26 -82.02 -87.12
CA GLY B 129 -7.42 -82.35 -85.73
C GLY B 129 -8.17 -83.64 -85.51
N GLU B 130 -9.38 -83.73 -86.04
CA GLU B 130 -10.14 -84.96 -85.93
C GLU B 130 -9.88 -85.85 -87.15
N THR B 131 -10.57 -86.97 -87.17
CA THR B 131 -10.29 -88.04 -88.12
C THR B 131 -11.54 -88.41 -88.92
N THR B 132 -11.32 -89.31 -89.87
CA THR B 132 -12.36 -89.91 -90.69
C THR B 132 -13.36 -90.68 -89.82
N PRO B 133 -14.57 -90.98 -90.34
CA PRO B 133 -15.47 -91.90 -89.61
C PRO B 133 -15.17 -93.39 -89.81
N ASP B 134 -13.88 -93.70 -89.83
CA ASP B 134 -13.28 -94.98 -89.45
C ASP B 134 -11.91 -94.61 -88.90
N LYS B 135 -11.00 -95.54 -88.88
CA LYS B 135 -9.73 -95.22 -88.27
C LYS B 135 -8.72 -94.84 -89.35
N LEU B 136 -7.46 -94.79 -88.93
CA LEU B 136 -6.25 -94.81 -89.76
C LEU B 136 -6.05 -93.60 -90.66
N PHE B 137 -6.82 -92.52 -90.49
CA PHE B 137 -6.53 -91.28 -91.21
C PHE B 137 -6.81 -90.08 -90.33
N THR B 138 -5.74 -89.53 -89.75
CA THR B 138 -5.80 -88.32 -88.97
C THR B 138 -5.00 -87.24 -89.71
N LEU B 139 -5.65 -86.13 -89.99
CA LEU B 139 -5.10 -85.06 -90.81
C LEU B 139 -4.66 -83.90 -89.94
N ILE B 140 -3.39 -83.52 -90.03
CA ILE B 140 -2.91 -82.29 -89.42
C ILE B 140 -2.01 -81.56 -90.40
N GLU B 141 -1.97 -80.24 -90.26
CA GLU B 141 -0.93 -79.45 -90.91
C GLU B 141 0.18 -79.22 -89.90
N VAL B 142 1.39 -79.03 -90.40
CA VAL B 142 2.56 -78.88 -89.56
C VAL B 142 3.43 -77.77 -90.11
N GLU B 143 4.44 -77.42 -89.31
CA GLU B 143 5.44 -76.43 -89.63
C GLU B 143 6.43 -77.06 -90.60
N CYS B 144 7.53 -76.37 -90.90
CA CYS B 144 8.39 -76.77 -91.99
C CYS B 144 9.15 -78.06 -91.71
N LEU B 145 9.42 -78.81 -92.78
CA LEU B 145 10.19 -80.02 -92.69
C LEU B 145 11.61 -79.86 -93.20
N GLY B 146 11.91 -78.78 -93.88
CA GLY B 146 13.25 -78.59 -94.39
C GLY B 146 13.43 -79.01 -95.82
N ALA B 147 12.50 -79.74 -96.40
CA ALA B 147 12.56 -80.05 -97.82
C ALA B 147 11.80 -79.01 -98.62
N CYS B 148 12.20 -77.75 -98.48
CA CYS B 148 11.46 -76.63 -99.03
C CYS B 148 11.69 -76.42 -100.52
N VAL B 149 12.24 -77.37 -101.27
CA VAL B 149 12.43 -77.14 -102.70
C VAL B 149 11.21 -77.63 -103.46
N ASN B 150 10.09 -77.77 -102.77
CA ASN B 150 9.02 -78.57 -103.29
C ASN B 150 7.68 -77.86 -103.12
N ALA B 151 6.60 -78.60 -103.34
CA ALA B 151 5.24 -78.15 -103.15
C ALA B 151 4.93 -78.03 -101.66
N PRO B 152 3.71 -77.57 -101.25
CA PRO B 152 3.26 -77.86 -99.88
C PRO B 152 3.33 -79.34 -99.57
N MET B 153 4.25 -79.71 -98.71
CA MET B 153 4.79 -81.06 -98.89
C MET B 153 4.12 -82.02 -97.94
N VAL B 154 4.25 -83.30 -98.22
CA VAL B 154 3.41 -84.29 -97.58
C VAL B 154 4.30 -85.18 -96.72
N GLN B 155 3.88 -85.39 -95.48
CA GLN B 155 4.48 -86.41 -94.64
C GLN B 155 3.42 -87.44 -94.30
N ILE B 156 3.74 -88.71 -94.55
CA ILE B 156 3.01 -89.76 -93.87
C ILE B 156 4.08 -90.48 -93.10
N ASN B 157 3.74 -91.60 -92.46
CA ASN B 157 4.57 -92.19 -91.41
C ASN B 157 5.96 -92.59 -91.89
N ASP B 158 6.93 -91.74 -91.53
CA ASP B 158 8.32 -91.80 -91.95
C ASP B 158 8.45 -91.88 -93.47
N ASN B 159 7.69 -91.04 -94.17
CA ASN B 159 7.78 -90.93 -95.62
C ASN B 159 7.51 -89.50 -96.06
N TYR B 160 8.41 -88.98 -96.88
CA TYR B 160 8.25 -87.70 -97.53
C TYR B 160 7.59 -87.85 -98.88
N TYR B 161 6.91 -86.78 -99.31
CA TYR B 161 6.37 -86.69 -100.66
C TYR B 161 6.51 -85.25 -101.12
N GLU B 162 7.12 -85.09 -102.29
CA GLU B 162 7.64 -83.81 -102.77
C GLU B 162 7.02 -83.43 -104.11
N ASP B 163 6.92 -82.11 -104.33
CA ASP B 163 6.54 -81.50 -105.61
C ASP B 163 5.17 -81.99 -106.10
N LEU B 164 4.23 -82.13 -105.18
CA LEU B 164 2.90 -82.61 -105.51
C LEU B 164 2.06 -81.50 -106.14
N THR B 165 0.82 -81.84 -106.39
CA THR B 165 -0.23 -81.16 -107.12
C THR B 165 -1.45 -82.05 -106.88
N PRO B 166 -2.68 -81.53 -106.90
CA PRO B 166 -3.84 -82.33 -106.44
C PRO B 166 -4.13 -83.59 -107.24
N LYS B 167 -3.64 -83.72 -108.48
CA LYS B 167 -3.76 -84.99 -109.18
C LYS B 167 -2.86 -86.06 -108.55
N ASP B 168 -1.67 -85.67 -108.08
CA ASP B 168 -0.84 -86.62 -107.36
C ASP B 168 -1.39 -86.91 -105.97
N ILE B 169 -2.09 -85.93 -105.38
CA ILE B 169 -2.88 -86.17 -104.18
C ILE B 169 -3.91 -87.27 -104.41
N GLU B 170 -4.60 -87.22 -105.56
CA GLU B 170 -5.57 -88.26 -105.92
C GLU B 170 -4.91 -89.63 -106.01
N GLU B 171 -3.81 -89.72 -106.76
CA GLU B 171 -3.15 -91.01 -106.98
C GLU B 171 -2.60 -91.60 -105.68
N ILE B 172 -1.94 -90.75 -104.87
CA ILE B 172 -1.34 -91.21 -103.63
C ILE B 172 -2.41 -91.57 -102.61
N ILE B 173 -3.51 -90.82 -102.56
CA ILE B 173 -4.59 -91.15 -101.64
C ILE B 173 -5.25 -92.46 -102.02
N ASP B 174 -5.46 -92.71 -103.31
CA ASP B 174 -6.08 -93.98 -103.71
C ASP B 174 -5.16 -95.17 -103.44
N GLU B 175 -3.85 -94.98 -103.64
CA GLU B 175 -2.91 -96.05 -103.29
C GLU B 175 -2.87 -96.29 -101.80
N LEU B 176 -2.96 -95.23 -100.99
CA LEU B 176 -2.89 -95.41 -99.54
C LEU B 176 -4.18 -95.98 -98.99
N LYS B 177 -5.33 -95.67 -99.59
CA LYS B 177 -6.56 -96.35 -99.20
C LYS B 177 -6.49 -97.83 -99.54
N ALA B 178 -5.91 -98.16 -100.69
CA ALA B 178 -5.71 -99.58 -101.01
C ALA B 178 -4.52 -100.20 -100.28
N GLY B 179 -3.81 -99.44 -99.44
CA GLY B 179 -2.69 -100.00 -98.73
C GLY B 179 -1.43 -100.14 -99.55
N LYS B 180 -1.28 -99.37 -100.63
CA LYS B 180 -0.13 -99.42 -101.50
C LYS B 180 0.69 -98.16 -101.31
N ILE B 181 1.99 -98.32 -101.09
CA ILE B 181 2.84 -97.18 -100.77
C ILE B 181 3.39 -96.57 -102.05
N PRO B 182 3.36 -95.25 -102.19
CA PRO B 182 4.01 -94.59 -103.32
C PRO B 182 5.49 -94.41 -103.05
N LYS B 183 6.17 -93.88 -104.02
CA LYS B 183 7.58 -93.71 -103.74
C LYS B 183 7.89 -92.29 -103.30
N PRO B 184 8.84 -92.11 -102.39
CA PRO B 184 9.10 -90.78 -101.81
C PRO B 184 9.91 -89.84 -102.68
N GLY B 185 10.01 -90.09 -103.97
CA GLY B 185 10.69 -89.19 -104.86
C GLY B 185 9.87 -87.96 -105.15
N PRO B 186 10.46 -86.98 -105.82
CA PRO B 186 9.71 -85.78 -106.22
C PRO B 186 8.73 -86.11 -107.31
N ARG B 187 7.85 -85.16 -107.59
CA ARG B 187 6.88 -85.31 -108.67
C ARG B 187 7.07 -84.17 -109.67
N SER B 188 6.26 -84.22 -110.74
CA SER B 188 6.33 -83.30 -111.88
C SER B 188 7.73 -83.25 -112.48
N GLY B 189 8.34 -84.42 -112.63
CA GLY B 189 9.70 -84.48 -113.10
C GLY B 189 10.71 -84.18 -112.02
N ARG B 190 11.98 -84.12 -112.45
CA ARG B 190 13.16 -83.87 -111.63
C ARG B 190 13.21 -84.83 -110.43
N PHE B 191 13.51 -86.06 -110.75
CA PHE B 191 13.47 -87.19 -109.81
C PHE B 191 14.45 -87.05 -108.55
N SER B 192 15.16 -85.96 -108.29
CA SER B 192 15.82 -85.72 -107.01
C SER B 192 15.67 -84.24 -106.69
N CYS B 193 16.49 -83.72 -105.79
CA CYS B 193 16.54 -82.28 -105.54
C CYS B 193 17.32 -81.62 -106.68
N GLU B 194 16.63 -81.41 -107.79
CA GLU B 194 17.35 -81.14 -109.01
C GLU B 194 17.02 -79.77 -109.56
N PRO B 195 18.00 -79.11 -110.17
CA PRO B 195 17.67 -78.06 -111.14
C PRO B 195 16.94 -78.68 -112.32
N ALA B 196 15.67 -78.32 -112.51
CA ALA B 196 14.86 -78.94 -113.56
C ALA B 196 15.25 -78.51 -114.96
N GLY B 197 16.09 -77.49 -115.09
CA GLY B 197 16.74 -77.23 -116.35
C GLY B 197 17.78 -78.29 -116.66
N GLY B 198 18.31 -78.22 -117.88
CA GLY B 198 19.18 -79.26 -118.38
C GLY B 198 20.57 -79.27 -117.79
N LEU B 199 20.64 -79.45 -116.46
CA LEU B 199 21.89 -79.54 -115.68
C LEU B 199 22.73 -78.28 -115.87
N THR B 200 22.19 -77.18 -115.35
CA THR B 200 22.99 -75.97 -115.20
C THR B 200 24.07 -76.12 -114.13
N SER B 201 24.00 -77.17 -113.31
CA SER B 201 25.09 -77.58 -112.45
C SER B 201 26.11 -78.37 -113.27
N LEU B 202 27.07 -78.99 -112.59
CA LEU B 202 28.19 -79.63 -113.26
C LEU B 202 27.75 -80.88 -114.02
N THR B 203 28.40 -81.12 -115.14
CA THR B 203 28.08 -82.24 -116.01
C THR B 203 29.12 -83.34 -115.97
N GLU B 204 30.39 -82.99 -116.17
CA GLU B 204 31.42 -84.00 -116.32
C GLU B 204 31.75 -84.63 -114.98
N PRO B 205 32.08 -85.92 -114.95
CA PRO B 205 32.25 -86.61 -113.68
C PRO B 205 33.57 -86.26 -113.03
N PRO B 206 33.61 -86.21 -111.70
CA PRO B 206 34.85 -85.84 -111.01
C PRO B 206 35.89 -86.95 -111.08
N LYS B 207 37.13 -86.57 -110.77
CA LYS B 207 38.26 -87.48 -110.82
C LYS B 207 38.54 -88.12 -109.46
N GLY B 208 38.87 -87.29 -108.47
CA GLY B 208 39.11 -87.80 -107.14
C GLY B 208 40.46 -87.41 -106.56
N PRO B 209 41.27 -88.42 -106.24
CA PRO B 209 42.41 -88.20 -105.33
C PRO B 209 43.61 -87.49 -105.92
N GLY B 210 43.81 -87.64 -107.24
CA GLY B 210 45.11 -87.33 -107.83
C GLY B 210 45.41 -85.84 -107.89
N PHE B 211 44.42 -85.03 -108.19
CA PHE B 211 44.66 -83.60 -108.34
C PHE B 211 44.66 -82.95 -106.96
N GLY B 212 44.72 -81.62 -106.95
CA GLY B 212 45.37 -80.79 -105.93
C GLY B 212 45.31 -81.18 -104.48
N VAL B 213 46.49 -81.45 -103.90
CA VAL B 213 46.64 -81.80 -102.51
C VAL B 213 47.76 -80.96 -101.92
N GLN B 214 48.05 -81.18 -100.64
CA GLN B 214 49.05 -80.39 -99.93
C GLN B 214 49.70 -81.23 -98.86
N ALA B 215 51.05 -81.20 -98.83
CA ALA B 215 51.89 -81.88 -97.83
C ALA B 215 51.61 -83.38 -97.79
N GLY B 216 51.37 -83.96 -98.96
CA GLY B 216 51.05 -85.37 -99.06
C GLY B 216 51.26 -85.89 -100.47
N SER C 6 44.45 -61.24 -51.36
CA SER C 6 44.26 -62.24 -52.42
C SER C 6 42.78 -62.47 -52.67
N ASN C 7 42.47 -62.95 -53.88
CA ASN C 7 41.12 -63.32 -54.31
C ASN C 7 40.15 -62.16 -54.16
N LEU C 8 40.59 -60.96 -54.49
CA LEU C 8 39.68 -59.81 -54.47
C LEU C 8 39.76 -59.07 -55.79
N ILE C 9 38.59 -58.61 -56.24
CA ILE C 9 38.35 -58.26 -57.63
C ILE C 9 37.71 -56.88 -57.68
N GLU C 10 38.25 -56.02 -58.54
CA GLU C 10 37.76 -54.65 -58.70
C GLU C 10 36.43 -54.63 -59.43
N VAL C 11 35.40 -54.10 -58.78
CA VAL C 11 34.22 -53.67 -59.50
C VAL C 11 33.87 -52.26 -59.11
N PHE C 12 33.42 -51.50 -60.10
CA PHE C 12 33.00 -50.14 -59.95
C PHE C 12 31.48 -50.14 -60.06
N VAL C 13 30.81 -50.36 -58.94
CA VAL C 13 29.37 -50.28 -58.89
C VAL C 13 29.00 -48.81 -58.97
N ASP C 14 28.60 -48.38 -60.19
CA ASP C 14 28.30 -46.98 -60.52
C ASP C 14 29.48 -46.07 -60.21
N GLY C 15 30.68 -46.57 -60.45
CA GLY C 15 31.88 -45.83 -60.11
C GLY C 15 32.39 -46.03 -58.71
N GLN C 16 31.78 -46.90 -57.92
CA GLN C 16 32.22 -47.15 -56.55
C GLN C 16 33.09 -48.40 -56.53
N SER C 17 34.29 -48.27 -55.98
CA SER C 17 35.22 -49.38 -55.94
C SER C 17 34.88 -50.33 -54.81
N VAL C 18 34.82 -51.62 -55.12
CA VAL C 18 34.74 -52.64 -54.09
C VAL C 18 35.42 -53.92 -54.59
N MET C 19 36.06 -54.62 -53.66
CA MET C 19 36.91 -55.77 -53.95
C MET C 19 36.17 -57.01 -53.51
N VAL C 20 35.80 -57.85 -54.46
CA VAL C 20 34.86 -58.93 -54.24
C VAL C 20 35.56 -60.26 -54.56
N GLU C 21 35.22 -61.30 -53.79
CA GLU C 21 35.71 -62.65 -54.02
C GLU C 21 35.29 -63.19 -55.39
N PRO C 22 36.11 -64.07 -55.99
CA PRO C 22 35.72 -64.65 -57.27
C PRO C 22 34.66 -65.72 -57.07
N GLY C 23 34.00 -66.06 -58.18
CA GLY C 23 32.90 -66.98 -58.16
C GLY C 23 31.57 -66.37 -57.79
N THR C 24 31.57 -65.21 -57.15
CA THR C 24 30.35 -64.51 -56.80
C THR C 24 29.73 -63.89 -58.04
N THR C 25 28.45 -63.58 -57.93
CA THR C 25 27.72 -63.01 -59.05
C THR C 25 27.74 -61.50 -58.96
N VAL C 26 27.17 -60.87 -59.98
CA VAL C 26 27.05 -59.42 -59.99
C VAL C 26 26.10 -58.95 -58.91
N LEU C 27 25.01 -59.70 -58.71
CA LEU C 27 23.96 -59.26 -57.82
C LEU C 27 24.37 -59.33 -56.36
N GLN C 28 25.22 -60.30 -56.00
CA GLN C 28 25.72 -60.34 -54.63
C GLN C 28 26.64 -59.16 -54.34
N ALA C 29 27.43 -58.72 -55.33
CA ALA C 29 28.26 -57.53 -55.12
C ALA C 29 27.41 -56.28 -55.06
N CYS C 30 26.32 -56.24 -55.82
CA CYS C 30 25.41 -55.11 -55.73
C CYS C 30 24.76 -55.03 -54.35
N GLU C 31 24.42 -56.18 -53.77
CA GLU C 31 23.94 -56.16 -52.38
C GLU C 31 25.07 -55.86 -51.42
N LYS C 32 26.31 -56.16 -51.80
CA LYS C 32 27.44 -55.90 -50.94
C LYS C 32 27.67 -54.42 -50.76
N VAL C 33 27.42 -53.62 -51.80
CA VAL C 33 27.53 -52.18 -51.65
C VAL C 33 26.15 -51.52 -51.52
N GLY C 34 25.14 -52.26 -51.09
CA GLY C 34 23.88 -51.68 -50.69
C GLY C 34 22.81 -51.61 -51.75
N MET C 35 23.17 -51.72 -53.03
CA MET C 35 22.16 -51.69 -54.08
C MET C 35 21.36 -52.98 -54.11
N GLN C 36 20.19 -52.91 -54.74
CA GLN C 36 19.51 -54.11 -55.18
C GLN C 36 19.18 -53.96 -56.64
N ILE C 37 18.91 -55.09 -57.27
CA ILE C 37 18.34 -55.15 -58.60
C ILE C 37 17.05 -55.94 -58.49
N PRO C 38 15.95 -55.46 -59.06
CA PRO C 38 14.70 -56.20 -58.98
C PRO C 38 14.77 -57.54 -59.68
N ARG C 39 14.08 -58.52 -59.12
CA ARG C 39 14.27 -59.88 -59.59
C ARG C 39 13.05 -60.71 -59.25
N PHE C 40 12.81 -61.73 -60.06
CA PHE C 40 11.65 -62.60 -59.88
C PHE C 40 12.00 -64.07 -59.81
N CYS C 41 13.13 -64.51 -60.37
CA CYS C 41 13.43 -65.95 -60.28
C CYS C 41 14.49 -66.28 -59.26
N TYR C 42 15.53 -65.48 -59.18
CA TYR C 42 16.63 -65.76 -58.27
C TYR C 42 16.19 -65.58 -56.83
N HIS C 43 16.16 -66.67 -56.10
CA HIS C 43 16.05 -66.59 -54.65
C HIS C 43 17.20 -67.40 -54.06
N GLU C 44 17.78 -66.86 -52.99
CA GLU C 44 19.09 -67.32 -52.56
C GLU C 44 19.08 -68.67 -51.88
N ARG C 45 17.92 -69.29 -51.69
CA ARG C 45 17.91 -70.65 -51.20
C ARG C 45 17.86 -71.66 -52.33
N LEU C 46 17.92 -71.21 -53.57
CA LEU C 46 17.93 -72.10 -54.71
C LEU C 46 19.11 -71.78 -55.61
N SER C 47 19.37 -72.67 -56.55
CA SER C 47 20.32 -72.37 -57.59
C SER C 47 19.70 -71.45 -58.62
N VAL C 48 20.52 -70.97 -59.53
CA VAL C 48 20.14 -69.87 -60.40
C VAL C 48 19.61 -70.43 -61.71
N ALA C 49 18.45 -69.94 -62.13
CA ALA C 49 17.94 -70.10 -63.48
C ALA C 49 17.97 -68.74 -64.18
N GLY C 50 17.94 -68.76 -65.49
CA GLY C 50 18.10 -67.53 -66.21
C GLY C 50 16.83 -67.03 -66.88
N ASN C 51 15.70 -67.18 -66.21
CA ASN C 51 14.43 -66.97 -66.88
C ASN C 51 13.87 -65.56 -66.69
N CYS C 52 13.74 -65.09 -65.44
CA CYS C 52 12.80 -64.04 -65.17
C CYS C 52 13.27 -62.69 -65.66
N ARG C 53 14.56 -62.55 -65.98
CA ARG C 53 15.07 -61.53 -66.88
C ARG C 53 15.02 -60.11 -66.28
N MET C 54 14.43 -59.96 -65.09
CA MET C 54 14.37 -58.66 -64.44
C MET C 54 15.74 -58.22 -63.93
N CYS C 55 16.69 -59.13 -63.85
CA CYS C 55 18.02 -58.83 -63.33
C CYS C 55 18.91 -58.15 -64.34
N LEU C 56 18.38 -57.59 -65.43
CA LEU C 56 19.24 -56.97 -66.43
C LEU C 56 19.95 -55.76 -65.87
N VAL C 57 21.20 -55.59 -66.29
CA VAL C 57 22.01 -54.47 -65.88
C VAL C 57 23.04 -54.26 -66.98
N GLU C 58 23.62 -53.07 -67.02
CA GLU C 58 24.50 -52.70 -68.11
C GLU C 58 25.91 -52.48 -67.58
N ILE C 59 26.83 -53.18 -68.14
CA ILE C 59 28.24 -52.88 -67.98
C ILE C 59 28.62 -51.91 -69.07
N GLU C 60 29.42 -50.90 -68.72
CA GLU C 60 29.93 -49.96 -69.71
C GLU C 60 30.87 -50.64 -70.70
N LYS C 61 31.02 -50.00 -71.85
CA LYS C 61 31.83 -50.47 -72.99
C LYS C 61 31.36 -51.84 -73.46
N ALA C 62 30.05 -52.04 -73.47
CA ALA C 62 29.46 -53.28 -73.91
C ALA C 62 28.05 -52.98 -74.40
N PRO C 63 27.67 -53.46 -75.57
CA PRO C 63 26.29 -53.25 -76.03
C PRO C 63 25.32 -54.30 -75.52
N LYS C 64 25.81 -55.51 -75.25
CA LYS C 64 24.95 -56.62 -74.86
C LYS C 64 24.60 -56.50 -73.39
N VAL C 65 23.35 -56.17 -73.11
CA VAL C 65 22.89 -55.99 -71.74
C VAL C 65 22.84 -57.36 -71.07
N VAL C 66 23.72 -57.57 -70.11
CA VAL C 66 23.85 -58.88 -69.52
C VAL C 66 22.83 -59.05 -68.41
N ALA C 67 22.53 -60.30 -68.07
CA ALA C 67 21.59 -60.63 -67.00
C ALA C 67 22.39 -60.90 -65.74
N ALA C 68 22.18 -60.08 -64.72
CA ALA C 68 23.02 -60.12 -63.53
C ALA C 68 22.54 -61.11 -62.48
N CYS C 69 21.69 -62.06 -62.84
CA CYS C 69 21.46 -63.14 -61.92
C CYS C 69 22.54 -64.19 -62.05
N ALA C 70 23.07 -64.40 -63.26
CA ALA C 70 23.97 -65.51 -63.52
C ALA C 70 25.17 -65.09 -64.34
N MET C 71 25.84 -64.03 -63.92
CA MET C 71 27.10 -63.67 -64.55
C MET C 71 28.24 -63.78 -63.54
N PRO C 72 29.32 -64.48 -63.86
CA PRO C 72 30.50 -64.42 -63.01
C PRO C 72 31.17 -63.07 -63.12
N VAL C 73 31.70 -62.58 -62.01
CA VAL C 73 32.31 -61.27 -62.00
C VAL C 73 33.74 -61.40 -62.51
N MET C 74 33.99 -60.89 -63.71
CA MET C 74 35.35 -60.77 -64.22
C MET C 74 36.09 -59.67 -63.46
N LYS C 75 37.39 -59.57 -63.73
CA LYS C 75 38.19 -58.56 -63.05
C LYS C 75 37.91 -57.17 -63.62
N GLY C 76 37.63 -56.23 -62.72
CA GLY C 76 37.55 -54.83 -63.10
C GLY C 76 36.34 -54.49 -63.94
N TRP C 77 35.16 -54.69 -63.39
CA TRP C 77 34.00 -54.23 -64.13
C TRP C 77 33.67 -52.78 -63.81
N ASN C 78 32.76 -52.22 -64.59
CA ASN C 78 32.08 -50.97 -64.25
C ASN C 78 30.60 -51.15 -64.58
N ILE C 79 29.75 -51.05 -63.56
CA ILE C 79 28.35 -51.45 -63.65
C ILE C 79 27.47 -50.21 -63.58
N LEU C 80 26.59 -50.05 -64.56
CA LEU C 80 25.60 -49.00 -64.55
C LEU C 80 24.28 -49.57 -64.04
N THR C 81 23.89 -49.17 -62.84
CA THR C 81 22.64 -49.65 -62.27
C THR C 81 21.46 -48.73 -62.55
N ASN C 82 21.71 -47.49 -62.93
CA ASN C 82 20.66 -46.53 -63.21
C ASN C 82 20.94 -45.79 -64.49
N SER C 83 21.29 -46.55 -65.52
CA SER C 83 21.56 -45.95 -66.82
C SER C 83 20.26 -45.75 -67.58
N GLU C 84 20.37 -45.50 -68.87
CA GLU C 84 19.25 -45.17 -69.72
C GLU C 84 18.59 -46.43 -70.24
N LYS C 85 19.37 -47.26 -70.93
CA LYS C 85 18.82 -48.47 -71.53
C LYS C 85 18.52 -49.54 -70.49
N THR C 86 19.09 -49.43 -69.29
CA THR C 86 18.66 -50.29 -68.18
C THR C 86 17.20 -50.04 -67.85
N LYS C 87 16.82 -48.76 -67.72
CA LYS C 87 15.44 -48.41 -67.44
C LYS C 87 14.55 -48.72 -68.62
N LYS C 88 15.08 -48.59 -69.84
CA LYS C 88 14.34 -49.02 -71.03
C LYS C 88 14.01 -50.51 -70.97
N ALA C 89 15.00 -51.33 -70.63
CA ALA C 89 14.80 -52.77 -70.60
C ALA C 89 13.89 -53.18 -69.46
N ARG C 90 13.97 -52.50 -68.32
CA ARG C 90 13.10 -52.85 -67.21
C ARG C 90 11.65 -52.48 -67.51
N GLU C 91 11.41 -51.31 -68.11
CA GLU C 91 10.06 -50.95 -68.50
C GLU C 91 9.51 -51.92 -69.54
N GLY C 92 10.37 -52.37 -70.44
CA GLY C 92 9.99 -53.39 -71.40
C GLY C 92 9.55 -54.70 -70.76
N VAL C 93 10.44 -55.29 -69.95
CA VAL C 93 10.18 -56.60 -69.35
C VAL C 93 8.97 -56.53 -68.43
N MET C 94 8.80 -55.40 -67.75
CA MET C 94 7.61 -55.23 -66.92
C MET C 94 6.35 -55.09 -67.76
N GLU C 95 6.45 -54.49 -68.96
CA GLU C 95 5.27 -54.45 -69.83
C GLU C 95 4.95 -55.84 -70.37
N PHE C 96 5.97 -56.67 -70.55
CA PHE C 96 5.69 -58.02 -71.05
C PHE C 96 5.03 -58.90 -69.99
N LEU C 97 5.52 -58.84 -68.75
CA LEU C 97 4.99 -59.73 -67.71
C LEU C 97 3.56 -59.43 -67.36
N LEU C 98 3.15 -58.18 -67.51
CA LEU C 98 1.78 -57.80 -67.21
C LEU C 98 0.86 -57.91 -68.41
N ALA C 99 1.33 -58.53 -69.48
CA ALA C 99 0.43 -58.72 -70.61
C ALA C 99 -0.58 -59.82 -70.31
N ASN C 100 -0.10 -61.04 -70.15
CA ASN C 100 -1.00 -62.18 -69.96
C ASN C 100 -1.16 -62.48 -68.47
N HIS C 101 -1.57 -61.48 -67.73
CA HIS C 101 -1.79 -61.67 -66.30
C HIS C 101 -3.08 -60.97 -65.92
N PRO C 102 -4.04 -61.69 -65.36
CA PRO C 102 -5.41 -61.21 -65.32
C PRO C 102 -5.61 -60.18 -64.21
N LEU C 103 -6.77 -59.53 -64.28
CA LEU C 103 -7.09 -58.38 -63.45
C LEU C 103 -7.64 -58.84 -62.10
N ASP C 104 -6.84 -59.59 -61.36
CA ASP C 104 -7.36 -60.24 -60.16
C ASP C 104 -6.82 -59.66 -58.88
N CYS C 105 -6.26 -58.46 -58.92
CA CYS C 105 -5.63 -57.89 -57.73
C CYS C 105 -6.57 -57.60 -56.55
N PRO C 106 -7.88 -57.42 -56.69
CA PRO C 106 -8.70 -57.51 -55.49
C PRO C 106 -8.78 -58.90 -54.90
N ILE C 107 -9.07 -59.91 -55.70
CA ILE C 107 -9.42 -61.20 -55.10
C ILE C 107 -8.21 -62.10 -55.03
N CYS C 108 -7.03 -61.54 -55.29
CA CYS C 108 -5.79 -62.24 -55.04
C CYS C 108 -5.43 -62.19 -53.57
N ASP C 109 -4.99 -63.31 -53.03
CA ASP C 109 -4.69 -63.38 -51.61
C ASP C 109 -3.34 -62.81 -51.25
N GLN C 110 -2.62 -62.21 -52.19
CA GLN C 110 -1.35 -61.61 -51.86
C GLN C 110 -1.44 -60.14 -52.22
N GLY C 111 -2.52 -59.49 -51.76
CA GLY C 111 -2.88 -58.17 -52.27
C GLY C 111 -1.83 -57.10 -51.97
N GLY C 112 -1.47 -56.95 -50.71
CA GLY C 112 -0.36 -56.07 -50.44
C GLY C 112 0.99 -56.69 -50.66
N GLU C 113 1.03 -58.00 -50.86
CA GLU C 113 2.28 -58.73 -50.91
C GLU C 113 2.48 -59.42 -52.24
N CYS C 114 2.28 -58.68 -53.32
CA CYS C 114 2.69 -59.13 -54.63
C CYS C 114 4.17 -58.80 -54.83
N ASP C 115 4.63 -59.01 -56.01
CA ASP C 115 5.93 -58.52 -56.43
C ASP C 115 5.83 -57.75 -57.73
N LEU C 116 4.93 -58.18 -58.62
CA LEU C 116 4.63 -57.44 -59.82
C LEU C 116 4.14 -56.05 -59.48
N GLN C 117 3.36 -55.93 -58.40
CA GLN C 117 2.82 -54.64 -58.02
C GLN C 117 3.91 -53.69 -57.59
N ASP C 118 4.80 -54.13 -56.72
CA ASP C 118 5.86 -53.26 -56.22
C ASP C 118 6.80 -52.85 -57.33
N GLN C 119 7.25 -53.83 -58.11
CA GLN C 119 8.24 -53.48 -59.10
C GLN C 119 7.63 -52.84 -60.33
N SER C 120 6.33 -52.97 -60.51
CA SER C 120 5.68 -52.29 -61.62
C SER C 120 5.26 -50.88 -61.26
N MET C 121 5.04 -50.59 -59.98
CA MET C 121 5.01 -49.19 -59.59
C MET C 121 6.38 -48.57 -59.73
N MET C 122 7.40 -49.21 -59.19
CA MET C 122 8.67 -48.51 -59.12
C MET C 122 9.45 -48.53 -60.43
N PHE C 123 9.07 -49.37 -61.39
CA PHE C 123 9.86 -49.47 -62.59
C PHE C 123 9.05 -49.59 -63.87
N GLY C 124 7.72 -49.64 -63.78
CA GLY C 124 6.90 -50.02 -64.92
C GLY C 124 6.42 -48.84 -65.73
N SER C 125 5.59 -49.13 -66.70
CA SER C 125 4.91 -48.11 -67.48
C SER C 125 3.63 -47.70 -66.78
N ASP C 126 3.15 -46.51 -67.12
CA ASP C 126 1.87 -46.09 -66.56
C ASP C 126 0.72 -46.49 -67.48
N ARG C 127 0.73 -46.00 -68.71
CA ARG C 127 -0.22 -46.45 -69.69
C ARG C 127 0.22 -47.80 -70.23
N SER C 128 -0.73 -48.70 -70.39
CA SER C 128 -0.40 -50.00 -70.92
C SER C 128 -0.65 -50.02 -72.41
N ARG C 129 -0.57 -51.22 -72.97
CA ARG C 129 -0.83 -51.55 -74.36
C ARG C 129 -1.55 -52.89 -74.34
N PHE C 130 -1.43 -53.70 -75.41
CA PHE C 130 -2.01 -55.05 -75.49
C PHE C 130 -3.53 -55.05 -75.46
N LEU C 131 -4.13 -54.72 -76.60
CA LEU C 131 -5.58 -54.63 -76.70
C LEU C 131 -6.27 -55.98 -76.45
N GLU C 132 -5.98 -57.00 -77.26
CA GLU C 132 -6.73 -58.25 -77.18
C GLU C 132 -5.82 -59.45 -76.97
N GLY C 133 -6.37 -60.48 -76.33
CA GLY C 133 -5.67 -61.73 -76.09
C GLY C 133 -5.92 -62.30 -74.72
N LYS C 134 -4.82 -62.47 -73.96
CA LYS C 134 -4.81 -62.75 -72.52
C LYS C 134 -5.49 -64.09 -72.19
N ARG C 135 -4.81 -65.15 -72.61
CA ARG C 135 -5.30 -66.50 -72.38
C ARG C 135 -5.30 -66.87 -70.89
N ALA C 136 -6.03 -67.94 -70.59
CA ALA C 136 -6.25 -68.42 -69.24
C ALA C 136 -5.90 -69.90 -69.11
N VAL C 137 -5.65 -70.32 -67.88
CA VAL C 137 -5.08 -71.63 -67.58
C VAL C 137 -5.87 -72.25 -66.42
N GLU C 138 -6.19 -73.54 -66.53
CA GLU C 138 -6.99 -74.26 -65.55
C GLU C 138 -6.12 -75.15 -64.67
N ASP C 139 -6.59 -75.42 -63.44
CA ASP C 139 -5.76 -75.86 -62.32
C ASP C 139 -6.06 -77.27 -61.80
N LYS C 140 -7.30 -77.51 -61.35
CA LYS C 140 -7.96 -78.73 -60.87
C LYS C 140 -7.53 -79.30 -59.53
N ASN C 141 -6.31 -79.00 -59.06
CA ASN C 141 -5.79 -79.10 -57.69
C ASN C 141 -4.29 -78.82 -57.73
N ILE C 142 -3.66 -78.78 -56.55
CA ILE C 142 -2.31 -79.28 -56.38
C ILE C 142 -2.37 -80.25 -55.20
N GLY C 143 -2.90 -79.77 -54.09
CA GLY C 143 -3.10 -80.57 -52.91
C GLY C 143 -4.07 -79.84 -52.01
N PRO C 144 -4.84 -80.58 -51.23
CA PRO C 144 -5.94 -79.96 -50.47
C PRO C 144 -5.51 -79.06 -49.32
N LEU C 145 -4.22 -78.83 -49.11
CA LEU C 145 -3.77 -77.81 -48.18
C LEU C 145 -3.27 -76.55 -48.88
N VAL C 146 -3.10 -76.57 -50.19
CA VAL C 146 -2.62 -75.42 -50.95
C VAL C 146 -3.69 -75.07 -51.97
N LYS C 147 -4.30 -73.90 -51.81
CA LYS C 147 -5.24 -73.43 -52.83
C LYS C 147 -4.46 -73.09 -54.10
N THR C 148 -5.06 -73.42 -55.24
CA THR C 148 -4.35 -73.43 -56.51
C THR C 148 -5.08 -72.59 -57.53
N ILE C 149 -4.39 -71.58 -58.06
CA ILE C 149 -4.75 -70.94 -59.32
C ILE C 149 -3.48 -70.89 -60.15
N MET C 150 -3.53 -71.44 -61.35
CA MET C 150 -2.39 -71.38 -62.25
C MET C 150 -2.54 -70.26 -63.27
N THR C 151 -3.61 -69.49 -63.21
CA THR C 151 -3.77 -68.41 -64.16
C THR C 151 -2.84 -67.26 -63.83
N ARG C 152 -2.75 -66.91 -62.56
CA ARG C 152 -1.84 -65.87 -62.11
C ARG C 152 -0.37 -66.27 -62.19
N CYS C 153 -0.07 -67.55 -62.45
CA CYS C 153 1.30 -68.04 -62.51
C CYS C 153 2.09 -67.40 -63.63
N ILE C 154 3.19 -66.76 -63.27
CA ILE C 154 3.99 -66.06 -64.26
C ILE C 154 5.06 -66.98 -64.81
N GLN C 155 4.97 -68.26 -64.45
CA GLN C 155 5.86 -69.31 -64.92
C GLN C 155 7.30 -69.01 -64.55
N CYS C 156 7.50 -68.57 -63.31
CA CYS C 156 8.81 -68.09 -62.92
C CYS C 156 9.78 -69.22 -62.62
N THR C 157 9.28 -70.46 -62.51
CA THR C 157 10.05 -71.67 -62.26
C THR C 157 10.85 -71.53 -60.97
N ARG C 158 10.12 -71.30 -59.90
CA ARG C 158 10.70 -71.32 -58.57
C ARG C 158 10.19 -72.50 -57.76
N CYS C 159 8.91 -72.84 -57.91
CA CYS C 159 8.37 -74.02 -57.25
C CYS C 159 9.01 -75.29 -57.74
N ILE C 160 9.37 -75.35 -59.02
CA ILE C 160 9.99 -76.54 -59.58
C ILE C 160 11.39 -76.73 -59.01
N ARG C 161 12.22 -75.69 -59.09
CA ARG C 161 13.58 -75.76 -58.59
C ARG C 161 13.59 -76.01 -57.08
N PHE C 162 12.62 -75.46 -56.36
CA PHE C 162 12.49 -75.72 -54.94
C PHE C 162 12.15 -77.17 -54.68
N ALA C 163 11.18 -77.72 -55.42
CA ALA C 163 10.73 -79.08 -55.17
C ALA C 163 11.83 -80.08 -55.45
N SER C 164 12.61 -79.83 -56.49
CA SER C 164 13.72 -80.73 -56.80
C SER C 164 14.84 -80.60 -55.78
N GLU C 165 15.29 -79.38 -55.48
CA GLU C 165 16.47 -79.24 -54.65
C GLU C 165 16.18 -79.41 -53.17
N ILE C 166 14.93 -79.38 -52.73
CA ILE C 166 14.66 -79.59 -51.31
C ILE C 166 13.63 -80.69 -51.11
N ALA C 167 12.49 -80.60 -51.79
CA ALA C 167 11.41 -81.53 -51.48
C ALA C 167 11.71 -82.90 -52.06
N GLY C 168 12.26 -82.94 -53.27
CA GLY C 168 12.65 -84.19 -53.90
C GLY C 168 11.51 -85.05 -54.37
N VAL C 169 10.26 -84.63 -54.18
CA VAL C 169 9.13 -85.45 -54.56
C VAL C 169 8.96 -85.43 -56.07
N ASP C 170 9.36 -84.32 -56.71
CA ASP C 170 9.65 -84.24 -58.14
C ASP C 170 8.41 -84.54 -58.98
N ASP C 171 7.34 -83.81 -58.69
CA ASP C 171 6.09 -84.03 -59.39
C ASP C 171 5.57 -82.76 -60.06
N LEU C 172 6.31 -81.67 -59.99
CA LEU C 172 5.86 -80.41 -60.54
C LEU C 172 6.84 -80.01 -61.63
N GLY C 173 6.43 -80.20 -62.88
CA GLY C 173 7.26 -79.85 -64.02
C GLY C 173 6.48 -79.05 -65.04
N THR C 174 7.21 -78.63 -66.08
CA THR C 174 6.61 -77.82 -67.13
C THR C 174 5.96 -78.70 -68.18
N THR C 175 4.94 -78.17 -68.83
CA THR C 175 4.31 -78.84 -69.97
C THR C 175 4.01 -77.79 -71.03
N GLY C 176 4.10 -78.20 -72.28
CA GLY C 176 3.76 -77.35 -73.40
C GLY C 176 4.97 -76.67 -74.00
N ARG C 177 4.70 -75.68 -74.83
CA ARG C 177 5.76 -74.88 -75.40
C ARG C 177 5.35 -73.42 -75.43
N GLY C 178 6.36 -72.56 -75.26
CA GLY C 178 6.26 -71.14 -75.59
C GLY C 178 5.22 -70.42 -74.75
N ASN C 179 4.24 -69.85 -75.44
CA ASN C 179 3.07 -69.29 -74.78
C ASN C 179 2.33 -70.37 -74.02
N ASP C 180 1.93 -71.41 -74.73
CA ASP C 180 1.05 -72.43 -74.16
C ASP C 180 1.89 -73.32 -73.28
N MET C 181 2.08 -72.88 -72.04
CA MET C 181 2.83 -73.62 -71.05
C MET C 181 2.05 -73.68 -69.76
N GLN C 182 1.79 -74.88 -69.28
CA GLN C 182 1.28 -75.04 -67.94
C GLN C 182 2.39 -75.56 -67.04
N VAL C 183 2.22 -75.32 -65.75
CA VAL C 183 3.16 -75.75 -64.73
C VAL C 183 2.39 -76.61 -63.75
N GLY C 184 2.96 -77.76 -63.40
CA GLY C 184 2.36 -78.53 -62.34
C GLY C 184 2.47 -80.03 -62.49
N THR C 185 1.33 -80.69 -62.51
CA THR C 185 1.25 -82.13 -62.49
C THR C 185 0.42 -82.57 -63.69
N TYR C 186 0.89 -83.62 -64.37
CA TYR C 186 0.11 -84.11 -65.49
C TYR C 186 -1.04 -85.01 -65.07
N ILE C 187 -0.95 -85.63 -63.89
CA ILE C 187 -1.82 -86.75 -63.53
C ILE C 187 -2.81 -86.37 -62.45
N GLU C 188 -2.89 -85.08 -62.10
CA GLU C 188 -3.78 -84.53 -61.07
C GLU C 188 -3.50 -85.10 -59.68
N LYS C 189 -2.29 -85.58 -59.42
CA LYS C 189 -2.02 -86.20 -58.13
C LYS C 189 -1.90 -85.14 -57.04
N MET C 190 -2.53 -85.41 -55.90
CA MET C 190 -2.43 -84.55 -54.74
C MET C 190 -0.99 -84.50 -54.25
N PHE C 191 -0.39 -83.31 -54.30
CA PHE C 191 0.98 -83.13 -53.83
C PHE C 191 0.94 -82.94 -52.32
N MET C 192 0.83 -84.06 -51.62
CA MET C 192 0.72 -84.05 -50.17
C MET C 192 1.97 -84.72 -49.62
N SER C 193 3.02 -83.92 -49.47
CA SER C 193 4.24 -84.39 -48.83
C SER C 193 4.57 -83.43 -47.71
N GLU C 194 5.74 -83.58 -47.11
CA GLU C 194 6.14 -82.64 -46.09
C GLU C 194 7.11 -81.61 -46.65
N LEU C 195 7.14 -80.45 -45.98
CA LEU C 195 7.60 -79.15 -46.47
C LEU C 195 6.78 -78.65 -47.65
N SER C 196 5.66 -79.28 -47.96
CA SER C 196 4.74 -78.77 -48.98
C SER C 196 3.97 -77.57 -48.47
N GLY C 197 3.99 -77.33 -47.15
CA GLY C 197 3.50 -76.08 -46.64
C GLY C 197 4.31 -74.89 -47.07
N ASN C 198 5.61 -75.08 -47.34
CA ASN C 198 6.47 -73.96 -47.64
C ASN C 198 6.21 -73.34 -49.01
N ILE C 199 5.52 -74.06 -49.89
CA ILE C 199 5.48 -73.64 -51.27
C ILE C 199 4.57 -72.43 -51.45
N ILE C 200 3.67 -72.16 -50.50
CA ILE C 200 2.82 -70.99 -50.63
C ILE C 200 3.53 -69.70 -50.29
N ASP C 201 4.75 -69.76 -49.77
CA ASP C 201 5.54 -68.56 -49.56
C ASP C 201 6.68 -68.44 -50.55
N ILE C 202 7.06 -69.55 -51.18
CA ILE C 202 8.04 -69.52 -52.25
C ILE C 202 7.45 -68.87 -53.49
N CYS C 203 6.19 -69.14 -53.77
CA CYS C 203 5.53 -68.68 -55.00
C CYS C 203 5.39 -67.17 -55.02
N PRO C 204 6.16 -66.46 -55.83
CA PRO C 204 6.32 -65.02 -55.64
C PRO C 204 5.16 -64.19 -56.12
N VAL C 205 4.25 -64.77 -56.90
CA VAL C 205 3.03 -64.05 -57.22
C VAL C 205 1.90 -64.82 -56.58
N GLY C 206 0.68 -64.33 -56.70
CA GLY C 206 -0.43 -64.94 -55.99
C GLY C 206 -0.99 -66.19 -56.63
N ALA C 207 -0.15 -67.07 -57.15
CA ALA C 207 -0.65 -68.26 -57.80
C ALA C 207 -0.92 -69.38 -56.79
N LEU C 208 0.12 -69.87 -56.14
CA LEU C 208 -0.04 -70.98 -55.21
C LEU C 208 -0.31 -70.41 -53.83
N THR C 209 -1.58 -70.26 -53.50
CA THR C 209 -1.94 -69.59 -52.26
C THR C 209 -2.34 -70.61 -51.19
N SER C 210 -2.60 -70.11 -49.99
CA SER C 210 -2.99 -70.98 -48.89
C SER C 210 -4.44 -71.40 -49.03
N LYS C 211 -4.72 -72.64 -48.69
CA LYS C 211 -6.11 -73.06 -48.75
C LYS C 211 -6.96 -72.58 -47.56
N PRO C 212 -6.61 -72.84 -46.27
CA PRO C 212 -7.57 -72.45 -45.22
C PRO C 212 -7.54 -70.96 -44.91
N TYR C 213 -6.39 -70.32 -45.14
CA TYR C 213 -6.19 -68.92 -44.81
C TYR C 213 -6.90 -67.97 -45.76
N ALA C 214 -7.29 -68.45 -46.94
CA ALA C 214 -7.36 -67.70 -48.20
C ALA C 214 -7.96 -66.31 -48.11
N PHE C 215 -9.22 -66.21 -47.74
CA PHE C 215 -9.95 -64.96 -47.87
C PHE C 215 -10.20 -64.31 -46.51
N THR C 216 -9.36 -64.62 -45.53
CA THR C 216 -9.67 -64.29 -44.15
C THR C 216 -8.88 -63.11 -43.62
N ALA C 217 -7.95 -62.56 -44.38
CA ALA C 217 -7.15 -61.46 -43.88
C ALA C 217 -6.70 -60.62 -45.06
N ARG C 218 -5.75 -59.73 -44.80
CA ARG C 218 -5.11 -58.88 -45.79
C ARG C 218 -3.86 -58.33 -45.11
N PRO C 219 -2.69 -58.38 -45.76
CA PRO C 219 -1.44 -58.15 -45.03
C PRO C 219 -1.18 -56.74 -44.57
N TRP C 220 -1.96 -55.75 -44.98
CA TRP C 220 -1.66 -54.42 -44.47
C TRP C 220 -2.33 -54.11 -43.14
N GLU C 221 -3.39 -54.84 -42.77
CA GLU C 221 -4.02 -54.54 -41.49
C GLU C 221 -3.39 -55.27 -40.34
N THR C 222 -2.99 -56.52 -40.56
CA THR C 222 -2.49 -57.35 -39.48
C THR C 222 -1.10 -56.87 -39.07
N ARG C 223 -0.87 -56.81 -37.77
CA ARG C 223 0.45 -56.43 -37.32
C ARG C 223 1.23 -57.68 -36.93
N LYS C 224 2.53 -57.63 -37.18
CA LYS C 224 3.37 -58.80 -37.00
C LYS C 224 3.87 -58.87 -35.57
N THR C 225 4.22 -60.08 -35.15
CA THR C 225 4.87 -60.26 -33.86
C THR C 225 5.85 -61.41 -33.94
N GLU C 226 7.08 -61.17 -33.51
CA GLU C 226 8.06 -62.24 -33.37
C GLU C 226 7.64 -63.26 -32.32
N SER C 227 7.85 -64.54 -32.62
CA SER C 227 7.77 -65.58 -31.61
C SER C 227 8.63 -66.78 -32.01
N ILE C 228 8.58 -67.79 -31.15
CA ILE C 228 9.40 -68.99 -31.29
C ILE C 228 8.46 -70.17 -31.45
N ASP C 229 8.84 -71.08 -32.35
CA ASP C 229 8.03 -72.25 -32.63
C ASP C 229 8.08 -73.24 -31.47
N VAL C 230 7.04 -74.05 -31.38
CA VAL C 230 6.99 -75.18 -30.47
C VAL C 230 6.78 -76.40 -31.35
N MET C 231 6.54 -77.56 -30.73
CA MET C 231 6.14 -78.80 -31.38
C MET C 231 7.19 -79.35 -32.33
N ASP C 232 8.39 -78.78 -32.31
CA ASP C 232 9.55 -79.23 -33.05
C ASP C 232 10.71 -79.32 -32.10
N ALA C 233 11.82 -79.83 -32.60
CA ALA C 233 13.05 -79.79 -31.85
C ALA C 233 13.91 -78.59 -32.24
N VAL C 234 13.57 -77.92 -33.33
CA VAL C 234 14.43 -76.93 -33.93
C VAL C 234 13.90 -75.51 -33.71
N GLY C 235 12.61 -75.28 -33.92
CA GLY C 235 12.04 -73.99 -33.59
C GLY C 235 12.47 -72.83 -34.48
N SER C 236 11.94 -72.78 -35.70
CA SER C 236 12.28 -71.71 -36.63
C SER C 236 11.74 -70.38 -36.15
N ASN C 237 12.16 -69.29 -36.81
CA ASN C 237 11.90 -68.01 -36.19
C ASN C 237 10.52 -67.58 -36.66
N ILE C 238 9.49 -67.86 -35.88
CA ILE C 238 8.17 -67.68 -36.47
C ILE C 238 7.70 -66.26 -36.25
N VAL C 239 6.88 -65.79 -37.16
CA VAL C 239 6.25 -64.48 -37.02
C VAL C 239 4.75 -64.67 -37.15
N VAL C 240 4.03 -64.38 -36.08
CA VAL C 240 2.58 -64.43 -36.09
C VAL C 240 2.08 -63.07 -36.52
N SER C 241 1.61 -62.98 -37.76
CA SER C 241 0.97 -61.75 -38.18
C SER C 241 -0.47 -61.88 -37.70
N THR C 242 -0.73 -61.16 -36.63
CA THR C 242 -1.93 -61.26 -35.82
C THR C 242 -2.88 -60.13 -36.14
N ARG C 243 -4.11 -60.37 -35.77
CA ARG C 243 -5.21 -59.51 -36.15
C ARG C 243 -6.28 -59.64 -35.08
N THR C 244 -6.34 -58.58 -34.27
CA THR C 244 -7.53 -57.91 -33.73
C THR C 244 -8.44 -58.86 -32.94
N GLY C 245 -7.93 -59.28 -31.79
CA GLY C 245 -8.65 -60.23 -30.97
C GLY C 245 -8.60 -61.63 -31.50
N GLU C 246 -7.87 -61.82 -32.59
CA GLU C 246 -7.62 -63.09 -33.23
C GLU C 246 -6.19 -63.00 -33.73
N VAL C 247 -5.86 -63.83 -34.69
CA VAL C 247 -4.45 -64.11 -35.01
C VAL C 247 -4.24 -63.94 -36.50
N MET C 248 -4.77 -64.89 -37.27
CA MET C 248 -5.08 -64.95 -38.68
C MET C 248 -3.95 -65.21 -39.69
N ARG C 249 -2.65 -65.20 -39.33
CA ARG C 249 -1.65 -65.97 -40.11
C ARG C 249 -0.33 -66.09 -39.36
N ILE C 250 0.47 -67.08 -39.78
CA ILE C 250 1.86 -67.18 -39.37
C ILE C 250 2.74 -67.22 -40.62
N LEU C 251 4.03 -66.99 -40.40
CA LEU C 251 5.06 -67.16 -41.41
C LEU C 251 6.34 -67.60 -40.73
N PRO C 252 7.30 -68.15 -41.46
CA PRO C 252 8.64 -68.32 -40.90
C PRO C 252 9.54 -67.15 -41.27
N ARG C 253 10.62 -66.98 -40.51
CA ARG C 253 11.68 -66.06 -40.87
C ARG C 253 12.94 -66.50 -40.13
N MET C 254 14.03 -65.78 -40.43
CA MET C 254 15.37 -66.33 -40.53
C MET C 254 16.15 -66.30 -39.24
N HIS C 255 16.65 -67.47 -38.83
CA HIS C 255 17.84 -67.57 -38.03
C HIS C 255 18.97 -68.00 -38.95
N GLU C 256 20.19 -67.54 -38.66
CA GLU C 256 21.32 -67.78 -39.55
C GLU C 256 21.70 -69.25 -39.56
N ASP C 257 21.93 -69.81 -38.37
CA ASP C 257 22.22 -71.24 -38.27
C ASP C 257 21.00 -72.07 -38.60
N ILE C 258 19.96 -71.94 -37.80
CA ILE C 258 18.89 -72.92 -37.82
C ILE C 258 17.76 -72.44 -38.72
N ASN C 259 17.22 -73.38 -39.49
CA ASN C 259 15.87 -73.36 -40.04
C ASN C 259 15.63 -72.13 -40.90
N GLU C 260 16.37 -72.09 -42.01
CA GLU C 260 16.78 -70.87 -42.69
C GLU C 260 15.64 -69.96 -43.09
N GLU C 261 14.84 -70.36 -44.06
CA GLU C 261 13.61 -69.66 -44.39
C GLU C 261 12.53 -70.68 -44.65
N TRP C 262 12.44 -71.65 -43.75
CA TRP C 262 11.60 -72.82 -43.95
C TRP C 262 10.86 -73.11 -42.65
N ILE C 263 9.84 -73.95 -42.74
CA ILE C 263 9.00 -74.24 -41.60
C ILE C 263 8.34 -75.58 -41.85
N SER C 264 7.91 -76.23 -40.77
CA SER C 264 7.12 -77.43 -40.91
C SER C 264 5.71 -77.09 -41.36
N ASP C 265 5.13 -77.98 -42.18
CA ASP C 265 3.73 -77.86 -42.55
C ASP C 265 2.83 -77.95 -41.33
N LYS C 266 3.21 -78.79 -40.36
CA LYS C 266 2.46 -78.91 -39.11
C LYS C 266 2.42 -77.60 -38.35
N THR C 267 3.57 -76.92 -38.28
CA THR C 267 3.63 -75.60 -37.68
C THR C 267 2.76 -74.61 -38.45
N ARG C 268 2.81 -74.68 -39.78
CA ARG C 268 2.09 -73.71 -40.60
C ARG C 268 0.58 -73.88 -40.47
N PHE C 269 0.12 -75.11 -40.36
CA PHE C 269 -1.31 -75.39 -40.24
C PHE C 269 -1.65 -75.98 -38.88
N ALA C 270 -1.02 -75.44 -37.84
CA ALA C 270 -1.37 -75.82 -36.48
C ALA C 270 -1.85 -74.61 -35.68
N TYR C 271 -2.80 -73.84 -36.21
CA TYR C 271 -3.40 -72.78 -35.41
C TYR C 271 -4.91 -72.86 -35.29
N ASP C 272 -5.59 -73.56 -36.20
CA ASP C 272 -7.02 -73.75 -36.05
C ASP C 272 -7.33 -74.56 -34.79
N GLY C 273 -6.51 -75.57 -34.51
CA GLY C 273 -6.63 -76.30 -33.27
C GLY C 273 -6.04 -75.57 -32.10
N LEU C 274 -5.19 -74.58 -32.36
CA LEU C 274 -4.79 -73.67 -31.31
C LEU C 274 -5.97 -72.83 -30.84
N LYS C 275 -6.94 -72.59 -31.72
CA LYS C 275 -8.07 -71.74 -31.34
C LYS C 275 -9.41 -72.47 -31.30
N ARG C 276 -9.45 -73.81 -31.31
CA ARG C 276 -10.76 -74.43 -31.49
C ARG C 276 -11.46 -74.80 -30.18
N GLN C 277 -10.89 -75.69 -29.37
CA GLN C 277 -11.61 -76.26 -28.23
C GLN C 277 -11.04 -75.87 -26.88
N ARG C 278 -10.56 -74.64 -26.73
CA ARG C 278 -9.76 -74.27 -25.57
C ARG C 278 -10.61 -74.21 -24.31
N LEU C 279 -9.93 -74.08 -23.18
CA LEU C 279 -10.57 -74.14 -21.87
C LEU C 279 -10.68 -72.74 -21.31
N THR C 280 -11.90 -72.31 -21.01
CA THR C 280 -12.14 -70.97 -20.52
C THR C 280 -12.52 -70.93 -19.05
N GLU C 281 -12.77 -72.08 -18.43
CA GLU C 281 -13.44 -72.14 -17.15
C GLU C 281 -12.58 -72.95 -16.19
N PRO C 282 -12.37 -72.49 -14.97
CA PRO C 282 -11.87 -73.39 -13.93
C PRO C 282 -13.02 -74.28 -13.47
N MET C 283 -12.81 -75.59 -13.54
CA MET C 283 -13.90 -76.54 -13.47
C MET C 283 -13.67 -77.57 -12.37
N VAL C 284 -14.75 -77.87 -11.64
CA VAL C 284 -14.73 -78.81 -10.52
C VAL C 284 -15.73 -79.92 -10.83
N ARG C 285 -15.39 -81.15 -10.45
CA ARG C 285 -16.36 -82.24 -10.54
C ARG C 285 -17.52 -82.00 -9.59
N ASN C 286 -18.69 -82.49 -9.99
CA ASN C 286 -19.93 -82.35 -9.25
C ASN C 286 -20.31 -83.71 -8.70
N GLU C 287 -21.07 -83.69 -7.60
CA GLU C 287 -21.31 -84.85 -6.74
C GLU C 287 -22.05 -85.99 -7.42
N LYS C 288 -22.72 -85.72 -8.54
CA LYS C 288 -23.14 -86.82 -9.40
C LYS C 288 -21.95 -87.37 -10.19
N GLY C 289 -20.85 -86.62 -10.23
CA GLY C 289 -19.71 -86.92 -11.06
C GLY C 289 -19.61 -86.00 -12.25
N LEU C 290 -20.34 -84.90 -12.25
CA LEU C 290 -20.57 -84.12 -13.46
C LEU C 290 -19.66 -82.91 -13.42
N LEU C 291 -18.75 -82.82 -14.39
CA LEU C 291 -17.72 -81.79 -14.36
C LEU C 291 -18.28 -80.42 -14.69
N THR C 292 -18.65 -79.64 -13.67
CA THR C 292 -19.18 -78.30 -13.87
C THR C 292 -18.05 -77.31 -13.65
N HIS C 293 -18.38 -76.02 -13.63
CA HIS C 293 -17.37 -74.98 -13.53
C HIS C 293 -17.76 -73.97 -12.47
N THR C 294 -16.77 -73.23 -12.01
CA THR C 294 -16.96 -72.20 -11.00
C THR C 294 -15.90 -71.11 -11.20
N THR C 295 -15.78 -70.23 -10.22
CA THR C 295 -14.75 -69.20 -10.23
C THR C 295 -13.45 -69.81 -9.72
N TRP C 296 -12.35 -69.09 -9.92
CA TRP C 296 -11.04 -69.47 -9.41
C TRP C 296 -11.01 -69.62 -7.90
N GLU C 297 -11.91 -68.90 -7.20
CA GLU C 297 -11.94 -68.89 -5.74
C GLU C 297 -12.18 -70.28 -5.18
N ASP C 298 -13.21 -70.95 -5.69
CA ASP C 298 -13.59 -72.28 -5.21
C ASP C 298 -12.52 -73.31 -5.57
N ALA C 299 -12.00 -73.24 -6.79
CA ALA C 299 -11.01 -74.22 -7.25
C ALA C 299 -9.73 -74.11 -6.46
N LEU C 300 -9.25 -72.89 -6.27
CA LEU C 300 -8.00 -72.69 -5.54
C LEU C 300 -8.16 -72.98 -4.06
N SER C 301 -9.33 -72.69 -3.49
CA SER C 301 -9.60 -73.10 -2.11
C SER C 301 -9.58 -74.61 -1.98
N ARG C 302 -10.19 -75.32 -2.93
CA ARG C 302 -10.26 -76.77 -2.87
C ARG C 302 -8.87 -77.40 -3.00
N VAL C 303 -8.05 -76.90 -3.93
CA VAL C 303 -6.74 -77.49 -4.16
C VAL C 303 -5.79 -77.14 -3.01
N ALA C 304 -5.84 -75.91 -2.51
CA ALA C 304 -4.96 -75.52 -1.41
C ALA C 304 -5.33 -76.26 -0.14
N GLY C 305 -6.63 -76.50 0.08
CA GLY C 305 -7.03 -77.30 1.23
C GLY C 305 -6.59 -78.75 1.12
N MET C 306 -6.63 -79.31 -0.10
CA MET C 306 -6.14 -80.68 -0.25
C MET C 306 -4.62 -80.73 -0.15
N LEU C 307 -3.92 -79.66 -0.50
CA LEU C 307 -2.47 -79.65 -0.36
C LEU C 307 -2.07 -79.51 1.10
N GLN C 308 -2.83 -78.74 1.88
CA GLN C 308 -2.60 -78.70 3.30
C GLN C 308 -3.08 -79.98 3.99
N SER C 309 -3.91 -80.77 3.31
CA SER C 309 -4.22 -82.11 3.78
C SER C 309 -3.09 -83.10 3.54
N CYS C 310 -2.37 -82.95 2.43
CA CYS C 310 -1.43 -83.99 2.00
C CYS C 310 -0.01 -83.70 2.44
N GLN C 311 0.75 -84.78 2.60
CA GLN C 311 2.17 -84.73 2.92
C GLN C 311 2.85 -85.83 2.11
N GLY C 312 4.08 -86.15 2.47
CA GLY C 312 4.72 -87.34 1.97
C GLY C 312 5.18 -87.20 0.53
N ASN C 313 5.78 -88.28 0.05
CA ASN C 313 6.35 -88.32 -1.29
C ASN C 313 5.34 -88.83 -2.32
N ASP C 314 4.04 -88.70 -2.03
CA ASP C 314 2.99 -89.09 -2.96
C ASP C 314 2.42 -87.91 -3.71
N VAL C 315 3.24 -86.93 -4.07
CA VAL C 315 2.75 -85.81 -4.85
C VAL C 315 3.55 -85.70 -6.15
N ALA C 316 2.82 -85.74 -7.26
CA ALA C 316 3.41 -85.91 -8.58
C ALA C 316 3.13 -84.71 -9.46
N ALA C 317 3.96 -84.56 -10.48
CA ALA C 317 3.77 -83.47 -11.42
C ALA C 317 4.32 -83.91 -12.77
N ILE C 318 3.42 -84.30 -13.67
CA ILE C 318 3.81 -84.85 -14.96
C ILE C 318 3.76 -83.71 -15.96
N ALA C 319 4.92 -83.29 -16.45
CA ALA C 319 5.02 -82.16 -17.36
C ALA C 319 5.21 -82.69 -18.78
N GLY C 320 4.12 -83.16 -19.36
CA GLY C 320 4.14 -83.64 -20.72
C GLY C 320 3.64 -82.58 -21.70
N GLY C 321 3.86 -82.85 -22.98
CA GLY C 321 3.37 -81.96 -24.00
C GLY C 321 4.12 -80.64 -24.08
N LEU C 322 3.50 -79.55 -23.64
CA LEU C 322 4.06 -78.21 -23.78
C LEU C 322 4.04 -77.53 -22.42
N VAL C 323 5.22 -77.32 -21.83
CA VAL C 323 5.36 -76.57 -20.59
C VAL C 323 6.43 -75.52 -20.78
N ASP C 324 6.46 -74.57 -19.85
CA ASP C 324 7.30 -73.40 -19.96
C ASP C 324 8.55 -73.56 -19.10
N ALA C 325 9.54 -72.71 -19.35
CA ALA C 325 10.62 -72.59 -18.38
C ALA C 325 10.11 -71.94 -17.10
N GLU C 326 9.29 -70.91 -17.26
CA GLU C 326 8.73 -70.20 -16.12
C GLU C 326 7.86 -71.13 -15.27
N ALA C 327 6.96 -71.86 -15.93
CA ALA C 327 6.04 -72.72 -15.21
C ALA C 327 6.77 -73.87 -14.55
N LEU C 328 7.82 -74.40 -15.19
CA LEU C 328 8.55 -75.49 -14.60
C LEU C 328 9.35 -75.05 -13.39
N ILE C 329 9.95 -73.86 -13.44
CA ILE C 329 10.67 -73.36 -12.28
C ILE C 329 9.72 -73.10 -11.14
N ALA C 330 8.55 -72.53 -11.44
CA ALA C 330 7.57 -72.26 -10.39
C ALA C 330 7.05 -73.55 -9.78
N LEU C 331 6.79 -74.56 -10.61
CA LEU C 331 6.29 -75.83 -10.11
C LEU C 331 7.36 -76.57 -9.32
N LYS C 332 8.61 -76.51 -9.75
CA LYS C 332 9.67 -77.20 -9.03
C LYS C 332 9.91 -76.54 -7.68
N ASP C 333 9.84 -75.21 -7.63
CA ASP C 333 10.04 -74.53 -6.37
C ASP C 333 8.88 -74.80 -5.42
N LEU C 334 7.65 -74.85 -5.96
CA LEU C 334 6.50 -75.22 -5.14
C LEU C 334 6.61 -76.62 -4.59
N LEU C 335 6.95 -77.57 -5.47
CA LEU C 335 6.88 -78.97 -5.05
C LEU C 335 8.07 -79.34 -4.20
N ASN C 336 9.19 -78.65 -4.35
CA ASN C 336 10.22 -78.71 -3.35
C ASN C 336 9.72 -78.13 -2.03
N ARG C 337 8.96 -77.02 -2.12
CA ARG C 337 8.51 -76.31 -0.93
C ARG C 337 7.50 -77.12 -0.13
N VAL C 338 6.79 -78.07 -0.74
CA VAL C 338 5.84 -78.81 0.07
C VAL C 338 6.61 -79.81 0.91
N ASP C 339 7.05 -80.92 0.30
CA ASP C 339 8.06 -81.74 0.95
C ASP C 339 9.01 -82.42 -0.01
N SER C 340 8.46 -82.97 -1.09
CA SER C 340 9.12 -84.01 -1.87
C SER C 340 8.61 -83.93 -3.29
N ASP C 341 9.04 -84.87 -4.13
CA ASP C 341 8.92 -84.63 -5.56
C ASP C 341 8.85 -85.92 -6.36
N THR C 342 7.79 -86.07 -7.16
CA THR C 342 7.86 -86.96 -8.32
C THR C 342 7.35 -86.18 -9.55
N LEU C 343 8.08 -85.10 -9.83
CA LEU C 343 8.07 -84.52 -11.17
C LEU C 343 8.52 -85.56 -12.19
N CYS C 344 7.87 -85.57 -13.34
CA CYS C 344 8.21 -86.54 -14.39
C CYS C 344 8.06 -85.91 -15.76
N THR C 345 8.83 -86.46 -16.71
CA THR C 345 8.80 -86.05 -18.10
C THR C 345 8.22 -87.18 -18.93
N GLU C 346 7.36 -86.84 -19.88
CA GLU C 346 6.63 -87.85 -20.63
C GLU C 346 7.52 -88.54 -21.65
N GLU C 347 8.45 -87.81 -22.25
CA GLU C 347 9.41 -88.42 -23.17
C GLU C 347 10.56 -89.02 -22.37
N VAL C 348 10.75 -90.32 -22.51
CA VAL C 348 11.60 -91.08 -21.61
C VAL C 348 13.05 -90.91 -22.01
N PHE C 349 13.89 -90.56 -21.04
CA PHE C 349 15.35 -90.58 -21.22
C PHE C 349 15.96 -91.45 -20.13
N PRO C 350 16.38 -92.68 -20.45
CA PRO C 350 16.85 -93.58 -19.39
C PRO C 350 18.24 -93.21 -18.92
N THR C 351 18.40 -93.07 -17.59
CA THR C 351 19.70 -92.83 -16.99
C THR C 351 20.10 -94.03 -16.14
N ALA C 352 21.32 -94.51 -16.35
CA ALA C 352 21.92 -95.49 -15.46
C ALA C 352 23.33 -95.04 -15.16
N GLY C 353 23.94 -94.34 -16.11
CA GLY C 353 25.31 -93.88 -16.05
C GLY C 353 25.41 -92.37 -16.01
N ALA C 354 24.57 -91.75 -15.18
CA ALA C 354 24.47 -90.29 -15.01
C ALA C 354 24.10 -89.62 -16.33
N GLY C 355 22.91 -89.94 -16.80
CA GLY C 355 22.38 -89.31 -18.00
C GLY C 355 21.61 -88.04 -17.71
N THR C 356 21.06 -87.94 -16.49
CA THR C 356 20.24 -86.79 -16.14
C THR C 356 21.09 -85.53 -16.02
N ASP C 357 22.18 -85.61 -15.28
CA ASP C 357 23.19 -84.57 -15.26
C ASP C 357 24.10 -84.76 -16.47
N LEU C 358 25.19 -83.98 -16.51
CA LEU C 358 26.23 -84.05 -17.55
C LEU C 358 25.63 -83.79 -18.93
N ARG C 359 25.35 -82.49 -19.16
CA ARG C 359 24.57 -81.90 -20.23
C ARG C 359 24.66 -82.57 -21.60
N SER C 360 25.85 -83.06 -21.94
CA SER C 360 26.16 -83.47 -23.31
C SER C 360 25.35 -84.68 -23.77
N ASN C 361 24.94 -85.56 -22.87
CA ASN C 361 24.39 -86.81 -23.35
C ASN C 361 22.88 -86.77 -23.56
N TYR C 362 22.24 -85.59 -23.54
CA TYR C 362 20.81 -85.55 -23.82
C TYR C 362 20.39 -84.31 -24.62
N LEU C 363 21.31 -83.62 -25.27
CA LEU C 363 20.94 -82.53 -26.17
C LEU C 363 21.85 -82.57 -27.39
N LEU C 364 21.36 -82.00 -28.48
CA LEU C 364 22.02 -82.07 -29.78
C LEU C 364 23.27 -81.20 -29.74
N ASN C 365 24.43 -81.84 -29.60
CA ASN C 365 25.63 -81.16 -29.13
C ASN C 365 26.26 -80.29 -30.21
N THR C 366 26.24 -80.75 -31.46
CA THR C 366 26.73 -79.87 -32.52
C THR C 366 25.71 -78.78 -32.81
N THR C 367 26.15 -77.79 -33.56
CA THR C 367 25.23 -76.84 -34.16
C THR C 367 24.39 -77.58 -35.18
N ILE C 368 23.10 -77.21 -35.26
CA ILE C 368 22.25 -77.74 -36.32
C ILE C 368 22.83 -77.42 -37.68
N ALA C 369 23.26 -76.18 -37.88
CA ALA C 369 23.98 -75.82 -39.10
C ALA C 369 25.37 -76.44 -39.15
N GLY C 370 25.89 -76.92 -38.02
CA GLY C 370 27.15 -77.60 -38.00
C GLY C 370 27.17 -78.95 -38.67
N VAL C 371 26.03 -79.46 -39.13
CA VAL C 371 26.03 -80.72 -39.86
C VAL C 371 26.58 -80.53 -41.26
N GLU C 372 26.66 -79.27 -41.72
CA GLU C 372 27.31 -78.97 -42.99
C GLU C 372 28.81 -79.23 -42.92
N GLU C 373 29.37 -79.15 -41.72
CA GLU C 373 30.79 -79.43 -41.50
C GLU C 373 31.12 -80.90 -41.59
N ALA C 374 30.13 -81.77 -41.44
CA ALA C 374 30.35 -83.20 -41.31
C ALA C 374 30.66 -83.84 -42.66
N ASP C 375 31.05 -85.11 -42.63
CA ASP C 375 31.24 -85.91 -43.84
C ASP C 375 30.45 -87.20 -43.82
N VAL C 376 30.37 -87.87 -42.69
CA VAL C 376 29.60 -89.11 -42.58
C VAL C 376 28.68 -89.01 -41.37
N VAL C 377 27.39 -89.10 -41.62
CA VAL C 377 26.37 -89.19 -40.58
C VAL C 377 25.81 -90.60 -40.59
N LEU C 378 26.00 -91.31 -39.49
CA LEU C 378 25.20 -92.49 -39.27
C LEU C 378 24.04 -92.09 -38.36
N LEU C 379 22.90 -92.71 -38.60
CA LEU C 379 21.63 -92.22 -38.09
C LEU C 379 20.90 -93.43 -37.54
N VAL C 380 20.77 -93.50 -36.23
CA VAL C 380 20.10 -94.66 -35.67
C VAL C 380 18.69 -94.29 -35.28
N GLY C 381 17.83 -95.31 -35.33
CA GLY C 381 16.42 -95.23 -35.67
C GLY C 381 15.55 -94.07 -35.28
N THR C 382 15.09 -93.39 -36.31
CA THR C 382 14.06 -92.36 -36.30
C THR C 382 13.61 -92.19 -37.74
N ASN C 383 12.90 -91.10 -38.01
CA ASN C 383 12.61 -90.71 -39.38
C ASN C 383 12.71 -89.20 -39.43
N PRO C 384 13.90 -88.67 -39.78
CA PRO C 384 14.11 -87.22 -39.69
C PRO C 384 13.34 -86.40 -40.69
N ARG C 385 12.79 -87.03 -41.73
CA ARG C 385 11.85 -86.34 -42.59
C ARG C 385 10.63 -85.88 -41.80
N PHE C 386 10.12 -86.72 -40.91
CA PHE C 386 8.95 -86.33 -40.13
C PHE C 386 9.37 -85.65 -38.82
N GLU C 387 10.13 -86.34 -37.99
CA GLU C 387 10.61 -85.75 -36.74
C GLU C 387 11.68 -84.72 -37.05
N ALA C 388 11.39 -83.46 -36.71
CA ALA C 388 12.19 -82.27 -37.01
C ALA C 388 12.51 -82.20 -38.50
N PRO C 389 11.53 -81.81 -39.32
CA PRO C 389 11.70 -81.93 -40.78
C PRO C 389 12.78 -81.05 -41.35
N LEU C 390 13.03 -79.91 -40.72
CA LEU C 390 14.05 -79.02 -41.22
C LEU C 390 15.46 -79.54 -40.96
N PHE C 391 15.60 -80.44 -40.00
CA PHE C 391 16.88 -81.12 -39.82
C PHE C 391 17.20 -81.96 -41.04
N ASN C 392 16.22 -82.72 -41.54
CA ASN C 392 16.44 -83.49 -42.75
C ASN C 392 16.55 -82.58 -43.96
N ALA C 393 15.89 -81.43 -43.94
CA ALA C 393 16.08 -80.44 -44.99
C ALA C 393 17.53 -79.98 -45.04
N ARG C 394 18.14 -79.76 -43.88
CA ARG C 394 19.54 -79.35 -43.88
C ARG C 394 20.47 -80.49 -44.23
N ILE C 395 20.09 -81.72 -43.87
CA ILE C 395 20.84 -82.90 -44.30
C ILE C 395 20.87 -82.98 -45.82
N ARG C 396 19.71 -82.78 -46.45
CA ARG C 396 19.67 -82.84 -47.90
C ARG C 396 20.39 -81.67 -48.54
N LYS C 397 20.35 -80.49 -47.92
CA LYS C 397 21.03 -79.33 -48.48
C LYS C 397 22.54 -79.51 -48.45
N SER C 398 23.08 -79.93 -47.31
CA SER C 398 24.51 -80.19 -47.23
C SER C 398 24.90 -81.39 -48.08
N TRP C 399 24.03 -82.40 -48.20
CA TRP C 399 24.33 -83.56 -49.02
C TRP C 399 24.36 -83.19 -50.49
N LEU C 400 23.54 -82.24 -50.90
CA LEU C 400 23.55 -81.82 -52.27
C LEU C 400 24.78 -80.97 -52.57
N HIS C 401 25.13 -80.07 -51.65
CA HIS C 401 26.21 -79.15 -51.95
C HIS C 401 27.59 -79.78 -51.75
N ASN C 402 27.91 -80.23 -50.55
CA ASN C 402 29.28 -80.69 -50.29
C ASN C 402 29.35 -82.15 -49.83
N ASP C 403 28.54 -83.01 -50.46
CA ASP C 403 28.80 -84.45 -50.60
C ASP C 403 28.90 -85.18 -49.26
N LEU C 404 27.76 -85.25 -48.58
CA LEU C 404 27.72 -86.01 -47.33
C LEU C 404 27.70 -87.52 -47.61
N LYS C 405 27.53 -88.29 -46.55
CA LYS C 405 27.37 -89.74 -46.67
C LYS C 405 26.55 -90.23 -45.50
N VAL C 406 25.41 -90.83 -45.78
CA VAL C 406 24.42 -91.10 -44.75
C VAL C 406 24.18 -92.61 -44.67
N ALA C 407 24.31 -93.15 -43.48
CA ALA C 407 23.89 -94.52 -43.18
C ALA C 407 22.73 -94.50 -42.21
N LEU C 408 21.84 -95.47 -42.36
CA LEU C 408 20.65 -95.55 -41.52
C LEU C 408 20.56 -96.92 -40.88
N ILE C 409 20.37 -96.95 -39.57
CA ILE C 409 20.28 -98.19 -38.82
C ILE C 409 18.97 -98.20 -38.07
N GLY C 410 18.11 -99.15 -38.40
CA GLY C 410 16.92 -99.39 -37.62
C GLY C 410 15.66 -99.73 -38.37
N SER C 411 15.44 -99.12 -39.55
CA SER C 411 14.26 -99.38 -40.38
C SER C 411 14.44 -98.82 -41.78
N PRO C 412 14.21 -99.60 -42.83
CA PRO C 412 14.28 -99.04 -44.19
C PRO C 412 13.03 -98.26 -44.56
N VAL C 413 13.09 -96.94 -44.48
CA VAL C 413 11.87 -96.14 -44.49
C VAL C 413 11.95 -94.96 -45.44
N ASP C 414 10.93 -94.11 -45.37
CA ASP C 414 10.75 -92.97 -46.25
C ASP C 414 11.80 -91.90 -45.94
N LEU C 415 12.81 -91.82 -46.79
CA LEU C 415 13.70 -90.67 -46.85
C LEU C 415 13.89 -90.33 -48.32
N THR C 416 14.08 -89.05 -48.60
CA THR C 416 14.15 -88.58 -49.98
C THR C 416 15.53 -88.04 -50.33
N TYR C 417 16.59 -88.75 -49.89
CA TYR C 417 17.92 -88.28 -50.24
C TYR C 417 18.93 -89.40 -50.45
N ARG C 418 18.47 -90.63 -50.67
CA ARG C 418 19.30 -91.80 -51.04
C ARG C 418 20.38 -92.10 -49.99
N TYR C 419 19.90 -92.58 -48.86
CA TYR C 419 20.76 -93.07 -47.80
C TYR C 419 21.33 -94.44 -48.16
N ASP C 420 22.07 -95.04 -47.22
CA ASP C 420 22.48 -96.43 -47.31
C ASP C 420 22.05 -97.17 -46.05
N HIS C 421 21.38 -98.30 -46.22
CA HIS C 421 20.74 -98.97 -45.11
C HIS C 421 21.63 -100.04 -44.49
N LEU C 422 21.49 -100.22 -43.17
CA LEU C 422 22.28 -101.20 -42.40
C LEU C 422 21.37 -102.04 -41.51
N GLY C 423 20.82 -103.11 -42.07
CA GLY C 423 20.31 -104.28 -41.34
C GLY C 423 19.30 -104.17 -40.21
N ASP C 424 18.70 -103.00 -40.02
CA ASP C 424 17.54 -102.67 -39.16
C ASP C 424 17.39 -103.42 -37.82
N SER C 425 18.50 -103.67 -37.12
CA SER C 425 18.45 -104.40 -35.85
C SER C 425 19.63 -104.05 -34.94
N PRO C 426 19.40 -103.87 -33.64
CA PRO C 426 20.46 -103.35 -32.77
C PRO C 426 21.58 -104.33 -32.48
N LYS C 427 21.38 -105.61 -32.78
CA LYS C 427 22.51 -106.54 -32.75
C LYS C 427 23.56 -106.16 -33.78
N ILE C 428 23.10 -105.66 -34.93
CA ILE C 428 24.04 -105.18 -35.94
C ILE C 428 24.72 -103.90 -35.49
N LEU C 429 24.05 -103.09 -34.68
CA LEU C 429 24.70 -101.95 -34.04
C LEU C 429 25.83 -102.39 -33.11
N GLN C 430 25.59 -103.42 -32.30
CA GLN C 430 26.70 -103.89 -31.49
C GLN C 430 27.74 -104.65 -32.30
N ASP C 431 27.40 -105.15 -33.48
CA ASP C 431 28.44 -105.70 -34.34
C ASP C 431 29.31 -104.60 -34.93
N ILE C 432 28.73 -103.42 -35.21
CA ILE C 432 29.52 -102.26 -35.60
C ILE C 432 30.42 -101.83 -34.44
N ALA C 433 29.89 -101.87 -33.22
CA ALA C 433 30.70 -101.52 -32.05
C ALA C 433 31.79 -102.55 -31.77
N SER C 434 31.58 -103.80 -32.18
CA SER C 434 32.55 -104.84 -31.91
C SER C 434 33.65 -104.88 -32.98
N GLY C 435 33.27 -105.10 -34.23
CA GLY C 435 34.24 -105.34 -35.28
C GLY C 435 34.04 -104.55 -36.56
N SER C 436 34.57 -105.06 -37.65
CA SER C 436 34.58 -104.37 -38.93
C SER C 436 33.52 -104.91 -39.87
N HIS C 437 32.97 -104.01 -40.67
CA HIS C 437 31.78 -104.21 -41.49
C HIS C 437 31.88 -103.23 -42.65
N PRO C 438 31.15 -103.45 -43.75
CA PRO C 438 31.37 -102.60 -44.95
C PRO C 438 31.07 -101.12 -44.77
N PHE C 439 30.25 -100.75 -43.79
CA PHE C 439 30.17 -99.35 -43.41
C PHE C 439 31.19 -98.99 -42.34
N SER C 440 31.53 -99.94 -41.47
CA SER C 440 32.57 -99.71 -40.48
C SER C 440 33.92 -99.47 -41.12
N GLN C 441 34.11 -99.98 -42.34
CA GLN C 441 35.23 -99.55 -43.18
C GLN C 441 35.21 -98.04 -43.41
N VAL C 442 34.05 -97.51 -43.78
CA VAL C 442 33.94 -96.09 -44.09
C VAL C 442 34.10 -95.28 -42.81
N LEU C 443 33.67 -95.84 -41.69
CA LEU C 443 33.77 -95.12 -40.44
C LEU C 443 35.20 -95.14 -39.89
N GLN C 444 35.94 -96.21 -40.16
CA GLN C 444 37.39 -96.21 -39.95
C GLN C 444 38.07 -95.16 -40.81
N GLU C 445 37.76 -95.16 -42.10
CA GLU C 445 38.40 -94.28 -43.08
C GLU C 445 37.69 -92.93 -43.18
N ALA C 446 36.89 -92.58 -42.19
CA ALA C 446 36.12 -91.36 -42.18
C ALA C 446 36.98 -90.20 -41.71
N LYS C 447 36.51 -88.99 -42.00
CA LYS C 447 37.17 -87.79 -41.52
C LYS C 447 36.47 -87.16 -40.33
N LYS C 448 35.17 -86.90 -40.44
CA LYS C 448 34.42 -86.20 -39.40
C LYS C 448 33.14 -86.96 -39.06
N PRO C 449 33.11 -87.63 -37.93
CA PRO C 449 31.95 -88.47 -37.59
C PRO C 449 30.83 -87.79 -36.81
N MET C 450 29.64 -87.88 -37.41
CA MET C 450 28.40 -87.49 -36.78
C MET C 450 27.45 -88.66 -36.71
N VAL C 451 26.94 -88.91 -35.51
CA VAL C 451 26.16 -90.07 -35.14
C VAL C 451 24.93 -89.51 -34.44
N VAL C 452 23.79 -89.56 -35.11
CA VAL C 452 22.59 -88.92 -34.60
C VAL C 452 21.62 -90.01 -34.13
N LEU C 453 21.35 -90.00 -32.84
CA LEU C 453 20.39 -90.92 -32.25
C LEU C 453 19.00 -90.32 -32.27
N GLY C 454 18.04 -91.07 -32.80
CA GLY C 454 16.65 -90.69 -32.70
C GLY C 454 16.10 -90.95 -31.30
N SER C 455 15.41 -89.95 -30.77
CA SER C 455 14.89 -90.05 -29.42
C SER C 455 13.75 -91.05 -29.30
N SER C 456 13.10 -91.40 -30.41
CA SER C 456 11.92 -92.26 -30.34
C SER C 456 12.31 -93.70 -30.06
N ALA C 457 13.41 -94.18 -30.65
CA ALA C 457 13.92 -95.50 -30.32
C ALA C 457 14.46 -95.55 -28.91
N LEU C 458 14.90 -94.42 -28.38
CA LEU C 458 15.31 -94.33 -26.99
C LEU C 458 14.14 -94.46 -26.03
N GLN C 459 12.91 -94.16 -26.49
CA GLN C 459 11.75 -94.15 -25.61
C GLN C 459 11.41 -95.52 -25.05
N ARG C 460 11.83 -96.59 -25.72
CA ARG C 460 11.46 -97.92 -25.26
C ARG C 460 12.40 -98.38 -24.15
N ASN C 461 12.19 -99.61 -23.71
CA ASN C 461 12.81 -100.15 -22.52
C ASN C 461 14.15 -100.81 -22.78
N ASP C 462 14.59 -100.89 -24.02
CA ASP C 462 15.94 -101.34 -24.33
C ASP C 462 16.94 -100.20 -24.35
N GLY C 463 16.50 -98.99 -24.01
CA GLY C 463 17.25 -97.77 -24.30
C GLY C 463 18.54 -97.64 -23.54
N ALA C 464 18.65 -98.26 -22.36
CA ALA C 464 19.86 -98.13 -21.55
C ALA C 464 21.05 -98.75 -22.25
N ALA C 465 20.90 -99.98 -22.73
CA ALA C 465 21.98 -100.64 -23.44
C ALA C 465 22.22 -99.98 -24.80
N ILE C 466 21.18 -99.45 -25.44
CA ILE C 466 21.35 -98.82 -26.74
C ILE C 466 22.18 -97.56 -26.61
N LEU C 467 21.87 -96.72 -25.63
CA LEU C 467 22.65 -95.52 -25.40
C LEU C 467 24.05 -95.86 -24.89
N ALA C 468 24.19 -96.97 -24.15
CA ALA C 468 25.51 -97.45 -23.76
C ALA C 468 26.35 -97.81 -24.99
N ALA C 469 25.75 -98.51 -25.95
CA ALA C 469 26.47 -98.90 -27.15
C ALA C 469 26.80 -97.70 -28.03
N VAL C 470 25.88 -96.73 -28.11
CA VAL C 470 26.14 -95.55 -28.92
C VAL C 470 27.21 -94.67 -28.28
N SER C 471 27.23 -94.62 -26.95
CA SER C 471 28.32 -93.92 -26.27
C SER C 471 29.65 -94.63 -26.47
N ASN C 472 29.64 -95.97 -26.52
CA ASN C 472 30.85 -96.72 -26.86
C ASN C 472 31.33 -96.38 -28.25
N ILE C 473 30.39 -96.27 -29.21
CA ILE C 473 30.69 -95.86 -30.58
C ILE C 473 31.35 -94.49 -30.59
N ALA C 474 30.78 -93.55 -29.83
CA ALA C 474 31.26 -92.17 -29.84
C ALA C 474 32.65 -92.06 -29.24
N GLN C 475 32.89 -92.73 -28.11
CA GLN C 475 34.21 -92.72 -27.49
C GLN C 475 35.24 -93.40 -28.38
N LYS C 476 34.84 -94.49 -29.04
CA LYS C 476 35.75 -95.24 -29.90
C LYS C 476 36.22 -94.42 -31.09
N ILE C 477 35.28 -93.79 -31.80
CA ILE C 477 35.68 -93.03 -32.98
C ILE C 477 36.38 -91.73 -32.57
N ARG C 478 36.00 -91.14 -31.44
CA ARG C 478 36.60 -89.88 -31.05
C ARG C 478 38.02 -90.05 -30.58
N THR C 479 38.28 -91.08 -29.75
CA THR C 479 39.65 -91.33 -29.33
C THR C 479 40.47 -91.99 -30.43
N SER C 480 39.83 -92.62 -31.41
CA SER C 480 40.51 -93.05 -32.61
C SER C 480 40.37 -91.94 -33.66
N SER C 481 40.64 -92.28 -34.93
CA SER C 481 40.38 -91.47 -36.13
C SER C 481 41.22 -90.19 -36.20
N GLY C 482 42.23 -90.06 -35.34
CA GLY C 482 43.17 -88.96 -35.44
C GLY C 482 42.60 -87.59 -35.15
N VAL C 483 41.47 -87.50 -34.47
CA VAL C 483 40.86 -86.20 -34.14
C VAL C 483 41.22 -85.87 -32.70
N THR C 484 41.61 -84.61 -32.47
CA THR C 484 42.06 -84.19 -31.16
C THR C 484 40.94 -83.65 -30.29
N GLY C 485 39.81 -83.28 -30.90
CA GLY C 485 38.71 -82.70 -30.17
C GLY C 485 38.14 -81.54 -30.91
N ASP C 486 37.31 -80.76 -30.21
CA ASP C 486 36.74 -79.47 -30.61
C ASP C 486 35.70 -79.62 -31.74
N TRP C 487 35.48 -80.84 -32.20
CA TRP C 487 34.39 -81.19 -33.10
C TRP C 487 33.84 -82.51 -32.60
N LYS C 488 32.58 -82.79 -32.91
CA LYS C 488 31.83 -83.80 -32.17
C LYS C 488 31.32 -84.91 -33.08
N VAL C 489 31.61 -86.15 -32.66
CA VAL C 489 31.09 -87.37 -33.20
C VAL C 489 29.61 -87.63 -32.92
N MET C 490 29.06 -87.29 -31.75
CA MET C 490 27.72 -87.77 -31.43
C MET C 490 26.75 -86.63 -31.14
N ASN C 491 25.46 -86.93 -31.37
CA ASN C 491 24.35 -86.00 -31.17
C ASN C 491 23.08 -86.80 -30.92
N ILE C 492 22.19 -86.24 -30.12
CA ILE C 492 20.89 -86.83 -29.83
C ILE C 492 19.83 -85.84 -30.27
N LEU C 493 18.81 -86.32 -30.98
CA LEU C 493 17.70 -85.43 -31.32
C LEU C 493 16.57 -85.60 -30.30
N HIS C 494 15.46 -84.90 -30.54
CA HIS C 494 14.27 -85.01 -29.70
C HIS C 494 13.03 -84.88 -30.55
N ARG C 495 11.88 -84.90 -29.89
CA ARG C 495 10.61 -84.66 -30.54
C ARG C 495 9.97 -83.36 -30.09
N ILE C 496 9.75 -83.18 -28.79
CA ILE C 496 9.05 -82.03 -28.26
C ILE C 496 9.97 -81.32 -27.27
N ALA C 497 9.91 -79.99 -27.24
CA ALA C 497 10.85 -79.17 -26.49
C ALA C 497 10.72 -79.28 -24.98
N SER C 498 9.60 -79.83 -24.49
CA SER C 498 9.38 -79.94 -23.05
C SER C 498 10.38 -80.87 -22.40
N GLN C 499 10.78 -81.93 -23.11
CA GLN C 499 11.78 -82.84 -22.57
C GLN C 499 13.12 -82.15 -22.39
N VAL C 500 13.51 -81.31 -23.36
CA VAL C 500 14.81 -80.65 -23.31
C VAL C 500 14.84 -79.62 -22.19
N ALA C 501 13.78 -78.81 -22.08
CA ALA C 501 13.74 -77.81 -21.03
C ALA C 501 13.67 -78.45 -19.65
N ALA C 502 12.92 -79.54 -19.52
CA ALA C 502 12.75 -80.18 -18.23
C ALA C 502 14.02 -80.86 -17.77
N LEU C 503 14.67 -81.61 -18.67
CA LEU C 503 15.90 -82.29 -18.28
C LEU C 503 17.09 -81.36 -18.24
N ASP C 504 16.98 -80.16 -18.82
CA ASP C 504 17.95 -79.13 -18.50
C ASP C 504 17.67 -78.50 -17.14
N LEU C 505 16.45 -78.57 -16.66
CA LEU C 505 16.19 -78.18 -15.28
C LEU C 505 16.38 -79.33 -14.30
N GLY C 506 16.88 -80.47 -14.77
CA GLY C 506 17.30 -81.55 -13.90
C GLY C 506 16.15 -82.25 -13.21
N TYR C 507 15.35 -82.99 -13.96
CA TYR C 507 14.19 -83.64 -13.37
C TYR C 507 14.39 -85.15 -13.31
N LYS C 508 13.31 -85.83 -12.96
CA LYS C 508 13.29 -87.29 -12.98
C LYS C 508 12.65 -87.73 -14.29
N PRO C 509 13.41 -88.26 -15.23
CA PRO C 509 12.81 -88.74 -16.47
C PRO C 509 12.17 -90.12 -16.31
N GLY C 510 11.16 -90.37 -17.13
CA GLY C 510 10.40 -91.61 -17.03
C GLY C 510 9.41 -91.61 -15.90
N VAL C 511 8.26 -92.27 -16.10
CA VAL C 511 7.21 -92.28 -15.09
C VAL C 511 7.38 -93.48 -14.16
N GLU C 512 8.56 -94.12 -14.19
CA GLU C 512 8.80 -95.25 -13.30
C GLU C 512 8.94 -94.84 -11.85
N ALA C 513 9.28 -93.57 -11.58
CA ALA C 513 9.21 -93.07 -10.21
C ALA C 513 7.78 -93.06 -9.70
N ILE C 514 6.81 -92.84 -10.59
CA ILE C 514 5.41 -93.00 -10.25
C ILE C 514 5.04 -94.48 -10.19
N ARG C 515 5.73 -95.31 -10.97
CA ARG C 515 5.48 -96.76 -10.88
C ARG C 515 5.98 -97.33 -9.57
N LYS C 516 6.97 -96.71 -8.95
CA LYS C 516 7.38 -97.13 -7.61
C LYS C 516 6.34 -96.74 -6.58
N ASN C 517 6.15 -95.43 -6.39
CA ASN C 517 5.19 -94.90 -5.42
C ASN C 517 3.97 -94.40 -6.18
N PRO C 518 2.81 -95.04 -6.03
CA PRO C 518 1.59 -94.49 -6.62
C PRO C 518 1.16 -93.26 -5.86
N PRO C 519 1.19 -92.09 -6.51
CA PRO C 519 0.93 -90.85 -5.79
C PRO C 519 -0.56 -90.58 -5.65
N LYS C 520 -0.91 -89.84 -4.60
CA LYS C 520 -2.31 -89.49 -4.37
C LYS C 520 -2.68 -88.25 -5.16
N MET C 521 -2.01 -87.15 -4.87
CA MET C 521 -2.23 -85.89 -5.58
C MET C 521 -1.30 -85.79 -6.76
N LEU C 522 -1.82 -85.39 -7.91
CA LEU C 522 -0.90 -85.17 -9.02
C LEU C 522 -1.34 -84.02 -9.90
N PHE C 523 -0.35 -83.37 -10.49
CA PHE C 523 -0.50 -82.15 -11.27
C PHE C 523 -0.17 -82.51 -12.71
N LEU C 524 -1.19 -82.62 -13.54
CA LEU C 524 -0.99 -82.98 -14.94
C LEU C 524 -0.83 -81.70 -15.75
N LEU C 525 0.40 -81.40 -16.12
CA LEU C 525 0.69 -80.27 -17.01
C LEU C 525 0.89 -80.87 -18.39
N GLY C 526 -0.19 -80.88 -19.18
CA GLY C 526 -0.12 -81.40 -20.53
C GLY C 526 -0.09 -82.91 -20.61
N ALA C 527 -0.97 -83.58 -19.87
CA ALA C 527 -1.09 -85.03 -19.94
C ALA C 527 -2.05 -85.39 -21.06
N ASP C 528 -1.52 -85.73 -22.21
CA ASP C 528 -2.34 -85.97 -23.37
C ASP C 528 -2.11 -87.33 -23.99
N GLY C 529 -1.24 -88.15 -23.41
CA GLY C 529 -1.00 -89.49 -23.92
C GLY C 529 -1.16 -90.53 -22.84
N GLY C 530 -0.71 -91.75 -23.12
CA GLY C 530 -0.79 -92.83 -22.17
C GLY C 530 0.31 -92.81 -21.15
N CYS C 531 0.47 -91.69 -20.45
CA CYS C 531 1.44 -91.59 -19.37
C CYS C 531 0.98 -92.39 -18.16
N VAL C 532 -0.16 -92.02 -17.60
CA VAL C 532 -0.83 -92.80 -16.56
C VAL C 532 -2.30 -92.91 -16.89
N THR C 533 -2.93 -93.92 -16.31
CA THR C 533 -4.36 -94.09 -16.28
C THR C 533 -4.81 -94.08 -14.84
N ARG C 534 -6.12 -94.11 -14.62
CA ARG C 534 -6.58 -94.23 -13.25
C ARG C 534 -6.50 -95.66 -12.74
N GLN C 535 -6.41 -96.64 -13.64
CA GLN C 535 -6.10 -98.00 -13.20
C GLN C 535 -4.70 -98.09 -12.63
N ASP C 536 -3.81 -97.19 -13.05
CA ASP C 536 -2.42 -97.17 -12.62
C ASP C 536 -2.22 -96.32 -11.36
N LEU C 537 -3.27 -96.12 -10.58
CA LEU C 537 -3.25 -95.01 -9.64
C LEU C 537 -4.28 -95.28 -8.56
N PRO C 538 -4.03 -94.88 -7.30
CA PRO C 538 -4.96 -95.27 -6.21
C PRO C 538 -6.28 -94.53 -6.21
N LYS C 539 -7.08 -94.79 -5.18
CA LYS C 539 -8.42 -94.25 -5.08
C LYS C 539 -8.49 -92.86 -4.48
N ASP C 540 -7.37 -92.30 -4.04
CA ASP C 540 -7.33 -90.89 -3.64
C ASP C 540 -7.21 -90.05 -4.91
N CYS C 541 -8.32 -89.99 -5.63
CA CYS C 541 -8.38 -89.39 -6.96
C CYS C 541 -8.37 -87.89 -6.80
N PHE C 542 -7.19 -87.29 -6.88
CA PHE C 542 -7.11 -85.84 -6.85
C PHE C 542 -6.11 -85.42 -7.92
N ILE C 543 -6.63 -85.22 -9.12
CA ILE C 543 -5.79 -84.88 -10.25
C ILE C 543 -6.12 -83.46 -10.66
N VAL C 544 -5.07 -82.72 -10.98
CA VAL C 544 -5.19 -81.32 -11.35
C VAL C 544 -4.80 -81.25 -12.81
N TYR C 545 -5.80 -81.35 -13.69
CA TYR C 545 -5.52 -81.34 -15.12
C TYR C 545 -5.45 -79.90 -15.54
N GLN C 546 -4.26 -79.38 -15.67
CA GLN C 546 -4.08 -78.02 -16.15
C GLN C 546 -3.70 -78.11 -17.61
N GLY C 547 -4.48 -77.48 -18.47
CA GLY C 547 -4.21 -77.63 -19.87
C GLY C 547 -4.89 -76.60 -20.73
N HIS C 548 -4.94 -76.91 -22.02
CA HIS C 548 -5.49 -76.02 -23.02
C HIS C 548 -5.96 -76.88 -24.16
N HIS C 549 -7.23 -76.71 -24.54
CA HIS C 549 -8.02 -77.63 -25.37
C HIS C 549 -7.72 -79.10 -25.04
N GLY C 550 -7.94 -79.42 -23.76
CA GLY C 550 -7.60 -80.74 -23.27
C GLY C 550 -8.50 -81.80 -23.86
N ASP C 551 -7.88 -82.86 -24.37
CA ASP C 551 -8.59 -83.93 -25.05
C ASP C 551 -8.51 -85.26 -24.31
N VAL C 552 -7.30 -85.72 -24.00
CA VAL C 552 -7.10 -86.99 -23.34
C VAL C 552 -6.91 -86.74 -21.84
N GLY C 553 -7.66 -87.45 -21.02
CA GLY C 553 -7.51 -87.36 -19.58
C GLY C 553 -8.37 -86.32 -18.92
N ALA C 554 -8.57 -85.19 -19.59
CA ALA C 554 -9.60 -84.22 -19.22
C ALA C 554 -11.00 -84.81 -19.02
N PRO C 555 -11.45 -85.85 -19.75
CA PRO C 555 -12.67 -86.53 -19.30
C PRO C 555 -12.49 -87.30 -18.00
N ILE C 556 -11.30 -87.83 -17.76
CA ILE C 556 -11.05 -88.61 -16.55
C ILE C 556 -10.75 -87.70 -15.38
N ALA C 557 -10.67 -86.40 -15.62
CA ALA C 557 -10.04 -85.46 -14.73
C ALA C 557 -10.89 -85.14 -13.50
N ASP C 558 -10.27 -84.43 -12.56
CA ASP C 558 -10.91 -84.01 -11.33
C ASP C 558 -11.04 -82.49 -11.25
N VAL C 559 -9.93 -81.75 -11.37
CA VAL C 559 -10.00 -80.30 -11.36
C VAL C 559 -9.36 -79.77 -12.63
N ILE C 560 -10.14 -79.08 -13.44
CA ILE C 560 -9.69 -78.52 -14.71
C ILE C 560 -9.17 -77.12 -14.47
N LEU C 561 -7.90 -76.89 -14.79
CA LEU C 561 -7.34 -75.55 -14.75
C LEU C 561 -7.04 -75.04 -16.15
N PRO C 562 -7.45 -73.84 -16.46
CA PRO C 562 -7.26 -73.31 -17.82
C PRO C 562 -5.88 -72.73 -18.04
N GLY C 563 -4.94 -73.58 -18.43
CA GLY C 563 -3.64 -73.11 -18.82
C GLY C 563 -3.64 -72.42 -20.18
N ALA C 564 -2.62 -71.59 -20.39
CA ALA C 564 -2.50 -70.81 -21.61
C ALA C 564 -1.80 -71.62 -22.70
N ALA C 565 -1.55 -70.98 -23.83
CA ALA C 565 -0.82 -71.60 -24.93
C ALA C 565 0.40 -70.76 -25.28
N TYR C 566 1.17 -71.26 -26.24
CA TYR C 566 2.51 -70.73 -26.50
C TYR C 566 2.49 -69.42 -27.28
N THR C 567 1.40 -69.11 -27.96
CA THR C 567 1.25 -67.81 -28.58
C THR C 567 0.61 -66.79 -27.65
N GLU C 568 0.48 -67.13 -26.37
CA GLU C 568 -0.32 -66.35 -25.45
C GLU C 568 0.41 -65.95 -24.18
N LYS C 569 1.70 -66.23 -24.06
CA LYS C 569 2.42 -65.99 -22.83
C LYS C 569 3.90 -65.84 -23.12
N SER C 570 4.54 -64.95 -22.37
CA SER C 570 5.95 -64.62 -22.57
C SER C 570 6.78 -65.76 -21.97
N ALA C 571 6.86 -66.84 -22.72
CA ALA C 571 7.57 -68.02 -22.27
C ALA C 571 8.99 -68.02 -22.80
N THR C 572 9.84 -68.78 -22.11
CA THR C 572 11.20 -69.03 -22.53
C THR C 572 11.31 -70.50 -22.91
N TYR C 573 11.68 -70.76 -24.15
CA TYR C 573 11.75 -72.12 -24.66
C TYR C 573 13.15 -72.41 -25.17
N VAL C 574 13.47 -73.70 -25.21
CA VAL C 574 14.80 -74.18 -25.58
C VAL C 574 14.61 -75.15 -26.74
N ASN C 575 15.45 -75.04 -27.77
CA ASN C 575 15.46 -75.99 -28.86
C ASN C 575 16.23 -77.25 -28.44
N THR C 576 16.53 -78.14 -29.38
CA THR C 576 17.17 -79.39 -28.99
C THR C 576 18.67 -79.27 -28.82
N GLU C 577 19.25 -78.12 -29.11
CA GLU C 577 20.69 -77.93 -29.03
C GLU C 577 21.12 -77.03 -27.87
N GLY C 578 20.19 -76.68 -26.99
CA GLY C 578 20.50 -75.89 -25.81
C GLY C 578 20.21 -74.42 -25.93
N ARG C 579 19.91 -73.92 -27.13
CA ARG C 579 19.71 -72.49 -27.31
C ARG C 579 18.35 -72.07 -26.77
N ALA C 580 18.36 -71.06 -25.90
CA ALA C 580 17.15 -70.55 -25.29
C ALA C 580 16.59 -69.43 -26.16
N GLN C 581 15.34 -69.56 -26.56
CA GLN C 581 14.67 -68.57 -27.38
C GLN C 581 13.36 -68.22 -26.73
N GLN C 582 13.15 -66.93 -26.42
CA GLN C 582 11.97 -66.52 -25.70
C GLN C 582 10.85 -66.16 -26.66
N THR C 583 9.64 -66.51 -26.28
CA THR C 583 8.47 -66.14 -27.05
C THR C 583 8.03 -64.74 -26.65
N LYS C 584 6.99 -64.24 -27.31
CA LYS C 584 6.36 -62.99 -26.92
C LYS C 584 4.86 -63.17 -26.99
N VAL C 585 4.16 -62.37 -26.19
CA VAL C 585 2.70 -62.43 -26.15
C VAL C 585 2.16 -61.75 -27.40
N ALA C 586 1.33 -62.47 -28.15
CA ALA C 586 0.64 -61.90 -29.29
C ALA C 586 -0.82 -61.64 -29.01
N VAL C 587 -1.54 -62.66 -28.54
CA VAL C 587 -2.96 -62.55 -28.20
C VAL C 587 -3.13 -63.08 -26.79
N MET C 588 -3.82 -62.33 -25.95
CA MET C 588 -4.13 -62.80 -24.61
C MET C 588 -5.12 -63.97 -24.67
N PRO C 589 -5.06 -64.89 -23.69
CA PRO C 589 -5.82 -66.15 -23.82
C PRO C 589 -7.32 -65.91 -23.69
N PRO C 590 -8.14 -66.79 -24.27
CA PRO C 590 -9.59 -66.56 -24.23
C PRO C 590 -10.19 -67.09 -22.95
N GLY C 591 -11.31 -66.50 -22.57
CA GLY C 591 -11.92 -66.86 -21.31
C GLY C 591 -11.16 -66.29 -20.14
N LEU C 592 -11.03 -67.06 -19.07
CA LEU C 592 -10.30 -66.55 -17.91
C LEU C 592 -8.80 -66.80 -18.07
N ALA C 593 -8.39 -68.07 -18.02
CA ALA C 593 -7.19 -68.66 -18.63
C ALA C 593 -5.92 -67.85 -18.43
N ARG C 594 -5.50 -67.76 -17.17
CA ARG C 594 -4.26 -67.07 -16.86
C ARG C 594 -3.05 -67.91 -17.28
N GLU C 595 -1.85 -67.38 -17.07
CA GLU C 595 -0.64 -68.14 -17.34
C GLU C 595 -0.47 -69.26 -16.33
N ASP C 596 0.41 -70.21 -16.65
CA ASP C 596 0.57 -71.38 -15.80
C ASP C 596 1.29 -71.05 -14.50
N TRP C 597 2.45 -70.37 -14.60
CA TRP C 597 3.20 -70.05 -13.38
C TRP C 597 2.48 -69.03 -12.54
N LYS C 598 1.66 -68.20 -13.16
CA LYS C 598 0.84 -67.27 -12.38
C LYS C 598 -0.20 -68.03 -11.57
N ILE C 599 -0.76 -69.10 -12.13
CA ILE C 599 -1.64 -69.98 -11.38
C ILE C 599 -0.88 -70.66 -10.25
N ILE C 600 0.37 -71.04 -10.51
CA ILE C 600 1.15 -71.72 -9.48
C ILE C 600 1.50 -70.78 -8.33
N ARG C 601 1.85 -69.53 -8.66
CA ARG C 601 2.17 -68.59 -7.59
C ARG C 601 0.92 -68.13 -6.85
N ALA C 602 -0.24 -68.13 -7.53
CA ALA C 602 -1.49 -67.86 -6.83
C ALA C 602 -1.85 -69.00 -5.89
N LEU C 603 -1.61 -70.24 -6.33
CA LEU C 603 -1.83 -71.39 -5.48
C LEU C 603 -0.89 -71.38 -4.28
N SER C 604 0.33 -70.90 -4.49
CA SER C 604 1.28 -70.75 -3.39
C SER C 604 0.84 -69.67 -2.42
N GLU C 605 0.22 -68.61 -2.93
CA GLU C 605 -0.28 -67.55 -2.05
C GLU C 605 -1.43 -68.05 -1.19
N ILE C 606 -2.39 -68.76 -1.81
CA ILE C 606 -3.57 -69.19 -1.07
C ILE C 606 -3.23 -70.33 -0.12
N ALA C 607 -2.41 -71.27 -0.56
CA ALA C 607 -1.93 -72.28 0.36
C ALA C 607 -0.92 -71.67 1.34
N GLY C 608 -0.64 -72.42 2.40
CA GLY C 608 0.16 -71.90 3.50
C GLY C 608 1.66 -71.89 3.29
N MET C 609 2.13 -71.18 2.27
CA MET C 609 3.55 -71.05 1.98
C MET C 609 3.72 -69.83 1.07
N THR C 610 4.90 -69.71 0.47
CA THR C 610 5.16 -68.58 -0.41
C THR C 610 6.21 -68.97 -1.44
N LEU C 611 6.31 -68.13 -2.46
CA LEU C 611 7.36 -68.21 -3.45
C LEU C 611 8.01 -66.83 -3.53
N PRO C 612 9.31 -66.75 -3.48
CA PRO C 612 9.99 -65.46 -3.28
C PRO C 612 10.13 -64.60 -4.54
N TYR C 613 9.05 -64.44 -5.28
CA TYR C 613 9.05 -63.69 -6.52
C TYR C 613 7.63 -63.35 -6.92
N ASP C 614 7.47 -62.17 -7.49
CA ASP C 614 6.17 -61.64 -7.91
C ASP C 614 6.17 -61.18 -9.36
N THR C 615 7.27 -60.62 -9.84
CA THR C 615 7.35 -60.11 -11.20
C THR C 615 8.17 -61.05 -12.08
N LEU C 616 8.00 -60.89 -13.39
CA LEU C 616 8.65 -61.80 -14.31
C LEU C 616 10.15 -61.52 -14.41
N ASP C 617 10.59 -60.30 -14.10
CA ASP C 617 12.02 -60.04 -13.94
C ASP C 617 12.60 -60.85 -12.79
N GLN C 618 11.87 -60.95 -11.68
CA GLN C 618 12.28 -61.80 -10.57
C GLN C 618 12.25 -63.27 -10.96
N VAL C 619 11.29 -63.65 -11.81
CA VAL C 619 11.22 -65.02 -12.30
C VAL C 619 12.46 -65.36 -13.11
N ARG C 620 12.86 -64.47 -14.02
CA ARG C 620 14.05 -64.76 -14.79
C ARG C 620 15.33 -64.57 -13.98
N ASN C 621 15.28 -63.79 -12.89
CA ASN C 621 16.40 -63.77 -11.95
C ASN C 621 16.58 -65.13 -11.30
N ARG C 622 15.48 -65.74 -10.85
CA ARG C 622 15.58 -67.07 -10.28
C ARG C 622 15.90 -68.11 -11.33
N LEU C 623 15.51 -67.87 -12.58
CA LEU C 623 15.88 -68.76 -13.66
C LEU C 623 17.38 -68.72 -13.93
N GLU C 624 17.98 -67.52 -13.85
CA GLU C 624 19.43 -67.41 -13.92
C GLU C 624 20.08 -68.13 -12.75
N GLU C 625 19.59 -67.88 -11.55
CA GLU C 625 20.14 -68.52 -10.36
C GLU C 625 19.54 -69.88 -10.09
N VAL C 626 19.06 -70.55 -11.13
CA VAL C 626 19.04 -72.00 -11.19
C VAL C 626 19.89 -72.53 -12.32
N SER C 627 19.87 -71.87 -13.48
CA SER C 627 20.72 -72.26 -14.59
C SER C 627 21.25 -71.03 -15.32
N PRO C 628 22.53 -71.04 -15.71
CA PRO C 628 23.11 -69.82 -16.28
C PRO C 628 22.83 -69.62 -17.75
N ASN C 629 22.46 -70.65 -18.49
CA ASN C 629 22.28 -70.52 -19.92
C ASN C 629 20.93 -69.93 -20.31
N LEU C 630 19.93 -69.99 -19.43
CA LEU C 630 18.56 -69.72 -19.82
C LEU C 630 18.19 -68.25 -19.79
N VAL C 631 19.17 -67.35 -19.81
CA VAL C 631 18.91 -65.95 -20.10
C VAL C 631 19.72 -65.44 -21.28
N ARG C 632 20.80 -66.11 -21.65
CA ARG C 632 21.65 -65.67 -22.76
C ARG C 632 20.98 -66.10 -24.05
N TYR C 633 20.18 -65.20 -24.60
CA TYR C 633 19.31 -65.50 -25.71
C TYR C 633 20.09 -65.61 -27.02
N ASP C 634 19.66 -66.57 -27.86
CA ASP C 634 20.18 -66.80 -29.22
C ASP C 634 21.70 -67.05 -29.22
N ASP C 635 22.11 -68.03 -28.42
CA ASP C 635 23.53 -68.23 -28.15
C ASP C 635 23.84 -69.71 -28.23
N VAL C 636 25.08 -70.04 -27.87
CA VAL C 636 25.60 -71.40 -27.93
C VAL C 636 25.90 -71.85 -26.51
N GLU C 637 25.84 -73.15 -26.30
CA GLU C 637 26.20 -73.75 -25.01
C GLU C 637 26.98 -75.02 -25.35
N GLY C 638 28.29 -74.89 -25.48
CA GLY C 638 29.09 -75.99 -26.00
C GLY C 638 29.44 -77.02 -24.95
N ALA C 639 28.69 -78.11 -24.94
CA ALA C 639 28.89 -79.15 -23.94
C ALA C 639 30.15 -79.97 -24.26
N ASN C 640 30.63 -80.67 -23.25
CA ASN C 640 31.93 -81.31 -23.30
C ASN C 640 31.89 -82.61 -22.49
N TYR C 641 33.08 -83.08 -22.11
CA TYR C 641 33.30 -84.13 -21.12
C TYR C 641 32.76 -85.47 -21.61
N PHE C 642 33.13 -85.82 -22.83
CA PHE C 642 32.49 -86.94 -23.52
C PHE C 642 33.01 -88.25 -22.96
N GLN C 643 34.33 -88.35 -22.77
CA GLN C 643 34.95 -89.50 -22.11
C GLN C 643 34.46 -89.63 -20.67
N GLN C 644 34.18 -88.50 -20.02
CA GLN C 644 33.72 -88.52 -18.64
C GLN C 644 32.31 -89.06 -18.53
N ALA C 645 31.42 -88.65 -19.43
CA ALA C 645 30.09 -89.24 -19.48
C ALA C 645 30.15 -90.71 -19.89
N SER C 646 31.12 -91.06 -20.74
CA SER C 646 31.30 -92.44 -21.15
C SER C 646 31.67 -93.32 -19.96
N GLU C 647 32.67 -92.89 -19.19
CA GLU C 647 33.09 -93.70 -18.05
C GLU C 647 32.10 -93.61 -16.90
N LEU C 648 31.24 -92.58 -16.88
CA LEU C 648 30.06 -92.65 -16.04
C LEU C 648 29.14 -93.77 -16.49
N SER C 649 29.00 -93.96 -17.79
CA SER C 649 28.11 -94.99 -18.31
C SER C 649 28.69 -96.40 -18.19
N LYS C 650 29.94 -96.54 -17.78
CA LYS C 650 30.60 -97.85 -17.70
C LYS C 650 30.25 -98.63 -16.45
N LEU C 651 29.23 -98.23 -15.68
CA LEU C 651 29.01 -98.89 -14.40
C LEU C 651 28.30 -100.22 -14.57
N VAL C 652 27.07 -100.20 -15.06
CA VAL C 652 26.22 -101.40 -15.11
C VAL C 652 25.83 -101.66 -16.56
N ASN C 653 26.09 -102.88 -17.02
CA ASN C 653 25.79 -103.28 -18.39
C ASN C 653 24.50 -104.08 -18.43
N GLN C 654 23.69 -103.84 -19.46
CA GLN C 654 22.46 -104.56 -19.68
C GLN C 654 22.57 -105.45 -20.92
N GLN C 655 21.43 -106.01 -21.31
CA GLN C 655 21.29 -106.83 -22.50
C GLN C 655 20.43 -106.10 -23.53
N LEU C 656 20.15 -106.78 -24.62
CA LEU C 656 19.28 -106.29 -25.67
C LEU C 656 18.08 -107.22 -25.78
N LEU C 657 17.21 -106.94 -26.75
CA LEU C 657 16.10 -107.82 -27.07
C LEU C 657 16.09 -108.10 -28.57
N ALA C 658 15.15 -108.93 -28.99
CA ALA C 658 15.04 -109.32 -30.39
C ALA C 658 14.08 -108.44 -31.18
N ASP C 659 13.49 -107.42 -30.56
CA ASP C 659 12.54 -106.54 -31.25
C ASP C 659 13.27 -105.63 -32.23
N PRO C 660 12.92 -105.66 -33.51
CA PRO C 660 13.40 -104.62 -34.42
C PRO C 660 12.72 -103.30 -34.08
N LEU C 661 13.52 -102.27 -33.90
CA LEU C 661 12.98 -100.97 -33.56
C LEU C 661 12.33 -100.33 -34.77
N VAL C 662 11.22 -99.63 -34.56
CA VAL C 662 10.55 -98.96 -35.66
C VAL C 662 10.10 -97.60 -35.16
N PRO C 663 10.26 -96.54 -35.96
CA PRO C 663 9.79 -95.22 -35.55
C PRO C 663 8.27 -95.19 -35.51
N PRO C 664 7.70 -94.44 -34.56
CA PRO C 664 6.24 -94.27 -34.58
C PRO C 664 5.80 -93.43 -35.75
N GLN C 665 6.58 -92.40 -36.10
CA GLN C 665 6.32 -91.54 -37.25
C GLN C 665 6.67 -92.35 -38.50
N LEU C 666 5.71 -93.15 -38.95
CA LEU C 666 5.92 -94.03 -40.08
C LEU C 666 5.43 -93.43 -41.39
N THR C 667 4.39 -92.60 -41.34
CA THR C 667 3.79 -92.07 -42.56
C THR C 667 3.09 -90.75 -42.26
N ILE C 668 2.31 -90.29 -43.24
CA ILE C 668 1.81 -88.92 -43.27
C ILE C 668 0.73 -88.71 -42.22
N LYS C 669 -0.16 -89.69 -42.08
CA LYS C 669 -1.27 -89.57 -41.14
C LYS C 669 -0.78 -89.56 -39.71
N ASP C 670 0.30 -90.28 -39.41
CA ASP C 670 0.87 -90.25 -38.09
C ASP C 670 1.81 -89.07 -37.91
N PHE C 671 2.22 -88.42 -39.00
CA PHE C 671 2.79 -87.09 -38.84
C PHE C 671 1.74 -86.12 -38.37
N TYR C 672 0.58 -86.13 -39.02
CA TYR C 672 -0.42 -85.08 -38.80
C TYR C 672 -1.06 -85.22 -37.42
N MET C 673 -1.65 -86.38 -37.12
CA MET C 673 -2.58 -86.44 -35.99
C MET C 673 -1.93 -86.38 -34.61
N THR C 674 -0.62 -86.50 -34.50
CA THR C 674 -0.01 -86.80 -33.20
C THR C 674 0.48 -85.51 -32.52
N ASP C 675 -0.51 -84.75 -32.01
CA ASP C 675 -0.41 -83.74 -30.95
C ASP C 675 -1.81 -83.29 -30.59
N SER C 676 -1.89 -82.52 -29.49
CA SER C 676 -3.16 -81.95 -29.07
C SER C 676 -3.62 -80.89 -30.05
N ILE C 677 -2.70 -80.00 -30.45
CA ILE C 677 -3.05 -78.86 -31.28
C ILE C 677 -3.47 -79.32 -32.66
N SER C 678 -2.66 -80.16 -33.29
CA SER C 678 -3.03 -80.74 -34.56
C SER C 678 -4.21 -81.69 -34.44
N ARG C 679 -4.40 -82.29 -33.26
CA ARG C 679 -5.52 -83.19 -33.08
C ARG C 679 -6.82 -82.40 -32.99
N ALA C 680 -6.75 -81.13 -32.59
CA ALA C 680 -7.95 -80.37 -32.35
C ALA C 680 -8.54 -79.73 -33.60
N SER C 681 -7.70 -79.38 -34.58
CA SER C 681 -8.21 -78.63 -35.72
C SER C 681 -9.04 -79.49 -36.65
N GLN C 682 -9.71 -78.83 -37.58
CA GLN C 682 -10.47 -79.52 -38.61
C GLN C 682 -9.73 -79.58 -39.94
N THR C 683 -8.80 -78.65 -40.16
CA THR C 683 -7.98 -78.68 -41.36
C THR C 683 -7.06 -79.89 -41.36
N MET C 684 -6.57 -80.28 -40.18
CA MET C 684 -5.82 -81.53 -40.07
C MET C 684 -6.69 -82.73 -40.42
N ALA C 685 -7.97 -82.70 -40.02
CA ALA C 685 -8.86 -83.80 -40.37
C ALA C 685 -9.10 -83.85 -41.88
N LYS C 686 -9.26 -82.68 -42.51
CA LYS C 686 -9.48 -82.63 -43.95
C LYS C 686 -8.28 -83.15 -44.72
N CYS C 687 -7.08 -82.73 -44.33
CA CYS C 687 -5.91 -83.23 -45.02
C CYS C 687 -5.59 -84.67 -44.68
N VAL C 688 -6.01 -85.16 -43.51
CA VAL C 688 -5.83 -86.58 -43.20
C VAL C 688 -6.73 -87.44 -44.08
N LYS C 689 -8.01 -87.07 -44.23
CA LYS C 689 -8.84 -87.84 -45.16
C LYS C 689 -8.42 -87.62 -46.60
N ALA C 690 -7.76 -86.50 -46.90
CA ALA C 690 -7.18 -86.29 -48.21
C ALA C 690 -6.03 -87.24 -48.47
N VAL C 691 -5.21 -87.49 -47.44
CA VAL C 691 -4.10 -88.42 -47.61
C VAL C 691 -4.60 -89.85 -47.73
N THR C 692 -5.58 -90.22 -46.91
CA THR C 692 -6.04 -91.61 -46.90
C THR C 692 -6.84 -91.94 -48.16
N GLU C 693 -7.78 -91.07 -48.54
CA GLU C 693 -8.65 -91.38 -49.68
C GLU C 693 -8.59 -90.30 -50.75
N ALA D 1 30.00 33.12 24.55
CA ALA D 1 30.11 34.54 24.85
C ALA D 1 29.72 34.80 26.29
N ARG D 2 29.48 33.69 27.01
CA ARG D 2 29.12 33.59 28.44
C ARG D 2 27.68 34.04 28.71
N GLN D 3 27.05 34.66 27.72
CA GLN D 3 25.61 34.79 27.70
C GLN D 3 25.03 33.48 27.21
N TRP D 4 24.30 32.78 28.08
CA TRP D 4 23.86 31.43 27.78
C TRP D 4 22.80 31.41 26.69
N GLN D 5 22.92 30.46 25.77
CA GLN D 5 21.89 30.33 24.78
C GLN D 5 21.25 28.95 24.84
N PRO D 6 19.96 28.85 24.51
CA PRO D 6 19.29 27.55 24.54
C PRO D 6 19.83 26.60 23.49
N ASP D 7 19.50 25.32 23.68
CA ASP D 7 20.27 24.29 23.01
C ASP D 7 19.41 23.31 22.24
N VAL D 8 20.06 22.24 21.79
CA VAL D 8 19.40 21.23 20.98
C VAL D 8 18.36 20.46 21.79
N GLU D 9 18.57 20.32 23.10
CA GLU D 9 17.55 19.64 23.90
C GLU D 9 16.34 20.53 24.14
N TRP D 10 16.53 21.85 24.27
CA TRP D 10 15.40 22.78 24.23
C TRP D 10 14.67 22.70 22.89
N ALA D 11 15.43 22.54 21.80
CA ALA D 11 14.83 22.43 20.49
C ALA D 11 14.00 21.15 20.36
N GLU D 12 14.53 20.05 20.88
CA GLU D 12 13.83 18.78 20.83
C GLU D 12 12.62 18.78 21.75
N GLN D 13 12.65 19.57 22.82
CA GLN D 13 11.42 19.86 23.54
C GLN D 13 10.44 20.61 22.64
N TYR D 14 10.92 21.67 22.01
CA TYR D 14 10.09 22.56 21.20
C TYR D 14 9.84 22.03 19.81
N GLY D 15 10.40 20.87 19.47
CA GLY D 15 10.15 20.29 18.16
C GLY D 15 9.44 18.98 18.27
N GLY D 16 8.78 18.56 17.19
CA GLY D 16 8.09 17.29 17.18
C GLY D 16 6.63 17.41 16.79
N ALA D 17 5.79 16.55 17.37
CA ALA D 17 4.37 16.55 17.04
C ALA D 17 3.57 17.39 18.03
N VAL D 18 3.57 17.01 19.30
CA VAL D 18 2.89 17.77 20.33
C VAL D 18 3.92 18.14 21.39
N MET D 19 3.51 19.03 22.29
CA MET D 19 4.44 19.44 23.34
C MET D 19 4.44 18.44 24.49
N TYR D 20 3.30 18.23 25.12
CA TYR D 20 3.22 17.37 26.29
C TYR D 20 2.86 15.96 25.87
N PRO D 21 3.71 14.97 26.09
CA PRO D 21 3.39 13.61 25.68
C PRO D 21 2.45 12.95 26.68
N THR D 22 1.80 11.89 26.21
CA THR D 22 1.04 10.99 27.07
C THR D 22 1.52 9.57 26.85
N LYS D 23 0.76 8.59 27.32
CA LYS D 23 1.01 7.21 26.95
C LYS D 23 0.55 6.88 25.53
N GLU D 24 0.01 7.84 24.80
CA GLU D 24 -0.49 7.66 23.46
C GLU D 24 0.38 8.38 22.42
N THR D 25 1.46 8.99 22.87
CA THR D 25 2.18 10.00 22.08
C THR D 25 2.97 9.43 20.91
N ALA D 26 3.10 8.11 20.80
CA ALA D 26 3.80 7.56 19.65
C ALA D 26 2.96 7.68 18.38
N HIS D 27 1.64 7.70 18.51
CA HIS D 27 0.78 7.65 17.34
C HIS D 27 0.76 8.99 16.61
N TRP D 28 0.86 10.09 17.35
CA TRP D 28 1.04 11.38 16.68
C TRP D 28 2.42 11.42 16.07
N LYS D 29 2.46 11.44 14.79
CA LYS D 29 3.69 11.31 14.05
C LYS D 29 4.18 12.69 13.62
N PRO D 30 5.49 12.86 13.43
CA PRO D 30 6.00 14.15 12.95
C PRO D 30 5.53 14.43 11.54
N PRO D 31 4.79 15.51 11.34
CA PRO D 31 4.12 15.76 10.07
C PRO D 31 5.11 16.19 9.01
N PRO D 32 4.79 15.97 7.73
CA PRO D 32 5.75 16.29 6.67
C PRO D 32 5.85 17.78 6.44
N TRP D 33 6.73 18.13 5.50
CA TRP D 33 7.15 19.50 5.30
C TRP D 33 6.64 20.12 4.02
N ASN D 34 6.37 19.32 3.00
CA ASN D 34 5.57 19.76 1.87
C ASN D 34 4.10 19.45 2.08
N ASP D 35 3.75 18.91 3.25
CA ASP D 35 2.41 18.47 3.64
C ASP D 35 1.86 17.39 2.71
N VAL D 36 2.72 16.69 1.99
CA VAL D 36 2.34 15.64 1.08
C VAL D 36 3.09 14.40 1.49
N ASP D 37 2.37 13.29 1.64
CA ASP D 37 3.02 12.02 1.88
C ASP D 37 3.19 11.27 0.56
N PRO D 38 4.42 11.07 0.08
CA PRO D 38 4.61 10.40 -1.22
C PRO D 38 4.23 8.93 -1.21
N PRO D 39 4.70 8.05 -0.24
CA PRO D 39 4.37 6.63 -0.41
C PRO D 39 2.91 6.33 -0.05
N LYS D 40 2.11 6.08 -1.07
CA LYS D 40 0.75 5.62 -0.84
C LYS D 40 0.37 4.68 -1.96
N ASP D 41 0.21 3.40 -1.62
CA ASP D 41 -0.08 2.38 -2.62
C ASP D 41 -0.68 1.18 -1.90
N THR D 42 -1.88 0.78 -2.31
CA THR D 42 -2.49 -0.41 -1.74
C THR D 42 -3.18 -1.27 -2.80
N LEU D 43 -2.77 -1.12 -4.07
CA LEU D 43 -3.08 -2.04 -5.17
C LEU D 43 -4.59 -2.13 -5.45
N VAL D 44 -5.12 -1.03 -5.98
CA VAL D 44 -6.56 -0.86 -6.19
C VAL D 44 -6.79 -1.11 -7.69
N SER D 45 -5.97 -1.98 -8.26
CA SER D 45 -5.82 -2.09 -9.71
C SER D 45 -6.92 -2.89 -10.39
N ASN D 46 -6.63 -3.32 -11.62
CA ASN D 46 -7.58 -3.82 -12.61
C ASN D 46 -8.44 -4.98 -12.11
N LEU D 47 -9.53 -5.21 -12.82
CA LEU D 47 -10.47 -6.28 -12.47
C LEU D 47 -10.78 -7.13 -13.69
N THR D 48 -11.00 -8.41 -13.45
CA THR D 48 -10.95 -9.40 -14.51
C THR D 48 -12.33 -9.69 -15.06
N LEU D 49 -12.35 -10.24 -16.27
CA LEU D 49 -13.57 -10.70 -16.89
C LEU D 49 -13.21 -11.78 -17.89
N ASN D 50 -13.99 -12.86 -17.88
CA ASN D 50 -13.78 -14.00 -18.78
C ASN D 50 -14.77 -13.91 -19.92
N PHE D 51 -14.47 -13.02 -20.86
CA PHE D 51 -15.25 -12.90 -22.08
C PHE D 51 -14.96 -14.13 -22.91
N GLY D 52 -15.74 -15.19 -22.72
CA GLY D 52 -15.23 -16.51 -23.04
C GLY D 52 -15.79 -17.16 -24.28
N PRO D 53 -16.08 -18.46 -24.17
CA PRO D 53 -16.20 -19.33 -25.35
C PRO D 53 -17.40 -19.11 -26.26
N GLN D 54 -18.61 -19.12 -25.70
CA GLN D 54 -19.81 -19.28 -26.51
C GLN D 54 -20.46 -17.96 -26.90
N HIS D 55 -19.90 -16.84 -26.46
CA HIS D 55 -20.48 -15.54 -26.74
C HIS D 55 -20.40 -15.25 -28.24
N PRO D 56 -21.42 -14.60 -28.82
CA PRO D 56 -21.44 -14.42 -30.29
C PRO D 56 -20.43 -13.42 -30.81
N ALA D 57 -20.11 -12.37 -30.06
CA ALA D 57 -19.06 -11.46 -30.51
C ALA D 57 -17.69 -12.11 -30.45
N ALA D 58 -17.48 -13.05 -29.53
CA ALA D 58 -16.31 -13.90 -29.59
C ALA D 58 -16.49 -14.83 -30.79
N HIS D 59 -15.96 -14.41 -31.93
CA HIS D 59 -16.24 -15.05 -33.21
C HIS D 59 -15.65 -16.44 -33.23
N GLY D 60 -16.51 -17.44 -33.14
CA GLY D 60 -16.07 -18.81 -32.91
C GLY D 60 -16.01 -19.06 -31.42
N VAL D 61 -14.90 -19.64 -30.96
CA VAL D 61 -14.67 -19.84 -29.55
C VAL D 61 -13.30 -19.30 -29.19
N LEU D 62 -13.27 -18.45 -28.17
CA LEU D 62 -12.10 -17.63 -27.88
C LEU D 62 -12.21 -17.20 -26.43
N ARG D 63 -11.33 -17.68 -25.58
CA ARG D 63 -11.34 -17.20 -24.23
C ARG D 63 -10.61 -15.88 -24.21
N LEU D 64 -11.22 -14.86 -23.61
CA LEU D 64 -10.58 -13.56 -23.54
C LEU D 64 -10.60 -13.17 -22.08
N VAL D 65 -9.46 -13.24 -21.41
CA VAL D 65 -9.36 -12.71 -20.07
C VAL D 65 -9.01 -11.24 -20.25
N MET D 66 -9.99 -10.37 -20.10
CA MET D 66 -9.72 -8.95 -20.10
C MET D 66 -9.61 -8.47 -18.66
N GLU D 67 -8.45 -7.93 -18.31
CA GLU D 67 -8.20 -7.40 -16.98
C GLU D 67 -8.24 -5.90 -17.16
N LEU D 68 -9.41 -5.33 -17.02
CA LEU D 68 -9.66 -3.99 -17.48
C LEU D 68 -9.63 -2.99 -16.33
N SER D 69 -9.47 -1.70 -16.67
CA SER D 69 -10.18 -0.71 -15.89
C SER D 69 -11.48 -0.40 -16.64
N GLY D 70 -12.51 -0.06 -15.86
CA GLY D 70 -13.91 -0.22 -16.19
C GLY D 70 -14.41 0.43 -17.46
N GLU D 71 -14.68 -0.40 -18.48
CA GLU D 71 -15.03 -0.01 -19.85
C GLU D 71 -13.97 0.89 -20.51
N MET D 72 -12.77 0.88 -19.94
CA MET D 72 -11.60 1.49 -20.55
C MET D 72 -10.46 0.74 -19.88
N VAL D 73 -9.96 -0.30 -20.56
CA VAL D 73 -9.21 -1.51 -20.19
C VAL D 73 -7.91 -1.29 -19.43
N ARG D 74 -7.21 -2.39 -19.10
CA ARG D 74 -5.79 -2.32 -18.82
C ARG D 74 -5.00 -3.39 -19.57
N LYS D 75 -5.55 -4.59 -19.71
CA LYS D 75 -4.89 -5.70 -20.37
C LYS D 75 -5.91 -6.57 -21.04
N CYS D 76 -5.48 -7.22 -22.12
CA CYS D 76 -6.26 -8.22 -22.81
C CYS D 76 -5.41 -9.47 -22.98
N ASP D 77 -6.01 -10.63 -22.76
CA ASP D 77 -5.29 -11.90 -22.79
C ASP D 77 -6.08 -12.89 -23.64
N PRO D 78 -5.63 -13.16 -24.86
CA PRO D 78 -6.34 -14.10 -25.75
C PRO D 78 -6.03 -15.55 -25.44
N HIS D 79 -6.66 -16.07 -24.38
CA HIS D 79 -6.53 -17.47 -24.04
C HIS D 79 -7.28 -18.29 -25.09
N ILE D 80 -6.52 -18.80 -26.03
CA ILE D 80 -7.04 -19.66 -27.08
C ILE D 80 -6.50 -21.05 -26.82
N GLY D 81 -7.17 -22.04 -27.39
CA GLY D 81 -6.70 -23.40 -27.31
C GLY D 81 -7.88 -24.28 -27.04
N LEU D 82 -9.04 -23.65 -26.94
CA LEU D 82 -10.24 -24.42 -26.66
C LEU D 82 -10.67 -25.21 -27.87
N LEU D 83 -10.29 -24.74 -29.05
CA LEU D 83 -10.54 -25.48 -30.28
C LEU D 83 -9.29 -26.24 -30.71
N HIS D 84 -8.67 -26.99 -29.79
CA HIS D 84 -7.45 -27.72 -30.09
C HIS D 84 -7.75 -29.17 -30.38
N ARG D 85 -7.32 -29.65 -31.53
CA ARG D 85 -7.81 -30.93 -32.00
C ARG D 85 -6.74 -31.99 -32.17
N GLY D 86 -5.56 -31.64 -32.68
CA GLY D 86 -4.50 -32.63 -32.77
C GLY D 86 -4.18 -33.04 -34.19
N THR D 87 -4.30 -32.07 -35.08
CA THR D 87 -4.13 -32.32 -36.51
C THR D 87 -2.71 -32.73 -36.83
N GLU D 88 -1.74 -32.15 -36.12
CA GLU D 88 -0.35 -32.43 -36.47
C GLU D 88 0.05 -33.83 -36.04
N LYS D 89 -0.45 -34.27 -34.89
CA LYS D 89 -0.24 -35.65 -34.45
C LYS D 89 -0.92 -36.64 -35.40
N LEU D 90 -2.15 -36.32 -35.82
CA LEU D 90 -2.86 -37.22 -36.71
C LEU D 90 -2.20 -37.31 -38.08
N ILE D 91 -1.68 -36.20 -38.61
CA ILE D 91 -1.02 -36.26 -39.89
C ILE D 91 0.36 -36.88 -39.77
N GLU D 92 0.95 -36.92 -38.58
CA GLU D 92 2.08 -37.85 -38.39
C GLU D 92 1.64 -39.29 -38.59
N TYR D 93 0.48 -39.67 -38.06
CA TYR D 93 0.13 -41.10 -38.18
C TYR D 93 -0.71 -41.43 -39.39
N LYS D 94 -0.61 -40.70 -40.49
CA LYS D 94 -1.33 -41.07 -41.71
C LYS D 94 -0.43 -40.90 -42.92
N THR D 95 -1.03 -40.98 -44.09
CA THR D 95 -0.40 -40.70 -45.37
C THR D 95 -1.02 -39.46 -45.99
N TYR D 96 -0.46 -39.07 -47.14
CA TYR D 96 -0.77 -37.78 -47.75
C TYR D 96 -2.20 -37.72 -48.26
N LEU D 97 -2.54 -38.68 -49.10
CA LEU D 97 -3.87 -38.76 -49.71
C LEU D 97 -4.96 -38.97 -48.66
N GLN D 98 -4.60 -39.61 -47.55
CA GLN D 98 -5.58 -39.80 -46.50
C GLN D 98 -5.72 -38.57 -45.62
N ALA D 99 -4.63 -37.85 -45.36
CA ALA D 99 -4.68 -36.71 -44.46
C ALA D 99 -4.99 -35.41 -45.16
N LEU D 100 -5.33 -35.47 -46.44
CA LEU D 100 -5.83 -34.28 -47.13
C LEU D 100 -7.10 -33.63 -46.54
N PRO D 101 -8.12 -34.36 -46.06
CA PRO D 101 -9.25 -33.64 -45.46
C PRO D 101 -8.97 -32.98 -44.13
N TYR D 102 -7.84 -33.23 -43.48
CA TYR D 102 -7.48 -32.36 -42.36
C TYR D 102 -7.17 -30.95 -42.84
N PHE D 103 -6.71 -30.81 -44.07
CA PHE D 103 -6.56 -29.49 -44.66
C PHE D 103 -7.82 -29.01 -45.35
N ASP D 104 -8.76 -29.91 -45.63
CA ASP D 104 -10.13 -29.42 -45.86
C ASP D 104 -10.68 -28.76 -44.60
N ARG D 105 -10.51 -29.43 -43.47
CA ARG D 105 -11.21 -29.14 -42.23
C ARG D 105 -10.40 -28.26 -41.30
N LEU D 106 -9.20 -27.84 -41.69
CA LEU D 106 -8.41 -27.00 -40.82
C LEU D 106 -8.95 -25.58 -40.87
N ASP D 107 -8.83 -24.94 -42.01
CA ASP D 107 -9.65 -23.77 -42.24
C ASP D 107 -11.05 -24.26 -42.55
N TYR D 108 -12.02 -23.39 -42.31
CA TYR D 108 -13.38 -23.81 -42.52
C TYR D 108 -14.20 -22.72 -43.21
N VAL D 109 -13.55 -21.78 -43.85
CA VAL D 109 -14.20 -20.88 -44.80
C VAL D 109 -13.53 -20.96 -46.16
N SER D 110 -12.22 -20.74 -46.21
CA SER D 110 -11.47 -20.85 -47.46
C SER D 110 -11.25 -22.34 -47.73
N MET D 111 -12.30 -22.98 -48.22
CA MET D 111 -12.34 -24.43 -48.34
C MET D 111 -11.50 -24.96 -49.49
N MET D 112 -10.97 -24.10 -50.35
CA MET D 112 -10.25 -24.56 -51.52
C MET D 112 -8.84 -24.04 -51.60
N CYS D 113 -8.58 -22.83 -51.14
CA CYS D 113 -7.24 -22.27 -51.26
C CYS D 113 -6.26 -22.96 -50.35
N ASN D 114 -6.71 -23.43 -49.19
CA ASN D 114 -5.79 -24.17 -48.33
C ASN D 114 -5.51 -25.56 -48.88
N GLU D 115 -6.49 -26.14 -49.57
CA GLU D 115 -6.23 -27.33 -50.35
C GLU D 115 -5.22 -27.07 -51.45
N GLN D 116 -5.35 -25.92 -52.11
CA GLN D 116 -4.39 -25.51 -53.12
C GLN D 116 -3.01 -25.37 -52.52
N ALA D 117 -2.92 -24.84 -51.31
CA ALA D 117 -1.64 -24.70 -50.61
C ALA D 117 -1.02 -26.05 -50.33
N TYR D 118 -1.82 -27.01 -49.86
CA TYR D 118 -1.27 -28.32 -49.54
C TYR D 118 -0.86 -29.08 -50.79
N SER D 119 -1.69 -29.05 -51.83
CA SER D 119 -1.34 -29.73 -53.06
C SER D 119 -0.16 -29.05 -53.75
N LEU D 120 -0.01 -27.74 -53.59
CA LEU D 120 1.17 -27.08 -54.11
C LEU D 120 2.42 -27.42 -53.31
N ALA D 121 2.27 -27.65 -52.00
CA ALA D 121 3.41 -28.09 -51.22
C ALA D 121 3.89 -29.45 -51.68
N VAL D 122 2.94 -30.36 -51.91
CA VAL D 122 3.30 -31.70 -52.36
C VAL D 122 3.88 -31.68 -53.77
N GLU D 123 3.33 -30.85 -54.65
CA GLU D 123 3.84 -30.83 -56.01
C GLU D 123 5.12 -30.02 -56.17
N LYS D 124 5.35 -29.05 -55.29
CA LYS D 124 6.64 -28.37 -55.27
C LYS D 124 7.69 -29.27 -54.66
N LEU D 125 7.27 -30.20 -53.81
CA LEU D 125 8.19 -31.22 -53.34
C LEU D 125 8.47 -32.24 -54.44
N LEU D 126 7.49 -32.53 -55.26
CA LEU D 126 7.51 -33.75 -56.05
C LEU D 126 7.93 -33.54 -57.49
N ASN D 127 8.13 -32.27 -57.89
CA ASN D 127 8.55 -31.87 -59.25
C ASN D 127 7.55 -32.36 -60.30
N ILE D 128 6.33 -31.83 -60.22
CA ILE D 128 5.25 -32.12 -61.15
C ILE D 128 4.55 -30.82 -61.48
N GLN D 129 4.37 -30.54 -62.76
CA GLN D 129 3.52 -29.44 -63.17
C GLN D 129 2.26 -30.00 -63.81
N PRO D 130 1.08 -29.75 -63.26
CA PRO D 130 -0.16 -30.29 -63.84
C PRO D 130 -0.50 -29.56 -65.13
N PRO D 131 -1.33 -30.15 -66.01
CA PRO D 131 -1.64 -29.48 -67.28
C PRO D 131 -2.50 -28.25 -67.04
N PRO D 132 -2.45 -27.27 -67.94
CA PRO D 132 -2.90 -25.92 -67.57
C PRO D 132 -4.41 -25.75 -67.41
N ARG D 133 -5.24 -26.68 -67.89
CA ARG D 133 -6.67 -26.54 -67.60
C ARG D 133 -6.94 -26.72 -66.12
N ALA D 134 -6.22 -27.63 -65.47
CA ALA D 134 -6.29 -27.76 -64.03
C ALA D 134 -5.78 -26.51 -63.34
N GLN D 135 -4.76 -25.86 -63.91
CA GLN D 135 -4.24 -24.63 -63.33
C GLN D 135 -5.26 -23.50 -63.39
N TRP D 136 -5.95 -23.35 -64.53
CA TRP D 136 -6.93 -22.28 -64.64
C TRP D 136 -8.17 -22.57 -63.81
N ILE D 137 -8.56 -23.83 -63.67
CA ILE D 137 -9.70 -24.15 -62.80
C ILE D 137 -9.33 -23.93 -61.34
N ARG D 138 -8.09 -24.23 -60.98
CA ARG D 138 -7.60 -23.94 -59.63
C ARG D 138 -7.57 -22.45 -59.34
N VAL D 139 -7.17 -21.64 -60.34
CA VAL D 139 -7.21 -20.18 -60.20
C VAL D 139 -8.65 -19.68 -60.05
N LEU D 140 -9.56 -20.24 -60.85
CA LEU D 140 -10.97 -19.89 -60.80
C LEU D 140 -11.56 -20.13 -59.42
N PHE D 141 -11.37 -21.33 -58.89
CA PHE D 141 -11.91 -21.60 -57.56
C PHE D 141 -11.14 -20.90 -56.46
N GLY D 142 -9.87 -20.55 -56.69
CA GLY D 142 -9.19 -19.69 -55.75
C GLY D 142 -9.86 -18.34 -55.63
N GLU D 143 -10.25 -17.75 -56.75
CA GLU D 143 -10.89 -16.45 -56.67
C GLU D 143 -12.30 -16.54 -56.14
N ILE D 144 -13.03 -17.59 -56.50
CA ILE D 144 -14.39 -17.76 -55.99
C ILE D 144 -14.39 -18.00 -54.49
N THR D 145 -13.45 -18.80 -53.99
CA THR D 145 -13.44 -19.05 -52.56
C THR D 145 -12.90 -17.86 -51.80
N ARG D 146 -12.00 -17.10 -52.42
CA ARG D 146 -11.52 -15.85 -51.82
C ARG D 146 -12.65 -14.85 -51.72
N LEU D 147 -13.53 -14.83 -52.72
CA LEU D 147 -14.72 -14.01 -52.69
C LEU D 147 -15.64 -14.38 -51.55
N LEU D 148 -15.86 -15.68 -51.37
CA LEU D 148 -16.67 -16.18 -50.27
C LEU D 148 -16.08 -15.80 -48.91
N ASN D 149 -14.76 -15.88 -48.78
CA ASN D 149 -14.15 -15.61 -47.48
C ASN D 149 -14.20 -14.12 -47.14
N HIS D 150 -13.92 -13.26 -48.13
CA HIS D 150 -14.02 -11.82 -47.86
C HIS D 150 -15.45 -11.40 -47.56
N ILE D 151 -16.43 -12.02 -48.21
CA ILE D 151 -17.79 -11.59 -47.93
C ILE D 151 -18.24 -12.09 -46.57
N MET D 152 -17.70 -13.22 -46.09
CA MET D 152 -18.05 -13.61 -44.73
C MET D 152 -17.33 -12.73 -43.71
N ALA D 153 -16.12 -12.25 -44.04
CA ALA D 153 -15.43 -11.33 -43.14
C ALA D 153 -16.21 -10.05 -42.95
N VAL D 154 -16.69 -9.46 -44.06
CA VAL D 154 -17.53 -8.28 -43.99
C VAL D 154 -18.82 -8.57 -43.22
N THR D 155 -19.38 -9.75 -43.44
CA THR D 155 -20.64 -10.12 -42.81
C THR D 155 -20.51 -10.27 -41.30
N THR D 156 -19.50 -10.99 -40.84
CA THR D 156 -19.41 -11.23 -39.40
C THR D 156 -18.93 -10.00 -38.66
N HIS D 157 -18.16 -9.11 -39.32
CA HIS D 157 -17.90 -7.83 -38.70
C HIS D 157 -19.17 -7.00 -38.59
N ALA D 158 -20.07 -7.11 -39.57
CA ALA D 158 -21.35 -6.42 -39.47
C ALA D 158 -22.19 -6.96 -38.33
N LEU D 159 -22.16 -8.28 -38.12
CA LEU D 159 -22.88 -8.88 -36.99
C LEU D 159 -22.32 -8.41 -35.65
N ASP D 160 -21.00 -8.28 -35.57
CA ASP D 160 -20.39 -7.81 -34.33
C ASP D 160 -20.74 -6.36 -34.06
N ILE D 161 -20.84 -5.56 -35.12
CA ILE D 161 -21.04 -4.13 -34.93
C ILE D 161 -22.52 -3.77 -34.88
N GLY D 162 -23.41 -4.69 -35.18
CA GLY D 162 -24.82 -4.38 -35.24
C GLY D 162 -25.42 -4.96 -36.50
N ALA D 163 -25.92 -4.08 -37.38
CA ALA D 163 -25.96 -4.21 -38.84
C ALA D 163 -26.48 -5.58 -39.30
N MET D 164 -27.75 -5.82 -39.00
CA MET D 164 -28.24 -7.18 -39.09
C MET D 164 -28.57 -7.60 -40.51
N THR D 165 -28.88 -6.68 -41.41
CA THR D 165 -29.30 -7.11 -42.75
C THR D 165 -28.26 -7.55 -43.81
N PRO D 166 -27.03 -7.00 -43.91
CA PRO D 166 -26.14 -7.48 -44.99
C PRO D 166 -25.68 -8.90 -44.78
N PHE D 167 -25.71 -9.36 -43.53
CA PHE D 167 -25.75 -10.77 -43.17
C PHE D 167 -26.68 -11.58 -44.06
N PHE D 168 -27.96 -11.20 -44.07
CA PHE D 168 -28.95 -11.99 -44.79
C PHE D 168 -28.77 -11.90 -46.30
N TRP D 169 -28.45 -10.70 -46.80
CA TRP D 169 -28.27 -10.53 -48.24
C TRP D 169 -27.10 -11.35 -48.76
N MET D 170 -25.94 -11.18 -48.14
CA MET D 170 -24.78 -11.86 -48.66
C MET D 170 -24.75 -13.32 -48.29
N PHE D 171 -25.56 -13.76 -47.32
CA PHE D 171 -25.68 -15.19 -47.18
C PHE D 171 -26.62 -15.83 -48.17
N GLU D 172 -27.56 -15.07 -48.76
CA GLU D 172 -28.23 -15.65 -49.93
C GLU D 172 -27.24 -15.82 -51.08
N GLU D 173 -26.35 -14.84 -51.26
CA GLU D 173 -25.30 -14.99 -52.27
C GLU D 173 -24.39 -16.17 -51.97
N ARG D 174 -24.06 -16.37 -50.70
CA ARG D 174 -23.20 -17.49 -50.34
C ARG D 174 -23.94 -18.83 -50.43
N GLU D 175 -25.27 -18.82 -50.37
CA GLU D 175 -26.01 -20.04 -50.68
C GLU D 175 -25.89 -20.39 -52.15
N LYS D 176 -25.87 -19.38 -53.02
CA LYS D 176 -25.56 -19.66 -54.43
C LYS D 176 -24.16 -20.24 -54.60
N MET D 177 -23.21 -19.72 -53.82
CA MET D 177 -21.85 -20.24 -53.83
C MET D 177 -21.79 -21.70 -53.41
N PHE D 178 -22.51 -22.06 -52.36
CA PHE D 178 -22.56 -23.44 -51.95
C PHE D 178 -23.29 -24.32 -52.95
N GLU D 179 -24.23 -23.74 -53.72
CA GLU D 179 -24.81 -24.50 -54.83
C GLU D 179 -23.75 -24.81 -55.87
N PHE D 180 -22.85 -23.87 -56.12
CA PHE D 180 -21.76 -24.14 -57.06
C PHE D 180 -20.86 -25.25 -56.56
N TYR D 181 -20.53 -25.25 -55.27
CA TYR D 181 -19.74 -26.35 -54.72
C TYR D 181 -20.49 -27.68 -54.76
N GLU D 182 -21.80 -27.64 -54.56
CA GLU D 182 -22.65 -28.83 -54.70
C GLU D 182 -22.52 -29.40 -56.11
N ARG D 183 -22.72 -28.57 -57.12
CA ARG D 183 -22.72 -29.08 -58.48
C ARG D 183 -21.32 -29.43 -58.95
N VAL D 184 -20.29 -28.93 -58.28
CA VAL D 184 -18.92 -29.28 -58.67
C VAL D 184 -18.47 -30.59 -58.06
N SER D 185 -18.52 -30.70 -56.73
CA SER D 185 -17.88 -31.83 -56.08
C SER D 185 -18.85 -32.71 -55.31
N GLY D 186 -20.13 -32.40 -55.29
CA GLY D 186 -21.03 -33.11 -54.42
C GLY D 186 -20.79 -32.82 -52.96
N ALA D 187 -20.31 -31.63 -52.65
CA ALA D 187 -20.08 -31.23 -51.28
C ALA D 187 -20.80 -29.93 -51.02
N ARG D 188 -21.27 -29.77 -49.80
CA ARG D 188 -21.86 -28.50 -49.44
C ARG D 188 -20.81 -27.50 -49.01
N MET D 189 -19.85 -27.93 -48.20
CA MET D 189 -18.90 -27.01 -47.59
C MET D 189 -17.46 -27.50 -47.65
N HIS D 190 -17.23 -28.78 -47.80
CA HIS D 190 -15.87 -29.33 -47.80
C HIS D 190 -15.69 -30.19 -49.03
N ALA D 191 -15.37 -29.53 -50.14
CA ALA D 191 -14.88 -30.22 -51.31
C ALA D 191 -13.43 -30.60 -51.09
N ALA D 192 -13.13 -31.88 -51.11
CA ALA D 192 -11.73 -32.23 -51.17
C ALA D 192 -11.18 -31.74 -52.49
N TYR D 193 -11.53 -32.44 -53.57
CA TYR D 193 -11.60 -31.97 -54.95
C TYR D 193 -10.27 -31.53 -55.57
N VAL D 194 -9.25 -31.32 -54.76
CA VAL D 194 -7.96 -30.84 -55.22
C VAL D 194 -6.95 -31.87 -54.74
N ARG D 195 -6.72 -32.83 -55.54
CA ARG D 195 -5.73 -33.82 -55.14
C ARG D 195 -4.35 -33.33 -55.54
N PRO D 196 -3.33 -33.79 -54.86
CA PRO D 196 -1.99 -33.67 -55.43
C PRO D 196 -1.93 -34.44 -56.72
N GLY D 197 -1.76 -33.71 -57.81
CA GLY D 197 -2.14 -34.20 -59.11
C GLY D 197 -3.21 -33.34 -59.74
N GLY D 198 -3.70 -32.35 -59.03
CA GLY D 198 -4.58 -31.37 -59.62
C GLY D 198 -6.02 -31.58 -59.24
N VAL D 199 -6.87 -30.85 -59.97
CA VAL D 199 -8.30 -31.00 -59.87
C VAL D 199 -8.68 -32.41 -60.27
N HIS D 200 -9.45 -33.08 -59.44
CA HIS D 200 -9.98 -34.39 -59.75
C HIS D 200 -11.46 -34.28 -60.07
N GLN D 201 -11.90 -35.04 -61.07
CA GLN D 201 -13.31 -35.17 -61.46
C GLN D 201 -13.88 -33.82 -61.88
N ASP D 202 -13.45 -33.39 -63.06
CA ASP D 202 -13.59 -32.00 -63.51
C ASP D 202 -15.02 -31.49 -63.63
N LEU D 203 -15.15 -30.20 -63.94
CA LEU D 203 -16.43 -29.54 -63.87
C LEU D 203 -17.35 -30.04 -64.99
N PRO D 204 -18.63 -30.25 -64.70
CA PRO D 204 -19.51 -30.94 -65.64
C PRO D 204 -20.03 -29.97 -66.69
N LEU D 205 -20.89 -30.50 -67.55
CA LEU D 205 -21.42 -29.71 -68.65
C LEU D 205 -22.44 -28.72 -68.13
N GLY D 206 -22.38 -27.49 -68.66
CA GLY D 206 -23.34 -26.46 -68.29
C GLY D 206 -23.11 -25.95 -66.89
N LEU D 207 -21.95 -25.34 -66.66
CA LEU D 207 -21.63 -24.80 -65.35
C LEU D 207 -21.10 -23.37 -65.49
N MET D 208 -20.42 -23.14 -66.60
CA MET D 208 -19.87 -21.83 -66.86
C MET D 208 -20.96 -20.80 -67.14
N ASP D 209 -22.13 -21.26 -67.60
CA ASP D 209 -23.32 -20.41 -67.62
C ASP D 209 -23.62 -19.87 -66.23
N ASP D 210 -23.61 -20.76 -65.24
CA ASP D 210 -23.92 -20.36 -63.88
C ASP D 210 -22.88 -19.41 -63.33
N ILE D 211 -21.60 -19.65 -63.63
CA ILE D 211 -20.56 -18.76 -63.14
C ILE D 211 -20.69 -17.37 -63.77
N TYR D 212 -21.05 -17.33 -65.05
CA TYR D 212 -21.22 -16.06 -65.75
C TYR D 212 -22.39 -15.26 -65.19
N GLU D 213 -23.51 -15.94 -64.94
CA GLU D 213 -24.68 -15.26 -64.39
C GLU D 213 -24.42 -14.78 -62.97
N PHE D 214 -23.71 -15.60 -62.18
CA PHE D 214 -23.32 -15.18 -60.85
C PHE D 214 -22.38 -13.99 -60.90
N SER D 215 -21.51 -13.91 -61.89
CA SER D 215 -20.58 -12.80 -62.00
C SER D 215 -21.32 -11.49 -62.20
N LYS D 216 -22.29 -11.48 -63.12
CA LYS D 216 -23.04 -10.25 -63.39
C LYS D 216 -23.87 -9.82 -62.18
N ASN D 217 -24.66 -10.76 -61.63
CA ASN D 217 -25.50 -10.43 -60.48
C ASN D 217 -24.68 -10.08 -59.25
N PHE D 218 -23.50 -10.65 -59.09
CA PHE D 218 -22.74 -10.35 -57.89
C PHE D 218 -22.03 -9.02 -57.98
N SER D 219 -21.63 -8.62 -59.19
CA SER D 219 -21.15 -7.26 -59.38
C SER D 219 -22.22 -6.25 -58.97
N LEU D 220 -23.47 -6.51 -59.37
CA LEU D 220 -24.56 -5.64 -58.93
C LEU D 220 -24.75 -5.68 -57.41
N ARG D 221 -24.69 -6.87 -56.82
CA ARG D 221 -24.93 -7.01 -55.39
C ARG D 221 -23.83 -6.38 -54.54
N ILE D 222 -22.59 -6.40 -55.02
CA ILE D 222 -21.55 -5.75 -54.23
C ILE D 222 -21.57 -4.24 -54.42
N ASP D 223 -22.04 -3.76 -55.57
CA ASP D 223 -22.33 -2.33 -55.69
C ASP D 223 -23.45 -1.94 -54.73
N GLU D 224 -24.39 -2.83 -54.49
CA GLU D 224 -25.46 -2.56 -53.54
C GLU D 224 -25.01 -2.66 -52.09
N LEU D 225 -23.96 -3.44 -51.80
CA LEU D 225 -23.39 -3.39 -50.46
C LEU D 225 -22.66 -2.07 -50.22
N GLU D 226 -21.90 -1.60 -51.23
CA GLU D 226 -21.33 -0.25 -51.14
C GLU D 226 -22.40 0.83 -51.05
N GLU D 227 -23.55 0.58 -51.68
CA GLU D 227 -24.71 1.46 -51.51
C GLU D 227 -25.18 1.49 -50.07
N MET D 228 -25.28 0.31 -49.46
CA MET D 228 -25.85 0.19 -48.12
C MET D 228 -24.93 0.82 -47.08
N LEU D 229 -23.73 0.31 -46.97
CA LEU D 229 -22.78 0.83 -45.99
C LEU D 229 -21.93 1.88 -46.70
N THR D 230 -20.77 2.25 -46.15
CA THR D 230 -19.71 2.98 -46.87
C THR D 230 -20.14 4.38 -47.27
N ASN D 231 -20.02 5.33 -46.32
CA ASN D 231 -20.63 6.66 -46.14
C ASN D 231 -21.97 6.55 -45.42
N ASN D 232 -22.19 5.43 -44.74
CA ASN D 232 -23.07 5.48 -43.59
C ASN D 232 -22.32 6.23 -42.49
N ARG D 233 -22.92 7.33 -42.00
CA ARG D 233 -22.28 8.17 -40.98
C ARG D 233 -22.03 7.39 -39.71
N ILE D 234 -23.00 6.56 -39.32
CA ILE D 234 -22.94 5.96 -38.00
C ILE D 234 -21.89 4.85 -37.97
N TRP D 235 -21.72 4.12 -39.08
CA TRP D 235 -20.74 3.04 -39.11
C TRP D 235 -19.32 3.59 -39.28
N ARG D 236 -19.19 4.60 -40.15
CA ARG D 236 -17.92 5.29 -40.32
C ARG D 236 -17.45 5.87 -38.99
N ASN D 237 -18.22 6.79 -38.42
CA ASN D 237 -17.78 7.45 -37.21
C ASN D 237 -17.85 6.54 -35.99
N ARG D 238 -18.52 5.40 -36.11
CA ARG D 238 -18.32 4.29 -35.19
C ARG D 238 -16.88 3.79 -35.22
N THR D 239 -16.37 3.47 -36.41
CA THR D 239 -15.02 2.91 -36.51
C THR D 239 -14.12 3.79 -37.37
N VAL D 240 -13.31 4.64 -36.74
CA VAL D 240 -12.34 5.44 -37.50
C VAL D 240 -10.92 5.13 -37.07
N ASP D 241 -10.60 5.45 -35.81
CA ASP D 241 -9.22 5.54 -35.36
C ASP D 241 -8.86 4.42 -34.39
N ILE D 242 -9.33 3.23 -34.67
CA ILE D 242 -9.06 2.07 -33.83
C ILE D 242 -8.21 1.09 -34.61
N GLY D 243 -7.27 0.45 -33.92
CA GLY D 243 -6.39 -0.49 -34.56
C GLY D 243 -5.37 0.16 -35.49
N VAL D 244 -4.76 1.26 -35.07
CA VAL D 244 -3.69 1.84 -35.84
C VAL D 244 -2.44 0.96 -35.73
N VAL D 245 -1.82 0.70 -36.87
CA VAL D 245 -0.67 -0.21 -36.93
C VAL D 245 0.42 0.48 -37.73
N THR D 246 1.51 0.83 -37.06
CA THR D 246 2.67 1.38 -37.74
C THR D 246 3.35 0.29 -38.56
N ALA D 247 4.16 0.71 -39.53
CA ALA D 247 4.75 -0.25 -40.47
C ALA D 247 5.87 -1.05 -39.83
N GLU D 248 6.63 -0.43 -38.93
CA GLU D 248 7.68 -1.11 -38.19
C GLU D 248 7.10 -2.25 -37.36
N ASP D 249 6.01 -1.96 -36.65
CA ASP D 249 5.32 -2.97 -35.87
C ASP D 249 4.62 -3.98 -36.76
N ALA D 250 4.11 -3.54 -37.91
CA ALA D 250 3.47 -4.46 -38.84
C ALA D 250 4.48 -5.46 -39.40
N LEU D 251 5.74 -5.07 -39.50
CA LEU D 251 6.74 -6.04 -39.89
C LEU D 251 7.11 -6.95 -38.73
N ASN D 252 7.56 -6.38 -37.62
CA ASN D 252 8.18 -7.21 -36.59
C ASN D 252 7.17 -7.97 -35.75
N TYR D 253 5.88 -7.63 -35.79
CA TYR D 253 4.85 -8.43 -35.15
C TYR D 253 4.35 -9.55 -36.05
N GLY D 254 4.95 -9.73 -37.22
CA GLY D 254 4.67 -10.91 -38.02
C GLY D 254 3.32 -10.94 -38.68
N PHE D 255 2.63 -9.81 -38.76
CA PHE D 255 1.40 -9.74 -39.53
C PHE D 255 1.67 -9.97 -41.00
N SER D 256 0.64 -10.33 -41.74
CA SER D 256 0.81 -10.71 -43.12
C SER D 256 -0.47 -10.53 -43.90
N GLY D 257 -0.33 -10.34 -45.20
CA GLY D 257 -1.46 -10.25 -46.09
C GLY D 257 -2.27 -8.98 -45.94
N VAL D 258 -3.53 -9.13 -45.53
CA VAL D 258 -4.52 -8.05 -45.53
C VAL D 258 -4.10 -6.92 -44.62
N MET D 259 -3.37 -7.22 -43.55
CA MET D 259 -2.82 -6.18 -42.71
C MET D 259 -1.76 -5.37 -43.45
N LEU D 260 -0.82 -6.05 -44.11
CA LEU D 260 0.28 -5.34 -44.74
C LEU D 260 -0.18 -4.59 -45.98
N ARG D 261 -1.22 -5.09 -46.65
CA ARG D 261 -1.91 -4.27 -47.63
C ARG D 261 -2.55 -3.07 -46.96
N GLY D 262 -3.19 -3.31 -45.82
CA GLY D 262 -4.05 -2.33 -45.19
C GLY D 262 -3.31 -1.23 -44.48
N SER D 263 -2.00 -1.35 -44.32
CA SER D 263 -1.23 -0.29 -43.67
C SER D 263 0.13 -0.21 -44.35
N GLY D 264 0.31 0.78 -45.20
CA GLY D 264 1.64 1.12 -45.64
C GLY D 264 2.16 0.34 -46.82
N ILE D 265 2.90 -0.73 -46.50
CA ILE D 265 3.81 -1.38 -47.43
C ILE D 265 3.07 -1.99 -48.60
N GLN D 266 3.72 -1.97 -49.78
CA GLN D 266 3.09 -2.42 -51.01
C GLN D 266 3.64 -3.81 -51.33
N TRP D 267 2.98 -4.82 -50.78
CA TRP D 267 3.41 -6.20 -50.89
C TRP D 267 2.26 -7.07 -51.38
N ASP D 268 2.56 -8.00 -52.29
CA ASP D 268 1.54 -8.93 -52.75
C ASP D 268 2.16 -10.25 -53.14
N LEU D 269 1.63 -11.32 -52.53
CA LEU D 269 2.12 -12.67 -52.81
C LEU D 269 1.79 -13.09 -54.23
N ARG D 270 0.58 -12.75 -54.69
CA ARG D 270 0.16 -13.10 -56.03
C ARG D 270 1.00 -12.38 -57.07
N LYS D 271 1.18 -11.08 -56.90
CA LYS D 271 1.88 -10.31 -57.91
C LYS D 271 3.39 -10.45 -57.83
N THR D 272 3.94 -10.98 -56.73
CA THR D 272 5.38 -11.09 -56.63
C THR D 272 5.90 -12.51 -56.63
N GLN D 273 5.05 -13.51 -56.44
CA GLN D 273 5.47 -14.92 -56.44
C GLN D 273 4.39 -15.73 -57.15
N PRO D 274 4.60 -16.05 -58.40
CA PRO D 274 3.61 -16.88 -59.08
C PRO D 274 3.64 -18.30 -58.58
N TYR D 275 2.66 -18.67 -57.75
CA TYR D 275 2.50 -20.05 -57.37
C TYR D 275 1.55 -20.80 -58.31
N ASP D 276 1.07 -20.14 -59.34
CA ASP D 276 0.08 -20.63 -60.28
C ASP D 276 0.23 -19.80 -61.55
N VAL D 277 -0.81 -19.74 -62.36
CA VAL D 277 -0.69 -19.17 -63.71
C VAL D 277 -0.99 -17.67 -63.65
N TYR D 278 -0.85 -17.07 -62.46
CA TYR D 278 -1.06 -15.64 -62.23
C TYR D 278 -0.19 -14.65 -63.00
N ASP D 279 0.75 -15.12 -63.82
CA ASP D 279 1.47 -14.18 -64.68
C ASP D 279 0.58 -13.60 -65.77
N GLN D 280 -0.35 -14.39 -66.29
CA GLN D 280 -1.13 -13.97 -67.44
C GLN D 280 -2.37 -13.21 -67.08
N VAL D 281 -2.83 -13.32 -65.84
CA VAL D 281 -3.98 -12.55 -65.41
C VAL D 281 -3.53 -11.17 -64.99
N GLU D 282 -4.44 -10.21 -65.07
CA GLU D 282 -4.11 -8.80 -64.85
C GLU D 282 -5.11 -8.21 -63.87
N PHE D 283 -4.62 -7.81 -62.72
CA PHE D 283 -5.45 -7.17 -61.72
C PHE D 283 -4.58 -6.17 -60.97
N ASP D 284 -5.16 -5.55 -59.96
CA ASP D 284 -4.38 -4.68 -59.08
C ASP D 284 -4.91 -4.79 -57.66
N VAL D 285 -3.99 -4.96 -56.73
CA VAL D 285 -4.31 -5.17 -55.32
C VAL D 285 -4.49 -3.80 -54.68
N PRO D 286 -5.49 -3.61 -53.83
CA PRO D 286 -5.62 -2.34 -53.13
C PRO D 286 -4.64 -2.25 -51.97
N ILE D 287 -4.29 -1.01 -51.64
CA ILE D 287 -3.36 -0.70 -50.57
C ILE D 287 -4.05 0.19 -49.56
N GLY D 288 -3.95 -0.16 -48.29
CA GLY D 288 -4.43 0.70 -47.23
C GLY D 288 -3.33 1.66 -46.82
N SER D 289 -3.71 2.90 -46.56
CA SER D 289 -2.73 3.94 -46.27
C SER D 289 -3.18 4.89 -45.18
N ARG D 290 -3.70 4.37 -44.07
CA ARG D 290 -3.95 5.38 -43.03
C ARG D 290 -3.41 5.09 -41.62
N GLY D 291 -3.49 3.87 -41.04
CA GLY D 291 -4.16 2.65 -41.42
C GLY D 291 -5.66 2.70 -41.28
N ASP D 292 -6.17 2.88 -40.05
CA ASP D 292 -7.58 3.19 -39.82
C ASP D 292 -8.57 2.17 -40.37
N CYS D 293 -8.83 1.11 -39.59
CA CYS D 293 -9.60 -0.10 -39.89
C CYS D 293 -10.73 0.01 -40.91
N TYR D 294 -11.44 1.14 -40.90
CA TYR D 294 -12.29 1.53 -42.03
C TYR D 294 -11.58 1.38 -43.38
N ASP D 295 -10.33 1.84 -43.47
CA ASP D 295 -9.63 1.76 -44.74
C ASP D 295 -9.24 0.33 -45.07
N ARG D 296 -9.00 -0.49 -44.04
CA ARG D 296 -8.79 -1.91 -44.24
C ARG D 296 -10.02 -2.60 -44.78
N TYR D 297 -11.19 -2.22 -44.26
CA TYR D 297 -12.46 -2.68 -44.79
C TYR D 297 -12.62 -2.32 -46.26
N LEU D 298 -12.23 -1.11 -46.62
CA LEU D 298 -12.28 -0.70 -48.02
C LEU D 298 -11.35 -1.54 -48.88
N CYS D 299 -10.20 -1.91 -48.31
CA CYS D 299 -9.27 -2.79 -49.02
C CYS D 299 -9.89 -4.16 -49.26
N ARG D 300 -10.65 -4.67 -48.29
CA ARG D 300 -11.32 -5.95 -48.50
C ARG D 300 -12.39 -5.86 -49.58
N VAL D 301 -13.14 -4.76 -49.61
CA VAL D 301 -14.18 -4.60 -50.64
C VAL D 301 -13.55 -4.54 -52.03
N GLU D 302 -12.44 -3.84 -52.17
CA GLU D 302 -11.84 -3.77 -53.49
C GLU D 302 -11.12 -5.05 -53.88
N GLU D 303 -10.65 -5.85 -52.91
CA GLU D 303 -10.19 -7.19 -53.28
C GLU D 303 -11.32 -8.06 -53.78
N MET D 304 -12.54 -7.86 -53.26
CA MET D 304 -13.69 -8.61 -53.79
C MET D 304 -13.97 -8.25 -55.24
N ARG D 305 -14.02 -6.96 -55.54
CA ARG D 305 -14.35 -6.60 -56.91
C ARG D 305 -13.21 -6.93 -57.87
N GLN D 306 -11.97 -6.88 -57.40
CA GLN D 306 -10.86 -7.36 -58.22
C GLN D 306 -10.91 -8.87 -58.41
N SER D 307 -11.47 -9.60 -57.44
CA SER D 307 -11.65 -11.03 -57.63
C SER D 307 -12.66 -11.31 -58.74
N ILE D 308 -13.68 -10.46 -58.85
CA ILE D 308 -14.60 -10.56 -59.98
C ILE D 308 -13.89 -10.31 -61.30
N ARG D 309 -12.95 -9.36 -61.33
CA ARG D 309 -12.18 -9.13 -62.55
C ARG D 309 -11.33 -10.33 -62.93
N ILE D 310 -10.73 -10.99 -61.94
CA ILE D 310 -9.90 -12.15 -62.24
C ILE D 310 -10.77 -13.30 -62.74
N ILE D 311 -11.99 -13.42 -62.23
CA ILE D 311 -12.92 -14.43 -62.75
C ILE D 311 -13.32 -14.10 -64.19
N SER D 312 -13.43 -12.82 -64.52
CA SER D 312 -13.73 -12.43 -65.90
C SER D 312 -12.63 -12.84 -66.86
N GLN D 313 -11.37 -12.56 -66.49
CA GLN D 313 -10.24 -12.96 -67.32
C GLN D 313 -10.12 -14.49 -67.40
N CYS D 314 -10.45 -15.18 -66.31
CA CYS D 314 -10.32 -16.63 -66.29
C CYS D 314 -11.36 -17.29 -67.18
N LEU D 315 -12.57 -16.73 -67.24
CA LEU D 315 -13.54 -17.27 -68.19
C LEU D 315 -13.18 -16.90 -69.62
N ASN D 316 -12.46 -15.79 -69.82
CA ASN D 316 -11.93 -15.52 -71.16
C ASN D 316 -10.89 -16.55 -71.57
N LYS D 317 -10.06 -17.01 -70.64
CA LYS D 317 -8.87 -17.77 -71.02
C LYS D 317 -8.86 -19.19 -70.50
N MET D 318 -9.94 -19.93 -70.73
CA MET D 318 -10.00 -21.32 -70.32
C MET D 318 -9.73 -22.23 -71.50
N PRO D 319 -8.59 -22.93 -71.54
CA PRO D 319 -8.36 -23.88 -72.63
C PRO D 319 -8.90 -25.26 -72.27
N PRO D 320 -9.50 -25.97 -73.22
CA PRO D 320 -9.99 -27.33 -72.92
C PRO D 320 -8.92 -28.39 -73.08
N GLY D 321 -7.95 -28.39 -72.17
CA GLY D 321 -6.91 -29.40 -72.21
C GLY D 321 -7.20 -30.73 -71.54
N GLU D 322 -7.25 -30.76 -70.21
CA GLU D 322 -7.18 -32.02 -69.49
C GLU D 322 -7.57 -31.76 -68.05
N ILE D 323 -7.44 -32.79 -67.20
CA ILE D 323 -7.90 -32.75 -65.82
C ILE D 323 -6.73 -33.04 -64.88
N LYS D 324 -6.21 -34.25 -64.98
CA LYS D 324 -5.16 -34.76 -64.10
C LYS D 324 -3.84 -34.77 -64.86
N VAL D 325 -2.80 -35.25 -64.20
CA VAL D 325 -1.49 -35.33 -64.83
C VAL D 325 -1.40 -36.59 -65.67
N ASP D 326 -0.34 -36.68 -66.48
CA ASP D 326 -0.11 -37.80 -67.38
C ASP D 326 0.74 -38.88 -66.72
N ASP D 327 0.37 -39.30 -65.52
CA ASP D 327 1.22 -40.20 -64.75
C ASP D 327 0.32 -40.96 -63.81
N ALA D 328 0.18 -42.26 -64.06
CA ALA D 328 -0.64 -43.09 -63.20
C ALA D 328 0.08 -43.53 -61.95
N LYS D 329 1.34 -43.15 -61.77
CA LYS D 329 2.05 -43.41 -60.53
C LYS D 329 1.92 -42.26 -59.56
N VAL D 330 1.11 -41.26 -59.89
CA VAL D 330 0.85 -40.11 -59.04
C VAL D 330 -0.64 -39.95 -58.76
N SER D 331 -1.45 -39.87 -59.81
CA SER D 331 -2.89 -39.81 -59.64
C SER D 331 -3.52 -41.11 -60.10
N PRO D 332 -4.63 -41.53 -59.50
CA PRO D 332 -5.27 -42.76 -59.97
C PRO D 332 -5.90 -42.54 -61.33
N PRO D 333 -5.92 -43.55 -62.17
CA PRO D 333 -6.43 -43.39 -63.53
C PRO D 333 -7.96 -43.37 -63.52
N LYS D 334 -8.52 -43.24 -64.69
CA LYS D 334 -9.96 -43.15 -64.81
C LYS D 334 -10.56 -44.55 -64.96
N ARG D 335 -11.84 -44.60 -65.25
CA ARG D 335 -12.60 -45.83 -65.04
C ARG D 335 -12.42 -46.86 -66.15
N ALA D 336 -12.38 -46.42 -67.41
CA ALA D 336 -12.23 -47.40 -68.49
C ALA D 336 -10.87 -48.06 -68.45
N GLU D 337 -9.83 -47.28 -68.17
CA GLU D 337 -8.52 -47.85 -67.94
C GLU D 337 -8.52 -48.73 -66.70
N MET D 338 -9.26 -48.31 -65.66
CA MET D 338 -9.34 -49.07 -64.42
C MET D 338 -10.00 -50.41 -64.62
N LYS D 339 -10.90 -50.52 -65.60
CA LYS D 339 -11.53 -51.79 -65.86
C LYS D 339 -10.76 -52.64 -66.84
N THR D 340 -10.02 -52.06 -67.77
CA THR D 340 -9.39 -52.90 -68.77
C THR D 340 -7.90 -53.11 -68.53
N SER D 341 -7.15 -52.04 -68.41
CA SER D 341 -5.69 -52.14 -68.45
C SER D 341 -5.14 -52.69 -67.14
N MET D 342 -4.12 -53.54 -67.27
CA MET D 342 -3.55 -54.17 -66.09
C MET D 342 -2.76 -53.18 -65.26
N GLU D 343 -1.98 -52.33 -65.93
CA GLU D 343 -1.14 -51.37 -65.23
C GLU D 343 -1.98 -50.35 -64.49
N SER D 344 -3.12 -49.99 -65.07
CA SER D 344 -4.02 -49.05 -64.41
C SER D 344 -4.59 -49.65 -63.14
N LEU D 345 -4.89 -50.94 -63.16
CA LEU D 345 -5.41 -51.58 -61.97
C LEU D 345 -4.35 -51.71 -60.89
N ILE D 346 -3.12 -52.06 -61.29
CA ILE D 346 -2.06 -52.19 -60.31
C ILE D 346 -1.75 -50.84 -59.67
N HIS D 347 -1.68 -49.79 -60.48
CA HIS D 347 -1.42 -48.47 -59.94
C HIS D 347 -2.57 -47.99 -59.07
N HIS D 348 -3.81 -48.30 -59.46
CA HIS D 348 -4.98 -47.96 -58.66
C HIS D 348 -4.92 -48.61 -57.30
N PHE D 349 -4.70 -49.91 -57.28
CA PHE D 349 -4.74 -50.67 -56.05
C PHE D 349 -3.59 -50.30 -55.13
N LYS D 350 -2.38 -50.23 -55.65
CA LYS D 350 -1.28 -49.90 -54.76
C LYS D 350 -1.29 -48.44 -54.36
N LEU D 351 -1.87 -47.58 -55.20
CA LEU D 351 -1.95 -46.16 -54.85
C LEU D 351 -2.95 -45.93 -53.74
N TYR D 352 -4.08 -46.64 -53.77
CA TYR D 352 -5.01 -46.46 -52.67
C TYR D 352 -4.70 -47.33 -51.46
N THR D 353 -3.80 -48.30 -51.54
CA THR D 353 -3.35 -48.90 -50.30
C THR D 353 -2.27 -48.06 -49.65
N GLU D 354 -1.12 -47.98 -50.29
CA GLU D 354 0.04 -47.46 -49.60
C GLU D 354 0.12 -45.96 -49.68
N GLY D 355 -0.29 -45.40 -50.80
CA GLY D 355 0.07 -44.04 -51.09
C GLY D 355 1.40 -44.04 -51.79
N TYR D 356 1.61 -43.07 -52.66
CA TYR D 356 2.82 -43.03 -53.46
C TYR D 356 4.02 -42.63 -52.62
N GLN D 357 5.17 -43.22 -52.92
CA GLN D 357 6.37 -42.85 -52.21
C GLN D 357 6.80 -41.44 -52.61
N VAL D 358 7.49 -40.78 -51.68
CA VAL D 358 7.75 -39.36 -51.75
C VAL D 358 9.23 -39.16 -51.44
N PRO D 359 9.96 -38.36 -52.22
CA PRO D 359 11.36 -38.11 -51.91
C PRO D 359 11.49 -37.31 -50.63
N PRO D 360 12.58 -37.48 -49.90
CA PRO D 360 12.71 -36.79 -48.61
C PRO D 360 12.95 -35.30 -48.82
N GLY D 361 12.58 -34.53 -47.82
CA GLY D 361 12.75 -33.09 -47.94
C GLY D 361 12.00 -32.28 -46.92
N ALA D 362 12.60 -31.19 -46.48
CA ALA D 362 12.01 -30.31 -45.48
C ALA D 362 11.62 -29.02 -46.17
N THR D 363 10.44 -29.02 -46.78
CA THR D 363 10.06 -27.92 -47.64
C THR D 363 8.99 -27.06 -47.01
N TYR D 364 8.78 -25.93 -47.65
CA TYR D 364 7.83 -24.94 -47.18
C TYR D 364 7.28 -24.23 -48.40
N THR D 365 6.01 -23.84 -48.33
CA THR D 365 5.50 -22.87 -49.27
C THR D 365 4.40 -22.07 -48.61
N ALA D 366 3.91 -21.07 -49.34
CA ALA D 366 2.89 -20.19 -48.82
C ALA D 366 2.06 -19.67 -49.97
N ILE D 367 0.77 -19.49 -49.70
CA ILE D 367 -0.12 -18.88 -50.68
C ILE D 367 -0.70 -17.60 -50.10
N GLU D 368 -1.36 -16.86 -50.99
CA GLU D 368 -2.10 -15.65 -50.65
C GLU D 368 -3.52 -16.09 -50.30
N ALA D 369 -3.66 -16.58 -49.08
CA ALA D 369 -4.96 -16.83 -48.50
C ALA D 369 -5.72 -15.51 -48.37
N PRO D 370 -7.05 -15.57 -48.28
CA PRO D 370 -7.81 -14.36 -47.94
C PRO D 370 -7.49 -13.80 -46.57
N LYS D 371 -6.87 -14.58 -45.68
CA LYS D 371 -6.23 -13.98 -44.53
C LYS D 371 -4.88 -13.37 -44.92
N GLY D 372 -4.06 -14.13 -45.62
CA GLY D 372 -2.72 -13.64 -45.94
C GLY D 372 -1.70 -14.70 -46.27
N GLU D 373 -0.50 -14.59 -45.70
CA GLU D 373 0.58 -15.53 -45.98
C GLU D 373 0.29 -16.85 -45.30
N PHE D 374 -0.50 -17.68 -45.96
CA PHE D 374 -0.79 -19.00 -45.40
C PHE D 374 0.39 -19.91 -45.67
N GLY D 375 1.06 -20.35 -44.61
CA GLY D 375 2.26 -21.17 -44.76
C GLY D 375 1.97 -22.62 -44.42
N VAL D 376 2.50 -23.52 -45.25
CA VAL D 376 2.51 -24.94 -44.93
C VAL D 376 3.94 -25.44 -45.04
N TYR D 377 4.38 -26.14 -44.01
CA TYR D 377 5.76 -26.58 -43.85
C TYR D 377 5.74 -28.09 -43.74
N LEU D 378 6.05 -28.78 -44.82
CA LEU D 378 6.10 -30.22 -44.79
C LEU D 378 7.51 -30.64 -44.43
N VAL D 379 7.61 -31.69 -43.65
CA VAL D 379 8.87 -32.40 -43.48
C VAL D 379 8.58 -33.84 -43.80
N SER D 380 9.22 -34.34 -44.85
CA SER D 380 8.85 -35.63 -45.42
C SER D 380 10.02 -36.59 -45.39
N ASP D 381 9.85 -37.67 -44.62
CA ASP D 381 10.67 -38.86 -44.70
C ASP D 381 10.56 -39.47 -46.10
N GLY D 382 11.62 -40.14 -46.51
CA GLY D 382 11.52 -40.92 -47.74
C GLY D 382 10.59 -42.07 -47.42
N SER D 383 9.36 -41.94 -47.89
CA SER D 383 8.23 -42.71 -47.37
C SER D 383 7.02 -42.40 -48.23
N SER D 384 5.90 -42.98 -47.83
CA SER D 384 4.59 -42.52 -48.25
C SER D 384 3.90 -41.79 -47.11
N ARG D 385 4.59 -41.57 -46.00
CA ARG D 385 4.01 -40.83 -44.90
C ARG D 385 4.75 -39.52 -44.69
N PRO D 386 4.03 -38.42 -44.53
CA PRO D 386 4.69 -37.19 -44.10
C PRO D 386 5.19 -37.34 -42.68
N TYR D 387 6.40 -36.87 -42.45
CA TYR D 387 7.02 -37.08 -41.14
C TYR D 387 6.50 -36.09 -40.13
N ARG D 388 6.34 -34.83 -40.53
CA ARG D 388 5.67 -33.83 -39.70
C ARG D 388 5.21 -32.70 -40.60
N CYS D 389 3.90 -32.46 -40.67
CA CYS D 389 3.46 -31.26 -41.37
C CYS D 389 3.27 -30.16 -40.35
N LYS D 390 3.21 -28.93 -40.83
CA LYS D 390 3.06 -27.80 -39.94
C LYS D 390 2.32 -26.68 -40.67
N ILE D 391 1.57 -25.88 -39.90
CA ILE D 391 0.70 -24.85 -40.44
C ILE D 391 1.07 -23.51 -39.81
N LYS D 392 1.40 -22.53 -40.64
CA LYS D 392 1.53 -21.16 -40.18
C LYS D 392 0.27 -20.43 -40.59
N ALA D 393 -0.53 -20.03 -39.59
CA ALA D 393 -1.82 -19.42 -39.82
C ALA D 393 -1.70 -17.90 -39.76
N PRO D 394 -2.11 -17.20 -40.81
CA PRO D 394 -2.18 -15.75 -40.72
C PRO D 394 -3.18 -15.28 -39.71
N GLY D 395 -4.22 -16.09 -39.44
CA GLY D 395 -5.11 -15.79 -38.34
C GLY D 395 -4.40 -15.81 -37.00
N PHE D 396 -3.48 -16.76 -36.81
CA PHE D 396 -2.71 -16.80 -35.58
C PHE D 396 -1.77 -15.61 -35.46
N ALA D 397 -1.14 -15.25 -36.57
CA ALA D 397 -0.27 -14.08 -36.58
C ALA D 397 -1.05 -12.81 -36.27
N HIS D 398 -2.26 -12.67 -36.82
CA HIS D 398 -3.06 -11.49 -36.56
C HIS D 398 -3.60 -11.50 -35.15
N LEU D 399 -3.78 -12.69 -34.58
CA LEU D 399 -4.18 -12.78 -33.18
C LEU D 399 -3.07 -12.35 -32.25
N ALA D 400 -1.81 -12.48 -32.70
CA ALA D 400 -0.68 -12.15 -31.84
C ALA D 400 -0.65 -10.67 -31.45
N GLY D 401 -1.01 -9.77 -32.36
CA GLY D 401 -0.87 -8.35 -32.11
C GLY D 401 -2.07 -7.70 -31.49
N LEU D 402 -2.85 -8.49 -30.75
CA LEU D 402 -4.11 -8.01 -30.21
C LEU D 402 -3.86 -7.00 -29.10
N ASP D 403 -2.75 -7.16 -28.38
CA ASP D 403 -2.41 -6.22 -27.32
C ASP D 403 -2.11 -4.83 -27.87
N LYS D 404 -1.31 -4.77 -28.93
CA LYS D 404 -0.98 -3.47 -29.50
C LYS D 404 -2.14 -2.89 -30.28
N MET D 405 -3.03 -3.74 -30.80
CA MET D 405 -4.26 -3.21 -31.38
C MET D 405 -5.19 -2.67 -30.30
N SER D 406 -5.11 -3.21 -29.09
CA SER D 406 -5.99 -2.74 -28.03
C SER D 406 -5.23 -2.19 -26.83
N LYS D 407 -4.23 -1.37 -27.09
CA LYS D 407 -3.58 -0.64 -26.00
C LYS D 407 -4.52 0.36 -25.35
N GLY D 408 -4.95 1.37 -26.10
CA GLY D 408 -5.61 2.51 -25.50
C GLY D 408 -7.08 2.65 -25.84
N HIS D 409 -7.84 1.57 -25.77
CA HIS D 409 -9.25 1.66 -26.17
C HIS D 409 -10.19 1.01 -25.18
N MET D 410 -11.46 0.94 -25.56
CA MET D 410 -12.52 0.37 -24.74
C MET D 410 -12.94 -0.97 -25.32
N LEU D 411 -13.90 -1.62 -24.66
CA LEU D 411 -14.18 -3.02 -24.96
C LEU D 411 -14.95 -3.20 -26.26
N ALA D 412 -15.77 -2.21 -26.64
CA ALA D 412 -16.42 -2.28 -27.95
C ALA D 412 -15.40 -2.23 -29.07
N ASP D 413 -14.29 -1.52 -28.84
CA ASP D 413 -13.19 -1.55 -29.80
C ASP D 413 -12.51 -2.90 -29.81
N VAL D 414 -12.47 -3.60 -28.67
CA VAL D 414 -11.92 -4.96 -28.65
C VAL D 414 -12.78 -5.87 -29.50
N VAL D 415 -14.11 -5.71 -29.39
CA VAL D 415 -15.04 -6.48 -30.20
C VAL D 415 -14.86 -6.18 -31.68
N ALA D 416 -14.75 -4.90 -32.03
CA ALA D 416 -14.59 -4.53 -33.43
C ALA D 416 -13.24 -4.95 -33.98
N ILE D 417 -12.20 -5.03 -33.15
CA ILE D 417 -10.90 -5.46 -33.63
C ILE D 417 -10.85 -6.96 -33.85
N ILE D 418 -11.40 -7.75 -32.92
CA ILE D 418 -11.51 -9.19 -33.16
C ILE D 418 -12.38 -9.47 -34.37
N GLY D 419 -13.49 -8.75 -34.52
CA GLY D 419 -14.33 -8.99 -35.68
C GLY D 419 -13.82 -8.41 -36.98
N THR D 420 -12.84 -7.51 -36.93
CA THR D 420 -12.44 -6.81 -38.13
C THR D 420 -11.31 -7.50 -38.88
N GLN D 421 -10.67 -8.48 -38.27
CA GLN D 421 -9.67 -9.29 -38.94
C GLN D 421 -10.21 -10.71 -38.93
N ASP D 422 -10.06 -11.42 -40.04
CA ASP D 422 -10.81 -12.67 -40.24
C ASP D 422 -10.18 -13.83 -39.47
N ILE D 423 -10.17 -13.68 -38.14
CA ILE D 423 -9.85 -14.81 -37.28
C ILE D 423 -10.98 -15.84 -37.35
N VAL D 424 -10.62 -17.12 -37.36
CA VAL D 424 -11.61 -18.18 -37.37
C VAL D 424 -11.36 -19.24 -36.29
N PHE D 425 -10.13 -19.39 -35.81
CA PHE D 425 -9.67 -20.24 -34.71
C PHE D 425 -9.76 -21.74 -34.98
N GLY D 426 -10.38 -22.14 -36.08
CA GLY D 426 -10.17 -23.50 -36.56
C GLY D 426 -8.84 -23.61 -37.24
N GLU D 427 -8.34 -22.49 -37.75
CA GLU D 427 -7.03 -22.38 -38.38
C GLU D 427 -5.98 -21.81 -37.46
N VAL D 428 -6.38 -20.90 -36.56
CA VAL D 428 -5.48 -20.31 -35.58
C VAL D 428 -4.92 -21.38 -34.66
N ASP D 429 -5.75 -22.34 -34.28
CA ASP D 429 -5.24 -23.52 -33.62
C ASP D 429 -4.46 -24.39 -34.59
N ARG D 430 -3.39 -24.98 -34.07
CA ARG D 430 -2.61 -25.92 -34.84
C ARG D 430 -2.02 -26.94 -33.90
N THR E 7 9.88 -34.16 -69.34
CA THR E 7 10.77 -33.05 -69.62
C THR E 7 10.00 -31.75 -69.65
N ARG E 8 9.37 -31.48 -70.78
CA ARG E 8 8.54 -30.29 -70.90
C ARG E 8 7.14 -30.46 -70.28
N PRO E 9 6.39 -31.55 -70.49
CA PRO E 9 5.15 -31.70 -69.71
C PRO E 9 5.41 -32.46 -68.41
N THR E 10 4.48 -32.27 -67.48
CA THR E 10 4.33 -33.01 -66.21
C THR E 10 5.50 -32.92 -65.25
N VAL E 11 6.56 -32.20 -65.59
CA VAL E 11 7.74 -32.09 -64.75
C VAL E 11 7.98 -30.61 -64.51
N ARG E 12 8.02 -30.23 -63.24
CA ARG E 12 8.17 -28.83 -62.85
C ARG E 12 9.54 -28.34 -63.25
N PRO E 13 9.63 -27.32 -64.11
CA PRO E 13 10.95 -26.88 -64.62
C PRO E 13 11.71 -26.14 -63.54
N ARG E 14 12.90 -26.63 -63.22
CA ARG E 14 13.66 -26.00 -62.16
C ARG E 14 14.27 -24.71 -62.65
N ASN E 15 14.50 -23.78 -61.72
CA ASN E 15 15.12 -22.52 -62.05
C ASN E 15 16.62 -22.57 -61.80
N ASP E 16 17.31 -21.65 -62.42
CA ASP E 16 18.75 -21.56 -62.27
C ASP E 16 19.22 -20.24 -61.73
N VAL E 17 18.45 -19.17 -61.97
CA VAL E 17 18.83 -17.83 -61.54
C VAL E 17 18.83 -17.74 -60.02
N ALA E 18 17.70 -18.09 -59.40
CA ALA E 18 17.60 -18.10 -57.95
C ALA E 18 18.51 -19.14 -57.33
N HIS E 19 18.75 -20.25 -58.05
CA HIS E 19 19.66 -21.29 -57.57
C HIS E 19 21.08 -20.76 -57.42
N LYS E 20 21.61 -20.16 -58.49
CA LYS E 20 22.96 -19.62 -58.43
C LYS E 20 23.06 -18.45 -57.46
N GLN E 21 22.00 -17.64 -57.38
CA GLN E 21 22.03 -16.50 -56.46
C GLN E 21 22.03 -16.95 -55.02
N LEU E 22 21.19 -17.92 -54.67
CA LEU E 22 21.19 -18.41 -53.30
C LEU E 22 22.43 -19.22 -52.99
N SER E 23 23.06 -19.81 -54.01
CA SER E 23 24.37 -20.43 -53.83
C SER E 23 25.41 -19.40 -53.41
N ALA E 24 25.48 -18.30 -54.16
CA ALA E 24 26.44 -17.24 -53.87
C ALA E 24 26.14 -16.60 -52.52
N PHE E 25 24.85 -16.45 -52.20
CA PHE E 25 24.48 -15.80 -50.96
C PHE E 25 24.79 -16.68 -49.76
N GLY E 26 24.62 -17.98 -49.91
CA GLY E 26 24.98 -18.87 -48.82
C GLY E 26 26.46 -18.90 -48.58
N GLU E 27 27.26 -18.89 -49.65
CA GLU E 27 28.70 -18.79 -49.48
C GLU E 27 29.08 -17.45 -48.88
N TYR E 28 28.34 -16.39 -49.21
CA TYR E 28 28.57 -15.07 -48.61
C TYR E 28 28.37 -15.09 -47.11
N VAL E 29 27.26 -15.67 -46.64
CA VAL E 29 26.99 -15.70 -45.22
C VAL E 29 28.01 -16.60 -44.50
N ALA E 30 28.38 -17.71 -45.15
CA ALA E 30 29.38 -18.60 -44.57
C ALA E 30 30.75 -17.93 -44.45
N GLU E 31 31.09 -17.08 -45.42
CA GLU E 31 32.33 -16.32 -45.32
C GLU E 31 32.26 -15.31 -44.19
N ILE E 32 31.13 -14.63 -44.03
CA ILE E 32 31.13 -13.49 -43.13
C ILE E 32 30.80 -13.82 -41.69
N LEU E 33 30.27 -14.99 -41.39
CA LEU E 33 30.15 -15.43 -40.00
C LEU E 33 30.74 -16.81 -39.83
N PRO E 34 32.07 -16.92 -39.75
CA PRO E 34 32.68 -18.25 -39.64
C PRO E 34 32.50 -18.88 -38.28
N LYS E 35 32.11 -18.11 -37.26
CA LYS E 35 31.95 -18.70 -35.94
C LYS E 35 30.68 -19.54 -35.87
N TYR E 36 29.65 -19.16 -36.60
CA TYR E 36 28.34 -19.80 -36.49
C TYR E 36 27.83 -20.26 -37.84
N VAL E 37 28.66 -20.98 -38.58
CA VAL E 37 28.23 -21.65 -39.79
C VAL E 37 28.80 -23.06 -39.78
N GLN E 38 27.93 -24.04 -39.91
CA GLN E 38 28.20 -25.45 -40.00
C GLN E 38 27.69 -25.98 -41.33
N GLN E 39 26.45 -25.74 -41.68
CA GLN E 39 26.08 -26.20 -43.01
C GLN E 39 25.31 -25.14 -43.77
N VAL E 40 25.61 -24.99 -45.06
CA VAL E 40 24.77 -24.21 -45.94
C VAL E 40 24.29 -25.16 -47.02
N GLN E 41 22.99 -25.19 -47.28
CA GLN E 41 22.55 -26.15 -48.29
C GLN E 41 21.37 -25.62 -49.07
N VAL E 42 21.30 -26.08 -50.32
CA VAL E 42 20.33 -25.64 -51.30
C VAL E 42 19.68 -26.89 -51.88
N SER E 43 18.34 -26.94 -51.87
CA SER E 43 17.64 -28.06 -52.50
C SER E 43 17.52 -27.79 -53.99
N CYS E 44 16.83 -28.67 -54.71
CA CYS E 44 16.70 -28.47 -56.15
C CYS E 44 15.75 -27.33 -56.47
N PHE E 45 14.79 -27.08 -55.61
CA PHE E 45 13.82 -26.01 -55.79
C PHE E 45 14.24 -24.71 -55.08
N SER E 46 15.47 -24.66 -54.58
CA SER E 46 16.21 -23.43 -54.27
C SER E 46 15.53 -22.61 -53.17
N GLU E 47 15.54 -23.17 -51.96
CA GLU E 47 15.20 -22.44 -50.75
C GLU E 47 16.34 -22.65 -49.76
N LEU E 48 16.86 -21.56 -49.19
CA LEU E 48 18.16 -21.69 -48.53
C LEU E 48 18.02 -22.27 -47.13
N GLU E 49 18.93 -23.16 -46.73
CA GLU E 49 18.95 -23.64 -45.36
C GLU E 49 20.32 -23.36 -44.75
N ILE E 50 20.32 -22.82 -43.54
CA ILE E 50 21.54 -22.52 -42.81
C ILE E 50 21.47 -23.23 -41.47
N CYS E 51 22.46 -24.06 -41.18
CA CYS E 51 22.41 -25.03 -40.10
C CYS E 51 23.44 -24.69 -39.04
N ILE E 52 22.94 -24.53 -37.80
CA ILE E 52 23.43 -23.59 -36.79
C ILE E 52 23.56 -24.24 -35.42
N HIS E 53 24.71 -24.00 -34.78
CA HIS E 53 24.94 -24.28 -33.37
C HIS E 53 24.22 -23.24 -32.52
N PRO E 54 23.50 -23.65 -31.46
CA PRO E 54 22.63 -22.72 -30.73
C PRO E 54 23.34 -21.79 -29.75
N ASP E 55 24.43 -21.20 -30.17
CA ASP E 55 25.07 -20.16 -29.39
C ASP E 55 25.14 -18.83 -30.11
N GLY E 56 24.75 -18.78 -31.37
CA GLY E 56 24.76 -17.55 -32.10
C GLY E 56 23.42 -17.27 -32.73
N VAL E 57 22.34 -17.72 -32.07
CA VAL E 57 21.00 -17.54 -32.61
C VAL E 57 20.63 -16.06 -32.65
N ILE E 58 20.82 -15.37 -31.53
CA ILE E 58 20.60 -13.93 -31.46
C ILE E 58 21.57 -13.16 -32.36
N PRO E 59 22.88 -13.49 -32.45
CA PRO E 59 23.71 -12.82 -33.47
C PRO E 59 23.24 -13.01 -34.91
N VAL E 60 22.85 -14.23 -35.30
CA VAL E 60 22.41 -14.44 -36.68
C VAL E 60 21.11 -13.70 -36.94
N LEU E 61 20.19 -13.70 -35.97
CA LEU E 61 18.93 -12.99 -36.20
C LEU E 61 19.11 -11.49 -36.23
N THR E 62 19.93 -10.94 -35.34
CA THR E 62 20.22 -9.51 -35.40
C THR E 62 20.98 -9.15 -36.66
N PHE E 63 21.74 -10.09 -37.22
CA PHE E 63 22.41 -9.79 -38.47
C PHE E 63 21.46 -9.87 -39.64
N LEU E 64 20.50 -10.78 -39.59
CA LEU E 64 19.65 -11.05 -40.73
C LEU E 64 18.48 -10.08 -40.84
N ARG E 65 17.99 -9.56 -39.71
CA ARG E 65 16.98 -8.51 -39.76
C ARG E 65 17.57 -7.21 -40.26
N ASP E 66 18.88 -7.06 -40.20
CA ASP E 66 19.55 -5.79 -40.45
C ASP E 66 20.61 -6.06 -41.51
N HIS E 67 21.63 -5.19 -41.56
CA HIS E 67 22.87 -5.24 -42.34
C HIS E 67 22.67 -4.77 -43.78
N SER E 68 21.43 -4.59 -44.24
CA SER E 68 21.02 -3.88 -45.45
C SER E 68 21.47 -4.55 -46.74
N ASN E 69 22.21 -5.64 -46.67
CA ASN E 69 22.41 -6.48 -47.83
C ASN E 69 21.31 -7.53 -47.93
N ALA E 70 20.57 -7.71 -46.85
CA ALA E 70 19.42 -8.61 -46.83
C ALA E 70 18.51 -8.14 -45.71
N GLN E 71 17.31 -7.68 -46.06
CA GLN E 71 16.46 -7.04 -45.07
C GLN E 71 15.87 -8.05 -44.10
N PHE E 72 15.06 -8.99 -44.61
CA PHE E 72 14.44 -10.08 -43.83
C PHE E 72 13.66 -9.56 -42.62
N LYS E 73 12.56 -8.91 -42.93
CA LYS E 73 11.70 -8.41 -41.88
C LYS E 73 10.84 -9.50 -41.27
N SER E 74 10.27 -10.37 -42.11
CA SER E 74 9.13 -11.17 -41.69
C SER E 74 9.55 -12.55 -41.19
N LEU E 75 8.79 -13.06 -40.22
CA LEU E 75 9.10 -14.28 -39.51
C LEU E 75 8.03 -15.33 -39.73
N ALA E 76 8.45 -16.59 -39.81
CA ALA E 76 7.56 -17.73 -39.70
C ALA E 76 8.21 -18.78 -38.82
N ASP E 77 7.36 -19.70 -38.33
CA ASP E 77 7.56 -20.50 -37.13
C ASP E 77 8.80 -21.39 -37.22
N LEU E 78 9.16 -21.92 -36.05
CA LEU E 78 10.42 -22.51 -35.65
C LEU E 78 10.27 -23.91 -35.10
N THR E 79 9.31 -24.69 -35.61
CA THR E 79 8.92 -25.95 -34.99
C THR E 79 10.02 -27.00 -35.02
N ALA E 80 10.47 -27.37 -33.83
CA ALA E 80 11.67 -28.12 -33.49
C ALA E 80 11.57 -29.62 -33.73
N VAL E 81 11.19 -30.01 -34.95
CA VAL E 81 10.58 -31.29 -35.33
C VAL E 81 11.19 -32.51 -34.63
N ASP E 82 10.34 -33.30 -33.99
CA ASP E 82 10.78 -34.21 -32.94
C ASP E 82 11.44 -35.42 -33.57
N ILE E 83 12.74 -35.57 -33.34
CA ILE E 83 13.57 -36.53 -34.03
C ILE E 83 14.40 -37.26 -33.00
N PRO E 84 14.23 -38.56 -32.83
CA PRO E 84 15.14 -39.31 -31.96
C PRO E 84 16.41 -39.68 -32.69
N THR E 85 17.24 -40.53 -32.06
CA THR E 85 18.47 -41.15 -32.56
C THR E 85 19.63 -40.14 -32.68
N ARG E 86 19.39 -38.85 -32.57
CA ARG E 86 20.47 -37.87 -32.59
C ARG E 86 20.88 -37.55 -31.17
N GLN E 87 22.15 -37.14 -31.00
CA GLN E 87 22.67 -36.76 -29.69
C GLN E 87 21.93 -35.55 -29.14
N ASN E 88 21.66 -34.58 -30.00
CA ASN E 88 20.75 -33.48 -29.70
C ASN E 88 19.51 -33.67 -30.55
N ARG E 89 18.36 -33.70 -29.91
CA ARG E 89 17.16 -34.22 -30.56
C ARG E 89 16.50 -33.19 -31.48
N PHE E 90 16.14 -32.04 -30.94
CA PHE E 90 15.11 -31.20 -31.55
C PHE E 90 15.71 -30.18 -32.51
N GLU E 91 14.86 -29.68 -33.41
CA GLU E 91 15.29 -28.73 -34.43
C GLU E 91 14.45 -27.46 -34.38
N ILE E 92 15.04 -26.37 -33.90
CA ILE E 92 14.39 -25.08 -33.97
C ILE E 92 14.52 -24.56 -35.39
N VAL E 93 13.39 -24.27 -36.02
CA VAL E 93 13.33 -23.97 -37.45
C VAL E 93 12.77 -22.57 -37.61
N TYR E 94 13.64 -21.58 -37.73
CA TYR E 94 13.21 -20.26 -38.16
C TYR E 94 12.95 -20.29 -39.65
N ASN E 95 11.99 -19.48 -40.08
CA ASN E 95 11.68 -19.41 -41.51
C ASN E 95 11.55 -17.94 -41.87
N LEU E 96 12.63 -17.35 -42.37
CA LEU E 96 12.66 -15.91 -42.58
C LEU E 96 12.24 -15.58 -44.01
N LEU E 97 11.39 -14.57 -44.10
CA LEU E 97 10.71 -14.17 -45.32
C LEU E 97 10.91 -12.66 -45.44
N SER E 98 11.69 -12.25 -46.43
CA SER E 98 12.03 -10.85 -46.59
C SER E 98 10.93 -10.11 -47.34
N LEU E 99 11.06 -8.79 -47.38
CA LEU E 99 10.06 -7.92 -47.99
C LEU E 99 10.56 -7.16 -49.20
N ARG E 100 11.85 -6.88 -49.29
CA ARG E 100 12.42 -6.16 -50.41
C ARG E 100 12.97 -7.09 -51.48
N PHE E 101 13.05 -8.39 -51.22
CA PHE E 101 13.81 -9.29 -52.07
C PHE E 101 13.03 -10.49 -52.63
N ASN E 102 11.87 -10.82 -52.09
CA ASN E 102 11.10 -12.04 -52.41
C ASN E 102 11.97 -13.30 -52.21
N SER E 103 12.34 -13.55 -50.96
CA SER E 103 13.30 -14.60 -50.66
C SER E 103 12.82 -15.45 -49.50
N ARG E 104 13.38 -16.66 -49.39
CA ARG E 104 13.05 -17.58 -48.31
C ARG E 104 14.30 -18.28 -47.80
N ILE E 105 14.66 -17.97 -46.56
CA ILE E 105 15.73 -18.72 -45.95
C ILE E 105 15.18 -19.39 -44.71
N ARG E 106 15.83 -20.47 -44.33
CA ARG E 106 15.49 -21.21 -43.14
C ARG E 106 16.72 -21.28 -42.27
N VAL E 107 16.52 -21.13 -40.98
CA VAL E 107 17.59 -21.22 -40.02
C VAL E 107 17.25 -22.41 -39.14
N LYS E 108 17.93 -23.52 -39.36
CA LYS E 108 17.76 -24.70 -38.52
C LYS E 108 18.89 -24.69 -37.52
N THR E 109 18.60 -24.30 -36.30
CA THR E 109 19.55 -24.54 -35.23
C THR E 109 19.10 -25.76 -34.44
N TYR E 110 20.06 -26.44 -33.84
CA TYR E 110 19.66 -27.66 -33.15
C TYR E 110 19.67 -27.49 -31.65
N THR E 111 19.00 -28.40 -30.95
CA THR E 111 18.97 -28.40 -29.49
C THR E 111 18.61 -29.79 -29.00
N ASP E 112 18.48 -29.93 -27.68
CA ASP E 112 18.07 -31.18 -27.04
C ASP E 112 17.13 -30.85 -25.89
N GLU E 113 16.91 -31.82 -25.00
CA GLU E 113 15.75 -31.79 -24.13
C GLU E 113 15.88 -30.84 -22.94
N LEU E 114 17.07 -30.40 -22.57
CA LEU E 114 17.17 -29.60 -21.36
C LEU E 114 17.89 -28.28 -21.57
N THR E 115 18.78 -28.23 -22.53
CA THR E 115 19.58 -27.03 -22.76
C THR E 115 18.72 -25.93 -23.35
N PRO E 116 18.59 -24.80 -22.69
CA PRO E 116 17.73 -23.74 -23.23
C PRO E 116 18.42 -23.01 -24.37
N VAL E 117 17.59 -22.41 -25.22
CA VAL E 117 18.06 -21.49 -26.23
C VAL E 117 17.63 -20.09 -25.84
N GLU E 118 18.11 -19.11 -26.58
CA GLU E 118 18.19 -17.74 -26.06
C GLU E 118 17.00 -16.87 -26.44
N SER E 119 15.82 -17.47 -26.70
CA SER E 119 14.52 -16.78 -26.61
C SER E 119 14.41 -15.58 -27.56
N SER E 120 14.19 -15.88 -28.83
CA SER E 120 14.21 -14.88 -29.90
C SER E 120 13.12 -13.80 -29.84
N VAL E 121 12.36 -13.71 -28.74
CA VAL E 121 11.32 -12.70 -28.59
C VAL E 121 11.89 -11.29 -28.59
N SER E 122 13.13 -11.10 -28.14
CA SER E 122 13.66 -9.76 -27.99
C SER E 122 14.03 -9.11 -29.31
N VAL E 123 14.16 -9.91 -30.38
CA VAL E 123 14.51 -9.38 -31.68
C VAL E 123 13.36 -9.45 -32.67
N TYR E 124 12.44 -10.38 -32.50
CA TYR E 124 11.21 -10.45 -33.28
C TYR E 124 10.05 -10.49 -32.30
N LYS E 125 9.20 -9.47 -32.35
CA LYS E 125 8.05 -9.47 -31.44
C LYS E 125 7.05 -10.54 -31.80
N ALA E 126 7.07 -11.03 -33.05
CA ALA E 126 6.19 -12.10 -33.46
C ALA E 126 6.54 -13.42 -32.81
N ALA E 127 7.76 -13.58 -32.33
CA ALA E 127 8.22 -14.86 -31.86
C ALA E 127 7.61 -15.29 -30.54
N ASN E 128 6.83 -14.43 -29.88
CA ASN E 128 6.44 -14.68 -28.49
C ASN E 128 5.45 -15.83 -28.38
N TRP E 129 4.37 -15.79 -29.15
CA TRP E 129 3.39 -16.85 -29.02
C TRP E 129 3.86 -18.14 -29.69
N TYR E 130 4.69 -18.03 -30.72
CA TYR E 130 5.28 -19.23 -31.29
C TYR E 130 6.19 -19.92 -30.28
N GLU E 131 6.94 -19.13 -29.52
CA GLU E 131 7.80 -19.71 -28.48
C GLU E 131 6.98 -20.31 -27.35
N ARG E 132 5.87 -19.67 -26.98
CA ARG E 132 5.02 -20.30 -25.97
C ARG E 132 4.38 -21.56 -26.49
N GLU E 133 4.10 -21.63 -27.79
CA GLU E 133 3.54 -22.84 -28.38
C GLU E 133 4.55 -23.97 -28.32
N ILE E 134 5.80 -23.69 -28.65
CA ILE E 134 6.77 -24.77 -28.67
C ILE E 134 7.15 -25.17 -27.25
N TRP E 135 7.06 -24.25 -26.28
CA TRP E 135 7.16 -24.66 -24.88
C TRP E 135 6.04 -25.61 -24.48
N ASP E 136 4.80 -25.27 -24.81
CA ASP E 136 3.70 -26.09 -24.33
C ASP E 136 3.64 -27.42 -25.06
N MET E 137 4.05 -27.46 -26.32
CA MET E 137 3.90 -28.71 -27.05
C MET E 137 5.11 -29.61 -27.00
N PHE E 138 6.31 -29.04 -26.89
CA PHE E 138 7.49 -29.89 -26.80
C PHE E 138 8.12 -29.84 -25.43
N GLY E 139 8.30 -28.65 -24.88
CA GLY E 139 8.97 -28.50 -23.61
C GLY E 139 10.40 -28.04 -23.68
N VAL E 140 10.79 -27.35 -24.74
CA VAL E 140 12.12 -26.74 -24.76
C VAL E 140 12.02 -25.44 -24.00
N PHE E 141 12.59 -25.40 -22.81
CA PHE E 141 12.53 -24.21 -21.98
C PHE E 141 13.37 -23.10 -22.57
N PHE E 142 12.89 -21.89 -22.45
CA PHE E 142 13.51 -20.72 -23.09
C PHE E 142 14.01 -19.77 -22.02
N ALA E 143 15.31 -19.81 -21.76
CA ALA E 143 15.92 -18.88 -20.82
C ALA E 143 15.90 -17.48 -21.40
N ASN E 144 15.95 -16.49 -20.49
CA ASN E 144 15.93 -15.05 -20.81
C ASN E 144 14.66 -14.68 -21.56
N HIS E 145 13.53 -15.14 -21.05
CA HIS E 145 12.27 -14.89 -21.70
C HIS E 145 11.31 -14.27 -20.70
N PRO E 146 10.52 -13.29 -21.12
CA PRO E 146 9.55 -12.68 -20.20
C PRO E 146 8.41 -13.58 -19.74
N ASP E 147 7.65 -14.22 -20.64
CA ASP E 147 6.40 -14.88 -20.28
C ASP E 147 6.32 -16.28 -20.88
N LEU E 148 6.31 -17.29 -20.02
CA LEU E 148 6.16 -18.67 -20.44
C LEU E 148 4.94 -19.28 -19.78
N ARG E 149 3.78 -19.15 -20.42
CA ARG E 149 2.59 -19.87 -20.02
C ARG E 149 2.41 -21.11 -20.89
N ARG E 150 1.25 -21.73 -20.81
CA ARG E 150 0.91 -22.87 -21.64
C ARG E 150 -0.26 -22.51 -22.55
N ILE E 151 -0.06 -22.60 -23.85
CA ILE E 151 -1.07 -22.22 -24.84
C ILE E 151 -1.36 -23.42 -25.73
N LEU E 152 -2.64 -23.62 -26.04
CA LEU E 152 -3.21 -24.65 -26.91
C LEU E 152 -3.21 -26.01 -26.25
N THR E 153 -3.30 -26.06 -24.92
CA THR E 153 -3.51 -27.31 -24.20
C THR E 153 -4.55 -27.07 -23.12
N ASP E 154 -4.82 -28.12 -22.36
CA ASP E 154 -5.50 -27.97 -21.08
C ASP E 154 -4.52 -27.43 -20.05
N TYR E 155 -5.07 -26.83 -18.99
CA TYR E 155 -4.24 -26.31 -17.91
C TYR E 155 -3.63 -27.45 -17.10
N GLY E 156 -4.47 -28.34 -16.59
CA GLY E 156 -4.00 -29.45 -15.77
C GLY E 156 -3.30 -30.54 -16.53
N PHE E 157 -3.31 -30.48 -17.85
CA PHE E 157 -2.63 -31.46 -18.67
C PHE E 157 -1.15 -31.15 -18.75
N GLU E 158 -0.36 -32.21 -18.91
CA GLU E 158 1.06 -32.08 -19.18
C GLU E 158 1.46 -33.26 -20.05
N GLY E 159 2.76 -33.36 -20.33
CA GLY E 159 3.30 -34.50 -21.04
C GLY E 159 3.85 -34.18 -22.41
N HIS E 160 3.57 -32.99 -22.95
CA HIS E 160 4.14 -32.39 -24.15
C HIS E 160 3.82 -33.28 -25.34
N PRO E 161 2.58 -33.29 -25.80
CA PRO E 161 2.06 -34.46 -26.52
C PRO E 161 2.60 -34.64 -27.91
N PHE E 162 3.20 -33.63 -28.53
CA PHE E 162 3.70 -33.83 -29.89
C PHE E 162 4.98 -34.63 -29.97
N ARG E 163 5.60 -35.00 -28.85
CA ARG E 163 6.77 -35.87 -28.87
C ARG E 163 6.41 -37.23 -29.45
N LYS E 164 7.42 -37.98 -29.88
CA LYS E 164 7.13 -39.33 -30.35
C LYS E 164 6.81 -40.26 -29.20
N ASP E 165 7.18 -39.91 -27.98
CA ASP E 165 6.92 -40.76 -26.83
C ASP E 165 5.49 -40.72 -26.38
N PHE E 166 4.84 -39.60 -26.58
CA PHE E 166 3.43 -39.53 -26.22
C PHE E 166 2.61 -40.22 -27.28
N PRO E 167 1.67 -41.08 -26.91
CA PRO E 167 0.95 -41.89 -27.90
C PRO E 167 -0.09 -41.06 -28.64
N LEU E 168 -0.81 -41.74 -29.53
CA LEU E 168 -1.76 -41.04 -30.39
C LEU E 168 -2.99 -40.60 -29.61
N SER E 169 -3.60 -41.51 -28.88
CA SER E 169 -4.60 -41.10 -27.91
C SER E 169 -3.92 -40.85 -26.58
N GLY E 170 -4.48 -39.91 -25.82
CA GLY E 170 -3.83 -39.50 -24.59
C GLY E 170 -3.97 -40.52 -23.48
N TYR E 171 -3.28 -40.27 -22.38
CA TYR E 171 -3.44 -41.10 -21.20
C TYR E 171 -4.74 -40.77 -20.49
N VAL E 172 -5.02 -39.49 -20.31
CA VAL E 172 -6.19 -39.06 -19.57
C VAL E 172 -7.38 -38.95 -20.51
N GLU E 173 -8.57 -39.01 -19.92
CA GLU E 173 -9.81 -38.92 -20.66
C GLU E 173 -10.87 -38.33 -19.75
N LEU E 174 -11.61 -37.35 -20.25
CA LEU E 174 -12.60 -36.68 -19.43
C LEU E 174 -13.99 -37.23 -19.68
N ARG E 175 -14.75 -37.42 -18.60
CA ARG E 175 -16.17 -37.68 -18.72
C ARG E 175 -16.87 -37.03 -17.55
N TYR E 176 -18.19 -37.12 -17.55
CA TYR E 176 -19.00 -36.58 -16.48
C TYR E 176 -19.47 -37.70 -15.57
N ASP E 177 -19.61 -37.40 -14.28
CA ASP E 177 -20.33 -38.31 -13.43
C ASP E 177 -21.16 -37.53 -12.43
N ASP E 178 -22.27 -38.12 -12.03
CA ASP E 178 -23.18 -37.54 -11.07
C ASP E 178 -22.82 -37.92 -9.65
N GLU E 179 -21.79 -38.76 -9.49
CA GLU E 179 -21.31 -39.12 -8.16
C GLU E 179 -20.73 -37.91 -7.44
N VAL E 180 -20.09 -37.02 -8.19
CA VAL E 180 -19.59 -35.77 -7.62
C VAL E 180 -20.09 -34.61 -8.46
N LYS E 181 -21.04 -34.89 -9.36
CA LYS E 181 -21.79 -33.89 -10.12
C LYS E 181 -20.86 -33.04 -10.99
N ARG E 182 -19.80 -33.65 -11.50
CA ARG E 182 -18.81 -32.85 -12.22
C ARG E 182 -18.08 -33.71 -13.24
N VAL E 183 -17.13 -33.08 -13.92
CA VAL E 183 -16.26 -33.75 -14.88
C VAL E 183 -15.06 -34.31 -14.15
N VAL E 184 -14.74 -35.57 -14.39
CA VAL E 184 -13.56 -36.21 -13.83
C VAL E 184 -12.72 -36.80 -14.96
N ALA E 185 -11.51 -37.20 -14.60
CA ALA E 185 -10.56 -37.80 -15.52
C ALA E 185 -10.39 -39.28 -15.21
N GLU E 186 -10.11 -40.06 -16.25
CA GLU E 186 -10.00 -41.50 -16.18
C GLU E 186 -8.89 -41.95 -17.12
N PRO E 187 -8.28 -43.10 -16.86
CA PRO E 187 -7.38 -43.68 -17.86
C PRO E 187 -8.13 -44.09 -19.10
N VAL E 188 -7.41 -44.11 -20.22
CA VAL E 188 -8.04 -44.12 -21.53
C VAL E 188 -8.62 -45.49 -21.84
N GLU E 189 -9.79 -45.50 -22.48
CA GLU E 189 -10.43 -46.73 -22.95
C GLU E 189 -11.01 -46.44 -24.32
N LEU E 190 -10.44 -47.06 -25.35
CA LEU E 190 -10.91 -46.87 -26.71
C LEU E 190 -11.87 -48.00 -27.09
N ALA E 191 -12.89 -47.64 -27.85
CA ALA E 191 -13.85 -48.63 -28.32
C ALA E 191 -13.42 -49.33 -29.59
N GLN E 192 -12.34 -48.89 -30.21
CA GLN E 192 -11.85 -49.54 -31.42
C GLN E 192 -10.35 -49.31 -31.50
N GLU E 193 -9.64 -50.32 -32.01
CA GLU E 193 -8.22 -50.49 -31.78
C GLU E 193 -7.34 -49.41 -32.41
N PHE E 194 -7.84 -48.70 -33.44
CA PHE E 194 -7.03 -47.89 -34.37
C PHE E 194 -5.99 -48.78 -35.05
N ARG E 195 -6.49 -49.56 -36.00
CA ARG E 195 -5.67 -50.48 -36.76
C ARG E 195 -4.61 -49.77 -37.58
N LYS E 196 -3.36 -49.83 -37.13
CA LYS E 196 -2.25 -49.24 -37.86
C LYS E 196 -1.98 -50.06 -39.10
N PHE E 197 -1.55 -49.40 -40.17
CA PHE E 197 -1.34 -50.06 -41.44
C PHE E 197 0.13 -50.03 -41.81
N ASP E 198 0.67 -51.19 -42.18
CA ASP E 198 2.03 -51.26 -42.70
C ASP E 198 2.02 -50.80 -44.16
N LEU E 199 2.59 -49.62 -44.40
CA LEU E 199 2.51 -48.94 -45.69
C LEU E 199 3.91 -48.53 -46.13
N ASN E 200 4.86 -49.46 -46.06
CA ASN E 200 6.26 -49.17 -46.30
C ASN E 200 6.76 -50.18 -47.34
N SER E 201 6.88 -49.74 -48.59
CA SER E 201 7.18 -50.70 -49.62
C SER E 201 8.65 -51.06 -49.63
N PRO E 202 8.97 -52.27 -49.98
CA PRO E 202 10.35 -52.61 -50.33
C PRO E 202 10.77 -52.10 -51.70
N TRP E 203 11.95 -52.56 -52.13
CA TRP E 203 12.49 -52.43 -53.48
C TRP E 203 12.96 -51.02 -53.83
N GLU E 204 13.56 -50.33 -52.84
CA GLU E 204 14.46 -49.19 -53.05
C GLU E 204 13.79 -48.04 -53.79
N ALA E 205 12.85 -47.41 -53.09
CA ALA E 205 11.95 -46.42 -53.70
C ALA E 205 12.69 -45.25 -54.34
N PHE E 206 13.86 -44.89 -53.82
CA PHE E 206 14.65 -43.85 -54.46
C PHE E 206 16.13 -44.18 -54.41
N PRO E 207 16.78 -44.37 -55.55
CA PRO E 207 18.18 -44.82 -55.54
C PRO E 207 19.16 -43.74 -55.17
N ALA E 208 18.81 -42.47 -55.33
CA ALA E 208 19.77 -41.40 -55.12
C ALA E 208 20.04 -41.13 -53.65
N TYR E 209 19.13 -41.54 -52.77
CA TYR E 209 19.16 -41.14 -51.37
C TYR E 209 19.61 -42.28 -50.46
N ARG E 210 20.57 -43.07 -50.92
CA ARG E 210 21.13 -44.14 -50.12
C ARG E 210 22.26 -43.60 -49.27
N GLN E 211 22.11 -43.70 -47.96
CA GLN E 211 23.20 -43.39 -47.06
C GLN E 211 24.27 -44.47 -47.20
N PRO E 212 25.54 -44.15 -46.93
CA PRO E 212 26.60 -45.15 -47.01
C PRO E 212 26.45 -46.19 -45.92
N PRO E 213 26.26 -47.46 -46.30
CA PRO E 213 25.94 -48.48 -45.30
C PRO E 213 27.13 -48.87 -44.45
N GLU E 214 26.83 -49.45 -43.29
CA GLU E 214 27.86 -49.90 -42.36
C GLU E 214 28.62 -51.11 -42.89
N SER F 24 -65.17 -40.51 -18.32
CA SER F 24 -63.74 -40.36 -18.55
C SER F 24 -63.39 -38.91 -18.76
N ARG F 25 -64.18 -38.02 -18.15
CA ARG F 25 -64.01 -36.59 -18.38
C ARG F 25 -62.71 -36.07 -17.79
N GLY F 26 -62.20 -36.71 -16.74
CA GLY F 26 -60.95 -36.26 -16.14
C GLY F 26 -59.77 -36.48 -17.06
N GLU F 27 -59.60 -37.73 -17.54
CA GLU F 27 -58.54 -38.02 -18.49
C GLU F 27 -58.75 -37.30 -19.81
N TYR F 28 -60.01 -37.03 -20.19
CA TYR F 28 -60.28 -36.28 -21.41
C TYR F 28 -59.78 -34.84 -21.33
N VAL F 29 -60.09 -34.16 -20.23
CA VAL F 29 -59.67 -32.76 -20.07
C VAL F 29 -58.17 -32.68 -19.86
N VAL F 30 -57.59 -33.62 -19.12
CA VAL F 30 -56.15 -33.65 -18.95
C VAL F 30 -55.45 -33.93 -20.28
N ALA F 31 -56.06 -34.76 -21.14
CA ALA F 31 -55.49 -35.04 -22.45
C ALA F 31 -55.49 -33.81 -23.34
N LYS F 32 -56.60 -33.06 -23.32
CA LYS F 32 -56.67 -31.82 -24.08
C LYS F 32 -55.62 -30.81 -23.60
N LEU F 33 -55.45 -30.69 -22.28
CA LEU F 33 -54.51 -29.70 -21.78
C LEU F 33 -53.06 -30.11 -22.03
N ASP F 34 -52.78 -31.42 -22.00
CA ASP F 34 -51.44 -31.89 -22.33
C ASP F 34 -51.13 -31.66 -23.80
N ASP F 35 -52.12 -31.84 -24.67
CA ASP F 35 -51.93 -31.56 -26.08
C ASP F 35 -51.69 -30.08 -26.31
N LEU F 36 -52.39 -29.23 -25.55
CA LEU F 36 -52.13 -27.79 -25.57
C LEU F 36 -50.69 -27.44 -25.22
N ILE F 37 -50.21 -27.93 -24.07
CA ILE F 37 -48.89 -27.50 -23.63
C ILE F 37 -47.80 -28.12 -24.49
N ASN F 38 -48.03 -29.32 -25.02
CA ASN F 38 -47.01 -29.93 -25.88
C ASN F 38 -46.93 -29.23 -27.23
N TRP F 39 -48.09 -28.83 -27.76
CA TRP F 39 -48.10 -27.96 -28.93
C TRP F 39 -47.37 -26.65 -28.64
N ALA F 40 -47.59 -26.09 -27.46
CA ALA F 40 -46.95 -24.85 -27.08
C ALA F 40 -45.45 -25.01 -26.95
N ARG F 41 -44.99 -26.17 -26.48
CA ARG F 41 -43.56 -26.40 -26.35
C ARG F 41 -42.91 -26.58 -27.71
N ARG F 42 -43.55 -27.33 -28.60
CA ARG F 42 -42.97 -27.50 -29.93
C ARG F 42 -43.20 -26.29 -30.83
N SER F 43 -43.91 -25.28 -30.35
CA SER F 43 -44.14 -24.12 -31.19
C SER F 43 -42.89 -23.28 -31.37
N SER F 44 -42.36 -22.72 -30.30
CA SER F 44 -41.34 -21.68 -30.47
C SER F 44 -39.95 -22.30 -30.67
N LEU F 45 -39.44 -22.96 -29.62
CA LEU F 45 -38.14 -23.65 -29.59
C LEU F 45 -37.00 -22.74 -30.08
N TRP F 46 -36.70 -21.74 -29.28
CA TRP F 46 -35.53 -21.01 -29.74
C TRP F 46 -34.27 -21.58 -29.10
N PRO F 47 -33.24 -21.84 -29.87
CA PRO F 47 -32.00 -22.37 -29.32
C PRO F 47 -31.05 -21.27 -28.88
N MET F 48 -29.87 -21.66 -28.46
CA MET F 48 -28.77 -20.72 -28.34
C MET F 48 -27.68 -21.14 -29.32
N THR F 49 -26.63 -20.34 -29.37
CA THR F 49 -25.56 -20.53 -30.35
C THR F 49 -24.28 -20.89 -29.61
N PHE F 50 -24.02 -22.20 -29.49
CA PHE F 50 -22.73 -22.60 -28.92
C PHE F 50 -21.65 -22.59 -30.00
N GLY F 51 -21.78 -23.47 -30.98
CA GLY F 51 -21.14 -23.30 -32.28
C GLY F 51 -19.63 -23.25 -32.37
N LEU F 52 -18.97 -24.38 -32.19
CA LEU F 52 -17.52 -24.40 -32.10
C LEU F 52 -16.83 -24.11 -33.42
N ALA F 53 -17.00 -24.99 -34.40
CA ALA F 53 -16.27 -24.90 -35.67
C ALA F 53 -17.34 -24.93 -36.76
N CYS F 54 -16.91 -25.22 -37.99
CA CYS F 54 -17.69 -25.19 -39.23
C CYS F 54 -19.14 -25.67 -39.24
N CYS F 55 -19.51 -26.57 -38.32
CA CYS F 55 -20.93 -26.73 -38.01
C CYS F 55 -21.58 -25.41 -37.57
N ALA F 56 -20.83 -24.50 -36.93
CA ALA F 56 -21.40 -23.18 -36.64
C ALA F 56 -21.65 -22.39 -37.91
N VAL F 57 -20.79 -22.57 -38.91
CA VAL F 57 -21.04 -21.93 -40.20
C VAL F 57 -22.29 -22.51 -40.84
N GLU F 58 -22.54 -23.80 -40.64
CA GLU F 58 -23.79 -24.37 -41.12
C GLU F 58 -24.98 -23.86 -40.32
N MET F 59 -24.80 -23.56 -39.03
CA MET F 59 -25.87 -22.90 -38.29
C MET F 59 -26.15 -21.51 -38.84
N MET F 60 -25.10 -20.79 -39.20
CA MET F 60 -25.28 -19.47 -39.80
C MET F 60 -25.97 -19.58 -41.14
N HIS F 61 -25.74 -20.66 -41.87
CA HIS F 61 -26.50 -20.87 -43.10
C HIS F 61 -27.84 -21.52 -42.87
N MET F 62 -28.12 -21.94 -41.65
CA MET F 62 -29.49 -22.23 -41.28
C MET F 62 -30.21 -20.95 -40.89
N ALA F 63 -29.45 -19.90 -40.59
CA ALA F 63 -29.98 -18.56 -40.52
C ALA F 63 -29.90 -17.84 -41.86
N ALA F 64 -29.55 -18.53 -42.92
CA ALA F 64 -29.57 -17.92 -44.23
C ALA F 64 -31.01 -17.82 -44.72
N PRO F 65 -31.32 -16.84 -45.58
CA PRO F 65 -32.73 -16.65 -45.97
C PRO F 65 -33.29 -17.74 -46.84
N ARG F 66 -32.47 -18.58 -47.49
CA ARG F 66 -33.09 -19.65 -48.26
C ARG F 66 -33.64 -20.77 -47.41
N TYR F 67 -33.30 -20.84 -46.13
CA TYR F 67 -33.88 -21.84 -45.26
C TYR F 67 -34.15 -21.15 -43.92
N ASP F 68 -35.33 -20.58 -43.77
CA ASP F 68 -35.59 -19.81 -42.57
C ASP F 68 -35.94 -20.70 -41.40
N MET F 69 -35.48 -20.31 -40.23
CA MET F 69 -35.92 -20.93 -38.99
C MET F 69 -37.08 -20.17 -38.38
N ASP F 70 -37.19 -18.87 -38.68
CA ASP F 70 -38.28 -18.05 -38.19
C ASP F 70 -39.59 -18.27 -38.92
N ARG F 71 -39.66 -19.26 -39.80
CA ARG F 71 -40.94 -19.85 -40.14
C ARG F 71 -41.49 -20.68 -39.00
N PHE F 72 -40.63 -21.14 -38.10
CA PHE F 72 -41.01 -22.05 -37.03
C PHE F 72 -40.88 -21.40 -35.67
N GLY F 73 -40.80 -20.07 -35.62
CA GLY F 73 -40.59 -19.36 -34.36
C GLY F 73 -39.25 -19.61 -33.73
N VAL F 74 -38.26 -20.01 -34.52
CA VAL F 74 -36.98 -20.46 -34.03
C VAL F 74 -35.99 -19.31 -34.20
N VAL F 75 -35.59 -18.71 -33.09
CA VAL F 75 -34.87 -17.45 -33.04
C VAL F 75 -33.50 -17.70 -32.40
N PHE F 76 -32.48 -16.95 -32.80
CA PHE F 76 -31.26 -16.94 -32.03
C PHE F 76 -31.48 -16.28 -30.69
N ARG F 77 -30.75 -16.74 -29.68
CA ARG F 77 -30.82 -16.16 -28.35
C ARG F 77 -29.54 -16.51 -27.62
N ALA F 78 -28.62 -15.55 -27.52
CA ALA F 78 -27.27 -15.85 -27.06
C ALA F 78 -27.18 -16.10 -25.56
N SER F 79 -28.21 -15.82 -24.81
CA SER F 79 -28.13 -16.10 -23.39
C SER F 79 -28.45 -17.57 -23.13
N PRO F 80 -27.80 -18.20 -22.14
CA PRO F 80 -28.15 -19.57 -21.79
C PRO F 80 -29.37 -19.69 -20.90
N ARG F 81 -30.08 -18.60 -20.68
CA ARG F 81 -31.09 -18.55 -19.66
C ARG F 81 -32.50 -18.56 -20.21
N GLN F 82 -32.67 -18.60 -21.52
CA GLN F 82 -34.01 -18.71 -22.06
C GLN F 82 -34.12 -19.59 -23.29
N SER F 83 -33.07 -20.30 -23.67
CA SER F 83 -33.21 -21.21 -24.80
C SER F 83 -33.88 -22.50 -24.34
N ASP F 84 -34.45 -23.20 -25.31
CA ASP F 84 -35.13 -24.45 -25.04
C ASP F 84 -34.27 -25.64 -25.42
N VAL F 85 -33.87 -25.72 -26.68
CA VAL F 85 -32.96 -26.71 -27.13
C VAL F 85 -31.58 -26.07 -27.17
N MET F 86 -30.55 -26.90 -27.26
CA MET F 86 -29.20 -26.38 -27.38
C MET F 86 -28.45 -27.25 -28.36
N ILE F 87 -27.81 -26.61 -29.32
CA ILE F 87 -27.16 -27.33 -30.42
C ILE F 87 -25.67 -27.39 -30.10
N VAL F 88 -25.19 -28.56 -29.73
CA VAL F 88 -23.76 -28.77 -29.61
C VAL F 88 -23.27 -29.12 -31.00
N ALA F 89 -22.47 -28.23 -31.58
CA ALA F 89 -22.12 -28.30 -32.99
C ALA F 89 -20.66 -27.90 -33.13
N GLY F 90 -19.80 -28.89 -33.22
CA GLY F 90 -18.38 -28.65 -33.35
C GLY F 90 -17.61 -29.75 -32.66
N THR F 91 -16.30 -29.52 -32.54
CA THR F 91 -15.40 -30.54 -32.03
C THR F 91 -15.17 -30.26 -30.55
N LEU F 92 -15.84 -31.01 -29.70
CA LEU F 92 -15.80 -30.74 -28.28
C LEU F 92 -14.47 -31.19 -27.70
N THR F 93 -13.70 -30.26 -27.17
CA THR F 93 -12.38 -30.54 -26.62
C THR F 93 -12.44 -30.49 -25.11
N ASN F 94 -11.33 -30.90 -24.48
CA ASN F 94 -11.29 -30.98 -23.03
C ASN F 94 -11.26 -29.60 -22.38
N LYS F 95 -10.67 -28.64 -23.07
CA LYS F 95 -10.62 -27.28 -22.53
C LYS F 95 -11.98 -26.60 -22.60
N MET F 96 -12.89 -27.14 -23.41
CA MET F 96 -14.22 -26.59 -23.62
C MET F 96 -15.29 -27.29 -22.80
N ALA F 97 -15.19 -28.62 -22.67
CA ALA F 97 -16.29 -29.44 -22.18
C ALA F 97 -16.82 -29.11 -20.78
N PRO F 98 -16.00 -28.81 -19.76
CA PRO F 98 -16.63 -28.37 -18.50
C PRO F 98 -17.37 -27.06 -18.63
N ALA F 99 -16.88 -26.14 -19.47
CA ALA F 99 -17.63 -24.93 -19.71
C ALA F 99 -18.92 -25.21 -20.47
N LEU F 100 -18.91 -26.24 -21.32
CA LEU F 100 -20.14 -26.65 -21.99
C LEU F 100 -21.19 -27.12 -20.99
N ARG F 101 -20.81 -27.97 -20.05
CA ARG F 101 -21.82 -28.44 -19.11
C ARG F 101 -22.22 -27.34 -18.13
N LYS F 102 -21.29 -26.46 -17.78
CA LYS F 102 -21.63 -25.34 -16.92
C LYS F 102 -22.40 -24.25 -17.63
N VAL F 103 -22.55 -24.33 -18.95
CA VAL F 103 -23.62 -23.61 -19.63
C VAL F 103 -24.90 -24.41 -19.60
N TYR F 104 -24.79 -25.71 -19.87
CA TYR F 104 -25.94 -26.57 -20.09
C TYR F 104 -26.83 -26.69 -18.86
N ASP F 105 -26.23 -26.66 -17.68
CA ASP F 105 -27.00 -26.95 -16.50
C ASP F 105 -27.87 -25.77 -16.10
N GLN F 106 -27.28 -24.57 -16.10
CA GLN F 106 -28.04 -23.36 -15.80
C GLN F 106 -28.87 -22.99 -17.02
N MET F 107 -29.96 -23.72 -17.18
CA MET F 107 -30.91 -23.68 -18.28
C MET F 107 -32.14 -24.42 -17.76
N PRO F 108 -33.36 -23.93 -18.02
CA PRO F 108 -34.56 -24.47 -17.35
C PRO F 108 -34.86 -25.92 -17.70
N GLU F 109 -35.81 -26.48 -16.96
CA GLU F 109 -36.04 -27.92 -16.87
C GLU F 109 -36.43 -28.60 -18.18
N PRO F 110 -37.24 -28.01 -19.09
CA PRO F 110 -37.26 -28.61 -20.43
C PRO F 110 -36.01 -28.22 -21.20
N ARG F 111 -35.05 -29.14 -21.31
CA ARG F 111 -33.83 -28.89 -22.04
C ARG F 111 -33.58 -30.05 -22.98
N TYR F 112 -33.00 -29.74 -24.13
CA TYR F 112 -32.89 -30.67 -25.23
C TYR F 112 -31.55 -30.46 -25.88
N VAL F 113 -31.01 -31.51 -26.48
CA VAL F 113 -29.68 -31.43 -27.07
C VAL F 113 -29.73 -31.92 -28.50
N VAL F 114 -29.24 -31.11 -29.42
CA VAL F 114 -29.05 -31.50 -30.79
C VAL F 114 -27.56 -31.65 -31.01
N SER F 115 -27.12 -32.90 -31.17
CA SER F 115 -25.75 -33.19 -31.55
C SER F 115 -25.63 -33.01 -33.05
N MET F 116 -25.02 -31.91 -33.47
CA MET F 116 -24.97 -31.53 -34.87
C MET F 116 -23.58 -31.78 -35.42
N GLY F 117 -23.42 -32.85 -36.18
CA GLY F 117 -22.16 -33.01 -36.86
C GLY F 117 -21.36 -34.21 -36.41
N SER F 118 -20.52 -34.66 -37.33
CA SER F 118 -19.73 -35.87 -37.13
C SER F 118 -18.76 -35.75 -35.97
N CYS F 119 -18.24 -34.54 -35.71
CA CYS F 119 -17.38 -34.34 -34.55
C CYS F 119 -18.12 -34.60 -33.26
N ALA F 120 -19.36 -34.15 -33.19
CA ALA F 120 -20.06 -34.18 -31.92
C ALA F 120 -20.80 -35.49 -31.69
N ASN F 121 -21.17 -36.20 -32.75
CA ASN F 121 -22.08 -37.33 -32.59
C ASN F 121 -21.36 -38.64 -32.36
N GLY F 122 -20.19 -38.63 -31.73
CA GLY F 122 -19.40 -39.84 -31.72
C GLY F 122 -17.94 -39.60 -32.06
N GLY F 123 -17.48 -38.38 -31.90
CA GLY F 123 -16.05 -38.12 -32.07
C GLY F 123 -15.70 -37.78 -33.49
N GLY F 124 -15.90 -38.71 -34.39
CA GLY F 124 -15.75 -38.40 -35.80
C GLY F 124 -14.30 -38.35 -36.22
N TYR F 125 -13.92 -37.27 -36.90
CA TYR F 125 -12.67 -37.28 -37.64
C TYR F 125 -11.50 -37.08 -36.72
N TYR F 126 -11.71 -36.42 -35.60
CA TYR F 126 -10.68 -36.34 -34.58
C TYR F 126 -10.93 -37.37 -33.49
N HIS F 127 -11.24 -38.62 -33.82
CA HIS F 127 -11.64 -39.49 -32.73
C HIS F 127 -10.43 -40.06 -32.01
N TYR F 128 -9.38 -40.38 -32.74
CA TYR F 128 -8.20 -41.01 -32.17
C TYR F 128 -7.16 -39.94 -31.89
N SER F 129 -7.45 -39.13 -30.88
CA SER F 129 -6.51 -38.10 -30.52
C SER F 129 -6.69 -37.77 -29.05
N TYR F 130 -5.66 -37.16 -28.49
CA TYR F 130 -5.76 -36.55 -27.18
C TYR F 130 -6.61 -35.29 -27.29
N SER F 131 -7.06 -34.82 -26.12
CA SER F 131 -7.76 -33.55 -25.93
C SER F 131 -9.04 -33.44 -26.74
N VAL F 132 -9.64 -34.55 -27.15
CA VAL F 132 -10.87 -34.52 -27.93
C VAL F 132 -11.84 -35.49 -27.29
N VAL F 133 -13.03 -34.99 -26.92
CA VAL F 133 -14.00 -35.85 -26.28
C VAL F 133 -14.63 -36.75 -27.33
N ARG F 134 -14.50 -38.05 -27.13
CA ARG F 134 -14.99 -39.06 -28.06
C ARG F 134 -16.50 -39.16 -27.87
N GLY F 135 -17.22 -38.32 -28.59
CA GLY F 135 -18.66 -38.33 -28.50
C GLY F 135 -19.18 -37.54 -27.32
N CYS F 136 -20.16 -36.68 -27.54
CA CYS F 136 -20.62 -35.78 -26.50
C CYS F 136 -21.68 -36.40 -25.60
N ASP F 137 -21.80 -37.73 -25.59
CA ASP F 137 -22.52 -38.39 -24.52
C ASP F 137 -21.68 -38.49 -23.25
N ARG F 138 -20.41 -38.16 -23.33
CA ARG F 138 -19.55 -38.19 -22.16
C ARG F 138 -19.66 -36.91 -21.34
N ILE F 139 -20.47 -35.96 -21.78
CA ILE F 139 -20.68 -34.73 -21.03
C ILE F 139 -22.16 -34.54 -20.74
N VAL F 140 -22.96 -34.46 -21.79
CA VAL F 140 -24.39 -34.17 -21.65
C VAL F 140 -25.15 -35.31 -22.28
N PRO F 141 -26.40 -35.51 -21.92
CA PRO F 141 -27.26 -36.39 -22.72
C PRO F 141 -27.61 -35.74 -24.04
N VAL F 142 -28.04 -36.56 -24.99
CA VAL F 142 -28.30 -36.11 -26.35
C VAL F 142 -29.68 -36.60 -26.77
N ASP F 143 -30.54 -35.68 -27.19
CA ASP F 143 -31.79 -36.09 -27.80
C ASP F 143 -31.60 -36.49 -29.25
N ILE F 144 -31.15 -35.58 -30.09
CA ILE F 144 -31.19 -35.82 -31.53
C ILE F 144 -29.80 -35.71 -32.13
N TYR F 145 -29.33 -36.79 -32.73
CA TYR F 145 -28.13 -36.77 -33.55
C TYR F 145 -28.49 -36.41 -34.98
N VAL F 146 -27.72 -35.50 -35.57
CA VAL F 146 -27.88 -35.24 -36.99
C VAL F 146 -26.52 -35.37 -37.69
N PRO F 147 -26.24 -36.51 -38.27
CA PRO F 147 -24.94 -36.72 -38.92
C PRO F 147 -24.88 -36.07 -40.30
N GLY F 148 -23.68 -36.11 -40.87
CA GLY F 148 -23.30 -35.31 -42.01
C GLY F 148 -22.19 -34.37 -41.57
N CYS F 149 -21.16 -34.18 -42.39
CA CYS F 149 -20.01 -33.33 -42.04
C CYS F 149 -19.78 -32.34 -43.18
N PRO F 150 -20.39 -31.17 -43.12
CA PRO F 150 -21.43 -30.71 -42.20
C PRO F 150 -22.76 -31.34 -42.56
N PRO F 151 -23.78 -31.16 -41.72
CA PRO F 151 -25.14 -31.41 -42.20
C PRO F 151 -25.49 -30.42 -43.28
N THR F 152 -26.50 -30.76 -44.06
CA THR F 152 -27.05 -29.69 -44.87
C THR F 152 -27.91 -28.80 -43.99
N ALA F 153 -28.31 -27.65 -44.54
CA ALA F 153 -29.37 -26.90 -43.89
C ALA F 153 -30.66 -27.71 -43.90
N GLU F 154 -30.88 -28.47 -44.97
CA GLU F 154 -32.08 -29.26 -45.10
C GLU F 154 -32.10 -30.39 -44.08
N ALA F 155 -30.96 -31.05 -43.86
CA ALA F 155 -30.93 -32.17 -42.91
C ALA F 155 -31.08 -31.69 -41.49
N LEU F 156 -30.46 -30.56 -41.15
CA LEU F 156 -30.62 -29.98 -39.82
C LEU F 156 -32.06 -29.60 -39.57
N LEU F 157 -32.70 -29.04 -40.60
CA LEU F 157 -34.10 -28.67 -40.47
C LEU F 157 -34.97 -29.91 -40.30
N TYR F 158 -34.60 -31.01 -40.95
CA TYR F 158 -35.31 -32.26 -40.75
C TYR F 158 -35.16 -32.77 -39.33
N GLY F 159 -33.98 -32.59 -38.75
CA GLY F 159 -33.77 -32.99 -37.37
C GLY F 159 -34.60 -32.19 -36.39
N ILE F 160 -34.73 -30.89 -36.65
CA ILE F 160 -35.58 -30.06 -35.77
C ILE F 160 -37.04 -30.44 -35.92
N LEU F 161 -37.48 -30.80 -37.14
CA LEU F 161 -38.86 -31.27 -37.28
C LEU F 161 -39.09 -32.59 -36.55
N GLN F 162 -38.11 -33.50 -36.58
CA GLN F 162 -38.28 -34.73 -35.82
C GLN F 162 -38.28 -34.47 -34.32
N LEU F 163 -37.53 -33.47 -33.87
CA LEU F 163 -37.58 -33.13 -32.45
C LEU F 163 -38.94 -32.57 -32.06
N GLN F 164 -39.54 -31.77 -32.95
CA GLN F 164 -40.90 -31.30 -32.71
C GLN F 164 -41.90 -32.45 -32.68
N LYS F 165 -41.65 -33.50 -33.46
CA LYS F 165 -42.53 -34.66 -33.39
C LYS F 165 -42.31 -35.45 -32.10
N LYS F 166 -41.09 -35.42 -31.56
CA LYS F 166 -40.87 -35.99 -30.23
C LYS F 166 -41.66 -35.21 -29.18
N ILE F 167 -41.71 -33.88 -29.32
CA ILE F 167 -42.53 -33.09 -28.41
C ILE F 167 -44.01 -33.33 -28.66
N LYS F 168 -44.40 -33.78 -29.85
CA LYS F 168 -45.74 -34.29 -30.02
C LYS F 168 -45.94 -35.60 -29.27
N ARG F 169 -44.88 -36.38 -29.04
CA ARG F 169 -44.99 -37.67 -28.37
C ARG F 169 -44.73 -37.61 -26.87
N GLU F 170 -45.20 -36.58 -26.16
CA GLU F 170 -44.79 -36.44 -24.76
C GLU F 170 -45.62 -37.25 -23.77
N LYS F 171 -46.95 -37.06 -23.75
CA LYS F 171 -47.93 -37.59 -22.79
C LYS F 171 -47.50 -37.48 -21.31
N ARG F 172 -46.82 -36.37 -21.00
CA ARG F 172 -46.36 -36.08 -19.64
C ARG F 172 -47.52 -35.97 -18.66
N LEU F 173 -48.50 -35.13 -18.99
CA LEU F 173 -49.53 -34.83 -18.01
C LEU F 173 -50.52 -35.98 -17.87
N ARG F 174 -50.67 -36.79 -18.93
CA ARG F 174 -51.37 -38.06 -18.80
C ARG F 174 -50.66 -38.99 -17.84
N ILE F 175 -49.33 -39.06 -17.92
CA ILE F 175 -48.57 -39.85 -16.96
C ILE F 175 -48.75 -39.34 -15.53
N TRP F 176 -48.75 -38.02 -15.37
CA TRP F 176 -48.90 -37.45 -14.04
C TRP F 176 -50.29 -37.69 -13.46
N TYR F 177 -51.32 -37.66 -14.30
CA TYR F 177 -52.64 -37.95 -13.79
C TYR F 177 -52.83 -39.44 -13.52
N ARG F 178 -52.34 -40.30 -14.39
CA ARG F 178 -52.55 -41.72 -14.18
C ARG F 178 -51.60 -42.30 -13.15
N ARG F 179 -50.62 -41.53 -12.68
CA ARG F 179 -49.85 -41.95 -11.52
C ARG F 179 -50.77 -41.95 -10.32
N THR G 1 1.06 -3.53 -60.15
CA THR G 1 -0.20 -2.82 -60.33
C THR G 1 -0.96 -2.73 -59.03
N TYR G 2 -1.32 -1.52 -58.62
CA TYR G 2 -2.02 -1.36 -57.36
C TYR G 2 -2.92 -0.14 -57.43
N LYS G 3 -3.99 -0.17 -56.65
CA LYS G 3 -5.03 0.86 -56.66
C LYS G 3 -5.39 1.18 -55.22
N TYR G 4 -4.74 2.19 -54.65
CA TYR G 4 -4.97 2.40 -53.23
C TYR G 4 -6.13 3.36 -52.99
N VAL G 5 -6.56 3.41 -51.72
CA VAL G 5 -7.84 3.97 -51.33
C VAL G 5 -7.64 5.13 -50.37
N ASN G 6 -8.68 5.97 -50.30
CA ASN G 6 -8.74 7.18 -49.47
C ASN G 6 -7.58 8.14 -49.73
N LEU G 7 -7.26 8.32 -51.00
CA LEU G 7 -6.61 9.55 -51.42
C LEU G 7 -7.78 10.47 -51.73
N ARG G 8 -8.25 11.17 -50.70
CA ARG G 8 -9.29 12.15 -50.89
C ARG G 8 -9.12 13.26 -49.88
N GLU G 9 -9.82 14.36 -50.12
CA GLU G 9 -9.68 15.58 -49.34
C GLU G 9 -10.99 16.34 -49.40
N PRO G 10 -11.33 17.10 -48.35
CA PRO G 10 -12.54 17.93 -48.41
C PRO G 10 -12.36 19.13 -49.33
N SER G 11 -13.13 19.14 -50.42
CA SER G 11 -13.04 20.23 -51.37
C SER G 11 -13.63 21.49 -50.77
N MET G 12 -12.95 22.62 -50.98
CA MET G 12 -13.27 23.85 -50.29
C MET G 12 -14.08 24.83 -51.13
N ASP G 13 -15.02 24.31 -51.93
CA ASP G 13 -15.98 25.18 -52.58
C ASP G 13 -17.23 25.31 -51.73
N MET G 14 -17.97 26.40 -51.96
CA MET G 14 -19.08 26.75 -51.06
C MET G 14 -20.26 25.81 -51.23
N LYS G 15 -20.56 25.41 -52.47
CA LYS G 15 -21.63 24.43 -52.68
C LYS G 15 -21.24 23.08 -52.09
N SER G 16 -19.96 22.74 -52.19
CA SER G 16 -19.44 21.52 -51.58
C SER G 16 -19.59 21.56 -50.06
N VAL G 17 -19.22 22.67 -49.44
CA VAL G 17 -19.24 22.71 -47.99
C VAL G 17 -20.67 22.83 -47.48
N THR G 18 -21.58 23.45 -48.24
CA THR G 18 -22.96 23.49 -47.76
C THR G 18 -23.68 22.17 -48.01
N ASP G 19 -23.26 21.39 -49.01
CA ASP G 19 -23.87 20.07 -49.15
C ASP G 19 -23.37 19.12 -48.07
N ARG G 20 -22.09 19.22 -47.70
CA ARG G 20 -21.61 18.45 -46.57
C ARG G 20 -22.28 18.89 -45.26
N ALA G 21 -22.61 20.17 -45.14
CA ALA G 21 -23.34 20.62 -43.95
C ALA G 21 -24.78 20.11 -43.93
N ALA G 22 -25.45 20.09 -45.08
CA ALA G 22 -26.82 19.59 -45.13
C ALA G 22 -26.87 18.10 -44.86
N GLN G 23 -25.84 17.37 -45.28
CA GLN G 23 -25.73 15.97 -44.92
C GLN G 23 -25.40 15.81 -43.44
N THR G 24 -24.69 16.77 -42.85
CA THR G 24 -24.46 16.74 -41.41
C THR G 24 -25.76 16.97 -40.65
N LEU G 25 -26.61 17.87 -41.15
CA LEU G 25 -27.86 18.17 -40.46
C LEU G 25 -28.88 17.06 -40.62
N LEU G 26 -29.35 16.83 -41.84
CA LEU G 26 -30.57 16.03 -41.98
C LEU G 26 -30.31 14.53 -41.99
N TRP G 27 -29.05 14.11 -41.97
CA TRP G 27 -28.64 12.72 -42.20
C TRP G 27 -29.25 12.20 -43.51
N THR G 28 -28.86 12.83 -44.61
CA THR G 28 -29.55 12.61 -45.88
C THR G 28 -29.21 11.24 -46.47
N GLU G 29 -27.93 10.88 -46.51
CA GLU G 29 -27.63 9.57 -47.06
C GLU G 29 -27.94 8.46 -46.08
N LEU G 30 -28.17 8.78 -44.81
CA LEU G 30 -28.83 7.86 -43.91
C LEU G 30 -30.24 7.54 -44.40
N ILE G 31 -30.96 8.55 -44.89
CA ILE G 31 -32.27 8.29 -45.49
C ILE G 31 -32.12 7.53 -46.80
N ARG G 32 -31.00 7.73 -47.51
CA ARG G 32 -30.74 6.92 -48.70
C ARG G 32 -30.54 5.44 -48.33
N GLY G 33 -29.91 5.19 -47.19
CA GLY G 33 -29.79 3.83 -46.71
C GLY G 33 -31.15 3.21 -46.37
N LEU G 34 -32.02 4.02 -45.75
CA LEU G 34 -33.40 3.57 -45.54
C LEU G 34 -34.11 3.24 -46.85
N GLY G 35 -33.87 4.06 -47.88
CA GLY G 35 -34.49 3.81 -49.17
C GLY G 35 -33.99 2.54 -49.84
N MET G 36 -32.70 2.26 -49.70
CA MET G 36 -32.15 1.01 -50.22
C MET G 36 -32.76 -0.19 -49.52
N THR G 37 -32.94 -0.09 -48.22
CA THR G 37 -33.55 -1.20 -47.49
C THR G 37 -35.02 -1.39 -47.88
N LEU G 38 -35.74 -0.30 -48.10
CA LEU G 38 -37.12 -0.45 -48.56
C LEU G 38 -37.18 -1.02 -49.97
N SER G 39 -36.16 -0.74 -50.78
CA SER G 39 -36.10 -1.34 -52.12
C SER G 39 -35.89 -2.85 -52.03
N TYR G 40 -35.19 -3.32 -50.99
CA TYR G 40 -35.23 -4.78 -50.79
C TYR G 40 -36.49 -5.23 -50.06
N LEU G 41 -37.22 -4.32 -49.42
CA LEU G 41 -38.47 -4.73 -48.78
C LEU G 41 -39.50 -5.12 -49.82
N PHE G 42 -39.77 -4.25 -50.79
CA PHE G 42 -40.79 -4.59 -51.76
C PHE G 42 -40.35 -5.66 -52.75
N ARG G 43 -39.07 -6.01 -52.77
CA ARG G 43 -38.58 -7.18 -53.48
C ARG G 43 -39.25 -8.44 -52.96
N GLU G 44 -39.55 -9.36 -53.85
CA GLU G 44 -40.14 -10.62 -53.42
C GLU G 44 -39.08 -11.51 -52.79
N PRO G 45 -39.39 -12.16 -51.67
CA PRO G 45 -38.37 -12.93 -50.96
C PRO G 45 -38.13 -14.26 -51.64
N ALA G 46 -37.00 -14.87 -51.29
CA ALA G 46 -36.60 -16.13 -51.89
C ALA G 46 -36.29 -17.11 -50.76
N THR G 47 -37.32 -17.81 -50.31
CA THR G 47 -37.17 -18.96 -49.44
C THR G 47 -37.74 -20.17 -50.14
N ILE G 48 -37.65 -21.31 -49.49
CA ILE G 48 -38.37 -22.49 -49.93
C ILE G 48 -39.36 -22.81 -48.81
N ASN G 49 -40.19 -23.82 -49.01
CA ASN G 49 -41.18 -24.19 -48.00
C ASN G 49 -40.93 -25.66 -47.69
N TYR G 50 -40.26 -25.91 -46.56
CA TYR G 50 -39.46 -27.13 -46.39
C TYR G 50 -40.17 -28.46 -46.61
N PRO G 51 -41.28 -28.79 -45.92
CA PRO G 51 -41.81 -30.14 -46.07
C PRO G 51 -42.43 -30.38 -47.42
N PHE G 52 -42.66 -29.32 -48.16
CA PHE G 52 -43.40 -29.33 -49.40
C PHE G 52 -42.54 -28.93 -50.59
N GLU G 53 -41.74 -27.88 -50.46
CA GLU G 53 -40.84 -27.39 -51.51
C GLU G 53 -39.40 -27.59 -51.04
N LYS G 54 -38.80 -28.72 -51.39
CA LYS G 54 -37.43 -28.96 -50.95
C LYS G 54 -36.44 -28.16 -51.80
N GLY G 55 -35.25 -28.00 -51.26
CA GLY G 55 -34.18 -27.29 -51.94
C GLY G 55 -33.46 -28.18 -52.93
N PRO G 56 -32.77 -27.57 -53.89
CA PRO G 56 -32.15 -28.35 -54.96
C PRO G 56 -30.92 -29.10 -54.50
N LEU G 57 -30.32 -29.88 -55.40
CA LEU G 57 -29.15 -30.67 -55.10
C LEU G 57 -28.29 -30.76 -56.35
N SER G 58 -27.41 -31.75 -56.39
CA SER G 58 -26.52 -32.02 -57.49
C SER G 58 -26.53 -33.51 -57.78
N PRO G 59 -26.26 -33.91 -59.03
CA PRO G 59 -26.14 -35.34 -59.32
C PRO G 59 -24.97 -36.03 -58.63
N ARG G 60 -23.94 -35.30 -58.22
CA ARG G 60 -22.77 -35.92 -57.63
C ARG G 60 -22.77 -35.85 -56.11
N PHE G 61 -23.93 -35.62 -55.50
CA PHE G 61 -24.03 -35.40 -54.07
C PHE G 61 -23.68 -36.67 -53.28
N ARG G 62 -23.31 -36.50 -52.01
CA ARG G 62 -22.82 -37.59 -51.18
C ARG G 62 -23.73 -37.81 -49.98
N GLY G 63 -24.32 -38.99 -49.93
CA GLY G 63 -25.39 -39.30 -48.99
C GLY G 63 -25.19 -40.40 -47.96
N GLU G 64 -25.65 -41.58 -48.35
CA GLU G 64 -26.18 -42.61 -47.46
C GLU G 64 -25.15 -43.63 -46.97
N HIS G 65 -24.17 -43.98 -47.81
CA HIS G 65 -23.36 -45.20 -47.75
C HIS G 65 -24.23 -46.46 -47.87
N ALA G 66 -24.82 -46.64 -49.04
CA ALA G 66 -25.56 -47.85 -49.33
C ALA G 66 -24.74 -48.78 -50.22
N LEU G 67 -25.32 -49.94 -50.53
CA LEU G 67 -24.68 -50.95 -51.35
C LEU G 67 -25.58 -51.39 -52.49
N ARG G 68 -24.98 -51.77 -53.61
CA ARG G 68 -25.71 -52.22 -54.78
C ARG G 68 -25.63 -53.73 -54.86
N ARG G 69 -26.16 -54.28 -55.95
CA ARG G 69 -25.88 -55.66 -56.32
C ARG G 69 -26.03 -55.79 -57.84
N TYR G 70 -25.67 -56.97 -58.35
CA TYR G 70 -25.70 -57.25 -59.78
C TYR G 70 -27.14 -57.31 -60.30
N PRO G 71 -27.33 -57.41 -61.64
CA PRO G 71 -28.67 -57.76 -62.14
C PRO G 71 -29.06 -59.15 -61.70
N SER G 72 -29.97 -59.19 -60.73
CA SER G 72 -30.43 -60.41 -60.07
C SER G 72 -29.25 -61.23 -59.56
N GLY G 73 -28.32 -60.56 -58.92
CA GLY G 73 -27.08 -61.22 -58.58
C GLY G 73 -26.61 -61.07 -57.15
N GLU G 74 -25.35 -61.43 -56.96
CA GLU G 74 -24.75 -61.49 -55.65
C GLU G 74 -24.50 -60.10 -55.11
N GLU G 75 -24.02 -60.04 -53.88
CA GLU G 75 -23.53 -58.80 -53.32
C GLU G 75 -22.27 -58.39 -54.06
N ARG G 76 -22.24 -57.13 -54.49
CA ARG G 76 -21.20 -56.72 -55.41
C ARG G 76 -19.85 -56.57 -54.74
N CYS G 77 -19.83 -56.28 -53.43
CA CYS G 77 -18.57 -56.21 -52.69
C CYS G 77 -17.87 -57.55 -52.69
N ILE G 78 -16.53 -57.52 -52.75
CA ILE G 78 -15.77 -58.75 -52.81
C ILE G 78 -14.76 -58.82 -51.67
N ALA G 79 -14.90 -57.94 -50.68
CA ALA G 79 -14.06 -57.88 -49.49
C ALA G 79 -12.60 -57.65 -49.85
N CYS G 80 -12.33 -56.53 -50.50
CA CYS G 80 -10.97 -56.22 -50.89
C CYS G 80 -10.34 -55.15 -50.04
N LYS G 81 -11.10 -54.58 -49.10
CA LYS G 81 -10.64 -53.74 -48.00
C LYS G 81 -9.99 -52.43 -48.46
N LEU G 82 -10.09 -52.09 -49.74
CA LEU G 82 -9.63 -50.79 -50.21
C LEU G 82 -10.40 -49.65 -49.56
N CYS G 83 -11.66 -49.88 -49.25
CA CYS G 83 -12.44 -48.86 -48.58
C CYS G 83 -11.90 -48.57 -47.18
N GLU G 84 -11.48 -49.60 -46.46
CA GLU G 84 -10.86 -49.32 -45.17
C GLU G 84 -9.49 -48.70 -45.36
N ALA G 85 -8.76 -49.14 -46.38
CA ALA G 85 -7.42 -48.60 -46.59
C ALA G 85 -7.42 -47.14 -47.02
N VAL G 86 -8.52 -46.64 -47.56
CA VAL G 86 -8.63 -45.20 -47.75
C VAL G 86 -9.47 -44.53 -46.69
N CYS G 87 -10.06 -45.28 -45.76
CA CYS G 87 -11.01 -44.66 -44.83
C CYS G 87 -10.28 -43.84 -43.79
N PRO G 88 -10.47 -42.55 -43.75
CA PRO G 88 -9.54 -41.69 -43.02
C PRO G 88 -9.75 -41.74 -41.53
N ALA G 89 -10.97 -41.94 -41.07
CA ALA G 89 -11.20 -42.16 -39.66
C ALA G 89 -11.44 -43.61 -39.33
N GLN G 90 -11.07 -44.51 -40.24
CA GLN G 90 -11.12 -45.97 -40.05
C GLN G 90 -12.51 -46.46 -39.66
N ALA G 91 -13.52 -45.87 -40.25
CA ALA G 91 -14.87 -46.24 -39.90
C ALA G 91 -15.38 -47.44 -40.67
N ILE G 92 -14.50 -48.17 -41.34
CA ILE G 92 -14.89 -49.34 -42.11
C ILE G 92 -14.33 -50.56 -41.42
N THR G 93 -15.17 -51.30 -40.71
CA THR G 93 -14.74 -52.53 -40.08
C THR G 93 -15.15 -53.67 -40.98
N ILE G 94 -14.17 -54.44 -41.44
CA ILE G 94 -14.41 -55.55 -42.35
C ILE G 94 -13.80 -56.81 -41.77
N GLU G 95 -14.63 -57.81 -41.55
CA GLU G 95 -14.16 -59.16 -41.27
C GLU G 95 -14.73 -60.07 -42.33
N ALA G 96 -13.87 -60.86 -42.95
CA ALA G 96 -14.24 -61.58 -44.15
C ALA G 96 -14.19 -63.09 -43.92
N GLU G 97 -15.15 -63.80 -44.50
CA GLU G 97 -15.03 -65.22 -44.69
C GLU G 97 -15.57 -65.53 -46.07
N PRO G 98 -15.04 -66.56 -46.72
CA PRO G 98 -15.68 -67.11 -47.91
C PRO G 98 -16.92 -67.90 -47.51
N ARG G 99 -17.87 -67.94 -48.42
CA ARG G 99 -19.13 -68.62 -48.16
C ARG G 99 -18.99 -70.10 -48.46
N ALA G 100 -20.12 -70.80 -48.48
CA ALA G 100 -20.14 -72.26 -48.55
C ALA G 100 -20.01 -72.80 -49.97
N ASP G 101 -19.50 -72.01 -50.92
CA ASP G 101 -19.29 -72.46 -52.29
C ASP G 101 -17.83 -72.46 -52.69
N GLY G 102 -17.04 -71.50 -52.22
CA GLY G 102 -15.69 -71.34 -52.67
C GLY G 102 -15.46 -69.90 -53.12
N SER G 103 -16.55 -69.23 -53.47
CA SER G 103 -16.48 -67.81 -53.79
C SER G 103 -16.22 -67.01 -52.52
N ARG G 104 -15.59 -65.86 -52.67
CA ARG G 104 -15.14 -65.09 -51.52
C ARG G 104 -16.12 -63.98 -51.17
N ARG G 105 -16.29 -63.78 -49.87
CA ARG G 105 -17.21 -62.83 -49.29
C ARG G 105 -16.67 -62.33 -47.97
N THR G 106 -17.59 -61.92 -47.12
CA THR G 106 -17.39 -61.10 -45.95
C THR G 106 -17.87 -61.91 -44.75
N THR G 107 -17.88 -61.28 -43.58
CA THR G 107 -18.87 -61.61 -42.57
C THR G 107 -19.52 -60.32 -42.11
N ARG G 108 -18.66 -59.36 -41.79
CA ARG G 108 -19.03 -58.18 -41.05
C ARG G 108 -18.52 -56.99 -41.83
N TYR G 109 -19.43 -56.10 -42.18
CA TYR G 109 -19.12 -54.92 -42.97
C TYR G 109 -19.82 -53.77 -42.29
N ASP G 110 -19.17 -53.17 -41.31
CA ASP G 110 -19.77 -52.12 -40.52
C ASP G 110 -19.20 -50.78 -40.90
N ILE G 111 -20.09 -49.81 -41.11
CA ILE G 111 -19.70 -48.43 -41.33
C ILE G 111 -20.10 -47.65 -40.10
N ASP G 112 -19.17 -46.90 -39.55
CA ASP G 112 -19.49 -46.05 -38.42
C ASP G 112 -19.97 -44.71 -38.97
N MET G 113 -21.28 -44.49 -38.97
CA MET G 113 -21.82 -43.25 -39.51
C MET G 113 -21.44 -42.07 -38.65
N THR G 114 -21.16 -42.29 -37.37
CA THR G 114 -20.54 -41.26 -36.55
C THR G 114 -19.16 -40.91 -37.08
N LYS G 115 -18.25 -41.88 -37.06
CA LYS G 115 -16.86 -41.64 -37.42
C LYS G 115 -16.65 -41.37 -38.90
N CYS G 116 -17.64 -41.61 -39.75
CA CYS G 116 -17.48 -41.26 -41.15
C CYS G 116 -17.47 -39.74 -41.33
N ILE G 117 -16.92 -39.32 -42.46
CA ILE G 117 -16.77 -37.90 -42.76
C ILE G 117 -17.25 -37.56 -44.16
N TYR G 118 -17.68 -38.56 -44.93
CA TYR G 118 -18.34 -38.40 -46.23
C TYR G 118 -17.37 -37.76 -47.23
N CYS G 119 -16.20 -38.40 -47.36
CA CYS G 119 -15.26 -37.99 -48.40
C CYS G 119 -15.83 -38.26 -49.76
N GLY G 120 -16.21 -39.49 -49.99
CA GLY G 120 -16.28 -40.05 -51.31
C GLY G 120 -15.09 -40.88 -51.68
N PHE G 121 -14.10 -41.02 -50.79
CA PHE G 121 -12.95 -41.83 -51.14
C PHE G 121 -13.31 -43.30 -51.23
N CYS G 122 -14.27 -43.75 -50.44
CA CYS G 122 -14.73 -45.11 -50.64
C CYS G 122 -15.66 -45.23 -51.84
N GLN G 123 -16.13 -44.14 -52.40
CA GLN G 123 -16.71 -44.24 -53.74
C GLN G 123 -15.62 -44.37 -54.78
N GLU G 124 -14.54 -43.60 -54.64
CA GLU G 124 -13.49 -43.61 -55.64
C GLU G 124 -12.61 -44.84 -55.57
N ALA G 125 -12.64 -45.57 -54.46
CA ALA G 125 -11.74 -46.68 -54.29
C ALA G 125 -12.37 -48.02 -54.55
N CYS G 126 -13.68 -48.12 -54.51
CA CYS G 126 -14.33 -49.41 -54.59
C CYS G 126 -14.23 -49.92 -56.01
N PRO G 127 -13.63 -51.07 -56.25
CA PRO G 127 -13.22 -51.41 -57.62
C PRO G 127 -14.38 -51.80 -58.50
N VAL G 128 -15.51 -52.15 -57.93
CA VAL G 128 -16.66 -52.60 -58.71
C VAL G 128 -17.84 -51.66 -58.58
N ASP G 129 -17.65 -50.54 -57.89
CA ASP G 129 -18.71 -49.63 -57.46
C ASP G 129 -19.76 -50.38 -56.66
N ALA G 130 -19.31 -50.96 -55.55
CA ALA G 130 -20.24 -51.69 -54.71
C ALA G 130 -20.77 -50.84 -53.58
N ILE G 131 -19.96 -49.96 -53.02
CA ILE G 131 -20.42 -48.98 -52.06
C ILE G 131 -20.60 -47.64 -52.76
N VAL G 132 -21.77 -47.06 -52.61
CA VAL G 132 -22.14 -45.84 -53.33
C VAL G 132 -22.74 -44.89 -52.31
N GLU G 133 -22.40 -43.62 -52.41
CA GLU G 133 -23.12 -42.59 -51.69
C GLU G 133 -24.56 -42.47 -52.20
N GLY G 134 -25.52 -42.43 -51.28
CA GLY G 134 -26.90 -42.27 -51.65
C GLY G 134 -27.24 -40.84 -51.99
N PRO G 135 -28.49 -40.60 -52.29
CA PRO G 135 -28.93 -39.22 -52.53
C PRO G 135 -29.42 -38.49 -51.30
N ASN G 136 -29.99 -39.21 -50.33
CA ASN G 136 -30.78 -38.59 -49.30
C ASN G 136 -30.03 -38.56 -47.97
N PHE G 137 -30.38 -37.57 -47.18
CA PHE G 137 -29.61 -37.15 -46.05
C PHE G 137 -30.56 -36.92 -44.88
N GLU G 138 -31.10 -38.01 -44.35
CA GLU G 138 -32.14 -37.92 -43.34
C GLU G 138 -31.96 -39.13 -42.44
N PHE G 139 -31.18 -38.93 -41.39
CA PHE G 139 -30.82 -40.03 -40.50
C PHE G 139 -31.44 -39.85 -39.13
N SER G 140 -31.05 -38.76 -38.44
CA SER G 140 -31.86 -38.06 -37.45
C SER G 140 -32.36 -38.99 -36.34
N THR G 141 -31.41 -39.49 -35.58
CA THR G 141 -31.60 -40.68 -34.77
C THR G 141 -31.65 -40.34 -33.29
N GLU G 142 -32.66 -40.86 -32.60
CA GLU G 142 -32.86 -40.57 -31.19
C GLU G 142 -31.94 -41.34 -30.26
N THR G 143 -31.18 -42.30 -30.75
CA THR G 143 -30.24 -43.04 -29.93
C THR G 143 -28.84 -42.91 -30.54
N HIS G 144 -27.84 -43.31 -29.76
CA HIS G 144 -26.52 -43.44 -30.33
C HIS G 144 -26.28 -44.83 -30.89
N GLU G 145 -27.06 -45.81 -30.45
CA GLU G 145 -26.89 -47.17 -30.98
C GLU G 145 -27.26 -47.25 -32.45
N GLU G 146 -28.22 -46.44 -32.88
CA GLU G 146 -28.84 -46.62 -34.17
C GLU G 146 -28.23 -45.68 -35.21
N LEU G 147 -26.94 -45.40 -35.09
CA LEU G 147 -26.14 -44.87 -36.18
C LEU G 147 -24.91 -45.72 -36.43
N LEU G 148 -25.00 -47.00 -36.12
CA LEU G 148 -23.94 -47.96 -36.41
C LEU G 148 -24.55 -49.03 -37.29
N TYR G 149 -24.30 -48.94 -38.58
CA TYR G 149 -24.98 -49.79 -39.54
C TYR G 149 -24.28 -51.14 -39.64
N ASN G 150 -25.04 -52.22 -39.52
CA ASN G 150 -24.49 -53.51 -39.85
C ASN G 150 -24.72 -53.81 -41.32
N LYS G 151 -24.31 -55.01 -41.71
CA LYS G 151 -24.34 -55.40 -43.12
C LYS G 151 -25.77 -55.50 -43.64
N GLU G 152 -26.66 -56.11 -42.87
CA GLU G 152 -28.02 -56.30 -43.35
C GLU G 152 -28.80 -55.00 -43.34
N LYS G 153 -28.47 -54.10 -42.41
CA LYS G 153 -29.00 -52.75 -42.47
C LYS G 153 -28.55 -52.05 -43.74
N LEU G 154 -27.28 -52.21 -44.11
CA LEU G 154 -26.78 -51.57 -45.32
C LEU G 154 -27.43 -52.15 -46.57
N LEU G 155 -27.63 -53.46 -46.61
CA LEU G 155 -28.21 -54.04 -47.80
C LEU G 155 -29.70 -53.80 -47.89
N ASN G 156 -30.42 -53.76 -46.77
CA ASN G 156 -31.81 -53.31 -46.81
C ASN G 156 -31.93 -51.82 -47.08
N ASN G 157 -30.87 -51.07 -46.80
CA ASN G 157 -30.86 -49.67 -47.16
C ASN G 157 -30.59 -49.49 -48.64
N GLY G 158 -29.75 -50.34 -49.21
CA GLY G 158 -29.48 -50.33 -50.63
C GLY G 158 -30.54 -50.99 -51.48
N ASP G 159 -31.44 -51.76 -50.86
CA ASP G 159 -32.57 -52.27 -51.60
C ASP G 159 -33.80 -51.39 -51.45
N LYS G 160 -33.70 -50.32 -50.66
CA LYS G 160 -34.79 -49.36 -50.62
C LYS G 160 -34.83 -48.57 -51.92
N TRP G 161 -33.69 -48.39 -52.56
CA TRP G 161 -33.65 -47.85 -53.91
C TRP G 161 -32.40 -48.34 -54.61
N GLU G 162 -32.54 -48.66 -55.89
CA GLU G 162 -31.36 -48.83 -56.71
C GLU G 162 -31.49 -47.99 -57.97
N ALA G 163 -32.73 -47.90 -58.47
CA ALA G 163 -33.03 -47.15 -59.69
C ALA G 163 -32.64 -45.69 -59.55
N GLU G 164 -32.78 -45.16 -58.33
CA GLU G 164 -32.14 -43.93 -57.93
C GLU G 164 -30.64 -43.93 -58.21
N ILE G 165 -29.92 -44.85 -57.59
CA ILE G 165 -28.47 -44.89 -57.66
C ILE G 165 -28.02 -45.26 -59.06
N ALA G 166 -28.77 -46.14 -59.72
CA ALA G 166 -28.48 -46.46 -61.11
C ALA G 166 -28.64 -45.24 -62.00
N ALA G 167 -29.64 -44.40 -61.73
CA ALA G 167 -29.83 -43.19 -62.51
C ALA G 167 -28.70 -42.20 -62.30
N ASN G 168 -28.29 -42.01 -61.04
CA ASN G 168 -27.22 -41.05 -60.76
C ASN G 168 -25.87 -41.51 -61.31
N ILE G 169 -25.57 -42.80 -61.19
CA ILE G 169 -24.28 -43.26 -61.72
C ILE G 169 -24.31 -43.28 -63.25
N GLN G 170 -25.43 -43.72 -63.83
CA GLN G 170 -25.59 -43.74 -65.28
C GLN G 170 -25.50 -42.35 -65.87
N ALA G 171 -25.98 -41.35 -65.16
CA ALA G 171 -25.77 -39.99 -65.60
C ALA G 171 -24.43 -39.43 -65.16
N ASP G 172 -23.66 -40.17 -64.34
CA ASP G 172 -22.41 -39.61 -63.83
C ASP G 172 -21.18 -40.50 -64.02
N TYR G 173 -21.26 -41.59 -64.79
CA TYR G 173 -20.12 -42.49 -64.80
C TYR G 173 -19.00 -41.98 -65.69
N LEU G 174 -19.32 -41.22 -66.74
CA LEU G 174 -18.26 -40.74 -67.62
C LEU G 174 -17.40 -39.67 -66.97
N TYR G 175 -17.94 -38.92 -66.01
CA TYR G 175 -17.20 -37.80 -65.44
C TYR G 175 -16.05 -38.29 -64.59
N ARG G 176 -16.36 -39.03 -63.54
CA ARG G 176 -15.31 -39.61 -62.72
C ARG G 176 -14.78 -40.87 -63.38
N ASN H 35 25.98 -89.45 -116.62
CA ASN H 35 25.18 -90.08 -115.59
C ASN H 35 23.91 -89.29 -115.32
N THR H 36 22.77 -89.84 -115.75
CA THR H 36 21.47 -89.21 -115.57
C THR H 36 20.51 -90.11 -114.80
N THR H 37 21.04 -90.97 -113.94
CA THR H 37 20.26 -92.04 -113.33
C THR H 37 20.09 -91.75 -111.84
N TYR H 38 18.91 -92.08 -111.31
CA TYR H 38 18.65 -91.98 -109.88
C TYR H 38 19.43 -93.05 -109.14
N LYS H 39 20.20 -92.66 -108.12
CA LYS H 39 21.07 -93.60 -107.43
C LYS H 39 20.72 -93.82 -105.97
N ASN H 40 19.63 -93.24 -105.51
CA ASN H 40 19.00 -93.64 -104.27
C ASN H 40 18.03 -94.77 -104.57
N LEU H 41 17.05 -94.99 -103.68
CA LEU H 41 15.98 -96.00 -103.72
C LEU H 41 16.57 -97.36 -103.36
N GLN H 42 17.81 -97.39 -102.89
CA GLN H 42 18.28 -98.54 -102.13
C GLN H 42 17.69 -98.51 -100.72
N HIS H 43 17.40 -97.32 -100.21
CA HIS H 43 16.76 -97.07 -98.94
C HIS H 43 15.27 -97.31 -98.98
N HIS H 44 14.73 -97.60 -100.16
CA HIS H 44 13.31 -97.56 -100.43
C HIS H 44 12.54 -98.63 -99.67
N ASP H 45 13.21 -99.71 -99.26
CA ASP H 45 12.56 -100.81 -98.57
C ASP H 45 12.73 -100.73 -97.06
N TYR H 46 12.79 -99.54 -96.49
CA TYR H 46 12.86 -99.40 -95.04
C TYR H 46 11.55 -99.80 -94.40
N SER H 47 11.63 -100.61 -93.37
CA SER H 47 10.47 -100.89 -92.55
C SER H 47 10.45 -99.88 -91.41
N THR H 48 9.61 -100.11 -90.41
CA THR H 48 9.50 -99.19 -89.29
C THR H 48 10.62 -99.33 -88.28
N TYR H 49 11.37 -100.42 -88.32
CA TYR H 49 12.29 -100.75 -87.24
C TYR H 49 13.74 -100.87 -87.69
N THR H 50 14.04 -100.46 -88.91
CA THR H 50 15.36 -100.73 -89.46
C THR H 50 16.43 -99.86 -88.82
N PHE H 51 16.09 -98.65 -88.39
CA PHE H 51 17.05 -97.78 -87.72
C PHE H 51 17.51 -98.38 -86.40
N LEU H 52 16.56 -98.70 -85.53
CA LEU H 52 16.90 -99.21 -84.21
C LEU H 52 17.51 -100.60 -84.30
N ASP H 53 17.06 -101.43 -85.24
CA ASP H 53 17.71 -102.72 -85.42
C ASP H 53 19.13 -102.56 -85.96
N LEU H 54 19.40 -101.52 -86.74
CA LEU H 54 20.75 -101.30 -87.23
C LEU H 54 21.64 -100.80 -86.09
N ASN H 55 21.08 -99.98 -85.21
CA ASN H 55 21.82 -99.53 -84.03
C ASN H 55 22.13 -100.70 -83.12
N LEU H 56 21.21 -101.66 -83.02
CA LEU H 56 21.50 -102.91 -82.32
C LEU H 56 22.61 -103.68 -83.01
N ASP H 57 22.57 -103.75 -84.34
CA ASP H 57 23.60 -104.45 -85.11
C ASP H 57 24.97 -103.80 -84.97
N LEU H 58 25.02 -102.52 -84.64
CA LEU H 58 26.26 -101.76 -84.64
C LEU H 58 26.60 -101.30 -83.23
N SER H 59 26.44 -102.20 -82.26
CA SER H 59 26.69 -101.90 -80.86
C SER H 59 28.11 -102.20 -80.44
N LYS H 60 28.62 -103.36 -80.83
CA LYS H 60 29.94 -103.85 -80.43
C LYS H 60 31.01 -103.09 -81.20
N PHE H 61 32.27 -103.51 -81.04
CA PHE H 61 33.50 -102.78 -81.40
C PHE H 61 33.39 -101.28 -81.07
N ARG H 62 33.34 -101.00 -79.77
CA ARG H 62 33.02 -99.67 -79.26
C ARG H 62 33.78 -99.42 -77.96
N MET H 63 34.18 -98.17 -77.76
CA MET H 63 34.94 -97.77 -76.58
C MET H 63 34.11 -97.96 -75.31
N PRO H 64 34.75 -98.19 -74.13
CA PRO H 64 34.00 -98.74 -72.99
C PRO H 64 33.09 -97.80 -72.22
N GLN H 65 32.77 -96.60 -72.77
CA GLN H 65 31.86 -95.62 -72.17
C GLN H 65 32.31 -95.24 -70.76
N PRO H 66 33.34 -94.42 -70.62
CA PRO H 66 33.99 -94.25 -69.31
C PRO H 66 33.09 -93.54 -68.32
N SER H 67 32.93 -94.16 -67.15
CA SER H 67 31.94 -93.78 -66.16
C SER H 67 32.46 -92.64 -65.30
N SER H 68 31.64 -92.25 -64.31
CA SER H 68 32.10 -91.35 -63.25
C SER H 68 31.29 -91.69 -61.99
N GLY H 69 31.87 -92.55 -61.16
CA GLY H 69 31.33 -92.86 -59.86
C GLY H 69 29.98 -93.54 -59.87
N ARG H 70 28.94 -92.79 -59.53
CA ARG H 70 27.62 -93.36 -59.36
C ARG H 70 26.95 -93.54 -60.73
N GLU H 71 25.75 -94.11 -60.68
CA GLU H 71 24.97 -94.38 -61.88
C GLU H 71 24.01 -93.27 -62.24
N SER H 72 23.77 -92.35 -61.32
CA SER H 72 22.83 -91.24 -61.50
C SER H 72 23.06 -90.27 -60.34
N PRO H 73 22.62 -89.00 -60.48
CA PRO H 73 22.61 -88.12 -59.32
C PRO H 73 21.71 -88.60 -58.18
N ARG H 74 20.56 -89.20 -58.51
CA ARG H 74 19.73 -89.83 -57.50
C ARG H 74 20.05 -91.32 -57.38
N HIS H 75 21.32 -91.61 -57.16
CA HIS H 75 21.86 -92.97 -57.20
C HIS H 75 21.28 -93.93 -56.18
N GLY I 1 -35.10 -66.78 -48.48
CA GLY I 1 -35.79 -67.68 -47.58
C GLY I 1 -35.07 -67.89 -46.25
N VAL I 2 -35.49 -67.15 -45.22
CA VAL I 2 -34.89 -67.30 -43.90
C VAL I 2 -35.31 -68.62 -43.28
N ARG I 3 -34.54 -69.06 -42.31
CA ARG I 3 -34.81 -70.32 -41.63
C ARG I 3 -35.53 -70.05 -40.31
N THR I 4 -35.59 -71.07 -39.47
CA THR I 4 -36.26 -71.03 -38.19
C THR I 4 -35.22 -71.12 -37.07
N SER I 5 -35.23 -70.14 -36.19
CA SER I 5 -34.36 -70.23 -35.03
C SER I 5 -35.10 -70.88 -33.88
N PRO I 6 -34.38 -71.49 -32.92
CA PRO I 6 -35.06 -72.10 -31.76
C PRO I 6 -35.66 -71.08 -30.80
N THR I 7 -35.26 -69.81 -30.87
CA THR I 7 -35.71 -68.77 -29.95
C THR I 7 -36.94 -68.02 -30.45
N GLY I 8 -37.63 -68.56 -31.47
CA GLY I 8 -38.79 -67.87 -32.02
C GLY I 8 -38.45 -66.61 -32.77
N GLU I 9 -37.24 -66.53 -33.32
CA GLU I 9 -36.75 -65.35 -34.03
C GLU I 9 -36.25 -65.79 -35.40
N LYS I 10 -35.71 -64.85 -36.16
CA LYS I 10 -35.22 -65.13 -37.49
C LYS I 10 -33.71 -65.35 -37.45
N VAL I 11 -33.24 -66.28 -38.29
CA VAL I 11 -31.80 -66.45 -38.49
C VAL I 11 -31.37 -65.39 -39.49
N THR I 12 -30.07 -65.23 -39.65
CA THR I 12 -29.54 -64.39 -40.71
C THR I 12 -29.02 -65.27 -41.84
N HIS I 13 -28.55 -64.63 -42.92
CA HIS I 13 -28.00 -65.41 -44.03
C HIS I 13 -26.66 -66.04 -43.67
N THR I 14 -25.95 -65.48 -42.71
CA THR I 14 -24.80 -66.14 -42.13
C THR I 14 -25.20 -66.72 -40.78
N GLY I 15 -24.78 -67.95 -40.54
CA GLY I 15 -25.23 -68.71 -39.38
C GLY I 15 -24.63 -68.22 -38.07
N GLN I 16 -25.06 -67.05 -37.62
CA GLN I 16 -24.60 -66.46 -36.37
C GLN I 16 -25.69 -66.43 -35.31
N VAL I 17 -26.74 -67.26 -35.48
CA VAL I 17 -27.99 -67.12 -34.74
C VAL I 17 -27.78 -67.43 -33.26
N TYR I 18 -28.72 -66.98 -32.44
CA TYR I 18 -28.55 -66.83 -31.00
C TYR I 18 -28.65 -68.13 -30.25
N ASP I 19 -28.39 -68.03 -28.95
CA ASP I 19 -28.44 -69.13 -28.01
C ASP I 19 -29.43 -68.78 -26.91
N ASP I 20 -29.68 -69.75 -26.02
CA ASP I 20 -30.68 -69.59 -24.98
C ASP I 20 -30.11 -68.99 -23.71
N GLU I 21 -28.96 -68.35 -23.77
CA GLU I 21 -28.38 -67.66 -22.63
C GLU I 21 -27.80 -66.32 -23.06
N ASP I 22 -28.52 -65.58 -23.89
CA ASP I 22 -27.94 -64.42 -24.55
C ASP I 22 -28.51 -63.12 -24.01
N TYR I 23 -27.62 -62.14 -23.88
CA TYR I 23 -27.98 -60.79 -23.50
C TYR I 23 -28.41 -59.94 -24.68
N ARG I 24 -27.97 -60.26 -25.90
CA ARG I 24 -28.42 -59.47 -27.02
C ARG I 24 -29.86 -59.78 -27.40
N ARG I 25 -30.37 -60.95 -26.98
CA ARG I 25 -31.79 -61.19 -27.08
C ARG I 25 -32.57 -60.16 -26.27
N VAL I 26 -32.04 -59.77 -25.10
CA VAL I 26 -32.73 -58.76 -24.32
C VAL I 26 -32.25 -57.36 -24.68
N ARG I 27 -31.32 -57.22 -25.64
CA ARG I 27 -31.28 -55.90 -26.28
C ARG I 27 -32.15 -55.86 -27.52
N PHE I 28 -32.72 -56.99 -27.94
CA PHE I 28 -33.73 -56.99 -28.99
C PHE I 28 -35.15 -56.78 -28.48
N VAL I 29 -35.32 -56.11 -27.34
CA VAL I 29 -36.64 -55.98 -26.72
C VAL I 29 -37.47 -54.95 -27.46
N GLY I 30 -38.62 -55.38 -27.98
CA GLY I 30 -39.60 -54.47 -28.56
C GLY I 30 -39.19 -53.79 -29.84
N ARG I 31 -38.11 -54.23 -30.47
CA ARG I 31 -37.61 -53.61 -31.68
C ARG I 31 -37.18 -54.73 -32.62
N GLN I 32 -37.18 -54.43 -33.92
CA GLN I 32 -36.92 -55.46 -34.92
C GLN I 32 -35.44 -55.82 -34.95
N LYS I 33 -35.13 -57.10 -34.79
CA LYS I 33 -33.90 -57.60 -35.36
C LYS I 33 -34.08 -57.56 -36.87
N GLU I 34 -33.39 -56.63 -37.53
CA GLU I 34 -33.57 -56.52 -38.96
C GLU I 34 -32.80 -57.61 -39.68
N VAL I 35 -33.37 -58.05 -40.81
CA VAL I 35 -32.76 -59.06 -41.64
C VAL I 35 -33.24 -58.82 -43.06
N ASN I 36 -32.38 -59.16 -44.02
CA ASN I 36 -32.72 -59.06 -45.43
C ASN I 36 -33.26 -60.41 -45.87
N GLU I 37 -34.41 -60.41 -46.54
CA GLU I 37 -34.91 -61.66 -47.11
C GLU I 37 -34.08 -62.09 -48.29
N ASN I 38 -33.50 -61.13 -49.00
CA ASN I 38 -32.72 -61.37 -50.18
C ASN I 38 -31.42 -62.09 -49.79
N PHE I 39 -31.25 -63.31 -50.24
CA PHE I 39 -30.07 -64.11 -49.92
C PHE I 39 -29.21 -64.31 -51.14
N ALA I 40 -27.89 -64.24 -50.94
CA ALA I 40 -26.97 -64.31 -52.08
C ALA I 40 -26.87 -65.72 -52.65
N ILE I 41 -27.04 -66.73 -51.81
CA ILE I 41 -27.01 -68.10 -52.31
C ILE I 41 -28.27 -68.41 -53.08
N ASP I 42 -29.40 -67.85 -52.66
CA ASP I 42 -30.71 -68.24 -53.16
C ASP I 42 -31.15 -67.43 -54.37
N LEU I 43 -30.23 -66.74 -55.03
CA LEU I 43 -30.50 -66.08 -56.29
C LEU I 43 -29.58 -66.53 -57.42
N ILE I 44 -28.32 -66.83 -57.09
CA ILE I 44 -27.34 -67.27 -58.07
C ILE I 44 -27.74 -68.62 -58.64
N ALA I 45 -28.25 -69.50 -57.79
CA ALA I 45 -28.70 -70.82 -58.22
C ALA I 45 -29.88 -70.75 -59.17
N GLU I 46 -30.68 -69.68 -59.11
CA GLU I 46 -31.79 -69.50 -60.02
C GLU I 46 -31.41 -68.73 -61.28
N GLN I 47 -30.15 -68.85 -61.73
CA GLN I 47 -29.69 -68.32 -63.01
C GLN I 47 -29.45 -69.43 -64.00
N PRO I 48 -29.74 -69.20 -65.28
CA PRO I 48 -29.37 -70.17 -66.31
C PRO I 48 -27.86 -70.16 -66.52
N VAL I 49 -27.25 -71.33 -66.40
CA VAL I 49 -25.82 -71.44 -66.64
C VAL I 49 -25.59 -71.35 -68.13
N SER I 50 -24.95 -70.27 -68.57
CA SER I 50 -24.83 -70.02 -70.00
C SER I 50 -23.80 -70.95 -70.63
N GLN I 51 -23.92 -71.10 -71.96
CA GLN I 51 -23.09 -72.01 -72.73
C GLN I 51 -22.52 -71.26 -73.92
N VAL I 52 -21.21 -71.08 -73.94
CA VAL I 52 -20.52 -70.45 -75.06
C VAL I 52 -19.47 -71.40 -75.58
N GLY I 53 -19.62 -71.82 -76.83
CA GLY I 53 -18.83 -72.84 -77.48
C GLY I 53 -17.40 -72.50 -77.84
N SER I 54 -16.88 -71.37 -77.39
CA SER I 54 -15.47 -71.07 -77.52
C SER I 54 -14.68 -71.73 -76.41
N ARG I 55 -13.44 -71.29 -76.20
CA ARG I 55 -12.58 -71.91 -75.20
C ARG I 55 -12.38 -71.05 -73.97
N VAL I 56 -11.99 -69.79 -74.14
CA VAL I 56 -11.79 -68.86 -73.03
C VAL I 56 -12.55 -67.59 -73.32
N ILE I 57 -13.46 -67.23 -72.43
CA ILE I 57 -14.38 -66.14 -72.70
C ILE I 57 -14.10 -64.98 -71.75
N SER I 58 -14.74 -63.85 -72.05
CA SER I 58 -14.69 -62.64 -71.27
C SER I 58 -15.82 -62.62 -70.25
N CYS I 59 -15.65 -61.77 -69.25
CA CYS I 59 -16.76 -61.43 -68.37
C CYS I 59 -16.55 -60.02 -67.87
N ASP I 60 -17.63 -59.24 -67.94
CA ASP I 60 -17.69 -57.85 -67.49
C ASP I 60 -18.86 -57.68 -66.54
N GLY I 61 -19.89 -58.47 -66.74
CA GLY I 61 -21.13 -58.32 -66.01
C GLY I 61 -22.11 -57.35 -66.62
N GLY I 62 -21.85 -56.88 -67.84
CA GLY I 62 -22.75 -55.96 -68.50
C GLY I 62 -22.42 -54.50 -68.23
N GLY I 63 -22.33 -53.71 -69.29
CA GLY I 63 -22.08 -52.30 -69.19
C GLY I 63 -20.60 -51.96 -69.13
N GLY I 64 -20.27 -50.76 -69.61
CA GLY I 64 -18.91 -50.30 -69.64
C GLY I 64 -18.55 -49.55 -68.37
N ALA I 65 -17.75 -50.20 -67.51
CA ALA I 65 -17.42 -49.74 -66.16
C ALA I 65 -18.67 -49.54 -65.30
N LEU I 66 -19.73 -50.25 -65.62
CA LEU I 66 -20.94 -50.30 -64.81
C LEU I 66 -21.04 -51.70 -64.25
N GLY I 67 -19.90 -52.21 -63.83
CA GLY I 67 -19.76 -53.60 -63.45
C GLY I 67 -18.31 -53.91 -63.19
N HIS I 68 -18.03 -55.15 -63.04
CA HIS I 68 -16.69 -55.53 -62.64
C HIS I 68 -15.75 -55.50 -63.83
N PRO I 69 -14.44 -55.30 -63.61
CA PRO I 69 -13.48 -55.29 -64.71
C PRO I 69 -13.37 -56.66 -65.39
N ARG I 70 -12.66 -56.67 -66.52
CA ARG I 70 -12.60 -57.85 -67.38
C ARG I 70 -11.97 -59.03 -66.66
N VAL I 71 -12.49 -60.21 -66.97
CA VAL I 71 -11.81 -61.41 -66.53
C VAL I 71 -12.01 -62.47 -67.61
N TYR I 72 -10.93 -63.15 -67.97
CA TYR I 72 -10.94 -64.13 -69.04
C TYR I 72 -10.83 -65.50 -68.38
N ILE I 73 -11.88 -66.29 -68.48
CA ILE I 73 -11.92 -67.56 -67.78
C ILE I 73 -12.00 -68.70 -68.78
N ASN I 74 -11.53 -69.87 -68.32
CA ASN I 74 -11.31 -71.04 -69.15
C ASN I 74 -12.53 -71.95 -69.12
N LEU I 75 -12.84 -72.54 -70.26
CA LEU I 75 -13.97 -73.45 -70.39
C LEU I 75 -13.55 -74.76 -71.00
N ASP I 76 -12.51 -75.37 -70.44
CA ASP I 76 -12.08 -76.66 -70.92
C ASP I 76 -12.74 -77.82 -70.20
N LYS I 77 -12.77 -77.76 -68.87
CA LYS I 77 -13.32 -78.87 -68.10
C LYS I 77 -14.83 -78.93 -68.22
N GLU I 78 -15.35 -80.15 -68.33
CA GLU I 78 -16.78 -80.36 -68.28
C GLU I 78 -17.25 -80.90 -66.95
N THR I 79 -16.34 -81.32 -66.09
CA THR I 79 -16.74 -81.73 -64.75
C THR I 79 -17.13 -80.54 -63.90
N LYS I 80 -16.66 -79.34 -64.24
CA LYS I 80 -17.00 -78.13 -63.51
C LYS I 80 -17.40 -77.08 -64.51
N THR I 81 -18.57 -76.51 -64.34
CA THR I 81 -18.95 -75.34 -65.11
C THR I 81 -18.07 -74.17 -64.69
N GLY I 82 -17.43 -73.54 -65.67
CA GLY I 82 -16.40 -72.55 -65.38
C GLY I 82 -16.98 -71.30 -64.76
N THR I 83 -16.39 -70.86 -63.65
CA THR I 83 -16.97 -69.87 -62.76
C THR I 83 -16.13 -68.60 -62.77
N CYS I 84 -16.75 -67.47 -63.08
CA CYS I 84 -16.10 -66.19 -62.88
C CYS I 84 -15.97 -65.89 -61.39
N GLY I 85 -14.86 -65.26 -61.01
CA GLY I 85 -14.69 -64.88 -59.63
C GLY I 85 -15.44 -63.62 -59.26
N TYR I 86 -15.68 -62.75 -60.24
CA TYR I 86 -16.40 -61.52 -59.96
C TYR I 86 -17.87 -61.61 -60.30
N CYS I 87 -18.22 -62.20 -61.45
CA CYS I 87 -19.63 -62.28 -61.85
C CYS I 87 -20.42 -63.17 -60.92
N GLY I 88 -19.76 -64.13 -60.27
CA GLY I 88 -20.45 -65.02 -59.37
C GLY I 88 -21.30 -66.06 -60.06
N LEU I 89 -21.13 -66.24 -61.36
CA LEU I 89 -21.96 -67.15 -62.13
C LEU I 89 -21.07 -68.05 -62.98
N GLN I 90 -21.69 -69.04 -63.58
CA GLN I 90 -20.95 -70.11 -64.22
C GLN I 90 -21.05 -70.00 -65.73
N PHE I 91 -20.35 -70.91 -66.43
CA PHE I 91 -20.38 -71.01 -67.88
C PHE I 91 -20.09 -72.44 -68.30
N ARG I 92 -20.46 -72.75 -69.55
CA ARG I 92 -20.09 -74.01 -70.20
C ARG I 92 -19.74 -73.75 -71.65
N GLN I 93 -19.34 -74.81 -72.35
CA GLN I 93 -19.09 -74.74 -73.79
C GLN I 93 -19.88 -75.81 -74.50
N GLN I 94 -20.06 -75.60 -75.81
CA GLN I 94 -20.74 -76.56 -76.66
C GLN I 94 -19.91 -76.79 -77.91
N HIS I 95 -20.21 -77.89 -78.59
CA HIS I 95 -19.42 -78.32 -79.74
C HIS I 95 -20.20 -79.29 -80.62
N THR J 8 27.55 -23.61 -19.31
CA THR J 8 28.72 -22.78 -19.05
C THR J 8 29.53 -23.50 -17.99
N GLN J 9 30.14 -24.61 -18.40
CA GLN J 9 31.12 -25.38 -17.62
C GLN J 9 30.53 -25.87 -16.29
N LEU J 10 29.55 -26.73 -16.41
CA LEU J 10 28.77 -27.20 -15.26
C LEU J 10 29.34 -28.51 -14.72
N ILE J 11 28.52 -29.21 -13.93
CA ILE J 11 28.80 -30.38 -13.10
C ILE J 11 29.65 -31.47 -13.76
N THR J 12 29.59 -31.56 -15.10
CA THR J 12 29.54 -32.80 -15.88
C THR J 12 30.23 -34.04 -15.28
N VAL J 13 29.43 -35.09 -15.14
CA VAL J 13 29.79 -36.25 -14.34
C VAL J 13 28.82 -37.35 -14.73
N ASP J 14 29.15 -38.59 -14.38
CA ASP J 14 28.37 -39.74 -14.83
C ASP J 14 27.01 -39.82 -14.14
N GLU J 15 26.10 -38.91 -14.47
CA GLU J 15 24.73 -38.94 -13.96
C GLU J 15 23.78 -38.94 -15.17
N LYS J 16 23.12 -40.08 -15.40
CA LYS J 16 22.29 -40.22 -16.59
C LYS J 16 20.99 -39.45 -16.42
N LEU J 17 20.24 -39.36 -17.52
CA LEU J 17 19.10 -38.46 -17.62
C LEU J 17 17.84 -39.13 -17.09
N ASP J 18 16.94 -38.33 -16.51
CA ASP J 18 15.86 -38.83 -15.67
C ASP J 18 14.52 -38.17 -16.00
N ILE J 19 14.16 -38.16 -17.29
CA ILE J 19 12.94 -37.50 -17.75
C ILE J 19 11.69 -38.28 -17.37
N THR J 20 11.85 -39.48 -16.81
CA THR J 20 10.75 -40.33 -16.37
C THR J 20 9.87 -39.73 -15.27
N THR J 21 10.22 -38.58 -14.72
CA THR J 21 9.28 -37.80 -13.95
C THR J 21 8.84 -36.52 -14.65
N LEU J 22 9.54 -36.11 -15.72
CA LEU J 22 9.13 -34.93 -16.47
C LEU J 22 7.97 -35.22 -17.39
N THR J 23 8.09 -36.32 -18.14
CA THR J 23 7.17 -36.58 -19.24
C THR J 23 5.79 -37.01 -18.78
N GLY J 24 5.62 -37.31 -17.50
CA GLY J 24 4.29 -37.40 -16.91
C GLY J 24 3.50 -38.64 -17.24
N VAL J 25 4.08 -39.59 -17.96
CA VAL J 25 3.43 -40.89 -18.15
C VAL J 25 3.30 -41.58 -16.80
N PRO J 26 2.16 -42.21 -16.49
CA PRO J 26 1.97 -42.81 -15.17
C PRO J 26 2.89 -44.01 -14.92
N GLU J 27 2.95 -44.37 -13.63
CA GLU J 27 3.98 -45.26 -13.13
C GLU J 27 3.78 -46.72 -13.55
N GLU J 28 2.53 -47.12 -13.83
CA GLU J 28 2.31 -48.47 -14.31
C GLU J 28 2.92 -48.65 -15.69
N HIS J 29 2.72 -47.65 -16.54
CA HIS J 29 3.30 -47.65 -17.87
C HIS J 29 4.79 -47.34 -17.85
N ILE J 30 5.32 -46.76 -16.77
CA ILE J 30 6.78 -46.64 -16.68
C ILE J 30 7.41 -47.96 -16.27
N LYS J 31 6.94 -48.54 -15.16
CA LYS J 31 7.62 -49.68 -14.57
C LYS J 31 7.36 -50.95 -15.36
N THR J 32 6.11 -51.25 -15.66
CA THR J 32 5.79 -52.61 -16.08
C THR J 32 6.08 -52.84 -17.57
N ARG J 33 6.09 -51.77 -18.36
CA ARG J 33 6.30 -51.90 -19.80
C ARG J 33 7.72 -52.32 -20.11
N LYS J 34 7.87 -53.50 -20.72
CA LYS J 34 9.16 -54.01 -21.13
C LYS J 34 9.27 -53.87 -22.64
N ALA J 35 10.10 -52.94 -23.08
CA ALA J 35 10.24 -52.67 -24.49
C ALA J 35 11.16 -53.69 -25.15
N ARG J 36 11.00 -53.83 -26.45
CA ARG J 36 11.91 -54.65 -27.25
C ARG J 36 12.46 -53.80 -28.37
N ILE J 37 13.79 -53.74 -28.46
CA ILE J 37 14.49 -53.07 -29.54
C ILE J 37 14.97 -54.13 -30.50
N PHE J 38 14.49 -54.07 -31.74
CA PHE J 38 14.86 -55.11 -32.69
C PHE J 38 14.82 -54.53 -34.08
N VAL J 39 15.39 -55.28 -35.02
CA VAL J 39 15.31 -54.96 -36.44
C VAL J 39 14.28 -55.90 -37.06
N PRO J 40 13.23 -55.40 -37.70
CA PRO J 40 12.28 -56.29 -38.35
C PRO J 40 12.91 -56.92 -39.59
N ALA J 41 12.75 -58.22 -39.73
CA ALA J 41 13.28 -58.91 -40.89
C ALA J 41 12.38 -58.68 -42.09
N ARG J 42 12.80 -59.22 -43.23
CA ARG J 42 12.05 -59.07 -44.47
C ARG J 42 10.70 -59.74 -44.36
N ASN J 43 9.67 -59.07 -44.89
CA ASN J 43 8.36 -59.69 -45.01
C ASN J 43 8.47 -60.89 -45.94
N ASN J 44 8.22 -62.08 -45.38
CA ASN J 44 8.71 -63.32 -45.96
C ASN J 44 8.03 -63.63 -47.28
N MET J 45 6.73 -63.36 -47.38
CA MET J 45 6.00 -63.66 -48.60
C MET J 45 6.38 -62.70 -49.72
N GLN J 46 6.90 -61.53 -49.38
CA GLN J 46 7.49 -60.64 -50.38
C GLN J 46 8.97 -60.98 -50.55
N SER J 47 9.71 -60.06 -51.16
CA SER J 47 11.14 -60.16 -51.29
C SER J 47 11.70 -58.75 -51.23
N GLY J 48 13.01 -58.64 -51.19
CA GLY J 48 13.62 -57.32 -51.11
C GLY J 48 13.70 -56.82 -49.69
N VAL J 49 14.86 -56.29 -49.30
CA VAL J 49 15.10 -55.97 -47.90
C VAL J 49 15.25 -54.47 -47.70
N ASN J 50 14.49 -53.69 -48.46
CA ASN J 50 14.44 -52.25 -48.24
C ASN J 50 13.84 -51.90 -46.88
N ASN J 51 12.97 -52.76 -46.35
CA ASN J 51 12.34 -52.56 -45.06
C ASN J 51 13.22 -53.02 -43.89
N THR J 52 14.51 -53.16 -44.14
CA THR J 52 15.51 -53.37 -43.11
C THR J 52 16.01 -51.97 -42.71
N LYS J 53 17.16 -51.89 -42.04
CA LYS J 53 17.94 -50.68 -41.77
C LYS J 53 17.27 -49.74 -40.79
N LYS J 54 16.23 -50.18 -40.09
CA LYS J 54 15.51 -49.32 -39.16
C LYS J 54 15.29 -50.06 -37.86
N TRP J 55 15.87 -49.55 -36.78
CA TRP J 55 15.72 -50.15 -35.47
C TRP J 55 14.36 -49.78 -34.91
N LYS J 56 13.45 -50.74 -34.85
CA LYS J 56 12.15 -50.48 -34.28
C LYS J 56 12.17 -50.79 -32.79
N MET J 57 11.76 -49.81 -32.00
CA MET J 57 11.35 -50.05 -30.63
C MET J 57 9.86 -50.33 -30.63
N GLU J 58 9.49 -51.48 -30.06
CA GLU J 58 8.11 -51.83 -29.81
C GLU J 58 7.90 -52.03 -28.32
N PHE J 59 6.65 -51.95 -27.92
CA PHE J 59 6.27 -52.32 -26.57
C PHE J 59 5.62 -53.70 -26.59
N ASP J 60 5.28 -54.19 -25.40
CA ASP J 60 4.58 -55.46 -25.32
C ASP J 60 3.14 -55.32 -25.78
N THR J 61 2.45 -56.43 -25.83
CA THR J 61 1.05 -56.46 -26.19
C THR J 61 0.22 -56.86 -24.98
N ARG J 62 -0.92 -56.21 -24.82
CA ARG J 62 -1.83 -56.57 -23.74
C ARG J 62 -3.21 -56.83 -24.30
N GLU J 63 -4.20 -56.94 -23.41
CA GLU J 63 -5.46 -57.57 -23.75
C GLU J 63 -6.30 -56.73 -24.71
N ARG J 64 -7.01 -57.42 -25.59
CA ARG J 64 -7.91 -56.79 -26.55
C ARG J 64 -9.19 -57.62 -26.53
N TRP J 65 -10.28 -57.04 -26.07
CA TRP J 65 -11.48 -57.83 -25.88
C TRP J 65 -12.57 -57.47 -26.87
N GLU J 66 -13.51 -58.40 -26.97
CA GLU J 66 -14.71 -58.25 -27.77
C GLU J 66 -15.57 -57.11 -27.22
N ASN J 67 -15.74 -56.07 -28.03
CA ASN J 67 -16.72 -55.04 -27.75
C ASN J 67 -18.11 -55.68 -27.80
N PRO J 68 -18.89 -55.64 -26.71
CA PRO J 68 -20.13 -56.42 -26.67
C PRO J 68 -21.21 -55.88 -27.58
N LEU J 69 -21.06 -54.68 -28.12
CA LEU J 69 -22.07 -54.11 -28.98
C LEU J 69 -21.76 -54.29 -30.45
N MET J 70 -20.50 -54.41 -30.82
CA MET J 70 -20.12 -54.52 -32.21
C MET J 70 -19.19 -55.68 -32.51
N GLY J 71 -18.65 -56.35 -31.51
CA GLY J 71 -17.61 -57.33 -31.80
C GLY J 71 -16.30 -56.70 -32.20
N TRP J 72 -16.08 -55.43 -31.85
CA TRP J 72 -14.86 -54.75 -32.21
C TRP J 72 -13.71 -55.17 -31.31
N ALA J 73 -12.54 -54.65 -31.63
CA ALA J 73 -11.35 -54.83 -30.84
C ALA J 73 -11.17 -53.61 -29.96
N SER J 74 -11.48 -53.74 -28.68
CA SER J 74 -11.32 -52.67 -27.72
C SER J 74 -10.26 -53.06 -26.72
N THR J 75 -9.31 -52.16 -26.47
CA THR J 75 -8.20 -52.44 -25.58
C THR J 75 -8.12 -51.42 -24.46
N ALA J 76 -7.50 -51.86 -23.36
CA ALA J 76 -7.04 -50.96 -22.31
C ALA J 76 -5.55 -50.71 -22.43
N ASP J 77 -5.15 -50.23 -23.61
CA ASP J 77 -3.76 -49.91 -23.89
C ASP J 77 -3.68 -48.52 -24.48
N PRO J 78 -2.91 -47.64 -23.93
CA PRO J 78 -2.59 -46.41 -24.64
C PRO J 78 -1.41 -46.57 -25.58
N LEU J 79 -0.55 -47.53 -25.28
CA LEU J 79 0.81 -47.48 -25.79
C LEU J 79 1.09 -48.47 -26.91
N SER J 80 0.16 -49.36 -27.22
CA SER J 80 0.49 -50.45 -28.13
C SER J 80 0.60 -49.99 -29.57
N ASN J 81 0.10 -48.80 -29.90
CA ASN J 81 0.23 -48.29 -31.26
C ASN J 81 1.59 -47.68 -31.53
N LEU J 82 2.47 -47.63 -30.54
CA LEU J 82 3.78 -47.00 -30.73
C LEU J 82 4.71 -47.89 -31.53
N VAL J 83 5.55 -47.24 -32.31
CA VAL J 83 6.75 -47.84 -32.89
C VAL J 83 7.74 -46.69 -33.08
N LEU J 84 9.01 -46.94 -32.76
CA LEU J 84 10.00 -45.90 -32.88
C LEU J 84 11.08 -46.36 -33.84
N THR J 85 11.38 -45.53 -34.84
CA THR J 85 12.37 -45.84 -35.85
C THR J 85 13.68 -45.17 -35.51
N PHE J 86 14.71 -45.97 -35.28
CA PHE J 86 16.04 -45.49 -34.97
C PHE J 86 16.98 -45.96 -36.08
N SER J 87 18.22 -45.51 -36.00
CA SER J 87 19.24 -45.87 -36.99
C SER J 87 20.35 -46.74 -36.46
N THR J 88 20.78 -46.51 -35.24
CA THR J 88 21.89 -47.27 -34.67
C THR J 88 21.36 -48.16 -33.56
N LYS J 89 22.27 -48.89 -32.93
CA LYS J 89 21.93 -49.64 -31.74
C LYS J 89 22.30 -48.90 -30.47
N GLU J 90 23.42 -48.15 -30.52
CA GLU J 90 23.88 -47.39 -29.38
C GLU J 90 22.88 -46.32 -28.97
N ASP J 91 22.31 -45.62 -29.94
CA ASP J 91 21.36 -44.56 -29.62
C ASP J 91 20.03 -45.14 -29.18
N ALA J 92 19.71 -46.35 -29.65
CA ALA J 92 18.55 -47.07 -29.14
C ALA J 92 18.69 -47.37 -27.66
N ILE J 93 19.85 -47.90 -27.28
CA ILE J 93 20.14 -48.19 -25.88
C ILE J 93 20.12 -46.90 -25.06
N ALA J 94 20.65 -45.83 -25.65
CA ALA J 94 20.72 -44.55 -24.96
C ALA J 94 19.34 -43.98 -24.71
N PHE J 95 18.45 -44.08 -25.70
CA PHE J 95 17.11 -43.54 -25.52
C PHE J 95 16.31 -44.37 -24.54
N ALA J 96 16.53 -45.69 -24.53
CA ALA J 96 15.83 -46.53 -23.57
C ALA J 96 16.29 -46.22 -22.16
N GLU J 97 17.58 -45.97 -21.96
CA GLU J 97 18.04 -45.66 -20.62
C GLU J 97 17.64 -44.26 -20.21
N LYS J 98 17.54 -43.35 -21.18
CA LYS J 98 17.21 -41.96 -20.87
C LYS J 98 15.75 -41.81 -20.47
N ASN J 99 14.85 -42.39 -21.24
CA ASN J 99 13.44 -42.22 -20.93
C ASN J 99 13.01 -43.09 -19.77
N GLY J 100 13.67 -44.22 -19.54
CA GLY J 100 13.47 -44.91 -18.29
C GLY J 100 12.99 -46.35 -18.31
N TRP J 101 12.14 -46.71 -19.27
CA TRP J 101 11.52 -48.02 -19.19
C TRP J 101 12.46 -49.14 -19.62
N SER J 102 12.03 -50.37 -19.31
CA SER J 102 12.82 -51.57 -19.54
C SER J 102 12.92 -51.87 -21.03
N TYR J 103 13.86 -52.76 -21.37
CA TYR J 103 14.25 -52.95 -22.75
C TYR J 103 15.03 -54.25 -22.88
N ASP J 104 14.82 -54.92 -24.01
CA ASP J 104 15.59 -56.10 -24.41
C ASP J 104 16.13 -55.89 -25.82
N VAL J 105 17.23 -56.56 -26.14
CA VAL J 105 17.97 -56.33 -27.38
C VAL J 105 18.08 -57.65 -28.14
N GLU J 106 17.96 -57.60 -29.47
CA GLU J 106 18.21 -58.72 -30.36
C GLU J 106 19.12 -58.27 -31.50
N GLU J 107 19.94 -59.19 -32.01
CA GLU J 107 20.93 -58.81 -33.02
C GLU J 107 20.30 -58.55 -34.37
N ARG J 108 21.11 -57.92 -35.23
CA ARG J 108 20.76 -57.68 -36.63
C ARG J 108 21.39 -58.82 -37.42
N LYS J 109 20.66 -59.92 -37.53
CA LYS J 109 21.18 -61.15 -38.12
C LYS J 109 21.22 -60.99 -39.62
N VAL J 110 22.43 -60.83 -40.16
CA VAL J 110 22.60 -60.61 -41.60
C VAL J 110 22.35 -61.91 -42.34
N PRO J 111 22.05 -61.89 -43.64
CA PRO J 111 22.15 -63.10 -44.43
C PRO J 111 23.60 -63.58 -44.52
N LYS J 112 23.77 -64.88 -44.68
CA LYS J 112 25.08 -65.43 -44.91
C LYS J 112 25.33 -65.54 -46.40
N PRO J 113 26.32 -64.84 -46.95
CA PRO J 113 26.52 -64.84 -48.41
C PRO J 113 27.14 -66.15 -48.89
N LYS J 114 26.46 -66.81 -49.82
CA LYS J 114 26.91 -68.06 -50.42
C LYS J 114 27.37 -67.81 -51.84
N SER J 115 28.17 -68.73 -52.36
CA SER J 115 28.62 -68.69 -53.75
C SER J 115 27.80 -69.66 -54.58
N LYS J 116 27.24 -69.17 -55.68
CA LYS J 116 26.37 -69.98 -56.52
C LYS J 116 26.71 -69.76 -57.98
N SER J 117 26.39 -70.74 -58.82
CA SER J 117 26.70 -70.64 -60.23
C SER J 117 25.79 -71.52 -61.07
N TYR J 118 25.42 -70.99 -62.23
CA TYR J 118 24.75 -71.79 -63.24
C TYR J 118 25.67 -72.87 -63.77
N GLY J 119 26.95 -72.53 -63.93
CA GLY J 119 27.98 -73.50 -64.20
C GLY J 119 28.28 -74.44 -63.07
N ALA J 120 27.72 -74.19 -61.88
CA ALA J 120 27.73 -75.18 -60.82
C ALA J 120 26.46 -76.02 -60.82
N ASN J 121 25.36 -75.48 -61.35
CA ASN J 121 24.18 -76.29 -61.60
C ASN J 121 24.50 -77.40 -62.59
N PHE J 122 25.31 -77.09 -63.59
CA PHE J 122 25.67 -78.09 -64.59
C PHE J 122 27.03 -78.68 -64.29
N SER J 123 27.11 -80.00 -64.27
CA SER J 123 28.34 -80.66 -63.87
C SER J 123 28.42 -82.04 -64.50
N TRP J 124 29.44 -82.77 -64.07
CA TRP J 124 29.80 -84.10 -64.52
C TRP J 124 29.85 -85.11 -63.40
N ASN J 125 30.25 -84.67 -62.22
CA ASN J 125 30.50 -85.57 -61.10
C ASN J 125 30.15 -84.92 -59.76
N LYS J 126 29.52 -83.75 -59.77
CA LYS J 126 28.94 -83.16 -58.58
C LYS J 126 27.45 -83.42 -58.61
N ARG J 127 26.88 -83.71 -57.45
CA ARG J 127 25.49 -84.15 -57.45
C ARG J 127 24.48 -83.03 -57.56
N THR J 128 24.91 -81.77 -57.54
CA THR J 128 23.97 -80.67 -57.70
C THR J 128 23.52 -80.61 -59.14
N ARG J 129 22.28 -80.98 -59.40
CA ARG J 129 21.80 -81.13 -60.77
C ARG J 129 20.28 -81.08 -60.74
N VAL J 130 19.71 -79.98 -61.24
CA VAL J 130 18.26 -79.81 -61.13
C VAL J 130 17.53 -80.67 -62.15
N SER J 131 18.21 -81.11 -63.21
CA SER J 131 17.74 -82.06 -64.22
C SER J 131 16.46 -81.62 -64.95
N THR J 132 16.11 -80.34 -64.91
CA THR J 132 14.84 -79.91 -65.47
C THR J 132 14.86 -78.56 -66.16
N LYS J 133 16.00 -77.89 -66.23
CA LYS J 133 16.04 -76.58 -66.84
C LYS J 133 16.52 -76.71 -68.26
N LEU K 1 -21.76 -71.34 -18.20
CA LEU K 1 -22.29 -70.02 -18.49
C LEU K 1 -22.00 -69.70 -19.95
N HIS K 2 -22.77 -68.76 -20.49
CA HIS K 2 -22.55 -68.33 -21.85
C HIS K 2 -21.32 -67.45 -21.91
N HIS K 3 -20.66 -67.45 -23.07
CA HIS K 3 -19.50 -66.60 -23.25
C HIS K 3 -19.93 -65.15 -23.35
N ALA K 4 -18.94 -64.25 -23.32
CA ALA K 4 -19.13 -62.80 -23.19
C ALA K 4 -19.97 -62.45 -21.96
N VAL K 5 -19.82 -63.24 -20.90
CA VAL K 5 -20.19 -62.84 -19.56
C VAL K 5 -18.95 -62.73 -18.68
N ILE K 6 -17.92 -63.51 -18.99
CA ILE K 6 -16.57 -63.46 -18.46
C ILE K 6 -16.00 -62.04 -18.44
N PRO K 7 -15.24 -61.68 -17.41
CA PRO K 7 -14.73 -60.31 -17.32
C PRO K 7 -13.60 -60.06 -18.30
N HIS K 8 -13.34 -58.77 -18.54
CA HIS K 8 -12.31 -58.36 -19.50
C HIS K 8 -11.68 -57.05 -19.06
N GLY K 9 -10.38 -57.07 -18.81
CA GLY K 9 -9.53 -55.89 -18.68
C GLY K 9 -9.81 -54.98 -17.50
N LYS K 10 -9.18 -53.81 -17.58
CA LYS K 10 -9.33 -52.77 -16.57
C LYS K 10 -10.76 -52.26 -16.58
N GLY K 11 -11.41 -52.27 -15.43
CA GLY K 11 -12.81 -51.91 -15.36
C GLY K 11 -13.04 -50.43 -15.59
N GLY K 12 -14.12 -50.13 -16.30
CA GLY K 12 -14.48 -48.75 -16.56
C GLY K 12 -14.58 -48.44 -18.05
N ARG K 13 -15.76 -48.00 -18.48
CA ARG K 13 -16.02 -47.51 -19.84
C ARG K 13 -15.72 -48.59 -20.88
N SER K 14 -16.66 -49.54 -20.94
CA SER K 14 -16.69 -50.71 -21.82
C SER K 14 -15.58 -51.67 -21.47
N SER K 15 -15.58 -52.11 -20.21
CA SER K 15 -14.99 -53.37 -19.81
C SER K 15 -16.13 -54.26 -19.38
N VAL K 16 -16.29 -55.40 -20.05
CA VAL K 16 -17.47 -56.24 -19.84
C VAL K 16 -17.36 -56.88 -18.47
N SER K 17 -18.19 -56.45 -17.54
CA SER K 17 -18.23 -57.06 -16.24
C SER K 17 -18.97 -58.37 -16.30
N GLY K 18 -18.95 -59.09 -15.19
CA GLY K 18 -19.65 -60.34 -15.06
C GLY K 18 -21.09 -60.24 -14.68
N ILE K 19 -21.66 -59.04 -14.68
CA ILE K 19 -23.02 -58.82 -14.23
C ILE K 19 -23.83 -58.17 -15.34
N VAL K 20 -25.07 -58.61 -15.47
CA VAL K 20 -26.10 -57.91 -16.22
C VAL K 20 -27.20 -57.58 -15.23
N ALA K 21 -27.42 -56.30 -15.00
CA ALA K 21 -28.29 -55.86 -13.92
C ALA K 21 -29.68 -55.54 -14.44
N THR K 22 -30.66 -55.77 -13.59
CA THR K 22 -32.03 -55.35 -13.85
C THR K 22 -32.51 -54.59 -12.63
N VAL K 23 -32.63 -53.28 -12.77
CA VAL K 23 -32.84 -52.40 -11.62
C VAL K 23 -34.25 -51.87 -11.66
N PHE K 24 -35.05 -52.20 -10.66
CA PHE K 24 -36.37 -51.60 -10.58
C PHE K 24 -36.29 -50.17 -10.05
N GLY K 25 -37.16 -49.33 -10.54
CA GLY K 25 -37.19 -47.93 -10.10
C GLY K 25 -36.18 -47.08 -10.85
N ALA K 26 -35.12 -46.66 -10.15
CA ALA K 26 -33.94 -45.95 -10.64
C ALA K 26 -34.20 -44.57 -11.21
N THR K 27 -35.46 -44.14 -11.29
CA THR K 27 -35.75 -42.77 -11.72
C THR K 27 -35.39 -41.79 -10.62
N GLY K 28 -35.62 -42.18 -9.37
CA GLY K 28 -35.33 -41.30 -8.27
C GLY K 28 -33.88 -41.32 -7.85
N PHE K 29 -33.63 -41.52 -6.56
CA PHE K 29 -32.36 -41.18 -5.96
C PHE K 29 -31.39 -42.37 -5.91
N LEU K 30 -31.77 -43.40 -5.16
CA LEU K 30 -30.84 -44.46 -4.81
C LEU K 30 -30.51 -45.29 -6.03
N GLY K 31 -31.52 -45.55 -6.85
CA GLY K 31 -31.30 -46.28 -8.09
C GLY K 31 -30.44 -45.52 -9.08
N ARG K 32 -30.53 -44.18 -9.06
CA ARG K 32 -29.68 -43.39 -9.95
C ARG K 32 -28.22 -43.51 -9.55
N TYR K 33 -27.92 -43.43 -8.25
CA TYR K 33 -26.52 -43.58 -7.87
C TYR K 33 -26.05 -45.02 -8.03
N LEU K 34 -26.96 -45.97 -7.95
CA LEU K 34 -26.59 -47.36 -8.18
C LEU K 34 -26.24 -47.60 -9.65
N VAL K 35 -27.04 -47.05 -10.56
CA VAL K 35 -26.74 -47.12 -11.98
C VAL K 35 -25.45 -46.39 -12.29
N ASN K 36 -25.16 -45.32 -11.53
CA ASN K 36 -23.93 -44.57 -11.71
C ASN K 36 -22.70 -45.43 -11.39
N HIS K 37 -22.75 -46.12 -10.26
CA HIS K 37 -21.65 -47.03 -9.96
C HIS K 37 -21.61 -48.26 -10.85
N LEU K 38 -22.74 -48.67 -11.43
CA LEU K 38 -22.64 -49.80 -12.34
C LEU K 38 -22.06 -49.39 -13.69
N GLY K 39 -22.38 -48.19 -14.14
CA GLY K 39 -21.82 -47.70 -15.39
C GLY K 39 -20.34 -47.40 -15.26
N ARG K 40 -19.91 -46.91 -14.10
CA ARG K 40 -18.48 -46.87 -13.82
C ARG K 40 -17.90 -48.27 -13.77
N MET K 41 -18.62 -49.21 -13.15
CA MET K 41 -18.19 -50.59 -13.12
C MET K 41 -18.29 -51.24 -14.49
N GLY K 42 -19.13 -50.71 -15.37
CA GLY K 42 -19.17 -51.20 -16.72
C GLY K 42 -19.94 -52.49 -16.85
N SER K 43 -21.25 -52.43 -16.61
CA SER K 43 -22.14 -53.55 -16.81
C SER K 43 -23.17 -53.19 -17.88
N GLN K 44 -24.10 -54.11 -18.10
CA GLN K 44 -25.24 -53.86 -18.97
C GLN K 44 -26.48 -53.75 -18.09
N VAL K 45 -27.14 -52.62 -18.15
CA VAL K 45 -28.17 -52.27 -17.19
C VAL K 45 -29.51 -52.19 -17.90
N ILE K 46 -30.33 -53.20 -17.67
CA ILE K 46 -31.74 -53.13 -18.03
C ILE K 46 -32.44 -52.32 -16.97
N VAL K 47 -33.10 -51.25 -17.39
CA VAL K 47 -33.91 -50.52 -16.45
C VAL K 47 -35.30 -50.28 -17.05
N PRO K 48 -36.33 -50.64 -16.32
CA PRO K 48 -37.67 -50.21 -16.70
C PRO K 48 -37.96 -48.84 -16.14
N TYR K 49 -38.78 -48.11 -16.89
CA TYR K 49 -39.38 -46.87 -16.40
C TYR K 49 -40.84 -46.90 -16.79
N ARG K 50 -41.69 -46.49 -15.85
CA ARG K 50 -43.11 -46.37 -16.12
C ARG K 50 -43.52 -44.93 -16.34
N CYS K 51 -42.57 -44.07 -16.70
CA CYS K 51 -42.80 -42.64 -16.61
C CYS K 51 -42.51 -41.92 -17.92
N GLU K 52 -42.48 -40.60 -17.85
CA GLU K 52 -42.12 -39.76 -18.96
C GLU K 52 -40.66 -40.01 -19.33
N PRO K 53 -40.31 -40.01 -20.63
CA PRO K 53 -38.93 -40.33 -21.02
C PRO K 53 -37.88 -39.31 -20.63
N TYR K 54 -38.22 -38.20 -19.95
CA TYR K 54 -37.18 -37.23 -19.64
C TYR K 54 -36.25 -37.71 -18.55
N ASP K 55 -36.77 -38.44 -17.56
CA ASP K 55 -35.89 -38.99 -16.56
C ASP K 55 -35.04 -40.12 -17.12
N THR K 56 -35.54 -40.82 -18.13
CA THR K 56 -34.69 -41.84 -18.69
C THR K 56 -33.65 -41.21 -19.61
N MET K 57 -33.93 -40.03 -20.19
CA MET K 57 -32.88 -39.24 -20.84
C MET K 57 -31.86 -38.73 -19.82
N HIS K 58 -32.34 -38.42 -18.61
CA HIS K 58 -31.47 -37.95 -17.55
C HIS K 58 -30.45 -39.01 -17.16
N LEU K 59 -30.88 -40.25 -17.03
CA LEU K 59 -29.90 -41.28 -16.73
C LEU K 59 -29.30 -41.92 -17.97
N ARG K 60 -29.60 -41.41 -19.18
CA ARG K 60 -28.89 -41.89 -20.38
C ARG K 60 -27.38 -41.76 -20.37
N PRO K 61 -26.75 -40.60 -20.15
CA PRO K 61 -25.30 -40.52 -20.39
C PRO K 61 -24.45 -41.15 -19.30
N MET K 62 -25.04 -41.94 -18.42
CA MET K 62 -24.31 -42.49 -17.30
C MET K 62 -23.51 -43.71 -17.72
N GLY K 63 -24.18 -44.67 -18.34
CA GLY K 63 -23.50 -45.80 -18.92
C GLY K 63 -22.76 -45.40 -20.19
N ASP K 64 -22.07 -46.37 -20.76
CA ASP K 64 -21.21 -46.14 -21.92
C ASP K 64 -22.07 -46.28 -23.17
N LEU K 65 -21.45 -46.47 -24.34
CA LEU K 65 -22.19 -46.60 -25.60
C LEU K 65 -23.06 -47.84 -25.58
N GLY K 66 -24.37 -47.64 -25.48
CA GLY K 66 -25.34 -48.71 -25.58
C GLY K 66 -25.32 -49.72 -24.47
N GLN K 67 -24.69 -49.41 -23.34
CA GLN K 67 -24.62 -50.36 -22.24
C GLN K 67 -25.91 -50.38 -21.43
N ILE K 68 -26.60 -49.28 -21.38
CA ILE K 68 -27.89 -49.25 -20.72
C ILE K 68 -28.97 -49.56 -21.73
N ILE K 69 -30.15 -49.93 -21.25
CA ILE K 69 -31.30 -50.15 -22.11
C ILE K 69 -32.57 -49.93 -21.30
N PHE K 70 -33.62 -49.51 -21.97
CA PHE K 70 -34.83 -49.02 -21.33
C PHE K 70 -36.01 -49.89 -21.71
N MET K 71 -36.99 -49.98 -20.82
CA MET K 71 -38.28 -50.54 -21.22
C MET K 71 -39.39 -49.90 -20.41
N ASP K 72 -40.62 -50.34 -20.66
CA ASP K 72 -41.78 -49.86 -19.93
C ASP K 72 -42.41 -51.00 -19.15
N TRP K 73 -43.07 -50.65 -18.05
CA TRP K 73 -43.60 -51.64 -17.12
C TRP K 73 -44.70 -50.97 -16.32
N ASN K 74 -45.35 -51.74 -15.46
CA ASN K 74 -46.37 -51.21 -14.57
C ASN K 74 -46.51 -52.14 -13.37
N GLY K 75 -47.35 -51.72 -12.43
CA GLY K 75 -47.67 -52.60 -11.33
C GLY K 75 -48.92 -53.40 -11.59
N ARG K 76 -49.29 -53.57 -12.86
CA ARG K 76 -50.55 -54.20 -13.20
C ARG K 76 -50.46 -55.33 -14.22
N ASP K 77 -49.29 -55.62 -14.76
CA ASP K 77 -49.17 -56.68 -15.77
C ASP K 77 -48.16 -57.71 -15.32
N LYS K 78 -47.93 -58.71 -16.18
CA LYS K 78 -46.95 -59.74 -15.89
C LYS K 78 -46.02 -59.96 -17.07
N ASP K 79 -46.49 -59.62 -18.28
CA ASP K 79 -45.66 -59.73 -19.46
C ASP K 79 -44.48 -58.79 -19.43
N SER K 80 -44.67 -57.58 -18.90
CA SER K 80 -43.57 -56.62 -18.92
C SER K 80 -42.49 -57.00 -17.92
N ILE K 81 -42.89 -57.49 -16.74
CA ILE K 81 -41.89 -57.90 -15.76
C ILE K 81 -41.17 -59.17 -16.23
N ARG K 82 -41.91 -60.07 -16.88
CA ARG K 82 -41.29 -61.28 -17.42
C ARG K 82 -40.32 -60.94 -18.54
N ARG K 83 -40.67 -59.96 -19.37
CA ARG K 83 -39.79 -59.53 -20.44
C ARG K 83 -38.60 -58.76 -19.88
N ALA K 84 -38.76 -58.15 -18.70
CA ALA K 84 -37.62 -57.55 -18.04
C ALA K 84 -36.63 -58.59 -17.55
N VAL K 85 -37.13 -59.68 -17.00
CA VAL K 85 -36.20 -60.65 -16.42
C VAL K 85 -36.07 -61.90 -17.30
N GLU K 86 -36.28 -61.73 -18.60
CA GLU K 86 -35.92 -62.80 -19.54
C GLU K 86 -34.45 -63.14 -19.44
N HIS K 87 -33.58 -62.13 -19.45
CA HIS K 87 -32.15 -62.35 -19.48
C HIS K 87 -31.51 -61.41 -18.47
N SER K 88 -31.35 -61.89 -17.25
CA SER K 88 -30.88 -61.03 -16.18
C SER K 88 -29.94 -61.85 -15.32
N ASN K 89 -28.72 -61.37 -15.15
CA ASN K 89 -27.86 -61.96 -14.14
C ASN K 89 -28.38 -61.62 -12.75
N VAL K 90 -28.36 -60.33 -12.40
CA VAL K 90 -28.79 -59.90 -11.09
C VAL K 90 -29.98 -58.96 -11.22
N VAL K 91 -30.79 -58.90 -10.18
CA VAL K 91 -32.00 -58.08 -10.19
C VAL K 91 -32.20 -57.49 -8.80
N ILE K 92 -32.45 -56.18 -8.76
CA ILE K 92 -32.69 -55.50 -7.50
C ILE K 92 -34.05 -54.84 -7.52
N ASN K 93 -34.67 -54.87 -6.36
CA ASN K 93 -35.99 -54.32 -6.11
C ASN K 93 -35.78 -53.08 -5.27
N LEU K 94 -35.79 -51.94 -5.96
CA LEU K 94 -36.02 -50.63 -5.39
C LEU K 94 -37.35 -50.14 -5.93
N VAL K 95 -38.31 -49.95 -5.05
CA VAL K 95 -39.56 -49.28 -5.39
C VAL K 95 -40.12 -48.77 -4.08
N GLY K 96 -41.04 -47.83 -4.16
CA GLY K 96 -41.63 -47.27 -2.97
C GLY K 96 -41.74 -45.77 -3.05
N ARG K 97 -42.96 -45.29 -2.90
CA ARG K 97 -43.24 -43.86 -2.94
C ARG K 97 -43.52 -43.39 -1.53
N GLU K 98 -43.06 -42.18 -1.21
CA GLU K 98 -43.20 -41.66 0.12
C GLU K 98 -44.62 -41.23 0.46
N TRP K 99 -45.50 -41.10 -0.52
CA TRP K 99 -46.85 -40.66 -0.24
C TRP K 99 -47.84 -41.44 -1.09
N GLU K 100 -49.00 -41.70 -0.53
CA GLU K 100 -50.02 -42.46 -1.23
C GLU K 100 -50.73 -41.59 -2.25
N THR K 101 -50.96 -42.13 -3.43
CA THR K 101 -51.79 -41.46 -4.42
C THR K 101 -53.25 -41.82 -4.18
N LYS K 102 -54.09 -41.54 -5.16
CA LYS K 102 -55.48 -41.94 -5.09
C LYS K 102 -55.72 -43.30 -5.73
N ASN K 103 -54.68 -43.94 -6.25
CA ASN K 103 -54.81 -45.26 -6.87
C ASN K 103 -53.96 -46.31 -6.21
N PHE K 104 -52.79 -45.96 -5.68
CA PHE K 104 -51.83 -46.92 -5.14
C PHE K 104 -51.54 -46.56 -3.69
N ASP K 105 -52.06 -47.37 -2.78
CA ASP K 105 -51.87 -47.11 -1.36
C ASP K 105 -50.47 -47.54 -0.93
N PHE K 106 -50.16 -47.35 0.35
CA PHE K 106 -49.01 -48.05 0.93
C PHE K 106 -49.33 -49.52 1.10
N GLU K 107 -50.60 -49.85 1.29
CA GLU K 107 -51.01 -51.21 1.03
C GLU K 107 -50.93 -51.47 -0.46
N ASP K 108 -50.64 -52.73 -0.81
CA ASP K 108 -50.63 -53.32 -2.14
C ASP K 108 -49.43 -52.91 -3.00
N VAL K 109 -48.64 -51.91 -2.59
CA VAL K 109 -47.36 -51.74 -3.26
C VAL K 109 -46.36 -52.76 -2.75
N PHE K 110 -46.21 -52.86 -1.44
CA PHE K 110 -45.31 -53.81 -0.84
C PHE K 110 -45.93 -55.18 -0.66
N VAL K 111 -47.13 -55.37 -1.20
CA VAL K 111 -47.75 -56.68 -1.28
C VAL K 111 -47.88 -57.14 -2.72
N LYS K 112 -48.40 -56.29 -3.60
CA LYS K 112 -48.57 -56.70 -4.98
C LYS K 112 -47.26 -56.68 -5.74
N ILE K 113 -46.38 -55.73 -5.46
CA ILE K 113 -45.12 -55.64 -6.22
C ILE K 113 -44.16 -56.76 -5.85
N PRO K 114 -43.68 -56.94 -4.60
CA PRO K 114 -42.56 -57.88 -4.40
C PRO K 114 -42.94 -59.33 -4.52
N GLN K 115 -44.20 -59.70 -4.23
CA GLN K 115 -44.67 -61.06 -4.50
C GLN K 115 -44.58 -61.38 -5.97
N ALA K 116 -45.07 -60.49 -6.82
CA ALA K 116 -45.15 -60.75 -8.25
C ALA K 116 -43.75 -60.86 -8.87
N ILE K 117 -42.89 -59.89 -8.55
CA ILE K 117 -41.57 -59.89 -9.17
C ILE K 117 -40.70 -60.98 -8.57
N ALA K 118 -40.89 -61.28 -7.28
CA ALA K 118 -40.14 -62.36 -6.66
C ALA K 118 -40.56 -63.70 -7.23
N GLN K 119 -41.84 -63.88 -7.49
CA GLN K 119 -42.32 -65.14 -8.03
C GLN K 119 -41.84 -65.34 -9.46
N VAL K 120 -41.97 -64.32 -10.31
CA VAL K 120 -41.52 -64.49 -11.68
C VAL K 120 -40.00 -64.49 -11.78
N SER K 121 -39.30 -63.96 -10.77
CA SER K 121 -37.84 -64.01 -10.78
C SER K 121 -37.33 -65.37 -10.36
N LYS K 122 -37.95 -65.97 -9.33
CA LYS K 122 -37.57 -67.33 -8.96
C LYS K 122 -37.97 -68.32 -10.05
N GLU K 123 -39.10 -68.07 -10.71
CA GLU K 123 -39.47 -68.90 -11.84
C GLU K 123 -38.68 -68.58 -13.09
N ALA K 124 -37.97 -67.47 -13.13
CA ALA K 124 -37.14 -67.13 -14.27
C ALA K 124 -35.70 -67.56 -14.10
N GLY K 125 -35.33 -68.10 -12.95
CA GLY K 125 -33.98 -68.61 -12.77
C GLY K 125 -32.91 -67.54 -12.69
N VAL K 126 -33.15 -66.48 -11.94
CA VAL K 126 -32.13 -65.46 -11.72
C VAL K 126 -31.25 -65.89 -10.57
N GLU K 127 -30.14 -65.20 -10.38
CA GLU K 127 -29.36 -65.31 -9.16
C GLU K 127 -29.31 -63.95 -8.46
N LYS K 128 -29.08 -64.01 -7.15
CA LYS K 128 -28.72 -62.86 -6.32
C LYS K 128 -29.78 -61.77 -6.37
N PHE K 129 -31.01 -62.14 -6.05
CA PHE K 129 -32.04 -61.12 -5.94
C PHE K 129 -31.83 -60.30 -4.68
N ILE K 130 -31.83 -58.98 -4.83
CA ILE K 130 -31.62 -58.09 -3.70
C ILE K 130 -32.80 -57.15 -3.58
N HIS K 131 -33.48 -57.22 -2.44
CA HIS K 131 -34.60 -56.34 -2.16
C HIS K 131 -34.22 -55.35 -1.06
N ILE K 132 -34.47 -54.08 -1.30
CA ILE K 132 -34.16 -53.12 -0.25
C ILE K 132 -35.37 -52.96 0.65
N SER K 133 -35.12 -52.43 1.84
CA SER K 133 -36.18 -52.06 2.78
C SER K 133 -35.59 -51.06 3.76
N HIS K 134 -36.39 -50.67 4.74
CA HIS K 134 -35.98 -49.72 5.75
C HIS K 134 -35.61 -50.48 7.03
N LEU K 135 -34.85 -49.81 7.90
CA LEU K 135 -34.68 -50.25 9.27
C LEU K 135 -36.00 -50.07 10.04
N ASN K 136 -36.01 -50.55 11.28
CA ASN K 136 -37.08 -50.56 12.29
C ASN K 136 -38.47 -50.83 11.74
N ALA K 137 -38.56 -51.76 10.80
CA ALA K 137 -39.84 -52.30 10.39
C ALA K 137 -40.42 -53.12 11.54
N ASP K 138 -41.58 -52.70 12.05
CA ASP K 138 -42.28 -53.44 13.08
C ASP K 138 -43.59 -53.96 12.51
N ILE K 139 -44.00 -55.13 13.00
CA ILE K 139 -45.33 -55.64 12.68
C ILE K 139 -46.40 -54.79 13.35
N LYS K 140 -46.05 -54.13 14.45
CA LYS K 140 -47.01 -53.37 15.25
C LYS K 140 -47.39 -52.06 14.55
N SER K 141 -48.11 -51.22 15.29
CA SER K 141 -48.72 -50.01 14.77
C SER K 141 -47.75 -48.85 14.62
N SER K 142 -48.34 -47.65 14.57
CA SER K 142 -47.73 -46.31 14.57
C SER K 142 -47.01 -45.98 13.27
N SER K 143 -46.97 -46.89 12.30
CA SER K 143 -46.43 -46.56 10.99
C SER K 143 -47.08 -47.53 10.00
N LYS K 144 -48.04 -47.02 9.22
CA LYS K 144 -48.50 -47.74 8.04
C LYS K 144 -47.35 -48.05 7.12
N TYR K 145 -46.47 -47.07 6.95
CA TYR K 145 -45.30 -47.17 6.10
C TYR K 145 -44.39 -48.31 6.53
N LEU K 146 -43.98 -48.30 7.80
CA LEU K 146 -43.01 -49.28 8.25
C LEU K 146 -43.66 -50.65 8.43
N ARG K 147 -44.95 -50.72 8.72
CA ARG K 147 -45.53 -52.06 8.81
C ARG K 147 -45.72 -52.67 7.44
N ASN K 148 -45.98 -51.85 6.41
CA ASN K 148 -46.04 -52.40 5.06
C ASN K 148 -44.68 -52.85 4.58
N LYS K 149 -43.62 -52.13 4.97
CA LYS K 149 -42.30 -52.63 4.63
C LYS K 149 -41.94 -53.88 5.43
N ALA K 150 -42.49 -54.02 6.64
CA ALA K 150 -42.28 -55.26 7.39
C ALA K 150 -42.95 -56.44 6.71
N VAL K 151 -44.16 -56.24 6.21
CA VAL K 151 -44.82 -57.30 5.46
C VAL K 151 -44.09 -57.58 4.14
N GLY K 152 -43.46 -56.55 3.55
CA GLY K 152 -42.64 -56.76 2.38
C GLY K 152 -41.42 -57.63 2.65
N GLU K 153 -40.74 -57.38 3.77
CA GLU K 153 -39.62 -58.22 4.17
C GLU K 153 -40.07 -59.64 4.47
N LYS K 154 -41.27 -59.78 5.04
CA LYS K 154 -41.81 -61.10 5.31
C LYS K 154 -42.08 -61.86 4.02
N GLU K 155 -42.62 -61.19 3.00
CA GLU K 155 -42.90 -61.86 1.74
C GLU K 155 -41.62 -62.22 0.99
N VAL K 156 -40.62 -61.34 1.02
CA VAL K 156 -39.41 -61.60 0.25
C VAL K 156 -38.53 -62.63 0.95
N ARG K 157 -38.59 -62.73 2.27
CA ARG K 157 -37.95 -63.90 2.89
C ARG K 157 -38.82 -65.15 2.77
N GLU K 158 -40.13 -64.98 2.56
CA GLU K 158 -41.03 -66.11 2.36
C GLU K 158 -40.74 -66.83 1.04
N THR K 159 -40.90 -66.12 -0.07
CA THR K 159 -40.62 -66.72 -1.37
C THR K 159 -39.22 -66.33 -1.83
N PHE K 160 -38.58 -67.26 -2.56
CA PHE K 160 -37.17 -67.22 -2.96
C PHE K 160 -36.30 -67.02 -1.72
N PRO K 161 -36.09 -68.06 -0.92
CA PRO K 161 -35.56 -67.87 0.44
C PRO K 161 -34.13 -67.41 0.47
N GLU K 162 -33.31 -67.78 -0.51
CA GLU K 162 -31.93 -67.30 -0.54
C GLU K 162 -31.83 -65.99 -1.34
N ALA K 163 -32.60 -65.00 -0.92
CA ALA K 163 -32.52 -63.65 -1.44
C ALA K 163 -31.56 -62.87 -0.56
N THR K 164 -31.52 -61.56 -0.74
CA THR K 164 -30.82 -60.70 0.20
C THR K 164 -31.70 -59.49 0.48
N ILE K 165 -32.16 -59.39 1.72
CA ILE K 165 -32.89 -58.22 2.17
C ILE K 165 -31.89 -57.27 2.80
N ILE K 166 -31.81 -56.05 2.31
CA ILE K 166 -30.88 -55.06 2.82
C ILE K 166 -31.67 -53.88 3.37
N LYS K 167 -31.45 -53.56 4.64
CA LYS K 167 -32.05 -52.37 5.20
C LYS K 167 -30.93 -51.41 5.58
N PRO K 168 -30.97 -50.18 5.13
CA PRO K 168 -30.20 -49.15 5.81
C PRO K 168 -31.06 -48.44 6.83
N ALA K 169 -30.47 -47.48 7.55
CA ALA K 169 -31.25 -46.47 8.25
C ALA K 169 -31.58 -45.35 7.28
N ASP K 170 -32.00 -44.20 7.77
CA ASP K 170 -32.24 -43.07 6.87
C ASP K 170 -30.94 -42.62 6.21
N ILE K 171 -31.04 -42.23 4.95
CA ILE K 171 -29.89 -41.95 4.11
C ILE K 171 -29.86 -40.48 3.77
N PHE K 172 -28.67 -39.90 3.77
CA PHE K 172 -28.50 -38.51 3.36
C PHE K 172 -27.53 -38.48 2.19
N GLY K 173 -27.82 -37.62 1.22
CA GLY K 173 -27.03 -37.58 0.00
C GLY K 173 -27.10 -36.26 -0.72
N ARG K 174 -26.48 -36.19 -1.90
CA ARG K 174 -26.36 -34.96 -2.67
C ARG K 174 -27.73 -34.39 -3.06
N GLU K 175 -28.71 -35.27 -3.27
CA GLU K 175 -30.11 -34.88 -3.42
C GLU K 175 -30.96 -35.66 -2.44
N ASP K 176 -30.59 -35.57 -1.16
CA ASP K 176 -31.30 -36.20 -0.05
C ASP K 176 -32.78 -35.82 -0.03
N ARG K 177 -33.59 -36.73 0.51
CA ARG K 177 -34.97 -36.40 0.78
C ARG K 177 -35.13 -35.63 2.09
N PHE K 178 -34.49 -36.10 3.18
CA PHE K 178 -34.91 -35.55 4.47
C PHE K 178 -34.22 -34.24 4.82
N LEU K 179 -32.96 -34.04 4.44
CA LEU K 179 -32.37 -32.72 4.66
C LEU K 179 -32.99 -31.68 3.74
N ASN K 180 -33.38 -32.09 2.54
CA ASN K 180 -34.16 -31.21 1.69
C ASN K 180 -35.60 -31.06 2.19
N TYR K 181 -36.03 -31.91 3.12
CA TYR K 181 -37.23 -31.55 3.88
C TYR K 181 -36.92 -30.54 4.97
N PHE K 182 -35.72 -30.61 5.57
CA PHE K 182 -35.28 -29.59 6.51
C PHE K 182 -35.06 -28.23 5.84
N ALA K 183 -34.98 -28.19 4.51
CA ALA K 183 -35.11 -26.92 3.80
C ALA K 183 -36.40 -26.21 4.13
N ASN K 184 -37.53 -26.93 4.08
CA ASN K 184 -38.84 -26.31 4.18
C ASN K 184 -39.15 -25.81 5.58
N ILE K 185 -38.40 -26.27 6.59
CA ILE K 185 -38.60 -25.78 7.94
C ILE K 185 -38.19 -24.32 8.06
N ARG K 186 -37.28 -23.87 7.17
CA ARG K 186 -36.73 -22.51 7.25
C ARG K 186 -37.80 -21.43 7.07
N TRP K 187 -38.81 -21.68 6.24
CA TRP K 187 -39.92 -20.76 6.12
C TRP K 187 -40.91 -20.84 7.29
N PHE K 188 -40.68 -21.75 8.24
CA PHE K 188 -41.58 -21.86 9.38
C PHE K 188 -40.79 -22.04 10.69
N SER K 195 -40.26 -25.86 12.60
CA SER K 195 -39.31 -26.56 13.45
C SER K 195 -40.00 -27.21 14.63
N LEU K 196 -39.69 -28.49 14.85
CA LEU K 196 -40.23 -29.27 15.97
C LEU K 196 -39.09 -30.03 16.61
N GLY K 197 -38.99 -29.96 17.93
CA GLY K 197 -37.86 -30.56 18.61
C GLY K 197 -38.20 -31.48 19.75
N LYS K 198 -37.86 -32.77 19.59
CA LYS K 198 -38.02 -33.79 20.62
C LYS K 198 -36.74 -34.62 20.71
N LYS K 199 -36.61 -35.32 21.81
CA LYS K 199 -35.46 -36.20 22.02
C LYS K 199 -35.68 -37.52 21.27
N THR K 200 -34.83 -37.81 20.28
CA THR K 200 -34.83 -39.09 19.58
C THR K 200 -33.47 -39.30 18.97
N VAL K 201 -32.88 -40.48 19.16
CA VAL K 201 -31.61 -40.77 18.52
C VAL K 201 -31.84 -41.03 17.03
N LYS K 202 -30.75 -40.93 16.27
CA LYS K 202 -30.81 -41.06 14.82
C LYS K 202 -29.40 -41.34 14.32
N GLN K 203 -29.31 -42.08 13.23
CA GLN K 203 -28.02 -42.45 12.66
C GLN K 203 -28.11 -42.51 11.15
N PRO K 204 -27.80 -41.42 10.47
CA PRO K 204 -27.83 -41.41 9.02
C PRO K 204 -26.59 -42.09 8.46
N VAL K 205 -26.61 -42.30 7.15
CA VAL K 205 -25.49 -42.94 6.46
C VAL K 205 -25.45 -42.40 5.04
N TYR K 206 -24.25 -42.10 4.56
CA TYR K 206 -24.12 -41.44 3.27
C TYR K 206 -24.34 -42.43 2.13
N ILE K 207 -24.90 -41.92 1.04
CA ILE K 207 -25.47 -42.76 0.00
C ILE K 207 -24.42 -43.48 -0.83
N VAL K 208 -23.22 -42.92 -1.01
CA VAL K 208 -22.32 -43.56 -1.96
C VAL K 208 -21.62 -44.75 -1.32
N ASP K 209 -21.39 -44.74 -0.02
CA ASP K 209 -20.85 -45.95 0.58
C ASP K 209 -21.94 -47.00 0.76
N VAL K 210 -23.20 -46.56 0.85
CA VAL K 210 -24.32 -47.49 0.77
C VAL K 210 -24.31 -48.22 -0.56
N THR K 211 -24.20 -47.49 -1.67
CA THR K 211 -24.19 -48.20 -2.93
C THR K 211 -22.87 -48.92 -3.21
N LYS K 212 -21.77 -48.52 -2.54
CA LYS K 212 -20.55 -49.34 -2.60
C LYS K 212 -20.76 -50.69 -1.93
N GLY K 213 -21.39 -50.70 -0.76
CA GLY K 213 -21.73 -51.96 -0.12
C GLY K 213 -22.70 -52.78 -0.95
N ILE K 214 -23.62 -52.11 -1.63
CA ILE K 214 -24.57 -52.80 -2.49
C ILE K 214 -23.87 -53.46 -3.66
N ILE K 215 -22.91 -52.77 -4.29
CA ILE K 215 -22.30 -53.38 -5.47
C ILE K 215 -21.30 -54.46 -5.07
N ASN K 216 -20.65 -54.33 -3.91
CA ASN K 216 -19.83 -55.43 -3.41
C ASN K 216 -20.68 -56.65 -3.07
N ALA K 217 -21.83 -56.43 -2.43
CA ALA K 217 -22.69 -57.56 -2.09
C ALA K 217 -23.40 -58.13 -3.31
N ILE K 218 -23.55 -57.37 -4.38
CA ILE K 218 -24.16 -57.91 -5.57
C ILE K 218 -23.13 -58.60 -6.46
N LYS K 219 -21.85 -58.28 -6.31
CA LYS K 219 -20.84 -59.03 -7.04
C LYS K 219 -20.29 -60.20 -6.25
N ASP K 220 -20.55 -60.27 -4.95
CA ASP K 220 -19.95 -61.28 -4.11
C ASP K 220 -21.02 -62.22 -3.56
N PRO K 221 -20.97 -63.50 -3.87
CA PRO K 221 -21.79 -64.47 -3.13
C PRO K 221 -21.23 -64.69 -1.74
N ASP K 222 -22.02 -65.40 -0.93
CA ASP K 222 -22.28 -65.41 0.52
C ASP K 222 -23.33 -64.36 0.85
N ALA K 223 -23.80 -63.61 -0.14
CA ALA K 223 -24.75 -62.54 0.10
C ALA K 223 -26.17 -63.04 0.24
N ARG K 224 -26.46 -64.26 -0.17
CA ARG K 224 -27.83 -64.74 -0.20
C ARG K 224 -28.23 -65.31 1.15
N GLY K 225 -29.52 -65.20 1.45
CA GLY K 225 -30.00 -65.63 2.75
C GLY K 225 -29.82 -64.59 3.84
N LYS K 226 -28.58 -64.19 4.12
CA LYS K 226 -28.34 -63.32 5.26
C LYS K 226 -28.73 -61.89 4.95
N THR K 227 -29.76 -61.40 5.63
CA THR K 227 -30.14 -60.00 5.54
C THR K 227 -29.06 -59.11 6.15
N PHE K 228 -28.91 -57.91 5.60
CA PHE K 228 -27.84 -56.99 5.99
C PHE K 228 -28.43 -55.66 6.45
N ALA K 229 -27.69 -54.99 7.33
CA ALA K 229 -28.09 -53.72 7.91
C ALA K 229 -26.96 -52.71 7.78
N PHE K 230 -27.28 -51.56 7.20
CA PHE K 230 -26.29 -50.53 6.85
C PHE K 230 -26.52 -49.29 7.69
N VAL K 231 -25.71 -49.12 8.72
CA VAL K 231 -25.81 -48.01 9.65
C VAL K 231 -24.49 -47.27 9.66
N GLY K 232 -24.54 -45.94 9.54
CA GLY K 232 -23.35 -45.14 9.66
C GLY K 232 -22.83 -45.11 11.08
N PRO K 233 -21.65 -44.52 11.27
CA PRO K 233 -21.00 -44.53 12.58
C PRO K 233 -21.49 -43.46 13.55
N ASN K 234 -22.60 -42.79 13.26
CA ASN K 234 -22.91 -41.56 13.98
C ASN K 234 -23.68 -41.82 15.28
N ARG K 235 -24.91 -42.30 15.17
CA ARG K 235 -25.82 -42.60 16.29
C ARG K 235 -25.96 -41.40 17.24
N TYR K 236 -26.62 -40.36 16.76
CA TYR K 236 -26.81 -39.21 17.63
C TYR K 236 -28.22 -38.66 17.66
N LEU K 237 -28.40 -37.53 18.32
CA LEU K 237 -29.71 -37.05 18.74
C LEU K 237 -30.29 -36.10 17.72
N LEU K 238 -31.63 -36.03 17.66
CA LEU K 238 -32.33 -35.29 16.63
C LEU K 238 -32.07 -33.80 16.75
N PHE K 239 -32.07 -33.32 17.98
CA PHE K 239 -31.89 -31.89 18.23
C PHE K 239 -30.49 -31.43 17.87
N ASP K 240 -29.49 -32.28 18.06
CA ASP K 240 -28.15 -31.94 17.58
C ASP K 240 -28.07 -31.91 16.07
N LEU K 241 -28.85 -32.74 15.38
CA LEU K 241 -28.88 -32.67 13.93
C LEU K 241 -29.51 -31.38 13.46
N VAL K 242 -30.56 -30.93 14.15
CA VAL K 242 -31.21 -29.70 13.74
C VAL K 242 -30.31 -28.49 14.01
N GLN K 243 -29.66 -28.46 15.18
CA GLN K 243 -28.62 -27.46 15.46
C GLN K 243 -27.52 -27.49 14.42
N TYR K 244 -27.09 -28.68 14.04
CA TYR K 244 -25.98 -28.81 13.11
C TYR K 244 -26.37 -28.32 11.72
N VAL K 245 -27.58 -28.63 11.27
CA VAL K 245 -27.91 -28.26 9.91
C VAL K 245 -28.21 -26.76 9.82
N PHE K 246 -28.80 -26.16 10.85
CA PHE K 246 -28.98 -24.72 10.78
C PHE K 246 -27.72 -23.96 11.15
N ALA K 247 -26.72 -24.63 11.70
CA ALA K 247 -25.44 -23.98 11.89
C ALA K 247 -24.58 -24.04 10.64
N VAL K 248 -24.64 -25.14 9.90
CA VAL K 248 -23.92 -25.19 8.63
C VAL K 248 -24.59 -24.26 7.64
N ALA K 249 -25.92 -24.19 7.66
CA ALA K 249 -26.60 -23.30 6.73
C ALA K 249 -26.45 -21.83 7.09
N HIS K 250 -26.03 -21.53 8.32
CA HIS K 250 -25.90 -20.18 8.89
C HIS K 250 -27.22 -19.41 8.89
N ARG K 251 -28.33 -20.10 8.85
CA ARG K 251 -29.64 -19.45 8.94
C ARG K 251 -30.05 -19.37 10.40
N PRO K 252 -30.45 -18.20 10.89
CA PRO K 252 -30.86 -18.09 12.29
C PRO K 252 -32.19 -18.76 12.53
N PHE K 253 -32.33 -19.34 13.73
CA PHE K 253 -33.43 -20.24 14.02
C PHE K 253 -33.85 -20.12 15.48
N LEU K 254 -35.13 -20.37 15.73
CA LEU K 254 -35.69 -20.49 17.07
C LEU K 254 -36.63 -21.69 17.07
N PRO K 255 -36.19 -22.84 17.57
CA PRO K 255 -37.01 -24.05 17.45
C PRO K 255 -38.11 -24.08 18.49
N TYR K 256 -39.17 -24.82 18.18
CA TYR K 256 -40.30 -24.95 19.09
C TYR K 256 -40.29 -26.29 19.82
N TRP K 278 -46.81 -32.26 0.17
CA TRP K 278 -45.49 -32.89 0.18
C TRP K 278 -45.11 -33.38 1.58
N THR K 279 -45.97 -33.10 2.56
CA THR K 279 -45.80 -33.60 3.93
C THR K 279 -47.02 -34.44 4.29
N THR K 280 -46.81 -35.71 4.54
CA THR K 280 -47.80 -36.52 5.23
C THR K 280 -47.44 -36.56 6.70
N ARG K 281 -48.39 -37.01 7.51
CA ARG K 281 -48.04 -37.26 8.90
C ARG K 281 -47.21 -38.53 9.06
N ASP K 282 -47.18 -39.39 8.04
CA ASP K 282 -46.25 -40.51 8.03
C ASP K 282 -44.80 -40.04 8.00
N LYS K 283 -44.54 -38.91 7.35
CA LYS K 283 -43.21 -38.31 7.35
C LYS K 283 -42.76 -37.96 8.76
N VAL K 284 -43.63 -37.27 9.50
CA VAL K 284 -43.25 -36.82 10.83
C VAL K 284 -43.22 -38.02 11.78
N GLU K 285 -44.00 -39.07 11.49
CA GLU K 285 -43.91 -40.30 12.28
C GLU K 285 -42.58 -41.01 12.05
N ARG K 286 -42.10 -41.02 10.80
CA ARG K 286 -40.78 -41.58 10.51
C ARG K 286 -39.69 -40.83 11.26
N ILE K 287 -39.66 -39.50 11.14
CA ILE K 287 -38.55 -38.78 11.75
C ILE K 287 -38.71 -38.61 13.26
N HIS K 288 -39.85 -38.97 13.85
CA HIS K 288 -39.93 -39.06 15.29
C HIS K 288 -40.27 -40.46 15.78
N THR K 289 -39.86 -41.50 15.06
CA THR K 289 -40.11 -42.81 15.66
C THR K 289 -39.04 -43.18 16.68
N THR K 290 -37.87 -43.62 16.20
CA THR K 290 -36.65 -44.02 16.91
C THR K 290 -35.67 -44.52 15.86
N ASP K 291 -34.46 -44.89 16.30
CA ASP K 291 -33.51 -45.63 15.48
C ASP K 291 -32.73 -46.56 16.40
N ARG K 292 -33.01 -47.86 16.32
CA ARG K 292 -32.40 -48.83 17.22
C ARG K 292 -31.36 -49.65 16.47
N THR K 293 -30.63 -50.46 17.22
CA THR K 293 -29.57 -51.28 16.66
C THR K 293 -29.95 -52.76 16.74
N LEU K 294 -29.31 -53.54 15.87
CA LEU K 294 -29.47 -54.99 15.79
C LEU K 294 -28.11 -55.66 15.61
N PRO K 295 -27.55 -56.29 16.63
CA PRO K 295 -26.30 -57.04 16.43
C PRO K 295 -26.53 -58.48 15.98
N HIS K 296 -27.71 -58.76 15.44
CA HIS K 296 -28.02 -60.10 14.93
C HIS K 296 -27.54 -60.32 13.50
N LEU K 297 -26.85 -59.35 12.90
CA LEU K 297 -26.56 -59.40 11.48
C LEU K 297 -25.42 -58.46 11.18
N PRO K 298 -24.58 -58.76 10.21
CA PRO K 298 -23.41 -57.90 9.95
C PRO K 298 -23.75 -56.61 9.24
N GLY K 299 -22.74 -55.79 8.98
CA GLY K 299 -22.96 -54.45 8.47
C GLY K 299 -21.93 -53.98 7.46
N LEU K 300 -21.45 -52.75 7.63
CA LEU K 300 -20.58 -52.09 6.66
C LEU K 300 -19.21 -52.75 6.58
N GLU K 301 -18.45 -52.65 7.66
CA GLU K 301 -17.07 -53.10 7.67
C GLU K 301 -16.97 -54.61 7.81
N ASP K 302 -18.03 -55.26 8.28
CA ASP K 302 -18.07 -56.71 8.24
C ASP K 302 -18.24 -57.22 6.82
N LEU K 303 -18.82 -56.41 5.94
CA LEU K 303 -18.72 -56.69 4.52
C LEU K 303 -17.45 -56.13 3.92
N GLY K 304 -16.86 -55.12 4.55
CA GLY K 304 -15.57 -54.63 4.13
C GLY K 304 -15.61 -53.38 3.25
N VAL K 305 -16.37 -52.38 3.68
CA VAL K 305 -16.48 -51.13 2.93
C VAL K 305 -16.40 -49.98 3.92
N GLN K 306 -15.75 -48.90 3.49
CA GLN K 306 -15.46 -47.78 4.36
C GLN K 306 -16.72 -46.98 4.65
N ALA K 307 -16.83 -46.47 5.88
CA ALA K 307 -17.94 -45.61 6.28
C ALA K 307 -17.41 -44.20 6.52
N THR K 308 -18.09 -43.20 5.93
CA THR K 308 -17.71 -41.81 6.04
C THR K 308 -18.67 -41.05 6.94
N PRO K 309 -18.15 -40.16 7.77
CA PRO K 309 -19.01 -39.42 8.71
C PRO K 309 -19.85 -38.36 8.04
N LEU K 310 -20.50 -37.56 8.87
CA LEU K 310 -21.53 -36.64 8.40
C LEU K 310 -20.96 -35.38 7.77
N GLU K 311 -19.91 -34.80 8.39
CA GLU K 311 -19.72 -33.36 8.35
C GLU K 311 -19.30 -32.84 6.98
N LEU K 312 -18.40 -33.53 6.30
CA LEU K 312 -17.91 -33.03 5.02
C LEU K 312 -18.96 -33.19 3.93
N LYS K 313 -19.72 -34.27 3.98
CA LYS K 313 -20.85 -34.41 3.07
C LYS K 313 -21.95 -33.40 3.42
N ALA K 314 -22.04 -32.95 4.67
CA ALA K 314 -23.01 -31.90 4.98
C ALA K 314 -22.60 -30.57 4.36
N ILE K 315 -21.30 -30.28 4.38
CA ILE K 315 -20.78 -29.10 3.69
C ILE K 315 -21.02 -29.21 2.19
N GLU K 316 -20.99 -30.44 1.66
CA GLU K 316 -21.39 -30.66 0.28
C GLU K 316 -22.85 -30.28 0.06
N VAL K 317 -23.75 -30.81 0.87
CA VAL K 317 -25.17 -30.76 0.53
C VAL K 317 -25.90 -29.53 1.05
N LEU K 318 -25.26 -28.68 1.84
CA LEU K 318 -25.92 -27.48 2.30
C LEU K 318 -25.56 -26.23 1.52
N ARG K 319 -25.09 -26.36 0.28
CA ARG K 319 -24.69 -25.17 -0.47
C ARG K 319 -25.86 -24.34 -0.94
N ARG K 320 -27.07 -24.86 -0.87
CA ARG K 320 -28.20 -24.18 -1.49
C ARG K 320 -28.70 -23.01 -0.64
N HIS K 321 -28.69 -23.16 0.68
CA HIS K 321 -29.51 -22.31 1.53
C HIS K 321 -28.79 -21.08 2.04
N ARG K 322 -27.54 -20.85 1.64
CA ARG K 322 -26.77 -19.85 2.36
C ARG K 322 -27.01 -18.44 1.83
N THR K 323 -27.05 -18.28 0.50
CA THR K 323 -27.29 -17.01 -0.21
C THR K 323 -26.30 -15.91 0.21
N TYR K 324 -25.02 -16.15 -0.08
CA TYR K 324 -24.00 -15.12 -0.23
C TYR K 324 -23.61 -14.45 1.08
N ARG K 325 -24.30 -14.80 2.15
CA ARG K 325 -23.90 -14.46 3.50
C ARG K 325 -23.42 -15.76 4.12
N TRP K 326 -22.14 -15.80 4.49
CA TRP K 326 -21.44 -17.01 4.94
C TRP K 326 -21.58 -18.15 3.93
N LEU K 327 -21.42 -17.81 2.65
CA LEU K 327 -21.57 -18.84 1.63
C LEU K 327 -20.37 -19.77 1.62
N SER K 328 -19.18 -19.24 1.89
CA SER K 328 -17.95 -20.02 1.89
C SER K 328 -17.42 -20.13 3.31
N SER K 329 -17.49 -21.34 3.87
CA SER K 329 -16.99 -21.64 5.21
C SER K 329 -16.84 -23.14 5.32
N GLU K 330 -15.90 -23.60 6.13
CA GLU K 330 -15.69 -25.04 6.30
C GLU K 330 -15.81 -25.52 7.74
N ILE K 331 -15.06 -24.92 8.67
CA ILE K 331 -14.78 -25.54 9.97
C ILE K 331 -15.40 -24.64 11.05
N GLU K 332 -16.54 -24.02 10.75
CA GLU K 332 -17.08 -23.04 11.67
C GLU K 332 -17.81 -23.66 12.86
N ASP K 333 -18.06 -24.97 12.85
CA ASP K 333 -18.98 -25.56 13.81
C ASP K 333 -18.80 -27.07 13.83
N VAL K 334 -18.66 -27.62 15.04
CA VAL K 334 -18.63 -29.05 15.26
C VAL K 334 -19.67 -29.40 16.31
N GLN K 335 -20.44 -30.46 16.07
CA GLN K 335 -21.50 -30.85 16.98
C GLN K 335 -21.31 -32.29 17.42
N PRO K 336 -21.38 -32.57 18.71
CA PRO K 336 -21.00 -33.89 19.20
C PRO K 336 -22.08 -34.92 18.93
N ALA K 337 -21.71 -36.18 19.15
CA ALA K 337 -22.66 -37.27 18.93
C ALA K 337 -23.56 -37.46 20.14
N LYS K 338 -23.00 -37.88 21.25
CA LYS K 338 -23.84 -38.26 22.38
C LYS K 338 -23.10 -38.09 23.69
N LEU L 13 18.28 -82.42 7.07
CA LEU L 13 17.42 -83.41 6.42
C LEU L 13 18.13 -84.02 5.22
N GLY L 14 17.36 -84.33 4.18
CA GLY L 14 17.93 -84.90 2.99
C GLY L 14 18.70 -83.86 2.20
N LEU L 15 20.02 -84.05 2.08
CA LEU L 15 20.86 -83.18 1.27
C LEU L 15 20.62 -83.56 -0.19
N ARG L 16 19.62 -82.92 -0.79
CA ARG L 16 19.02 -83.42 -2.03
C ARG L 16 19.90 -83.24 -3.25
N GLU L 17 20.15 -82.01 -3.67
CA GLU L 17 20.78 -81.80 -4.97
C GLU L 17 21.87 -80.76 -4.87
N ILE L 18 22.89 -80.90 -5.71
CA ILE L 18 24.07 -80.05 -5.71
C ILE L 18 24.29 -79.56 -7.14
N ARG L 19 24.50 -78.26 -7.31
CA ARG L 19 24.64 -77.67 -8.63
C ARG L 19 25.94 -76.89 -8.73
N ILE L 20 26.58 -76.97 -9.91
CA ILE L 20 27.81 -76.23 -10.18
C ILE L 20 27.55 -75.32 -11.37
N HIS L 21 28.06 -74.08 -11.29
CA HIS L 21 27.92 -73.09 -12.35
C HIS L 21 29.29 -72.59 -12.78
N LEU L 22 29.63 -72.84 -14.05
CA LEU L 22 30.98 -72.64 -14.55
C LEU L 22 31.03 -71.87 -15.86
N CYS L 23 32.22 -71.77 -16.44
CA CYS L 23 32.41 -71.01 -17.67
C CYS L 23 33.51 -71.68 -18.47
N GLN L 24 34.03 -70.96 -19.48
CA GLN L 24 35.00 -71.51 -20.41
C GLN L 24 36.42 -71.00 -20.22
N ARG L 25 36.60 -69.84 -19.59
CA ARG L 25 37.94 -69.38 -19.21
C ARG L 25 37.85 -68.53 -17.94
N SER L 26 38.59 -68.96 -16.91
CA SER L 26 38.70 -68.38 -15.58
C SER L 26 39.72 -69.19 -14.81
N PRO L 27 40.41 -68.59 -13.83
CA PRO L 27 41.15 -69.43 -12.87
C PRO L 27 40.22 -70.27 -12.00
N GLY L 28 39.05 -69.75 -11.65
CA GLY L 28 38.06 -70.57 -10.98
C GLY L 28 37.57 -71.70 -11.87
N SER L 29 37.31 -71.39 -13.15
CA SER L 29 36.96 -72.44 -14.08
C SER L 29 38.13 -73.39 -14.30
N GLN L 30 39.37 -72.88 -14.22
CA GLN L 30 40.53 -73.76 -14.31
C GLN L 30 40.53 -74.77 -13.16
N GLY L 31 40.22 -74.31 -11.96
CA GLY L 31 40.18 -75.21 -10.83
C GLY L 31 39.03 -76.20 -10.91
N VAL L 32 37.86 -75.75 -11.37
CA VAL L 32 36.75 -76.69 -11.38
C VAL L 32 36.81 -77.60 -12.61
N ARG L 33 37.43 -77.16 -13.70
CA ARG L 33 37.82 -78.10 -14.76
C ARG L 33 38.77 -79.17 -14.25
N ASP L 34 39.72 -78.78 -13.40
CA ASP L 34 40.60 -79.77 -12.77
C ASP L 34 39.80 -80.77 -11.93
N PHE L 35 38.87 -80.26 -11.13
CA PHE L 35 38.07 -81.13 -10.28
C PHE L 35 37.15 -82.03 -11.09
N ILE L 36 36.64 -81.54 -12.21
CA ILE L 36 35.64 -82.30 -12.93
C ILE L 36 36.27 -83.21 -13.97
N GLU L 37 37.54 -82.98 -14.31
CA GLU L 37 38.28 -83.91 -15.15
C GLU L 37 39.07 -84.92 -14.35
N LYS L 38 39.23 -84.69 -13.06
CA LYS L 38 39.88 -85.69 -12.22
C LYS L 38 38.91 -86.43 -11.31
N ARG L 39 38.11 -85.72 -10.54
CA ARG L 39 37.44 -86.31 -9.38
C ARG L 39 35.95 -86.11 -9.44
N TYR L 40 35.35 -86.39 -10.58
CA TYR L 40 33.90 -86.49 -10.61
C TYR L 40 33.40 -87.93 -10.51
N VAL L 41 34.00 -88.83 -11.28
CA VAL L 41 33.52 -90.22 -11.31
C VAL L 41 33.85 -90.91 -10.00
N GLU L 42 34.82 -90.39 -9.25
CA GLU L 42 35.02 -90.78 -7.85
C GLU L 42 33.77 -90.49 -7.04
N LEU L 43 33.23 -89.28 -7.16
CA LEU L 43 32.12 -88.85 -6.33
C LEU L 43 30.83 -89.58 -6.69
N LYS L 44 30.49 -89.59 -7.98
CA LYS L 44 29.27 -90.26 -8.41
C LYS L 44 29.40 -91.78 -8.29
N LYS L 45 30.62 -92.29 -8.40
CA LYS L 45 30.86 -93.70 -8.13
C LYS L 45 30.70 -94.01 -6.65
N ALA L 46 30.87 -93.03 -5.78
CA ALA L 46 30.54 -93.21 -4.37
C ALA L 46 29.12 -92.81 -4.02
N ASN L 47 28.44 -92.06 -4.88
CA ASN L 47 27.12 -91.51 -4.56
C ASN L 47 26.15 -91.77 -5.71
N PRO L 48 25.26 -92.75 -5.59
CA PRO L 48 24.42 -93.13 -6.74
C PRO L 48 23.19 -92.26 -6.99
N ASP L 49 22.54 -91.78 -5.94
CA ASP L 49 21.30 -91.01 -6.06
C ASP L 49 21.42 -89.65 -5.39
N LEU L 50 22.58 -89.02 -5.54
CA LEU L 50 22.84 -87.72 -4.95
C LEU L 50 23.18 -86.80 -6.12
N PRO L 51 22.17 -86.39 -6.87
CA PRO L 51 22.39 -85.89 -8.25
C PRO L 51 22.98 -84.49 -8.35
N ILE L 52 24.30 -84.43 -8.17
CA ILE L 52 25.04 -83.24 -8.54
C ILE L 52 24.94 -83.05 -10.05
N LEU L 53 24.87 -81.80 -10.49
CA LEU L 53 24.81 -81.52 -11.91
C LEU L 53 25.69 -80.33 -12.23
N ILE L 54 26.00 -80.21 -13.51
CA ILE L 54 26.99 -79.29 -14.02
C ILE L 54 26.32 -78.40 -15.03
N ARG L 55 26.52 -77.09 -14.89
CA ARG L 55 25.94 -76.14 -15.83
C ARG L 55 27.00 -75.12 -16.21
N GLU L 56 27.29 -75.05 -17.50
CA GLU L 56 28.19 -74.06 -18.08
C GLU L 56 27.41 -73.31 -19.13
N CYS L 57 27.53 -72.00 -19.18
CA CYS L 57 26.86 -71.23 -20.22
C CYS L 57 27.87 -70.59 -21.16
N SER L 58 28.54 -69.52 -20.74
CA SER L 58 29.80 -69.12 -21.36
C SER L 58 30.73 -68.52 -20.33
N ASP L 59 30.13 -67.72 -19.45
CA ASP L 59 30.85 -66.70 -18.70
C ASP L 59 29.99 -66.37 -17.48
N VAL L 60 30.35 -66.95 -16.34
CA VAL L 60 29.63 -66.72 -15.10
C VAL L 60 30.57 -67.09 -13.97
N GLN L 61 30.28 -66.61 -12.76
CA GLN L 61 31.09 -66.99 -11.62
C GLN L 61 30.86 -68.44 -11.25
N PRO L 62 31.91 -69.18 -10.95
CA PRO L 62 31.76 -70.60 -10.61
C PRO L 62 31.15 -70.78 -9.24
N LYS L 63 29.82 -70.79 -9.20
CA LYS L 63 29.12 -70.89 -7.93
C LYS L 63 28.75 -72.33 -7.64
N LEU L 64 28.84 -72.73 -6.37
CA LEU L 64 28.49 -74.07 -5.95
C LEU L 64 27.33 -73.98 -4.97
N TRP L 65 26.19 -74.53 -5.37
CA TRP L 65 24.97 -74.38 -4.60
C TRP L 65 24.45 -75.75 -4.20
N ALA L 66 23.60 -75.73 -3.16
CA ALA L 66 22.97 -76.95 -2.70
C ALA L 66 21.52 -76.65 -2.39
N ARG L 67 20.62 -77.41 -3.02
CA ARG L 67 19.19 -77.30 -2.78
C ARG L 67 18.77 -78.51 -1.97
N TYR L 68 18.27 -78.26 -0.77
CA TYR L 68 17.94 -79.32 0.17
C TYR L 68 17.07 -78.78 1.28
N ALA L 69 16.33 -79.71 1.91
CA ALA L 69 15.64 -79.52 3.19
C ALA L 69 14.61 -78.40 3.13
N PHE L 70 13.57 -78.65 2.32
CA PHE L 70 12.37 -77.80 2.23
C PHE L 70 12.72 -76.41 1.74
N GLY L 71 13.37 -76.34 0.58
CA GLY L 71 13.68 -75.06 -0.02
C GLY L 71 14.84 -74.31 0.59
N GLN L 72 15.83 -75.03 1.12
CA GLN L 72 17.08 -74.41 1.54
C GLN L 72 18.05 -74.42 0.37
N GLU L 73 18.33 -73.24 -0.17
CA GLU L 73 19.30 -73.07 -1.24
C GLU L 73 20.50 -72.36 -0.64
N LYS L 74 21.57 -73.09 -0.39
CA LYS L 74 22.77 -72.46 0.13
C LYS L 74 23.86 -72.35 -0.92
N ASN L 75 24.83 -71.48 -0.62
CA ASN L 75 25.66 -70.82 -1.61
C ASN L 75 27.09 -70.78 -1.11
N VAL L 76 28.02 -71.33 -1.89
CA VAL L 76 29.44 -71.06 -1.68
C VAL L 76 30.05 -70.68 -3.02
N SER L 77 31.19 -69.98 -2.94
CA SER L 77 31.90 -69.51 -4.12
C SER L 77 33.05 -70.42 -4.48
N LEU L 78 33.44 -70.38 -5.75
CA LEU L 78 34.65 -71.05 -6.20
C LEU L 78 35.43 -70.19 -7.19
N ASN L 79 35.34 -68.87 -7.08
CA ASN L 79 36.19 -68.01 -7.88
C ASN L 79 37.63 -68.21 -7.46
N ASN L 80 38.50 -68.39 -8.46
CA ASN L 80 39.95 -68.67 -8.44
C ASN L 80 40.40 -69.53 -7.27
N PHE L 81 39.69 -70.61 -7.02
CA PHE L 81 39.90 -71.42 -5.83
C PHE L 81 40.47 -72.78 -6.16
N SER L 82 41.28 -73.28 -5.23
CA SER L 82 42.10 -74.46 -5.43
C SER L 82 41.23 -75.71 -5.37
N ALA L 83 41.87 -76.86 -5.62
CA ALA L 83 41.19 -78.14 -5.52
C ALA L 83 40.87 -78.50 -4.08
N ASP L 84 41.65 -78.00 -3.12
CA ASP L 84 41.46 -78.35 -1.72
C ASP L 84 40.18 -77.76 -1.17
N GLN L 85 39.86 -76.51 -1.52
CA GLN L 85 38.60 -75.93 -1.09
C GLN L 85 37.41 -76.61 -1.75
N VAL L 86 37.58 -77.05 -3.00
CA VAL L 86 36.52 -77.80 -3.68
C VAL L 86 36.23 -79.08 -2.92
N THR L 87 37.27 -79.82 -2.57
CA THR L 87 37.10 -81.05 -1.82
C THR L 87 36.58 -80.78 -0.40
N ARG L 88 37.00 -79.67 0.21
CA ARG L 88 36.61 -79.36 1.59
C ARG L 88 35.15 -78.96 1.68
N ALA L 89 34.72 -78.04 0.81
CA ALA L 89 33.31 -77.64 0.79
C ALA L 89 32.43 -78.77 0.30
N LEU L 90 32.97 -79.64 -0.56
CA LEU L 90 32.25 -80.85 -0.92
C LEU L 90 32.10 -81.77 0.28
N GLU L 91 33.13 -81.86 1.12
CA GLU L 91 33.03 -82.64 2.35
C GLU L 91 32.00 -82.04 3.30
N ASN L 92 31.92 -80.72 3.32
CA ASN L 92 31.00 -80.03 4.23
C ASN L 92 29.56 -80.23 3.79
N VAL L 93 29.27 -79.94 2.51
CA VAL L 93 27.89 -80.06 2.02
C VAL L 93 27.49 -81.51 1.91
N LEU L 94 28.36 -82.34 1.35
CA LEU L 94 28.12 -83.75 1.18
C LEU L 94 28.16 -84.47 2.53
N LYS M 5 7.09 17.55 -49.49
CA LYS M 5 6.00 16.68 -49.90
C LYS M 5 4.80 16.69 -48.97
N LYS M 6 4.00 15.63 -49.13
CA LYS M 6 2.75 15.35 -48.46
C LYS M 6 2.36 13.94 -48.84
N THR M 7 1.76 13.21 -47.89
CA THR M 7 1.36 11.79 -48.03
C THR M 7 2.54 10.90 -48.38
N THR M 8 3.42 10.72 -47.39
CA THR M 8 4.24 9.53 -47.36
C THR M 8 3.36 8.28 -47.34
N GLY M 9 3.83 7.24 -48.02
CA GLY M 9 3.00 6.07 -48.25
C GLY M 9 2.85 5.12 -47.09
N LEU M 10 3.39 5.43 -45.92
CA LEU M 10 3.38 4.52 -44.79
C LEU M 10 2.68 5.19 -43.61
N VAL M 11 2.28 4.39 -42.64
CA VAL M 11 1.43 4.89 -41.56
C VAL M 11 2.26 5.53 -40.46
N GLY M 12 3.08 4.74 -39.78
CA GLY M 12 3.80 5.24 -38.64
C GLY M 12 5.16 5.79 -39.01
N LEU M 13 5.16 6.75 -39.92
CA LEU M 13 6.38 7.19 -40.58
C LEU M 13 6.08 8.49 -41.30
N ALA M 14 7.01 9.44 -41.21
CA ALA M 14 6.85 10.75 -41.87
C ALA M 14 8.23 11.33 -42.06
N VAL M 15 8.56 11.73 -43.30
CA VAL M 15 9.91 12.22 -43.59
C VAL M 15 10.14 13.56 -42.91
N CYS M 16 11.42 13.84 -42.65
CA CYS M 16 11.79 15.15 -42.17
C CYS M 16 12.08 16.06 -43.36
N GLU M 17 12.46 17.29 -43.06
CA GLU M 17 12.73 18.29 -44.09
C GLU M 17 14.13 18.21 -44.65
N THR M 18 15.00 17.39 -44.06
CA THR M 18 16.39 17.25 -44.54
C THR M 18 16.75 15.78 -44.65
N PRO M 19 16.46 15.14 -45.78
CA PRO M 19 16.92 13.74 -45.93
C PRO M 19 18.42 13.62 -46.14
N HIS M 20 18.99 14.52 -46.95
CA HIS M 20 20.34 14.34 -47.48
C HIS M 20 21.38 14.38 -46.38
N GLU M 21 21.36 15.44 -45.58
CA GLU M 21 22.41 15.64 -44.61
C GLU M 21 22.34 14.64 -43.47
N ARG M 22 21.13 14.25 -43.07
CA ARG M 22 20.97 13.18 -42.09
C ARG M 22 21.51 11.88 -42.63
N LEU M 23 21.28 11.62 -43.92
CA LEU M 23 21.75 10.39 -44.51
C LEU M 23 23.28 10.36 -44.55
N LYS M 24 23.89 11.51 -44.86
CA LYS M 24 25.35 11.57 -44.93
C LYS M 24 25.97 11.38 -43.56
N ILE M 25 25.40 12.00 -42.53
CA ILE M 25 26.04 11.85 -41.22
C ILE M 25 25.79 10.46 -40.65
N LEU M 26 24.67 9.82 -41.03
CA LEU M 26 24.48 8.41 -40.75
C LEU M 26 25.58 7.56 -41.35
N TYR M 27 25.87 7.75 -42.63
CA TYR M 27 26.85 6.87 -43.26
C TYR M 27 28.27 7.16 -42.80
N THR M 28 28.55 8.39 -42.39
CA THR M 28 29.87 8.65 -41.83
C THR M 28 30.02 8.06 -40.43
N LYS M 29 28.96 8.05 -39.61
CA LYS M 29 29.05 7.31 -38.35
C LYS M 29 29.17 5.82 -38.58
N ILE M 30 28.59 5.31 -39.67
CA ILE M 30 28.75 3.90 -40.00
C ILE M 30 30.22 3.60 -40.33
N LEU M 31 30.84 4.48 -41.14
CA LEU M 31 32.27 4.36 -41.41
C LEU M 31 33.11 4.46 -40.15
N ASP M 32 32.69 5.29 -39.18
CA ASP M 32 33.40 5.43 -37.92
C ASP M 32 33.37 4.14 -37.10
N VAL M 33 32.16 3.68 -36.79
CA VAL M 33 31.98 2.48 -35.97
C VAL M 33 32.58 1.27 -36.65
N LEU M 34 32.51 1.24 -37.98
CA LEU M 34 33.20 0.21 -38.74
C LEU M 34 34.71 0.37 -38.64
N GLY M 35 35.20 1.60 -38.50
CA GLY M 35 36.62 1.81 -38.33
C GLY M 35 37.13 1.27 -37.00
N HIS M 36 36.28 1.25 -35.98
CA HIS M 36 36.70 0.59 -34.74
C HIS M 36 36.77 -0.93 -34.86
N ILE M 37 36.16 -1.52 -35.87
CA ILE M 37 36.19 -2.99 -36.02
C ILE M 37 37.57 -3.41 -36.50
N PRO M 38 38.11 -4.53 -36.01
CA PRO M 38 39.42 -5.00 -36.48
C PRO M 38 39.43 -5.33 -37.97
N LYS M 39 40.65 -5.40 -38.51
CA LYS M 39 40.82 -5.38 -39.96
C LYS M 39 40.52 -6.74 -40.59
N ASN M 40 40.90 -7.83 -39.93
CA ASN M 40 40.96 -9.15 -40.57
C ASN M 40 39.59 -9.70 -40.94
N ALA M 41 38.53 -9.25 -40.27
CA ALA M 41 37.19 -9.69 -40.60
C ALA M 41 36.76 -9.11 -41.94
N ALA M 42 36.41 -9.98 -42.88
CA ALA M 42 35.93 -9.53 -44.17
C ALA M 42 34.55 -8.89 -44.09
N TYR M 43 33.85 -9.09 -42.96
CA TYR M 43 32.67 -8.30 -42.62
C TYR M 43 32.92 -6.81 -42.78
N ARG M 44 34.07 -6.33 -42.30
CA ARG M 44 34.48 -4.95 -42.50
C ARG M 44 34.58 -4.61 -43.98
N LYS M 45 35.13 -5.53 -44.78
CA LYS M 45 35.32 -5.30 -46.21
C LYS M 45 33.98 -5.14 -46.92
N TYR M 46 33.05 -6.04 -46.65
CA TYR M 46 31.76 -6.00 -47.34
C TYR M 46 30.93 -4.79 -46.91
N THR M 47 30.90 -4.51 -45.59
CA THR M 47 30.15 -3.38 -45.10
C THR M 47 30.72 -2.06 -45.63
N GLU M 48 32.04 -1.90 -45.61
CA GLU M 48 32.66 -0.69 -46.10
C GLU M 48 32.47 -0.52 -47.59
N GLN M 49 32.53 -1.63 -48.33
CA GLN M 49 32.34 -1.60 -49.78
C GLN M 49 30.94 -1.13 -50.15
N ILE M 50 29.92 -1.78 -49.60
CA ILE M 50 28.56 -1.42 -50.01
C ILE M 50 28.14 -0.07 -49.43
N THR M 51 28.69 0.31 -48.27
CA THR M 51 28.30 1.58 -47.67
C THR M 51 28.94 2.75 -48.41
N ASN M 52 30.22 2.63 -48.76
CA ASN M 52 30.84 3.71 -49.53
C ASN M 52 30.29 3.76 -50.94
N GLU M 53 29.88 2.62 -51.51
CA GLU M 53 29.26 2.68 -52.82
C GLU M 53 27.89 3.35 -52.77
N LYS M 54 27.12 3.08 -51.71
CA LYS M 54 25.85 3.76 -51.57
C LYS M 54 26.02 5.25 -51.26
N LEU M 55 27.05 5.59 -50.49
CA LEU M 55 27.37 7.00 -50.27
C LEU M 55 27.75 7.69 -51.58
N SER M 56 28.51 7.01 -52.43
CA SER M 56 28.91 7.57 -53.71
C SER M 56 27.72 7.72 -54.64
N ILE M 57 26.71 6.85 -54.49
CA ILE M 57 25.43 7.08 -55.14
C ILE M 57 24.82 8.37 -54.63
N VAL M 58 24.94 8.63 -53.33
CA VAL M 58 24.30 9.81 -52.75
C VAL M 58 25.02 11.10 -53.12
N LYS M 59 26.34 11.04 -53.33
CA LYS M 59 27.17 12.24 -53.41
C LYS M 59 26.85 13.11 -54.63
N ALA M 60 26.45 12.50 -55.74
CA ALA M 60 26.30 13.22 -56.99
C ALA M 60 24.84 13.47 -57.35
N GLU M 61 23.95 13.51 -56.36
CA GLU M 61 22.51 13.57 -56.61
C GLU M 61 21.87 14.65 -55.76
N PRO M 62 21.79 15.89 -56.26
CA PRO M 62 21.04 16.93 -55.55
C PRO M 62 19.54 16.91 -55.81
N ASP M 63 19.01 15.83 -56.35
CA ASP M 63 17.59 15.68 -56.63
C ASP M 63 17.04 14.58 -55.74
N VAL M 64 15.96 14.88 -55.03
CA VAL M 64 15.41 13.92 -54.07
C VAL M 64 14.80 12.73 -54.81
N LYS M 65 13.95 13.02 -55.80
CA LYS M 65 13.26 11.94 -56.48
C LYS M 65 14.20 11.13 -57.35
N LYS M 66 15.20 11.76 -57.95
CA LYS M 66 16.18 11.03 -58.75
C LYS M 66 17.08 10.15 -57.88
N LEU M 67 17.38 10.58 -56.65
CA LEU M 67 18.12 9.72 -55.74
C LEU M 67 17.25 8.57 -55.25
N GLU M 68 15.94 8.80 -55.13
CA GLU M 68 15.04 7.69 -54.89
C GLU M 68 15.06 6.70 -56.05
N GLU M 69 15.16 7.21 -57.27
CA GLU M 69 15.15 6.38 -58.47
C GLU M 69 16.38 5.50 -58.56
N GLN M 70 17.57 6.12 -58.57
CA GLN M 70 18.80 5.40 -58.87
C GLN M 70 19.18 4.46 -57.74
N LEU M 71 19.01 4.88 -56.49
CA LEU M 71 19.29 4.01 -55.36
C LEU M 71 18.18 2.98 -55.23
N GLN M 72 18.57 1.71 -55.10
CA GLN M 72 17.58 0.67 -54.90
C GLN M 72 17.09 0.68 -53.46
N GLY M 73 15.93 0.09 -53.26
CA GLY M 73 15.37 0.01 -51.93
C GLY M 73 14.53 1.22 -51.57
N GLY M 74 13.65 1.64 -52.49
CA GLY M 74 12.88 2.86 -52.29
C GLY M 74 11.82 2.73 -51.21
N GLN M 75 11.20 3.86 -50.84
CA GLN M 75 11.46 5.17 -51.43
C GLN M 75 12.61 5.97 -50.84
N ILE M 76 12.42 6.50 -49.64
CA ILE M 76 13.41 7.38 -49.05
C ILE M 76 13.68 7.06 -47.58
N GLU M 77 12.63 7.01 -46.77
CA GLU M 77 12.83 6.92 -45.33
C GLU M 77 13.02 5.48 -44.88
N GLU M 78 12.65 4.51 -45.72
CA GLU M 78 13.00 3.13 -45.44
C GLU M 78 14.51 2.93 -45.47
N VAL M 79 15.19 3.65 -46.36
CA VAL M 79 16.66 3.64 -46.40
C VAL M 79 17.22 4.22 -45.10
N ILE M 80 16.59 5.27 -44.60
CA ILE M 80 17.04 5.94 -43.39
C ILE M 80 16.89 5.02 -42.18
N LEU M 81 15.70 4.41 -42.04
CA LEU M 81 15.44 3.49 -40.95
C LEU M 81 16.32 2.25 -41.04
N GLN M 82 16.56 1.77 -42.26
CA GLN M 82 17.40 0.60 -42.46
C GLN M 82 18.85 0.90 -42.09
N ALA M 83 19.31 2.12 -42.37
CA ALA M 83 20.64 2.52 -41.96
C ALA M 83 20.76 2.68 -40.46
N GLU M 84 19.69 3.15 -39.80
CA GLU M 84 19.64 3.18 -38.34
C GLU M 84 19.77 1.77 -37.76
N ASN M 85 19.09 0.81 -38.38
CA ASN M 85 19.20 -0.56 -37.95
C ASN M 85 20.59 -1.12 -38.18
N GLU M 86 21.25 -0.68 -39.24
CA GLU M 86 22.61 -1.14 -39.48
C GLU M 86 23.56 -0.57 -38.45
N LEU M 87 23.30 0.65 -37.99
CA LEU M 87 24.09 1.16 -36.87
C LEU M 87 23.84 0.37 -35.61
N SER M 88 22.60 -0.09 -35.42
CA SER M 88 22.30 -0.89 -34.23
C SER M 88 23.05 -2.22 -34.25
N LEU M 89 23.10 -2.88 -35.41
CA LEU M 89 23.89 -4.11 -35.44
C LEU M 89 25.38 -3.84 -35.36
N ALA M 90 25.85 -2.70 -35.85
CA ALA M 90 27.28 -2.39 -35.71
C ALA M 90 27.66 -2.21 -34.25
N ARG M 91 26.81 -1.50 -33.50
CA ARG M 91 27.00 -1.36 -32.05
C ARG M 91 26.93 -2.71 -31.34
N LYS M 92 26.09 -3.62 -31.84
CA LYS M 92 26.10 -4.96 -31.28
C LYS M 92 27.36 -5.73 -31.68
N MET M 93 27.89 -5.45 -32.86
CA MET M 93 29.01 -6.22 -33.38
C MET M 93 30.36 -5.66 -32.99
N ILE M 94 30.40 -4.60 -32.19
CA ILE M 94 31.58 -4.42 -31.34
C ILE M 94 31.76 -5.67 -30.47
N GLN M 95 30.68 -6.15 -29.88
CA GLN M 95 30.70 -7.41 -29.17
C GLN M 95 30.63 -8.56 -30.17
N TRP M 96 30.62 -9.78 -29.61
CA TRP M 96 30.25 -11.05 -30.25
C TRP M 96 31.27 -11.58 -31.23
N LYS M 97 32.25 -10.75 -31.62
CA LYS M 97 33.43 -10.95 -32.46
C LYS M 97 33.24 -12.00 -33.57
N PRO M 98 32.37 -11.76 -34.54
CA PRO M 98 31.91 -12.87 -35.39
C PRO M 98 32.89 -13.35 -36.45
N TRP M 99 34.17 -13.04 -36.32
CA TRP M 99 35.19 -13.60 -37.19
C TRP M 99 36.06 -14.62 -36.47
N GLU M 100 35.73 -14.95 -35.22
CA GLU M 100 36.47 -15.94 -34.46
C GLU M 100 36.19 -17.33 -35.02
N PRO M 101 37.06 -18.34 -34.71
CA PRO M 101 36.78 -19.72 -35.15
C PRO M 101 35.50 -20.32 -34.62
N LEU M 102 35.19 -21.53 -35.05
CA LEU M 102 33.90 -22.11 -34.70
C LEU M 102 33.87 -22.54 -33.24
N VAL M 103 32.67 -22.56 -32.69
CA VAL M 103 32.43 -23.18 -31.40
C VAL M 103 32.37 -24.68 -31.69
N GLU M 104 32.37 -25.49 -30.64
CA GLU M 104 32.71 -26.91 -30.71
C GLU M 104 31.72 -27.70 -31.55
N GLU M 105 32.10 -28.96 -31.81
CA GLU M 105 31.62 -29.73 -32.94
C GLU M 105 30.13 -30.06 -32.83
N PRO M 106 29.47 -30.26 -33.96
CA PRO M 106 28.22 -30.99 -33.96
C PRO M 106 28.49 -32.46 -33.69
N PRO M 107 27.46 -33.27 -33.45
CA PRO M 107 27.69 -34.71 -33.25
C PRO M 107 28.21 -35.51 -34.44
N ALA M 108 28.56 -34.84 -35.55
CA ALA M 108 29.26 -35.33 -36.72
C ALA M 108 28.45 -36.29 -37.58
N SER M 109 27.29 -36.73 -37.11
CA SER M 109 26.42 -37.57 -37.93
C SER M 109 24.99 -37.07 -37.83
N GLN M 110 24.83 -35.76 -37.70
CA GLN M 110 23.53 -35.21 -37.37
C GLN M 110 22.72 -34.86 -38.61
N TRP M 111 23.26 -34.02 -39.47
CA TRP M 111 22.44 -33.38 -40.49
C TRP M 111 22.10 -34.28 -41.66
N LYS M 112 22.57 -35.51 -41.67
CA LYS M 112 22.03 -36.51 -42.57
C LYS M 112 20.56 -36.68 -42.27
N TRP M 113 19.73 -36.41 -43.26
CA TRP M 113 18.28 -36.50 -43.01
C TRP M 113 17.75 -37.91 -42.79
N PRO M 114 17.82 -38.85 -43.75
CA PRO M 114 16.74 -39.85 -43.89
C PRO M 114 16.58 -40.82 -42.73
N ILE M 115 17.53 -40.84 -41.78
CA ILE M 115 17.49 -41.51 -40.46
C ILE M 115 16.84 -42.90 -40.41
N THR N 14 31.14 -33.03 -21.20
CA THR N 14 29.71 -32.87 -21.42
C THR N 14 29.13 -31.78 -20.54
N SER N 15 29.76 -30.61 -20.54
CA SER N 15 29.31 -29.48 -19.74
C SER N 15 28.05 -28.89 -20.35
N VAL N 16 26.89 -29.32 -19.84
CA VAL N 16 25.62 -28.76 -20.27
C VAL N 16 25.49 -27.34 -19.72
N LYS N 17 24.96 -26.43 -20.52
CA LYS N 17 24.61 -25.11 -20.00
C LYS N 17 23.53 -25.24 -18.94
N PRO N 18 23.60 -24.42 -17.86
CA PRO N 18 22.72 -24.66 -16.72
C PRO N 18 21.34 -24.08 -16.93
N ILE N 19 20.51 -24.14 -15.90
CA ILE N 19 19.24 -23.46 -15.95
C ILE N 19 19.32 -22.21 -15.10
N PHE N 20 19.50 -22.41 -13.81
CA PHE N 20 19.58 -21.38 -12.79
C PHE N 20 20.82 -21.47 -11.94
N SER N 21 21.28 -22.68 -11.63
CA SER N 21 22.22 -22.89 -10.57
C SER N 21 23.57 -23.31 -11.11
N ARG N 22 24.47 -23.65 -10.18
CA ARG N 22 25.71 -24.33 -10.50
C ARG N 22 25.85 -25.63 -9.74
N ASP N 23 25.04 -25.86 -8.72
CA ASP N 23 24.91 -27.15 -8.07
C ASP N 23 23.53 -27.24 -7.44
N MET N 24 23.30 -28.30 -6.67
CA MET N 24 21.96 -28.65 -6.22
C MET N 24 21.47 -27.79 -5.06
N ASN N 25 22.31 -26.93 -4.50
CA ASN N 25 21.94 -26.20 -3.28
C ASN N 25 20.93 -25.11 -3.60
N GLU N 26 21.13 -24.41 -4.72
CA GLU N 26 20.14 -23.43 -5.16
C GLU N 26 18.86 -24.10 -5.62
N ALA N 27 18.96 -25.33 -6.15
CA ALA N 27 17.77 -26.09 -6.49
C ALA N 27 16.96 -26.44 -5.25
N LYS N 28 17.64 -26.83 -4.17
CA LYS N 28 16.96 -27.09 -2.91
C LYS N 28 16.32 -25.82 -2.35
N ARG N 29 17.02 -24.68 -2.47
CA ARG N 29 16.46 -23.41 -2.04
C ARG N 29 15.19 -23.05 -2.82
N ARG N 30 15.21 -23.26 -4.14
CA ARG N 30 14.05 -22.94 -4.95
C ARG N 30 12.87 -23.85 -4.66
N VAL N 31 13.13 -25.14 -4.46
CA VAL N 31 11.99 -26.03 -4.27
C VAL N 31 11.40 -25.84 -2.87
N ARG N 32 12.21 -25.45 -1.88
CA ARG N 32 11.60 -25.17 -0.59
C ARG N 32 10.87 -23.84 -0.62
N GLU N 33 11.30 -22.90 -1.46
CA GLU N 33 10.54 -21.65 -1.57
C GLU N 33 9.20 -21.88 -2.26
N LEU N 34 9.18 -22.75 -3.27
CA LEU N 34 7.91 -23.10 -3.90
C LEU N 34 7.00 -23.84 -2.94
N TYR N 35 7.56 -24.67 -2.06
CA TYR N 35 6.71 -25.35 -1.08
C TYR N 35 6.13 -24.36 -0.08
N ARG N 36 6.90 -23.33 0.27
CA ARG N 36 6.37 -22.25 1.09
C ARG N 36 5.19 -21.56 0.41
N ALA N 37 5.32 -21.30 -0.89
CA ALA N 37 4.25 -20.64 -1.62
C ALA N 37 3.00 -21.50 -1.72
N TRP N 38 3.17 -22.78 -2.05
CA TRP N 38 2.02 -23.67 -2.11
C TRP N 38 1.43 -23.93 -0.74
N TYR N 39 2.18 -23.78 0.34
CA TYR N 39 1.55 -23.87 1.65
C TYR N 39 0.63 -22.68 1.86
N ARG N 40 1.11 -21.50 1.55
CA ARG N 40 0.26 -20.37 1.90
C ARG N 40 -0.84 -20.12 0.89
N GLU N 41 -0.85 -20.82 -0.23
CA GLU N 41 -1.82 -20.52 -1.27
C GLU N 41 -3.01 -21.47 -1.29
N VAL N 42 -2.89 -22.64 -0.64
CA VAL N 42 -3.98 -23.62 -0.64
C VAL N 42 -5.28 -23.13 0.02
N PRO N 43 -5.29 -22.58 1.25
CA PRO N 43 -6.58 -22.23 1.84
C PRO N 43 -7.27 -21.09 1.14
N ASN N 44 -6.50 -20.24 0.45
CA ASN N 44 -7.09 -19.23 -0.42
C ASN N 44 -7.91 -19.88 -1.54
N THR N 45 -7.38 -20.94 -2.15
CA THR N 45 -8.13 -21.60 -3.22
C THR N 45 -9.31 -22.38 -2.68
N VAL N 46 -9.15 -23.04 -1.53
CA VAL N 46 -10.26 -23.87 -1.06
C VAL N 46 -11.33 -22.99 -0.43
N HIS N 47 -11.00 -21.74 -0.13
CA HIS N 47 -12.01 -20.75 0.24
C HIS N 47 -12.61 -20.09 -0.99
N LEU N 48 -11.89 -20.12 -2.11
CA LEU N 48 -12.29 -19.32 -3.25
C LEU N 48 -13.08 -20.12 -4.29
N PHE N 49 -12.73 -21.38 -4.52
CA PHE N 49 -13.44 -22.17 -5.51
C PHE N 49 -14.67 -22.86 -4.95
N GLN N 50 -14.93 -22.67 -3.66
CA GLN N 50 -16.13 -23.16 -2.98
C GLN N 50 -16.22 -24.69 -3.04
N LEU N 51 -15.11 -25.33 -2.69
CA LEU N 51 -15.01 -26.78 -2.73
C LEU N 51 -15.65 -27.38 -1.49
N ASP N 52 -15.36 -28.66 -1.25
CA ASP N 52 -15.94 -29.42 -0.14
C ASP N 52 -14.87 -30.25 0.57
N ILE N 53 -13.69 -29.67 0.81
CA ILE N 53 -12.53 -30.39 1.30
C ILE N 53 -11.91 -29.60 2.44
N SER N 54 -11.56 -30.30 3.51
CA SER N 54 -10.83 -29.69 4.61
C SER N 54 -9.45 -29.22 4.15
N VAL N 55 -8.95 -28.20 4.84
CA VAL N 55 -7.69 -27.56 4.46
C VAL N 55 -6.51 -28.49 4.67
N LYS N 56 -6.52 -29.24 5.78
CA LYS N 56 -5.40 -30.12 6.12
C LYS N 56 -5.28 -31.28 5.14
N GLN N 57 -6.41 -31.78 4.64
CA GLN N 57 -6.38 -32.76 3.56
C GLN N 57 -5.71 -32.19 2.31
N GLY N 58 -6.00 -30.92 2.00
CA GLY N 58 -5.40 -30.29 0.85
C GLY N 58 -3.90 -30.11 1.01
N ARG N 59 -3.46 -29.63 2.17
CA ARG N 59 -2.04 -29.42 2.42
C ARG N 59 -1.28 -30.75 2.44
N ASP N 60 -1.92 -31.80 2.94
CA ASP N 60 -1.24 -33.08 2.98
C ASP N 60 -1.16 -33.71 1.59
N LYS N 61 -2.14 -33.48 0.73
CA LYS N 61 -1.95 -33.98 -0.62
C LYS N 61 -0.97 -33.12 -1.41
N VAL N 62 -0.81 -31.85 -1.04
CA VAL N 62 0.24 -31.02 -1.62
C VAL N 62 1.61 -31.60 -1.30
N ARG N 63 1.87 -31.87 -0.02
CA ARG N 63 3.18 -32.41 0.33
C ARG N 63 3.36 -33.84 -0.16
N GLU N 64 2.25 -34.57 -0.38
CA GLU N 64 2.36 -35.86 -1.03
C GLU N 64 2.79 -35.71 -2.49
N MET N 65 2.26 -34.71 -3.17
CA MET N 65 2.65 -34.47 -4.56
C MET N 65 4.07 -33.96 -4.64
N PHE N 66 4.58 -33.31 -3.60
CA PHE N 66 6.00 -33.01 -3.57
C PHE N 66 6.84 -34.25 -3.32
N LYS N 67 6.39 -35.12 -2.41
CA LYS N 67 7.15 -36.33 -2.10
C LYS N 67 7.06 -37.39 -3.18
N LYS N 68 6.19 -37.22 -4.17
CA LYS N 68 6.11 -38.16 -5.28
C LYS N 68 7.38 -38.19 -6.11
N ASN N 69 8.08 -37.06 -6.18
CA ASN N 69 9.26 -36.91 -7.03
C ASN N 69 10.56 -36.97 -6.22
N ALA N 70 10.63 -37.89 -5.26
CA ALA N 70 11.71 -37.88 -4.28
C ALA N 70 13.06 -38.27 -4.87
N HIS N 71 13.08 -39.09 -5.92
CA HIS N 71 14.33 -39.65 -6.40
C HIS N 71 15.06 -38.76 -7.40
N VAL N 72 14.58 -37.56 -7.65
CA VAL N 72 15.13 -36.74 -8.72
C VAL N 72 16.45 -36.14 -8.27
N THR N 73 17.48 -36.25 -9.12
CA THR N 73 18.81 -35.78 -8.75
C THR N 73 19.43 -34.79 -9.73
N ASP N 74 19.01 -34.76 -11.00
CA ASP N 74 19.67 -33.87 -11.95
C ASP N 74 19.23 -32.42 -11.74
N PRO N 75 20.19 -31.48 -11.76
CA PRO N 75 19.85 -30.09 -11.37
C PRO N 75 18.95 -29.38 -12.37
N ARG N 76 19.16 -29.63 -13.67
CA ARG N 76 18.27 -29.11 -14.70
C ARG N 76 16.85 -29.61 -14.51
N VAL N 77 16.71 -30.87 -14.13
CA VAL N 77 15.39 -31.45 -14.00
C VAL N 77 14.67 -30.88 -12.78
N VAL N 78 15.39 -30.67 -11.68
CA VAL N 78 14.80 -30.07 -10.49
C VAL N 78 14.39 -28.63 -10.77
N ASP N 79 15.20 -27.91 -11.55
CA ASP N 79 14.82 -26.57 -11.98
C ASP N 79 13.57 -26.59 -12.83
N LEU N 80 13.43 -27.60 -13.69
CA LEU N 80 12.27 -27.64 -14.58
C LEU N 80 11.01 -28.01 -13.82
N LEU N 81 11.11 -28.85 -12.79
CA LEU N 81 9.97 -29.08 -11.91
C LEU N 81 9.59 -27.83 -11.14
N VAL N 82 10.56 -27.05 -10.70
CA VAL N 82 10.26 -25.79 -10.01
C VAL N 82 9.55 -24.83 -10.95
N ILE N 83 9.96 -24.81 -12.23
CA ILE N 83 9.30 -23.95 -13.21
C ILE N 83 7.87 -24.43 -13.48
N LYS N 84 7.65 -25.75 -13.54
CA LYS N 84 6.30 -26.28 -13.68
C LYS N 84 5.40 -25.90 -12.51
N GLY N 85 5.91 -26.07 -11.30
CA GLY N 85 5.11 -25.77 -10.12
C GLY N 85 4.83 -24.28 -10.00
N LYS N 86 5.78 -23.44 -10.40
CA LYS N 86 5.54 -22.02 -10.31
C LYS N 86 4.57 -21.57 -11.38
N MET N 87 4.58 -22.22 -12.56
CA MET N 87 3.57 -21.92 -13.56
C MET N 87 2.17 -22.34 -13.11
N GLU N 88 2.05 -23.46 -12.40
CA GLU N 88 0.71 -23.80 -11.93
C GLU N 88 0.29 -22.91 -10.76
N LEU N 89 1.24 -22.41 -9.97
CA LEU N 89 0.82 -21.47 -8.94
C LEU N 89 0.48 -20.12 -9.54
N GLU N 90 1.05 -19.79 -10.70
CA GLU N 90 0.55 -18.67 -11.48
C GLU N 90 -0.90 -18.93 -11.91
N GLU N 91 -1.17 -20.15 -12.36
CA GLU N 91 -2.54 -20.45 -12.78
C GLU N 91 -3.52 -20.59 -11.62
N THR N 92 -3.04 -20.67 -10.38
CA THR N 92 -3.98 -20.69 -9.27
C THR N 92 -4.01 -19.39 -8.47
N ILE N 93 -3.02 -18.50 -8.62
CA ILE N 93 -3.25 -17.14 -8.16
C ILE N 93 -4.18 -16.43 -9.14
N ASN N 94 -4.08 -16.74 -10.43
CA ASN N 94 -5.19 -16.42 -11.30
C ASN N 94 -6.27 -17.45 -11.13
N VAL N 95 -7.44 -17.15 -11.68
CA VAL N 95 -8.59 -18.04 -11.53
C VAL N 95 -8.80 -18.59 -12.93
N TRP N 96 -7.70 -18.69 -13.68
CA TRP N 96 -7.77 -19.15 -15.07
C TRP N 96 -8.13 -20.62 -15.17
N LYS N 97 -7.92 -21.38 -14.12
CA LYS N 97 -8.31 -22.78 -14.14
C LYS N 97 -9.74 -22.87 -13.60
N GLN N 98 -10.21 -24.08 -13.37
CA GLN N 98 -11.59 -24.29 -12.96
C GLN N 98 -11.63 -25.21 -11.75
N ARG N 99 -12.86 -25.51 -11.34
CA ARG N 99 -13.11 -26.46 -10.28
C ARG N 99 -12.70 -27.87 -10.69
N THR N 100 -12.88 -28.20 -11.97
CA THR N 100 -12.60 -29.54 -12.47
C THR N 100 -11.12 -29.89 -12.37
N HIS N 101 -10.24 -28.94 -12.67
CA HIS N 101 -8.82 -29.24 -12.67
C HIS N 101 -8.29 -29.44 -11.26
N VAL N 102 -8.75 -28.63 -10.32
CA VAL N 102 -8.27 -28.73 -8.95
C VAL N 102 -8.85 -29.97 -8.29
N MET N 103 -10.07 -30.36 -8.64
CA MET N 103 -10.53 -31.66 -8.15
C MET N 103 -9.85 -32.80 -8.89
N ARG N 104 -9.34 -32.56 -10.10
CA ARG N 104 -8.65 -33.60 -10.84
C ARG N 104 -7.29 -33.88 -10.23
N PHE N 105 -6.69 -32.89 -9.57
CA PHE N 105 -5.51 -33.18 -8.77
C PHE N 105 -5.83 -34.13 -7.63
N PHE N 106 -7.04 -34.06 -7.08
CA PHE N 106 -7.44 -35.07 -6.12
C PHE N 106 -7.79 -36.34 -6.88
N HIS N 107 -7.70 -37.47 -6.18
CA HIS N 107 -8.08 -38.75 -6.78
C HIS N 107 -9.21 -39.30 -5.93
N GLU N 108 -10.43 -38.84 -6.20
CA GLU N 108 -11.55 -39.11 -5.31
C GLU N 108 -12.58 -40.06 -5.89
N THR N 109 -12.90 -39.95 -7.17
CA THR N 109 -13.70 -40.98 -7.81
C THR N 109 -12.80 -42.17 -8.05
N GLU N 110 -12.93 -43.18 -7.21
CA GLU N 110 -12.15 -44.40 -7.35
C GLU N 110 -12.56 -45.15 -8.62
N ALA N 111 -11.61 -45.70 -9.40
CA ALA N 111 -10.17 -46.06 -9.16
C ALA N 111 -9.69 -46.67 -7.83
N PRO N 112 -10.29 -47.76 -7.36
CA PRO N 112 -9.80 -48.40 -6.13
C PRO N 112 -8.78 -49.49 -6.38
N ARG N 113 -8.20 -49.55 -7.59
CA ARG N 113 -7.40 -50.60 -8.19
C ARG N 113 -6.33 -51.12 -7.23
N PRO N 114 -6.25 -52.43 -7.04
CA PRO N 114 -5.52 -52.98 -5.90
C PRO N 114 -4.01 -52.95 -6.11
N LYS N 115 -3.29 -53.53 -5.15
CA LYS N 115 -1.87 -53.75 -5.27
C LYS N 115 -1.45 -55.18 -4.96
N ASP N 116 -2.31 -55.98 -4.35
CA ASP N 116 -1.99 -57.36 -4.04
C ASP N 116 -1.87 -58.18 -5.31
N PHE N 117 -1.17 -59.30 -5.19
CA PHE N 117 -1.12 -60.23 -6.30
C PHE N 117 -2.45 -60.94 -6.49
N LEU N 118 -3.16 -61.22 -5.40
CA LEU N 118 -4.31 -62.11 -5.45
C LEU N 118 -5.50 -61.43 -6.13
N SER N 119 -5.78 -60.19 -5.73
CA SER N 119 -6.86 -59.46 -6.35
C SER N 119 -6.55 -59.14 -7.81
N LYS N 120 -5.29 -58.88 -8.12
CA LYS N 120 -4.90 -58.75 -9.52
C LYS N 120 -4.89 -60.07 -10.25
N PHE N 121 -4.99 -61.19 -9.53
CA PHE N 121 -5.13 -62.46 -10.21
C PHE N 121 -6.57 -62.78 -10.56
N TYR N 122 -7.50 -62.51 -9.64
CA TYR N 122 -8.91 -62.73 -9.95
C TYR N 122 -9.40 -61.75 -11.00
N VAL N 123 -8.96 -60.51 -10.92
CA VAL N 123 -9.22 -59.51 -11.95
C VAL N 123 -7.90 -59.41 -12.73
N GLY N 124 -7.77 -60.23 -13.77
CA GLY N 124 -6.45 -60.52 -14.27
C GLY N 124 -6.09 -60.16 -15.69
N HIS N 125 -5.57 -61.16 -16.43
CA HIS N 125 -4.84 -61.01 -17.70
C HIS N 125 -3.66 -60.06 -17.57
N ASP N 126 -3.10 -59.92 -16.37
CA ASP N 126 -2.27 -58.80 -16.01
C ASP N 126 -1.30 -59.24 -14.92
N PRO N 127 -0.15 -58.55 -14.78
CA PRO N 127 0.73 -58.91 -13.66
C PRO N 127 0.25 -58.32 -12.33
N ALA O 1 -40.39 -9.40 -62.28
CA ALA O 1 -41.20 -10.11 -63.24
C ALA O 1 -42.58 -10.45 -62.67
N SER O 2 -43.61 -10.13 -63.47
CA SER O 2 -45.03 -10.42 -63.20
C SER O 2 -45.52 -9.79 -61.90
N ALA O 3 -44.92 -8.68 -61.48
CA ALA O 3 -45.39 -7.90 -60.37
C ALA O 3 -46.07 -6.64 -60.89
N THR O 4 -46.88 -6.02 -60.04
CA THR O 4 -47.58 -4.81 -60.42
C THR O 4 -46.58 -3.68 -60.61
N ARG O 5 -46.88 -2.80 -61.57
CA ARG O 5 -45.87 -1.86 -62.03
C ARG O 5 -45.67 -0.69 -61.09
N LEU O 6 -46.70 -0.34 -60.31
CA LEU O 6 -46.54 0.76 -59.37
C LEU O 6 -45.63 0.38 -58.21
N ILE O 7 -45.67 -0.88 -57.77
CA ILE O 7 -44.76 -1.24 -56.69
C ILE O 7 -43.34 -1.43 -57.22
N GLN O 8 -43.20 -1.75 -58.50
CA GLN O 8 -41.88 -1.76 -59.13
C GLN O 8 -41.34 -0.35 -59.26
N GLY O 9 -42.22 0.61 -59.54
CA GLY O 9 -41.82 2.01 -59.53
C GLY O 9 -41.44 2.48 -58.15
N LEU O 10 -42.11 1.98 -57.12
CA LEU O 10 -41.71 2.30 -55.76
C LEU O 10 -40.39 1.63 -55.39
N ARG O 11 -40.08 0.49 -56.00
CA ARG O 11 -38.76 -0.12 -55.80
C ARG O 11 -37.65 0.73 -56.39
N ASN O 12 -37.77 1.07 -57.67
CA ASN O 12 -36.71 1.88 -58.28
C ASN O 12 -36.73 3.35 -57.85
N TRP O 13 -37.82 3.81 -57.23
CA TRP O 13 -37.87 5.12 -56.59
C TRP O 13 -37.34 5.06 -55.17
N ALA O 14 -37.30 3.88 -54.58
CA ALA O 14 -36.65 3.71 -53.29
C ALA O 14 -35.13 3.65 -53.45
N SER O 15 -34.64 3.15 -54.58
CA SER O 15 -33.22 3.12 -54.84
C SER O 15 -33.00 3.10 -56.34
N GLY O 16 -32.12 3.97 -56.82
CA GLY O 16 -31.87 4.07 -58.24
C GLY O 16 -30.87 3.03 -58.73
N ARG O 17 -31.31 1.78 -58.86
CA ARG O 17 -30.41 0.71 -59.26
C ARG O 17 -30.95 -0.17 -60.39
N ASP O 18 -32.15 0.10 -60.90
CA ASP O 18 -32.84 -0.70 -61.92
C ASP O 18 -32.95 -2.16 -61.46
N LEU O 19 -33.74 -2.31 -60.40
CA LEU O 19 -33.85 -3.56 -59.65
C LEU O 19 -34.49 -4.68 -60.47
N GLN O 20 -35.21 -4.34 -61.54
CA GLN O 20 -35.93 -5.36 -62.30
C GLN O 20 -34.99 -6.21 -63.14
N ALA O 21 -33.99 -5.58 -63.76
CA ALA O 21 -33.23 -6.24 -64.82
C ALA O 21 -32.33 -7.34 -64.28
N LYS O 22 -31.65 -7.11 -63.16
CA LYS O 22 -30.82 -8.12 -62.51
C LYS O 22 -31.33 -8.27 -61.08
N LEU O 23 -32.25 -9.22 -60.86
CA LEU O 23 -33.05 -9.26 -59.65
C LEU O 23 -32.73 -10.42 -58.71
N GLN O 24 -31.85 -11.35 -59.12
CA GLN O 24 -31.42 -12.50 -58.30
C GLN O 24 -32.62 -13.37 -57.89
N LEU O 25 -33.55 -13.55 -58.81
CA LEU O 25 -34.57 -14.58 -58.72
C LEU O 25 -34.46 -15.28 -60.07
N ARG O 26 -33.52 -16.20 -60.19
CA ARG O 26 -33.25 -16.80 -61.47
C ARG O 26 -34.30 -17.86 -61.76
N TYR O 27 -34.93 -17.74 -62.93
CA TYR O 27 -36.12 -18.53 -63.24
C TYR O 27 -35.78 -19.79 -64.03
N GLN O 28 -35.26 -19.62 -65.25
CA GLN O 28 -34.97 -20.76 -66.11
C GLN O 28 -33.64 -20.59 -66.83
N GLU O 29 -32.69 -19.95 -66.19
CA GLU O 29 -31.40 -19.68 -66.83
C GLU O 29 -30.51 -20.91 -66.81
N ILE O 30 -30.62 -21.75 -65.76
CA ILE O 30 -29.83 -22.96 -65.67
C ILE O 30 -30.33 -23.95 -66.72
N SER O 31 -29.41 -24.55 -67.46
CA SER O 31 -29.79 -25.38 -68.59
C SER O 31 -30.40 -26.70 -68.13
N LYS O 32 -30.87 -27.47 -69.11
CA LYS O 32 -31.56 -28.71 -68.83
C LYS O 32 -30.61 -29.75 -68.28
N ARG O 33 -30.96 -30.30 -67.11
CA ARG O 33 -30.16 -31.33 -66.49
C ARG O 33 -30.28 -32.63 -67.28
N THR O 34 -29.39 -33.58 -66.97
CA THR O 34 -29.11 -34.79 -67.76
C THR O 34 -28.81 -34.40 -69.22
N GLN O 35 -27.69 -33.70 -69.37
CA GLN O 35 -27.22 -33.18 -70.63
C GLN O 35 -26.71 -34.30 -71.53
N PRO O 36 -26.39 -34.02 -72.79
CA PRO O 36 -25.54 -34.93 -73.57
C PRO O 36 -24.21 -35.15 -72.87
N PRO O 37 -23.82 -36.41 -72.66
CA PRO O 37 -22.66 -36.68 -71.82
C PRO O 37 -21.37 -36.38 -72.55
N PRO O 38 -20.30 -36.04 -71.83
CA PRO O 38 -19.05 -35.68 -72.49
C PRO O 38 -18.14 -36.87 -72.74
N LYS O 39 -17.50 -36.86 -73.91
CA LYS O 39 -16.41 -37.78 -74.18
C LYS O 39 -15.12 -37.08 -73.77
N LEU O 40 -14.57 -37.50 -72.65
CA LEU O 40 -13.47 -36.77 -72.03
C LEU O 40 -12.18 -36.98 -72.82
N PRO O 41 -11.55 -35.92 -73.31
CA PRO O 41 -10.26 -36.07 -73.97
C PRO O 41 -9.18 -36.36 -72.94
N VAL O 42 -8.09 -36.93 -73.44
CA VAL O 42 -6.87 -37.17 -72.66
C VAL O 42 -5.73 -36.48 -73.38
N GLY O 43 -4.93 -35.73 -72.63
CA GLY O 43 -3.91 -34.90 -73.22
C GLY O 43 -2.66 -35.65 -73.61
N PRO O 44 -1.49 -35.14 -73.21
CA PRO O 44 -0.22 -35.75 -73.65
C PRO O 44 0.10 -37.08 -73.01
N SER O 45 -0.79 -38.07 -73.18
CA SER O 45 -0.57 -39.39 -72.63
C SER O 45 -1.33 -40.38 -73.50
N HIS O 46 -0.86 -41.63 -73.46
CA HIS O 46 -1.24 -42.78 -74.31
C HIS O 46 -1.10 -42.49 -75.81
N ARG O 47 -0.41 -41.42 -76.20
CA ARG O 47 0.14 -41.40 -77.54
C ARG O 47 1.27 -42.42 -77.57
N LEU O 48 1.20 -43.34 -78.52
CA LEU O 48 1.99 -44.55 -78.44
C LEU O 48 3.44 -44.26 -78.75
N SER O 49 4.28 -45.22 -78.40
CA SER O 49 5.63 -45.49 -78.88
C SER O 49 6.70 -44.57 -78.30
N ASN O 50 6.35 -43.57 -77.51
CA ASN O 50 7.41 -42.82 -76.85
C ASN O 50 7.00 -42.44 -75.45
N ASN O 51 6.12 -43.23 -74.84
CA ASN O 51 5.75 -43.02 -73.44
C ASN O 51 6.66 -43.84 -72.52
N TYR O 52 7.95 -43.65 -72.69
CA TYR O 52 8.91 -44.17 -71.74
C TYR O 52 8.82 -43.35 -70.47
N TYR O 53 8.53 -44.02 -69.36
CA TYR O 53 8.38 -43.36 -68.08
C TYR O 53 9.68 -42.79 -67.56
N CYS O 54 10.83 -43.27 -68.07
CA CYS O 54 12.12 -42.69 -67.71
C CYS O 54 12.23 -41.24 -68.13
N ALA O 55 11.56 -40.84 -69.21
CA ALA O 55 11.60 -39.46 -69.66
C ALA O 55 10.89 -38.55 -68.67
N ARG O 56 9.61 -38.79 -68.43
CA ARG O 56 8.82 -37.94 -67.55
C ARG O 56 8.79 -38.47 -66.11
N ASP O 57 9.98 -38.74 -65.56
CA ASP O 57 10.10 -39.34 -64.23
C ASP O 57 10.40 -38.24 -63.22
N GLY O 58 9.37 -37.48 -62.88
CA GLY O 58 9.53 -36.41 -61.90
C GLY O 58 9.77 -36.90 -60.49
N ARG O 59 9.48 -38.16 -60.22
CA ARG O 59 9.80 -38.74 -58.93
C ARG O 59 11.30 -39.03 -58.81
N ARG O 60 11.92 -39.54 -59.87
CA ARG O 60 13.36 -39.82 -59.85
C ARG O 60 14.19 -38.69 -60.39
N GLU O 61 13.76 -37.44 -60.25
CA GLU O 61 14.67 -36.34 -60.52
C GLU O 61 14.79 -35.41 -59.33
N ALA O 62 14.36 -35.85 -58.16
CA ALA O 62 14.64 -35.12 -56.94
C ALA O 62 16.11 -35.21 -56.62
N MET O 63 16.71 -34.11 -56.33
CA MET O 63 18.12 -34.13 -56.02
C MET O 63 18.36 -33.87 -54.53
N PRO O 64 19.35 -34.52 -53.95
CA PRO O 64 19.69 -34.27 -52.56
C PRO O 64 20.26 -32.87 -52.41
N PRO O 65 20.18 -32.29 -51.21
CA PRO O 65 20.60 -30.88 -51.05
C PRO O 65 22.10 -30.72 -51.21
N SER O 66 22.48 -29.85 -52.15
CA SER O 66 23.89 -29.54 -52.34
C SER O 66 24.38 -28.65 -51.21
N ILE O 67 25.64 -28.83 -50.85
CA ILE O 67 26.17 -28.16 -49.66
C ILE O 67 27.25 -27.17 -50.05
N VAL O 68 27.34 -26.11 -49.26
CA VAL O 68 28.51 -25.27 -49.08
C VAL O 68 28.75 -25.23 -47.57
N MET O 69 29.74 -24.45 -47.13
CA MET O 69 30.61 -24.60 -45.96
C MET O 69 29.94 -25.05 -44.65
N SER O 70 30.74 -25.62 -43.74
CA SER O 70 30.52 -26.77 -42.85
C SER O 70 30.91 -26.44 -41.41
N SER O 71 31.27 -27.49 -40.67
CA SER O 71 32.01 -27.34 -39.42
C SER O 71 33.29 -28.13 -39.53
N SER O 89 39.86 -7.79 -55.21
CA SER O 89 39.60 -8.86 -56.16
C SER O 89 38.18 -9.39 -56.03
N GLU O 90 37.34 -8.66 -55.29
CA GLU O 90 36.03 -9.18 -54.88
C GLU O 90 34.94 -8.17 -55.23
N LYS O 91 34.46 -8.24 -56.47
CA LYS O 91 33.20 -7.58 -56.78
C LYS O 91 32.10 -8.42 -56.16
N LYS O 92 31.76 -8.14 -54.91
CA LYS O 92 31.02 -9.08 -54.06
C LYS O 92 30.09 -8.25 -53.19
N ALA O 93 29.67 -8.83 -52.06
CA ALA O 93 28.53 -8.43 -51.24
C ALA O 93 27.24 -8.52 -52.07
N VAL O 94 26.92 -9.76 -52.40
CA VAL O 94 25.75 -10.05 -53.20
C VAL O 94 24.51 -10.06 -52.32
N SER O 95 23.37 -9.77 -52.93
CA SER O 95 22.08 -9.95 -52.30
C SER O 95 21.53 -11.31 -52.69
N PRO O 96 20.52 -11.83 -51.97
CA PRO O 96 19.90 -13.08 -52.40
C PRO O 96 19.16 -12.99 -53.72
N ALA O 97 18.82 -11.81 -54.20
CA ALA O 97 17.93 -11.66 -55.34
C ALA O 97 18.22 -10.32 -55.99
N PRO O 98 17.70 -10.08 -57.20
CA PRO O 98 17.64 -8.72 -57.70
C PRO O 98 16.75 -7.88 -56.81
N PRO O 99 17.14 -6.64 -56.54
CA PRO O 99 16.29 -5.74 -55.74
C PRO O 99 15.00 -5.43 -56.50
N ILE O 100 13.88 -5.65 -55.81
CA ILE O 100 12.61 -5.79 -56.48
C ILE O 100 12.08 -4.43 -56.92
N LYS O 101 11.69 -4.34 -58.19
CA LYS O 101 11.26 -3.10 -58.81
C LYS O 101 10.00 -2.57 -58.16
N ARG O 102 9.97 -1.26 -57.91
CA ARG O 102 8.81 -0.60 -57.34
C ARG O 102 7.64 -0.68 -58.30
N TRP O 103 6.44 -0.77 -57.74
CA TRP O 103 5.25 -1.02 -58.53
C TRP O 103 4.81 0.22 -59.30
N GLU O 104 3.63 0.10 -59.88
CA GLU O 104 3.07 1.07 -60.80
C GLU O 104 1.61 1.27 -60.44
N LEU O 105 1.11 2.50 -60.60
CA LEU O 105 -0.27 2.80 -60.23
C LEU O 105 -1.25 2.11 -61.17
N SER O 106 -2.52 2.18 -60.80
CA SER O 106 -3.57 1.51 -61.53
C SER O 106 -3.89 2.25 -62.82
N GLN O 107 -4.84 1.69 -63.56
CA GLN O 107 -5.35 2.30 -64.78
C GLN O 107 -6.81 2.69 -64.66
N ASP O 108 -7.68 1.74 -64.35
CA ASP O 108 -9.12 1.97 -64.35
C ASP O 108 -9.54 2.55 -63.01
N GLU O 109 -9.66 3.88 -62.97
CA GLU O 109 -9.97 4.70 -61.81
C GLU O 109 -9.04 4.44 -60.63
N PRO O 110 -7.77 4.87 -60.68
CA PRO O 110 -6.96 4.85 -59.46
C PRO O 110 -7.27 6.05 -58.58
N TYR O 111 -6.49 6.24 -57.52
CA TYR O 111 -6.73 7.32 -56.57
C TYR O 111 -5.37 7.87 -56.16
N LEU O 112 -4.92 8.96 -56.77
CA LEU O 112 -5.65 9.69 -57.81
C LEU O 112 -5.32 9.17 -59.20
N TYR P 23 -60.66 -26.64 -50.09
CA TYR P 23 -59.72 -25.54 -49.95
C TYR P 23 -59.17 -25.46 -48.54
N LEU P 24 -59.89 -26.04 -47.59
CA LEU P 24 -59.46 -26.02 -46.19
C LEU P 24 -58.17 -26.80 -46.00
N ARG P 25 -58.01 -27.88 -46.77
CA ARG P 25 -56.83 -28.73 -46.70
C ARG P 25 -55.58 -27.99 -47.15
N VAL P 26 -55.62 -27.41 -48.34
CA VAL P 26 -54.49 -26.65 -48.86
C VAL P 26 -54.33 -25.33 -48.10
N LEU P 27 -55.39 -24.86 -47.46
CA LEU P 27 -55.35 -23.64 -46.66
C LEU P 27 -54.50 -23.85 -45.42
N PHE P 28 -54.84 -24.85 -44.61
CA PHE P 28 -54.04 -25.21 -43.45
C PHE P 28 -52.97 -26.25 -43.76
N ARG P 29 -52.54 -26.34 -45.02
CA ARG P 29 -51.44 -27.25 -45.33
C ARG P 29 -50.10 -26.63 -44.97
N ALA P 30 -49.61 -25.67 -45.76
CA ALA P 30 -48.77 -24.63 -45.18
C ALA P 30 -49.19 -23.22 -45.57
N ASN P 31 -49.05 -22.90 -46.87
CA ASN P 31 -49.25 -21.53 -47.36
C ASN P 31 -49.91 -21.39 -48.72
N ASP P 32 -49.85 -22.40 -49.59
CA ASP P 32 -49.98 -22.17 -51.03
C ASP P 32 -51.42 -22.33 -51.52
N VAL P 33 -51.66 -21.75 -52.70
CA VAL P 33 -52.91 -21.92 -53.44
C VAL P 33 -52.62 -22.21 -54.91
N ARG P 34 -51.37 -22.55 -55.23
CA ARG P 34 -50.85 -22.43 -56.58
C ARG P 34 -51.11 -23.66 -57.44
N VAL P 35 -52.20 -24.37 -57.18
CA VAL P 35 -52.59 -25.50 -58.03
C VAL P 35 -52.95 -24.96 -59.41
N GLY P 36 -52.59 -25.71 -60.45
CA GLY P 36 -52.68 -25.17 -61.80
C GLY P 36 -51.62 -25.69 -62.74
N THR P 37 -50.74 -26.57 -62.25
CA THR P 37 -49.79 -27.27 -63.09
C THR P 37 -50.08 -28.76 -63.22
N LEU P 38 -50.25 -29.47 -62.10
CA LEU P 38 -50.79 -30.83 -62.02
C LEU P 38 -49.95 -31.85 -62.80
N VAL P 39 -48.71 -32.05 -62.33
CA VAL P 39 -47.77 -32.87 -63.09
C VAL P 39 -48.08 -34.35 -62.92
N GLY P 40 -48.01 -34.86 -61.69
CA GLY P 40 -48.19 -36.30 -61.58
C GLY P 40 -48.64 -36.70 -60.19
N GLU P 41 -48.88 -38.01 -60.06
CA GLU P 41 -49.24 -38.57 -58.76
C GLU P 41 -48.66 -39.97 -58.72
N ASP P 42 -48.56 -40.52 -57.50
CA ASP P 42 -47.93 -41.81 -57.37
C ASP P 42 -48.58 -42.63 -56.27
N LYS P 43 -48.50 -43.95 -56.47
CA LYS P 43 -48.64 -44.99 -55.45
C LYS P 43 -48.00 -44.55 -54.14
N TYR P 44 -48.75 -44.76 -53.06
CA TYR P 44 -48.92 -43.99 -51.83
C TYR P 44 -49.85 -42.82 -52.07
N GLY P 45 -50.27 -42.57 -53.30
CA GLY P 45 -51.28 -41.58 -53.62
C GLY P 45 -50.80 -40.15 -53.74
N ASN P 46 -49.55 -39.85 -53.41
CA ASN P 46 -49.14 -38.47 -53.22
C ASN P 46 -49.01 -37.73 -54.54
N LYS P 47 -49.11 -36.40 -54.49
CA LYS P 47 -49.13 -35.60 -55.70
C LYS P 47 -47.85 -34.79 -55.84
N TYR P 48 -47.49 -34.51 -57.10
CA TYR P 48 -46.27 -33.80 -57.44
C TYR P 48 -46.61 -32.73 -58.46
N TYR P 49 -46.34 -31.47 -58.12
CA TYR P 49 -46.64 -30.35 -58.97
C TYR P 49 -45.34 -29.65 -59.35
N GLU P 50 -45.30 -29.02 -60.51
CA GLU P 50 -44.11 -28.30 -60.96
C GLU P 50 -44.51 -27.03 -61.68
N ASP P 51 -44.14 -25.89 -61.13
CA ASP P 51 -44.48 -24.61 -61.74
C ASP P 51 -43.31 -24.08 -62.55
N ASN P 52 -43.65 -23.32 -63.59
CA ASN P 52 -42.67 -22.60 -64.39
C ASN P 52 -42.42 -21.20 -63.86
N LYS P 53 -43.44 -20.55 -63.30
CA LYS P 53 -43.40 -19.11 -63.11
C LYS P 53 -42.50 -18.69 -61.97
N GLN P 54 -42.36 -19.51 -60.94
CA GLN P 54 -41.54 -19.09 -59.83
C GLN P 54 -40.06 -19.28 -60.15
N PHE P 55 -39.24 -19.04 -59.15
CA PHE P 55 -37.79 -18.92 -59.31
C PHE P 55 -37.12 -20.26 -59.13
N PHE P 56 -35.79 -20.25 -59.02
CA PHE P 56 -35.03 -21.45 -58.75
C PHE P 56 -35.12 -21.74 -57.25
N GLY P 57 -36.04 -22.63 -56.88
CA GLY P 57 -36.27 -22.93 -55.50
C GLY P 57 -37.73 -23.21 -55.23
N ARG P 58 -38.59 -22.78 -56.13
CA ARG P 58 -40.01 -23.08 -56.04
C ARG P 58 -40.51 -23.63 -57.37
N HIS P 59 -39.68 -24.41 -58.04
CA HIS P 59 -40.11 -25.11 -59.25
C HIS P 59 -41.18 -26.13 -58.91
N ARG P 60 -40.84 -27.09 -58.07
CA ARG P 60 -41.60 -28.29 -57.84
C ARG P 60 -42.02 -28.35 -56.38
N TRP P 61 -43.12 -29.04 -56.12
CA TRP P 61 -43.49 -29.37 -54.75
C TRP P 61 -44.31 -30.63 -54.68
N VAL P 62 -44.54 -31.05 -53.44
CA VAL P 62 -45.21 -32.29 -53.12
C VAL P 62 -46.47 -31.93 -52.33
N ILE P 63 -47.48 -32.76 -52.47
CA ILE P 63 -48.63 -32.75 -51.59
C ILE P 63 -48.81 -34.16 -51.03
N TYR P 64 -48.74 -34.27 -49.71
CA TYR P 64 -48.83 -35.53 -49.01
C TYR P 64 -50.28 -35.92 -48.79
N THR P 65 -50.62 -37.13 -49.19
CA THR P 65 -51.95 -37.61 -48.93
C THR P 65 -52.04 -38.16 -47.51
N THR P 66 -53.26 -38.29 -47.02
CA THR P 66 -53.51 -38.69 -45.65
C THR P 66 -53.70 -40.19 -45.58
N GLU P 67 -53.37 -40.75 -44.41
CA GLU P 67 -53.49 -42.18 -44.10
C GLU P 67 -52.71 -43.04 -45.10
N MET P 68 -51.48 -42.62 -45.43
CA MET P 68 -50.68 -43.45 -46.32
C MET P 68 -50.07 -44.63 -45.58
N ASN P 69 -49.80 -44.48 -44.29
CA ASN P 69 -49.56 -45.61 -43.41
C ASN P 69 -50.41 -45.45 -42.15
N GLY P 70 -51.50 -44.72 -42.29
CA GLY P 70 -52.49 -44.59 -41.24
C GLY P 70 -52.03 -43.82 -40.03
N LYS P 71 -51.08 -42.91 -40.19
CA LYS P 71 -50.52 -42.18 -39.06
C LYS P 71 -51.31 -40.92 -38.72
N ASN P 72 -52.52 -40.78 -39.28
CA ASN P 72 -53.22 -39.50 -39.39
C ASN P 72 -52.28 -38.44 -39.95
N THR P 73 -51.69 -38.75 -41.10
CA THR P 73 -50.61 -37.94 -41.64
C THR P 73 -51.11 -36.73 -42.42
N PHE P 74 -52.35 -36.31 -42.18
CA PHE P 74 -52.74 -34.94 -42.49
C PHE P 74 -51.85 -33.95 -41.75
N TRP P 75 -51.60 -34.20 -40.47
CA TRP P 75 -50.68 -33.42 -39.68
C TRP P 75 -49.30 -34.09 -39.75
N ASP P 76 -48.35 -33.52 -38.99
CA ASP P 76 -46.98 -33.98 -38.69
C ASP P 76 -46.26 -34.76 -39.78
N VAL P 77 -46.22 -34.20 -40.99
CA VAL P 77 -45.67 -34.91 -42.14
C VAL P 77 -44.16 -35.01 -42.03
N ASP P 78 -43.62 -36.14 -42.48
CA ASP P 78 -42.19 -36.40 -42.44
C ASP P 78 -41.57 -36.19 -43.80
N GLY P 79 -40.26 -35.97 -43.78
CA GLY P 79 -39.45 -36.26 -44.94
C GLY P 79 -39.35 -37.75 -45.16
N SER P 80 -38.97 -38.12 -46.38
CA SER P 80 -38.85 -39.51 -46.83
C SER P 80 -40.16 -40.26 -46.73
N MET P 81 -41.29 -39.55 -46.83
CA MET P 81 -42.51 -40.22 -47.23
C MET P 81 -42.60 -40.33 -48.74
N VAL P 82 -41.65 -39.74 -49.44
CA VAL P 82 -41.65 -39.74 -50.89
C VAL P 82 -41.03 -41.03 -51.39
N PRO P 83 -41.57 -41.60 -52.47
CA PRO P 83 -40.90 -42.69 -53.15
C PRO P 83 -39.61 -42.20 -53.78
N PRO P 84 -38.63 -43.10 -53.97
CA PRO P 84 -37.29 -42.64 -54.36
C PRO P 84 -37.19 -42.07 -55.75
N GLU P 85 -37.97 -42.56 -56.71
CA GLU P 85 -37.91 -42.00 -58.06
C GLU P 85 -38.43 -40.56 -58.08
N TRP P 86 -39.51 -40.29 -57.35
CA TRP P 86 -39.92 -38.91 -57.20
C TRP P 86 -39.01 -38.14 -56.27
N HIS P 87 -38.25 -38.82 -55.41
CA HIS P 87 -37.26 -38.12 -54.59
C HIS P 87 -36.12 -37.59 -55.45
N ARG P 88 -35.71 -38.36 -56.45
CA ARG P 88 -34.73 -37.80 -57.39
C ARG P 88 -35.35 -36.71 -58.23
N TRP P 89 -36.63 -36.84 -58.55
CA TRP P 89 -37.27 -35.80 -59.37
C TRP P 89 -37.41 -34.49 -58.62
N LEU P 90 -37.73 -34.55 -57.33
CA LEU P 90 -38.12 -33.38 -56.58
C LEU P 90 -36.94 -32.58 -56.07
N HIS P 91 -35.76 -33.19 -55.97
CA HIS P 91 -34.56 -32.45 -55.65
C HIS P 91 -33.88 -31.83 -56.85
N CYS P 92 -34.55 -31.84 -58.00
CA CYS P 92 -34.13 -31.20 -59.25
C CYS P 92 -32.75 -31.72 -59.69
N MET P 93 -32.72 -33.01 -60.01
CA MET P 93 -31.58 -33.63 -60.67
C MET P 93 -31.86 -33.95 -62.12
N THR P 94 -33.13 -34.11 -62.47
CA THR P 94 -33.58 -34.24 -63.84
C THR P 94 -34.69 -33.22 -64.07
N ASP P 95 -35.17 -33.15 -65.30
CA ASP P 95 -36.21 -32.19 -65.67
C ASP P 95 -37.56 -32.84 -65.93
N ASP P 96 -37.65 -34.15 -65.89
CA ASP P 96 -38.85 -34.87 -66.30
C ASP P 96 -39.23 -35.90 -65.25
N PRO P 97 -40.53 -36.16 -65.07
CA PRO P 97 -40.98 -37.03 -63.97
C PRO P 97 -40.58 -38.48 -64.20
N PRO P 98 -40.59 -39.31 -63.17
CA PRO P 98 -40.31 -40.74 -63.37
C PRO P 98 -41.43 -41.54 -64.01
N THR P 99 -42.58 -40.93 -64.30
CA THR P 99 -43.55 -41.56 -65.18
C THR P 99 -43.16 -41.42 -66.65
N VAL P 100 -42.14 -40.63 -66.96
CA VAL P 100 -41.54 -40.65 -68.29
C VAL P 100 -40.63 -41.85 -68.45
N LYS P 101 -39.72 -42.05 -67.50
CA LYS P 101 -38.86 -43.23 -67.47
C LYS P 101 -39.16 -44.03 -66.20
N PRO P 102 -40.04 -45.02 -66.30
CA PRO P 102 -40.22 -45.95 -65.19
C PRO P 102 -39.00 -46.82 -64.89
N PRO P 103 -38.49 -47.63 -65.84
CA PRO P 103 -37.98 -48.94 -65.45
C PRO P 103 -36.58 -48.90 -64.84
N THR P 104 -36.16 -50.09 -64.41
CA THR P 104 -34.79 -50.35 -64.02
C THR P 104 -34.55 -51.84 -64.21
N ALA P 105 -33.28 -52.21 -64.27
CA ALA P 105 -32.93 -53.58 -64.65
C ALA P 105 -32.78 -54.51 -63.45
N ARG P 106 -33.76 -54.49 -62.54
CA ARG P 106 -33.75 -55.35 -61.37
C ARG P 106 -35.18 -55.77 -61.05
N LYS P 107 -35.32 -56.94 -60.41
CA LYS P 107 -36.58 -57.35 -59.80
C LYS P 107 -36.29 -57.86 -58.37
N PHE P 108 -36.09 -56.92 -57.46
CA PHE P 108 -36.20 -57.15 -56.02
C PHE P 108 -36.59 -55.91 -55.24
N ILE P 109 -36.85 -54.78 -55.91
CA ILE P 109 -36.88 -53.47 -55.26
C ILE P 109 -38.11 -53.38 -54.37
N TRP P 110 -37.95 -52.72 -53.22
CA TRP P 110 -39.04 -52.58 -52.26
C TRP P 110 -40.26 -51.86 -52.79
N THR P 111 -41.35 -52.60 -52.93
CA THR P 111 -42.67 -52.03 -53.13
C THR P 111 -43.35 -51.69 -51.83
N ASN P 112 -42.67 -51.91 -50.70
CA ASN P 112 -43.19 -51.64 -49.38
C ASN P 112 -42.71 -50.30 -48.83
N HIS P 113 -41.39 -50.09 -48.83
CA HIS P 113 -40.73 -48.83 -48.47
C HIS P 113 -41.10 -48.38 -47.05
N LYS P 114 -40.61 -49.14 -46.09
CA LYS P 114 -40.71 -48.75 -44.69
C LYS P 114 -39.96 -47.44 -44.48
N PHE P 115 -40.68 -46.37 -44.20
CA PHE P 115 -40.14 -45.01 -44.20
C PHE P 115 -39.35 -44.76 -42.91
N ASN P 116 -39.03 -43.49 -42.64
CA ASN P 116 -38.18 -43.17 -41.49
C ASN P 116 -38.91 -43.48 -40.19
N LEU P 117 -38.17 -44.07 -39.26
CA LEU P 117 -38.79 -44.90 -38.25
C LEU P 117 -38.17 -44.77 -36.86
N SER P 118 -37.45 -43.70 -36.58
CA SER P 118 -36.78 -43.59 -35.29
C SER P 118 -37.81 -43.26 -34.21
N GLY P 119 -37.94 -44.15 -33.24
CA GLY P 119 -38.88 -43.99 -32.16
C GLY P 119 -40.09 -44.90 -32.22
N THR P 120 -40.20 -45.75 -33.24
CA THR P 120 -41.34 -46.61 -33.43
C THR P 120 -41.14 -47.89 -32.62
N PRO P 121 -42.05 -48.86 -32.68
CA PRO P 121 -41.68 -50.22 -32.28
C PRO P 121 -40.99 -51.02 -33.37
N GLN P 122 -40.75 -50.44 -34.55
CA GLN P 122 -40.14 -51.18 -35.66
C GLN P 122 -38.96 -50.37 -36.20
N GLN P 123 -37.79 -50.54 -35.59
CA GLN P 123 -36.64 -49.76 -35.99
C GLN P 123 -35.36 -50.54 -35.73
N TYR P 124 -34.25 -49.99 -36.20
CA TYR P 124 -33.00 -50.73 -36.23
C TYR P 124 -32.36 -50.81 -34.85
N VAL P 125 -31.68 -51.93 -34.61
CA VAL P 125 -30.74 -52.06 -33.51
C VAL P 125 -29.46 -52.71 -34.04
N PRO P 126 -28.29 -52.33 -33.56
CA PRO P 126 -27.07 -52.99 -34.01
C PRO P 126 -26.91 -54.37 -33.41
N TYR P 127 -26.26 -55.23 -34.17
CA TYR P 127 -26.10 -56.63 -33.77
C TYR P 127 -24.94 -57.23 -34.55
N SER P 128 -24.14 -58.01 -33.85
CA SER P 128 -22.86 -58.46 -34.40
C SER P 128 -23.09 -59.52 -35.47
N THR P 129 -22.70 -59.20 -36.71
CA THR P 129 -22.78 -60.17 -37.79
C THR P 129 -21.41 -60.82 -37.95
N THR P 130 -21.05 -61.56 -36.92
CA THR P 130 -19.87 -62.42 -36.91
C THR P 130 -20.12 -63.50 -35.90
N ARG P 131 -19.96 -64.75 -36.30
CA ARG P 131 -20.32 -65.85 -35.41
C ARG P 131 -19.24 -66.11 -34.37
N LYS P 132 -19.31 -67.28 -33.72
CA LYS P 132 -18.52 -67.59 -32.54
C LYS P 132 -17.03 -67.58 -32.82
N LYS P 133 -16.29 -66.88 -31.97
CA LYS P 133 -14.85 -66.73 -32.16
C LYS P 133 -14.11 -68.01 -31.81
N ILE P 134 -14.20 -68.42 -30.55
CA ILE P 134 -13.21 -69.30 -29.95
C ILE P 134 -13.76 -70.65 -29.51
N GLN P 135 -15.09 -70.83 -29.48
CA GLN P 135 -15.75 -72.13 -29.35
C GLN P 135 -15.37 -72.84 -28.05
N GLU P 136 -15.92 -72.29 -26.95
CA GLU P 136 -15.71 -72.82 -25.60
C GLU P 136 -15.93 -74.32 -25.52
N TRP P 137 -15.04 -74.99 -24.78
CA TRP P 137 -15.00 -76.44 -24.77
C TRP P 137 -16.23 -77.01 -24.05
N VAL P 138 -16.69 -78.15 -24.54
CA VAL P 138 -17.84 -78.84 -23.98
C VAL P 138 -17.31 -79.89 -23.00
N PRO P 139 -17.65 -79.80 -21.71
CA PRO P 139 -17.32 -80.90 -20.82
C PRO P 139 -18.22 -82.08 -21.09
N PRO P 140 -17.75 -83.30 -20.84
CA PRO P 140 -18.58 -84.47 -21.13
C PRO P 140 -19.72 -84.63 -20.13
N SER P 141 -20.89 -84.97 -20.67
CA SER P 141 -22.05 -85.23 -19.84
C SER P 141 -21.95 -86.55 -19.10
N THR P 142 -21.08 -87.46 -19.54
CA THR P 142 -21.06 -88.65 -18.73
C THR P 142 -20.11 -88.48 -17.54
N PRO P 143 -20.54 -88.91 -16.36
CA PRO P 143 -19.66 -88.86 -15.20
C PRO P 143 -18.69 -90.03 -15.21
N TYR P 144 -17.69 -89.92 -14.34
CA TYR P 144 -16.71 -90.99 -14.21
C TYR P 144 -16.21 -90.98 -12.78
N LYS P 145 -16.13 -92.18 -12.21
CA LYS P 145 -15.77 -92.43 -10.81
C LYS P 145 -16.70 -91.64 -9.89
N PRO Q 5 6.45 -6.87 26.47
CA PRO Q 5 6.72 -8.15 27.15
C PRO Q 5 7.68 -9.01 26.35
N LEU Q 6 8.59 -8.36 25.64
CA LEU Q 6 9.42 -9.04 24.65
C LEU Q 6 10.76 -9.49 25.24
N THR Q 7 10.72 -10.24 26.34
CA THR Q 7 11.94 -10.79 26.91
C THR Q 7 12.20 -12.18 26.34
N LEU Q 8 13.11 -12.93 26.95
CA LEU Q 8 13.39 -14.29 26.51
C LEU Q 8 12.21 -15.21 26.78
N GLU Q 9 11.55 -15.02 27.92
CA GLU Q 9 10.46 -15.94 28.25
C GLU Q 9 9.23 -15.67 27.41
N GLY Q 10 9.02 -14.45 26.94
CA GLY Q 10 7.89 -14.18 26.09
C GLY Q 10 8.04 -14.85 24.74
N ILE Q 11 9.23 -14.75 24.16
CA ILE Q 11 9.53 -15.40 22.90
C ILE Q 11 9.53 -16.91 23.06
N LYS Q 12 10.06 -17.42 24.17
CA LYS Q 12 10.13 -18.85 24.36
C LYS Q 12 8.75 -19.43 24.62
N ASP Q 13 7.91 -18.72 25.36
CA ASP Q 13 6.54 -19.18 25.60
C ASP Q 13 5.72 -19.11 24.33
N ARG Q 14 5.97 -18.11 23.48
CA ARG Q 14 5.16 -18.02 22.27
C ARG Q 14 5.55 -19.10 21.26
N VAL Q 15 6.85 -19.39 21.12
CA VAL Q 15 7.31 -20.47 20.27
C VAL Q 15 6.86 -21.82 20.83
N LEU Q 16 6.84 -21.93 22.15
CA LEU Q 16 6.40 -23.14 22.82
C LEU Q 16 4.93 -23.42 22.54
N TYR Q 17 4.06 -22.41 22.69
CA TYR Q 17 2.65 -22.71 22.45
C TYR Q 17 2.33 -22.84 20.97
N VAL Q 18 3.11 -22.25 20.07
CA VAL Q 18 2.76 -22.51 18.67
C VAL Q 18 3.31 -23.85 18.17
N LEU Q 19 4.40 -24.36 18.75
CA LEU Q 19 4.78 -25.72 18.40
C LEU Q 19 3.93 -26.75 19.13
N LYS Q 20 3.34 -26.37 20.26
CA LYS Q 20 2.18 -27.09 20.76
C LYS Q 20 1.06 -27.09 19.74
N LEU Q 21 0.80 -25.92 19.14
CA LEU Q 21 -0.29 -25.75 18.19
C LEU Q 21 -0.07 -26.55 16.91
N TYR Q 22 1.18 -26.85 16.59
CA TYR Q 22 1.45 -27.79 15.50
C TYR Q 22 0.99 -29.19 15.88
N ASP Q 23 0.45 -29.90 14.89
CA ASP Q 23 -0.29 -31.14 15.12
C ASP Q 23 0.56 -32.40 15.00
N LYS Q 24 1.43 -32.47 13.99
CA LYS Q 24 2.11 -33.71 13.67
C LYS Q 24 3.42 -33.87 14.40
N ILE Q 25 3.60 -33.20 15.54
CA ILE Q 25 4.88 -33.23 16.24
C ILE Q 25 5.00 -34.54 17.00
N ASP Q 26 6.17 -35.17 16.92
CA ASP Q 26 6.34 -36.58 17.24
C ASP Q 26 7.61 -36.82 18.04
N PRO Q 27 7.53 -36.90 19.38
CA PRO Q 27 6.46 -36.62 20.34
C PRO Q 27 6.41 -35.13 20.67
N GLU Q 28 5.87 -34.77 21.82
CA GLU Q 28 5.81 -33.36 22.23
C GLU Q 28 7.21 -32.78 22.44
N LYS Q 29 7.88 -33.23 23.50
CA LYS Q 29 9.35 -33.28 23.70
C LYS Q 29 10.09 -32.03 23.19
N LEU Q 30 9.77 -30.90 23.80
CA LEU Q 30 10.46 -29.67 23.46
C LEU Q 30 11.67 -29.50 24.35
N SER Q 31 12.78 -29.06 23.74
CA SER Q 31 14.01 -28.86 24.49
C SER Q 31 14.79 -27.73 23.87
N VAL Q 32 15.73 -27.21 24.67
CA VAL Q 32 16.61 -26.14 24.21
C VAL Q 32 17.70 -26.64 23.28
N ASN Q 33 17.86 -27.96 23.18
CA ASN Q 33 18.64 -28.60 22.13
C ASN Q 33 17.85 -29.79 21.61
N SER Q 34 16.57 -29.54 21.30
CA SER Q 34 15.65 -30.60 20.93
C SER Q 34 16.02 -31.22 19.60
N HIS Q 35 16.37 -30.39 18.61
CA HIS Q 35 16.84 -30.79 17.28
C HIS Q 35 15.82 -31.69 16.57
N PHE Q 36 14.67 -31.08 16.28
CA PHE Q 36 13.52 -31.78 15.71
C PHE Q 36 13.77 -32.36 14.31
N MET Q 37 14.86 -31.98 13.67
CA MET Q 37 15.28 -32.68 12.46
C MET Q 37 15.63 -34.13 12.75
N LYS Q 38 16.68 -34.37 13.54
CA LYS Q 38 17.21 -35.72 13.69
C LYS Q 38 17.03 -36.30 15.09
N ASP Q 39 16.16 -35.73 15.92
CA ASP Q 39 15.76 -36.36 17.16
C ASP Q 39 14.27 -36.61 17.24
N LEU Q 40 13.48 -35.98 16.40
CA LEU Q 40 12.04 -36.08 16.43
C LEU Q 40 11.50 -36.65 15.13
N GLY Q 41 12.36 -36.87 14.14
CA GLY Q 41 11.98 -37.50 12.90
C GLY Q 41 11.22 -36.60 11.96
N LEU Q 42 11.80 -35.45 11.61
CA LEU Q 42 11.12 -34.52 10.72
C LEU Q 42 12.03 -34.15 9.56
N ASP Q 43 11.45 -34.10 8.37
CA ASP Q 43 12.16 -33.83 7.13
C ASP Q 43 12.35 -32.32 6.95
N SER Q 44 13.14 -31.95 5.93
CA SER Q 44 13.34 -30.55 5.58
C SER Q 44 12.04 -29.91 5.10
N LEU Q 45 11.13 -30.72 4.59
CA LEU Q 45 9.78 -30.26 4.27
C LEU Q 45 9.09 -29.73 5.52
N ASP Q 46 9.11 -30.50 6.61
CA ASP Q 46 8.49 -30.05 7.84
C ASP Q 46 9.31 -28.98 8.53
N GLN Q 47 10.62 -28.96 8.30
CA GLN Q 47 11.46 -27.83 8.70
C GLN Q 47 10.92 -26.52 8.15
N VAL Q 48 10.70 -26.44 6.84
CA VAL Q 48 10.24 -25.18 6.28
C VAL Q 48 8.78 -24.94 6.61
N GLU Q 49 7.99 -25.99 6.86
CA GLU Q 49 6.63 -25.80 7.39
C GLU Q 49 6.66 -25.07 8.71
N ILE Q 50 7.50 -25.52 9.63
CA ILE Q 50 7.57 -24.93 10.97
C ILE Q 50 8.08 -23.49 10.90
N ILE Q 51 9.09 -23.24 10.07
CA ILE Q 51 9.67 -21.90 10.00
C ILE Q 51 8.66 -20.89 9.44
N MET Q 52 8.03 -21.22 8.31
CA MET Q 52 7.05 -20.25 7.87
C MET Q 52 5.76 -20.31 8.66
N ALA Q 53 5.56 -21.31 9.52
CA ALA Q 53 4.43 -21.25 10.44
C ALA Q 53 4.68 -20.22 11.52
N MET Q 54 5.92 -20.11 11.97
CA MET Q 54 6.29 -19.00 12.86
C MET Q 54 6.09 -17.66 12.16
N GLU Q 55 6.49 -17.61 10.89
CA GLU Q 55 6.34 -16.41 10.08
C GLU Q 55 4.87 -16.06 9.88
N ASP Q 56 4.02 -17.08 9.78
CA ASP Q 56 2.58 -16.87 9.69
C ASP Q 56 2.01 -16.37 10.99
N GLU Q 57 2.57 -16.82 12.12
CA GLU Q 57 2.01 -16.43 13.41
C GLU Q 57 2.29 -14.96 13.72
N PHE Q 58 3.56 -14.56 13.66
CA PHE Q 58 3.82 -13.14 13.91
C PHE Q 58 4.97 -12.58 13.08
N GLY Q 59 5.47 -13.32 12.11
CA GLY Q 59 6.85 -13.20 11.71
C GLY Q 59 7.22 -11.99 10.87
N PHE Q 60 8.50 -11.95 10.55
CA PHE Q 60 9.10 -10.94 9.71
C PHE Q 60 9.09 -11.43 8.25
N GLU Q 61 9.90 -10.82 7.40
CA GLU Q 61 10.07 -11.31 6.03
C GLU Q 61 10.67 -12.71 6.04
N ILE Q 62 11.68 -12.93 6.88
CA ILE Q 62 12.34 -14.22 7.17
C ILE Q 62 12.91 -14.79 5.87
N PRO Q 63 14.03 -14.25 5.38
CA PRO Q 63 14.55 -14.67 4.09
C PRO Q 63 14.98 -16.12 4.10
N ASP Q 64 14.90 -16.75 2.92
CA ASP Q 64 14.86 -18.20 2.80
C ASP Q 64 16.17 -18.87 3.21
N ILE Q 65 17.29 -18.17 3.12
CA ILE Q 65 18.51 -18.74 3.66
C ILE Q 65 18.54 -18.64 5.18
N ASP Q 66 18.15 -17.48 5.72
CA ASP Q 66 18.03 -17.34 7.16
C ASP Q 66 16.87 -18.13 7.70
N ALA Q 67 15.82 -18.31 6.89
CA ALA Q 67 14.79 -19.28 7.25
C ALA Q 67 15.31 -20.70 7.19
N GLU Q 68 16.25 -20.96 6.28
CA GLU Q 68 16.67 -22.33 6.00
C GLU Q 68 17.66 -22.82 7.05
N LYS Q 69 18.36 -21.92 7.73
CA LYS Q 69 19.44 -22.31 8.63
C LYS Q 69 19.08 -22.23 10.11
N LEU Q 70 17.89 -22.64 10.53
CA LEU Q 70 17.49 -22.54 11.93
C LEU Q 70 17.52 -23.86 12.69
N MET Q 71 16.75 -24.87 12.24
CA MET Q 71 16.87 -26.28 12.60
C MET Q 71 16.51 -26.66 14.04
N CYS Q 72 16.29 -25.70 14.93
CA CYS Q 72 16.19 -26.04 16.35
C CYS Q 72 15.42 -24.93 17.07
N PRO Q 73 14.46 -25.27 17.94
CA PRO Q 73 13.50 -24.26 18.42
C PRO Q 73 14.12 -23.20 19.34
N GLN Q 74 15.11 -23.57 20.15
CA GLN Q 74 15.75 -22.55 20.97
C GLN Q 74 16.58 -21.61 20.12
N GLU Q 75 17.17 -22.10 19.03
CA GLU Q 75 17.82 -21.20 18.09
C GLU Q 75 16.80 -20.35 17.35
N ILE Q 76 15.57 -20.84 17.20
CA ILE Q 76 14.50 -20.00 16.68
C ILE Q 76 14.17 -18.91 17.67
N VAL Q 77 14.18 -19.23 18.97
CA VAL Q 77 13.94 -18.24 20.01
C VAL Q 77 15.01 -17.17 19.98
N ASP Q 78 16.27 -17.58 19.87
CA ASP Q 78 17.36 -16.61 19.79
C ASP Q 78 17.34 -15.86 18.46
N TYR Q 79 16.80 -16.46 17.41
CA TYR Q 79 16.71 -15.80 16.12
C TYR Q 79 15.69 -14.68 16.13
N ILE Q 80 14.50 -14.94 16.69
CA ILE Q 80 13.54 -13.87 16.88
C ILE Q 80 14.05 -12.85 17.87
N ALA Q 81 14.83 -13.29 18.88
CA ALA Q 81 15.45 -12.35 19.81
C ALA Q 81 16.45 -11.45 19.12
N ASP Q 82 17.14 -11.96 18.10
CA ASP Q 82 18.06 -11.16 17.32
C ASP Q 82 17.32 -10.23 16.37
N LYS Q 83 16.16 -10.65 15.88
CA LYS Q 83 15.47 -9.92 14.82
C LYS Q 83 14.33 -9.06 15.33
N LYS Q 84 13.67 -9.45 16.41
CA LYS Q 84 12.67 -8.60 17.01
C LYS Q 84 13.26 -7.84 18.19
N VAL R 5 -15.94 -37.96 -80.24
CA VAL R 5 -15.78 -36.51 -80.21
C VAL R 5 -15.24 -36.05 -78.86
N LYS R 6 -15.28 -34.74 -78.62
CA LYS R 6 -14.81 -34.14 -77.37
C LYS R 6 -15.85 -33.14 -76.94
N GLN R 7 -16.40 -33.31 -75.74
CA GLN R 7 -17.52 -32.48 -75.32
C GLN R 7 -17.28 -31.87 -73.95
N ASP R 8 -16.12 -31.24 -73.77
CA ASP R 8 -15.89 -30.44 -72.57
C ASP R 8 -16.69 -29.15 -72.64
N MET R 9 -16.49 -28.27 -71.66
CA MET R 9 -17.17 -26.98 -71.65
C MET R 9 -16.15 -25.86 -71.80
N PRO R 10 -15.90 -25.41 -73.03
CA PRO R 10 -15.26 -24.11 -73.20
C PRO R 10 -16.31 -23.05 -73.42
N PRO R 11 -15.97 -21.78 -73.26
CA PRO R 11 -16.89 -20.74 -73.73
C PRO R 11 -16.91 -20.70 -75.24
N VAL R 12 -18.10 -20.51 -75.81
CA VAL R 12 -18.27 -20.55 -77.26
C VAL R 12 -17.95 -19.15 -77.79
N GLY R 13 -16.76 -19.00 -78.36
CA GLY R 13 -16.36 -17.75 -78.96
C GLY R 13 -16.17 -16.60 -77.99
N GLY R 14 -15.88 -16.88 -76.73
CA GLY R 14 -15.66 -15.83 -75.76
C GLY R 14 -16.96 -15.30 -75.16
N TYR R 15 -16.89 -14.79 -73.95
CA TYR R 15 -18.05 -14.23 -73.28
C TYR R 15 -17.92 -12.72 -73.18
N GLY R 16 -18.89 -12.10 -72.51
CA GLY R 16 -18.99 -10.66 -72.50
C GLY R 16 -18.27 -10.00 -71.35
N PRO R 17 -18.33 -8.67 -71.30
CA PRO R 17 -17.66 -7.95 -70.22
C PRO R 17 -18.49 -7.97 -68.93
N ILE R 18 -17.79 -8.12 -67.82
CA ILE R 18 -18.39 -8.06 -66.49
C ILE R 18 -17.96 -6.73 -65.88
N ASP R 19 -18.93 -5.92 -65.50
CA ASP R 19 -18.65 -4.58 -65.02
C ASP R 19 -18.09 -4.60 -63.60
N TYR R 20 -17.23 -3.61 -63.31
CA TYR R 20 -16.68 -3.44 -61.98
C TYR R 20 -16.54 -1.96 -61.64
N LYS R 21 -17.39 -1.12 -62.20
CA LYS R 21 -17.37 0.28 -61.80
C LYS R 21 -18.19 0.45 -60.53
N ARG R 22 -17.68 1.27 -59.61
CA ARG R 22 -18.43 1.60 -58.40
C ARG R 22 -19.59 2.51 -58.77
N ASN R 23 -20.73 1.89 -59.07
CA ASN R 23 -21.89 2.59 -59.59
C ASN R 23 -22.56 3.32 -58.44
N LEU R 24 -22.37 4.63 -58.36
CA LEU R 24 -23.03 5.46 -57.35
C LEU R 24 -23.54 6.73 -58.02
N PRO R 25 -24.84 7.06 -57.89
CA PRO R 25 -25.42 8.13 -58.71
C PRO R 25 -25.50 9.49 -58.02
N ARG R 26 -25.18 9.53 -56.72
CA ARG R 26 -25.34 10.67 -55.80
C ARG R 26 -26.65 11.45 -56.01
N ARG R 27 -27.75 10.71 -56.13
CA ARG R 27 -29.07 11.32 -56.29
C ARG R 27 -29.48 12.02 -55.00
N GLY R 28 -29.53 13.34 -55.05
CA GLY R 28 -29.83 14.14 -53.88
C GLY R 28 -30.39 15.49 -54.28
N LEU R 29 -30.02 16.53 -53.55
CA LEU R 29 -30.54 17.88 -53.75
C LEU R 29 -29.40 18.86 -53.60
N SER R 30 -29.77 20.13 -53.42
CA SER R 30 -28.83 21.20 -53.13
C SER R 30 -29.20 21.82 -51.78
N GLY R 31 -28.18 22.40 -51.12
CA GLY R 31 -28.40 22.97 -49.80
C GLY R 31 -29.31 24.18 -49.83
N TYR R 32 -29.23 24.96 -50.91
CA TYR R 32 -30.16 26.06 -51.12
C TYR R 32 -31.60 25.56 -51.19
N SER R 33 -31.82 24.39 -51.82
CA SER R 33 -33.16 23.83 -51.91
C SER R 33 -33.67 23.38 -50.55
N MET R 34 -32.80 22.74 -49.77
CA MET R 34 -33.14 22.35 -48.40
C MET R 34 -33.54 23.54 -47.55
N PHE R 35 -32.70 24.58 -47.57
CA PHE R 35 -32.95 25.77 -46.76
C PHE R 35 -34.24 26.45 -47.19
N ALA R 36 -34.50 26.49 -48.50
CA ALA R 36 -35.71 27.12 -49.01
C ALA R 36 -36.97 26.36 -48.57
N VAL R 37 -36.96 25.03 -48.70
CA VAL R 37 -38.16 24.28 -48.33
C VAL R 37 -38.35 24.26 -46.82
N GLY R 38 -37.25 24.29 -46.05
CA GLY R 38 -37.37 24.32 -44.60
C GLY R 38 -37.94 25.63 -44.10
N ILE R 39 -37.42 26.75 -44.60
CA ILE R 39 -37.92 28.06 -44.19
C ILE R 39 -39.34 28.27 -44.67
N GLY R 40 -39.70 27.74 -45.85
CA GLY R 40 -41.08 27.87 -46.32
C GLY R 40 -42.08 27.14 -45.44
N ALA R 41 -41.77 25.87 -45.10
CA ALA R 41 -42.65 25.11 -44.23
C ALA R 41 -42.74 25.73 -42.84
N LEU R 42 -41.61 26.23 -42.34
CA LEU R 42 -41.57 26.86 -41.03
C LEU R 42 -42.42 28.13 -40.99
N LEU R 43 -42.30 28.97 -42.02
CA LEU R 43 -43.07 30.20 -42.05
C LEU R 43 -44.56 29.91 -42.20
N PHE R 44 -44.91 28.85 -42.93
CA PHE R 44 -46.31 28.46 -43.05
C PHE R 44 -46.90 28.04 -41.71
N GLY R 45 -46.14 27.23 -40.97
CA GLY R 45 -46.58 26.82 -39.65
C GLY R 45 -46.73 27.99 -38.69
N TYR R 46 -45.76 28.91 -38.73
CA TYR R 46 -45.81 30.04 -37.81
C TYR R 46 -46.98 30.97 -38.12
N TRP R 47 -47.26 31.19 -39.40
CA TRP R 47 -48.36 32.09 -39.73
C TRP R 47 -49.70 31.50 -39.32
N SER R 48 -49.93 30.22 -39.66
CA SER R 48 -51.22 29.62 -39.34
C SER R 48 -51.41 29.51 -37.83
N MET R 49 -50.32 29.24 -37.10
CA MET R 49 -50.44 29.16 -35.66
C MET R 49 -50.67 30.54 -35.05
N MET R 50 -50.12 31.59 -35.68
CA MET R 50 -50.35 32.94 -35.20
C MET R 50 -51.82 33.32 -35.30
N ARG R 51 -52.44 33.00 -36.46
CA ARG R 51 -53.85 33.30 -36.64
C ARG R 51 -54.72 32.48 -35.68
N TRP R 52 -54.29 31.24 -35.40
CA TRP R 52 -55.07 30.40 -34.50
C TRP R 52 -54.99 30.89 -33.06
N ASN R 53 -53.81 31.33 -32.62
CA ASN R 53 -53.70 31.89 -31.28
C ASN R 53 -54.50 33.18 -31.13
N ARG R 54 -54.59 33.99 -32.19
CA ARG R 54 -55.45 35.18 -32.12
C ARG R 54 -56.92 34.80 -31.91
N GLU R 55 -57.43 33.85 -32.72
CA GLU R 55 -58.81 33.39 -32.55
C GLU R 55 -59.04 32.78 -31.17
N ARG R 56 -58.02 32.11 -30.66
CA ARG R 56 -58.16 31.39 -29.42
C ARG R 56 -58.23 32.35 -28.24
N ARG R 57 -57.45 33.43 -28.28
CA ARG R 57 -57.55 34.44 -27.24
C ARG R 57 -58.90 35.16 -27.28
N ARG R 58 -59.48 35.32 -28.48
CA ARG R 58 -60.85 35.87 -28.55
C ARG R 58 -61.83 34.99 -27.78
N LEU R 59 -61.74 33.68 -27.99
CA LEU R 59 -62.67 32.77 -27.31
C LEU R 59 -62.42 32.73 -25.81
N GLN R 60 -61.16 32.92 -25.40
CA GLN R 60 -60.87 32.93 -23.98
C GLN R 60 -61.38 34.21 -23.31
N ILE R 61 -61.41 35.32 -24.06
CA ILE R 61 -62.08 36.52 -23.56
C ILE R 61 -63.58 36.31 -23.41
N GLU R 62 -64.17 35.51 -24.31
CA GLU R 62 -65.58 35.15 -24.13
C GLU R 62 -65.80 34.34 -22.85
N ASP R 63 -64.84 33.47 -22.50
CA ASP R 63 -64.94 32.76 -21.23
C ASP R 63 -64.82 33.71 -20.03
N PHE R 64 -63.98 34.74 -20.16
CA PHE R 64 -63.91 35.79 -19.14
C PHE R 64 -65.26 36.45 -18.93
N GLU R 65 -65.94 36.81 -20.01
CA GLU R 65 -67.26 37.43 -19.90
C GLU R 65 -68.23 36.52 -19.19
N ALA R 66 -68.14 35.21 -19.46
CA ALA R 66 -68.99 34.24 -18.79
C ALA R 66 -68.79 34.26 -17.29
N ARG R 67 -67.53 34.17 -16.82
CA ARG R 67 -67.37 34.10 -15.37
C ARG R 67 -67.61 35.44 -14.71
N ILE R 68 -67.36 36.55 -15.41
CA ILE R 68 -67.55 37.86 -14.80
C ILE R 68 -69.04 38.14 -14.61
N ALA R 69 -69.85 37.83 -15.62
CA ALA R 69 -71.27 38.08 -15.46
C ALA R 69 -71.89 37.12 -14.46
N LEU R 70 -71.37 35.90 -14.37
CA LEU R 70 -72.05 34.90 -13.56
C LEU R 70 -71.85 35.09 -12.05
N MET R 71 -70.76 35.74 -11.64
CA MET R 71 -70.28 35.78 -10.26
C MET R 71 -71.22 36.21 -9.12
N PRO R 72 -72.10 37.23 -9.26
CA PRO R 72 -72.88 37.66 -8.07
C PRO R 72 -73.88 36.65 -7.58
N LEU R 73 -74.58 35.96 -8.49
CA LEU R 73 -75.60 35.02 -8.10
C LEU R 73 -75.00 33.81 -7.41
N LEU R 74 -73.87 33.33 -7.92
CA LEU R 74 -73.14 32.26 -7.27
C LEU R 74 -72.59 32.69 -5.92
N GLN R 75 -72.20 33.97 -5.80
CA GLN R 75 -71.79 34.48 -4.50
C GLN R 75 -72.94 34.42 -3.51
N ALA R 76 -74.14 34.77 -3.95
CA ALA R 76 -75.30 34.75 -3.08
C ALA R 76 -75.66 33.33 -2.66
N GLU R 77 -75.63 32.38 -3.61
CA GLU R 77 -75.93 30.99 -3.27
C GLU R 77 -74.92 30.42 -2.30
N LYS R 78 -73.64 30.76 -2.49
CA LYS R 78 -72.62 30.29 -1.55
C LYS R 78 -72.80 30.91 -0.17
N ASP R 79 -73.21 32.18 -0.12
CA ASP R 79 -73.37 32.84 1.17
C ASP R 79 -74.56 32.29 1.94
N ARG R 80 -75.67 32.02 1.25
CA ARG R 80 -76.80 31.36 1.87
C ARG R 80 -76.43 29.96 2.35
N ARG R 81 -75.56 29.26 1.60
CA ARG R 81 -75.18 27.92 2.01
C ARG R 81 -74.28 27.95 3.24
N VAL R 82 -73.36 28.91 3.31
CA VAL R 82 -72.46 28.91 4.46
C VAL R 82 -73.19 29.41 5.70
N LEU R 83 -74.15 30.33 5.54
CA LEU R 83 -74.97 30.71 6.67
C LEU R 83 -75.85 29.56 7.12
N GLN R 84 -76.31 28.73 6.18
CA GLN R 84 -77.09 27.55 6.55
C GLN R 84 -76.27 26.55 7.35
N MET R 85 -75.06 26.22 6.87
CA MET R 85 -74.19 25.30 7.61
C MET R 85 -73.81 25.85 8.98
N LEU R 86 -73.53 27.14 9.07
CA LEU R 86 -73.14 27.71 10.36
C LEU R 86 -74.32 27.73 11.33
N ARG R 87 -75.53 28.01 10.83
CA ARG R 87 -76.70 28.01 11.70
C ARG R 87 -77.00 26.62 12.22
N GLU R 88 -76.98 25.63 11.34
CA GLU R 88 -77.25 24.25 11.73
C GLU R 88 -76.20 23.73 12.69
N ASN R 89 -74.94 24.10 12.49
CA ASN R 89 -73.91 23.56 13.34
C ASN R 89 -73.90 24.23 14.72
N LEU R 90 -74.21 25.53 14.79
CA LEU R 90 -74.43 26.15 16.10
C LEU R 90 -75.60 25.52 16.84
N GLU R 91 -76.68 25.20 16.13
CA GLU R 91 -77.82 24.57 16.80
C GLU R 91 -77.48 23.17 17.29
N GLU R 92 -76.75 22.40 16.47
CA GLU R 92 -76.33 21.05 16.86
C GLU R 92 -75.39 21.09 18.05
N GLU R 93 -74.49 22.07 18.09
CA GLU R 93 -73.60 22.21 19.25
C GLU R 93 -74.37 22.57 20.50
N ALA R 94 -75.31 23.52 20.37
CA ALA R 94 -76.07 23.97 21.53
C ALA R 94 -76.97 22.86 22.07
N THR R 95 -77.36 21.92 21.21
CA THR R 95 -78.07 20.75 21.70
C THR R 95 -77.12 19.75 22.35
N ILE R 96 -76.00 19.43 21.68
CA ILE R 96 -75.24 18.26 22.08
C ILE R 96 -74.25 18.56 23.21
N MET R 97 -73.88 19.82 23.42
CA MET R 97 -72.88 20.17 24.43
C MET R 97 -73.45 20.99 25.57
N LYS R 98 -74.77 21.06 25.70
CA LYS R 98 -75.40 21.91 26.71
C LYS R 98 -75.17 21.42 28.13
N ASP R 99 -74.79 20.16 28.32
CA ASP R 99 -74.62 19.62 29.66
C ASP R 99 -73.23 19.80 30.23
N VAL R 100 -72.22 19.91 29.39
CA VAL R 100 -70.84 19.93 29.88
C VAL R 100 -70.56 21.30 30.51
N PRO R 101 -69.83 21.37 31.62
CA PRO R 101 -69.52 22.68 32.21
C PRO R 101 -68.50 23.44 31.37
N GLY R 102 -68.34 24.72 31.72
CA GLY R 102 -67.64 25.63 30.84
C GLY R 102 -68.45 25.81 29.57
N TRP R 103 -67.71 25.99 28.46
CA TRP R 103 -68.22 25.92 27.09
C TRP R 103 -69.34 26.94 26.85
N LYS R 104 -68.93 28.20 26.73
CA LYS R 104 -69.82 29.17 26.12
C LYS R 104 -70.22 28.69 24.72
N VAL R 105 -71.48 28.92 24.37
CA VAL R 105 -72.11 28.15 23.31
C VAL R 105 -71.81 28.70 21.93
N GLY R 106 -71.51 29.99 21.82
CA GLY R 106 -71.43 30.62 20.52
C GLY R 106 -70.35 31.67 20.43
N GLU R 107 -69.30 31.52 21.23
CA GLU R 107 -68.22 32.49 21.16
C GLU R 107 -67.36 32.27 19.93
N SER R 108 -67.04 33.36 19.25
CA SER R 108 -65.96 33.37 18.29
C SER R 108 -64.64 33.10 19.01
N VAL R 109 -63.76 32.37 18.32
CA VAL R 109 -62.45 32.07 18.89
C VAL R 109 -61.62 33.34 18.97
N PHE R 110 -61.79 34.25 18.02
CA PHE R 110 -60.95 35.43 17.94
C PHE R 110 -61.43 36.49 18.92
N HIS R 111 -60.59 37.49 19.12
CA HIS R 111 -60.87 38.52 20.11
C HIS R 111 -61.75 39.63 19.57
N THR R 112 -61.64 39.92 18.28
CA THR R 112 -62.43 40.95 17.65
C THR R 112 -63.71 40.35 17.10
N THR R 113 -64.43 41.11 16.28
CA THR R 113 -65.62 40.60 15.63
C THR R 113 -65.55 41.04 14.17
N ARG R 114 -64.93 40.21 13.35
CA ARG R 114 -65.05 40.35 11.90
C ARG R 114 -65.51 39.02 11.34
N TRP R 115 -65.92 39.03 10.08
CA TRP R 115 -66.35 37.78 9.49
C TRP R 115 -65.16 36.87 9.26
N VAL R 116 -64.87 36.05 10.25
CA VAL R 116 -63.81 35.06 10.16
C VAL R 116 -64.15 34.05 9.05
N THR R 117 -63.19 33.78 8.20
CA THR R 117 -63.40 32.81 7.16
C THR R 117 -63.45 31.41 7.76
N PRO R 118 -64.47 30.62 7.47
CA PRO R 118 -64.60 29.30 8.09
C PRO R 118 -63.58 28.30 7.55
N MET R 119 -63.32 27.28 8.36
CA MET R 119 -62.11 26.48 8.26
C MET R 119 -62.33 25.09 7.66
N MET R 120 -63.47 24.88 7.00
CA MET R 120 -63.92 23.58 6.47
C MET R 120 -64.11 22.52 7.54
N GLY R 121 -64.23 22.90 8.80
CA GLY R 121 -64.74 21.98 9.80
C GLY R 121 -65.94 22.56 10.48
N GLU R 122 -65.96 23.89 10.56
CA GLU R 122 -67.16 24.58 11.01
C GLU R 122 -68.24 24.48 9.96
N LEU R 123 -67.85 24.49 8.69
CA LEU R 123 -68.79 24.09 7.65
C LEU R 123 -69.08 22.61 7.73
N TYR R 124 -68.03 21.80 7.64
CA TYR R 124 -68.17 20.36 7.51
C TYR R 124 -67.61 19.71 8.77
N GLY R 125 -68.46 19.62 9.78
CA GLY R 125 -68.19 18.79 10.93
C GLY R 125 -69.30 17.76 11.06
N LEU R 126 -68.93 16.57 11.54
CA LEU R 126 -69.83 15.46 11.91
C LEU R 126 -70.76 15.04 10.78
N ARG R 127 -70.35 15.27 9.53
CA ARG R 127 -71.16 14.91 8.37
C ARG R 127 -70.92 13.48 7.90
N THR R 128 -70.09 12.73 8.63
CA THR R 128 -69.84 11.29 8.46
C THR R 128 -69.26 10.96 7.08
N GLY R 129 -68.03 11.43 6.89
CA GLY R 129 -67.14 10.88 5.89
C GLY R 129 -67.41 11.22 4.43
N GLU R 130 -68.58 10.83 3.94
CA GLU R 130 -68.84 10.89 2.51
C GLU R 130 -69.09 12.31 2.06
N GLU R 131 -69.85 13.08 2.85
CA GLU R 131 -70.10 14.47 2.49
C GLU R 131 -68.84 15.31 2.59
N ILE R 132 -68.04 15.09 3.63
CA ILE R 132 -66.84 15.89 3.79
C ILE R 132 -65.79 15.48 2.76
N LEU R 133 -65.79 14.22 2.33
CA LEU R 133 -64.89 13.83 1.27
C LEU R 133 -65.37 14.35 -0.07
N SER R 134 -66.67 14.51 -0.24
CA SER R 134 -67.18 15.10 -1.47
C SER R 134 -66.83 16.57 -1.55
N SER R 135 -66.96 17.29 -0.44
CA SER R 135 -66.73 18.72 -0.47
C SER R 135 -65.24 19.04 -0.57
N THR R 136 -64.43 18.44 0.29
CA THR R 136 -63.01 18.79 0.30
C THR R 136 -62.26 18.16 -0.86
N TYR R 137 -62.24 16.84 -0.90
CA TYR R 137 -61.30 16.10 -1.72
C TYR R 137 -61.83 15.81 -3.11
N GLY R 138 -62.95 16.43 -3.49
CA GLY R 138 -63.53 16.11 -4.79
C GLY R 138 -62.72 16.66 -5.94
N PHE R 139 -62.44 17.96 -5.91
CA PHE R 139 -61.71 18.60 -7.00
C PHE R 139 -60.28 18.10 -7.11
N ILE R 140 -59.68 17.67 -5.99
CA ILE R 140 -58.27 17.35 -5.97
C ILE R 140 -57.96 16.16 -6.87
N TRP R 141 -58.49 15.00 -6.52
CA TRP R 141 -58.17 13.82 -7.29
C TRP R 141 -59.38 13.25 -8.01
N TYR R 142 -60.54 13.86 -7.86
CA TYR R 142 -61.72 13.43 -8.59
C TYR R 142 -61.93 14.37 -9.76
N THR R 143 -62.42 13.81 -10.86
CA THR R 143 -62.59 14.46 -12.16
C THR R 143 -61.26 15.07 -12.62
N MET S 1 -57.00 9.50 -6.00
CA MET S 1 -56.77 8.12 -5.62
C MET S 1 -57.31 7.21 -6.70
N ASN S 2 -57.82 7.79 -7.78
CA ASN S 2 -58.17 6.98 -8.94
C ASN S 2 -56.93 6.36 -9.55
N LEU S 3 -55.84 7.14 -9.61
CA LEU S 3 -54.55 6.60 -10.01
C LEU S 3 -54.06 5.57 -9.01
N MET S 4 -54.42 5.70 -7.74
CA MET S 4 -54.06 4.70 -6.75
C MET S 4 -54.87 3.42 -6.94
N ILE S 5 -56.13 3.54 -7.36
CA ILE S 5 -56.95 2.38 -7.71
C ILE S 5 -56.32 1.62 -8.86
N THR S 6 -55.93 2.36 -9.90
CA THR S 6 -55.31 1.73 -11.07
C THR S 6 -53.96 1.11 -10.73
N LEU S 7 -53.18 1.78 -9.88
CA LEU S 7 -51.90 1.23 -9.43
C LEU S 7 -52.10 -0.05 -8.64
N LEU S 8 -53.18 -0.12 -7.84
CA LEU S 8 -53.49 -1.33 -7.11
C LEU S 8 -53.87 -2.46 -8.05
N THR S 9 -54.65 -2.16 -9.10
CA THR S 9 -55.04 -3.19 -10.05
C THR S 9 -53.83 -3.71 -10.84
N ASN S 10 -52.90 -2.81 -11.19
CA ASN S 10 -51.72 -3.28 -11.91
C ASN S 10 -50.78 -4.05 -11.01
N PHE S 11 -50.75 -3.72 -9.72
CA PHE S 11 -49.95 -4.51 -8.80
C PHE S 11 -50.55 -5.90 -8.61
N THR S 12 -51.88 -6.01 -8.63
CA THR S 12 -52.49 -7.33 -8.56
C THR S 12 -52.23 -8.12 -9.83
N LEU S 13 -52.20 -7.43 -10.97
CA LEU S 13 -51.79 -8.07 -12.23
C LEU S 13 -50.36 -8.59 -12.14
N ALA S 14 -49.48 -7.79 -11.55
CA ALA S 14 -48.09 -8.19 -11.43
C ALA S 14 -47.92 -9.37 -10.47
N THR S 15 -48.70 -9.39 -9.39
CA THR S 15 -48.62 -10.52 -8.46
C THR S 15 -49.18 -11.79 -9.05
N LEU S 16 -50.24 -11.69 -9.88
CA LEU S 16 -50.72 -12.92 -10.51
C LEU S 16 -49.72 -13.40 -11.56
N LEU S 17 -48.97 -12.49 -12.18
CA LEU S 17 -47.89 -12.94 -13.05
C LEU S 17 -46.74 -13.59 -12.28
N VAL S 18 -46.43 -13.10 -11.07
CA VAL S 18 -45.42 -13.73 -10.23
C VAL S 18 -45.84 -15.14 -9.83
N THR S 19 -47.08 -15.29 -9.38
CA THR S 19 -47.55 -16.59 -8.91
C THR S 19 -47.69 -17.57 -10.06
N ILE S 20 -48.13 -17.10 -11.24
CA ILE S 20 -48.24 -18.00 -12.37
C ILE S 20 -46.84 -18.33 -12.91
N ALA S 21 -45.84 -17.50 -12.61
CA ALA S 21 -44.47 -17.86 -12.96
C ALA S 21 -43.94 -18.95 -12.05
N PHE S 22 -44.05 -18.76 -10.74
CA PHE S 22 -43.42 -19.70 -9.81
C PHE S 22 -44.25 -20.95 -9.58
N TRP S 23 -45.46 -20.79 -9.03
CA TRP S 23 -46.12 -21.89 -8.35
C TRP S 23 -46.69 -22.92 -9.31
N LEU S 24 -47.41 -22.46 -10.33
CA LEU S 24 -48.35 -23.33 -11.02
C LEU S 24 -47.69 -24.37 -11.95
N PRO S 25 -46.85 -23.99 -13.00
CA PRO S 25 -46.56 -24.96 -14.08
C PRO S 25 -45.89 -26.29 -13.73
N GLN S 26 -44.67 -26.27 -13.20
CA GLN S 26 -43.92 -27.52 -12.94
C GLN S 26 -43.05 -27.34 -11.71
N LEU S 27 -42.03 -28.19 -11.59
CA LEU S 27 -41.20 -28.29 -10.41
C LEU S 27 -39.91 -27.47 -10.56
N ASN S 28 -39.05 -27.56 -9.54
CA ASN S 28 -37.94 -26.63 -9.34
C ASN S 28 -36.67 -27.34 -8.84
N VAL S 29 -36.21 -28.38 -9.55
CA VAL S 29 -35.03 -29.12 -9.12
C VAL S 29 -33.79 -28.22 -9.18
N TYR S 30 -33.11 -28.09 -8.03
CA TYR S 30 -32.02 -27.16 -7.77
C TYR S 30 -30.65 -27.81 -7.98
N SER S 31 -29.64 -27.21 -7.33
CA SER S 31 -28.24 -27.60 -7.03
C SER S 31 -27.17 -27.27 -8.07
N GLU S 32 -27.49 -26.73 -9.23
CA GLU S 32 -26.45 -26.03 -9.99
C GLU S 32 -26.94 -24.76 -10.66
N LYS S 33 -28.25 -24.64 -10.90
CA LYS S 33 -28.81 -23.52 -11.64
C LYS S 33 -28.60 -22.20 -10.93
N THR S 34 -28.43 -22.24 -9.62
CA THR S 34 -28.19 -21.09 -8.79
C THR S 34 -26.80 -20.49 -8.98
N SER S 35 -25.91 -21.15 -9.72
CA SER S 35 -24.56 -20.63 -9.91
C SER S 35 -24.58 -19.44 -10.84
N PRO S 36 -23.70 -18.46 -10.62
CA PRO S 36 -23.65 -17.28 -11.51
C PRO S 36 -22.91 -17.58 -12.80
N TYR S 37 -23.48 -17.15 -13.91
CA TYR S 37 -22.92 -17.38 -15.23
C TYR S 37 -22.22 -16.12 -15.72
N GLU S 38 -21.03 -16.29 -16.29
CA GLU S 38 -20.45 -15.23 -17.13
C GLU S 38 -20.25 -15.72 -18.55
N CYS S 39 -19.38 -16.69 -18.78
CA CYS S 39 -19.34 -17.30 -20.11
C CYS S 39 -19.02 -18.79 -20.04
N GLY S 40 -18.90 -19.38 -18.86
CA GLY S 40 -18.51 -20.76 -18.77
C GLY S 40 -17.37 -20.95 -17.80
N PHE S 41 -17.11 -19.91 -17.01
CA PHE S 41 -16.00 -19.91 -16.07
C PHE S 41 -16.48 -19.27 -14.79
N ASP S 42 -16.22 -19.91 -13.66
CA ASP S 42 -16.62 -19.34 -12.37
C ASP S 42 -15.67 -18.21 -12.01
N PRO S 43 -16.13 -16.97 -11.93
CA PRO S 43 -15.22 -15.83 -11.83
C PRO S 43 -14.67 -15.67 -10.42
N MET S 44 -13.75 -14.72 -10.28
CA MET S 44 -13.10 -14.50 -9.00
C MET S 44 -14.00 -13.69 -8.09
N GLY S 45 -14.05 -14.11 -6.82
CA GLY S 45 -14.90 -13.50 -5.82
C GLY S 45 -16.36 -13.59 -6.21
N SER S 46 -16.93 -12.46 -6.56
CA SER S 46 -18.24 -12.35 -7.19
C SER S 46 -18.27 -11.01 -7.92
N ALA S 47 -19.46 -10.54 -8.25
CA ALA S 47 -19.66 -9.12 -8.51
C ALA S 47 -19.80 -8.41 -7.15
N ARG S 48 -20.29 -7.17 -7.18
CA ARG S 48 -20.18 -6.20 -6.08
C ARG S 48 -18.72 -5.98 -5.69
N LEU S 49 -17.90 -6.04 -6.61
CA LEU S 49 -16.46 -5.81 -6.64
C LEU S 49 -16.23 -4.35 -7.02
N PRO S 50 -15.22 -3.71 -6.45
CA PRO S 50 -14.99 -2.27 -6.72
C PRO S 50 -14.71 -2.01 -8.19
N PHE S 51 -15.62 -1.25 -8.81
CA PHE S 51 -15.64 -1.03 -10.24
C PHE S 51 -15.47 0.47 -10.47
N SER S 52 -14.32 0.87 -11.00
CA SER S 52 -14.11 2.28 -11.27
C SER S 52 -14.94 2.72 -12.47
N MET S 53 -15.16 4.02 -12.57
CA MET S 53 -15.96 4.58 -13.65
C MET S 53 -15.15 5.52 -14.51
N LYS S 54 -15.62 5.71 -15.73
CA LYS S 54 -14.98 6.58 -16.69
C LYS S 54 -15.38 8.03 -16.48
N PHE S 55 -16.68 8.31 -16.55
CA PHE S 55 -17.15 9.67 -16.40
C PHE S 55 -17.09 10.11 -14.95
N PHE S 56 -16.57 11.30 -14.74
CA PHE S 56 -16.50 11.98 -13.46
C PHE S 56 -17.24 13.31 -13.50
N LEU S 57 -17.12 14.01 -14.62
CA LEU S 57 -17.80 15.29 -14.80
C LEU S 57 -19.19 15.14 -15.37
N VAL S 58 -19.48 14.05 -16.07
CA VAL S 58 -20.70 14.01 -16.86
C VAL S 58 -21.90 13.76 -15.96
N ALA S 59 -21.73 13.01 -14.87
CA ALA S 59 -22.85 12.74 -13.98
C ALA S 59 -23.23 13.97 -13.17
N ILE S 60 -22.24 14.69 -12.64
CA ILE S 60 -22.51 15.93 -11.92
C ILE S 60 -23.02 16.99 -12.90
N THR S 61 -22.55 16.94 -14.14
CA THR S 61 -23.02 17.82 -15.18
C THR S 61 -24.49 17.58 -15.47
N PHE S 62 -24.88 16.31 -15.59
CA PHE S 62 -26.29 15.91 -15.66
C PHE S 62 -27.09 16.47 -14.51
N LEU S 63 -26.52 16.39 -13.31
CA LEU S 63 -27.23 16.84 -12.12
C LEU S 63 -27.50 18.33 -12.16
N LEU S 64 -26.48 19.12 -12.50
CA LEU S 64 -26.65 20.57 -12.50
C LEU S 64 -27.52 21.03 -13.65
N PHE S 65 -27.41 20.42 -14.82
CA PHE S 65 -28.31 20.84 -15.89
C PHE S 65 -29.72 20.31 -15.70
N ASP S 66 -29.93 19.25 -14.92
CA ASP S 66 -31.28 18.87 -14.55
C ASP S 66 -31.88 19.89 -13.60
N LEU S 67 -31.06 20.42 -12.70
CA LEU S 67 -31.53 21.50 -11.84
C LEU S 67 -31.87 22.75 -12.63
N GLU S 68 -31.12 23.02 -13.69
CA GLU S 68 -31.43 24.18 -14.52
C GLU S 68 -32.64 23.94 -15.43
N ILE S 69 -32.90 22.68 -15.81
CA ILE S 69 -34.19 22.29 -16.37
C ILE S 69 -35.31 22.66 -15.40
N ALA S 70 -35.11 22.36 -14.12
CA ALA S 70 -36.11 22.64 -13.11
C ALA S 70 -36.39 24.13 -12.98
N LEU S 71 -35.35 24.95 -13.10
CA LEU S 71 -35.58 26.39 -13.18
C LEU S 71 -36.34 26.78 -14.43
N LEU S 72 -36.02 26.16 -15.56
CA LEU S 72 -36.61 26.60 -16.82
C LEU S 72 -38.04 26.12 -17.03
N LEU S 73 -38.52 25.13 -16.28
CA LEU S 73 -39.83 24.60 -16.60
C LEU S 73 -41.08 25.49 -16.44
N PRO S 74 -41.14 26.55 -15.56
CA PRO S 74 -42.27 27.48 -15.62
C PRO S 74 -42.09 28.62 -16.62
N LEU S 75 -41.63 28.29 -17.80
CA LEU S 75 -41.78 29.19 -18.94
C LEU S 75 -43.17 29.27 -19.56
N PRO S 76 -44.01 28.22 -19.58
CA PRO S 76 -45.38 28.45 -20.09
C PRO S 76 -46.22 29.38 -19.24
N TRP S 77 -46.26 29.20 -17.92
CA TRP S 77 -47.07 30.10 -17.10
C TRP S 77 -46.49 31.50 -17.02
N ALA S 78 -45.17 31.65 -17.21
CA ALA S 78 -44.58 32.98 -17.14
C ALA S 78 -45.01 33.83 -18.32
N SER S 79 -45.32 33.21 -19.46
CA SER S 79 -45.55 33.88 -20.73
C SER S 79 -46.79 34.75 -20.77
N GLN S 80 -47.51 34.92 -19.67
CA GLN S 80 -48.68 35.78 -19.63
C GLN S 80 -48.58 36.71 -18.42
N THR S 81 -47.88 37.82 -18.63
CA THR S 81 -47.66 38.83 -17.61
C THR S 81 -47.78 40.20 -18.23
N THR S 82 -47.76 41.22 -17.38
CA THR S 82 -47.72 42.58 -17.87
C THR S 82 -46.31 43.08 -18.10
N ASN S 83 -45.33 42.48 -17.42
CA ASN S 83 -43.93 42.89 -17.52
C ASN S 83 -43.22 41.94 -18.49
N LEU S 84 -43.50 42.14 -19.77
CA LEU S 84 -43.06 41.19 -20.79
C LEU S 84 -41.57 41.26 -21.04
N ASN S 85 -41.03 42.47 -21.19
CA ASN S 85 -39.63 42.65 -21.52
C ASN S 85 -38.71 42.16 -20.40
N THR S 86 -39.16 42.29 -19.16
CA THR S 86 -38.36 41.80 -18.03
C THR S 86 -38.33 40.28 -18.02
N MET S 87 -39.47 39.64 -18.33
CA MET S 87 -39.52 38.19 -18.46
C MET S 87 -38.58 37.73 -19.56
N LEU S 88 -38.60 38.41 -20.70
CA LEU S 88 -37.74 38.04 -21.81
C LEU S 88 -36.28 38.23 -21.46
N THR S 89 -35.97 39.28 -20.72
CA THR S 89 -34.59 39.57 -20.35
C THR S 89 -34.04 38.51 -19.39
N MET S 90 -34.80 38.19 -18.35
CA MET S 90 -34.31 37.17 -17.40
C MET S 90 -34.31 35.77 -17.99
N ALA S 91 -35.26 35.46 -18.89
CA ALA S 91 -35.26 34.14 -19.51
C ALA S 91 -34.08 33.96 -20.44
N LEU S 92 -33.80 34.98 -21.26
CA LEU S 92 -32.62 34.93 -22.11
C LEU S 92 -31.35 34.90 -21.29
N LEU S 93 -31.35 35.54 -20.12
CA LEU S 93 -30.17 35.48 -19.27
C LEU S 93 -29.98 34.08 -18.70
N LEU S 94 -31.08 33.40 -18.37
CA LEU S 94 -30.98 32.03 -17.86
C LEU S 94 -30.43 31.07 -18.90
N ILE S 95 -30.99 31.10 -20.11
CA ILE S 95 -30.47 30.18 -21.12
C ILE S 95 -29.08 30.58 -21.59
N PHE S 96 -28.77 31.89 -21.59
CA PHE S 96 -27.46 32.33 -22.03
C PHE S 96 -26.40 31.92 -21.03
N LEU S 97 -26.72 32.03 -19.74
CA LEU S 97 -25.84 31.55 -18.70
C LEU S 97 -25.67 30.04 -18.76
N LEU S 98 -26.75 29.31 -19.06
CA LEU S 98 -26.67 27.86 -19.17
C LEU S 98 -25.75 27.45 -20.31
N ALA S 99 -25.90 28.10 -21.46
CA ALA S 99 -25.03 27.79 -22.60
C ALA S 99 -23.60 28.26 -22.37
N VAL S 100 -23.40 29.33 -21.59
CA VAL S 100 -22.05 29.74 -21.22
C VAL S 100 -21.38 28.68 -20.36
N SER S 101 -22.13 28.09 -19.43
CA SER S 101 -21.58 27.00 -18.61
C SER S 101 -21.22 25.79 -19.45
N LEU S 102 -22.12 25.41 -20.36
CA LEU S 102 -21.87 24.27 -21.25
C LEU S 102 -20.66 24.50 -22.13
N ALA S 103 -20.62 25.65 -22.81
CA ALA S 103 -19.53 25.93 -23.73
C ALA S 103 -18.23 26.18 -22.99
N TYR S 104 -18.30 26.63 -21.72
CA TYR S 104 -17.09 26.75 -20.93
C TYR S 104 -16.48 25.39 -20.64
N GLU S 105 -17.28 24.46 -20.13
CA GLU S 105 -16.70 23.14 -19.87
C GLU S 105 -16.46 22.36 -21.15
N TRP S 106 -17.01 22.82 -22.27
CA TRP S 106 -16.75 22.21 -23.56
C TRP S 106 -15.44 22.69 -24.16
N THR S 107 -15.10 23.97 -23.97
CA THR S 107 -13.81 24.49 -24.43
C THR S 107 -12.69 24.22 -23.46
N GLN S 108 -13.00 23.99 -22.19
CA GLN S 108 -11.99 23.58 -21.22
C GLN S 108 -11.86 22.07 -21.13
N LYS S 109 -12.19 21.36 -22.22
CA LYS S 109 -12.14 19.91 -22.44
C LYS S 109 -12.63 19.09 -21.25
N GLY S 110 -13.72 19.53 -20.63
CA GLY S 110 -14.28 18.75 -19.54
C GLY S 110 -14.94 17.48 -20.02
N LEU S 111 -15.37 17.45 -21.28
CA LEU S 111 -15.96 16.26 -21.85
C LEU S 111 -15.02 15.50 -22.77
N GLU S 112 -13.79 15.96 -22.94
CA GLU S 112 -12.86 15.21 -23.79
C GLU S 112 -12.01 14.23 -22.99
N TRP S 113 -12.64 13.47 -22.08
CA TRP S 113 -11.97 12.37 -21.39
C TRP S 113 -13.04 11.45 -20.82
N THR S 114 -13.13 10.24 -21.40
CA THR S 114 -13.82 9.07 -20.85
C THR S 114 -15.26 9.39 -20.46
N GLU S 115 -16.04 9.69 -21.50
CA GLU S 115 -17.22 10.50 -21.39
C GLU S 115 -18.36 9.79 -20.67
N MET T 1 -68.04 0.36 -13.07
CA MET T 1 -67.81 0.42 -14.51
C MET T 1 -66.47 1.09 -14.79
N PHE T 2 -65.99 1.86 -13.81
CA PHE T 2 -64.67 2.46 -13.89
C PHE T 2 -63.60 1.37 -13.88
N MET T 3 -63.82 0.34 -13.07
CA MET T 3 -62.97 -0.85 -13.09
C MET T 3 -63.05 -1.55 -14.44
N ILE T 4 -64.22 -1.53 -15.08
CA ILE T 4 -64.35 -2.13 -16.41
C ILE T 4 -63.53 -1.34 -17.42
N ASN T 5 -63.46 -0.02 -17.27
CA ASN T 5 -62.65 0.78 -18.18
C ASN T 5 -61.16 0.52 -17.97
N VAL T 6 -60.75 0.33 -16.71
CA VAL T 6 -59.37 -0.02 -16.41
C VAL T 6 -59.02 -1.37 -17.03
N LEU T 7 -59.95 -2.33 -16.95
CA LEU T 7 -59.71 -3.64 -17.54
C LEU T 7 -59.68 -3.58 -19.05
N THR T 8 -60.46 -2.71 -19.65
CA THR T 8 -60.38 -2.54 -21.10
C THR T 8 -59.26 -1.63 -21.53
N LEU T 9 -58.46 -1.13 -20.59
CA LEU T 9 -57.15 -0.61 -20.99
C LEU T 9 -56.05 -1.65 -20.83
N ILE T 10 -56.09 -2.45 -19.75
CA ILE T 10 -55.00 -3.39 -19.48
C ILE T 10 -55.17 -4.73 -20.18
N ILE T 11 -56.31 -5.00 -20.78
CA ILE T 11 -56.42 -6.16 -21.65
C ILE T 11 -55.85 -5.90 -23.05
N PRO T 12 -56.14 -4.80 -23.77
CA PRO T 12 -55.54 -4.64 -25.11
C PRO T 12 -54.04 -4.40 -25.12
N ILE T 13 -53.41 -4.11 -23.98
CA ILE T 13 -51.96 -3.97 -24.01
C ILE T 13 -51.29 -5.33 -24.14
N LEU T 14 -51.90 -6.38 -23.57
CA LEU T 14 -51.41 -7.75 -23.74
C LEU T 14 -51.47 -8.16 -25.20
N LEU T 15 -52.63 -8.00 -25.81
CA LEU T 15 -52.83 -8.37 -27.21
C LEU T 15 -51.96 -7.51 -28.12
N ALA T 16 -51.81 -6.24 -27.76
CA ALA T 16 -50.98 -5.32 -28.53
C ALA T 16 -49.53 -5.77 -28.55
N VAL T 17 -48.99 -6.11 -27.38
CA VAL T 17 -47.60 -6.53 -27.29
C VAL T 17 -47.36 -7.84 -28.03
N ALA T 18 -48.24 -8.83 -27.84
CA ALA T 18 -48.01 -10.15 -28.44
C ALA T 18 -48.13 -10.10 -29.96
N PHE T 19 -49.20 -9.50 -30.46
CA PHE T 19 -49.31 -9.39 -31.91
C PHE T 19 -48.30 -8.39 -32.48
N LEU T 20 -47.75 -7.49 -31.66
CA LEU T 20 -46.68 -6.65 -32.17
C LEU T 20 -45.37 -7.41 -32.26
N THR T 21 -45.13 -8.40 -31.38
CA THR T 21 -43.98 -9.28 -31.56
C THR T 21 -44.09 -10.06 -32.86
N LEU T 22 -45.29 -10.53 -33.18
CA LEU T 22 -45.55 -11.11 -34.50
C LEU T 22 -45.20 -10.13 -35.62
N VAL T 23 -45.67 -8.89 -35.48
CA VAL T 23 -45.41 -7.86 -36.48
C VAL T 23 -43.92 -7.61 -36.63
N GLU T 24 -43.19 -7.55 -35.51
CA GLU T 24 -41.75 -7.32 -35.54
C GLU T 24 -41.04 -8.41 -36.30
N ARG T 25 -41.35 -9.67 -35.96
CA ARG T 25 -40.66 -10.78 -36.60
C ARG T 25 -40.99 -10.87 -38.08
N LYS T 26 -42.26 -10.67 -38.47
CA LYS T 26 -42.58 -10.85 -39.89
C LYS T 26 -42.18 -9.66 -40.74
N VAL T 27 -42.37 -8.43 -40.23
CA VAL T 27 -41.91 -7.25 -40.95
C VAL T 27 -40.39 -7.26 -41.07
N LEU T 28 -39.70 -7.67 -40.01
CA LEU T 28 -38.26 -7.75 -40.06
C LEU T 28 -37.79 -8.86 -40.98
N GLY T 29 -38.59 -9.92 -41.11
CA GLY T 29 -38.25 -10.98 -42.05
C GLY T 29 -38.34 -10.51 -43.49
N TYR T 30 -39.49 -9.92 -43.86
CA TYR T 30 -39.62 -9.38 -45.22
C TYR T 30 -38.74 -8.18 -45.44
N MET T 31 -38.30 -7.55 -44.36
CA MET T 31 -37.30 -6.50 -44.45
C MET T 31 -35.97 -7.08 -44.87
N GLN T 32 -35.58 -8.17 -44.23
CA GLN T 32 -34.31 -8.84 -44.48
C GLN T 32 -34.47 -10.02 -45.41
N PHE T 33 -35.38 -9.91 -46.39
CA PHE T 33 -35.38 -10.71 -47.61
C PHE T 33 -35.78 -12.17 -47.38
N ARG T 34 -35.95 -12.56 -46.13
CA ARG T 34 -36.39 -13.87 -45.73
C ARG T 34 -37.89 -13.84 -45.48
N LYS T 35 -38.42 -14.89 -44.85
CA LYS T 35 -39.85 -15.00 -44.66
C LYS T 35 -40.14 -15.15 -43.18
N GLY T 36 -41.30 -14.66 -42.75
CA GLY T 36 -41.62 -14.64 -41.35
C GLY T 36 -42.29 -15.92 -40.89
N PRO T 37 -42.97 -15.88 -39.75
CA PRO T 37 -43.76 -17.04 -39.31
C PRO T 37 -44.94 -17.26 -40.22
N ASN T 38 -44.93 -18.39 -40.93
CA ASN T 38 -45.97 -18.66 -41.92
C ASN T 38 -46.63 -20.02 -41.75
N VAL T 39 -45.87 -21.02 -41.30
CA VAL T 39 -46.38 -22.39 -41.20
C VAL T 39 -47.39 -22.51 -40.07
N VAL T 40 -47.23 -21.71 -39.02
CA VAL T 40 -48.01 -21.87 -37.80
C VAL T 40 -49.43 -21.32 -38.02
N GLY T 41 -50.33 -22.21 -38.42
CA GLY T 41 -51.74 -21.91 -38.58
C GLY T 41 -52.03 -20.88 -39.65
N PRO T 42 -53.09 -20.11 -39.45
CA PRO T 42 -53.18 -18.82 -40.14
C PRO T 42 -52.04 -17.97 -39.64
N TYR T 43 -51.58 -17.08 -40.52
CA TYR T 43 -50.17 -16.83 -40.81
C TYR T 43 -49.21 -16.97 -39.63
N GLY T 44 -49.42 -16.23 -38.55
CA GLY T 44 -48.61 -16.50 -37.36
C GLY T 44 -49.33 -16.72 -36.05
N LEU T 45 -50.53 -16.13 -35.94
CA LEU T 45 -51.05 -15.51 -34.72
C LEU T 45 -50.98 -16.41 -33.49
N LEU T 46 -51.37 -17.67 -33.66
CA LEU T 46 -51.45 -18.57 -32.53
C LEU T 46 -50.04 -18.94 -32.05
N GLN T 47 -49.00 -18.70 -32.88
CA GLN T 47 -47.67 -18.96 -32.35
C GLN T 47 -47.15 -17.85 -31.42
N PRO T 48 -47.41 -16.56 -31.64
CA PRO T 48 -47.16 -15.60 -30.55
C PRO T 48 -47.99 -15.83 -29.30
N ILE T 49 -49.24 -16.29 -29.44
CA ILE T 49 -49.96 -16.81 -28.27
C ILE T 49 -49.15 -17.93 -27.60
N ALA T 50 -48.63 -18.84 -28.41
CA ALA T 50 -47.81 -19.92 -27.89
C ALA T 50 -46.48 -19.42 -27.34
N ASP T 51 -46.00 -18.27 -27.81
CA ASP T 51 -44.79 -17.70 -27.24
C ASP T 51 -45.03 -17.27 -25.81
N ALA T 52 -46.17 -16.60 -25.59
CA ALA T 52 -46.52 -16.21 -24.23
C ALA T 52 -46.74 -17.41 -23.32
N ILE T 53 -47.44 -18.43 -23.83
CA ILE T 53 -47.71 -19.62 -23.03
C ILE T 53 -46.43 -20.39 -22.73
N LYS T 54 -45.55 -20.52 -23.74
CA LYS T 54 -44.29 -21.20 -23.60
C LYS T 54 -43.39 -20.51 -22.59
N LEU T 55 -43.39 -19.19 -22.60
CA LEU T 55 -42.55 -18.47 -21.66
C LEU T 55 -43.14 -18.52 -20.25
N PHE T 56 -44.45 -18.74 -20.14
CA PHE T 56 -45.02 -18.99 -18.82
C PHE T 56 -44.82 -20.41 -18.35
N ILE T 57 -44.44 -21.32 -19.24
CA ILE T 57 -44.13 -22.68 -18.78
C ILE T 57 -42.81 -22.71 -18.01
N LYS T 58 -41.85 -21.87 -18.39
CA LYS T 58 -40.42 -22.14 -18.30
C LYS T 58 -39.87 -22.49 -16.91
N GLU T 59 -40.62 -22.22 -15.83
CA GLU T 59 -40.24 -22.55 -14.46
C GLU T 59 -38.91 -21.92 -14.06
N PRO T 60 -38.87 -20.61 -13.80
CA PRO T 60 -37.60 -19.92 -13.54
C PRO T 60 -36.92 -20.31 -12.24
N LEU T 61 -35.78 -19.66 -11.96
CA LEU T 61 -34.92 -20.09 -10.87
C LEU T 61 -34.16 -18.90 -10.31
N ARG T 62 -33.94 -18.94 -9.01
CA ARG T 62 -33.22 -17.81 -8.42
C ARG T 62 -31.73 -18.09 -8.40
N PRO T 63 -30.88 -17.10 -8.60
CA PRO T 63 -29.43 -17.31 -8.49
C PRO T 63 -28.98 -17.31 -7.03
N ALA T 64 -27.66 -17.38 -6.84
CA ALA T 64 -27.11 -17.46 -5.49
C ALA T 64 -27.07 -16.10 -4.83
N THR T 65 -26.27 -15.19 -5.38
CA THR T 65 -26.03 -13.88 -4.77
C THR T 65 -27.11 -12.86 -5.13
N SER T 66 -28.36 -13.26 -4.88
CA SER T 66 -29.51 -12.79 -5.65
C SER T 66 -30.67 -12.46 -4.71
N SER T 67 -30.45 -11.50 -3.81
CA SER T 67 -31.41 -11.06 -2.79
C SER T 67 -32.84 -10.94 -3.32
N ILE T 68 -33.70 -11.77 -2.76
CA ILE T 68 -34.93 -12.22 -3.42
C ILE T 68 -35.89 -11.06 -3.58
N SER T 69 -35.91 -10.15 -2.60
CA SER T 69 -36.85 -9.04 -2.58
C SER T 69 -36.58 -8.09 -3.73
N MET T 70 -35.35 -7.60 -3.85
CA MET T 70 -34.98 -6.73 -4.97
C MET T 70 -35.11 -7.47 -6.29
N PHE T 71 -34.77 -8.77 -6.28
CA PHE T 71 -34.73 -9.58 -7.48
C PHE T 71 -36.10 -9.69 -8.13
N ILE T 72 -37.09 -10.16 -7.37
CA ILE T 72 -38.42 -10.37 -7.93
C ILE T 72 -39.27 -9.12 -7.85
N LEU T 73 -38.80 -8.06 -7.19
CA LEU T 73 -39.54 -6.81 -7.21
C LEU T 73 -39.04 -5.80 -8.23
N ALA T 74 -37.94 -6.08 -8.94
CA ALA T 74 -37.55 -5.19 -10.04
C ALA T 74 -38.46 -5.27 -11.27
N PRO T 75 -38.68 -6.43 -11.93
CA PRO T 75 -39.48 -6.40 -13.17
C PRO T 75 -40.94 -6.16 -12.91
N ILE T 76 -41.40 -6.31 -11.68
CA ILE T 76 -42.75 -5.90 -11.29
C ILE T 76 -42.90 -4.40 -11.44
N LEU T 77 -41.91 -3.65 -10.95
CA LEU T 77 -41.92 -2.20 -11.15
C LEU T 77 -41.79 -1.85 -12.62
N ALA T 78 -41.03 -2.65 -13.38
CA ALA T 78 -40.92 -2.43 -14.83
C ALA T 78 -42.29 -2.52 -15.50
N LEU T 79 -42.98 -3.64 -15.32
CA LEU T 79 -44.24 -3.85 -16.02
C LEU T 79 -45.34 -2.93 -15.52
N THR T 80 -45.38 -2.71 -14.20
CA THR T 80 -46.43 -1.88 -13.62
C THR T 80 -46.28 -0.43 -14.07
N LEU T 81 -45.05 0.08 -14.13
CA LEU T 81 -44.91 1.46 -14.53
C LEU T 81 -45.06 1.63 -16.03
N ALA T 82 -44.62 0.63 -16.81
CA ALA T 82 -44.87 0.65 -18.24
C ALA T 82 -46.36 0.55 -18.56
N LEU T 83 -47.14 -0.02 -17.66
CA LEU T 83 -48.58 0.16 -17.78
C LEU T 83 -48.91 1.60 -17.46
N THR T 84 -48.70 1.99 -16.19
CA THR T 84 -49.30 3.19 -15.61
C THR T 84 -48.87 4.50 -16.24
N MET T 85 -47.92 4.43 -17.18
CA MET T 85 -47.79 5.51 -18.14
C MET T 85 -49.09 5.70 -18.91
N TRP T 86 -49.82 4.63 -19.22
CA TRP T 86 -50.96 4.75 -20.11
C TRP T 86 -52.20 5.33 -19.46
N ILE T 87 -52.12 5.96 -18.30
CA ILE T 87 -53.32 6.57 -17.75
C ILE T 87 -53.68 7.87 -18.48
N PRO T 88 -52.79 8.91 -18.60
CA PRO T 88 -53.31 10.16 -19.17
C PRO T 88 -53.20 10.23 -20.68
N LEU T 89 -53.05 9.10 -21.35
CA LEU T 89 -53.03 9.12 -22.81
C LEU T 89 -54.39 9.46 -23.39
N PRO T 90 -54.50 10.48 -24.22
CA PRO T 90 -55.79 10.92 -24.73
C PRO T 90 -56.19 10.18 -26.00
N MET T 91 -56.25 8.85 -25.93
CA MET T 91 -57.18 8.14 -26.78
C MET T 91 -58.55 8.74 -26.51
N PRO T 92 -59.35 9.05 -27.54
CA PRO T 92 -59.97 10.39 -27.67
C PRO T 92 -60.23 11.21 -26.42
N TYR T 93 -60.78 10.60 -25.38
CA TYR T 93 -60.88 11.25 -24.08
C TYR T 93 -60.21 10.37 -23.04
N PRO T 94 -59.15 10.83 -22.38
CA PRO T 94 -58.28 9.91 -21.61
C PRO T 94 -58.93 9.34 -20.37
N LEU T 95 -58.21 8.42 -19.71
CA LEU T 95 -58.78 7.72 -18.57
C LEU T 95 -58.96 8.66 -17.38
N ILE T 96 -57.93 9.44 -17.07
CA ILE T 96 -58.01 10.48 -16.05
C ILE T 96 -57.57 11.78 -16.68
N ASN T 97 -58.47 12.77 -16.72
CA ASN T 97 -58.17 14.08 -17.28
C ASN T 97 -57.30 14.85 -16.29
N MET T 98 -56.04 14.47 -16.20
CA MET T 98 -55.15 15.20 -15.32
C MET T 98 -54.82 16.55 -15.92
N ASN T 99 -54.51 17.51 -15.04
CA ASN T 99 -54.22 18.87 -15.46
C ASN T 99 -52.80 19.01 -16.01
N LEU T 100 -52.02 17.93 -15.96
CA LEU T 100 -50.69 17.86 -16.55
C LEU T 100 -50.33 16.40 -16.72
N GLY T 101 -49.72 16.09 -17.86
CA GLY T 101 -49.40 14.70 -18.14
C GLY T 101 -47.97 14.49 -18.60
N VAL T 102 -47.31 15.54 -19.06
CA VAL T 102 -46.06 15.30 -19.75
C VAL T 102 -44.88 15.18 -18.79
N LEU T 103 -44.93 15.91 -17.68
CA LEU T 103 -43.91 15.68 -16.66
C LEU T 103 -44.15 14.34 -15.99
N PHE T 104 -45.41 13.89 -16.01
CA PHE T 104 -45.74 12.54 -15.57
C PHE T 104 -45.17 11.49 -16.51
N MET T 105 -45.18 11.78 -17.83
CA MET T 105 -44.50 10.92 -18.81
C MET T 105 -43.02 10.79 -18.50
N LEU T 106 -42.39 11.93 -18.22
CA LEU T 106 -40.97 11.97 -17.87
C LEU T 106 -40.66 11.12 -16.65
N ALA T 107 -41.43 11.31 -15.59
CA ALA T 107 -41.17 10.62 -14.33
C ALA T 107 -41.39 9.12 -14.44
N MET T 108 -42.45 8.70 -15.13
CA MET T 108 -42.68 7.26 -15.22
C MET T 108 -41.71 6.57 -16.19
N SER T 109 -41.24 7.29 -17.22
CA SER T 109 -40.20 6.71 -18.07
C SER T 109 -38.89 6.54 -17.30
N SER T 110 -38.59 7.50 -16.43
CA SER T 110 -37.42 7.36 -15.57
C SER T 110 -37.58 6.23 -14.57
N LEU T 111 -38.81 5.99 -14.12
CA LEU T 111 -39.05 4.81 -13.27
C LEU T 111 -38.79 3.51 -14.02
N ALA T 112 -39.14 3.48 -15.31
CA ALA T 112 -38.81 2.30 -16.13
C ALA T 112 -37.30 2.09 -16.20
N VAL T 113 -36.56 3.20 -16.26
CA VAL T 113 -35.10 3.14 -16.24
C VAL T 113 -34.59 2.54 -14.93
N TYR T 114 -35.14 3.01 -13.80
CA TYR T 114 -34.69 2.49 -12.51
C TYR T 114 -35.01 1.02 -12.33
N SER T 115 -36.11 0.56 -12.90
CA SER T 115 -36.44 -0.85 -12.74
C SER T 115 -35.49 -1.72 -13.56
N ILE T 116 -35.13 -1.25 -14.77
CA ILE T 116 -34.07 -1.90 -15.54
C ILE T 116 -32.77 -1.94 -14.75
N LEU T 117 -32.45 -0.85 -14.08
CA LEU T 117 -31.22 -0.73 -13.31
C LEU T 117 -31.18 -1.69 -12.13
N TRP T 118 -32.28 -1.80 -11.41
CA TRP T 118 -32.30 -2.67 -10.24
C TRP T 118 -32.28 -4.14 -10.63
N SER T 119 -32.89 -4.49 -11.76
CA SER T 119 -32.78 -5.86 -12.24
C SER T 119 -31.34 -6.18 -12.64
N GLY T 120 -30.69 -5.26 -13.36
CA GLY T 120 -29.31 -5.44 -13.72
C GLY T 120 -28.36 -5.44 -12.53
N TRP T 121 -28.74 -4.80 -11.44
CA TRP T 121 -27.93 -4.89 -10.24
C TRP T 121 -28.10 -6.23 -9.55
N ALA T 122 -29.33 -6.51 -9.11
CA ALA T 122 -29.56 -7.66 -8.25
C ALA T 122 -29.49 -8.99 -8.98
N SER T 123 -29.37 -8.99 -10.32
CA SER T 123 -28.98 -10.21 -11.00
C SER T 123 -27.60 -10.66 -10.54
N ASN T 124 -26.68 -9.71 -10.36
CA ASN T 124 -25.44 -9.87 -9.62
C ASN T 124 -24.53 -10.91 -10.29
N SER T 125 -24.29 -10.69 -11.58
CA SER T 125 -23.50 -11.63 -12.37
C SER T 125 -22.57 -10.91 -13.35
N LYS T 126 -22.27 -9.65 -13.08
CA LYS T 126 -21.23 -8.81 -13.67
C LYS T 126 -21.51 -8.40 -15.12
N TYR T 127 -22.30 -9.18 -15.84
CA TYR T 127 -22.68 -8.76 -17.18
C TYR T 127 -23.90 -7.86 -17.13
N ALA T 128 -24.85 -8.21 -16.28
CA ALA T 128 -25.94 -7.29 -16.00
C ALA T 128 -25.44 -6.03 -15.31
N LEU T 129 -24.30 -6.12 -14.60
CA LEU T 129 -23.72 -4.91 -14.02
C LEU T 129 -23.19 -3.99 -15.11
N ILE T 130 -22.43 -4.54 -16.07
CA ILE T 130 -21.93 -3.71 -17.17
C ILE T 130 -23.08 -3.13 -17.98
N GLY T 131 -24.11 -3.94 -18.21
CA GLY T 131 -25.26 -3.45 -18.97
C GLY T 131 -26.06 -2.40 -18.22
N ALA T 132 -26.18 -2.56 -16.90
CA ALA T 132 -26.88 -1.57 -16.10
C ALA T 132 -26.14 -0.26 -16.07
N LEU T 133 -24.81 -0.31 -16.10
CA LEU T 133 -24.06 0.93 -16.13
C LEU T 133 -24.14 1.59 -17.51
N ARG T 134 -24.23 0.79 -18.57
CA ARG T 134 -24.49 1.37 -19.88
C ARG T 134 -25.87 2.00 -19.96
N ALA T 135 -26.84 1.41 -19.25
CA ALA T 135 -28.17 2.02 -19.18
C ALA T 135 -28.14 3.34 -18.41
N VAL T 136 -27.34 3.39 -17.34
CA VAL T 136 -27.09 4.64 -16.64
C VAL T 136 -26.48 5.66 -17.58
N ALA T 137 -25.58 5.22 -18.47
CA ALA T 137 -24.96 6.13 -19.43
C ALA T 137 -25.99 6.73 -20.38
N GLN T 138 -26.78 5.86 -21.01
CA GLN T 138 -27.77 6.39 -21.94
C GLN T 138 -28.97 7.04 -21.24
N THR T 139 -29.03 6.99 -19.91
CA THR T 139 -30.01 7.80 -19.20
C THR T 139 -29.46 9.15 -18.80
N ILE T 140 -28.17 9.21 -18.46
CA ILE T 140 -27.47 10.48 -18.28
C ILE T 140 -27.57 11.31 -19.55
N SER T 141 -27.42 10.67 -20.70
CA SER T 141 -27.48 11.41 -21.95
C SER T 141 -28.92 11.82 -22.30
N TYR T 142 -29.90 10.96 -22.03
CA TYR T 142 -31.22 11.24 -22.58
C TYR T 142 -32.33 11.38 -21.55
N GLU T 143 -32.09 12.16 -20.50
CA GLU T 143 -33.17 12.73 -19.71
C GLU T 143 -32.96 14.20 -19.46
N VAL T 144 -32.15 14.85 -20.28
CA VAL T 144 -32.03 16.30 -20.30
C VAL T 144 -32.57 16.87 -21.60
N THR T 145 -32.06 16.37 -22.73
CA THR T 145 -32.44 16.90 -24.04
C THR T 145 -33.91 16.65 -24.33
N LEU T 146 -34.43 15.50 -23.89
CA LEU T 146 -35.85 15.21 -24.03
C LEU T 146 -36.68 16.20 -23.23
N ALA T 147 -36.24 16.55 -22.02
CA ALA T 147 -36.99 17.46 -21.18
C ALA T 147 -37.03 18.86 -21.75
N ILE T 148 -35.89 19.34 -22.26
CA ILE T 148 -35.88 20.73 -22.70
C ILE T 148 -36.55 20.85 -24.07
N ILE T 149 -36.47 19.81 -24.91
CA ILE T 149 -37.24 19.83 -26.16
C ILE T 149 -38.74 19.78 -25.87
N LEU T 150 -39.13 19.02 -24.84
CA LEU T 150 -40.53 19.01 -24.42
C LEU T 150 -40.98 20.39 -23.96
N LEU T 151 -40.13 21.06 -23.17
CA LEU T 151 -40.38 22.44 -22.75
C LEU T 151 -40.53 23.37 -23.94
N SER T 152 -39.76 23.12 -25.00
CA SER T 152 -39.87 23.97 -26.16
C SER T 152 -41.14 23.71 -26.95
N VAL T 153 -41.52 22.44 -27.11
CA VAL T 153 -42.65 22.16 -27.99
C VAL T 153 -43.97 22.49 -27.31
N LEU T 154 -44.05 22.42 -25.99
CA LEU T 154 -45.28 22.88 -25.37
C LEU T 154 -45.16 24.32 -24.91
N LEU T 155 -43.98 24.91 -25.04
CA LEU T 155 -43.84 26.34 -24.84
C LEU T 155 -44.67 27.11 -25.84
N MET T 156 -44.78 26.58 -27.05
CA MET T 156 -45.50 27.28 -28.09
C MET T 156 -47.00 27.24 -27.87
N ASN T 157 -47.55 26.06 -27.59
CA ASN T 157 -48.99 25.91 -27.59
C ASN T 157 -49.56 25.06 -26.49
N GLY T 158 -48.73 24.53 -25.59
CA GLY T 158 -49.18 23.45 -24.73
C GLY T 158 -50.17 23.79 -23.65
N SER T 159 -49.71 24.53 -22.63
CA SER T 159 -50.39 24.69 -21.34
C SER T 159 -50.68 23.34 -20.67
N PHE T 160 -49.79 22.37 -20.88
CA PHE T 160 -49.70 21.11 -20.13
C PHE T 160 -50.89 20.16 -20.20
N THR T 161 -51.95 20.48 -20.92
CA THR T 161 -53.12 19.61 -20.95
C THR T 161 -53.34 19.08 -22.35
N LEU T 162 -53.71 17.80 -22.43
CA LEU T 162 -53.70 17.13 -23.72
C LEU T 162 -54.92 17.47 -24.55
N SER T 163 -56.03 17.82 -23.90
CA SER T 163 -57.22 18.26 -24.62
C SER T 163 -57.00 19.60 -25.31
N THR T 164 -56.37 20.54 -24.61
CA THR T 164 -55.97 21.77 -25.28
C THR T 164 -54.90 21.52 -26.32
N LEU T 165 -54.13 20.45 -26.16
CA LEU T 165 -53.13 20.13 -27.17
C LEU T 165 -53.79 19.64 -28.46
N ILE T 166 -54.86 18.86 -28.34
CA ILE T 166 -55.56 18.45 -29.55
C ILE T 166 -56.37 19.60 -30.12
N ILE T 167 -56.70 20.62 -29.31
CA ILE T 167 -57.28 21.83 -29.88
C ILE T 167 -56.23 22.62 -30.66
N THR T 168 -55.00 22.69 -30.14
CA THR T 168 -53.95 23.41 -30.87
C THR T 168 -53.52 22.69 -32.13
N GLN T 169 -53.73 21.37 -32.20
CA GLN T 169 -53.42 20.65 -33.43
C GLN T 169 -54.59 20.67 -34.40
N GLU T 170 -55.03 21.86 -34.78
CA GLU T 170 -56.23 21.92 -35.61
C GLU T 170 -55.98 22.52 -36.98
N GLN T 171 -55.36 23.70 -37.07
CA GLN T 171 -55.19 24.29 -38.39
C GLN T 171 -54.04 23.64 -39.13
N VAL T 172 -52.84 23.72 -38.59
CA VAL T 172 -51.73 22.96 -39.14
C VAL T 172 -51.18 22.07 -38.04
N TRP T 173 -50.52 21.00 -38.48
CA TRP T 173 -49.84 20.12 -37.56
C TRP T 173 -48.69 20.84 -36.89
N LEU T 174 -48.33 20.41 -35.70
CA LEU T 174 -47.24 21.05 -35.00
C LEU T 174 -45.90 20.48 -35.42
N ILE T 175 -45.88 19.57 -36.40
CA ILE T 175 -44.64 19.23 -37.07
C ILE T 175 -44.06 20.43 -37.81
N PHE T 176 -44.90 21.30 -38.36
CA PHE T 176 -44.38 22.35 -39.22
C PHE T 176 -43.83 23.56 -38.48
N PRO T 177 -44.42 24.08 -37.39
CA PRO T 177 -43.71 25.11 -36.63
C PRO T 177 -42.47 24.62 -35.92
N ALA T 178 -42.35 23.33 -35.61
CA ALA T 178 -41.09 22.83 -35.06
C ALA T 178 -40.75 21.53 -35.76
N TRP T 179 -40.10 21.62 -36.91
CA TRP T 179 -39.64 20.40 -37.56
C TRP T 179 -38.24 19.92 -37.14
N PRO T 180 -37.17 20.74 -37.04
CA PRO T 180 -35.90 20.11 -36.64
C PRO T 180 -35.87 19.78 -35.17
N LEU T 181 -36.61 20.54 -34.36
CA LEU T 181 -36.84 20.17 -32.97
C LEU T 181 -37.55 18.83 -32.88
N ALA T 182 -38.45 18.57 -33.82
CA ALA T 182 -39.11 17.28 -33.87
C ALA T 182 -38.14 16.17 -34.28
N MET T 183 -37.20 16.46 -35.19
CA MET T 183 -36.18 15.49 -35.56
C MET T 183 -35.34 15.10 -34.35
N MET T 184 -34.89 16.10 -33.60
CA MET T 184 -34.07 15.84 -32.42
C MET T 184 -34.88 15.13 -31.34
N TRP T 185 -36.17 15.46 -31.24
CA TRP T 185 -37.03 14.81 -30.27
C TRP T 185 -37.24 13.34 -30.61
N PHE T 186 -37.40 13.05 -31.89
CA PHE T 186 -37.62 11.66 -32.29
C PHE T 186 -36.38 10.83 -32.05
N ILE T 187 -35.20 11.40 -32.30
CA ILE T 187 -33.97 10.67 -32.03
C ILE T 187 -33.79 10.45 -30.54
N SER T 188 -34.12 11.46 -29.72
CA SER T 188 -33.96 11.31 -28.28
C SER T 188 -34.93 10.30 -27.70
N THR T 189 -36.18 10.29 -28.16
CA THR T 189 -37.12 9.30 -27.67
C THR T 189 -36.80 7.92 -28.18
N LEU T 190 -36.22 7.82 -29.37
CA LEU T 190 -35.75 6.54 -29.85
C LEU T 190 -34.61 6.00 -29.00
N ALA T 191 -33.79 6.90 -28.45
CA ALA T 191 -32.78 6.47 -27.49
C ALA T 191 -33.42 6.02 -26.19
N GLU T 192 -34.34 6.83 -25.66
CA GLU T 192 -34.92 6.57 -24.35
C GLU T 192 -35.80 5.32 -24.35
N THR T 193 -36.38 5.01 -25.50
CA THR T 193 -37.22 3.82 -25.65
C THR T 193 -36.41 2.55 -25.49
N ASN T 194 -35.10 2.61 -25.77
CA ASN T 194 -34.16 1.51 -25.64
C ASN T 194 -34.52 0.34 -26.52
N ARG T 195 -35.14 0.62 -27.62
CA ARG T 195 -35.09 -0.23 -28.77
C ARG T 195 -34.14 0.48 -29.72
N ALA T 196 -34.00 -0.01 -30.95
CA ALA T 196 -33.34 0.66 -32.07
C ALA T 196 -31.88 0.99 -31.81
N PRO T 197 -30.96 0.01 -31.97
CA PRO T 197 -29.52 0.26 -31.76
C PRO T 197 -28.84 1.36 -32.58
N PHE T 198 -29.59 2.10 -33.39
CA PHE T 198 -29.24 3.48 -33.71
C PHE T 198 -28.82 4.23 -32.44
N ASP T 199 -29.58 4.09 -31.36
CA ASP T 199 -29.21 4.62 -30.05
C ASP T 199 -29.56 3.64 -28.92
N LEU T 200 -29.19 2.36 -29.06
CA LEU T 200 -29.39 1.38 -27.99
C LEU T 200 -28.11 0.59 -27.73
N THR T 201 -27.67 0.57 -26.47
CA THR T 201 -26.46 -0.12 -26.04
C THR T 201 -26.75 -0.97 -24.81
N GLU T 202 -27.84 -1.74 -24.82
CA GLU T 202 -28.21 -2.53 -23.66
C GLU T 202 -28.44 -3.98 -24.04
N GLY T 203 -28.91 -4.17 -25.27
CA GLY T 203 -29.26 -5.48 -25.78
C GLY T 203 -28.22 -6.02 -26.72
N GLU T 204 -26.96 -5.91 -26.31
CA GLU T 204 -25.81 -6.03 -27.19
C GLU T 204 -25.65 -7.45 -27.74
N SER T 205 -24.78 -7.56 -28.74
CA SER T 205 -24.07 -8.78 -29.03
C SER T 205 -22.66 -8.74 -28.44
N GLU T 206 -22.20 -7.56 -28.04
CA GLU T 206 -20.95 -7.44 -27.31
C GLU T 206 -21.07 -8.01 -25.91
N LEU T 207 -22.17 -7.70 -25.23
CA LEU T 207 -22.67 -8.46 -24.10
C LEU T 207 -23.87 -9.26 -24.59
N VAL T 208 -24.61 -9.88 -23.68
CA VAL T 208 -25.86 -10.53 -24.07
C VAL T 208 -26.97 -9.86 -23.27
N SER T 209 -27.55 -8.79 -23.84
CA SER T 209 -28.77 -8.16 -23.33
C SER T 209 -28.60 -7.69 -21.87
N GLY T 210 -27.77 -6.66 -21.73
CA GLY T 210 -27.30 -6.15 -20.44
C GLY T 210 -28.28 -5.88 -19.31
N PHE T 211 -29.56 -5.80 -19.60
CA PHE T 211 -30.56 -5.73 -18.54
C PHE T 211 -30.64 -7.04 -17.77
N ASN T 212 -30.79 -8.15 -18.49
CA ASN T 212 -31.13 -9.42 -17.89
C ASN T 212 -30.34 -10.54 -18.57
N VAL T 213 -29.01 -10.38 -18.56
CA VAL T 213 -28.11 -11.37 -19.15
C VAL T 213 -28.36 -12.73 -18.54
N GLU T 214 -28.33 -12.80 -17.22
CA GLU T 214 -28.68 -14.03 -16.50
C GLU T 214 -29.70 -13.62 -15.46
N TYR T 215 -30.94 -13.48 -15.87
CA TYR T 215 -31.93 -13.19 -14.85
C TYR T 215 -32.63 -14.48 -14.43
N ALA T 216 -33.53 -14.94 -15.31
CA ALA T 216 -34.37 -16.12 -15.17
C ALA T 216 -35.31 -16.14 -16.37
N ALA T 217 -35.87 -17.30 -16.71
CA ALA T 217 -36.71 -17.34 -17.89
C ALA T 217 -38.15 -16.91 -17.63
N GLY T 218 -38.59 -16.86 -16.37
CA GLY T 218 -39.96 -16.54 -16.05
C GLY T 218 -40.34 -15.09 -16.27
N PRO T 219 -39.70 -14.17 -15.54
CA PRO T 219 -40.02 -12.75 -15.71
C PRO T 219 -39.51 -12.08 -16.99
N PHE T 220 -38.94 -12.86 -17.91
CA PHE T 220 -38.63 -12.31 -19.23
C PHE T 220 -39.87 -11.84 -19.95
N ALA T 221 -41.00 -12.48 -19.70
CA ALA T 221 -42.28 -11.99 -20.23
C ALA T 221 -42.61 -10.62 -19.67
N LEU T 222 -42.34 -10.41 -18.37
CA LEU T 222 -42.59 -9.12 -17.75
C LEU T 222 -41.74 -8.03 -18.40
N PHE T 223 -40.45 -8.32 -18.57
CA PHE T 223 -39.54 -7.32 -19.11
C PHE T 223 -39.82 -7.04 -20.57
N PHE T 224 -40.10 -8.10 -21.32
CA PHE T 224 -40.30 -8.05 -22.76
C PHE T 224 -41.57 -7.27 -23.09
N MET T 225 -42.65 -7.59 -22.38
CA MET T 225 -43.90 -6.88 -22.54
C MET T 225 -43.78 -5.44 -22.08
N ALA T 226 -42.97 -5.17 -21.05
CA ALA T 226 -42.79 -3.80 -20.59
C ALA T 226 -42.12 -2.94 -21.65
N GLU T 227 -41.07 -3.44 -22.29
CA GLU T 227 -40.42 -2.59 -23.28
C GLU T 227 -41.21 -2.48 -24.57
N TYR T 228 -42.05 -3.46 -24.90
CA TYR T 228 -42.82 -3.18 -26.10
C TYR T 228 -44.01 -2.27 -25.82
N ALA T 229 -44.49 -2.26 -24.57
CA ALA T 229 -45.39 -1.21 -24.13
C ALA T 229 -44.71 0.14 -24.18
N ASN T 230 -43.40 0.17 -23.87
CA ASN T 230 -42.63 1.41 -23.99
C ASN T 230 -42.57 1.89 -25.42
N ILE T 231 -42.43 0.97 -26.38
CA ILE T 231 -42.39 1.35 -27.79
C ILE T 231 -43.71 1.96 -28.24
N ILE T 232 -44.81 1.22 -28.04
CA ILE T 232 -46.13 1.71 -28.42
C ILE T 232 -46.47 2.98 -27.66
N MET T 233 -45.97 3.09 -26.43
CA MET T 233 -46.24 4.19 -25.53
C MET T 233 -45.68 5.49 -26.05
N MET T 234 -44.36 5.51 -26.32
CA MET T 234 -43.77 6.74 -26.83
C MET T 234 -44.18 7.03 -28.26
N ASN T 235 -44.58 6.01 -29.03
CA ASN T 235 -45.05 6.34 -30.37
C ASN T 235 -46.45 6.94 -30.34
N ILE T 236 -47.31 6.48 -29.43
CA ILE T 236 -48.62 7.10 -29.26
C ILE T 236 -48.47 8.50 -28.69
N PHE T 237 -47.50 8.69 -27.78
CA PHE T 237 -47.22 10.02 -27.27
C PHE T 237 -46.69 10.94 -28.37
N THR T 238 -45.95 10.38 -29.32
CA THR T 238 -45.52 11.15 -30.48
C THR T 238 -46.72 11.55 -31.32
N THR T 239 -47.61 10.60 -31.58
CA THR T 239 -48.73 10.80 -32.48
C THR T 239 -49.78 11.72 -31.87
N THR T 240 -49.77 11.85 -30.55
CA THR T 240 -50.53 12.92 -29.93
C THR T 240 -49.79 14.24 -29.99
N LEU T 241 -48.48 14.19 -29.73
CA LEU T 241 -47.75 15.40 -29.37
C LEU T 241 -47.53 16.30 -30.55
N PHE T 242 -46.96 15.78 -31.63
CA PHE T 242 -46.60 16.67 -32.72
C PHE T 242 -47.70 16.79 -33.76
N LEU T 243 -48.03 15.70 -34.41
CA LEU T 243 -49.10 15.67 -35.38
C LEU T 243 -50.38 15.19 -34.69
N GLY T 244 -51.45 15.06 -35.46
CA GLY T 244 -52.70 14.65 -34.86
C GLY T 244 -53.84 14.40 -35.82
N ALA T 245 -55.06 14.62 -35.34
CA ALA T 245 -56.23 14.29 -36.14
C ALA T 245 -57.37 15.23 -35.80
N PHE T 246 -58.03 15.72 -36.85
CA PHE T 246 -59.23 16.54 -36.73
C PHE T 246 -60.36 15.63 -36.29
N HIS T 247 -60.64 15.62 -34.99
CA HIS T 247 -61.68 14.75 -34.47
C HIS T 247 -63.04 15.32 -34.81
N ASN T 248 -63.95 14.44 -35.18
CA ASN T 248 -65.34 14.81 -35.28
C ASN T 248 -65.84 15.18 -33.90
N PRO T 249 -66.49 16.31 -33.74
CA PRO T 249 -67.30 16.52 -32.53
C PRO T 249 -68.38 15.46 -32.44
N TYR T 250 -68.65 15.02 -31.21
CA TYR T 250 -69.59 13.96 -30.82
C TYR T 250 -69.44 12.62 -31.56
N MET T 251 -68.33 12.39 -32.28
CA MET T 251 -67.98 11.06 -32.77
C MET T 251 -66.48 10.85 -32.67
N PRO T 252 -66.03 9.97 -31.78
CA PRO T 252 -64.59 9.79 -31.56
C PRO T 252 -63.97 8.68 -32.37
N GLU T 253 -64.76 7.85 -33.05
CA GLU T 253 -64.20 6.67 -33.70
C GLU T 253 -63.36 7.05 -34.90
N LEU T 254 -63.70 8.16 -35.57
CA LEU T 254 -62.88 8.66 -36.66
C LEU T 254 -61.54 9.18 -36.15
N TYR T 255 -61.56 9.84 -34.99
CA TYR T 255 -60.31 10.25 -34.34
C TYR T 255 -59.46 9.06 -33.99
N THR T 256 -60.10 7.99 -33.52
CA THR T 256 -59.39 6.76 -33.17
C THR T 256 -58.78 6.11 -34.41
N ILE T 257 -59.50 6.11 -35.53
CA ILE T 257 -58.98 5.56 -36.79
C ILE T 257 -57.75 6.32 -37.25
N ASN T 258 -57.86 7.65 -37.36
CA ASN T 258 -56.75 8.45 -37.88
C ASN T 258 -55.55 8.41 -36.94
N PHE T 259 -55.82 8.54 -35.65
CA PHE T 259 -54.80 8.51 -34.62
C PHE T 259 -54.07 7.17 -34.59
N THR T 260 -54.82 6.07 -34.67
CA THR T 260 -54.23 4.75 -34.56
C THR T 260 -53.42 4.39 -35.79
N ILE T 261 -53.93 4.75 -36.98
CA ILE T 261 -53.20 4.45 -38.20
C ILE T 261 -51.91 5.27 -38.27
N LYS T 262 -51.97 6.55 -37.91
CA LYS T 262 -50.75 7.36 -37.88
C LYS T 262 -49.75 6.83 -36.85
N SER T 263 -50.24 6.39 -35.68
CA SER T 263 -49.34 5.91 -34.64
C SER T 263 -48.69 4.59 -35.02
N LEU T 264 -49.44 3.69 -35.64
CA LEU T 264 -48.83 2.42 -35.95
C LEU T 264 -48.01 2.47 -37.22
N LEU T 265 -48.28 3.41 -38.13
CA LEU T 265 -47.36 3.63 -39.22
C LEU T 265 -46.05 4.22 -38.72
N LEU T 266 -46.11 5.06 -37.69
CA LEU T 266 -44.85 5.54 -37.12
C LEU T 266 -44.17 4.44 -36.31
N SER T 267 -44.93 3.50 -35.77
CA SER T 267 -44.29 2.37 -35.09
C SER T 267 -43.60 1.43 -36.06
N ILE T 268 -44.22 1.19 -37.22
CA ILE T 268 -43.56 0.44 -38.29
C ILE T 268 -42.34 1.21 -38.78
N THR T 269 -42.42 2.54 -38.80
CA THR T 269 -41.26 3.36 -39.13
C THR T 269 -40.15 3.17 -38.12
N PHE T 270 -40.51 3.09 -36.84
CA PHE T 270 -39.56 2.88 -35.77
C PHE T 270 -38.84 1.53 -35.93
N LEU T 271 -39.61 0.48 -36.20
CA LEU T 271 -39.02 -0.85 -36.36
C LEU T 271 -38.17 -0.92 -37.62
N TRP T 272 -38.61 -0.23 -38.66
CA TRP T 272 -37.87 -0.10 -39.92
C TRP T 272 -36.58 0.65 -39.73
N ILE T 273 -36.51 1.53 -38.73
CA ILE T 273 -35.24 2.18 -38.39
C ILE T 273 -34.35 1.20 -37.64
N ARG T 274 -34.95 0.38 -36.77
CA ARG T 274 -34.18 -0.63 -36.03
C ARG T 274 -33.53 -1.64 -36.96
N ALA T 275 -34.18 -1.93 -38.08
CA ALA T 275 -33.75 -3.01 -38.97
C ALA T 275 -32.38 -2.79 -39.60
N SER T 276 -31.95 -1.55 -39.80
CA SER T 276 -30.95 -1.29 -40.82
C SER T 276 -29.66 -0.64 -40.31
N TYR T 277 -29.59 -0.25 -39.05
CA TYR T 277 -28.39 0.47 -38.64
C TYR T 277 -27.60 -0.30 -37.59
N PRO T 278 -26.28 -0.11 -37.57
CA PRO T 278 -25.45 -0.81 -36.60
C PRO T 278 -25.74 -0.35 -35.17
N ARG T 279 -25.12 -1.07 -34.25
CA ARG T 279 -25.15 -0.62 -32.87
C ARG T 279 -24.27 0.61 -32.71
N PHE T 280 -24.31 1.19 -31.52
CA PHE T 280 -23.61 2.45 -31.34
C PHE T 280 -22.81 2.36 -30.06
N ARG T 281 -22.35 3.49 -29.53
CA ARG T 281 -21.15 3.51 -28.70
C ARG T 281 -21.29 4.53 -27.59
N TYR T 282 -20.97 4.08 -26.39
CA TYR T 282 -21.02 4.77 -25.09
C TYR T 282 -20.51 6.21 -25.13
N ASP T 283 -19.20 6.36 -25.35
CA ASP T 283 -18.63 7.70 -25.41
C ASP T 283 -19.01 8.39 -26.71
N GLN T 284 -19.26 7.64 -27.77
CA GLN T 284 -19.82 8.30 -28.95
C GLN T 284 -21.25 8.73 -28.71
N LEU T 285 -21.99 8.05 -27.82
CA LEU T 285 -23.32 8.53 -27.51
C LEU T 285 -23.26 9.83 -26.75
N MET T 286 -22.31 9.94 -25.82
CA MET T 286 -22.12 11.21 -25.12
C MET T 286 -21.70 12.31 -26.08
N HIS T 287 -20.73 12.01 -26.94
CA HIS T 287 -20.24 12.97 -27.91
C HIS T 287 -21.34 13.46 -28.82
N LEU T 288 -22.07 12.53 -29.43
CA LEU T 288 -23.13 12.86 -30.37
C LEU T 288 -24.23 13.65 -29.69
N LEU T 289 -24.70 13.17 -28.52
CA LEU T 289 -25.77 13.83 -27.78
C LEU T 289 -25.40 15.27 -27.41
N TRP T 290 -24.36 15.45 -26.60
CA TRP T 290 -24.03 16.77 -26.11
C TRP T 290 -23.61 17.69 -27.24
N LYS T 291 -22.53 17.32 -27.94
CA LYS T 291 -21.91 18.20 -28.91
C LYS T 291 -22.65 18.26 -30.23
N ASN T 292 -23.80 17.60 -30.39
CA ASN T 292 -24.61 17.85 -31.56
C ASN T 292 -25.97 18.41 -31.19
N PHE T 293 -26.69 17.79 -30.26
CA PHE T 293 -28.02 18.26 -29.94
C PHE T 293 -27.97 19.56 -29.15
N LEU T 294 -27.20 19.57 -28.04
CA LEU T 294 -27.58 20.44 -26.93
C LEU T 294 -27.47 21.95 -27.20
N PRO T 295 -26.47 22.49 -27.92
CA PRO T 295 -26.57 23.92 -28.25
C PRO T 295 -27.69 24.26 -29.22
N LEU T 296 -27.97 23.36 -30.17
CA LEU T 296 -29.05 23.63 -31.12
C LEU T 296 -30.41 23.58 -30.44
N THR T 297 -30.57 22.70 -29.45
CA THR T 297 -31.80 22.66 -28.69
C THR T 297 -32.01 23.92 -27.88
N LEU T 298 -30.94 24.42 -27.23
CA LEU T 298 -31.05 25.66 -26.46
C LEU T 298 -31.38 26.84 -27.34
N ALA T 299 -30.83 26.84 -28.56
CA ALA T 299 -31.17 27.88 -29.52
C ALA T 299 -32.63 27.79 -29.93
N LEU T 300 -33.15 26.57 -30.12
CA LEU T 300 -34.58 26.45 -30.40
C LEU T 300 -35.44 26.85 -29.22
N CYS T 301 -34.95 26.63 -27.99
CA CYS T 301 -35.71 27.01 -26.81
C CYS T 301 -35.83 28.52 -26.69
N MET T 302 -34.71 29.22 -26.88
CA MET T 302 -34.78 30.67 -26.81
C MET T 302 -35.52 31.25 -28.01
N TRP T 303 -35.51 30.54 -29.14
CA TRP T 303 -36.24 31.08 -30.26
C TRP T 303 -37.74 30.86 -30.13
N HIS T 304 -38.15 29.76 -29.49
CA HIS T 304 -39.55 29.63 -29.17
C HIS T 304 -39.96 30.37 -27.92
N VAL T 305 -39.02 30.91 -27.15
CA VAL T 305 -39.37 31.97 -26.22
C VAL T 305 -39.68 33.24 -27.00
N SER T 306 -38.77 33.61 -27.89
CA SER T 306 -38.86 34.88 -28.60
C SER T 306 -39.94 34.88 -29.68
N LEU T 307 -40.47 33.73 -30.06
CA LEU T 307 -41.46 33.74 -31.13
C LEU T 307 -42.83 34.26 -30.70
N PRO T 308 -43.50 33.72 -29.66
CA PRO T 308 -44.83 34.25 -29.34
C PRO T 308 -44.77 35.60 -28.68
N ILE T 309 -43.61 35.99 -28.12
CA ILE T 309 -43.48 37.33 -27.60
C ILE T 309 -43.31 38.34 -28.72
N LEU T 310 -43.03 37.89 -29.94
CA LEU T 310 -42.90 38.77 -31.08
C LEU T 310 -43.99 38.59 -32.10
N LEU T 311 -44.84 37.59 -31.97
CA LEU T 311 -45.98 37.45 -32.86
C LEU T 311 -47.30 37.54 -32.11
N SER T 312 -47.26 37.85 -30.81
CA SER T 312 -48.42 37.85 -29.91
C SER T 312 -49.15 36.52 -29.92
N SER T 313 -48.42 35.45 -30.20
CA SER T 313 -49.02 34.12 -30.30
C SER T 313 -48.90 33.37 -28.98
N ILE T 314 -49.25 34.04 -27.89
CA ILE T 314 -49.10 33.39 -26.59
C ILE T 314 -50.38 32.60 -26.36
N PRO T 315 -50.27 31.42 -25.76
CA PRO T 315 -51.44 30.59 -25.55
C PRO T 315 -52.38 31.20 -24.53
N PRO T 316 -53.63 30.82 -24.54
CA PRO T 316 -54.55 31.14 -23.44
C PRO T 316 -54.38 30.18 -22.26
N GLN T 317 -53.20 30.20 -21.67
CA GLN T 317 -52.91 29.32 -20.55
C GLN T 317 -53.64 29.82 -19.32
N THR T 318 -54.88 29.38 -19.19
CA THR T 318 -55.81 29.81 -18.16
C THR T 318 -55.32 29.31 -16.80
N MET U 1 -65.29 5.78 4.21
CA MET U 1 -64.83 5.05 5.38
C MET U 1 -63.52 5.66 5.90
N MET U 2 -62.46 5.51 5.12
CA MET U 2 -61.20 6.17 5.45
C MET U 2 -61.32 7.67 5.22
N THR U 3 -60.63 8.44 6.06
CA THR U 3 -60.57 9.88 5.87
C THR U 3 -59.18 10.44 6.07
N TYR U 4 -58.31 9.76 6.80
CA TYR U 4 -57.02 10.31 7.20
C TYR U 4 -55.95 10.09 6.16
N ILE U 5 -56.32 10.00 4.88
CA ILE U 5 -55.47 9.36 3.87
C ILE U 5 -54.19 10.16 3.62
N VAL U 6 -54.23 11.47 3.82
CA VAL U 6 -53.01 12.27 3.74
C VAL U 6 -52.09 11.92 4.91
N PHE U 7 -52.65 11.76 6.11
CA PHE U 7 -51.84 11.36 7.26
C PHE U 7 -51.31 9.95 7.11
N ILE U 8 -52.08 9.06 6.47
CA ILE U 8 -51.62 7.69 6.29
C ILE U 8 -50.49 7.63 5.26
N LEU U 9 -50.61 8.43 4.19
CA LEU U 9 -49.49 8.58 3.27
C LEU U 9 -48.26 9.17 3.95
N SER U 10 -48.47 10.08 4.89
CA SER U 10 -47.36 10.59 5.69
C SER U 10 -46.74 9.50 6.56
N ILE U 11 -47.56 8.60 7.09
CA ILE U 11 -47.05 7.50 7.92
C ILE U 11 -46.19 6.56 7.07
N ILE U 12 -46.68 6.20 5.88
CA ILE U 12 -45.90 5.38 4.96
C ILE U 12 -44.61 6.09 4.55
N PHE U 13 -44.70 7.40 4.34
CA PHE U 13 -43.55 8.23 4.03
C PHE U 13 -42.50 8.16 5.13
N VAL U 14 -42.94 8.30 6.37
CA VAL U 14 -42.00 8.30 7.48
C VAL U 14 -41.41 6.91 7.70
N MET U 15 -42.19 5.84 7.48
CA MET U 15 -41.67 4.48 7.61
C MET U 15 -40.54 4.21 6.64
N GLY U 16 -40.82 4.41 5.34
CA GLY U 16 -39.80 4.19 4.33
C GLY U 16 -38.62 5.14 4.47
N PHE U 17 -38.86 6.36 4.92
CA PHE U 17 -37.80 7.33 5.01
C PHE U 17 -36.93 7.13 6.25
N VAL U 18 -37.47 6.52 7.30
CA VAL U 18 -36.64 6.20 8.44
C VAL U 18 -35.81 4.95 8.17
N GLY U 19 -36.40 3.97 7.47
CA GLY U 19 -35.59 2.84 7.02
C GLY U 19 -34.54 3.24 6.02
N PHE U 20 -34.81 4.29 5.25
CA PHE U 20 -33.79 4.98 4.49
C PHE U 20 -32.70 5.56 5.38
N SER U 21 -33.08 6.31 6.41
CA SER U 21 -32.11 7.03 7.21
C SER U 21 -31.32 6.16 8.16
N SER U 22 -31.71 4.90 8.36
CA SER U 22 -31.00 3.99 9.25
C SER U 22 -29.67 3.49 8.69
N LYS U 23 -29.32 3.91 7.48
CA LYS U 23 -28.11 3.59 6.73
C LYS U 23 -27.81 2.12 6.57
N PRO U 24 -28.54 1.42 5.71
CA PRO U 24 -27.99 0.22 5.08
C PRO U 24 -27.15 0.60 3.89
N SER U 25 -26.79 -0.38 3.08
CA SER U 25 -26.15 -0.14 1.79
C SER U 25 -26.99 0.81 0.94
N PRO U 26 -26.35 1.71 0.18
CA PRO U 26 -27.09 2.75 -0.54
C PRO U 26 -28.00 2.24 -1.63
N ILE U 27 -27.88 0.98 -2.03
CA ILE U 27 -28.82 0.37 -2.96
C ILE U 27 -30.20 0.28 -2.33
N TYR U 28 -30.26 -0.36 -1.16
CA TYR U 28 -31.50 -0.45 -0.40
C TYR U 28 -31.92 0.91 0.12
N GLY U 29 -30.95 1.77 0.45
CA GLY U 29 -31.28 3.13 0.84
C GLY U 29 -31.98 3.90 -0.26
N GLY U 30 -31.52 3.73 -1.50
CA GLY U 30 -32.17 4.40 -2.61
C GLY U 30 -33.53 3.81 -2.92
N LEU U 31 -33.68 2.49 -2.71
CA LEU U 31 -34.99 1.87 -2.88
C LEU U 31 -36.01 2.47 -1.92
N GLY U 32 -35.68 2.49 -0.62
CA GLY U 32 -36.57 3.13 0.34
C GLY U 32 -36.72 4.62 0.12
N LEU U 33 -35.69 5.26 -0.45
CA LEU U 33 -35.72 6.69 -0.70
C LEU U 33 -36.67 7.05 -1.83
N ILE U 34 -36.64 6.31 -2.93
CA ILE U 34 -37.54 6.58 -4.05
C ILE U 34 -38.97 6.19 -3.68
N VAL U 35 -39.15 5.17 -2.85
CA VAL U 35 -40.47 4.89 -2.27
C VAL U 35 -40.96 6.10 -1.48
N SER U 36 -40.08 6.67 -0.66
CA SER U 36 -40.46 7.82 0.15
C SER U 36 -40.71 9.05 -0.71
N GLY U 37 -39.93 9.22 -1.78
CA GLY U 37 -40.12 10.38 -2.64
C GLY U 37 -41.41 10.31 -3.43
N GLY U 38 -41.76 9.10 -3.90
CA GLY U 38 -43.02 8.92 -4.59
C GLY U 38 -44.22 9.15 -3.70
N VAL U 39 -44.18 8.63 -2.48
CA VAL U 39 -45.33 8.87 -1.62
C VAL U 39 -45.35 10.29 -1.07
N GLY U 40 -44.21 10.98 -1.00
CA GLY U 40 -44.24 12.37 -0.63
C GLY U 40 -44.81 13.24 -1.73
N CYS U 41 -44.49 12.88 -2.99
CA CYS U 41 -45.15 13.47 -4.14
C CYS U 41 -46.65 13.26 -4.10
N GLY U 42 -47.08 12.06 -3.67
CA GLY U 42 -48.50 11.82 -3.48
C GLY U 42 -49.11 12.67 -2.39
N ILE U 43 -48.37 12.92 -1.31
CA ILE U 43 -48.83 13.78 -0.23
C ILE U 43 -49.09 15.19 -0.73
N VAL U 44 -48.09 15.77 -1.39
CA VAL U 44 -48.21 17.16 -1.79
C VAL U 44 -49.15 17.31 -2.98
N LEU U 45 -49.28 16.27 -3.82
CA LEU U 45 -50.29 16.32 -4.88
C LEU U 45 -51.69 16.24 -4.32
N ASN U 46 -51.91 15.38 -3.33
CA ASN U 46 -53.23 15.29 -2.72
C ASN U 46 -53.52 16.47 -1.82
N PHE U 47 -52.51 17.25 -1.45
CA PHE U 47 -52.79 18.39 -0.57
C PHE U 47 -53.26 19.62 -1.33
N GLY U 48 -52.94 19.74 -2.62
CA GLY U 48 -53.40 20.89 -3.37
C GLY U 48 -52.40 21.40 -4.39
N GLY U 49 -51.16 20.96 -4.27
CA GLY U 49 -50.13 21.38 -5.19
C GLY U 49 -50.22 20.59 -6.48
N SER U 50 -50.29 21.29 -7.60
CA SER U 50 -50.57 20.61 -8.86
C SER U 50 -49.33 19.91 -9.41
N PHE U 51 -48.31 20.69 -9.78
CA PHE U 51 -47.19 20.11 -10.49
C PHE U 51 -45.93 20.00 -9.67
N LEU U 52 -45.81 20.77 -8.60
CA LEU U 52 -44.56 20.96 -7.87
C LEU U 52 -44.04 19.64 -7.31
N GLY U 53 -44.93 18.77 -6.84
CA GLY U 53 -44.50 17.50 -6.31
C GLY U 53 -44.01 16.54 -7.37
N LEU U 54 -44.67 16.53 -8.52
CA LEU U 54 -44.25 15.62 -9.58
C LEU U 54 -42.91 16.09 -10.14
N MET U 55 -42.76 17.41 -10.22
CA MET U 55 -41.49 18.04 -10.55
C MET U 55 -40.37 17.61 -9.62
N VAL U 56 -40.59 17.75 -8.30
CA VAL U 56 -39.51 17.50 -7.37
C VAL U 56 -39.22 16.02 -7.29
N PHE U 57 -40.21 15.18 -7.57
CA PHE U 57 -39.97 13.75 -7.70
C PHE U 57 -39.02 13.47 -8.85
N LEU U 58 -39.22 14.15 -9.98
CA LEU U 58 -38.33 13.98 -11.13
C LEU U 58 -36.91 14.41 -10.83
N ILE U 59 -36.76 15.60 -10.22
CA ILE U 59 -35.43 16.15 -9.92
C ILE U 59 -34.70 15.27 -8.91
N TYR U 60 -35.40 14.93 -7.83
CA TYR U 60 -34.84 14.15 -6.76
C TYR U 60 -34.46 12.76 -7.23
N LEU U 61 -35.27 12.20 -8.12
CA LEU U 61 -34.96 10.96 -8.79
C LEU U 61 -33.63 11.02 -9.53
N GLY U 62 -33.44 12.05 -10.36
CA GLY U 62 -32.20 12.13 -11.13
C GLY U 62 -30.98 12.28 -10.25
N GLY U 63 -31.14 12.99 -9.13
CA GLY U 63 -30.10 13.00 -8.12
C GLY U 63 -29.79 11.61 -7.58
N MET U 64 -30.84 10.82 -7.31
CA MET U 64 -30.62 9.48 -6.80
C MET U 64 -30.00 8.55 -7.85
N MET U 65 -30.25 8.83 -9.13
CA MET U 65 -29.60 8.09 -10.22
C MET U 65 -28.10 8.27 -10.17
N VAL U 66 -27.65 9.52 -10.05
CA VAL U 66 -26.21 9.78 -10.01
C VAL U 66 -25.61 9.22 -8.72
N VAL U 67 -26.36 9.30 -7.61
CA VAL U 67 -25.89 8.72 -6.34
C VAL U 67 -25.73 7.21 -6.46
N PHE U 68 -26.64 6.56 -7.20
CA PHE U 68 -26.50 5.13 -7.42
C PHE U 68 -25.28 4.81 -8.27
N GLY U 69 -25.04 5.64 -9.29
CA GLY U 69 -23.86 5.44 -10.11
C GLY U 69 -22.58 5.49 -9.30
N TYR U 70 -22.50 6.44 -8.37
CA TYR U 70 -21.29 6.51 -7.57
C TYR U 70 -21.24 5.46 -6.47
N THR U 71 -22.37 4.97 -5.97
CA THR U 71 -22.25 3.91 -4.99
C THR U 71 -21.99 2.55 -5.63
N THR U 72 -22.29 2.41 -6.93
CA THR U 72 -21.73 1.28 -7.67
C THR U 72 -20.24 1.49 -7.90
N ALA U 73 -19.85 2.75 -8.10
CA ALA U 73 -18.46 3.06 -8.42
C ALA U 73 -17.52 2.78 -7.26
N MET U 74 -17.88 3.20 -6.05
CA MET U 74 -16.89 3.31 -5.00
C MET U 74 -17.11 2.37 -3.83
N ALA U 75 -18.27 2.42 -3.18
CA ALA U 75 -18.48 1.72 -1.91
C ALA U 75 -19.14 0.37 -2.17
N THR U 76 -18.32 -0.68 -2.25
CA THR U 76 -18.78 -2.04 -2.42
C THR U 76 -18.10 -2.94 -1.39
N GLU U 77 -18.85 -3.87 -0.81
CA GLU U 77 -18.30 -4.80 0.17
C GLU U 77 -17.99 -6.12 -0.52
N GLN U 78 -17.47 -7.10 0.25
CA GLN U 78 -17.50 -8.46 -0.27
C GLN U 78 -18.92 -8.99 -0.27
N TYR U 79 -19.73 -8.58 0.69
CA TYR U 79 -21.16 -8.77 0.60
C TYR U 79 -21.85 -7.60 1.30
N PRO U 80 -22.61 -6.79 0.56
CA PRO U 80 -23.19 -5.59 1.15
C PRO U 80 -24.31 -5.90 2.12
N GLU U 81 -24.57 -4.93 2.99
CA GLU U 81 -25.53 -5.13 4.07
C GLU U 81 -26.95 -4.85 3.59
N VAL U 82 -27.90 -5.53 4.23
CA VAL U 82 -29.33 -5.34 3.96
C VAL U 82 -29.85 -4.85 5.30
N TRP U 83 -31.15 -4.59 5.43
CA TRP U 83 -31.69 -4.29 6.75
C TRP U 83 -31.59 -5.50 7.67
N VAL U 84 -32.11 -6.65 7.26
CA VAL U 84 -31.95 -7.85 8.06
C VAL U 84 -30.70 -8.62 7.64
N SER U 85 -29.55 -8.08 7.97
CA SER U 85 -28.29 -8.80 7.80
C SER U 85 -27.37 -8.67 9.01
N ASN U 86 -27.37 -7.51 9.65
CA ASN U 86 -26.46 -7.18 10.72
C ASN U 86 -27.28 -6.84 11.95
N LYS U 87 -26.62 -6.79 13.11
CA LYS U 87 -27.33 -6.56 14.36
C LYS U 87 -27.77 -5.10 14.47
N VAL U 88 -26.87 -4.17 14.18
CA VAL U 88 -27.07 -2.76 14.49
C VAL U 88 -28.14 -2.16 13.58
N VAL U 89 -28.09 -2.50 12.30
CA VAL U 89 -29.04 -1.97 11.33
C VAL U 89 -30.45 -2.48 11.64
N LEU U 90 -30.55 -3.76 12.02
CA LEU U 90 -31.83 -4.35 12.38
C LEU U 90 -32.40 -3.71 13.64
N GLY U 91 -31.56 -3.46 14.63
CA GLY U 91 -32.01 -2.80 15.84
C GLY U 91 -32.50 -1.37 15.59
N THR U 92 -31.77 -0.62 14.76
CA THR U 92 -32.19 0.75 14.44
C THR U 92 -33.48 0.77 13.64
N PHE U 93 -33.65 -0.17 12.72
CA PHE U 93 -34.87 -0.21 11.92
C PHE U 93 -36.09 -0.56 12.79
N ILE U 94 -35.93 -1.55 13.67
CA ILE U 94 -37.03 -1.91 14.57
C ILE U 94 -37.37 -0.78 15.52
N THR U 95 -36.36 -0.09 16.07
CA THR U 95 -36.66 0.98 17.02
C THR U 95 -37.29 2.20 16.35
N GLY U 96 -36.85 2.53 15.12
CA GLY U 96 -37.48 3.64 14.42
C GLY U 96 -38.92 3.34 14.04
N LEU U 97 -39.17 2.12 13.56
CA LEU U 97 -40.54 1.72 13.25
C LEU U 97 -41.38 1.62 14.53
N LEU U 98 -40.74 1.30 15.67
CA LEU U 98 -41.42 1.26 16.94
C LEU U 98 -41.89 2.65 17.35
N MET U 99 -41.00 3.64 17.22
CA MET U 99 -41.38 5.01 17.55
C MET U 99 -42.49 5.51 16.63
N GLU U 100 -42.45 5.10 15.36
CA GLU U 100 -43.51 5.44 14.41
C GLU U 100 -44.86 4.87 14.82
N PHE U 101 -44.91 3.56 15.11
CA PHE U 101 -46.18 2.97 15.50
C PHE U 101 -46.65 3.48 16.86
N LEU U 102 -45.74 3.87 17.73
CA LEU U 102 -46.13 4.46 19.01
C LEU U 102 -46.77 5.82 18.81
N MET U 103 -46.23 6.62 17.87
CA MET U 103 -46.87 7.88 17.53
C MET U 103 -48.24 7.65 16.89
N VAL U 104 -48.36 6.59 16.07
CA VAL U 104 -49.65 6.23 15.48
C VAL U 104 -50.65 5.91 16.57
N TYR U 105 -50.22 5.20 17.61
CA TYR U 105 -51.09 4.85 18.73
C TYR U 105 -51.54 6.10 19.48
N TYR U 106 -50.58 6.98 19.81
CA TYR U 106 -50.94 8.16 20.60
C TYR U 106 -51.74 9.17 19.80
N VAL U 107 -51.68 9.13 18.48
CA VAL U 107 -52.56 9.99 17.70
C VAL U 107 -53.95 9.38 17.59
N LEU U 108 -54.02 8.09 17.28
CA LEU U 108 -55.29 7.44 17.03
C LEU U 108 -56.13 7.33 18.29
N LYS U 109 -55.64 6.59 19.28
CA LYS U 109 -56.46 6.18 20.39
C LYS U 109 -56.33 7.12 21.60
N ASP U 110 -55.59 8.21 21.46
CA ASP U 110 -55.41 9.14 22.57
C ASP U 110 -55.79 10.55 22.15
N LYS U 111 -55.46 11.53 22.98
CA LYS U 111 -55.84 12.92 22.73
C LYS U 111 -54.71 13.76 22.17
N GLU U 112 -53.61 13.87 22.91
CA GLU U 112 -52.63 14.91 22.61
C GLU U 112 -51.21 14.39 22.71
N VAL U 113 -50.38 14.85 21.78
CA VAL U 113 -48.97 14.46 21.69
C VAL U 113 -48.15 15.74 21.82
N GLU U 114 -47.32 15.81 22.84
CA GLU U 114 -46.73 17.08 23.25
C GLU U 114 -45.22 16.98 23.34
N ILE U 115 -44.58 16.43 22.31
CA ILE U 115 -43.13 16.27 22.39
C ILE U 115 -42.42 17.60 22.19
N VAL U 116 -42.87 18.41 21.24
CA VAL U 116 -42.23 19.72 21.03
C VAL U 116 -43.32 20.78 20.99
N PHE U 117 -44.54 20.38 20.60
CA PHE U 117 -45.68 21.28 20.58
C PHE U 117 -46.93 20.47 20.89
N LYS U 118 -47.99 21.17 21.27
CA LYS U 118 -49.25 20.49 21.57
C LYS U 118 -49.99 20.30 20.26
N PHE U 119 -49.64 19.22 19.56
CA PHE U 119 -50.18 18.98 18.23
C PHE U 119 -51.60 18.46 18.32
N ASN U 120 -52.50 19.13 17.61
CA ASN U 120 -53.92 18.80 17.67
C ASN U 120 -54.17 17.52 16.89
N GLY U 121 -54.43 16.43 17.59
CA GLY U 121 -54.59 15.18 16.89
C GLY U 121 -55.99 14.94 16.40
N MET U 122 -56.25 15.34 15.15
CA MET U 122 -57.46 14.98 14.43
C MET U 122 -57.19 15.19 12.94
N GLY U 123 -58.22 14.92 12.14
CA GLY U 123 -58.00 14.73 10.72
C GLY U 123 -57.75 16.00 9.95
N ASP U 124 -56.91 15.87 8.93
CA ASP U 124 -56.44 17.00 8.14
C ASP U 124 -57.31 17.28 6.92
N TRP U 125 -58.62 17.29 7.12
CA TRP U 125 -59.46 18.07 6.23
C TRP U 125 -59.58 19.48 6.73
N VAL U 126 -59.13 19.72 7.95
CA VAL U 126 -58.95 21.05 8.49
C VAL U 126 -57.46 21.25 8.73
N ILE U 127 -56.96 22.44 8.46
CA ILE U 127 -57.67 23.50 7.78
C ILE U 127 -57.42 23.37 6.31
N TYR U 128 -58.26 24.01 5.52
CA TYR U 128 -58.29 23.77 4.09
C TYR U 128 -59.09 24.89 3.43
N ASP U 129 -58.92 25.01 2.10
CA ASP U 129 -59.67 25.93 1.27
C ASP U 129 -61.18 25.74 1.42
N THR U 130 -61.87 26.82 1.72
CA THR U 130 -63.32 26.84 1.85
C THR U 130 -64.01 27.21 0.53
N GLY U 131 -63.59 26.57 -0.55
CA GLY U 131 -64.19 26.74 -1.85
C GLY U 131 -64.03 28.11 -2.48
N ASP U 132 -62.86 28.71 -2.36
CA ASP U 132 -62.64 30.03 -2.94
C ASP U 132 -62.50 29.94 -4.45
N SER U 133 -62.99 30.97 -5.14
CA SER U 133 -62.99 30.99 -6.60
C SER U 133 -61.59 31.21 -7.14
N GLY U 134 -60.88 30.11 -7.42
CA GLY U 134 -59.56 30.24 -7.98
C GLY U 134 -59.55 30.71 -9.42
N PHE U 135 -59.97 29.84 -10.34
CA PHE U 135 -60.01 29.96 -11.80
C PHE U 135 -58.60 29.95 -12.42
N PHE U 136 -57.55 29.95 -11.62
CA PHE U 136 -56.24 29.81 -12.23
C PHE U 136 -55.27 28.89 -11.49
N SER U 137 -55.75 28.15 -10.48
CA SER U 137 -54.98 27.09 -9.79
C SER U 137 -53.70 27.64 -9.17
N GLU U 138 -53.90 28.34 -8.05
CA GLU U 138 -53.04 29.30 -7.38
C GLU U 138 -51.53 29.10 -7.49
N GLU U 139 -51.07 27.86 -7.34
CA GLU U 139 -49.63 27.59 -7.36
C GLU U 139 -49.02 27.76 -8.73
N ALA U 140 -49.84 27.69 -9.79
CA ALA U 140 -49.33 27.97 -11.13
C ALA U 140 -48.88 29.42 -11.26
N MET U 141 -49.73 30.36 -10.84
CA MET U 141 -49.29 31.75 -10.79
C MET U 141 -48.26 31.96 -9.71
N GLY U 142 -48.32 31.14 -8.64
CA GLY U 142 -47.38 31.26 -7.56
C GLY U 142 -45.97 30.86 -7.92
N ILE U 143 -45.82 30.09 -8.99
CA ILE U 143 -44.51 29.88 -9.59
C ILE U 143 -44.30 30.85 -10.76
N ALA U 144 -45.38 31.28 -11.41
CA ALA U 144 -45.26 32.22 -12.51
C ALA U 144 -44.83 33.62 -12.08
N ALA U 145 -44.82 33.91 -10.78
CA ALA U 145 -44.26 35.18 -10.36
C ALA U 145 -42.74 35.23 -10.46
N LEU U 146 -42.08 34.07 -10.60
CA LEU U 146 -40.62 34.01 -10.57
C LEU U 146 -39.98 34.73 -11.75
N TYR U 147 -40.64 34.77 -12.89
CA TYR U 147 -40.08 35.50 -14.01
C TYR U 147 -40.69 36.88 -14.17
N SER U 148 -41.72 37.20 -13.40
CA SER U 148 -42.31 38.54 -13.46
C SER U 148 -41.64 39.46 -12.45
N TYR U 149 -41.79 39.14 -11.18
CA TYR U 149 -41.19 39.95 -10.15
C TYR U 149 -39.79 39.50 -9.77
N GLY U 150 -39.43 38.26 -10.10
CA GLY U 150 -38.20 37.69 -9.61
C GLY U 150 -36.98 38.16 -10.37
N THR U 151 -36.58 39.41 -10.14
CA THR U 151 -35.43 39.94 -10.86
C THR U 151 -34.13 39.46 -10.24
N TRP U 152 -33.88 39.89 -9.00
CA TRP U 152 -32.59 39.64 -8.33
C TRP U 152 -32.39 38.17 -7.99
N LEU U 153 -33.50 37.46 -7.76
CA LEU U 153 -33.42 36.13 -7.19
C LEU U 153 -32.88 35.12 -8.19
N VAL U 154 -33.38 35.15 -9.43
CA VAL U 154 -32.85 34.22 -10.41
C VAL U 154 -31.48 34.65 -10.92
N ILE U 155 -31.14 35.94 -10.78
CA ILE U 155 -29.79 36.38 -11.09
C ILE U 155 -28.79 35.69 -10.18
N VAL U 156 -29.04 35.74 -8.86
CA VAL U 156 -28.08 35.09 -7.96
C VAL U 156 -28.19 33.58 -8.07
N THR U 157 -29.35 33.05 -8.48
CA THR U 157 -29.50 31.62 -8.62
C THR U 157 -28.68 31.08 -9.78
N GLY U 158 -28.85 31.67 -10.95
CA GLY U 158 -28.06 31.25 -12.10
C GLY U 158 -26.59 31.53 -11.93
N TRP U 159 -26.25 32.62 -11.25
CA TRP U 159 -24.84 32.91 -11.01
C TRP U 159 -24.21 31.87 -10.12
N SER U 160 -24.91 31.46 -9.07
CA SER U 160 -24.38 30.42 -8.19
C SER U 160 -24.34 29.07 -8.88
N LEU U 161 -25.24 28.81 -9.82
CA LEU U 161 -25.18 27.52 -10.52
C LEU U 161 -24.03 27.48 -11.51
N LEU U 162 -23.75 28.60 -12.18
CA LEU U 162 -22.57 28.70 -13.03
C LEU U 162 -21.29 28.50 -12.22
N ILE U 163 -21.25 29.09 -11.03
CA ILE U 163 -20.11 28.88 -10.15
C ILE U 163 -20.03 27.42 -9.70
N GLY U 164 -21.18 26.78 -9.50
CA GLY U 164 -21.18 25.37 -9.16
C GLY U 164 -20.57 24.51 -10.24
N VAL U 165 -20.86 24.84 -11.50
CA VAL U 165 -20.31 24.09 -12.64
C VAL U 165 -18.79 24.23 -12.69
N VAL U 166 -18.29 25.46 -12.60
CA VAL U 166 -16.85 25.64 -12.70
C VAL U 166 -16.13 25.10 -11.45
N VAL U 167 -16.81 25.07 -10.31
CA VAL U 167 -16.25 24.50 -9.09
C VAL U 167 -16.04 23.01 -9.22
N ILE U 168 -17.06 22.29 -9.73
CA ILE U 168 -16.91 20.85 -9.93
C ILE U 168 -15.80 20.58 -10.94
N MET U 169 -15.72 21.42 -11.99
CA MET U 169 -14.71 21.21 -13.02
C MET U 169 -13.30 21.39 -12.46
N GLU U 170 -13.09 22.42 -11.63
CA GLU U 170 -11.74 22.66 -11.13
C GLU U 170 -11.33 21.69 -10.04
N ILE U 171 -12.28 21.20 -9.23
CA ILE U 171 -11.92 20.22 -8.22
C ILE U 171 -11.58 18.87 -8.88
N THR U 172 -12.28 18.52 -9.95
CA THR U 172 -11.88 17.33 -10.69
C THR U 172 -10.57 17.54 -11.44
N ARG U 173 -10.31 18.76 -11.92
CA ARG U 173 -9.11 19.02 -12.70
C ARG U 173 -7.87 19.08 -11.82
N GLY U 174 -8.02 19.49 -10.56
CA GLY U 174 -6.90 19.81 -9.68
C GLY U 174 -5.92 18.71 -9.30
N ASN U 175 -6.01 17.55 -9.95
CA ASN U 175 -5.02 16.48 -9.82
C ASN U 175 -3.61 16.91 -10.23
N MET V 1 -53.74 22.62 13.11
CA MET V 1 -52.41 22.12 13.40
C MET V 1 -51.96 21.16 12.33
N SER V 2 -52.92 20.39 11.80
CA SER V 2 -52.74 19.60 10.58
C SER V 2 -51.62 18.57 10.69
N LEU V 3 -51.90 17.46 11.38
CA LEU V 3 -50.96 16.44 11.87
C LEU V 3 -49.80 16.02 10.97
N VAL V 4 -49.92 16.26 9.66
CA VAL V 4 -48.82 16.01 8.74
C VAL V 4 -47.59 16.86 9.09
N TYR V 5 -47.78 18.03 9.71
CA TYR V 5 -46.66 18.88 10.12
C TYR V 5 -45.77 18.18 11.14
N MET V 6 -46.39 17.64 12.19
CA MET V 6 -45.66 16.93 13.23
C MET V 6 -44.97 15.70 12.68
N ASN V 7 -45.62 15.00 11.74
CA ASN V 7 -45.04 13.78 11.22
C ASN V 7 -43.83 14.08 10.35
N ILE V 8 -43.89 15.15 9.57
CA ILE V 8 -42.71 15.49 8.77
C ILE V 8 -41.60 16.03 9.65
N MET V 9 -41.94 16.67 10.78
CA MET V 9 -40.88 17.05 11.72
C MET V 9 -40.24 15.82 12.36
N MET V 10 -41.03 14.78 12.61
CA MET V 10 -40.48 13.51 13.12
C MET V 10 -39.50 12.90 12.14
N ALA V 11 -39.90 12.84 10.86
CA ALA V 11 -39.01 12.35 9.82
C ALA V 11 -37.76 13.23 9.69
N PHE V 12 -37.92 14.54 9.92
CA PHE V 12 -36.78 15.44 9.90
C PHE V 12 -35.77 15.09 10.99
N THR V 13 -36.26 14.94 12.23
CA THR V 13 -35.36 14.66 13.34
C THR V 13 -34.64 13.33 13.15
N VAL V 14 -35.33 12.34 12.62
CA VAL V 14 -34.70 11.03 12.45
C VAL V 14 -33.68 11.07 11.31
N SER V 15 -33.98 11.80 10.23
CA SER V 15 -32.98 11.93 9.16
C SER V 15 -31.80 12.78 9.62
N LEU V 16 -32.02 13.70 10.54
CA LEU V 16 -30.92 14.48 11.09
C LEU V 16 -30.00 13.60 11.91
N THR V 17 -30.57 12.76 12.78
CA THR V 17 -29.74 11.86 13.57
C THR V 17 -29.05 10.81 12.71
N GLY V 18 -29.70 10.41 11.61
CA GLY V 18 -29.05 9.51 10.67
C GLY V 18 -27.90 10.18 9.95
N LEU V 19 -28.03 11.46 9.64
CA LEU V 19 -26.91 12.21 9.07
C LEU V 19 -25.77 12.37 10.07
N LEU V 20 -26.11 12.51 11.35
CA LEU V 20 -25.05 12.70 12.33
C LEU V 20 -24.33 11.40 12.68
N MET V 21 -25.01 10.42 13.25
CA MET V 21 -24.28 9.18 13.51
C MET V 21 -24.31 8.32 12.25
N TYR V 22 -23.16 7.83 11.84
CA TYR V 22 -23.10 6.96 10.67
C TYR V 22 -21.89 6.05 10.74
N ARG V 23 -22.05 4.85 10.17
CA ARG V 23 -21.14 3.75 10.46
C ARG V 23 -19.81 3.92 9.74
N SER V 24 -19.80 3.81 8.42
CA SER V 24 -18.55 4.00 7.69
C SER V 24 -18.65 4.75 6.37
N HIS V 25 -19.80 4.80 5.71
CA HIS V 25 -19.85 5.29 4.35
C HIS V 25 -20.10 6.78 4.31
N LEU V 26 -19.30 7.49 3.52
CA LEU V 26 -19.61 8.86 3.19
C LEU V 26 -20.81 8.93 2.26
N MET V 27 -21.03 7.88 1.46
CA MET V 27 -22.10 7.85 0.48
C MET V 27 -23.47 7.87 1.15
N SER V 28 -23.64 7.05 2.19
CA SER V 28 -24.87 7.07 2.96
C SER V 28 -25.10 8.42 3.62
N SER V 29 -24.02 9.09 4.00
CA SER V 29 -24.14 10.40 4.64
C SER V 29 -24.65 11.44 3.66
N LEU V 30 -24.10 11.46 2.45
CA LEU V 30 -24.59 12.38 1.41
C LEU V 30 -26.02 12.05 1.04
N LEU V 31 -26.33 10.75 0.98
CA LEU V 31 -27.67 10.29 0.66
C LEU V 31 -28.70 10.72 1.71
N CYS V 32 -28.37 10.61 2.98
CA CYS V 32 -29.32 11.04 4.00
C CYS V 32 -29.38 12.56 4.16
N LEU V 33 -28.32 13.28 3.79
CA LEU V 33 -28.41 14.73 3.68
C LEU V 33 -29.42 15.13 2.60
N GLU V 34 -29.35 14.45 1.46
CA GLU V 34 -30.32 14.65 0.39
C GLU V 34 -31.74 14.33 0.86
N GLY V 35 -31.87 13.32 1.72
CA GLY V 35 -33.19 12.98 2.24
C GLY V 35 -33.75 14.03 3.17
N MET V 36 -32.92 14.54 4.08
CA MET V 36 -33.36 15.57 5.02
C MET V 36 -33.72 16.86 4.30
N MET V 37 -32.99 17.15 3.21
CA MET V 37 -33.38 18.18 2.27
C MET V 37 -34.81 18.00 1.77
N LEU V 38 -35.13 16.79 1.29
CA LEU V 38 -36.47 16.51 0.78
C LEU V 38 -37.53 16.66 1.87
N SER V 39 -37.20 16.29 3.11
CA SER V 39 -38.13 16.42 4.22
C SER V 39 -38.45 17.89 4.51
N LEU V 40 -37.41 18.71 4.62
CA LEU V 40 -37.59 20.15 4.83
C LEU V 40 -38.35 20.79 3.68
N PHE V 41 -38.10 20.32 2.46
CA PHE V 41 -38.82 20.75 1.27
C PHE V 41 -40.32 20.54 1.41
N ILE V 42 -40.72 19.29 1.66
CA ILE V 42 -42.14 18.93 1.70
C ILE V 42 -42.84 19.66 2.84
N LEU V 43 -42.13 19.85 3.96
CA LEU V 43 -42.71 20.57 5.09
C LEU V 43 -42.97 22.03 4.74
N ALA V 44 -41.99 22.68 4.11
CA ALA V 44 -42.13 24.08 3.72
C ALA V 44 -43.22 24.26 2.68
N THR V 45 -43.34 23.30 1.76
CA THR V 45 -44.37 23.37 0.74
C THR V 45 -45.76 23.26 1.34
N LEU V 46 -45.95 22.34 2.29
CA LEU V 46 -47.27 22.23 2.93
C LEU V 46 -47.62 23.47 3.73
N MET V 47 -46.60 24.10 4.34
CA MET V 47 -46.80 25.38 5.01
C MET V 47 -47.32 26.46 4.07
N ILE V 48 -46.64 26.64 2.94
CA ILE V 48 -47.04 27.67 1.97
C ILE V 48 -48.40 27.35 1.38
N LEU V 49 -48.70 26.07 1.19
CA LEU V 49 -49.99 25.69 0.62
C LEU V 49 -51.14 25.93 1.59
N ASN V 50 -50.94 25.73 2.90
CA ASN V 50 -51.98 26.15 3.82
C ASN V 50 -52.11 27.65 3.87
N SER V 51 -51.00 28.38 3.71
CA SER V 51 -51.06 29.83 3.89
C SER V 51 -51.72 30.56 2.73
N HIS V 52 -51.85 29.93 1.56
CA HIS V 52 -52.07 30.60 0.27
C HIS V 52 -51.06 31.72 0.05
N PHE V 53 -49.82 31.48 0.46
CA PHE V 53 -48.76 32.47 0.38
C PHE V 53 -48.21 32.45 -1.05
N THR V 54 -49.03 32.90 -1.98
CA THR V 54 -48.76 32.63 -3.37
C THR V 54 -47.71 33.54 -3.96
N LEU V 55 -47.37 34.63 -3.29
CA LEU V 55 -46.48 35.61 -3.87
C LEU V 55 -45.04 35.10 -3.88
N ALA V 56 -44.50 34.77 -2.71
CA ALA V 56 -43.18 34.18 -2.65
C ALA V 56 -43.29 32.68 -2.42
N SER V 57 -43.71 32.00 -3.48
CA SER V 57 -43.60 30.55 -3.55
C SER V 57 -42.36 30.12 -4.30
N MET V 58 -41.34 30.97 -4.35
CA MET V 58 -40.05 30.60 -4.89
C MET V 58 -39.27 29.69 -3.96
N MET V 59 -39.69 29.62 -2.70
CA MET V 59 -39.03 28.82 -1.67
C MET V 59 -38.80 27.36 -2.03
N PRO V 60 -39.82 26.56 -2.52
CA PRO V 60 -39.53 25.15 -2.77
C PRO V 60 -38.51 24.93 -3.88
N ILE V 61 -38.73 25.53 -5.04
CA ILE V 61 -37.86 25.32 -6.19
C ILE V 61 -36.44 25.81 -5.91
N ILE V 62 -36.32 26.96 -5.24
CA ILE V 62 -35.00 27.53 -5.11
C ILE V 62 -34.23 26.91 -3.94
N LEU V 63 -34.93 26.63 -2.84
CA LEU V 63 -34.40 25.83 -1.75
C LEU V 63 -33.81 24.51 -2.26
N LEU V 64 -34.56 23.82 -3.11
CA LEU V 64 -34.07 22.51 -3.47
C LEU V 64 -33.02 22.56 -4.57
N VAL V 65 -33.05 23.55 -5.48
CA VAL V 65 -31.97 23.61 -6.46
C VAL V 65 -30.65 23.96 -5.78
N PHE V 66 -30.69 24.82 -4.77
CA PHE V 66 -29.47 25.14 -4.05
C PHE V 66 -28.99 23.96 -3.22
N ALA V 67 -29.89 23.28 -2.51
CA ALA V 67 -29.41 22.19 -1.68
C ALA V 67 -28.97 20.98 -2.52
N ALA V 68 -29.55 20.79 -3.71
CA ALA V 68 -29.07 19.72 -4.57
C ALA V 68 -27.74 20.06 -5.20
N CYS V 69 -27.45 21.36 -5.44
CA CYS V 69 -26.11 21.64 -5.94
C CYS V 69 -25.09 21.53 -4.82
N GLU V 70 -25.51 21.70 -3.56
CA GLU V 70 -24.67 21.32 -2.44
C GLU V 70 -24.36 19.82 -2.47
N ALA V 71 -25.38 19.01 -2.78
CA ALA V 71 -25.15 17.57 -2.92
C ALA V 71 -24.22 17.25 -4.09
N ALA V 72 -24.27 18.07 -5.15
CA ALA V 72 -23.35 17.89 -6.27
C ALA V 72 -21.91 18.17 -5.84
N LEU V 73 -21.72 19.23 -5.06
CA LEU V 73 -20.42 19.54 -4.48
C LEU V 73 -19.91 18.38 -3.64
N GLY V 74 -20.80 17.77 -2.84
CA GLY V 74 -20.41 16.65 -2.02
C GLY V 74 -20.02 15.42 -2.83
N LEU V 75 -20.72 15.18 -3.93
CA LEU V 75 -20.32 14.05 -4.77
C LEU V 75 -18.98 14.29 -5.44
N SER V 76 -18.66 15.54 -5.78
CA SER V 76 -17.32 15.82 -6.32
C SER V 76 -16.24 15.54 -5.28
N LEU V 77 -16.48 15.96 -4.04
CA LEU V 77 -15.49 15.72 -2.99
C LEU V 77 -15.38 14.24 -2.66
N LEU V 78 -16.47 13.49 -2.75
CA LEU V 78 -16.39 12.06 -2.57
C LEU V 78 -15.62 11.39 -3.70
N VAL V 79 -15.69 11.96 -4.91
CA VAL V 79 -14.86 11.47 -6.01
C VAL V 79 -13.39 11.65 -5.70
N MET V 80 -13.01 12.82 -5.16
CA MET V 80 -11.61 13.03 -4.81
C MET V 80 -11.17 12.10 -3.69
N VAL V 81 -12.04 11.87 -2.71
CA VAL V 81 -11.73 10.96 -1.59
C VAL V 81 -11.50 9.54 -2.09
N SER V 82 -12.42 9.04 -2.91
CA SER V 82 -12.23 7.68 -3.40
C SER V 82 -11.17 7.60 -4.48
N ASN V 83 -10.69 8.74 -4.98
CA ASN V 83 -9.54 8.72 -5.87
C ASN V 83 -8.25 8.55 -5.08
N THR V 84 -8.12 9.24 -3.96
CA THR V 84 -6.87 9.14 -3.22
C THR V 84 -6.80 7.92 -2.30
N TYR V 85 -7.80 7.03 -2.32
CA TYR V 85 -7.74 5.79 -1.54
C TYR V 85 -8.45 4.69 -2.30
N GLY V 86 -8.41 3.49 -1.75
CA GLY V 86 -9.30 2.43 -2.18
C GLY V 86 -10.58 2.48 -1.38
N THR V 87 -10.45 2.34 -0.07
CA THR V 87 -11.59 2.35 0.84
C THR V 87 -11.78 3.74 1.42
N ASP V 88 -13.03 4.10 1.64
CA ASP V 88 -13.44 5.43 2.07
C ASP V 88 -14.27 5.33 3.33
N TYR V 89 -13.79 4.56 4.28
CA TYR V 89 -14.50 4.35 5.53
C TYR V 89 -14.25 5.51 6.49
N VAL V 90 -14.58 5.31 7.75
CA VAL V 90 -14.04 6.16 8.80
C VAL V 90 -12.53 5.97 8.89
N GLN V 91 -12.05 4.75 8.66
CA GLN V 91 -10.64 4.56 8.37
C GLN V 91 -10.28 5.20 7.03
N ASN V 92 -8.98 5.44 6.85
CA ASN V 92 -8.43 6.31 5.80
C ASN V 92 -9.09 7.68 5.82
N LEU V 93 -9.35 8.16 7.03
CA LEU V 93 -9.61 9.55 7.30
C LEU V 93 -8.82 10.06 8.49
N ASN V 94 -8.11 9.17 9.18
CA ASN V 94 -7.50 9.49 10.45
C ASN V 94 -6.24 10.33 10.34
N LEU V 95 -5.73 10.57 9.13
CA LEU V 95 -4.65 11.54 9.03
C LEU V 95 -5.21 12.95 9.17
N LEU V 96 -4.31 13.93 9.24
CA LEU V 96 -4.59 15.32 9.59
C LEU V 96 -5.30 15.36 10.95
N GLN V 97 -4.50 15.01 11.95
CA GLN V 97 -5.00 14.66 13.26
C GLN V 97 -5.29 15.89 14.10
N CYS V 98 -6.36 15.82 14.90
CA CYS V 98 -6.76 16.92 15.76
C CYS V 98 -5.77 17.14 16.89
N MET W 1 24.58 83.75 79.26
CA MET W 1 25.73 84.54 78.90
C MET W 1 26.44 83.91 77.71
N ASN W 2 27.00 84.75 76.84
CA ASN W 2 27.47 84.32 75.54
C ASN W 2 28.77 83.53 75.61
N LEU W 3 29.59 83.77 76.64
CA LEU W 3 30.91 83.15 76.72
C LEU W 3 30.81 81.66 76.91
N PHE W 4 30.02 81.22 77.89
CA PHE W 4 29.88 79.82 78.20
C PHE W 4 29.30 79.05 77.03
N SER W 5 28.36 79.67 76.32
CA SER W 5 27.75 79.06 75.14
C SER W 5 28.76 78.88 74.02
N SER W 6 29.51 79.94 73.71
CA SER W 6 30.49 79.85 72.63
C SER W 6 31.63 78.90 72.98
N LEU W 7 32.00 78.80 74.25
CA LEU W 7 33.07 77.89 74.63
C LEU W 7 32.64 76.44 74.53
N THR W 8 31.40 76.11 74.92
CA THR W 8 30.95 74.73 74.72
C THR W 8 30.78 74.41 73.24
N LEU W 9 30.32 75.38 72.46
CA LEU W 9 30.16 75.13 71.03
C LEU W 9 31.49 74.99 70.33
N VAL W 10 32.54 75.66 70.80
CA VAL W 10 33.82 75.40 70.15
C VAL W 10 34.44 74.12 70.64
N THR W 11 34.14 73.68 71.89
CA THR W 11 34.61 72.36 72.29
C THR W 11 33.89 71.25 71.57
N LEU W 12 32.76 71.54 70.94
CA LEU W 12 32.32 70.56 69.95
C LEU W 12 32.96 70.79 68.58
N ILE W 13 32.94 72.02 68.07
CA ILE W 13 33.22 72.24 66.66
C ILE W 13 34.70 72.22 66.33
N LEU W 14 35.57 72.26 67.33
CA LEU W 14 37.00 72.10 67.11
C LEU W 14 37.42 70.65 66.96
N LEU W 15 36.47 69.72 66.87
CA LEU W 15 36.78 68.33 66.58
C LEU W 15 36.44 67.94 65.15
N THR W 16 35.54 68.69 64.52
CA THR W 16 35.07 68.35 63.18
C THR W 16 36.14 68.58 62.14
N MET W 17 37.04 69.52 62.40
CA MET W 17 37.92 70.05 61.36
C MET W 17 38.90 69.06 60.72
N PRO W 18 39.64 68.18 61.43
CA PRO W 18 40.68 67.40 60.73
C PRO W 18 40.17 66.38 59.73
N ILE W 19 38.95 65.87 59.93
CA ILE W 19 38.40 64.90 58.99
C ILE W 19 38.09 65.56 57.66
N ALA W 20 37.43 66.72 57.72
CA ALA W 20 37.20 67.51 56.52
C ALA W 20 38.51 68.02 55.93
N ALA W 21 39.54 68.18 56.77
CA ALA W 21 40.85 68.57 56.28
C ALA W 21 41.46 67.50 55.39
N ILE W 22 41.48 66.25 55.86
CA ILE W 22 42.07 65.22 55.00
C ILE W 22 41.18 64.84 53.84
N ASN W 23 39.87 65.06 53.94
CA ASN W 23 39.06 64.88 52.75
C ASN W 23 39.23 66.04 51.76
N PHE W 24 39.75 67.19 52.22
CA PHE W 24 40.06 68.29 51.33
C PHE W 24 41.56 68.61 51.28
N ASN W 25 42.43 67.63 51.51
CA ASN W 25 43.87 67.86 51.49
C ASN W 25 44.52 67.49 50.16
N THR W 26 44.43 66.21 49.77
CA THR W 26 45.10 65.50 48.67
C THR W 26 46.61 65.35 48.90
N HIS W 27 47.18 66.01 49.91
CA HIS W 27 48.58 65.85 50.28
C HIS W 27 48.67 65.16 51.62
N LYS W 28 49.90 64.77 51.99
CA LYS W 28 50.12 63.90 53.13
C LYS W 28 50.61 64.70 54.33
N PHE W 29 49.75 64.84 55.32
CA PHE W 29 50.21 65.11 56.68
C PHE W 29 50.93 63.86 57.14
N THR W 30 52.26 63.85 57.05
CA THR W 30 53.00 62.79 57.72
C THR W 30 52.91 62.97 59.24
N ASN W 31 52.75 64.20 59.69
CA ASN W 31 52.59 64.55 61.09
C ASN W 31 51.13 64.72 61.46
N TYR W 32 50.26 63.98 60.79
CA TYR W 32 48.84 63.91 61.11
C TYR W 32 48.54 63.55 62.57
N PRO W 33 49.27 62.64 63.25
CA PRO W 33 49.10 62.56 64.71
C PRO W 33 49.44 63.83 65.46
N LEU W 34 50.47 64.57 65.04
CA LEU W 34 50.77 65.83 65.72
C LEU W 34 49.63 66.83 65.54
N TYR W 35 49.00 66.80 64.36
CA TYR W 35 47.85 67.68 64.12
C TYR W 35 46.67 67.31 65.02
N VAL W 36 46.40 66.01 65.13
CA VAL W 36 45.31 65.58 65.99
C VAL W 36 45.63 65.85 67.45
N LYS W 37 46.90 65.74 67.82
CA LYS W 37 47.29 65.99 69.20
C LYS W 37 47.09 67.45 69.56
N THR W 38 47.45 68.36 68.66
CA THR W 38 47.31 69.76 69.03
C THR W 38 45.85 70.22 68.98
N THR W 39 45.00 69.61 68.13
CA THR W 39 43.59 70.02 68.22
C THR W 39 42.89 69.42 69.44
N ILE W 40 43.30 68.23 69.90
CA ILE W 40 42.73 67.72 71.14
C ILE W 40 43.24 68.53 72.34
N SER W 41 44.49 69.02 72.27
CA SER W 41 45.00 69.88 73.33
C SER W 41 44.24 71.19 73.40
N CYS W 42 43.91 71.77 72.24
CA CYS W 42 43.09 72.98 72.22
C CYS W 42 41.69 72.72 72.77
N ALA W 43 41.12 71.56 72.43
CA ALA W 43 39.80 71.22 72.94
C ALA W 43 39.81 71.04 74.45
N PHE W 44 40.86 70.45 74.99
CA PHE W 44 40.92 70.28 76.44
C PHE W 44 41.14 71.61 77.15
N ILE W 45 41.94 72.50 76.57
CA ILE W 45 42.17 73.76 77.27
C ILE W 45 40.95 74.68 77.15
N THR W 46 40.14 74.53 76.11
CA THR W 46 38.89 75.28 76.06
C THR W 46 37.75 74.54 76.75
N SER W 47 37.97 73.32 77.22
CA SER W 47 36.96 72.62 78.00
C SER W 47 37.25 72.58 79.50
N MET W 48 38.47 72.89 79.91
CA MET W 48 38.72 72.99 81.36
C MET W 48 38.11 74.27 81.92
N ILE W 49 38.04 75.31 81.10
CA ILE W 49 37.54 76.62 81.50
C ILE W 49 36.04 76.65 81.84
N PRO W 50 35.11 76.23 80.95
CA PRO W 50 33.70 76.51 81.24
C PRO W 50 33.14 75.63 82.34
N THR W 51 33.77 74.49 82.63
CA THR W 51 33.43 73.75 83.83
C THR W 51 33.76 74.56 85.08
N MET W 52 34.90 75.24 85.07
CA MET W 52 35.26 76.06 86.21
C MET W 52 34.29 77.22 86.36
N MET W 53 33.87 77.81 85.23
CA MET W 53 32.82 78.82 85.27
C MET W 53 31.48 78.25 85.75
N PHE W 54 31.21 77.00 85.38
CA PHE W 54 29.97 76.34 85.75
C PHE W 54 29.85 76.18 87.26
N ILE W 55 30.83 75.52 87.87
CA ILE W 55 30.80 75.35 89.31
C ILE W 55 31.06 76.68 90.03
N HIS W 56 31.69 77.64 89.36
CA HIS W 56 31.80 78.99 89.89
C HIS W 56 30.43 79.63 90.10
N THR W 57 29.56 79.57 89.09
CA THR W 57 28.27 80.24 89.18
C THR W 57 27.10 79.31 89.44
N GLY W 58 27.06 78.17 88.77
CA GLY W 58 25.82 77.43 88.60
C GLY W 58 25.53 77.49 87.12
N GLN W 59 24.50 78.26 86.73
CA GLN W 59 24.36 78.84 85.40
C GLN W 59 24.33 77.76 84.31
N GLU W 60 23.25 76.98 84.33
CA GLU W 60 23.23 75.84 83.42
C GLU W 60 22.61 76.29 82.12
N MET W 61 22.98 75.67 80.99
CA MET W 61 22.29 76.16 79.80
C MET W 61 22.05 75.03 78.81
N ILE W 62 21.00 75.21 78.02
CA ILE W 62 20.70 74.35 76.88
C ILE W 62 20.76 75.23 75.64
N ILE W 63 21.25 74.66 74.54
CA ILE W 63 21.27 75.36 73.27
C ILE W 63 20.50 74.50 72.26
N SER W 64 19.91 75.17 71.27
CA SER W 64 19.00 74.51 70.34
C SER W 64 18.84 75.35 69.09
N ASN W 65 19.12 74.76 67.93
CA ASN W 65 19.02 75.48 66.65
C ASN W 65 18.96 74.47 65.52
N TRP W 66 18.77 75.01 64.30
CA TRP W 66 18.90 74.29 63.03
C TRP W 66 17.91 73.12 62.96
N HIS W 67 16.64 73.48 63.02
CA HIS W 67 15.63 72.43 63.13
C HIS W 67 15.32 71.86 61.76
N TRP W 68 14.69 70.69 61.78
CA TRP W 68 14.08 70.13 60.59
C TRP W 68 12.90 69.26 60.97
N LEU W 69 11.83 69.41 60.17
CA LEU W 69 10.54 68.72 60.31
C LEU W 69 9.90 68.98 61.68
N THR W 70 9.46 70.22 61.85
CA THR W 70 8.49 70.54 62.90
C THR W 70 7.08 70.16 62.43
N ILE W 71 6.88 68.85 62.27
CA ILE W 71 5.77 68.31 61.50
C ILE W 71 4.45 68.32 62.27
N GLN W 72 4.37 67.54 63.31
CA GLN W 72 3.22 67.38 64.15
C GLN W 72 3.38 68.31 65.35
N THR W 73 2.67 67.99 66.43
CA THR W 73 2.74 68.75 67.67
C THR W 73 4.14 68.82 68.27
N LEU W 74 5.08 67.98 67.83
CA LEU W 74 6.45 68.04 68.28
C LEU W 74 7.31 68.74 67.24
N LYS W 75 8.61 68.75 67.49
CA LYS W 75 9.60 69.18 66.51
C LYS W 75 10.89 68.44 66.82
N LEU W 76 11.93 68.73 66.04
CA LEU W 76 13.28 68.33 66.39
C LEU W 76 14.29 69.25 65.75
N SER W 77 15.32 69.58 66.53
CA SER W 77 16.43 70.40 66.06
C SER W 77 17.73 69.74 66.44
N LEU W 78 18.87 70.36 66.16
CA LEU W 78 20.05 69.99 66.92
C LEU W 78 19.91 70.71 68.25
N SER W 79 19.71 69.96 69.31
CA SER W 79 19.48 70.51 70.63
C SER W 79 20.40 69.77 71.57
N PHE W 80 21.37 70.47 72.14
CA PHE W 80 22.17 69.82 73.15
C PHE W 80 22.47 70.78 74.28
N LYS W 81 22.78 70.19 75.42
CA LYS W 81 22.77 70.92 76.67
C LYS W 81 24.06 70.70 77.42
N MET W 82 24.43 71.72 78.18
CA MET W 82 25.56 71.64 79.09
C MET W 82 25.09 71.99 80.49
N ASP W 83 25.07 70.94 81.32
CA ASP W 83 24.65 70.92 82.71
C ASP W 83 25.82 70.30 83.47
N PHE W 84 25.54 69.84 84.69
CA PHE W 84 26.56 69.28 85.57
C PHE W 84 27.28 68.09 84.94
N PHE W 85 26.52 67.09 84.51
CA PHE W 85 27.11 65.91 83.90
C PHE W 85 27.75 66.25 82.56
N SER W 86 27.03 67.00 81.73
CA SER W 86 27.45 67.33 80.38
C SER W 86 28.62 68.30 80.34
N MET W 87 28.99 68.91 81.46
CA MET W 87 30.23 69.66 81.50
C MET W 87 31.34 68.90 82.20
N MET W 88 31.08 68.31 83.37
CA MET W 88 32.16 67.61 84.03
C MET W 88 32.37 66.21 83.50
N PHE W 89 31.83 65.87 82.35
CA PHE W 89 32.19 64.65 81.65
C PHE W 89 33.14 64.88 80.49
N VAL W 90 33.10 66.06 79.88
CA VAL W 90 33.86 66.33 78.67
C VAL W 90 35.38 66.34 78.89
N PRO W 91 35.98 67.07 79.86
CA PRO W 91 37.44 67.05 79.96
C PRO W 91 38.00 65.71 80.37
N VAL W 92 37.19 64.87 81.02
CA VAL W 92 37.60 63.52 81.37
C VAL W 92 37.91 62.72 80.11
N ALA W 93 36.93 62.66 79.20
CA ALA W 93 37.10 61.93 77.96
C ALA W 93 38.17 62.57 77.09
N LEU W 94 38.26 63.90 77.12
CA LEU W 94 39.26 64.58 76.29
C LEU W 94 40.68 64.30 76.76
N PHE W 95 40.92 64.36 78.06
CA PHE W 95 42.25 64.16 78.61
C PHE W 95 42.71 62.71 78.47
N VAL W 96 41.78 61.79 78.77
CA VAL W 96 42.01 60.36 78.54
C VAL W 96 42.37 60.10 77.08
N THR W 97 41.61 60.69 76.16
CA THR W 97 41.84 60.37 74.77
C THR W 97 43.08 61.07 74.24
N TRP W 98 43.49 62.18 74.84
CA TRP W 98 44.74 62.81 74.46
C TRP W 98 45.93 61.93 74.84
N SER W 99 45.86 61.32 76.02
CA SER W 99 46.91 60.38 76.36
C SER W 99 46.87 59.12 75.50
N ILE W 100 45.67 58.67 75.11
CA ILE W 100 45.62 57.51 74.23
C ILE W 100 46.12 57.86 72.83
N MET W 101 45.99 59.12 72.41
CA MET W 101 46.63 59.57 71.17
C MET W 101 48.13 59.42 71.27
N GLU W 102 48.72 59.79 72.41
CA GLU W 102 50.17 59.61 72.58
C GLU W 102 50.56 58.14 72.53
N PHE W 103 49.82 57.31 73.25
CA PHE W 103 50.12 55.88 73.28
C PHE W 103 49.89 55.24 71.92
N SER W 104 49.00 55.79 71.12
CA SER W 104 48.77 55.27 69.78
C SER W 104 49.80 55.77 68.79
N MET W 105 50.38 56.95 69.03
CA MET W 105 51.56 57.34 68.27
C MET W 105 52.68 56.34 68.47
N TRP W 106 52.85 55.86 69.70
CA TRP W 106 53.88 54.85 69.89
C TRP W 106 53.48 53.50 69.33
N TYR W 107 52.26 53.04 69.62
CA TYR W 107 51.89 51.65 69.36
C TYR W 107 51.63 51.39 67.89
N MET W 108 51.28 52.42 67.13
CA MET W 108 50.96 52.28 65.72
C MET W 108 52.11 52.84 64.90
N HIS W 109 53.33 52.49 65.33
CA HIS W 109 54.52 53.12 64.75
C HIS W 109 54.78 52.61 63.35
N SER W 110 55.01 51.31 63.22
CA SER W 110 55.39 50.75 61.93
C SER W 110 54.21 50.52 61.00
N ASP W 111 52.98 50.58 61.50
CA ASP W 111 51.83 50.25 60.67
C ASP W 111 51.53 51.37 59.69
N PRO W 112 51.56 51.12 58.39
CA PRO W 112 51.48 52.22 57.42
C PRO W 112 50.07 52.65 57.08
N ASN W 113 49.10 52.30 57.92
CA ASN W 113 47.71 52.69 57.73
C ASN W 113 47.27 53.59 58.87
N ILE W 114 48.10 54.57 59.21
CA ILE W 114 47.91 55.37 60.41
C ILE W 114 46.80 56.42 60.24
N ASN W 115 46.70 57.01 59.04
CA ASN W 115 45.80 58.14 58.84
C ASN W 115 44.34 57.72 58.94
N GLN W 116 43.98 56.60 58.31
CA GLN W 116 42.61 56.11 58.35
C GLN W 116 42.23 55.63 59.75
N PHE W 117 43.22 55.11 60.48
CA PHE W 117 43.02 54.74 61.88
C PHE W 117 42.64 55.96 62.71
N PHE W 118 43.38 57.07 62.54
CA PHE W 118 43.04 58.24 63.34
C PHE W 118 41.76 58.91 62.87
N LYS W 119 41.42 58.77 61.58
CA LYS W 119 40.13 59.25 61.11
C LYS W 119 38.98 58.53 61.80
N TYR W 120 39.05 57.19 61.84
CA TYR W 120 38.01 56.41 62.50
C TYR W 120 37.98 56.68 64.00
N LEU W 121 39.14 56.85 64.62
CA LEU W 121 39.17 57.04 66.07
C LEU W 121 38.60 58.40 66.46
N LEU W 122 38.95 59.45 65.71
CA LEU W 122 38.42 60.76 66.03
C LEU W 122 36.94 60.85 65.71
N LEU W 123 36.49 60.10 64.68
CA LEU W 123 35.07 60.06 64.37
C LEU W 123 34.29 59.38 65.50
N PHE W 124 34.89 58.34 66.08
CA PHE W 124 34.34 57.71 67.28
C PHE W 124 34.25 58.67 68.45
N LEU W 125 35.28 59.51 68.62
CA LEU W 125 35.27 60.48 69.71
C LEU W 125 34.15 61.49 69.53
N ILE W 126 33.98 61.98 68.30
CA ILE W 126 32.93 62.95 67.96
C ILE W 126 31.57 62.37 68.28
N THR W 127 31.34 61.12 67.88
CA THR W 127 30.03 60.52 68.10
C THR W 127 29.77 60.26 69.58
N MET W 128 30.82 59.92 70.34
CA MET W 128 30.61 59.72 71.77
C MET W 128 30.33 61.03 72.48
N LEU W 129 30.96 62.12 72.02
CA LEU W 129 30.72 63.41 72.64
C LEU W 129 29.31 63.90 72.34
N ILE W 130 28.86 63.71 71.11
CA ILE W 130 27.48 64.05 70.75
C ILE W 130 26.48 63.17 71.49
N LEU W 131 26.86 61.92 71.80
CA LEU W 131 26.04 61.07 72.67
C LEU W 131 25.93 61.67 74.06
N VAL W 132 27.00 62.23 74.58
CA VAL W 132 26.93 62.65 75.99
C VAL W 132 26.65 64.14 76.11
N THR W 133 26.22 64.77 75.02
CA THR W 133 25.80 66.16 75.14
C THR W 133 24.31 66.40 74.88
N ALA W 134 23.61 65.52 74.17
CA ALA W 134 22.33 65.84 73.62
C ALA W 134 21.19 65.71 74.64
N ASN W 135 20.07 66.37 74.33
CA ASN W 135 18.83 66.19 75.10
C ASN W 135 17.65 65.88 74.19
N ASN W 136 17.68 66.37 72.96
CA ASN W 136 16.77 65.89 71.94
C ASN W 136 17.08 64.41 71.72
N LEU W 137 16.23 63.53 72.22
CA LEU W 137 16.65 62.15 72.48
C LEU W 137 16.88 61.34 71.22
N PHE W 138 16.34 61.80 70.10
CA PHE W 138 16.71 61.26 68.80
C PHE W 138 18.20 61.41 68.54
N GLN W 139 18.77 62.55 68.94
CA GLN W 139 20.21 62.75 68.79
C GLN W 139 21.00 61.85 69.71
N LEU W 140 20.45 61.52 70.88
CA LEU W 140 21.07 60.53 71.75
C LEU W 140 21.12 59.17 71.07
N PHE W 141 20.07 58.83 70.35
CA PHE W 141 20.07 57.57 69.62
C PHE W 141 21.05 57.60 68.46
N ILE W 142 21.21 58.78 67.84
CA ILE W 142 22.21 58.97 66.79
C ILE W 142 23.59 58.66 67.31
N GLY W 143 23.95 59.26 68.45
CA GLY W 143 25.23 58.97 69.07
C GLY W 143 25.36 57.51 69.48
N TRP W 144 24.26 56.90 69.91
CA TRP W 144 24.27 55.51 70.38
C TRP W 144 24.69 54.54 69.27
N GLU W 145 23.93 54.54 68.18
CA GLU W 145 24.30 53.61 67.11
C GLU W 145 25.54 54.05 66.36
N GLY W 146 25.86 55.35 66.38
CA GLY W 146 27.11 55.77 65.75
C GLY W 146 28.33 55.24 66.46
N VAL W 147 28.33 55.26 67.80
CA VAL W 147 29.49 54.67 68.48
C VAL W 147 29.44 53.16 68.42
N GLY W 148 28.25 52.56 68.22
CA GLY W 148 28.21 51.14 67.89
C GLY W 148 28.96 50.82 66.59
N ILE W 149 28.76 51.64 65.57
CA ILE W 149 29.39 51.39 64.27
C ILE W 149 30.89 51.71 64.31
N MET W 150 31.25 52.79 65.00
CA MET W 150 32.65 53.12 65.13
C MET W 150 33.40 52.06 65.92
N SER W 151 32.75 51.48 66.93
CA SER W 151 33.33 50.34 67.64
C SER W 151 33.45 49.13 66.75
N PHE W 152 32.48 48.93 65.83
CA PHE W 152 32.57 47.83 64.88
C PHE W 152 33.83 47.92 64.03
N LEU W 153 34.02 49.05 63.36
CA LEU W 153 35.21 49.22 62.51
C LEU W 153 36.49 49.18 63.34
N LEU W 154 36.44 49.81 64.50
CA LEU W 154 37.65 50.05 65.27
C LEU W 154 38.09 48.79 66.01
N ILE W 155 37.17 47.88 66.32
CA ILE W 155 37.59 46.55 66.73
C ILE W 155 38.09 45.78 65.51
N GLY W 156 37.33 45.80 64.43
CA GLY W 156 37.71 45.02 63.27
C GLY W 156 38.74 45.65 62.35
N TRP W 157 39.62 46.48 62.93
CA TRP W 157 40.77 47.00 62.20
C TRP W 157 41.61 45.88 61.59
N TRP W 158 41.95 44.87 62.37
CA TRP W 158 42.69 43.76 61.82
C TRP W 158 41.79 42.88 60.97
N TYR W 159 41.65 43.22 59.70
CA TYR W 159 40.98 42.31 58.77
C TYR W 159 41.81 41.05 58.58
N GLY W 160 41.13 39.97 58.26
CA GLY W 160 41.66 38.68 58.59
C GLY W 160 41.36 38.43 60.06
N ARG W 161 41.92 37.34 60.60
CA ARG W 161 41.75 36.96 62.00
C ARG W 161 40.27 36.83 62.36
N THR W 162 39.69 35.72 61.88
CA THR W 162 38.26 35.48 61.91
C THR W 162 37.63 35.65 63.28
N ASP W 163 38.39 35.44 64.36
CA ASP W 163 37.90 35.77 65.69
C ASP W 163 37.67 37.26 65.87
N ALA W 164 38.46 38.10 65.20
CA ALA W 164 38.33 39.53 65.44
C ALA W 164 37.07 40.11 64.79
N ASN W 165 36.81 39.78 63.53
CA ASN W 165 35.56 40.25 62.97
C ASN W 165 34.37 39.44 63.46
N THR W 166 34.60 38.23 63.98
CA THR W 166 33.57 37.55 64.77
C THR W 166 33.20 38.36 66.00
N ALA W 167 34.22 38.87 66.70
CA ALA W 167 34.02 39.72 67.86
C ALA W 167 33.27 40.98 67.48
N ALA W 168 33.62 41.56 66.34
CA ALA W 168 32.96 42.76 65.87
C ALA W 168 31.50 42.51 65.57
N LEU W 169 31.20 41.34 64.99
CA LEU W 169 29.82 40.99 64.69
C LEU W 169 29.02 40.77 65.96
N GLN W 170 29.64 40.13 66.96
CA GLN W 170 28.98 39.92 68.24
C GLN W 170 28.69 41.24 68.94
N ALA W 171 29.66 42.16 68.87
CA ALA W 171 29.50 43.47 69.49
C ALA W 171 28.38 44.24 68.84
N ILE W 172 28.27 44.14 67.51
CA ILE W 172 27.20 44.90 66.86
C ILE W 172 25.85 44.23 67.12
N LEU W 173 25.86 42.92 67.40
CA LEU W 173 24.60 42.24 67.74
C LEU W 173 24.08 42.72 69.08
N TYR W 174 24.98 42.85 70.05
CA TYR W 174 24.53 43.28 71.37
C TYR W 174 24.19 44.76 71.36
N ASN W 175 24.82 45.53 70.47
CA ASN W 175 24.37 46.90 70.23
C ASN W 175 22.95 46.94 69.69
N ARG W 176 22.59 46.04 68.78
CA ARG W 176 21.21 46.10 68.30
C ARG W 176 20.20 45.62 69.35
N ILE W 177 20.62 44.80 70.31
CA ILE W 177 19.70 44.48 71.39
C ILE W 177 19.51 45.68 72.32
N GLY W 178 20.58 46.44 72.54
CA GLY W 178 20.42 47.75 73.15
C GLY W 178 19.52 48.68 72.35
N ASP W 179 19.53 48.54 71.02
CA ASP W 179 18.70 49.38 70.17
C ASP W 179 17.22 49.04 70.29
N ILE W 180 16.85 47.75 70.31
CA ILE W 180 15.43 47.40 70.47
C ILE W 180 14.90 47.85 71.82
N GLY W 181 15.71 47.69 72.88
CA GLY W 181 15.29 48.22 74.18
C GLY W 181 15.13 49.73 74.17
N PHE W 182 16.06 50.42 73.53
CA PHE W 182 16.01 51.87 73.54
C PHE W 182 14.87 52.40 72.69
N ILE W 183 14.53 51.74 71.58
CA ILE W 183 13.41 52.23 70.80
C ILE W 183 12.10 51.88 71.47
N LEU W 184 12.08 50.86 72.33
CA LEU W 184 10.88 50.66 73.15
C LEU W 184 10.68 51.82 74.10
N ALA W 185 11.76 52.26 74.74
CA ALA W 185 11.67 53.44 75.62
C ALA W 185 11.24 54.68 74.85
N MET W 186 11.81 54.86 73.65
CA MET W 186 11.46 56.01 72.83
C MET W 186 10.01 55.94 72.37
N ALA W 187 9.51 54.74 72.11
CA ALA W 187 8.12 54.56 71.68
C ALA W 187 7.15 54.95 72.77
N TRP W 188 7.42 54.48 73.98
CA TRP W 188 6.54 54.77 75.10
C TRP W 188 6.55 56.25 75.43
N PHE W 189 7.74 56.87 75.36
CA PHE W 189 7.87 58.30 75.59
C PHE W 189 7.09 59.11 74.56
N LEU W 190 7.22 58.74 73.28
CA LEU W 190 6.60 59.53 72.22
C LEU W 190 5.10 59.45 72.30
N ILE W 191 4.55 58.26 72.48
CA ILE W 191 3.10 58.14 72.44
C ILE W 191 2.47 58.63 73.73
N ASN W 192 3.10 58.43 74.89
CA ASN W 192 2.43 58.83 76.11
C ASN W 192 2.76 60.24 76.53
N LEU W 193 3.91 60.78 76.16
CA LEU W 193 4.26 62.12 76.59
C LEU W 193 4.78 62.97 75.43
N ASN W 194 4.27 62.72 74.23
CA ASN W 194 4.19 63.68 73.13
C ASN W 194 5.53 64.02 72.49
N THR W 195 6.66 63.59 73.06
CA THR W 195 7.97 63.97 72.55
C THR W 195 9.02 63.04 73.11
N TRP W 196 10.25 63.24 72.64
CA TRP W 196 11.42 62.66 73.27
C TRP W 196 12.30 63.81 73.76
N ASP W 197 11.93 64.37 74.90
CA ASP W 197 12.62 65.52 75.47
C ASP W 197 12.76 65.30 76.95
N LEU W 198 14.03 65.30 77.42
CA LEU W 198 14.35 65.04 78.81
C LEU W 198 13.68 66.05 79.73
N GLN W 199 13.57 67.29 79.26
CA GLN W 199 12.90 68.36 79.99
C GLN W 199 11.45 68.02 80.26
N GLN W 200 10.71 67.64 79.21
CA GLN W 200 9.28 67.43 79.35
C GLN W 200 8.98 66.08 79.98
N ILE W 201 9.80 65.07 79.68
CA ILE W 201 9.63 63.75 80.28
C ILE W 201 9.91 63.79 81.78
N PHE W 202 10.84 64.66 82.20
CA PHE W 202 10.97 64.88 83.64
C PHE W 202 9.86 65.78 84.17
N MET W 203 9.35 66.67 83.31
CA MET W 203 8.35 67.64 83.73
C MET W 203 7.05 66.98 84.16
N LEU W 204 6.65 65.93 83.46
CA LEU W 204 5.63 65.08 84.04
C LEU W 204 6.25 63.87 84.71
N ASN W 205 5.43 63.12 85.44
CA ASN W 205 5.84 61.86 86.04
C ASN W 205 4.63 60.96 86.12
N PRO W 206 4.34 60.21 85.06
CA PRO W 206 3.26 59.24 85.13
C PRO W 206 3.63 58.09 86.05
N ASN W 207 2.62 57.47 86.63
CA ASN W 207 2.87 56.42 87.62
C ASN W 207 3.38 55.15 86.95
N ASP W 208 2.94 54.85 85.73
CA ASP W 208 3.35 53.62 85.05
C ASP W 208 4.78 53.81 84.54
N SER W 209 5.71 53.62 85.46
CA SER W 209 7.12 53.73 85.16
C SER W 209 7.73 52.39 84.79
N ASN W 210 6.89 51.43 84.39
CA ASN W 210 7.34 50.06 84.14
C ASN W 210 7.99 49.90 82.78
N LEU W 211 7.20 50.07 81.72
CA LEU W 211 7.68 49.88 80.35
C LEU W 211 8.87 50.74 79.94
N PRO W 212 8.92 52.06 80.20
CA PRO W 212 10.14 52.79 79.80
C PRO W 212 11.37 52.38 80.58
N LEU W 213 11.24 52.06 81.86
CA LEU W 213 12.41 51.69 82.62
C LEU W 213 12.89 50.29 82.25
N MET W 214 11.96 49.40 81.89
CA MET W 214 12.37 48.09 81.37
C MET W 214 13.09 48.22 80.05
N GLY W 215 12.65 49.15 79.20
CA GLY W 215 13.38 49.41 77.97
C GLY W 215 14.76 49.98 78.24
N LEU W 216 14.87 50.82 79.28
CA LEU W 216 16.15 51.36 79.68
C LEU W 216 17.10 50.27 80.14
N ILE W 217 16.58 49.30 80.90
CA ILE W 217 17.41 48.20 81.36
C ILE W 217 17.85 47.33 80.19
N LEU W 218 16.98 47.15 79.21
CA LEU W 218 17.37 46.34 78.05
C LEU W 218 18.43 47.06 77.22
N ALA W 219 18.34 48.39 77.11
CA ALA W 219 19.38 49.15 76.43
C ALA W 219 20.69 49.11 77.22
N ALA W 220 20.60 49.18 78.54
CA ALA W 220 21.79 49.22 79.37
C ALA W 220 22.50 47.89 79.39
N THR W 221 21.76 46.78 79.35
CA THR W 221 22.43 45.50 79.23
C THR W 221 22.88 45.23 77.81
N GLY W 222 22.25 45.85 76.80
CA GLY W 222 22.75 45.71 75.45
C GLY W 222 24.05 46.45 75.24
N LYS W 223 24.28 47.50 76.03
CA LYS W 223 25.49 48.29 75.89
C LYS W 223 26.60 47.89 76.85
N SER W 224 26.26 47.68 78.12
CA SER W 224 27.24 47.73 79.19
C SER W 224 27.65 46.36 79.69
N ALA W 225 27.45 45.31 78.87
CA ALA W 225 28.04 43.98 79.07
C ALA W 225 27.62 43.36 80.41
N GLN W 226 26.32 43.23 80.59
CA GLN W 226 25.81 42.77 81.87
C GLN W 226 25.61 41.26 81.85
N PHE W 227 24.95 40.72 82.88
CA PHE W 227 24.88 39.28 83.05
C PHE W 227 24.00 38.65 81.98
N GLY W 228 24.59 37.73 81.22
CA GLY W 228 23.98 37.21 80.03
C GLY W 228 24.27 38.00 78.77
N LEU W 229 24.65 39.26 78.91
CA LEU W 229 25.03 40.07 77.77
C LEU W 229 26.45 40.59 77.92
N HIS W 230 27.20 40.01 78.85
CA HIS W 230 28.63 40.23 78.97
C HIS W 230 29.55 39.71 77.86
N PRO W 231 29.35 38.53 77.22
CA PRO W 231 30.50 37.80 76.66
C PRO W 231 31.17 38.47 75.48
N TRP W 232 30.60 39.53 74.92
CA TRP W 232 31.28 40.29 73.89
C TRP W 232 32.41 41.14 74.43
N LEU W 233 32.58 41.21 75.73
CA LEU W 233 33.60 42.04 76.33
C LEU W 233 35.00 41.44 76.20
N PRO W 234 35.27 40.15 76.50
CA PRO W 234 36.61 39.63 76.15
C PRO W 234 36.82 39.53 74.66
N SER W 235 35.74 39.23 73.95
CA SER W 235 35.80 39.12 72.51
C SER W 235 36.21 40.44 71.88
N ALA W 236 35.62 41.54 72.37
CA ALA W 236 36.05 42.87 71.96
C ALA W 236 37.43 43.23 72.50
N MET W 237 37.87 42.59 73.58
CA MET W 237 39.26 42.77 73.95
C MET W 237 40.23 42.12 72.99
N GLU W 238 39.76 41.20 72.13
CA GLU W 238 40.70 40.65 71.15
C GLU W 238 41.15 41.63 70.07
N GLY W 239 40.66 42.87 70.03
CA GLY W 239 41.15 43.83 69.07
C GLY W 239 42.47 44.43 69.49
N PRO W 240 42.89 45.50 68.80
CA PRO W 240 44.18 46.14 69.15
C PRO W 240 44.17 46.86 70.48
N THR W 241 45.30 47.44 70.86
CA THR W 241 45.45 47.87 72.24
C THR W 241 44.84 49.24 72.58
N PRO W 242 45.08 50.35 71.85
CA PRO W 242 44.34 51.58 72.19
C PRO W 242 42.90 51.49 71.79
N VAL W 243 42.59 50.62 70.83
CA VAL W 243 41.24 50.13 70.60
C VAL W 243 40.61 49.66 71.90
N SER W 244 41.28 48.75 72.60
CA SER W 244 40.78 48.22 73.85
C SER W 244 40.68 49.29 74.92
N ALA W 245 41.68 50.18 74.95
CA ALA W 245 41.76 51.21 75.97
C ALA W 245 40.60 52.19 75.87
N LEU W 246 40.44 52.82 74.70
CA LEU W 246 39.34 53.75 74.53
C LEU W 246 38.00 53.05 74.46
N LEU W 247 37.99 51.77 74.08
CA LEU W 247 36.73 51.04 73.96
C LEU W 247 36.13 50.73 75.31
N HIS W 248 36.98 50.43 76.30
CA HIS W 248 36.42 50.11 77.61
C HIS W 248 37.19 50.81 78.71
N SER W 249 37.50 52.09 78.50
CA SER W 249 38.05 52.93 79.55
C SER W 249 37.13 54.07 79.93
N SER W 250 36.73 54.89 78.97
CA SER W 250 35.97 56.09 79.29
C SER W 250 34.76 56.23 78.39
N THR W 251 34.86 55.68 77.19
CA THR W 251 33.83 55.75 76.18
C THR W 251 33.30 54.34 75.95
N MET W 252 32.05 54.27 75.45
CA MET W 252 31.46 53.06 74.85
C MET W 252 31.17 51.98 75.89
N VAL W 253 31.57 52.18 77.13
CA VAL W 253 31.37 51.19 78.16
C VAL W 253 30.47 51.79 79.23
N VAL W 254 30.54 53.11 79.40
CA VAL W 254 29.77 53.76 80.44
C VAL W 254 28.57 54.49 79.86
N ALA W 255 28.50 54.63 78.54
CA ALA W 255 27.41 55.36 77.91
C ALA W 255 26.07 54.65 78.08
N GLY W 256 26.08 53.35 78.34
CA GLY W 256 24.84 52.67 78.65
C GLY W 256 24.26 53.09 79.98
N ILE W 257 25.07 53.06 81.03
CA ILE W 257 24.56 53.44 82.34
C ILE W 257 24.54 54.95 82.51
N PHE W 258 25.23 55.69 81.63
CA PHE W 258 25.20 57.15 81.67
C PHE W 258 23.80 57.68 81.43
N LEU W 259 23.04 57.02 80.55
CA LEU W 259 21.65 57.39 80.35
C LEU W 259 20.81 57.06 81.57
N LEU W 260 21.11 55.97 82.26
CA LEU W 260 20.40 55.64 83.49
C LEU W 260 20.65 56.68 84.56
N ILE W 261 21.88 57.21 84.61
CA ILE W 261 22.17 58.34 85.48
C ILE W 261 21.40 59.56 85.03
N ARG W 262 21.24 59.72 83.72
CA ARG W 262 20.55 60.88 83.17
C ARG W 262 19.08 60.90 83.56
N PHE W 263 18.43 59.73 83.62
CA PHE W 263 17.00 59.69 83.91
C PHE W 263 16.71 59.53 85.39
N TYR W 264 17.57 60.11 86.24
CA TYR W 264 17.35 60.02 87.68
C TYR W 264 16.03 60.62 88.19
N PRO W 265 15.39 61.64 87.58
CA PRO W 265 14.05 61.96 88.06
C PRO W 265 13.04 60.87 87.77
N LEU W 266 13.16 60.20 86.63
CA LEU W 266 12.20 59.16 86.32
C LEU W 266 12.44 57.92 87.16
N THR W 267 13.67 57.69 87.60
CA THR W 267 13.93 56.55 88.47
C THR W 267 14.08 56.93 89.94
N GLU W 268 13.67 58.14 90.34
CA GLU W 268 13.45 58.38 91.76
C GLU W 268 12.33 57.50 92.31
N ASN W 269 11.30 57.28 91.52
CA ASN W 269 10.21 56.39 91.88
C ASN W 269 10.54 54.99 91.37
N ASN W 270 9.52 54.12 91.27
CA ASN W 270 9.59 52.79 90.66
C ASN W 270 10.58 51.89 91.43
N LYS W 271 10.16 51.56 92.65
CA LYS W 271 10.92 50.68 93.53
C LYS W 271 11.24 49.34 92.88
N PHE W 272 10.30 48.80 92.10
CA PHE W 272 10.53 47.58 91.35
C PHE W 272 11.65 47.75 90.34
N GLY W 273 11.75 48.96 89.77
CA GLY W 273 12.84 49.26 88.86
C GLY W 273 14.20 49.22 89.53
N GLN W 274 14.31 49.85 90.70
CA GLN W 274 15.59 49.83 91.38
C GLN W 274 15.93 48.46 91.98
N SER W 275 14.91 47.64 92.28
CA SER W 275 15.18 46.26 92.66
C SER W 275 15.82 45.49 91.51
N ILE W 276 15.28 45.68 90.30
CA ILE W 276 15.88 45.05 89.11
C ILE W 276 17.29 45.59 88.88
N MET W 277 17.47 46.90 89.05
CA MET W 277 18.78 47.56 88.98
C MET W 277 19.82 46.88 89.86
N LEU W 278 19.55 46.81 91.16
CA LEU W 278 20.58 46.37 92.10
C LEU W 278 20.81 44.87 92.01
N CYS W 279 19.75 44.07 91.80
CA CYS W 279 19.95 42.63 91.67
C CYS W 279 20.73 42.29 90.41
N LEU W 280 20.44 43.01 89.31
CA LEU W 280 21.20 42.81 88.09
C LEU W 280 22.65 43.21 88.25
N GLY W 281 22.90 44.32 88.94
CA GLY W 281 24.28 44.76 89.13
C GLY W 281 25.08 43.83 90.02
N ALA W 282 24.45 43.31 91.07
CA ALA W 282 25.15 42.36 91.92
C ALA W 282 25.42 41.05 91.20
N MET W 283 24.50 40.63 90.31
CA MET W 283 24.74 39.43 89.53
C MET W 283 25.90 39.62 88.55
N THR W 284 25.96 40.77 87.87
CA THR W 284 27.10 41.09 87.01
C THR W 284 28.39 41.08 87.79
N THR W 285 28.38 41.68 88.98
CA THR W 285 29.60 41.86 89.75
C THR W 285 30.14 40.52 90.21
N LEU W 286 29.27 39.69 90.78
CA LEU W 286 29.72 38.40 91.26
C LEU W 286 30.06 37.45 90.12
N PHE W 287 29.30 37.50 89.01
CA PHE W 287 29.56 36.55 87.95
C PHE W 287 30.84 36.88 87.21
N THR W 288 31.14 38.16 87.03
CA THR W 288 32.44 38.51 86.46
C THR W 288 33.57 38.36 87.46
N ALA W 289 33.28 38.38 88.76
CA ALA W 289 34.31 38.01 89.71
C ALA W 289 34.65 36.54 89.61
N MET W 290 33.63 35.68 89.58
CA MET W 290 33.83 34.23 89.52
C MET W 290 34.39 33.81 88.16
N CYS W 291 34.05 34.57 87.12
CA CYS W 291 34.63 34.42 85.80
C CYS W 291 36.01 35.04 85.72
N ALA W 292 36.36 35.88 86.68
CA ALA W 292 37.60 36.63 86.67
C ALA W 292 38.69 35.97 87.50
N LEU W 293 38.67 34.64 87.59
CA LEU W 293 39.74 33.90 88.24
C LEU W 293 40.35 32.91 87.27
N THR W 294 41.67 32.97 87.15
CA THR W 294 42.50 32.17 86.26
C THR W 294 42.03 32.33 84.82
N GLN W 295 42.20 33.54 84.33
CA GLN W 295 42.08 33.84 82.91
C GLN W 295 43.39 34.48 82.50
N ASN W 296 44.21 33.74 81.76
CA ASN W 296 45.61 34.10 81.59
C ASN W 296 45.85 35.03 80.41
N ASP W 297 44.85 35.84 80.05
CA ASP W 297 45.04 36.96 79.15
C ASP W 297 44.86 38.24 79.95
N ILE W 298 45.73 39.21 79.71
CA ILE W 298 45.74 40.40 80.54
C ILE W 298 44.55 41.30 80.20
N LYS W 299 44.29 41.49 78.90
CA LYS W 299 43.19 42.33 78.47
C LYS W 299 41.85 41.79 78.92
N LYS W 300 41.71 40.47 78.95
CA LYS W 300 40.46 39.88 79.42
C LYS W 300 40.29 40.08 80.93
N ILE W 301 41.41 40.09 81.67
CA ILE W 301 41.37 40.42 83.09
C ILE W 301 40.88 41.85 83.30
N ILE W 302 41.43 42.79 82.52
CA ILE W 302 41.04 44.18 82.73
C ILE W 302 39.61 44.42 82.26
N ALA W 303 39.15 43.61 81.30
CA ALA W 303 37.76 43.63 80.89
C ALA W 303 36.84 43.16 82.02
N PHE W 304 37.23 42.10 82.71
CA PHE W 304 36.39 41.62 83.80
C PHE W 304 36.42 42.59 84.96
N SER W 305 37.53 43.29 85.11
CA SER W 305 37.64 44.33 86.13
C SER W 305 36.69 45.49 85.82
N THR W 306 36.67 45.96 84.57
CA THR W 306 35.80 47.07 84.27
C THR W 306 34.34 46.65 84.23
N SER W 307 34.06 45.38 83.97
CA SER W 307 32.70 44.89 84.12
C SER W 307 32.28 44.89 85.59
N SER W 308 33.21 44.56 86.49
CA SER W 308 32.94 44.68 87.92
C SER W 308 32.65 46.11 88.33
N GLN W 309 33.39 47.07 87.76
CA GLN W 309 33.15 48.48 88.06
C GLN W 309 31.78 48.92 87.55
N LEU W 310 31.39 48.40 86.38
CA LEU W 310 30.05 48.67 85.88
C LEU W 310 28.96 48.04 86.74
N GLY W 311 29.24 46.88 87.34
CA GLY W 311 28.28 46.29 88.25
C GLY W 311 28.10 47.11 89.52
N LEU W 312 29.21 47.66 90.04
CA LEU W 312 29.12 48.59 91.16
C LEU W 312 28.31 49.82 90.80
N MET W 313 28.45 50.32 89.57
CA MET W 313 27.65 51.49 89.21
C MET W 313 26.19 51.12 89.01
N MET W 314 25.90 49.90 88.59
CA MET W 314 24.52 49.47 88.51
C MET W 314 23.87 49.37 89.89
N VAL W 315 24.64 48.92 90.88
CA VAL W 315 24.14 48.96 92.25
C VAL W 315 23.98 50.41 92.72
N THR W 316 24.91 51.27 92.32
CA THR W 316 24.88 52.70 92.68
C THR W 316 23.63 53.38 92.15
N ILE W 317 23.15 52.95 90.98
CA ILE W 317 21.87 53.42 90.47
C ILE W 317 20.71 52.64 91.08
N GLY W 318 20.96 51.44 91.60
CA GLY W 318 19.97 50.78 92.44
C GLY W 318 19.62 51.55 93.69
N ILE W 319 20.58 52.24 94.24
CA ILE W 319 20.32 53.24 95.28
C ILE W 319 20.10 54.56 94.54
N ASN W 320 19.36 55.50 95.13
CA ASN W 320 19.07 56.75 94.46
C ASN W 320 20.21 57.75 94.69
N GLN W 321 21.33 57.47 94.03
CA GLN W 321 22.58 58.23 94.20
C GLN W 321 23.28 58.40 92.88
N PRO W 322 22.83 59.33 92.05
CA PRO W 322 23.35 59.40 90.69
C PRO W 322 24.74 60.04 90.60
N HIS W 323 24.98 61.03 91.45
CA HIS W 323 26.19 61.80 91.31
C HIS W 323 27.39 61.03 91.82
N LEU W 324 27.17 60.11 92.75
CA LEU W 324 28.21 59.15 93.13
C LEU W 324 28.62 58.31 91.93
N ALA W 325 27.65 57.88 91.13
CA ALA W 325 27.95 57.06 89.97
C ALA W 325 28.69 57.85 88.91
N PHE W 326 28.35 59.14 88.76
CA PHE W 326 29.09 59.97 87.82
C PHE W 326 30.53 60.18 88.28
N LEU W 327 30.70 60.35 89.60
CA LEU W 327 32.03 60.47 90.18
C LEU W 327 32.84 59.22 89.94
N HIS W 328 32.19 58.06 90.03
CA HIS W 328 32.90 56.80 89.82
C HIS W 328 33.22 56.58 88.35
N ILE W 329 32.38 57.10 87.45
CA ILE W 329 32.73 57.12 86.04
C ILE W 329 34.03 57.89 85.82
N CYS W 330 34.16 59.05 86.48
CA CYS W 330 35.35 59.87 86.32
C CYS W 330 36.61 59.15 86.82
N THR W 331 36.54 58.64 88.05
CA THR W 331 37.69 57.92 88.63
C THR W 331 38.03 56.66 87.84
N HIS W 332 36.98 55.94 87.42
CA HIS W 332 37.17 54.73 86.61
C HIS W 332 37.81 55.04 85.27
N ALA W 333 37.45 56.18 84.68
CA ALA W 333 37.95 56.52 83.36
C ALA W 333 39.44 56.79 83.41
N PHE W 334 39.88 57.67 84.33
CA PHE W 334 41.31 57.91 84.51
C PHE W 334 42.04 56.62 84.87
N PHE W 335 41.39 55.82 85.72
CA PHE W 335 41.94 54.60 86.27
C PHE W 335 42.30 53.60 85.17
N LYS W 336 41.32 53.20 84.40
CA LYS W 336 41.62 52.13 83.46
C LYS W 336 42.13 52.61 82.12
N ALA W 337 42.01 53.90 81.79
CA ALA W 337 42.83 54.40 80.70
C ALA W 337 44.30 54.25 81.03
N MET W 338 44.67 54.63 82.25
CA MET W 338 46.03 54.49 82.73
C MET W 338 46.45 53.02 82.75
N LEU W 339 45.55 52.15 83.19
CA LEU W 339 45.90 50.74 83.32
C LEU W 339 46.05 50.04 81.98
N PHE W 340 45.12 50.28 81.04
CA PHE W 340 45.25 49.68 79.72
C PHE W 340 46.48 50.16 78.99
N MET W 341 46.78 51.46 79.09
CA MET W 341 47.96 51.99 78.40
C MET W 341 49.24 51.40 78.97
N CYS W 342 49.31 51.27 80.30
CA CYS W 342 50.44 50.61 80.95
C CYS W 342 50.59 49.15 80.51
N SER W 343 49.47 48.41 80.52
CA SER W 343 49.52 46.98 80.24
C SER W 343 49.93 46.72 78.81
N GLY W 344 49.30 47.41 77.86
CA GLY W 344 49.66 47.21 76.47
C GLY W 344 51.05 47.72 76.14
N SER W 345 51.54 48.71 76.90
CA SER W 345 52.94 49.11 76.76
C SER W 345 53.86 47.97 77.13
N ILE W 346 53.54 47.25 78.21
CA ILE W 346 54.33 46.08 78.59
C ILE W 346 54.24 44.97 77.54
N ILE W 347 53.03 44.77 77.00
CA ILE W 347 52.78 43.71 76.03
C ILE W 347 53.59 43.95 74.76
N HIS W 348 53.57 45.19 74.26
CA HIS W 348 54.40 45.48 73.11
C HIS W 348 55.88 45.53 73.47
N SER W 349 56.20 45.77 74.75
CA SER W 349 57.58 45.70 75.17
C SER W 349 58.12 44.28 75.15
N LEU W 350 57.24 43.29 75.23
CA LEU W 350 57.74 41.92 75.20
C LEU W 350 57.13 41.19 74.01
N ASN W 351 57.26 41.79 72.83
CA ASN W 351 57.14 41.11 71.54
C ASN W 351 55.71 40.64 71.24
N ASP W 352 54.72 41.33 71.82
CA ASP W 352 53.29 41.12 71.55
C ASP W 352 52.83 39.70 71.89
N GLU W 353 53.14 39.26 73.09
CA GLU W 353 52.85 37.89 73.48
C GLU W 353 51.71 37.79 74.47
N GLN W 354 51.59 38.76 75.38
CA GLN W 354 50.34 39.14 76.06
C GLN W 354 49.86 38.13 77.09
N ASP W 355 50.48 36.97 77.17
CA ASP W 355 50.03 35.92 78.06
C ASP W 355 50.78 36.02 79.38
N ILE W 356 50.08 35.67 80.45
CA ILE W 356 50.70 35.66 81.78
C ILE W 356 51.73 34.54 81.87
N ARG W 357 51.43 33.39 81.28
CA ARG W 357 52.44 32.35 81.17
C ARG W 357 53.59 32.83 80.29
N LYS W 358 54.81 32.61 80.77
CA LYS W 358 56.06 33.11 80.19
C LYS W 358 56.02 34.63 80.07
N MET W 359 55.81 35.28 81.22
CA MET W 359 55.87 36.73 81.34
C MET W 359 56.51 37.17 82.65
N GLY W 360 56.85 36.24 83.53
CA GLY W 360 56.93 36.40 84.98
C GLY W 360 57.58 37.60 85.64
N GLY W 361 58.89 37.73 85.51
CA GLY W 361 59.58 38.76 86.26
C GLY W 361 59.96 39.94 85.41
N LEU W 362 59.21 41.03 85.53
CA LEU W 362 59.50 42.24 84.81
C LEU W 362 59.88 43.38 85.73
N PHE W 363 59.90 43.15 87.03
CA PHE W 363 60.33 44.19 87.95
C PHE W 363 61.83 44.37 87.82
N LYS W 364 62.27 45.63 87.93
CA LYS W 364 63.62 46.17 87.71
C LYS W 364 64.01 46.17 86.24
N ALA W 365 63.18 45.57 85.38
CA ALA W 365 63.20 45.86 83.96
C ALA W 365 62.25 47.05 83.78
N MET W 366 62.78 48.14 83.22
CA MET W 366 62.66 49.49 83.76
C MET W 366 61.34 49.78 84.47
N PRO W 367 61.43 50.14 85.75
CA PRO W 367 60.28 50.09 86.63
C PRO W 367 59.31 51.24 86.49
N PHE W 368 59.42 52.03 85.42
CA PHE W 368 58.47 53.11 85.22
C PHE W 368 57.10 52.56 84.87
N THR W 369 57.04 51.69 83.87
CA THR W 369 55.76 51.08 83.53
C THR W 369 55.31 50.08 84.59
N THR W 370 56.24 49.43 85.29
CA THR W 370 55.82 48.45 86.28
C THR W 370 55.29 49.15 87.52
N THR W 371 55.95 50.24 87.90
CA THR W 371 55.47 51.11 88.95
C THR W 371 54.12 51.68 88.60
N ALA W 372 53.91 52.05 87.34
CA ALA W 372 52.58 52.48 86.90
C ALA W 372 51.54 51.39 87.11
N LEU W 373 51.91 50.14 86.83
CA LEU W 373 50.97 49.05 87.03
C LEU W 373 50.65 48.85 88.50
N ILE W 374 51.64 48.97 89.38
CA ILE W 374 51.33 48.69 90.77
C ILE W 374 50.63 49.88 91.43
N ILE W 375 50.87 51.11 90.97
CA ILE W 375 50.11 52.24 91.51
C ILE W 375 48.66 52.15 91.04
N GLY W 376 48.44 51.69 89.81
CA GLY W 376 47.07 51.46 89.36
C GLY W 376 46.38 50.35 90.13
N SER W 377 47.10 49.27 90.40
CA SER W 377 46.46 48.15 91.07
C SER W 377 46.23 48.43 92.54
N LEU W 378 47.12 49.15 93.21
CA LEU W 378 46.83 49.62 94.56
C LEU W 378 45.79 50.72 94.56
N ALA W 379 45.59 51.41 93.45
CA ALA W 379 44.47 52.33 93.38
C ALA W 379 43.16 51.60 93.15
N LEU W 380 43.21 50.36 92.68
CA LEU W 380 42.07 49.49 92.91
C LEU W 380 42.05 49.09 94.37
N THR W 381 40.85 48.74 94.86
CA THR W 381 40.41 48.46 96.24
C THR W 381 40.32 49.73 97.08
N GLY W 382 40.80 50.86 96.55
CA GLY W 382 40.81 52.10 97.28
C GLY W 382 41.67 52.05 98.53
N MET W 383 42.99 51.97 98.37
CA MET W 383 43.88 52.00 99.50
C MET W 383 43.77 53.36 100.19
N PRO W 384 43.64 53.41 101.51
CA PRO W 384 43.08 54.59 102.17
C PRO W 384 44.10 55.72 102.35
N PHE W 385 43.79 56.90 101.79
CA PHE W 385 42.66 57.12 100.89
C PHE W 385 43.09 57.97 99.70
N LEU W 386 42.86 57.41 98.52
CA LEU W 386 43.40 57.86 97.24
C LEU W 386 42.23 58.35 96.38
N THR W 387 42.50 58.60 95.10
CA THR W 387 41.42 58.99 94.18
C THR W 387 40.49 57.82 93.89
N GLY W 388 41.02 56.59 93.82
CA GLY W 388 40.18 55.42 93.66
C GLY W 388 39.43 54.99 94.90
N PHE W 389 39.73 55.64 96.03
CA PHE W 389 39.04 55.36 97.28
C PHE W 389 37.60 55.85 97.25
N TYR W 390 37.42 57.12 96.85
CA TYR W 390 36.28 57.94 97.24
C TYR W 390 34.98 57.35 96.76
N SER W 391 34.88 57.15 95.45
CA SER W 391 33.63 56.74 94.83
C SER W 391 33.21 55.36 95.28
N LYS W 392 34.13 54.39 95.20
CA LYS W 392 33.83 53.01 95.52
C LYS W 392 33.40 52.86 96.97
N ASP W 393 34.08 53.58 97.87
CA ASP W 393 33.74 53.42 99.26
C ASP W 393 32.48 54.18 99.64
N LEU W 394 32.23 55.34 99.03
CA LEU W 394 30.94 55.99 99.26
C LEU W 394 29.79 55.19 98.67
N ILE W 395 30.03 54.44 97.58
CA ILE W 395 29.00 53.58 97.02
C ILE W 395 28.65 52.46 97.99
N ILE W 396 29.67 51.75 98.51
CA ILE W 396 29.34 50.62 99.39
C ILE W 396 28.78 51.09 100.72
N GLU W 397 29.19 52.28 101.18
CA GLU W 397 28.63 52.84 102.40
C GLU W 397 27.18 53.25 102.20
N SER W 398 26.86 53.85 101.05
CA SER W 398 25.47 54.21 100.76
C SER W 398 24.62 52.98 100.52
N ALA W 399 25.22 51.91 100.02
CA ALA W 399 24.48 50.68 99.77
C ALA W 399 24.13 49.98 101.08
N ASN W 400 25.09 49.89 101.99
CA ASN W 400 24.80 49.27 103.27
C ASN W 400 23.91 50.17 104.12
N THR W 401 23.98 51.48 103.92
CA THR W 401 23.05 52.41 104.54
C THR W 401 21.91 52.71 103.58
N SER W 402 21.10 51.69 103.34
CA SER W 402 19.93 51.82 102.48
C SER W 402 18.95 50.71 102.84
N TYR W 403 17.81 50.71 102.14
CA TYR W 403 16.81 49.65 102.28
C TYR W 403 17.15 48.59 101.24
N THR W 404 18.20 47.83 101.55
CA THR W 404 18.95 47.06 100.57
C THR W 404 18.35 45.64 100.49
N ASN W 405 19.07 44.69 99.89
CA ASN W 405 18.50 43.47 99.34
C ASN W 405 18.61 42.25 100.26
N ALA W 406 19.64 42.18 101.12
CA ALA W 406 20.14 41.03 101.88
C ALA W 406 20.73 39.94 100.98
N TRP W 407 20.94 40.21 99.73
CA TRP W 407 21.80 39.37 98.92
C TRP W 407 22.81 40.19 98.14
N ALA W 408 22.41 41.39 97.69
CA ALA W 408 23.24 42.18 96.81
C ALA W 408 24.44 42.78 97.53
N LEU W 409 24.26 43.22 98.78
CA LEU W 409 25.39 43.78 99.53
C LEU W 409 26.42 42.70 99.82
N LEU W 410 25.95 41.48 100.11
CA LEU W 410 26.84 40.36 100.35
C LEU W 410 27.61 40.00 99.10
N MET W 411 26.93 40.01 97.94
CA MET W 411 27.60 39.73 96.67
C MET W 411 28.64 40.80 96.33
N THR W 412 28.31 42.08 96.54
CA THR W 412 29.26 43.14 96.22
C THR W 412 30.46 43.10 97.16
N LEU W 413 30.24 42.69 98.41
CA LEU W 413 31.35 42.52 99.34
C LEU W 413 32.28 41.40 98.89
N VAL W 414 31.71 40.27 98.48
CA VAL W 414 32.53 39.13 98.03
C VAL W 414 33.25 39.47 96.73
N ALA W 415 32.59 40.19 95.83
CA ALA W 415 33.26 40.53 94.58
C ALA W 415 34.30 41.63 94.75
N THR W 416 34.20 42.48 95.77
CA THR W 416 35.28 43.40 96.04
C THR W 416 36.48 42.67 96.63
N SER W 417 36.23 41.65 97.45
CA SER W 417 37.33 40.77 97.87
C SER W 417 37.96 40.08 96.66
N PHE W 418 37.15 39.71 95.68
CA PHE W 418 37.70 38.99 94.54
C PHE W 418 38.44 39.92 93.59
N THR W 419 38.03 41.19 93.49
CA THR W 419 38.83 42.09 92.66
C THR W 419 40.13 42.45 93.36
N ALA W 420 40.14 42.43 94.71
CA ALA W 420 41.41 42.49 95.42
C ALA W 420 42.30 41.30 95.07
N ILE W 421 41.74 40.09 94.99
CA ILE W 421 42.64 38.96 94.78
C ILE W 421 43.11 38.86 93.33
N TYR W 422 42.29 39.23 92.33
CA TYR W 422 42.90 39.17 91.00
C TYR W 422 43.78 40.37 90.72
N SER W 423 43.60 41.49 91.42
CA SER W 423 44.59 42.56 91.38
C SER W 423 45.93 42.07 91.91
N THR W 424 45.90 41.35 93.03
CA THR W 424 47.16 40.83 93.58
C THR W 424 47.74 39.75 92.68
N ARG W 425 46.90 38.98 91.99
CA ARG W 425 47.43 37.98 91.08
C ARG W 425 48.06 38.60 89.85
N ILE W 426 47.49 39.70 89.34
CA ILE W 426 48.10 40.30 88.16
C ILE W 426 49.42 40.96 88.54
N ILE W 427 49.55 41.47 89.77
CA ILE W 427 50.86 41.97 90.20
C ILE W 427 51.85 40.83 90.38
N PHE W 428 51.44 39.77 91.08
CA PHE W 428 52.34 38.68 91.45
C PHE W 428 52.79 37.87 90.25
N PHE W 429 51.97 37.76 89.23
CA PHE W 429 52.42 37.14 87.99
C PHE W 429 53.00 38.14 87.01
N ALA W 430 52.88 39.44 87.26
CA ALA W 430 53.49 40.39 86.35
C ALA W 430 54.94 40.71 86.72
N LEU W 431 55.24 40.79 88.02
CA LEU W 431 56.57 41.24 88.44
C LEU W 431 57.29 40.26 89.34
N LEU W 432 56.61 39.76 90.37
CA LEU W 432 57.27 39.27 91.57
C LEU W 432 57.96 37.92 91.38
N GLY W 433 57.49 37.10 90.47
CA GLY W 433 58.08 35.80 90.27
C GLY W 433 59.43 35.88 89.61
N GLN W 434 60.11 34.75 89.60
CA GLN W 434 61.36 34.64 88.88
C GLN W 434 61.11 34.77 87.38
N PRO W 435 61.99 35.44 86.65
CA PRO W 435 61.65 35.89 85.31
C PRO W 435 61.62 34.78 84.28
N ARG W 436 60.55 34.78 83.48
CA ARG W 436 60.36 33.81 82.41
C ARG W 436 59.87 34.57 81.18
N PHE W 437 60.60 34.39 80.09
CA PHE W 437 60.45 35.09 78.82
C PHE W 437 61.41 34.44 77.83
N PRO W 438 61.20 34.60 76.54
CA PRO W 438 62.24 34.15 75.59
C PRO W 438 63.40 35.10 75.59
N THR W 439 64.56 34.59 75.18
CA THR W 439 65.76 35.38 75.12
C THR W 439 65.71 36.36 73.96
N LEU W 440 66.82 37.09 73.79
CA LEU W 440 66.94 38.24 72.88
C LEU W 440 65.84 39.26 73.20
N ILE W 441 65.99 39.85 74.37
CA ILE W 441 65.03 40.83 74.82
C ILE W 441 65.44 42.22 74.37
N ASN W 442 64.43 43.06 74.19
CA ASN W 442 64.57 44.38 73.60
C ASN W 442 63.72 45.37 74.37
N ILE W 443 63.79 45.28 75.69
CA ILE W 443 62.84 45.98 76.55
C ILE W 443 63.20 47.45 76.61
N ASN W 444 62.21 48.30 76.38
CA ASN W 444 62.48 49.67 76.00
C ASN W 444 61.44 50.62 76.57
N GLU W 445 61.89 51.85 76.87
CA GLU W 445 61.02 53.00 77.02
C GLU W 445 61.62 54.27 76.42
N ASN W 446 62.57 54.15 75.50
CA ASN W 446 63.29 55.34 75.02
C ASN W 446 62.41 56.05 74.01
N ASN W 447 61.47 56.80 74.54
CA ASN W 447 60.45 57.51 73.79
C ASN W 447 59.91 58.59 74.69
N PRO W 448 59.91 59.85 74.28
CA PRO W 448 59.24 60.87 75.09
C PRO W 448 57.73 60.71 75.14
N PHE W 449 57.15 60.10 74.10
CA PHE W 449 55.69 59.97 74.00
C PHE W 449 55.15 59.07 75.10
N LEU W 450 55.77 57.90 75.28
CA LEU W 450 55.28 56.91 76.23
C LEU W 450 55.44 57.41 77.66
N ILE W 451 56.60 57.98 77.98
CA ILE W 451 56.83 58.45 79.33
C ILE W 451 55.96 59.65 79.64
N ASN W 452 55.68 60.50 78.65
CA ASN W 452 54.81 61.64 78.89
C ASN W 452 53.38 61.20 79.07
N SER W 453 52.95 60.18 78.34
CA SER W 453 51.57 59.73 78.44
C SER W 453 51.31 59.03 79.78
N ILE W 454 52.22 58.13 80.18
CA ILE W 454 52.07 57.41 81.45
C ILE W 454 52.20 58.38 82.63
N LYS W 455 53.20 59.27 82.57
CA LYS W 455 53.38 60.36 83.53
C LYS W 455 52.12 61.20 83.67
N ARG W 456 51.57 61.60 82.52
CA ARG W 456 50.39 62.42 82.46
C ARG W 456 49.19 61.74 83.12
N LEU W 457 49.01 60.45 82.88
CA LEU W 457 47.85 59.81 83.50
C LEU W 457 48.05 59.42 84.95
N LEU W 458 49.27 59.15 85.39
CA LEU W 458 49.42 58.93 86.83
C LEU W 458 49.28 60.24 87.60
N ILE W 459 49.73 61.36 87.01
CA ILE W 459 49.44 62.67 87.58
C ILE W 459 47.94 62.92 87.59
N GLY W 460 47.23 62.43 86.58
CA GLY W 460 45.79 62.53 86.59
C GLY W 460 45.15 61.69 87.70
N SER W 461 45.72 60.53 87.97
CA SER W 461 45.10 59.64 88.95
C SER W 461 45.55 59.89 90.38
N LEU W 462 46.52 60.77 90.60
CA LEU W 462 46.90 61.13 91.97
C LEU W 462 46.25 62.41 92.46
N PHE W 463 45.90 63.32 91.57
CA PHE W 463 45.37 64.63 91.96
C PHE W 463 43.96 64.88 91.44
N ALA W 464 43.74 64.63 90.14
CA ALA W 464 42.53 65.11 89.49
C ALA W 464 41.30 64.37 89.94
N GLY W 465 41.46 63.13 90.41
CA GLY W 465 40.35 62.44 91.04
C GLY W 465 39.86 63.14 92.28
N PHE W 466 40.79 63.56 93.14
CA PHE W 466 40.43 64.35 94.30
C PHE W 466 39.86 65.71 93.91
N ILE W 467 40.42 66.32 92.86
CA ILE W 467 39.96 67.64 92.44
C ILE W 467 38.52 67.59 91.92
N ILE W 468 38.20 66.57 91.12
CA ILE W 468 36.84 66.41 90.66
C ILE W 468 35.91 66.02 91.80
N SER W 469 36.37 65.12 92.67
CA SER W 469 35.51 64.60 93.73
C SER W 469 35.20 65.63 94.81
N ASN W 470 36.04 66.65 94.96
CA ASN W 470 35.86 67.51 96.11
C ASN W 470 34.87 68.64 95.85
N ASN W 471 35.01 69.37 94.76
CA ASN W 471 34.19 70.57 94.58
C ASN W 471 32.90 70.32 93.79
N ILE W 472 32.15 69.30 94.14
CA ILE W 472 30.85 69.12 93.48
C ILE W 472 29.77 69.41 94.50
N PRO W 473 28.75 70.18 94.14
CA PRO W 473 27.66 70.44 95.06
C PRO W 473 26.88 69.17 95.33
N PRO W 474 26.66 68.84 96.59
CA PRO W 474 25.92 67.61 96.90
C PRO W 474 24.44 67.74 96.56
N MET W 475 24.03 67.10 95.47
CA MET W 475 22.62 66.97 95.14
C MET W 475 21.97 65.84 95.90
N THR W 476 22.72 65.16 96.75
CA THR W 476 22.23 64.12 97.64
C THR W 476 22.55 64.51 99.08
N ILE W 477 22.10 63.67 99.99
CA ILE W 477 22.43 63.79 101.40
C ILE W 477 23.31 62.59 101.78
N PRO W 478 24.58 62.80 102.09
CA PRO W 478 25.44 61.68 102.47
C PRO W 478 25.08 61.18 103.85
N GLN W 479 25.38 59.91 104.08
CA GLN W 479 24.99 59.26 105.33
C GLN W 479 25.79 59.80 106.51
N MET W 480 27.12 59.66 106.45
CA MET W 480 28.12 60.26 107.35
C MET W 480 28.07 59.67 108.76
N THR W 481 27.11 58.79 109.07
CA THR W 481 26.88 58.27 110.43
C THR W 481 26.83 56.74 110.34
N MET W 482 27.99 56.11 110.37
CA MET W 482 27.93 54.67 110.15
C MET W 482 28.33 53.92 111.43
N PRO W 483 27.80 52.73 111.64
CA PRO W 483 28.24 51.92 112.79
C PRO W 483 29.66 51.37 112.67
N HIS W 484 30.04 50.63 113.70
CA HIS W 484 31.28 49.88 113.68
C HIS W 484 31.18 48.78 112.64
N TYR W 485 32.27 48.60 111.88
CA TYR W 485 32.37 47.75 110.68
C TYR W 485 31.21 47.95 109.70
N LEU W 486 30.75 49.19 109.59
CA LEU W 486 29.88 49.57 108.48
C LEU W 486 30.45 50.76 107.72
N LYS W 487 31.67 51.13 108.02
CA LYS W 487 32.49 52.05 107.25
C LYS W 487 33.86 51.47 106.94
N MET W 488 34.44 50.74 107.88
CA MET W 488 35.77 50.15 107.74
C MET W 488 35.74 48.87 106.92
N THR W 489 34.56 48.28 106.74
CA THR W 489 34.46 46.84 106.52
C THR W 489 34.92 46.43 105.13
N ALA W 490 34.69 47.24 104.10
CA ALA W 490 35.14 46.85 102.76
C ALA W 490 36.65 46.91 102.67
N LEU W 491 37.26 47.89 103.32
CA LEU W 491 38.71 47.96 103.43
C LEU W 491 39.26 46.74 104.17
N THR W 492 38.58 46.32 105.25
CA THR W 492 38.98 45.12 105.97
C THR W 492 38.89 43.87 105.08
N VAL W 493 37.86 43.83 104.24
CA VAL W 493 37.66 42.67 103.38
C VAL W 493 38.70 42.65 102.26
N THR W 494 39.09 43.82 101.74
CA THR W 494 40.18 43.85 100.78
C THR W 494 41.51 43.44 101.41
N ILE W 495 41.73 43.79 102.68
CA ILE W 495 42.95 43.36 103.36
C ILE W 495 42.96 41.85 103.54
N LEU W 496 41.84 41.26 103.93
CA LEU W 496 41.83 39.80 104.04
C LEU W 496 41.89 39.13 102.67
N GLY W 497 41.45 39.81 101.62
CA GLY W 497 41.68 39.31 100.28
C GLY W 497 43.14 39.30 99.90
N PHE W 498 43.88 40.33 100.34
CA PHE W 498 45.33 40.34 100.16
C PHE W 498 45.98 39.19 100.92
N ILE W 499 45.47 38.88 102.12
CA ILE W 499 45.95 37.75 102.91
C ILE W 499 45.74 36.44 102.15
N LEU W 500 44.54 36.27 101.59
CA LEU W 500 44.19 35.06 100.85
C LEU W 500 45.05 34.94 99.59
N ALA W 501 45.34 36.07 98.96
CA ALA W 501 46.14 36.02 97.75
C ALA W 501 47.60 35.72 98.05
N LEU W 502 48.13 36.22 99.17
CA LEU W 502 49.50 35.88 99.54
C LEU W 502 49.62 34.40 99.92
N GLU W 503 48.60 33.83 100.56
CA GLU W 503 48.72 32.40 100.86
C GLU W 503 48.54 31.55 99.60
N ILE W 504 47.76 32.03 98.62
CA ILE W 504 47.73 31.35 97.33
C ILE W 504 49.08 31.43 96.62
N SER W 505 49.76 32.57 96.77
CA SER W 505 51.12 32.72 96.24
C SER W 505 52.09 31.70 96.86
N ASN W 506 52.07 31.57 98.18
CA ASN W 506 52.99 30.65 98.82
C ASN W 506 52.63 29.19 98.53
N THR W 507 51.35 28.88 98.28
CA THR W 507 51.02 27.54 97.80
C THR W 507 51.40 27.35 96.34
N THR W 508 51.47 28.42 95.57
CA THR W 508 51.94 28.31 94.20
C THR W 508 53.44 28.02 94.16
N HIS W 509 54.16 28.46 95.19
CA HIS W 509 55.59 28.20 95.24
C HIS W 509 55.93 26.73 95.46
N TYR W 510 55.04 25.95 96.07
CA TYR W 510 55.29 24.55 96.39
C TYR W 510 55.06 23.68 95.17
N LEU W 511 55.07 22.35 95.36
CA LEU W 511 54.81 21.38 94.31
C LEU W 511 53.73 20.41 94.78
N LYS W 512 52.58 20.43 94.11
CA LYS W 512 51.55 19.49 94.55
C LYS W 512 50.87 18.74 93.42
N PHE W 513 50.65 19.39 92.27
CA PHE W 513 49.73 18.95 91.20
C PHE W 513 48.35 18.64 91.77
N ASN W 514 47.69 19.71 92.17
CA ASN W 514 46.28 19.63 92.49
C ASN W 514 45.46 19.43 91.23
N TYR W 515 44.45 18.56 91.31
CA TYR W 515 43.55 18.32 90.21
C TYR W 515 42.68 19.54 89.92
N PRO W 516 42.15 19.66 88.71
CA PRO W 516 41.04 20.59 88.48
C PRO W 516 39.79 20.13 89.20
N SER W 517 39.31 20.95 90.14
CA SER W 517 38.21 20.60 91.02
C SER W 517 36.84 20.92 90.42
N ASN W 518 36.81 21.33 89.14
CA ASN W 518 35.65 21.63 88.30
C ASN W 518 34.92 22.91 88.68
N THR W 519 35.22 23.48 89.85
CA THR W 519 34.97 24.89 90.03
C THR W 519 36.08 25.69 89.37
N PHE W 520 37.27 25.12 89.36
CA PHE W 520 38.37 25.69 88.59
C PHE W 520 38.10 25.58 87.11
N LYS W 521 37.52 24.46 86.68
CA LYS W 521 37.04 24.36 85.30
C LYS W 521 35.87 25.27 85.05
N PHE W 522 35.05 25.53 86.07
CA PHE W 522 33.96 26.49 85.92
C PHE W 522 34.48 27.89 85.70
N SER W 523 35.60 28.23 86.31
CA SER W 523 36.08 29.60 86.26
C SER W 523 37.06 29.83 85.11
N ASN W 524 37.45 28.78 84.38
CA ASN W 524 38.35 29.00 83.25
C ASN W 524 37.61 29.21 81.95
N LEU W 525 36.53 28.46 81.71
CA LEU W 525 35.80 28.52 80.44
C LEU W 525 34.73 29.59 80.44
N LEU W 526 35.00 30.71 81.13
CA LEU W 526 34.17 31.90 81.15
C LEU W 526 32.80 31.62 81.74
N GLY W 527 32.74 30.67 82.67
CA GLY W 527 31.49 30.25 83.23
C GLY W 527 30.58 29.53 82.26
N TYR W 528 31.13 29.03 81.15
CA TYR W 528 30.50 28.25 80.09
C TYR W 528 29.46 29.01 79.29
N TYR W 529 29.15 30.26 79.64
CA TYR W 529 28.13 31.01 78.91
C TYR W 529 28.52 31.35 77.48
N PRO W 530 29.73 31.91 77.17
CA PRO W 530 30.04 32.16 75.75
C PRO W 530 30.12 30.89 74.94
N THR W 531 30.64 29.83 75.54
CA THR W 531 30.72 28.53 74.89
C THR W 531 29.35 28.00 74.54
N ILE W 532 28.46 27.90 75.53
CA ILE W 532 27.20 27.22 75.24
C ILE W 532 26.27 28.12 74.43
N MET W 533 26.31 29.44 74.60
CA MET W 533 25.38 30.24 73.81
C MET W 533 25.88 30.43 72.40
N HIS W 534 27.20 30.51 72.20
CA HIS W 534 27.74 30.65 70.87
C HIS W 534 28.01 29.32 70.20
N ARG W 535 27.68 28.21 70.86
CA ARG W 535 27.53 26.94 70.17
C ARG W 535 26.09 26.50 70.06
N LEU W 536 25.15 27.21 70.69
CA LEU W 536 23.76 26.78 70.63
C LEU W 536 22.87 27.72 69.84
N THR W 537 22.90 29.01 70.12
CA THR W 537 22.06 29.92 69.34
C THR W 537 22.49 30.11 67.89
N PRO W 538 23.76 30.00 67.50
CA PRO W 538 24.02 29.81 66.07
C PRO W 538 23.57 28.47 65.57
N TYR W 539 23.42 27.48 66.43
CA TYR W 539 22.96 26.20 65.93
C TYR W 539 21.46 26.20 65.72
N MET W 540 20.70 26.78 66.66
CA MET W 540 19.25 26.62 66.63
C MET W 540 18.63 27.47 65.53
N ASN W 541 19.02 28.75 65.43
CA ASN W 541 18.44 29.64 64.43
C ASN W 541 18.81 29.21 63.01
N LEU W 542 20.07 28.84 62.80
CA LEU W 542 20.48 28.45 61.46
C LEU W 542 19.95 27.07 61.10
N THR W 543 19.95 26.14 62.07
CA THR W 543 19.50 24.78 61.82
C THR W 543 18.00 24.76 61.58
N MET W 544 17.25 25.64 62.24
CA MET W 544 15.88 25.91 61.80
C MET W 544 15.89 26.44 60.39
N SER W 545 16.71 27.47 60.14
CA SER W 545 16.53 28.37 59.00
C SER W 545 16.68 27.63 57.67
N GLN W 546 17.70 26.79 57.56
CA GLN W 546 17.90 26.07 56.32
C GLN W 546 16.86 25.00 56.11
N LYS W 547 16.54 24.23 57.15
CA LYS W 547 15.52 23.21 57.02
C LYS W 547 14.14 23.85 56.87
N SER W 548 13.90 24.95 57.57
CA SER W 548 12.75 25.81 57.28
C SER W 548 13.02 26.67 56.06
N ALA W 549 12.32 27.81 55.97
CA ALA W 549 12.06 28.62 54.79
C ALA W 549 13.18 28.81 53.78
N SER W 550 14.44 28.77 54.22
CA SER W 550 15.54 28.72 53.27
C SER W 550 15.54 27.45 52.44
N SER W 551 14.98 26.37 52.97
CA SER W 551 14.76 25.24 52.09
C SER W 551 13.32 24.76 52.10
N LEU W 552 12.68 24.65 53.27
CA LEU W 552 11.40 23.95 53.29
C LEU W 552 10.22 24.88 53.04
N LEU W 553 10.09 25.96 53.82
CA LEU W 553 8.80 26.63 53.88
C LEU W 553 8.56 27.50 52.66
N ASP W 554 9.47 28.45 52.39
CA ASP W 554 9.24 29.40 51.31
C ASP W 554 9.20 28.80 49.92
N LEU W 555 10.35 28.34 49.43
CA LEU W 555 10.46 28.16 48.00
C LEU W 555 9.76 26.89 47.54
N ILE W 556 9.98 25.76 48.22
CA ILE W 556 9.42 24.54 47.66
C ILE W 556 7.94 24.40 48.01
N TRP W 557 7.53 24.77 49.22
CA TRP W 557 6.10 24.68 49.50
C TRP W 557 5.32 25.78 48.80
N LEU W 558 5.90 26.96 48.62
CA LEU W 558 5.18 27.95 47.85
C LEU W 558 5.14 27.61 46.36
N GLU W 559 6.19 26.96 45.84
CA GLU W 559 6.13 26.46 44.47
C GLU W 559 5.12 25.35 44.32
N THR W 560 4.92 24.53 45.35
CA THR W 560 3.91 23.50 45.22
C THR W 560 2.51 24.02 45.49
N ILE W 561 2.37 25.13 46.22
CA ILE W 561 1.03 25.67 46.39
C ILE W 561 0.62 26.41 45.14
N LEU W 562 1.31 27.51 44.82
CA LEU W 562 0.66 28.31 43.77
C LEU W 562 1.03 27.85 42.35
N PRO W 563 2.32 27.75 41.92
CA PRO W 563 2.55 27.44 40.50
C PRO W 563 2.34 25.99 40.11
N LYS W 564 2.72 25.04 40.96
CA LYS W 564 2.66 23.62 40.57
C LYS W 564 1.23 23.15 40.37
N THR W 565 0.31 23.62 41.21
CA THR W 565 -1.08 23.23 41.07
C THR W 565 -1.67 23.78 39.77
N ILE W 566 -1.31 25.01 39.42
CA ILE W 566 -1.68 25.58 38.13
C ILE W 566 -1.07 24.78 36.99
N SER W 567 0.19 24.38 37.13
CA SER W 567 0.89 23.66 36.07
C SER W 567 0.27 22.28 35.83
N LEU W 568 0.00 21.56 36.91
CA LEU W 568 -0.62 20.25 36.82
C LEU W 568 -2.04 20.34 36.26
N ALA W 569 -2.82 21.31 36.73
CA ALA W 569 -4.20 21.44 36.29
C ALA W 569 -4.28 21.77 34.80
N GLN W 570 -3.52 22.78 34.37
CA GLN W 570 -3.56 23.17 32.96
C GLN W 570 -2.93 22.12 32.06
N MET W 571 -1.90 21.43 32.53
CA MET W 571 -1.27 20.40 31.71
C MET W 571 -2.20 19.20 31.52
N LYS W 572 -2.89 18.77 32.58
CA LYS W 572 -3.79 17.62 32.44
C LYS W 572 -5.01 17.97 31.61
N MET W 573 -5.53 19.21 31.75
CA MET W 573 -6.67 19.59 30.91
C MET W 573 -6.27 19.69 29.45
N SER W 574 -5.06 20.16 29.18
CA SER W 574 -4.58 20.24 27.81
C SER W 574 -4.41 18.86 27.21
N THR W 575 -3.75 17.96 27.93
CA THR W 575 -3.54 16.60 27.44
C THR W 575 -4.82 15.78 27.35
N THR W 576 -5.88 16.19 28.03
CA THR W 576 -7.14 15.51 27.78
C THR W 576 -7.90 16.11 26.62
N ILE W 577 -7.87 17.42 26.45
CA ILE W 577 -8.71 18.05 25.42
C ILE W 577 -8.10 17.85 24.04
N THR W 578 -6.85 18.30 23.85
CA THR W 578 -6.36 18.32 22.47
C THR W 578 -5.93 16.96 21.96
N SER W 579 -5.84 15.95 22.83
CA SER W 579 -5.44 14.62 22.40
C SER W 579 -6.68 13.85 21.95
N GLN W 580 -7.10 14.15 20.73
CA GLN W 580 -8.22 13.46 20.12
C GLN W 580 -7.73 12.71 18.89
N LYS W 581 -8.30 11.54 18.68
CA LYS W 581 -8.04 10.80 17.46
C LYS W 581 -9.02 11.23 16.38
N GLY W 582 -8.59 11.15 15.14
CA GLY W 582 -9.33 11.74 14.04
C GLY W 582 -10.38 10.85 13.40
N LEU W 583 -11.49 10.64 14.08
CA LEU W 583 -12.58 9.81 13.59
C LEU W 583 -13.85 10.65 13.62
N ILE W 584 -14.32 11.07 12.45
CA ILE W 584 -15.31 12.13 12.34
C ILE W 584 -16.68 11.68 12.83
N LYS W 585 -16.90 10.36 12.78
CA LYS W 585 -18.05 9.72 13.41
C LYS W 585 -18.21 10.16 14.86
N LEU W 586 -17.11 10.25 15.59
CA LEU W 586 -17.13 10.66 16.98
C LEU W 586 -17.50 12.12 17.14
N TYR W 587 -17.08 12.96 16.20
CA TYR W 587 -17.35 14.39 16.30
C TYR W 587 -18.83 14.67 16.04
N PHE W 588 -19.42 13.95 15.09
CA PHE W 588 -20.85 14.09 14.91
C PHE W 588 -21.65 13.45 16.05
N LEU W 589 -21.09 12.41 16.69
CA LEU W 589 -21.72 11.90 17.91
C LEU W 589 -21.76 12.96 18.99
N SER W 590 -20.67 13.72 19.12
CA SER W 590 -20.63 14.81 20.10
C SER W 590 -21.62 15.91 19.74
N PHE W 591 -21.77 16.18 18.44
CA PHE W 591 -22.74 17.18 17.97
C PHE W 591 -24.17 16.76 18.32
N LEU W 592 -24.48 15.48 18.10
CA LEU W 592 -25.81 14.96 18.41
C LEU W 592 -26.11 14.99 19.89
N ILE W 593 -25.15 14.53 20.71
CA ILE W 593 -25.44 14.47 22.13
C ILE W 593 -25.48 15.87 22.72
N THR W 594 -24.78 16.82 22.10
CA THR W 594 -24.89 18.21 22.53
C THR W 594 -26.26 18.79 22.23
N ILE W 595 -26.82 18.47 21.06
CA ILE W 595 -28.17 18.92 20.74
C ILE W 595 -29.20 18.30 21.69
N LEU W 596 -29.08 16.99 21.93
CA LEU W 596 -30.04 16.31 22.82
C LEU W 596 -29.93 16.79 24.25
N ILE W 597 -28.71 17.01 24.74
CA ILE W 597 -28.52 17.53 26.10
C ILE W 597 -28.91 19.00 26.18
N SER W 598 -28.96 19.70 25.05
CA SER W 598 -29.44 21.06 25.10
C SER W 598 -30.95 21.11 25.18
N THR W 599 -31.62 20.19 24.49
CA THR W 599 -33.08 20.20 24.55
C THR W 599 -33.59 19.65 25.87
N THR W 600 -33.24 18.41 26.20
CA THR W 600 -33.99 17.74 27.26
C THR W 600 -33.40 17.94 28.66
N LEU W 601 -32.15 18.38 28.79
CA LEU W 601 -31.62 18.54 30.14
C LEU W 601 -32.08 19.86 30.74
N LEU W 602 -31.71 20.96 30.12
CA LEU W 602 -32.20 22.27 30.52
C LEU W 602 -33.24 22.68 29.49
N ASN W 603 -34.25 23.40 29.94
CA ASN W 603 -35.20 23.99 29.00
C ASN W 603 -34.57 25.26 28.39
N PHE W 604 -33.64 25.03 27.46
CA PHE W 604 -33.09 26.14 26.67
C PHE W 604 -34.14 26.73 25.76
N HIS W 605 -35.09 25.91 25.30
CA HIS W 605 -36.19 26.39 24.50
C HIS W 605 -37.39 26.81 25.33
N GLU W 606 -37.39 26.54 26.63
CA GLU W 606 -38.45 27.03 27.50
C GLU W 606 -37.86 27.61 28.78
N MET X 1 2.92 69.16 33.71
CA MET X 1 4.18 68.46 33.49
C MET X 1 4.39 68.11 32.04
N LEU X 2 3.54 68.63 31.15
CA LEU X 2 3.66 68.28 29.75
C LEU X 2 4.94 68.84 29.13
N LYS X 3 5.45 69.94 29.69
CA LYS X 3 6.80 70.42 29.40
C LYS X 3 7.88 69.49 29.91
N TYR X 4 7.55 68.49 30.73
CA TYR X 4 8.50 67.47 31.12
C TYR X 4 8.25 66.19 30.35
N ILE X 5 7.06 66.05 29.79
CA ILE X 5 6.73 64.85 29.05
C ILE X 5 7.27 64.90 27.64
N ILE X 6 7.07 66.00 26.95
CA ILE X 6 7.51 66.09 25.55
C ILE X 6 9.04 66.02 25.37
N PRO X 7 9.92 66.39 26.31
CA PRO X 7 11.30 65.96 26.13
C PRO X 7 11.56 64.51 26.49
N THR X 8 10.64 63.84 27.19
CA THR X 8 10.86 62.42 27.42
C THR X 8 10.58 61.62 26.16
N MET X 9 9.58 62.01 25.38
CA MET X 9 9.43 61.47 24.03
C MET X 9 10.60 61.87 23.16
N MET X 10 10.87 63.17 23.05
CA MET X 10 11.85 63.64 22.08
C MET X 10 13.28 63.38 22.52
N LEU X 11 13.49 62.78 23.68
CA LEU X 11 14.80 62.26 24.03
C LEU X 11 15.08 60.94 23.32
N MET X 12 14.04 60.23 22.90
CA MET X 12 14.23 58.99 22.15
C MET X 12 14.94 59.17 20.82
N PRO X 13 14.39 59.87 19.81
CA PRO X 13 14.83 59.62 18.42
C PRO X 13 16.23 60.12 18.13
N LEU X 14 16.78 60.95 19.00
CA LEU X 14 18.17 61.35 18.89
C LEU X 14 19.09 60.14 19.04
N THR X 15 18.72 59.21 19.93
CA THR X 15 19.49 57.99 20.11
C THR X 15 19.47 57.12 18.86
N TRP X 16 18.39 57.17 18.10
CA TRP X 16 18.41 56.57 16.78
C TRP X 16 19.33 57.33 15.84
N LEU X 17 19.02 58.59 15.58
CA LEU X 17 19.80 59.31 14.56
C LEU X 17 20.99 60.04 15.15
N SER X 18 21.74 59.38 16.01
CA SER X 18 23.06 59.84 16.39
C SER X 18 24.09 58.95 15.70
N LYS X 19 25.26 59.53 15.43
CA LYS X 19 26.29 58.71 14.85
C LYS X 19 26.89 57.78 15.90
N ASN X 20 27.69 56.83 15.44
CA ASN X 20 28.28 55.84 16.31
C ASN X 20 29.30 56.51 17.22
N SER X 21 29.54 55.84 18.37
CA SER X 21 30.42 56.30 19.46
C SER X 21 29.97 57.64 20.02
N MET X 22 28.71 57.96 19.89
CA MET X 22 28.24 59.26 20.32
C MET X 22 26.86 59.18 20.95
N ILE X 23 26.23 58.01 20.98
CA ILE X 23 24.91 57.88 21.60
C ILE X 23 24.98 58.05 23.11
N TRP X 24 26.09 57.62 23.70
CA TRP X 24 26.24 57.56 25.15
C TRP X 24 26.25 58.95 25.75
N ILE X 25 27.07 59.83 25.17
CA ILE X 25 27.25 61.18 25.67
C ILE X 25 25.97 61.98 25.54
N ASN X 26 25.27 61.79 24.42
CA ASN X 26 24.04 62.53 24.16
C ASN X 26 22.94 62.13 25.14
N THR X 27 22.79 60.81 25.35
CA THR X 27 21.77 60.32 26.28
C THR X 27 22.03 60.78 27.71
N THR X 28 23.29 60.68 28.17
CA THR X 28 23.61 61.10 29.52
C THR X 28 23.40 62.59 29.73
N LEU X 29 23.84 63.41 28.76
CA LEU X 29 23.70 64.86 28.86
C LEU X 29 22.25 65.29 28.91
N HIS X 30 21.43 64.76 28.00
CA HIS X 30 20.05 65.20 27.96
C HIS X 30 19.24 64.64 29.11
N SER X 31 19.64 63.47 29.62
CA SER X 31 18.99 62.93 30.80
C SER X 31 19.22 63.82 32.02
N LEU X 32 20.46 64.31 32.18
CA LEU X 32 20.73 65.19 33.32
C LEU X 32 20.07 66.55 33.17
N LEU X 33 19.93 67.01 31.92
CA LEU X 33 19.13 68.20 31.63
C LEU X 33 17.70 68.04 32.13
N ILE X 34 17.07 66.92 31.79
CA ILE X 34 15.69 66.75 32.23
C ILE X 34 15.61 66.47 33.72
N SER X 35 16.70 65.97 34.32
CA SER X 35 16.76 65.80 35.77
C SER X 35 16.60 67.13 36.49
N LEU X 36 17.40 68.13 36.10
CA LEU X 36 17.22 69.46 36.70
C LEU X 36 15.88 70.08 36.29
N THR X 37 15.45 69.81 35.06
CA THR X 37 14.25 70.43 34.50
C THR X 37 13.02 70.04 35.29
N SER X 38 12.92 68.78 35.68
CA SER X 38 11.81 68.40 36.52
C SER X 38 12.14 68.46 38.00
N LEU X 39 13.39 68.74 38.36
CA LEU X 39 13.62 69.15 39.74
C LEU X 39 13.03 70.53 40.01
N LEU X 40 12.87 71.34 38.96
CA LEU X 40 12.28 72.67 39.10
C LEU X 40 10.80 72.63 39.50
N LEU X 41 10.13 71.48 39.42
CA LEU X 41 8.71 71.34 39.74
C LEU X 41 8.38 71.65 41.19
N LEU X 42 9.35 71.56 42.09
CA LEU X 42 9.08 71.45 43.52
C LEU X 42 8.63 72.80 44.07
N ASN X 43 7.33 73.06 43.93
CA ASN X 43 6.66 74.18 44.60
C ASN X 43 5.31 73.74 45.11
N GLN X 44 5.26 72.59 45.75
CA GLN X 44 4.03 72.15 46.39
C GLN X 44 3.78 73.01 47.61
N PHE X 45 2.80 73.90 47.52
CA PHE X 45 2.63 74.89 48.56
C PHE X 45 1.40 74.57 49.40
N GLY X 46 1.66 74.28 50.68
CA GLY X 46 0.66 74.27 51.72
C GLY X 46 -0.58 73.40 51.58
N ASP X 47 -1.70 74.07 51.34
CA ASP X 47 -3.01 73.45 51.54
C ASP X 47 -3.33 72.42 50.46
N ASN X 48 -3.39 72.84 49.21
CA ASN X 48 -3.85 71.95 48.17
C ASN X 48 -2.69 71.13 47.60
N SER X 49 -3.03 70.21 46.72
CA SER X 49 -2.07 69.66 45.78
C SER X 49 -1.97 70.61 44.60
N LEU X 50 -1.11 70.29 43.63
CA LEU X 50 -0.98 71.18 42.48
C LEU X 50 -1.43 70.44 41.23
N ASN X 51 -2.25 71.09 40.42
CA ASN X 51 -2.97 70.41 39.36
C ASN X 51 -2.63 70.96 37.98
N PHE X 52 -2.86 70.12 36.97
CA PHE X 52 -2.77 70.49 35.56
C PHE X 52 -3.81 69.67 34.81
N SER X 53 -4.39 70.30 33.79
CA SER X 53 -5.78 70.07 33.37
C SER X 53 -6.07 68.64 32.95
N LEU X 54 -6.78 67.94 33.82
CA LEU X 54 -7.41 66.64 33.62
C LEU X 54 -6.44 65.50 33.42
N THR X 55 -5.13 65.75 33.50
CA THR X 55 -4.20 64.64 33.36
C THR X 55 -3.17 64.59 34.48
N PHE X 56 -2.78 65.72 35.05
CA PHE X 56 -1.58 65.74 35.88
C PHE X 56 -1.90 66.33 37.24
N PHE X 57 -1.33 65.74 38.29
CA PHE X 57 -1.40 66.38 39.59
C PHE X 57 -0.19 65.95 40.39
N SER X 58 0.02 66.64 41.50
CA SER X 58 1.18 66.36 42.31
C SER X 58 0.85 66.65 43.77
N ASP X 59 0.92 65.59 44.57
CA ASP X 59 1.01 65.62 46.02
C ASP X 59 2.48 65.70 46.40
N SER X 60 2.79 65.42 47.65
CA SER X 60 4.14 65.05 48.01
C SER X 60 4.34 63.55 47.96
N LEU X 61 3.28 62.81 47.64
CA LEU X 61 3.36 61.38 47.50
C LEU X 61 3.95 60.97 46.16
N SER X 62 4.15 61.92 45.25
CA SER X 62 4.55 61.57 43.88
C SER X 62 5.76 62.35 43.41
N THR X 63 5.95 63.56 43.94
CA THR X 63 7.05 64.40 43.45
C THR X 63 8.43 63.85 43.79
N PRO X 64 8.75 63.37 45.01
CA PRO X 64 10.07 62.78 45.20
C PRO X 64 10.28 61.49 44.44
N LEU X 65 9.22 60.72 44.21
CA LEU X 65 9.35 59.54 43.36
C LEU X 65 9.66 59.92 41.92
N LEU X 66 9.04 61.01 41.45
CA LEU X 66 9.29 61.52 40.10
C LEU X 66 10.74 61.98 39.94
N ILE X 67 11.21 62.77 40.91
CA ILE X 67 12.59 63.25 40.91
C ILE X 67 13.55 62.07 41.05
N LEU X 68 13.14 61.05 41.79
CA LEU X 68 13.97 59.86 41.96
C LEU X 68 14.12 59.08 40.66
N THR X 69 13.04 58.97 39.89
CA THR X 69 13.13 58.26 38.62
C THR X 69 13.97 59.01 37.61
N MET X 70 13.79 60.33 37.52
CA MET X 70 14.62 61.08 36.61
C MET X 70 16.05 61.23 37.12
N TRP X 71 16.29 61.06 38.40
CA TRP X 71 17.65 60.89 38.88
C TRP X 71 18.18 59.52 38.49
N LEU X 72 17.29 58.54 38.40
CA LEU X 72 17.73 57.17 38.20
C LEU X 72 18.22 56.95 36.78
N LEU X 73 17.64 57.68 35.81
CA LEU X 73 17.97 57.47 34.40
C LEU X 73 19.45 57.53 34.01
N PRO X 74 20.26 58.52 34.41
CA PRO X 74 21.69 58.42 34.06
C PRO X 74 22.39 57.32 34.80
N LEU X 75 21.99 57.08 36.05
CA LEU X 75 22.50 55.95 36.81
C LEU X 75 22.11 54.63 36.15
N MET X 76 20.84 54.52 35.76
CA MET X 76 20.30 53.37 35.04
C MET X 76 21.09 53.07 33.79
N LEU X 77 21.28 54.09 32.96
CA LEU X 77 21.97 53.91 31.69
C LEU X 77 23.44 53.64 31.90
N MET X 78 24.07 54.36 32.81
CA MET X 78 25.52 54.34 32.95
C MET X 78 26.00 53.08 33.65
N ALA X 79 25.12 52.41 34.39
CA ALA X 79 25.46 51.07 34.83
C ALA X 79 25.39 50.08 33.69
N SER X 80 24.56 50.36 32.69
CA SER X 80 24.10 49.34 31.75
C SER X 80 25.02 49.18 30.55
N GLN X 81 26.31 49.44 30.69
CA GLN X 81 27.22 49.08 29.62
C GLN X 81 28.18 48.02 30.13
N HIS X 82 29.15 47.69 29.28
CA HIS X 82 30.29 46.81 29.52
C HIS X 82 29.86 45.34 29.61
N HIS X 83 28.56 45.08 29.59
CA HIS X 83 28.06 43.74 29.39
C HIS X 83 27.27 43.62 28.12
N LEU X 84 26.87 44.75 27.52
CA LEU X 84 26.32 44.78 26.18
C LEU X 84 27.08 45.76 25.31
N SER X 85 28.28 46.16 25.74
CA SER X 85 29.04 47.17 25.01
C SER X 85 29.52 46.63 23.68
N LYS X 86 30.02 45.41 23.65
CA LYS X 86 30.50 44.86 22.40
C LYS X 86 29.37 44.35 21.50
N GLU X 87 28.12 44.36 21.94
CA GLU X 87 27.02 43.91 21.10
C GLU X 87 26.67 44.98 20.07
N ASN X 88 25.61 44.71 19.29
CA ASN X 88 25.38 45.41 18.03
C ASN X 88 24.90 46.83 18.23
N LEU X 89 25.12 47.64 17.20
CA LEU X 89 24.72 49.04 17.23
C LEU X 89 23.21 49.17 17.27
N ALA X 90 22.52 48.43 16.39
CA ALA X 90 21.07 48.52 16.32
C ALA X 90 20.42 47.98 17.59
N ARG X 91 20.92 46.85 18.08
CA ARG X 91 20.37 46.25 19.30
C ARG X 91 20.66 47.11 20.52
N LYS X 92 21.80 47.81 20.53
CA LYS X 92 22.12 48.68 21.66
C LYS X 92 21.27 49.94 21.66
N LYS X 93 21.06 50.53 20.48
CA LYS X 93 20.12 51.65 20.37
C LYS X 93 18.70 51.22 20.74
N LEU X 94 18.35 49.98 20.38
CA LEU X 94 17.07 49.41 20.74
C LEU X 94 16.93 49.29 22.25
N PHE X 95 17.98 48.82 22.93
CA PHE X 95 18.00 48.70 24.37
C PHE X 95 17.83 50.04 25.06
N ILE X 96 18.60 51.04 24.63
CA ILE X 96 18.56 52.34 25.30
C ILE X 96 17.20 53.02 25.08
N SER X 97 16.69 52.97 23.85
CA SER X 97 15.37 53.52 23.56
C SER X 97 14.27 52.77 24.30
N MET X 98 14.48 51.48 24.57
CA MET X 98 13.51 50.72 25.35
C MET X 98 13.47 51.20 26.80
N LEU X 99 14.64 51.49 27.38
CA LEU X 99 14.67 52.06 28.72
C LEU X 99 14.01 53.43 28.78
N ILE X 100 14.21 54.25 27.73
CA ILE X 100 13.63 55.59 27.74
C ILE X 100 12.10 55.52 27.65
N LEU X 101 11.59 54.63 26.80
CA LEU X 101 10.15 54.46 26.69
C LEU X 101 9.56 53.89 27.98
N LEU X 102 10.31 53.02 28.65
CA LEU X 102 9.91 52.54 29.97
C LEU X 102 9.75 53.67 30.95
N GLN X 103 10.70 54.60 30.98
CA GLN X 103 10.59 55.69 31.95
C GLN X 103 9.48 56.67 31.58
N LEU X 104 9.22 56.87 30.28
CA LEU X 104 8.06 57.67 29.88
C LEU X 104 6.76 57.09 30.43
N PHE X 105 6.61 55.78 30.36
CA PHE X 105 5.43 55.18 30.99
C PHE X 105 5.48 55.30 32.51
N LEU X 106 6.67 55.32 33.09
CA LEU X 106 6.75 55.51 34.54
C LEU X 106 6.28 56.88 34.98
N ILE X 107 6.61 57.91 34.20
CA ILE X 107 6.23 59.26 34.58
C ILE X 107 4.75 59.48 34.35
N MET X 108 4.22 58.88 33.28
CA MET X 108 2.76 58.80 33.11
C MET X 108 2.09 58.11 34.30
N THR X 109 2.76 57.11 34.87
CA THR X 109 2.15 56.39 35.98
C THR X 109 2.20 57.22 37.27
N PHE X 110 3.32 57.88 37.53
CA PHE X 110 3.44 58.65 38.76
C PHE X 110 2.63 59.93 38.74
N THR X 111 2.29 60.45 37.57
CA THR X 111 1.44 61.63 37.52
C THR X 111 0.06 61.28 36.97
N ALA X 112 -0.42 60.09 37.30
CA ALA X 112 -1.72 59.64 36.85
C ALA X 112 -2.79 60.27 37.73
N THR X 113 -3.52 61.23 37.18
CA THR X 113 -4.65 61.82 37.90
C THR X 113 -5.78 60.82 38.04
N GLU X 114 -6.12 60.13 36.96
CA GLU X 114 -7.19 59.15 37.02
C GLU X 114 -6.63 57.78 37.36
N LEU X 115 -7.54 56.84 37.61
CA LEU X 115 -7.12 55.51 38.04
C LEU X 115 -7.19 54.47 36.94
N ILE X 116 -8.10 54.63 35.97
CA ILE X 116 -8.10 53.74 34.82
C ILE X 116 -6.84 53.95 34.02
N PHE X 117 -6.47 55.22 33.85
CA PHE X 117 -5.17 55.58 33.31
C PHE X 117 -4.04 54.99 34.14
N PHE X 118 -4.23 54.94 35.45
CA PHE X 118 -3.19 54.38 36.32
C PHE X 118 -3.03 52.88 36.10
N TYR X 119 -4.12 52.17 35.85
CA TYR X 119 -4.03 50.74 35.55
C TYR X 119 -3.37 50.51 34.20
N ILE X 120 -3.72 51.31 33.21
CA ILE X 120 -3.15 51.15 31.88
C ILE X 120 -1.66 51.44 31.91
N MET X 121 -1.25 52.52 32.56
CA MET X 121 0.17 52.83 32.65
C MET X 121 0.91 51.91 33.62
N PHE X 122 0.19 51.26 34.52
CA PHE X 122 0.77 50.23 35.38
C PHE X 122 1.22 49.02 34.56
N GLU X 123 0.35 48.54 33.70
CA GLU X 123 0.83 47.44 32.87
C GLU X 123 1.68 47.92 31.69
N ALA X 124 1.68 49.21 31.41
CA ALA X 124 2.68 49.77 30.52
C ALA X 124 4.05 49.77 31.15
N THR X 125 4.12 49.92 32.48
CA THR X 125 5.37 49.69 33.20
C THR X 125 5.76 48.22 33.09
N LEU X 126 4.76 47.33 33.18
CA LEU X 126 4.99 45.88 33.12
C LEU X 126 5.72 45.46 31.84
N VAL X 127 5.22 45.91 30.69
CA VAL X 127 5.61 45.24 29.44
C VAL X 127 7.07 45.40 28.96
N PRO X 128 7.78 46.58 29.03
CA PRO X 128 9.09 46.63 28.35
C PRO X 128 10.19 45.94 29.12
N THR X 129 10.05 45.92 30.45
CA THR X 129 11.05 45.30 31.30
C THR X 129 11.10 43.80 31.08
N LEU X 130 9.95 43.20 30.71
CA LEU X 130 9.92 41.83 30.22
C LEU X 130 10.86 41.64 29.05
N ILE X 131 10.75 42.52 28.05
CA ILE X 131 11.54 42.42 26.84
C ILE X 131 13.02 42.58 27.16
N ILE X 132 13.35 43.49 28.07
CA ILE X 132 14.74 43.74 28.40
C ILE X 132 15.36 42.56 29.13
N ILE X 133 14.67 42.06 30.17
CA ILE X 133 15.25 40.94 30.93
C ILE X 133 15.25 39.66 30.12
N THR X 134 14.36 39.54 29.14
CA THR X 134 14.34 38.31 28.40
C THR X 134 15.31 38.32 27.24
N ARG X 135 15.65 39.49 26.72
CA ARG X 135 16.70 39.48 25.72
C ARG X 135 18.07 39.39 26.39
N TRP X 136 18.26 40.06 27.52
CA TRP X 136 19.60 40.05 28.12
C TRP X 136 19.62 39.45 29.51
N GLY X 137 18.92 38.34 29.71
CA GLY X 137 18.77 37.78 31.05
C GLY X 137 20.01 37.15 31.65
N ASN X 138 21.11 37.02 30.91
CA ASN X 138 22.47 36.78 31.41
C ASN X 138 22.69 35.38 31.99
N GLN X 139 21.66 34.57 32.16
CA GLN X 139 21.83 33.27 32.79
C GLN X 139 20.80 32.32 32.17
N THR X 140 20.53 31.18 32.82
CA THR X 140 19.98 30.03 32.13
C THR X 140 18.47 29.86 32.24
N GLU X 141 17.80 30.51 33.19
CA GLU X 141 16.35 30.40 33.28
C GLU X 141 15.68 31.76 33.26
N ARG X 142 16.26 32.70 32.50
CA ARG X 142 15.65 33.99 32.23
C ARG X 142 14.26 33.84 31.61
N LEU X 143 14.06 32.76 30.84
CA LEU X 143 12.77 32.23 30.44
C LEU X 143 11.81 32.16 31.61
N ASN X 144 12.20 31.38 32.63
CA ASN X 144 11.36 31.11 33.79
C ASN X 144 11.08 32.39 34.57
N ALA X 145 12.09 33.24 34.70
CA ALA X 145 11.97 34.43 35.52
C ALA X 145 11.02 35.45 34.88
N GLY X 146 11.19 35.70 33.58
CA GLY X 146 10.29 36.61 32.90
C GLY X 146 8.87 36.09 32.87
N LEU X 147 8.70 34.77 32.80
CA LEU X 147 7.36 34.21 32.75
C LEU X 147 6.64 34.36 34.08
N TYR X 148 7.32 34.05 35.20
CA TYR X 148 6.76 34.30 36.54
C TYR X 148 6.40 35.75 36.72
N PHE X 149 7.29 36.65 36.30
CA PHE X 149 7.05 38.08 36.40
C PHE X 149 5.78 38.51 35.68
N LEU X 150 5.63 38.08 34.43
CA LEU X 150 4.52 38.57 33.62
C LEU X 150 3.20 38.01 34.13
N PHE X 151 3.15 36.70 34.43
CA PHE X 151 1.85 36.16 34.85
C PHE X 151 1.47 36.56 36.27
N TYR X 152 2.45 36.72 37.18
CA TYR X 152 2.10 37.25 38.49
C TYR X 152 1.60 38.67 38.41
N THR X 153 2.25 39.52 37.61
CA THR X 153 1.85 40.93 37.61
C THR X 153 0.51 41.13 36.92
N LEU X 154 0.22 40.40 35.84
CA LEU X 154 -1.13 40.49 35.27
C LEU X 154 -2.17 39.85 36.17
N ALA X 155 -2.02 38.56 36.48
CA ALA X 155 -3.06 37.83 37.20
C ALA X 155 -3.22 38.27 38.64
N GLY X 156 -2.33 39.09 39.17
CA GLY X 156 -2.66 39.86 40.34
C GLY X 156 -3.41 41.10 39.91
N SER X 157 -2.81 41.87 38.98
CA SER X 157 -3.27 43.22 38.67
C SER X 157 -4.57 43.28 37.88
N LEU X 158 -5.01 42.19 37.27
CA LEU X 158 -6.13 42.27 36.33
C LEU X 158 -7.48 42.58 36.96
N PRO X 159 -7.93 41.94 38.06
CA PRO X 159 -9.29 42.27 38.55
C PRO X 159 -9.40 43.65 39.19
N LEU X 160 -8.27 44.30 39.44
CA LEU X 160 -8.25 45.72 39.78
C LEU X 160 -8.98 46.55 38.74
N LEU X 161 -8.88 46.16 37.45
CA LEU X 161 -9.60 46.84 36.39
C LEU X 161 -11.11 46.77 36.58
N VAL X 162 -11.63 45.58 36.85
CA VAL X 162 -13.08 45.42 37.01
C VAL X 162 -13.55 46.15 38.26
N ALA X 163 -12.74 46.14 39.32
CA ALA X 163 -13.12 46.87 40.52
C ALA X 163 -13.13 48.38 40.28
N LEU X 164 -12.21 48.88 39.47
CA LEU X 164 -12.20 50.30 39.19
C LEU X 164 -13.32 50.71 38.24
N ILE X 165 -13.73 49.84 37.31
CA ILE X 165 -14.91 50.17 36.50
C ILE X 165 -16.17 50.12 37.36
N TYR X 166 -16.19 49.25 38.36
CA TYR X 166 -17.30 49.21 39.29
C TYR X 166 -17.40 50.49 40.10
N ILE X 167 -16.26 50.99 40.57
CA ILE X 167 -16.23 52.29 41.23
C ILE X 167 -16.56 53.43 40.27
N GLN X 168 -16.17 53.28 39.01
CA GLN X 168 -16.49 54.25 37.96
C GLN X 168 -18.00 54.40 37.79
N ASN X 169 -18.70 53.29 37.59
CA ASN X 169 -20.13 53.41 37.40
C ASN X 169 -20.93 53.31 38.69
N THR X 170 -20.29 53.47 39.86
CA THR X 170 -21.08 53.77 41.04
C THR X 170 -20.85 55.16 41.63
N MET X 171 -19.77 55.85 41.25
CA MET X 171 -19.52 57.18 41.83
C MET X 171 -19.00 58.19 40.82
N GLY X 172 -19.39 58.06 39.55
CA GLY X 172 -18.88 59.03 38.60
C GLY X 172 -17.41 58.80 38.28
N SER X 173 -16.78 59.86 37.78
CA SER X 173 -15.42 59.76 37.27
C SER X 173 -14.42 59.50 38.39
N LEU X 174 -13.23 59.05 37.99
CA LEU X 174 -12.23 58.53 38.90
C LEU X 174 -11.04 59.46 39.02
N ASN X 175 -11.31 60.77 39.02
CA ASN X 175 -10.33 61.72 39.49
C ASN X 175 -9.99 61.45 40.95
N PHE X 176 -8.76 61.75 41.31
CA PHE X 176 -8.34 61.68 42.71
C PHE X 176 -9.05 62.72 43.55
N LEU X 177 -9.41 63.85 42.97
CA LEU X 177 -9.97 64.93 43.76
C LEU X 177 -11.43 64.68 44.11
N ILE X 178 -12.22 64.20 43.16
CA ILE X 178 -13.63 63.92 43.46
C ILE X 178 -13.73 62.73 44.39
N LEU X 179 -12.84 61.76 44.24
CA LEU X 179 -12.79 60.65 45.17
C LEU X 179 -12.32 61.10 46.53
N GLN X 180 -11.55 62.19 46.63
CA GLN X 180 -11.40 62.84 47.92
C GLN X 180 -12.70 63.47 48.38
N TYR X 181 -13.58 63.87 47.46
CA TYR X 181 -14.71 64.66 47.91
C TYR X 181 -16.01 63.89 47.95
N TRP X 182 -16.34 63.12 46.90
CA TRP X 182 -17.58 62.36 46.87
C TRP X 182 -17.47 61.00 47.52
N VAL X 183 -16.49 60.78 48.39
CA VAL X 183 -16.41 59.48 49.03
C VAL X 183 -17.54 59.38 50.06
N GLN X 184 -18.02 58.17 50.25
CA GLN X 184 -18.94 57.84 51.32
C GLN X 184 -18.55 56.45 51.81
N PRO X 185 -18.78 56.15 53.09
CA PRO X 185 -18.31 54.88 53.63
C PRO X 185 -19.00 53.68 53.01
N MET X 186 -18.28 52.57 52.95
CA MET X 186 -18.80 51.34 52.36
C MET X 186 -18.75 50.24 53.40
N PRO X 187 -19.90 49.80 53.93
CA PRO X 187 -19.89 49.00 55.16
C PRO X 187 -19.47 47.55 55.00
N ASN X 188 -19.57 46.80 56.09
CA ASN X 188 -19.03 45.43 56.16
C ASN X 188 -20.04 44.44 55.58
N SER X 189 -20.24 44.55 54.28
CA SER X 189 -20.96 43.55 53.51
C SER X 189 -19.93 42.50 53.03
N TRP X 190 -20.31 41.64 52.10
CA TRP X 190 -19.29 40.85 51.45
C TRP X 190 -18.80 41.46 50.15
N SER X 191 -19.61 42.31 49.50
CA SER X 191 -19.18 42.91 48.24
C SER X 191 -18.02 43.86 48.45
N ASN X 192 -18.07 44.63 49.54
CA ASN X 192 -16.93 45.46 49.91
C ASN X 192 -15.72 44.61 50.25
N THR X 193 -15.96 43.43 50.84
CA THR X 193 -14.86 42.53 51.19
C THR X 193 -14.17 42.03 49.93
N PHE X 194 -14.94 41.65 48.92
CA PHE X 194 -14.32 41.18 47.69
C PHE X 194 -13.67 42.30 46.89
N MET X 195 -14.25 43.51 46.93
CA MET X 195 -13.66 44.62 46.21
C MET X 195 -12.32 45.04 46.82
N TRP X 196 -12.30 45.14 48.15
CA TRP X 196 -11.06 45.45 48.85
C TRP X 196 -10.05 44.34 48.68
N LEU X 197 -10.51 43.09 48.68
CA LEU X 197 -9.61 41.95 48.49
C LEU X 197 -9.00 41.98 47.10
N ALA X 198 -9.78 42.37 46.09
CA ALA X 198 -9.26 42.44 44.73
C ALA X 198 -8.19 43.51 44.59
N CYS X 199 -8.51 44.74 45.03
CA CYS X 199 -7.57 45.86 44.85
C CYS X 199 -6.30 45.65 45.67
N MET X 200 -6.47 45.37 46.96
CA MET X 200 -5.32 45.15 47.81
C MET X 200 -4.58 43.88 47.46
N MET X 201 -5.24 42.90 46.83
CA MET X 201 -4.55 41.67 46.46
C MET X 201 -3.64 41.88 45.27
N ALA X 202 -4.13 42.63 44.27
CA ALA X 202 -3.29 43.07 43.16
C ALA X 202 -2.06 43.82 43.65
N PHE X 203 -2.25 44.72 44.61
CA PHE X 203 -1.08 45.46 45.07
C PHE X 203 -0.17 44.63 45.99
N MET X 204 -0.74 43.72 46.79
CA MET X 204 0.04 42.73 47.55
C MET X 204 0.97 41.94 46.65
N VAL X 205 0.46 41.51 45.49
CA VAL X 205 1.30 40.82 44.52
C VAL X 205 2.37 41.76 43.97
N LYS X 206 2.03 43.05 43.81
CA LYS X 206 3.02 43.97 43.26
C LYS X 206 4.19 44.26 44.22
N MET X 207 3.96 44.23 45.54
CA MET X 207 4.97 44.73 46.49
C MET X 207 6.29 43.97 46.55
N PRO X 208 6.35 42.62 46.60
CA PRO X 208 5.39 41.53 46.76
C PRO X 208 5.04 41.37 48.23
N LEU X 209 3.92 40.73 48.52
CA LEU X 209 3.74 40.24 49.86
C LEU X 209 4.53 38.95 50.03
N TYR X 210 4.60 38.49 51.27
CA TYR X 210 5.36 37.27 51.56
C TYR X 210 4.72 36.03 50.98
N GLY X 211 3.39 36.03 50.85
CA GLY X 211 2.69 34.89 50.30
C GLY X 211 3.01 34.60 48.85
N LEU X 212 3.47 35.59 48.11
CA LEU X 212 3.89 35.40 46.73
C LEU X 212 5.21 36.12 46.49
N HIS X 213 6.15 35.96 47.40
CA HIS X 213 7.43 36.62 47.24
C HIS X 213 8.45 35.75 46.53
N LEU X 214 8.06 34.58 46.02
CA LEU X 214 8.96 33.88 45.10
C LEU X 214 9.05 34.54 43.75
N TRP X 215 8.12 35.47 43.46
CA TRP X 215 8.18 36.31 42.27
C TRP X 215 9.51 37.03 42.15
N LEU X 216 9.98 37.60 43.26
CA LEU X 216 11.10 38.52 43.19
C LEU X 216 12.45 37.88 42.89
N PRO X 217 12.91 36.81 43.57
CA PRO X 217 14.34 36.46 43.46
C PRO X 217 14.78 35.98 42.10
N LYS X 218 13.92 35.28 41.37
CA LYS X 218 14.25 34.89 40.01
C LYS X 218 14.34 36.11 39.10
N ALA X 219 13.43 37.05 39.30
CA ALA X 219 13.37 38.30 38.55
C ALA X 219 14.54 39.23 38.83
N HIS X 220 15.32 38.98 39.88
CA HIS X 220 16.54 39.74 40.09
C HIS X 220 17.79 38.97 39.71
N VAL X 221 17.83 37.67 40.00
CA VAL X 221 19.04 36.92 39.63
C VAL X 221 19.15 36.68 38.14
N GLU X 222 18.09 36.91 37.39
CA GLU X 222 18.14 36.75 35.94
C GLU X 222 17.66 37.99 35.25
N ALA X 223 18.19 39.13 35.67
CA ALA X 223 17.93 40.39 35.01
C ALA X 223 19.25 41.11 34.78
N PRO X 224 19.34 41.94 33.75
CA PRO X 224 20.47 42.85 33.63
C PRO X 224 20.35 43.98 34.64
N ILE X 225 21.39 44.82 34.71
CA ILE X 225 21.58 45.69 35.84
C ILE X 225 20.59 46.85 35.82
N ALA X 226 20.32 47.42 34.65
CA ALA X 226 19.38 48.52 34.54
C ALA X 226 17.96 48.05 34.83
N GLY X 227 17.61 46.88 34.28
CA GLY X 227 16.33 46.28 34.60
C GLY X 227 16.20 45.92 36.06
N SER X 228 17.30 45.48 36.68
CA SER X 228 17.30 45.16 38.09
C SER X 228 16.97 46.39 38.93
N MET X 229 17.67 47.49 38.69
CA MET X 229 17.46 48.70 39.48
C MET X 229 16.06 49.26 39.27
N VAL X 230 15.62 49.32 38.01
CA VAL X 230 14.31 49.89 37.71
C VAL X 230 13.21 49.03 38.29
N LEU X 231 13.31 47.70 38.09
CA LEU X 231 12.40 46.71 38.66
C LEU X 231 12.23 46.92 40.15
N ALA X 232 13.32 46.77 40.90
CA ALA X 232 13.32 46.91 42.35
C ALA X 232 12.79 48.25 42.81
N ALA X 233 13.52 49.32 42.53
CA ALA X 233 13.17 50.63 43.07
C ALA X 233 11.83 51.12 42.51
N ILE X 234 11.76 51.30 41.21
CA ILE X 234 10.61 52.01 40.69
C ILE X 234 9.36 51.15 40.70
N LEU X 235 9.45 49.84 40.41
CA LEU X 235 8.24 49.03 40.39
C LEU X 235 7.71 48.77 41.80
N LEU X 236 8.58 48.47 42.77
CA LEU X 236 8.00 48.15 44.08
C LEU X 236 7.52 49.41 44.79
N LYS X 237 8.25 50.51 44.64
CA LYS X 237 7.77 51.73 45.28
C LYS X 237 6.59 52.33 44.53
N LEU X 238 6.43 52.00 43.24
CA LEU X 238 5.24 52.40 42.50
C LEU X 238 4.02 51.61 42.97
N GLY X 239 4.20 50.32 43.26
CA GLY X 239 3.11 49.56 43.85
C GLY X 239 2.67 50.14 45.18
N GLY X 240 3.64 50.51 46.02
CA GLY X 240 3.29 51.17 47.27
C GLY X 240 2.60 52.50 47.07
N TYR X 241 3.01 53.23 46.04
CA TYR X 241 2.38 54.50 45.70
C TYR X 241 0.93 54.32 45.28
N GLY X 242 0.64 53.26 44.52
CA GLY X 242 -0.71 53.02 44.09
C GLY X 242 -1.62 52.61 45.24
N MET X 243 -1.07 51.82 46.18
CA MET X 243 -1.84 51.51 47.38
C MET X 243 -2.11 52.76 48.21
N MET X 244 -1.11 53.64 48.31
CA MET X 244 -1.29 54.90 49.01
C MET X 244 -2.34 55.78 48.36
N ARG X 245 -2.45 55.73 47.04
CA ARG X 245 -3.57 56.40 46.36
C ARG X 245 -4.89 55.80 46.78
N ILE X 246 -5.13 54.53 46.44
CA ILE X 246 -6.50 54.04 46.47
C ILE X 246 -6.91 53.55 47.84
N THR X 247 -6.06 53.68 48.85
CA THR X 247 -6.54 53.43 50.20
C THR X 247 -7.31 54.61 50.77
N LEU X 248 -7.42 55.72 50.02
CA LEU X 248 -8.22 56.85 50.46
C LEU X 248 -9.69 56.48 50.55
N LEU X 249 -10.18 55.70 49.61
CA LEU X 249 -11.50 55.15 49.75
C LEU X 249 -11.41 53.85 50.55
N LEU X 250 -12.58 53.28 50.85
CA LEU X 250 -12.74 52.05 51.66
C LEU X 250 -12.14 52.22 53.05
N ASN X 251 -12.78 53.09 53.83
CA ASN X 251 -12.41 53.23 55.24
C ASN X 251 -12.79 52.04 56.12
N PRO X 252 -14.08 51.67 56.30
CA PRO X 252 -14.40 50.84 57.48
C PRO X 252 -14.10 49.36 57.33
N ILE X 253 -14.05 48.82 56.10
CA ILE X 253 -13.82 47.38 55.96
C ILE X 253 -12.37 46.99 56.14
N THR X 254 -11.44 47.94 56.05
CA THR X 254 -10.05 47.59 56.26
C THR X 254 -9.78 47.34 57.74
N ASP X 255 -10.66 47.82 58.63
CA ASP X 255 -10.59 47.46 60.04
C ASP X 255 -10.85 45.98 60.23
N PHE X 256 -11.75 45.43 59.44
CA PHE X 256 -12.00 44.00 59.58
C PHE X 256 -10.92 43.22 58.83
N MET X 257 -10.80 43.45 57.54
CA MET X 257 -10.06 42.51 56.71
C MET X 257 -8.58 42.89 56.60
N ALA X 258 -8.12 43.88 57.36
CA ALA X 258 -6.70 44.18 57.35
C ALA X 258 -5.88 43.26 58.23
N TYR X 259 -6.53 42.37 58.99
CA TYR X 259 -5.82 41.56 59.98
C TYR X 259 -4.87 40.52 59.37
N PRO X 260 -5.28 39.66 58.41
CA PRO X 260 -4.35 38.60 58.00
C PRO X 260 -3.21 39.10 57.14
N PHE X 261 -3.38 40.23 56.45
CA PHE X 261 -2.30 40.74 55.62
C PHE X 261 -1.16 41.27 56.48
N ILE X 262 -1.48 42.00 57.54
CA ILE X 262 -0.46 42.52 58.44
C ILE X 262 0.24 41.39 59.16
N MET X 263 -0.52 40.36 59.54
CA MET X 263 0.04 39.18 60.16
C MET X 263 1.02 38.45 59.26
N LEU X 264 0.58 38.19 58.02
CA LEU X 264 1.43 37.53 57.04
C LEU X 264 2.67 38.35 56.74
N SER X 265 2.52 39.67 56.68
CA SER X 265 3.65 40.53 56.38
C SER X 265 4.66 40.54 57.52
N LEU X 266 4.18 40.57 58.77
CA LEU X 266 5.10 40.58 59.91
C LEU X 266 5.88 39.28 60.01
N TRP X 267 5.15 38.15 60.07
CA TRP X 267 5.86 36.88 60.28
C TRP X 267 6.70 36.53 59.08
N GLY X 268 6.23 36.82 57.87
CA GLY X 268 7.05 36.56 56.72
C GLY X 268 8.18 37.54 56.54
N MET X 269 8.07 38.74 57.12
CA MET X 269 9.21 39.63 57.16
C MET X 269 10.32 39.05 58.01
N ILE X 270 9.94 38.43 59.13
CA ILE X 270 10.93 37.75 59.96
C ILE X 270 11.49 36.53 59.25
N MET X 271 10.65 35.76 58.57
CA MET X 271 11.14 34.60 57.84
C MET X 271 12.02 35.01 56.65
N THR X 272 11.81 36.20 56.11
CA THR X 272 12.63 36.66 55.01
C THR X 272 13.99 37.14 55.49
N SER X 273 14.01 37.83 56.63
CA SER X 273 15.30 38.10 57.24
C SER X 273 16.00 36.82 57.71
N SER X 274 15.25 35.76 57.96
CA SER X 274 15.91 34.48 58.20
C SER X 274 16.46 33.88 56.91
N ILE X 275 15.75 34.02 55.80
CA ILE X 275 16.17 33.34 54.58
C ILE X 275 17.37 34.03 53.95
N CYS X 276 17.50 35.34 54.11
CA CYS X 276 18.68 36.00 53.57
C CYS X 276 19.79 36.10 54.58
N LEU X 277 19.90 35.12 55.46
CA LEU X 277 21.02 35.02 56.36
C LEU X 277 21.99 33.91 55.97
N ARG X 278 21.49 32.87 55.30
CA ARG X 278 22.26 31.64 55.13
C ARG X 278 22.51 31.27 53.68
N GLN X 279 21.77 31.85 52.72
CA GLN X 279 21.97 31.55 51.32
C GLN X 279 23.35 31.94 50.81
N THR X 280 23.69 31.34 49.68
CA THR X 280 24.76 31.74 48.79
C THR X 280 24.21 32.81 47.84
N ASP X 281 24.88 33.00 46.70
CA ASP X 281 24.36 33.71 45.54
C ASP X 281 24.11 35.18 45.84
N LEU X 282 25.23 35.89 46.01
CA LEU X 282 25.36 37.27 46.49
C LEU X 282 24.32 38.26 46.00
N LYS X 283 23.89 38.10 44.75
CA LYS X 283 22.88 38.99 44.18
C LYS X 283 21.55 38.86 44.90
N SER X 284 21.16 37.63 45.26
CA SER X 284 19.79 37.38 45.72
C SER X 284 19.53 37.85 47.14
N LEU X 285 20.58 38.09 47.93
CA LEU X 285 20.39 38.50 49.31
C LEU X 285 19.77 39.87 49.39
N ILE X 286 20.12 40.76 48.46
CA ILE X 286 19.53 42.08 48.43
C ILE X 286 18.09 42.00 47.97
N ALA X 287 17.77 41.01 47.14
CA ALA X 287 16.39 40.80 46.73
C ALA X 287 15.51 40.41 47.91
N TYR X 288 15.98 39.47 48.73
CA TYR X 288 15.19 39.15 49.91
C TYR X 288 15.19 40.28 50.94
N SER X 289 16.26 41.08 50.98
CA SER X 289 16.28 42.26 51.83
C SER X 289 15.21 43.25 51.40
N SER X 290 15.02 43.38 50.09
CA SER X 290 13.97 44.25 49.56
C SER X 290 12.59 43.70 49.88
N VAL X 291 12.45 42.37 49.89
CA VAL X 291 11.19 41.76 50.32
C VAL X 291 10.86 42.15 51.76
N SER X 292 11.87 42.09 52.64
CA SER X 292 11.63 42.43 54.05
C SER X 292 11.29 43.91 54.23
N HIS X 293 12.01 44.78 53.52
CA HIS X 293 11.70 46.21 53.59
C HIS X 293 10.32 46.52 53.02
N MET X 294 9.90 45.82 51.99
CA MET X 294 8.57 46.12 51.48
C MET X 294 7.47 45.52 52.34
N ALA X 295 7.75 44.45 53.08
CA ALA X 295 6.80 44.01 54.09
C ALA X 295 6.64 45.05 55.18
N LEU X 296 7.76 45.69 55.56
CA LEU X 296 7.68 46.79 56.53
C LEU X 296 6.85 47.95 55.98
N VAL X 297 7.05 48.27 54.70
CA VAL X 297 6.24 49.26 53.99
C VAL X 297 4.76 48.90 54.06
N ILE X 298 4.43 47.63 53.86
CA ILE X 298 3.04 47.20 53.81
C ILE X 298 2.36 47.33 55.15
N VAL X 299 3.08 47.00 56.23
CA VAL X 299 2.57 47.25 57.57
C VAL X 299 2.27 48.73 57.75
N ALA X 300 3.19 49.56 57.27
CA ALA X 300 3.02 51.01 57.38
C ALA X 300 1.82 51.51 56.60
N ILE X 301 1.54 50.93 55.44
CA ILE X 301 0.45 51.49 54.64
C ILE X 301 -0.89 51.08 55.22
N LEU X 302 -1.00 49.84 55.67
CA LEU X 302 -2.32 49.42 56.12
C LEU X 302 -2.68 49.90 57.52
N ILE X 303 -1.71 50.32 58.34
CA ILE X 303 -2.13 50.75 59.68
C ILE X 303 -2.78 52.13 59.73
N GLN X 304 -2.68 52.94 58.68
CA GLN X 304 -3.47 54.16 58.46
C GLN X 304 -3.26 55.22 59.56
N THR X 305 -2.07 55.80 59.55
CA THR X 305 -1.63 56.78 60.53
C THR X 305 -0.74 57.80 59.83
N PRO X 306 -0.81 59.08 60.21
CA PRO X 306 0.01 60.10 59.53
C PRO X 306 1.52 59.92 59.72
N TRP X 307 1.94 59.55 60.93
CA TRP X 307 3.32 59.11 61.17
C TRP X 307 3.70 57.97 60.25
N SER X 308 2.77 57.03 60.11
CA SER X 308 3.01 55.86 59.29
C SER X 308 3.19 56.24 57.82
N TYR X 309 2.41 57.19 57.34
CA TYR X 309 2.52 57.55 55.93
C TYR X 309 3.79 58.35 55.66
N MET X 310 4.17 59.22 56.59
CA MET X 310 5.42 59.96 56.43
C MET X 310 6.63 59.04 56.46
N GLY X 311 6.71 58.17 57.46
CA GLY X 311 7.79 57.21 57.53
C GLY X 311 7.77 56.20 56.40
N ALA X 312 6.58 55.92 55.87
CA ALA X 312 6.47 54.96 54.78
C ALA X 312 7.05 55.50 53.49
N THR X 313 6.71 56.74 53.13
CA THR X 313 7.31 57.28 51.92
C THR X 313 8.79 57.56 52.11
N ALA X 314 9.21 57.83 53.35
CA ALA X 314 10.64 57.96 53.64
C ALA X 314 11.36 56.65 53.41
N LEU X 315 10.77 55.55 53.88
CA LEU X 315 11.36 54.24 53.69
C LEU X 315 11.37 53.83 52.22
N MET X 316 10.34 54.24 51.48
CA MET X 316 10.32 54.03 50.03
C MET X 316 11.53 54.66 49.36
N ILE X 317 11.77 55.94 49.63
CA ILE X 317 12.82 56.64 48.91
C ILE X 317 14.21 56.15 49.34
N ALA X 318 14.41 55.96 50.65
CA ALA X 318 15.70 55.51 51.14
C ALA X 318 16.01 54.09 50.68
N HIS X 319 15.01 53.21 50.66
CA HIS X 319 15.29 51.85 50.24
C HIS X 319 15.49 51.76 48.75
N GLY X 320 14.86 52.65 47.98
CA GLY X 320 15.14 52.69 46.55
C GLY X 320 16.58 53.03 46.26
N LEU X 321 17.10 54.07 46.94
CA LEU X 321 18.50 54.45 46.75
C LEU X 321 19.45 53.36 47.20
N THR X 322 19.26 52.82 48.40
CA THR X 322 20.19 51.83 48.94
C THR X 322 20.18 50.53 48.14
N SER X 323 19.01 50.07 47.71
CA SER X 323 18.93 48.83 46.95
C SER X 323 19.53 49.00 45.56
N SER X 324 19.31 50.15 44.92
CA SER X 324 19.92 50.36 43.61
C SER X 324 21.44 50.42 43.71
N MET X 325 21.95 51.05 44.77
CA MET X 325 23.40 51.09 44.98
C MET X 325 23.96 49.68 45.16
N LEU X 326 23.33 48.90 46.02
CA LEU X 326 23.90 47.62 46.37
C LEU X 326 23.80 46.64 45.21
N PHE X 327 22.79 46.79 44.36
CA PHE X 327 22.77 46.08 43.09
C PHE X 327 23.93 46.49 42.19
N CYS X 328 24.25 47.79 42.17
CA CYS X 328 25.37 48.24 41.34
C CYS X 328 26.70 47.66 41.84
N LEU X 329 26.88 47.55 43.14
CA LEU X 329 28.12 46.94 43.63
C LEU X 329 28.16 45.45 43.35
N ALA X 330 27.00 44.78 43.38
CA ALA X 330 26.94 43.39 42.98
C ALA X 330 27.33 43.23 41.51
N ASN X 331 26.91 44.18 40.67
CA ASN X 331 27.32 44.16 39.26
C ASN X 331 28.81 44.38 39.11
N SER X 332 29.40 45.21 39.96
CA SER X 332 30.83 45.43 39.90
C SER X 332 31.61 44.17 40.26
N ASN X 333 31.17 43.45 41.29
CA ASN X 333 31.86 42.24 41.68
C ASN X 333 31.70 41.15 40.62
N TYR X 334 30.52 41.07 39.98
CA TYR X 334 30.37 40.08 38.92
C TYR X 334 31.14 40.46 37.67
N GLU X 335 31.35 41.76 37.43
CA GLU X 335 32.32 42.16 36.41
C GLU X 335 33.71 41.68 36.74
N ARG X 336 34.06 41.65 38.02
CA ARG X 336 35.37 41.15 38.40
C ARG X 336 35.48 39.66 38.14
N VAL X 337 34.71 38.84 38.85
CA VAL X 337 35.06 37.43 38.96
C VAL X 337 34.20 36.51 38.11
N HIS X 338 33.11 37.00 37.52
CA HIS X 338 32.24 36.25 36.60
C HIS X 338 31.63 35.03 37.28
N SER X 339 31.19 35.19 38.53
CA SER X 339 30.81 34.04 39.34
C SER X 339 29.36 34.07 39.82
N ARG X 340 28.95 35.14 40.53
CA ARG X 340 27.68 35.38 41.22
C ARG X 340 27.54 34.56 42.51
N THR X 341 28.43 33.60 42.74
CA THR X 341 28.42 32.95 44.05
C THR X 341 29.20 33.80 45.05
N MET X 342 29.02 33.48 46.32
CA MET X 342 29.51 34.36 47.37
C MET X 342 30.88 33.94 47.89
N ILE X 343 31.10 32.64 48.10
CA ILE X 343 32.31 32.17 48.77
C ILE X 343 33.53 32.22 47.87
N LEU X 344 33.37 32.54 46.60
CA LEU X 344 34.52 32.71 45.73
C LEU X 344 35.14 34.09 45.89
N ALA X 345 34.32 35.14 45.90
CA ALA X 345 34.83 36.50 46.06
C ALA X 345 35.09 36.75 47.54
N ARG X 346 36.36 36.67 47.93
CA ARG X 346 36.75 36.84 49.32
C ARG X 346 37.92 37.79 49.41
N GLY X 347 38.04 38.46 50.53
CA GLY X 347 39.17 39.35 50.78
C GLY X 347 38.88 40.77 50.33
N LEU X 348 39.62 41.24 49.31
CA LEU X 348 39.39 42.52 48.66
C LEU X 348 39.50 43.71 49.60
N GLN X 349 40.31 43.62 50.65
CA GLN X 349 40.59 44.85 51.38
C GLN X 349 41.76 45.60 50.78
N THR X 350 42.88 44.92 50.57
CA THR X 350 43.97 45.51 49.81
C THR X 350 43.52 45.72 48.37
N LEU X 351 43.13 44.64 47.72
CA LEU X 351 42.66 44.68 46.34
C LEU X 351 41.35 45.45 46.27
N LEU X 352 41.28 46.41 45.33
CA LEU X 352 40.24 47.42 45.21
C LEU X 352 40.07 48.13 46.55
N PRO X 353 41.03 48.97 46.95
CA PRO X 353 41.09 49.38 48.35
C PRO X 353 39.99 50.33 48.78
N LEU X 354 39.46 51.15 47.88
CA LEU X 354 38.42 52.09 48.25
C LEU X 354 37.03 51.61 47.83
N MET X 355 36.94 50.48 47.13
CA MET X 355 35.64 49.87 46.89
C MET X 355 35.01 49.42 48.21
N ALA X 356 35.86 49.02 49.15
CA ALA X 356 35.41 48.63 50.49
C ALA X 356 34.71 49.76 51.21
N ALA X 357 35.14 50.99 50.97
CA ALA X 357 34.51 52.11 51.64
C ALA X 357 33.08 52.31 51.16
N TRP X 358 32.84 52.08 49.88
CA TRP X 358 31.47 52.20 49.41
C TRP X 358 30.62 51.00 49.80
N TRP X 359 31.21 49.80 49.85
CA TRP X 359 30.50 48.65 50.42
C TRP X 359 30.07 48.92 51.85
N LEU X 360 30.99 49.44 52.66
CA LEU X 360 30.70 49.75 54.05
C LEU X 360 29.62 50.80 54.16
N LEU X 361 29.68 51.84 53.32
CA LEU X 361 28.69 52.90 53.40
C LEU X 361 27.31 52.41 53.00
N ALA X 362 27.24 51.52 52.02
CA ALA X 362 25.95 50.95 51.63
C ALA X 362 25.40 50.03 52.70
N SER X 363 26.27 49.22 53.31
CA SER X 363 25.81 48.33 54.38
C SER X 363 25.39 49.12 55.61
N LEU X 364 25.95 50.31 55.81
CA LEU X 364 25.48 51.15 56.91
C LEU X 364 24.18 51.87 56.58
N THR X 365 23.94 52.19 55.31
CA THR X 365 22.62 52.70 54.98
C THR X 365 21.55 51.63 55.12
N ASN X 366 21.90 50.39 54.81
CA ASN X 366 20.97 49.28 55.01
C ASN X 366 20.94 48.81 56.45
N LEU X 367 21.89 49.28 57.27
CA LEU X 367 21.89 48.97 58.70
C LEU X 367 20.69 49.52 59.41
N ALA X 368 20.18 50.67 58.94
CA ALA X 368 19.62 51.77 59.73
C ALA X 368 20.68 52.37 60.65
N LEU X 369 21.65 52.99 60.00
CA LEU X 369 22.43 54.05 60.62
C LEU X 369 21.52 55.23 60.91
N PRO X 370 21.67 55.89 62.04
CA PRO X 370 20.57 56.72 62.59
C PRO X 370 20.32 58.06 61.89
N PRO X 371 21.31 58.84 61.41
CA PRO X 371 20.91 60.04 60.66
C PRO X 371 20.41 59.74 59.27
N SER X 372 20.60 58.52 58.77
CA SER X 372 20.12 58.14 57.45
C SER X 372 18.60 58.10 57.43
N ILE X 373 18.05 58.26 56.21
CA ILE X 373 16.61 58.37 56.03
C ILE X 373 15.94 57.03 56.28
N ASN X 374 16.70 55.94 56.08
CA ASN X 374 16.26 54.59 56.38
C ASN X 374 15.78 54.47 57.81
N LEU X 375 16.55 55.02 58.75
CA LEU X 375 16.16 54.88 60.14
C LEU X 375 15.01 55.80 60.51
N ILE X 376 14.90 56.96 59.84
CA ILE X 376 13.73 57.81 60.02
C ILE X 376 12.47 57.06 59.63
N GLY X 377 12.53 56.35 58.49
CA GLY X 377 11.39 55.56 58.05
C GLY X 377 11.04 54.44 59.01
N GLU X 378 12.03 53.61 59.34
CA GLU X 378 11.78 52.46 60.21
C GLU X 378 11.34 52.88 61.60
N LEU X 379 11.89 53.99 62.10
CA LEU X 379 11.55 54.49 63.41
C LEU X 379 10.11 54.96 63.46
N PHE X 380 9.68 55.73 62.45
CA PHE X 380 8.30 56.19 62.50
C PHE X 380 7.31 55.08 62.23
N VAL X 381 7.72 54.05 61.48
CA VAL X 381 6.89 52.85 61.37
C VAL X 381 6.72 52.19 62.72
N VAL X 382 7.81 52.10 63.50
CA VAL X 382 7.73 51.46 64.81
C VAL X 382 6.87 52.28 65.77
N MET X 383 6.97 53.62 65.70
CA MET X 383 6.13 54.47 66.55
C MET X 383 4.65 54.30 66.23
N SER X 384 4.30 54.29 64.94
CA SER X 384 2.91 54.15 64.55
C SER X 384 2.37 52.76 64.90
N THR X 385 3.16 51.72 64.66
CA THR X 385 2.64 50.40 64.95
C THR X 385 2.61 50.12 66.44
N PHE X 386 3.42 50.82 67.23
CA PHE X 386 3.30 50.64 68.67
C PHE X 386 2.10 51.38 69.20
N SER X 387 1.70 52.47 68.54
CA SER X 387 0.40 53.03 68.86
C SER X 387 -0.72 52.10 68.41
N TRP X 388 -0.46 51.31 67.39
CA TRP X 388 -1.51 50.47 66.84
C TRP X 388 -1.78 49.23 67.69
N SER X 389 -0.74 48.56 68.17
CA SER X 389 -1.01 47.32 68.89
C SER X 389 -0.17 47.07 70.12
N ASN X 390 0.84 47.89 70.42
CA ASN X 390 1.51 47.96 71.72
C ASN X 390 2.26 46.72 72.18
N ILE X 391 2.28 45.66 71.38
CA ILE X 391 3.07 44.49 71.74
C ILE X 391 3.86 44.06 70.51
N THR X 392 3.51 44.65 69.36
CA THR X 392 4.10 44.30 68.09
C THR X 392 5.53 44.77 67.95
N ILE X 393 6.07 45.48 68.94
CA ILE X 393 7.44 45.95 68.90
C ILE X 393 8.45 44.81 69.00
N ILE X 394 8.01 43.62 69.39
CA ILE X 394 8.87 42.44 69.39
C ILE X 394 9.34 42.12 67.98
N LEU X 395 8.40 41.99 67.04
CA LEU X 395 8.82 41.64 65.69
C LEU X 395 9.53 42.78 64.98
N MET X 396 9.20 44.03 65.33
CA MET X 396 9.91 45.16 64.75
C MET X 396 11.36 45.17 65.19
N GLY X 397 11.61 44.99 66.49
CA GLY X 397 12.97 45.01 66.96
C GLY X 397 13.75 43.78 66.53
N LEU X 398 13.08 42.65 66.39
CA LEU X 398 13.79 41.45 65.96
C LEU X 398 14.12 41.55 64.48
N ASN X 399 13.24 42.18 63.70
CA ASN X 399 13.54 42.54 62.32
C ASN X 399 14.74 43.46 62.25
N MET X 400 14.81 44.43 63.16
CA MET X 400 15.92 45.36 63.18
C MET X 400 17.24 44.62 63.44
N VAL X 401 17.23 43.72 64.42
CA VAL X 401 18.42 42.98 64.81
C VAL X 401 18.88 42.08 63.68
N ILE X 402 17.98 41.26 63.13
CA ILE X 402 18.43 40.34 62.09
C ILE X 402 18.73 41.10 60.79
N THR X 403 18.10 42.25 60.57
CA THR X 403 18.38 43.03 59.36
C THR X 403 19.78 43.62 59.39
N ALA X 404 20.15 44.22 60.53
CA ALA X 404 21.51 44.66 60.74
C ALA X 404 22.48 43.49 60.67
N LEU X 405 22.05 42.32 61.15
CA LEU X 405 22.90 41.14 61.16
C LEU X 405 23.23 40.66 59.76
N TYR X 406 22.22 40.46 58.91
CA TYR X 406 22.52 39.92 57.59
C TYR X 406 23.18 40.98 56.70
N SER X 407 22.82 42.26 56.87
CA SER X 407 23.48 43.30 56.09
C SER X 407 24.97 43.35 56.41
N LEU X 408 25.30 43.35 57.70
CA LEU X 408 26.71 43.38 58.04
C LEU X 408 27.38 42.04 57.77
N TYR X 409 26.61 40.95 57.72
CA TYR X 409 27.18 39.66 57.39
C TYR X 409 27.57 39.59 55.93
N MET X 410 26.71 40.07 55.04
CA MET X 410 27.05 40.14 53.63
C MET X 410 28.18 41.14 53.39
N LEU X 411 28.31 42.13 54.26
CA LEU X 411 29.48 43.01 54.17
C LEU X 411 30.77 42.27 54.50
N ILE X 412 30.83 41.64 55.67
CA ILE X 412 32.12 41.12 56.12
C ILE X 412 32.35 39.69 55.63
N THR X 413 31.43 39.17 54.83
CA THR X 413 31.64 37.84 54.28
C THR X 413 32.38 37.91 52.96
N THR X 414 31.87 38.71 52.04
CA THR X 414 32.46 38.81 50.72
C THR X 414 33.75 39.59 50.73
N GLN X 415 33.82 40.62 51.56
CA GLN X 415 34.87 41.61 51.41
C GLN X 415 35.61 41.81 52.70
N ARG X 416 36.01 40.70 53.33
CA ARG X 416 36.75 40.78 54.58
C ARG X 416 37.44 39.45 54.83
N GLY X 417 38.77 39.47 54.88
CA GLY X 417 39.50 38.42 55.55
C GLY X 417 40.68 37.74 54.86
N LYS X 418 40.55 37.38 53.58
CA LYS X 418 41.63 36.72 52.84
C LYS X 418 41.35 36.66 51.35
N HIS X 419 42.30 37.12 50.54
CA HIS X 419 42.24 36.87 49.10
C HIS X 419 42.49 35.40 48.82
N THR X 420 41.75 34.83 47.89
CA THR X 420 41.82 33.38 47.70
C THR X 420 42.96 32.94 46.79
N HIS X 421 43.89 33.87 46.46
CA HIS X 421 45.18 33.64 45.79
C HIS X 421 45.10 32.73 44.57
N HIS X 422 44.02 32.81 43.82
CA HIS X 422 44.00 32.18 42.51
C HIS X 422 43.30 33.05 41.50
N ILE X 423 43.00 34.29 41.84
CA ILE X 423 42.03 35.07 41.07
C ILE X 423 42.65 35.56 39.78
N ASN X 424 43.72 36.35 39.90
CA ASN X 424 44.53 36.90 38.83
C ASN X 424 43.78 37.84 37.91
N ASN X 425 42.54 38.23 38.25
CA ASN X 425 41.73 38.94 37.27
C ASN X 425 40.92 40.05 37.92
N ILE X 426 41.21 40.44 39.14
CA ILE X 426 40.63 41.68 39.63
C ILE X 426 41.46 42.84 39.08
N LEU X 427 40.78 43.90 38.71
CA LEU X 427 41.45 45.07 38.23
C LEU X 427 41.20 46.18 39.22
N PRO X 428 42.11 47.15 39.32
CA PRO X 428 41.84 48.32 40.14
C PRO X 428 40.63 49.06 39.60
N SER X 429 39.85 49.63 40.54
CA SER X 429 38.46 49.97 40.29
C SER X 429 38.31 51.06 39.26
N PHE X 430 37.40 50.85 38.32
CA PHE X 430 37.22 51.79 37.23
C PHE X 430 36.60 53.09 37.72
N THR X 431 36.89 54.16 37.00
CA THR X 431 36.36 55.47 37.34
C THR X 431 34.86 55.54 37.12
N ARG X 432 34.33 54.70 36.23
CA ARG X 432 32.89 54.63 36.01
C ARG X 432 32.17 54.11 37.25
N GLU X 433 32.69 53.04 37.86
CA GLU X 433 32.01 52.43 38.98
C GLU X 433 32.02 53.35 40.19
N ASN X 434 33.16 53.99 40.46
CA ASN X 434 33.22 54.94 41.56
C ASN X 434 32.41 56.19 41.26
N ALA X 435 32.28 56.55 39.99
CA ALA X 435 31.38 57.63 39.61
C ALA X 435 29.94 57.29 39.94
N LEU X 436 29.56 56.03 39.74
CA LEU X 436 28.22 55.62 40.15
C LEU X 436 28.06 55.57 41.67
N MET X 437 29.15 55.28 42.38
CA MET X 437 29.10 55.35 43.84
C MET X 437 28.77 56.76 44.31
N SER X 438 29.46 57.75 43.73
CA SER X 438 29.18 59.14 44.08
C SER X 438 27.82 59.59 43.54
N LEU X 439 27.35 58.96 42.47
CA LEU X 439 25.99 59.20 42.03
C LEU X 439 24.96 58.68 43.03
N HIS X 440 25.26 57.60 43.71
CA HIS X 440 24.32 57.13 44.72
C HIS X 440 24.36 57.98 45.98
N MET X 441 25.52 58.09 46.62
CA MET X 441 25.48 58.42 48.05
C MET X 441 25.61 59.88 48.40
N LEU X 442 26.17 60.72 47.54
CA LEU X 442 26.11 62.14 47.84
C LEU X 442 24.70 62.73 47.83
N PRO X 443 23.78 62.40 46.91
CA PRO X 443 22.41 62.90 47.09
C PRO X 443 21.68 62.28 48.26
N LEU X 444 22.08 61.09 48.71
CA LEU X 444 21.46 60.53 49.91
C LEU X 444 21.79 61.34 51.14
N LEU X 445 23.06 61.70 51.32
CA LEU X 445 23.44 62.49 52.49
C LEU X 445 22.94 63.94 52.38
N LEU X 446 22.92 64.49 51.16
CA LEU X 446 22.35 65.82 51.03
C LEU X 446 20.83 65.82 51.21
N LEU X 447 20.19 64.67 51.01
CA LEU X 447 18.81 64.53 51.41
C LEU X 447 18.71 64.37 52.91
N SER X 448 19.72 63.75 53.52
CA SER X 448 19.73 63.54 54.95
C SER X 448 19.89 64.85 55.71
N LEU X 449 20.52 65.85 55.10
CA LEU X 449 20.64 67.14 55.77
C LEU X 449 19.29 67.83 55.90
N ASN X 450 18.54 67.92 54.80
CA ASN X 450 17.28 68.66 54.80
C ASN X 450 16.16 67.74 54.30
N PRO X 451 15.67 66.85 55.15
CA PRO X 451 14.70 65.85 54.67
C PRO X 451 13.26 66.33 54.73
N LYS X 452 13.04 67.62 54.88
CA LYS X 452 11.67 68.13 54.93
C LYS X 452 10.99 68.11 53.57
N ILE X 453 11.66 67.68 52.51
CA ILE X 453 11.02 67.49 51.23
C ILE X 453 10.22 66.21 51.20
N ILE X 454 10.84 65.11 51.62
CA ILE X 454 10.37 63.79 51.22
C ILE X 454 9.27 63.23 52.09
N LEU X 455 8.83 63.96 53.11
CA LEU X 455 7.80 63.39 53.95
C LEU X 455 6.44 63.47 53.26
N GLY X 456 5.51 62.72 53.81
CA GLY X 456 4.26 62.45 53.13
C GLY X 456 3.32 63.63 53.14
N PRO X 457 2.18 63.45 52.48
CA PRO X 457 1.17 64.51 52.44
C PRO X 457 0.55 64.81 53.79
N LEU X 458 0.66 63.89 54.74
CA LEU X 458 0.25 64.17 56.11
C LEU X 458 1.43 64.71 56.91
N TYR X 459 2.11 65.68 56.32
CA TYR X 459 3.25 66.35 56.91
C TYR X 459 2.78 67.20 58.08
N MET Y 1 -6.08 26.92 -12.41
CA MET Y 1 -5.82 28.08 -11.57
C MET Y 1 -5.48 29.31 -12.40
N ASN Y 2 -6.33 29.56 -13.39
CA ASN Y 2 -6.23 30.82 -14.09
C ASN Y 2 -6.65 31.95 -13.16
N PRO Y 3 -5.91 33.07 -13.18
CA PRO Y 3 -6.23 34.17 -12.26
C PRO Y 3 -7.57 34.81 -12.55
N ILE Y 4 -8.05 34.73 -13.79
CA ILE Y 4 -9.42 35.11 -14.11
C ILE Y 4 -10.40 34.29 -13.27
N ILE Y 5 -10.16 32.99 -13.20
CA ILE Y 5 -11.04 32.09 -12.46
C ILE Y 5 -10.98 32.37 -10.97
N LEU Y 6 -9.78 32.62 -10.44
CA LEU Y 6 -9.72 32.90 -9.00
C LEU Y 6 -10.29 34.27 -8.66
N ILE Y 7 -10.16 35.26 -9.55
CA ILE Y 7 -10.81 36.53 -9.33
C ILE Y 7 -12.33 36.37 -9.38
N ILE Y 8 -12.82 35.47 -10.25
CA ILE Y 8 -14.25 35.16 -10.29
C ILE Y 8 -14.71 34.56 -8.96
N ILE Y 9 -13.98 33.57 -8.46
CA ILE Y 9 -14.41 32.87 -7.27
C ILE Y 9 -14.36 33.77 -6.04
N LEU Y 10 -13.34 34.61 -5.95
CA LEU Y 10 -13.31 35.53 -4.81
C LEU Y 10 -14.32 36.66 -4.98
N MET Y 11 -14.68 37.02 -6.21
CA MET Y 11 -15.78 37.93 -6.40
C MET Y 11 -17.11 37.30 -5.97
N THR Y 12 -17.23 35.98 -6.11
CA THR Y 12 -18.44 35.33 -5.61
C THR Y 12 -18.45 35.25 -4.09
N VAL Y 13 -17.27 35.14 -3.46
CA VAL Y 13 -17.20 35.25 -2.00
C VAL Y 13 -17.68 36.63 -1.56
N MET Y 14 -17.19 37.66 -2.25
CA MET Y 14 -17.67 39.03 -2.06
C MET Y 14 -19.17 39.13 -2.21
N LEU Y 15 -19.70 38.51 -3.26
CA LEU Y 15 -21.13 38.60 -3.55
C LEU Y 15 -21.96 37.87 -2.50
N GLY Y 16 -21.45 36.74 -2.01
CA GLY Y 16 -22.16 36.02 -0.96
C GLY Y 16 -22.25 36.80 0.33
N THR Y 17 -21.15 37.41 0.76
CA THR Y 17 -21.22 38.17 2.00
C THR Y 17 -22.00 39.48 1.82
N ILE Y 18 -21.96 40.07 0.63
CA ILE Y 18 -22.75 41.27 0.39
C ILE Y 18 -24.25 40.94 0.37
N ILE Y 19 -24.61 39.78 -0.17
CA ILE Y 19 -26.00 39.33 -0.13
C ILE Y 19 -26.46 39.08 1.30
N VAL Y 20 -25.56 38.52 2.13
CA VAL Y 20 -25.89 38.35 3.54
C VAL Y 20 -26.06 39.70 4.23
N MET Y 21 -25.26 40.70 3.84
CA MET Y 21 -25.39 42.03 4.45
C MET Y 21 -26.65 42.75 4.01
N ILE Y 22 -27.09 42.53 2.77
CA ILE Y 22 -28.02 43.48 2.14
C ILE Y 22 -29.47 43.08 2.32
N SER Y 23 -29.76 41.82 2.62
CA SER Y 23 -31.09 41.29 2.41
C SER Y 23 -31.87 41.15 3.71
N THR Y 24 -33.17 41.30 3.59
CA THR Y 24 -34.08 41.07 4.70
C THR Y 24 -34.92 39.83 4.51
N HIS Y 25 -34.86 39.20 3.34
CA HIS Y 25 -35.55 37.95 3.12
C HIS Y 25 -34.64 36.83 3.58
N TRP Y 26 -35.19 35.89 4.34
CA TRP Y 26 -34.34 34.89 5.01
C TRP Y 26 -33.72 33.92 4.04
N LEU Y 27 -34.42 33.63 2.94
CA LEU Y 27 -33.88 32.74 1.92
C LEU Y 27 -32.62 33.30 1.30
N LEU Y 28 -32.56 34.63 1.15
CA LEU Y 28 -31.36 35.24 0.63
C LEU Y 28 -30.19 35.11 1.58
N ILE Y 29 -30.43 35.18 2.89
CA ILE Y 29 -29.37 34.94 3.87
C ILE Y 29 -28.87 33.51 3.79
N TRP Y 30 -29.78 32.56 3.65
CA TRP Y 30 -29.37 31.17 3.56
C TRP Y 30 -28.60 30.91 2.27
N ILE Y 31 -29.03 31.52 1.17
CA ILE Y 31 -28.35 31.39 -0.11
C ILE Y 31 -26.97 32.01 -0.06
N GLY Y 32 -26.83 33.15 0.63
CA GLY Y 32 -25.54 33.77 0.76
C GLY Y 32 -24.56 32.91 1.55
N PHE Y 33 -25.06 32.25 2.59
CA PHE Y 33 -24.22 31.32 3.35
C PHE Y 33 -23.76 30.17 2.49
N GLU Y 34 -24.69 29.61 1.71
CA GLU Y 34 -24.36 28.50 0.84
C GLU Y 34 -23.35 28.87 -0.23
N MET Y 35 -23.56 30.02 -0.88
CA MET Y 35 -22.66 30.50 -1.92
C MET Y 35 -21.27 30.76 -1.37
N ASN Y 36 -21.21 31.25 -0.13
CA ASN Y 36 -19.93 31.47 0.53
C ASN Y 36 -19.21 30.14 0.73
N MET Y 37 -19.94 29.10 1.14
CA MET Y 37 -19.35 27.78 1.28
C MET Y 37 -18.88 27.21 -0.07
N LEU Y 38 -19.74 27.32 -1.08
CA LEU Y 38 -19.47 26.79 -2.42
C LEU Y 38 -18.22 27.40 -3.01
N ALA Y 39 -18.06 28.70 -2.87
CA ALA Y 39 -16.87 29.32 -3.40
C ALA Y 39 -15.67 29.08 -2.52
N ILE Y 40 -15.87 28.85 -1.22
CA ILE Y 40 -14.69 28.72 -0.37
C ILE Y 40 -14.12 27.31 -0.40
N ILE Y 41 -14.80 26.35 -1.03
CA ILE Y 41 -14.16 25.04 -1.19
C ILE Y 41 -12.94 25.08 -2.11
N PRO Y 42 -13.00 25.51 -3.39
CA PRO Y 42 -11.81 25.34 -4.24
C PRO Y 42 -10.74 26.40 -4.06
N ILE Y 43 -10.92 27.35 -3.14
CA ILE Y 43 -9.76 28.11 -2.70
C ILE Y 43 -8.80 27.18 -1.98
N MET Y 44 -9.34 26.26 -1.20
CA MET Y 44 -8.56 25.12 -0.73
C MET Y 44 -8.31 24.16 -1.89
N MET Y 45 -7.54 23.12 -1.60
CA MET Y 45 -7.24 22.02 -2.52
C MET Y 45 -6.57 22.52 -3.80
N LYS Y 46 -5.86 23.63 -3.70
CA LYS Y 46 -4.86 24.01 -4.70
C LYS Y 46 -3.66 23.09 -4.61
N LYS Y 47 -3.46 22.47 -3.45
CA LYS Y 47 -2.57 21.33 -3.32
C LYS Y 47 -3.18 20.09 -3.95
N HIS Y 48 -2.38 19.04 -4.01
CA HIS Y 48 -2.85 17.75 -4.48
C HIS Y 48 -3.15 16.77 -3.36
N ASN Y 49 -2.51 16.95 -2.20
CA ASN Y 49 -2.44 15.94 -1.15
C ASN Y 49 -3.81 15.61 -0.57
N PRO Y 50 -3.96 14.43 0.02
CA PRO Y 50 -5.22 14.12 0.72
C PRO Y 50 -5.40 14.87 2.03
N ARG Y 51 -4.39 15.60 2.50
CA ARG Y 51 -4.57 16.55 3.59
C ARG Y 51 -5.67 17.54 3.28
N ALA Y 52 -5.51 18.26 2.16
CA ALA Y 52 -6.51 19.24 1.73
C ALA Y 52 -7.83 18.57 1.40
N THR Y 53 -7.77 17.35 0.88
CA THR Y 53 -8.99 16.61 0.53
C THR Y 53 -9.84 16.32 1.77
N GLU Y 54 -9.23 15.69 2.78
CA GLU Y 54 -10.01 15.35 3.95
C GLU Y 54 -10.37 16.56 4.79
N ALA Y 55 -9.53 17.59 4.80
CA ALA Y 55 -9.88 18.81 5.53
C ALA Y 55 -11.09 19.50 4.89
N SER Y 56 -11.11 19.58 3.56
CA SER Y 56 -12.28 20.11 2.88
C SER Y 56 -13.50 19.22 3.06
N THR Y 57 -13.29 17.92 3.21
CA THR Y 57 -14.41 17.02 3.45
C THR Y 57 -15.06 17.29 4.79
N LYS Y 58 -14.24 17.39 5.85
CA LYS Y 58 -14.73 17.71 7.19
C LYS Y 58 -15.45 19.05 7.20
N TYR Y 59 -14.86 20.05 6.55
CA TYR Y 59 -15.47 21.37 6.44
C TYR Y 59 -16.81 21.29 5.73
N PHE Y 60 -16.88 20.49 4.66
CA PHE Y 60 -18.10 20.36 3.90
C PHE Y 60 -19.21 19.77 4.74
N LEU Y 61 -18.94 18.69 5.46
CA LEU Y 61 -19.99 18.03 6.23
C LEU Y 61 -20.51 18.92 7.35
N THR Y 62 -19.60 19.53 8.12
CA THR Y 62 -20.02 20.37 9.23
C THR Y 62 -20.77 21.62 8.75
N GLN Y 63 -20.19 22.31 7.76
CA GLN Y 63 -20.77 23.57 7.30
C GLN Y 63 -22.10 23.35 6.59
N SER Y 64 -22.22 22.26 5.83
CA SER Y 64 -23.45 21.97 5.12
C SER Y 64 -24.56 21.58 6.07
N THR Y 65 -24.27 20.76 7.08
CA THR Y 65 -25.35 20.41 8.00
C THR Y 65 -25.74 21.59 8.89
N ALA Y 66 -24.82 22.53 9.13
CA ALA Y 66 -25.19 23.74 9.84
C ALA Y 66 -26.13 24.61 8.99
N SER Y 67 -25.87 24.70 7.68
CA SER Y 67 -26.77 25.44 6.81
C SER Y 67 -28.16 24.80 6.75
N MET Y 68 -28.22 23.47 6.72
CA MET Y 68 -29.53 22.82 6.70
C MET Y 68 -30.27 23.00 8.02
N LEU Y 69 -29.53 23.05 9.12
CA LEU Y 69 -30.16 23.34 10.41
C LEU Y 69 -30.71 24.78 10.44
N LEU Y 70 -30.02 25.71 9.78
CA LEU Y 70 -30.53 27.07 9.65
C LEU Y 70 -31.84 27.11 8.88
N MET Y 71 -31.91 26.33 7.80
CA MET Y 71 -33.15 26.29 7.02
C MET Y 71 -34.30 25.69 7.82
N MET Y 72 -33.99 24.70 8.67
CA MET Y 72 -34.96 24.21 9.64
C MET Y 72 -35.47 25.30 10.56
N ALA Y 73 -34.56 26.16 11.03
CA ALA Y 73 -34.95 27.24 11.93
C ALA Y 73 -35.88 28.24 11.24
N ILE Y 74 -35.58 28.58 9.99
CA ILE Y 74 -36.43 29.53 9.26
C ILE Y 74 -37.80 28.91 8.95
N ILE Y 75 -37.82 27.60 8.69
CA ILE Y 75 -39.09 26.92 8.43
C ILE Y 75 -39.96 26.89 9.68
N ILE Y 76 -39.37 26.69 10.86
CA ILE Y 76 -40.19 26.71 12.07
C ILE Y 76 -40.64 28.14 12.38
N ASN Y 77 -39.82 29.14 12.01
CA ASN Y 77 -40.26 30.53 12.09
C ASN Y 77 -41.49 30.79 11.22
N LEU Y 78 -41.58 30.14 10.06
CA LEU Y 78 -42.76 30.44 9.25
C LEU Y 78 -43.90 29.45 9.48
N MET Y 79 -43.65 28.33 10.17
CA MET Y 79 -44.79 27.62 10.77
C MET Y 79 -45.42 28.45 11.85
N PHE Y 80 -44.61 29.21 12.57
CA PHE Y 80 -45.12 30.33 13.33
C PHE Y 80 -45.34 31.54 12.44
N SER Y 81 -45.35 32.73 13.05
CA SER Y 81 -45.61 34.03 12.45
C SER Y 81 -45.01 34.19 11.06
N GLY Y 82 -45.85 34.47 10.09
CA GLY Y 82 -45.43 34.37 8.71
C GLY Y 82 -44.87 35.67 8.17
N GLN Y 83 -43.56 35.80 8.20
CA GLN Y 83 -42.93 36.97 7.62
C GLN Y 83 -41.56 36.58 7.11
N TRP Y 84 -41.22 37.17 5.98
CA TRP Y 84 -39.83 37.11 5.53
C TRP Y 84 -39.08 38.38 5.85
N THR Y 85 -39.19 38.88 7.07
CA THR Y 85 -38.42 40.02 7.51
C THR Y 85 -37.39 39.56 8.51
N VAL Y 86 -36.15 39.96 8.33
CA VAL Y 86 -35.15 39.72 9.33
C VAL Y 86 -35.45 40.66 10.47
N MET Y 87 -36.06 40.12 11.52
CA MET Y 87 -36.45 40.92 12.65
C MET Y 87 -36.43 40.02 13.87
N LYS Y 88 -37.05 40.48 14.94
CA LYS Y 88 -37.22 39.69 16.15
C LYS Y 88 -37.98 38.40 15.85
N LEU Y 89 -37.42 37.28 16.28
CA LEU Y 89 -38.10 36.01 16.09
C LEU Y 89 -39.28 35.88 17.04
N PHE Y 90 -40.07 34.85 16.83
CA PHE Y 90 -41.27 34.64 17.63
C PHE Y 90 -41.34 33.20 18.08
N ASN Y 91 -40.18 32.63 18.37
CA ASN Y 91 -40.08 31.26 18.86
C ASN Y 91 -38.76 31.10 19.59
N PRO Y 92 -38.79 30.67 20.85
CA PRO Y 92 -37.54 30.24 21.49
C PRO Y 92 -36.96 28.99 20.88
N MET Y 93 -37.79 28.09 20.34
CA MET Y 93 -37.27 26.88 19.70
C MET Y 93 -36.50 27.21 18.44
N ALA Y 94 -37.08 28.04 17.58
CA ALA Y 94 -36.44 28.40 16.33
C ALA Y 94 -35.19 29.23 16.58
N SER Y 95 -35.21 30.09 17.60
CA SER Y 95 -34.03 30.86 17.93
C SER Y 95 -32.94 29.98 18.51
N MET Y 96 -33.32 28.97 19.29
CA MET Y 96 -32.36 28.00 19.78
C MET Y 96 -31.67 27.27 18.64
N LEU Y 97 -32.45 26.76 17.69
CA LEU Y 97 -31.87 26.06 16.56
C LEU Y 97 -31.06 26.98 15.66
N MET Y 98 -31.48 28.23 15.53
CA MET Y 98 -30.75 29.16 14.68
C MET Y 98 -29.41 29.54 15.28
N THR Y 99 -29.40 29.83 16.59
CA THR Y 99 -28.13 30.13 17.24
C THR Y 99 -27.22 28.92 17.27
N MET Y 100 -27.78 27.71 17.34
CA MET Y 100 -26.90 26.55 17.28
C MET Y 100 -26.37 26.28 15.88
N ALA Y 101 -27.15 26.64 14.85
CA ALA Y 101 -26.64 26.52 13.49
C ALA Y 101 -25.52 27.53 13.24
N LEU Y 102 -25.69 28.75 13.71
CA LEU Y 102 -24.59 29.70 13.61
C LEU Y 102 -23.44 29.33 14.52
N ALA Y 103 -23.71 28.60 15.60
CA ALA Y 103 -22.65 28.15 16.48
C ALA Y 103 -21.80 27.09 15.83
N MET Y 104 -22.42 26.15 15.11
CA MET Y 104 -21.65 25.24 14.28
C MET Y 104 -20.94 25.96 13.15
N LYS Y 105 -21.53 27.06 12.65
CA LYS Y 105 -20.93 27.72 11.51
C LYS Y 105 -19.66 28.48 11.90
N LEU Y 106 -19.79 29.48 12.76
CA LEU Y 106 -18.60 30.23 13.15
C LEU Y 106 -17.75 29.51 14.19
N GLY Y 107 -18.23 28.40 14.73
CA GLY Y 107 -17.41 27.67 15.66
C GLY Y 107 -17.68 28.07 17.10
N MET Y 108 -18.26 27.16 17.85
CA MET Y 108 -18.25 27.22 19.30
C MET Y 108 -17.57 25.98 19.84
N ALA Y 109 -17.34 25.97 21.15
CA ALA Y 109 -16.53 24.91 21.75
C ALA Y 109 -17.11 23.50 21.65
N PRO Y 110 -18.41 23.25 21.68
CA PRO Y 110 -18.86 21.90 21.30
C PRO Y 110 -18.80 21.65 19.81
N PHE Y 111 -18.52 22.68 19.00
CA PHE Y 111 -18.70 22.60 17.56
C PHE Y 111 -17.40 22.90 16.80
N HIS Y 112 -16.28 23.06 17.48
CA HIS Y 112 -15.08 23.57 16.85
C HIS Y 112 -14.16 22.48 16.35
N PHE Y 113 -14.56 21.22 16.40
CA PHE Y 113 -13.66 20.12 16.13
C PHE Y 113 -13.22 20.03 14.68
N TRP Y 114 -13.83 20.79 13.79
CA TRP Y 114 -13.36 20.89 12.42
C TRP Y 114 -12.35 22.01 12.21
N VAL Y 115 -12.26 22.95 13.13
CA VAL Y 115 -11.43 24.15 12.94
C VAL Y 115 -9.92 23.87 12.96
N PRO Y 116 -9.31 23.20 13.96
CA PRO Y 116 -7.86 22.99 13.89
C PRO Y 116 -7.47 22.05 12.78
N GLU Y 117 -8.35 21.09 12.50
CA GLU Y 117 -8.15 20.19 11.37
C GLU Y 117 -8.18 20.97 10.05
N VAL Y 118 -9.18 21.83 9.88
CA VAL Y 118 -9.34 22.48 8.59
C VAL Y 118 -8.32 23.57 8.40
N THR Y 119 -7.70 24.05 9.47
CA THR Y 119 -6.56 24.93 9.30
C THR Y 119 -5.24 24.18 9.29
N GLN Y 120 -5.25 22.88 9.63
CA GLN Y 120 -4.02 22.13 9.73
C GLN Y 120 -3.36 21.92 8.37
N GLY Y 121 -4.14 21.63 7.34
CA GLY Y 121 -3.55 21.21 6.09
C GLY Y 121 -3.56 22.20 4.94
N ILE Y 122 -4.46 23.18 5.01
CA ILE Y 122 -4.71 24.07 3.87
C ILE Y 122 -3.58 25.08 3.71
N PRO Y 123 -3.40 25.69 2.53
CA PRO Y 123 -2.42 26.78 2.42
C PRO Y 123 -2.87 28.04 3.14
N LEU Y 124 -2.00 29.05 3.15
CA LEU Y 124 -2.19 30.16 4.06
C LEU Y 124 -3.19 31.18 3.53
N SER Y 125 -3.23 31.37 2.20
CA SER Y 125 -4.21 32.29 1.60
C SER Y 125 -5.62 31.80 1.86
N SER Y 126 -5.82 30.49 1.75
CA SER Y 126 -7.11 29.86 2.05
C SER Y 126 -7.52 30.10 3.48
N GLY Y 127 -6.59 29.89 4.42
CA GLY Y 127 -6.90 30.07 5.83
C GLY Y 127 -7.21 31.51 6.17
N LEU Y 128 -6.46 32.44 5.59
CA LEU Y 128 -6.71 33.86 5.78
C LEU Y 128 -8.09 34.25 5.31
N ILE Y 129 -8.44 33.87 4.08
CA ILE Y 129 -9.66 34.42 3.54
C ILE Y 129 -10.88 33.70 4.13
N LEU Y 130 -10.73 32.44 4.55
CA LEU Y 130 -11.85 31.79 5.19
C LEU Y 130 -12.06 32.35 6.60
N LEU Y 131 -10.98 32.63 7.33
CA LEU Y 131 -11.15 33.20 8.65
C LEU Y 131 -11.77 34.59 8.60
N THR Y 132 -11.31 35.45 7.67
CA THR Y 132 -11.87 36.80 7.58
C THR Y 132 -13.34 36.77 7.17
N TRP Y 133 -13.67 36.15 6.04
CA TRP Y 133 -15.07 36.25 5.62
C TRP Y 133 -15.98 35.34 6.43
N GLN Y 134 -15.58 34.10 6.70
CA GLN Y 134 -16.40 33.19 7.46
C GLN Y 134 -16.50 33.54 8.94
N LYS Y 135 -15.71 34.48 9.46
CA LYS Y 135 -16.03 35.00 10.77
C LYS Y 135 -16.64 36.39 10.73
N LEU Y 136 -16.68 37.05 9.57
CA LEU Y 136 -17.43 38.30 9.49
C LEU Y 136 -18.90 38.04 9.24
N ALA Y 137 -19.21 37.14 8.31
CA ALA Y 137 -20.58 37.02 7.80
C ALA Y 137 -21.64 36.53 8.80
N PRO Y 138 -21.42 35.55 9.68
CA PRO Y 138 -22.49 35.21 10.62
C PRO Y 138 -22.74 36.27 11.69
N MET Y 139 -21.71 37.05 12.04
CA MET Y 139 -21.87 38.10 13.04
C MET Y 139 -22.81 39.20 12.57
N SER Y 140 -22.90 39.41 11.26
CA SER Y 140 -23.90 40.32 10.70
C SER Y 140 -25.30 39.84 11.06
N VAL Y 141 -25.55 38.56 10.89
CA VAL Y 141 -26.87 38.01 11.15
C VAL Y 141 -27.16 38.00 12.63
N LEU Y 142 -26.13 37.78 13.45
CA LEU Y 142 -26.31 37.82 14.89
C LEU Y 142 -26.62 39.23 15.38
N TYR Y 143 -25.97 40.23 14.80
CA TYR Y 143 -26.35 41.62 15.00
C TYR Y 143 -27.79 41.89 14.56
N GLN Y 144 -28.24 41.17 13.52
CA GLN Y 144 -29.59 41.41 13.03
C GLN Y 144 -30.65 40.84 13.97
N ILE Y 145 -30.42 39.66 14.52
CA ILE Y 145 -31.49 39.02 15.31
C ILE Y 145 -31.12 38.87 16.77
N LEU Y 146 -30.25 39.75 17.27
CA LEU Y 146 -29.96 39.79 18.70
C LEU Y 146 -31.15 39.97 19.66
N PRO Y 147 -32.19 40.77 19.42
CA PRO Y 147 -33.15 41.00 20.51
C PRO Y 147 -34.14 39.86 20.76
N SER Y 148 -33.93 38.67 20.23
CA SER Y 148 -34.86 37.58 20.45
C SER Y 148 -34.13 36.28 20.70
N ILE Y 149 -33.05 36.33 21.46
CA ILE Y 149 -32.22 35.17 21.70
C ILE Y 149 -32.24 34.85 23.19
N ASN Y 150 -32.54 33.59 23.52
CA ASN Y 150 -32.45 33.13 24.89
C ASN Y 150 -31.00 33.21 25.34
N LEU Y 151 -30.79 33.87 26.48
CA LEU Y 151 -29.46 34.36 26.83
C LEU Y 151 -28.51 33.23 27.23
N ASP Y 152 -29.05 32.14 27.78
CA ASP Y 152 -28.23 31.02 28.25
C ASP Y 152 -27.39 30.43 27.13
N LEU Y 153 -27.94 30.41 25.92
CA LEU Y 153 -27.26 29.83 24.77
C LEU Y 153 -26.00 30.62 24.42
N ILE Y 154 -26.16 31.91 24.11
CA ILE Y 154 -25.05 32.78 23.74
C ILE Y 154 -24.03 32.82 24.85
N LEU Y 155 -24.50 32.94 26.09
CA LEU Y 155 -23.58 33.14 27.19
C LEU Y 155 -22.78 31.89 27.50
N THR Y 156 -23.43 30.72 27.51
CA THR Y 156 -22.73 29.48 27.81
C THR Y 156 -21.77 29.11 26.68
N LEU Y 157 -22.20 29.30 25.43
CA LEU Y 157 -21.29 29.03 24.32
C LEU Y 157 -20.11 29.99 24.32
N SER Y 158 -20.31 31.22 24.77
CA SER Y 158 -19.22 32.19 24.83
C SER Y 158 -18.20 31.80 25.90
N ILE Y 159 -18.68 31.50 27.11
CA ILE Y 159 -17.79 31.10 28.21
C ILE Y 159 -17.02 29.84 27.83
N LEU Y 160 -17.73 28.87 27.27
CA LEU Y 160 -17.11 27.60 26.98
C LEU Y 160 -16.14 27.71 25.81
N SER Y 161 -16.42 28.58 24.85
CA SER Y 161 -15.48 28.79 23.75
C SER Y 161 -14.23 29.51 24.24
N ILE Y 162 -14.39 30.44 25.17
CA ILE Y 162 -13.22 31.11 25.74
C ILE Y 162 -12.35 30.12 26.51
N THR Y 163 -12.96 29.28 27.35
CA THR Y 163 -12.13 28.38 28.14
C THR Y 163 -11.57 27.22 27.33
N ILE Y 164 -12.25 26.75 26.28
CA ILE Y 164 -11.67 25.70 25.45
C ILE Y 164 -10.57 26.27 24.58
N GLY Y 165 -10.78 27.47 24.02
CA GLY Y 165 -9.73 28.09 23.24
C GLY Y 165 -8.53 28.47 24.07
N GLY Y 166 -8.73 28.70 25.37
CA GLY Y 166 -7.60 28.89 26.24
C GLY Y 166 -6.91 27.60 26.58
N TRP Y 167 -7.68 26.55 26.85
CA TRP Y 167 -7.10 25.30 27.34
C TRP Y 167 -6.38 24.54 26.24
N GLY Y 168 -6.98 24.46 25.06
CA GLY Y 168 -6.38 23.70 23.98
C GLY Y 168 -5.15 24.35 23.38
N GLY Y 169 -4.98 25.65 23.57
CA GLY Y 169 -3.85 26.33 22.98
C GLY Y 169 -2.52 26.01 23.63
N LEU Y 170 -2.53 25.35 24.78
CA LEU Y 170 -1.30 25.15 25.54
C LEU Y 170 -0.40 24.06 24.98
N ASN Y 171 -0.85 23.29 24.00
CA ASN Y 171 -0.10 22.10 23.62
C ASN Y 171 0.43 22.15 22.20
N GLN Y 172 -0.29 22.73 21.26
CA GLN Y 172 -0.01 22.50 19.85
C GLN Y 172 1.25 23.24 19.43
N THR Y 173 2.23 22.49 18.94
CA THR Y 173 3.52 23.04 18.55
C THR Y 173 3.61 23.36 17.07
N GLN Y 174 2.49 23.33 16.36
CA GLN Y 174 2.44 23.89 15.02
C GLN Y 174 2.16 25.38 15.11
N LEU Y 175 1.79 26.00 14.00
CA LEU Y 175 1.33 27.37 14.03
C LEU Y 175 -0.17 27.49 13.84
N ARG Y 176 -0.73 26.68 12.96
CA ARG Y 176 -2.11 26.88 12.57
C ARG Y 176 -3.10 26.47 13.64
N LYS Y 177 -2.77 25.48 14.46
CA LYS Y 177 -3.69 25.12 15.53
C LYS Y 177 -3.66 26.14 16.65
N ILE Y 178 -2.50 26.77 16.88
CA ILE Y 178 -2.43 27.93 17.75
C ILE Y 178 -3.32 29.04 17.22
N MET Y 179 -3.25 29.28 15.92
CA MET Y 179 -4.08 30.34 15.33
C MET Y 179 -5.57 30.00 15.40
N ALA Y 180 -5.89 28.71 15.28
CA ALA Y 180 -7.29 28.29 15.34
C ALA Y 180 -7.87 28.43 16.74
N TYR Y 181 -7.09 28.05 17.75
CA TYR Y 181 -7.57 28.22 19.11
C TYR Y 181 -7.67 29.69 19.50
N SER Y 182 -6.75 30.52 18.97
CA SER Y 182 -6.86 31.96 19.16
C SER Y 182 -8.12 32.50 18.49
N SER Y 183 -8.49 31.95 17.34
CA SER Y 183 -9.72 32.33 16.69
C SER Y 183 -10.93 31.98 17.53
N ILE Y 184 -10.90 30.81 18.17
CA ILE Y 184 -11.98 30.40 19.06
C ILE Y 184 -12.10 31.37 20.23
N ALA Y 185 -10.96 31.77 20.80
CA ALA Y 185 -10.97 32.68 21.94
C ALA Y 185 -11.55 34.05 21.57
N HIS Y 186 -11.13 34.58 20.43
CA HIS Y 186 -11.66 35.87 20.02
C HIS Y 186 -13.13 35.78 19.63
N MET Y 187 -13.55 34.66 19.03
CA MET Y 187 -14.98 34.52 18.71
C MET Y 187 -15.81 34.38 19.97
N GLY Y 188 -15.23 33.80 21.03
CA GLY Y 188 -15.92 33.79 22.30
C GLY Y 188 -16.13 35.18 22.85
N TRP Y 189 -15.08 36.01 22.84
CA TRP Y 189 -15.25 37.40 23.28
C TRP Y 189 -16.08 38.25 22.33
N MET Y 190 -16.20 37.87 21.06
CA MET Y 190 -17.10 38.55 20.16
C MET Y 190 -18.56 38.18 20.43
N THR Y 191 -18.83 36.92 20.73
CA THR Y 191 -20.21 36.52 20.98
C THR Y 191 -20.67 36.97 22.35
N ALA Y 192 -19.74 37.10 23.30
CA ALA Y 192 -20.11 37.28 24.70
C ALA Y 192 -20.75 38.63 25.00
N VAL Y 193 -20.62 39.62 24.11
CA VAL Y 193 -21.14 40.95 24.38
C VAL Y 193 -22.42 41.19 23.59
N LEU Y 194 -22.84 40.20 22.80
CA LEU Y 194 -23.84 40.40 21.75
C LEU Y 194 -25.21 40.76 22.30
N LEU Y 195 -25.53 40.32 23.50
CA LEU Y 195 -26.81 40.63 24.08
C LEU Y 195 -26.84 41.94 24.83
N TYR Y 196 -25.71 42.63 24.93
CA TYR Y 196 -25.65 43.85 25.74
C TYR Y 196 -25.41 45.10 24.90
N ASN Y 197 -24.32 45.16 24.15
CA ASN Y 197 -24.16 46.29 23.24
C ASN Y 197 -23.30 45.87 22.05
N PRO Y 198 -23.92 45.66 20.88
CA PRO Y 198 -23.24 44.98 19.79
C PRO Y 198 -22.21 45.82 19.05
N THR Y 199 -22.15 47.12 19.34
CA THR Y 199 -21.07 47.96 18.84
C THR Y 199 -19.72 47.43 19.29
N MET Y 200 -19.66 46.94 20.53
CA MET Y 200 -18.46 46.28 21.05
C MET Y 200 -18.14 45.02 20.27
N THR Y 201 -19.16 44.25 19.90
CA THR Y 201 -18.93 43.00 19.17
C THR Y 201 -18.36 43.29 17.80
N LEU Y 202 -18.88 44.31 17.12
CA LEU Y 202 -18.38 44.59 15.79
C LEU Y 202 -17.01 45.25 15.83
N LEU Y 203 -16.71 45.99 16.90
CA LEU Y 203 -15.34 46.51 17.05
C LEU Y 203 -14.35 45.40 17.35
N ASN Y 204 -14.75 44.46 18.20
CA ASN Y 204 -13.96 43.25 18.44
C ASN Y 204 -13.72 42.50 17.14
N LEU Y 205 -14.74 42.45 16.28
CA LEU Y 205 -14.63 41.78 14.99
C LEU Y 205 -13.59 42.45 14.10
N ILE Y 206 -13.65 43.77 13.98
CA ILE Y 206 -12.75 44.49 13.07
C ILE Y 206 -11.31 44.41 13.57
N ILE Y 207 -11.10 44.61 14.88
CA ILE Y 207 -9.74 44.54 15.41
C ILE Y 207 -9.19 43.12 15.33
N TYR Y 208 -10.05 42.11 15.51
CA TYR Y 208 -9.57 40.75 15.37
C TYR Y 208 -9.21 40.44 13.92
N ILE Y 209 -9.97 40.97 12.96
CA ILE Y 209 -9.65 40.74 11.55
C ILE Y 209 -8.34 41.42 11.18
N ILE Y 210 -8.07 42.61 11.74
CA ILE Y 210 -6.81 43.27 11.45
C ILE Y 210 -5.64 42.51 12.06
N MET Y 211 -5.82 41.99 13.29
CA MET Y 211 -4.76 41.21 13.92
C MET Y 211 -4.47 39.92 13.15
N THR Y 212 -5.50 39.25 12.69
CA THR Y 212 -5.30 38.02 11.93
C THR Y 212 -4.69 38.31 10.57
N SER Y 213 -5.01 39.47 9.99
CA SER Y 213 -4.41 39.86 8.72
C SER Y 213 -2.90 40.08 8.87
N THR Y 214 -2.51 40.76 9.94
CA THR Y 214 -1.07 40.94 10.21
C THR Y 214 -0.40 39.60 10.50
N MET Y 215 -1.10 38.72 11.22
CA MET Y 215 -0.54 37.43 11.60
C MET Y 215 -0.27 36.57 10.37
N PHE Y 216 -1.26 36.45 9.50
CA PHE Y 216 -1.09 35.65 8.31
C PHE Y 216 -0.23 36.31 7.26
N THR Y 217 -0.07 37.62 7.28
CA THR Y 217 0.93 38.23 6.41
C THR Y 217 2.33 37.87 6.90
N LEU Y 218 2.55 37.92 8.20
CA LEU Y 218 3.85 37.55 8.75
C LEU Y 218 4.08 36.05 8.77
N PHE Y 219 3.08 35.25 8.45
CA PHE Y 219 3.36 33.87 8.08
C PHE Y 219 3.41 33.63 6.58
N MET Y 220 2.93 34.57 5.76
CA MET Y 220 3.19 34.46 4.32
C MET Y 220 4.58 34.91 3.96
N ALA Y 221 5.23 35.72 4.81
CA ALA Y 221 6.56 36.23 4.50
C ALA Y 221 7.64 35.16 4.58
N ASN Y 222 7.30 33.96 5.01
CA ASN Y 222 8.22 32.89 5.33
C ASN Y 222 7.47 31.58 5.48
N SER Y 223 7.87 30.55 4.76
CA SER Y 223 7.08 29.33 4.74
C SER Y 223 7.25 28.58 6.05
N THR Y 224 6.41 28.92 7.02
CA THR Y 224 6.59 28.49 8.41
C THR Y 224 5.40 27.68 8.86
N THR Y 225 5.67 26.54 9.49
CA THR Y 225 4.65 25.77 10.19
C THR Y 225 5.00 25.43 11.62
N THR Y 226 6.27 25.51 12.02
CA THR Y 226 6.66 25.33 13.42
C THR Y 226 7.49 26.51 13.87
N THR Y 227 7.77 26.52 15.18
CA THR Y 227 8.58 27.57 15.78
C THR Y 227 10.04 27.49 15.36
N LEU Y 228 10.46 26.33 14.86
CA LEU Y 228 11.84 26.16 14.42
C LEU Y 228 12.12 27.04 13.20
N SER Y 229 11.15 27.09 12.29
CA SER Y 229 11.22 28.03 11.17
C SER Y 229 11.18 29.47 11.64
N LEU Y 230 10.49 29.74 12.74
CA LEU Y 230 10.48 31.09 13.29
C LEU Y 230 11.84 31.47 13.84
N SER Y 231 12.58 30.51 14.40
CA SER Y 231 13.93 30.80 14.84
C SER Y 231 14.86 31.04 13.66
N HIS Y 232 14.65 30.31 12.57
CA HIS Y 232 15.41 30.61 11.37
C HIS Y 232 15.07 31.98 10.79
N THR Y 233 13.82 32.42 10.95
CA THR Y 233 13.51 33.78 10.51
C THR Y 233 13.98 34.84 11.48
N TRP Y 234 14.29 34.47 12.72
CA TRP Y 234 15.13 35.35 13.51
C TRP Y 234 16.48 35.52 12.82
N ASN Y 235 17.13 34.40 12.52
CA ASN Y 235 18.49 34.50 12.03
C ASN Y 235 18.59 34.96 10.58
N LYS Y 236 17.47 35.15 9.88
CA LYS Y 236 17.56 35.67 8.53
C LYS Y 236 17.10 37.12 8.37
N ALA Y 237 16.27 37.63 9.28
CA ALA Y 237 15.73 38.98 9.10
C ALA Y 237 15.40 39.58 10.45
N PRO Y 238 15.85 40.79 10.73
CA PRO Y 238 15.74 41.33 12.09
C PRO Y 238 14.41 42.00 12.41
N ILE Y 239 13.76 42.61 11.43
CA ILE Y 239 12.55 43.39 11.72
C ILE Y 239 11.36 42.47 11.94
N MET Y 240 11.37 41.32 11.28
CA MET Y 240 10.36 40.28 11.48
C MET Y 240 10.29 39.84 12.94
N THR Y 241 11.42 39.86 13.63
CA THR Y 241 11.48 39.47 15.04
C THR Y 241 10.64 40.40 15.90
N ILE Y 242 10.90 41.71 15.82
CA ILE Y 242 10.19 42.64 16.67
C ILE Y 242 8.75 42.81 16.20
N LEU Y 243 8.46 42.55 14.93
CA LEU Y 243 7.07 42.58 14.49
C LEU Y 243 6.28 41.41 15.04
N VAL Y 244 6.88 40.22 15.07
CA VAL Y 244 6.23 39.09 15.70
C VAL Y 244 6.05 39.34 17.19
N LEU Y 245 7.03 40.00 17.82
CA LEU Y 245 6.92 40.40 19.23
C LEU Y 245 5.70 41.28 19.47
N ILE Y 246 5.59 42.38 18.72
CA ILE Y 246 4.54 43.35 19.01
C ILE Y 246 3.18 42.79 18.62
N THR Y 247 3.10 42.03 17.53
CA THR Y 247 1.80 41.51 17.13
C THR Y 247 1.33 40.37 18.03
N LEU Y 248 2.23 39.54 18.52
CA LEU Y 248 1.81 38.50 19.45
C LEU Y 248 1.42 39.08 20.80
N LEU Y 249 2.10 40.16 21.22
CA LEU Y 249 1.71 40.80 22.45
C LEU Y 249 0.38 41.54 22.32
N SER Y 250 0.05 42.00 21.12
CA SER Y 250 -1.27 42.59 20.95
C SER Y 250 -2.35 41.55 20.75
N MET Y 251 -1.98 40.36 20.27
CA MET Y 251 -2.89 39.22 20.35
C MET Y 251 -3.20 38.89 21.80
N GLY Y 252 -2.22 39.04 22.68
CA GLY Y 252 -2.50 38.90 24.10
C GLY Y 252 -3.39 40.00 24.66
N GLY Y 253 -3.26 41.21 24.14
CA GLY Y 253 -4.13 42.28 24.57
C GLY Y 253 -3.67 43.02 25.79
N LEU Y 254 -2.50 43.60 25.73
CA LEU Y 254 -1.85 44.31 26.83
C LEU Y 254 -2.09 45.81 26.71
N PRO Y 255 -2.23 46.51 27.84
CA PRO Y 255 -2.83 47.86 27.85
C PRO Y 255 -2.11 48.93 27.04
N PRO Y 256 -0.77 49.10 27.08
CA PRO Y 256 -0.20 50.17 26.27
C PRO Y 256 -0.25 49.88 24.79
N LEU Y 257 -0.37 48.61 24.43
CA LEU Y 257 -0.49 48.21 23.06
C LEU Y 257 -1.98 48.24 22.73
N SER Y 258 -2.34 47.89 21.49
CA SER Y 258 -3.70 48.11 21.03
C SER Y 258 -4.50 46.82 20.86
N GLY Y 259 -4.16 45.78 21.61
CA GLY Y 259 -5.06 44.65 21.72
C GLY Y 259 -5.97 44.72 22.91
N PHE Y 260 -5.88 45.83 23.64
CA PHE Y 260 -6.58 46.06 24.89
C PHE Y 260 -7.85 46.86 24.71
N MET Y 261 -7.88 47.68 23.65
CA MET Y 261 -9.09 48.40 23.30
C MET Y 261 -10.33 47.54 23.06
N PRO Y 262 -10.26 46.27 22.57
CA PRO Y 262 -11.47 45.44 22.67
C PRO Y 262 -11.87 45.06 24.09
N LYS Y 263 -10.94 44.47 24.85
CA LYS Y 263 -11.26 43.86 26.14
C LYS Y 263 -11.78 44.89 27.12
N TRP Y 264 -11.10 46.01 27.21
CA TRP Y 264 -11.38 47.03 28.21
C TRP Y 264 -12.72 47.68 27.98
N MET Y 265 -13.02 47.98 26.72
CA MET Y 265 -14.32 48.56 26.39
C MET Y 265 -15.44 47.54 26.56
N ILE Y 266 -15.13 46.27 26.33
CA ILE Y 266 -16.10 45.21 26.61
C ILE Y 266 -16.39 45.11 28.10
N ILE Y 267 -15.36 45.21 28.94
CA ILE Y 267 -15.56 45.17 30.38
C ILE Y 267 -16.35 46.39 30.84
N GLN Y 268 -16.15 47.53 30.19
CA GLN Y 268 -16.96 48.71 30.47
C GLN Y 268 -18.43 48.48 30.16
N GLU Y 269 -18.75 48.21 28.90
CA GLU Y 269 -20.16 48.07 28.52
C GLU Y 269 -20.74 46.71 28.88
N MET Y 270 -19.99 45.91 29.62
CA MET Y 270 -20.45 44.70 30.26
C MET Y 270 -20.77 44.91 31.73
N THR Y 271 -19.87 45.53 32.46
CA THR Y 271 -20.03 45.81 33.87
C THR Y 271 -20.81 47.08 34.14
N LYS Y 272 -21.30 47.76 33.11
CA LYS Y 272 -22.40 48.68 33.37
C LYS Y 272 -23.72 47.95 33.55
N ASN Y 273 -23.75 46.64 33.32
CA ASN Y 273 -24.76 45.81 33.92
C ASN Y 273 -24.22 45.27 35.25
N ASP Y 274 -25.07 44.55 35.98
CA ASP Y 274 -24.65 43.98 37.25
C ASP Y 274 -24.20 42.53 37.11
N SER Y 275 -23.57 42.19 36.00
CA SER Y 275 -22.83 40.95 35.86
C SER Y 275 -21.36 41.30 36.03
N ILE Y 276 -20.75 40.81 37.10
CA ILE Y 276 -19.37 41.13 37.45
C ILE Y 276 -18.52 39.87 37.58
N ILE Y 277 -19.04 38.86 38.27
CA ILE Y 277 -18.29 37.63 38.51
C ILE Y 277 -18.02 36.88 37.21
N LEU Y 278 -18.98 36.88 36.32
CA LEU Y 278 -18.76 36.23 35.03
C LEU Y 278 -17.79 37.01 34.12
N PRO Y 279 -17.87 38.34 33.99
CA PRO Y 279 -16.81 39.02 33.24
C PRO Y 279 -15.43 38.90 33.84
N THR Y 280 -15.31 38.87 35.16
CA THR Y 280 -13.96 38.72 35.68
C THR Y 280 -13.44 37.29 35.52
N LEU Y 281 -14.34 36.28 35.47
CA LEU Y 281 -13.87 34.94 35.13
C LEU Y 281 -13.47 34.86 33.67
N MET Y 282 -14.22 35.56 32.81
CA MET Y 282 -13.85 35.67 31.40
C MET Y 282 -12.49 36.32 31.23
N ALA Y 283 -12.20 37.35 32.00
CA ALA Y 283 -10.93 38.03 31.83
C ALA Y 283 -9.78 37.27 32.45
N ILE Y 284 -10.03 36.43 33.46
CA ILE Y 284 -8.97 35.54 33.93
C ILE Y 284 -8.67 34.46 32.88
N THR Y 285 -9.69 33.97 32.19
CA THR Y 285 -9.38 33.02 31.12
C THR Y 285 -8.74 33.72 29.92
N ALA Y 286 -9.06 35.00 29.71
CA ALA Y 286 -8.35 35.80 28.73
C ALA Y 286 -6.92 36.11 29.16
N LEU Y 287 -6.62 36.02 30.44
CA LEU Y 287 -5.23 35.91 30.85
C LEU Y 287 -4.68 34.56 30.42
N LEU Y 288 -5.48 33.50 30.52
CA LEU Y 288 -4.98 32.16 30.25
C LEU Y 288 -4.73 31.88 28.77
N ASN Y 289 -5.30 32.65 27.84
CA ASN Y 289 -5.06 32.33 26.43
C ASN Y 289 -3.78 32.97 25.89
N LEU Y 290 -2.82 33.24 26.76
CA LEU Y 290 -1.69 34.08 26.44
C LEU Y 290 -0.35 33.39 26.64
N TYR Y 291 -0.32 32.26 27.36
CA TYR Y 291 0.92 31.56 27.59
C TYR Y 291 1.49 30.96 26.31
N PHE Y 292 0.63 30.52 25.40
CA PHE Y 292 1.17 29.96 24.17
C PHE Y 292 1.68 31.06 23.25
N TYR Y 293 1.09 32.25 23.31
CA TYR Y 293 1.72 33.42 22.70
C TYR Y 293 3.11 33.65 23.27
N MET Y 294 3.25 33.52 24.58
CA MET Y 294 4.52 33.80 25.22
C MET Y 294 5.58 32.79 24.82
N ARG Y 295 5.23 31.51 24.77
CA ARG Y 295 6.23 30.52 24.36
C ARG Y 295 6.54 30.65 22.88
N LEU Y 296 5.58 31.13 22.08
CA LEU Y 296 5.86 31.39 20.68
C LEU Y 296 6.89 32.50 20.54
N THR Y 297 6.72 33.60 21.27
CA THR Y 297 7.62 34.73 21.11
C THR Y 297 8.98 34.46 21.74
N TYR Y 298 9.00 33.71 22.84
CA TYR Y 298 10.21 33.07 23.36
C TYR Y 298 10.96 32.33 22.28
N SER Y 299 10.26 31.50 21.53
CA SER Y 299 10.93 30.72 20.49
C SER Y 299 11.37 31.57 19.32
N THR Y 300 10.68 32.69 19.06
CA THR Y 300 11.07 33.52 17.91
C THR Y 300 12.29 34.37 18.21
N ALA Y 301 12.17 35.32 19.13
CA ALA Y 301 13.16 36.38 19.19
C ALA Y 301 13.75 36.54 20.57
N LEU Y 302 12.93 36.23 21.57
CA LEU Y 302 13.32 36.44 22.96
C LEU Y 302 14.39 35.46 23.39
N THR Y 303 14.55 34.37 22.69
CA THR Y 303 15.75 33.56 22.79
C THR Y 303 16.44 33.57 21.43
N MET Y 304 17.52 32.81 21.33
CA MET Y 304 18.28 32.66 20.09
C MET Y 304 18.49 31.16 19.87
N PHE Y 305 17.74 30.59 18.95
CA PHE Y 305 17.97 29.18 18.70
C PHE Y 305 19.07 28.98 17.66
N PRO Y 306 19.75 27.84 17.70
CA PRO Y 306 20.70 27.52 16.62
C PRO Y 306 19.98 27.31 15.31
N SER Y 307 20.50 27.94 14.26
CA SER Y 307 19.95 27.84 12.92
C SER Y 307 20.88 27.00 12.06
N THR Y 308 20.28 26.25 11.14
CA THR Y 308 21.02 25.49 10.14
C THR Y 308 21.73 26.47 9.21
N ASN Y 309 22.85 26.04 8.61
CA ASN Y 309 23.41 26.86 7.55
C ASN Y 309 22.59 26.63 6.27
N ASN Y 310 23.08 27.24 5.18
CA ASN Y 310 22.42 27.65 3.93
C ASN Y 310 21.60 28.91 4.16
N MET Y 311 21.49 29.35 5.41
CA MET Y 311 21.09 30.73 5.64
C MET Y 311 22.20 31.66 5.22
N LYS Y 312 23.45 31.18 5.28
CA LYS Y 312 24.55 31.78 4.53
C LYS Y 312 24.19 31.98 3.07
N MET Y 313 23.55 30.99 2.46
CA MET Y 313 23.13 31.14 1.07
C MET Y 313 21.96 32.08 0.95
N LYS Y 314 21.08 32.08 1.95
CA LYS Y 314 19.87 32.88 1.90
C LYS Y 314 20.15 34.37 2.11
N TRP Y 315 21.31 34.71 2.68
CA TRP Y 315 21.64 36.11 2.93
C TRP Y 315 21.75 36.93 1.66
N GLN Y 316 22.17 36.31 0.55
CA GLN Y 316 22.30 37.05 -0.69
C GLN Y 316 20.95 37.39 -1.29
N PHE Y 317 19.92 36.63 -0.96
CA PHE Y 317 18.63 36.80 -1.61
C PHE Y 317 17.63 37.43 -0.67
N PRO Y 318 17.18 38.66 -0.91
CA PRO Y 318 16.25 39.30 0.01
C PRO Y 318 14.87 38.71 -0.12
N THR Y 319 14.05 38.98 0.90
CA THR Y 319 12.66 38.56 0.90
C THR Y 319 11.90 39.48 -0.05
N THR Y 320 11.97 39.12 -1.33
CA THR Y 320 11.36 39.89 -2.41
C THR Y 320 9.95 39.43 -2.72
N LYS Y 321 9.22 38.93 -1.73
CA LYS Y 321 7.87 38.42 -1.88
C LYS Y 321 6.89 39.53 -2.22
N ARG Y 322 5.64 39.13 -2.40
CA ARG Y 322 4.53 40.05 -2.28
C ARG Y 322 4.05 40.07 -0.83
N MET Y 323 3.61 41.23 -0.39
CA MET Y 323 2.84 41.35 0.85
C MET Y 323 1.49 41.92 0.50
N THR Y 324 0.46 41.46 1.20
CA THR Y 324 -0.90 41.94 0.97
C THR Y 324 -1.00 43.41 1.33
N LEU Y 325 -0.92 43.73 2.63
CA LEU Y 325 -0.58 45.09 3.07
C LEU Y 325 -0.05 44.92 4.50
N LEU Y 326 1.25 44.82 4.63
CA LEU Y 326 1.81 44.52 5.94
C LEU Y 326 1.90 45.72 6.88
N PRO Y 327 2.56 46.86 6.53
CA PRO Y 327 2.89 47.81 7.59
C PRO Y 327 1.70 48.65 8.02
N THR Y 328 0.81 48.93 7.07
CA THR Y 328 -0.36 49.76 7.38
C THR Y 328 -1.27 49.04 8.36
N MET Y 329 -1.61 47.79 8.07
CA MET Y 329 -2.39 46.99 9.00
C MET Y 329 -1.63 46.74 10.30
N THR Y 330 -0.30 46.65 10.22
CA THR Y 330 0.52 46.43 11.42
C THR Y 330 0.39 47.58 12.40
N VAL Y 331 0.76 48.79 11.98
CA VAL Y 331 0.71 49.90 12.92
C VAL Y 331 -0.71 50.39 13.14
N LEU Y 332 -1.66 50.03 12.29
CA LEU Y 332 -3.05 50.31 12.64
C LEU Y 332 -3.53 49.35 13.70
N SER Y 333 -2.93 48.16 13.76
CA SER Y 333 -3.29 47.17 14.75
C SER Y 333 -2.56 47.36 16.07
N THR Y 334 -1.42 48.02 16.08
CA THR Y 334 -0.58 47.99 17.26
C THR Y 334 -0.44 49.30 17.99
N MET Y 335 -0.58 50.45 17.32
CA MET Y 335 -0.39 51.73 17.99
C MET Y 335 -1.71 52.44 18.26
N LEU Y 336 -2.83 51.73 18.25
CA LEU Y 336 -4.14 52.36 18.28
C LEU Y 336 -4.77 52.31 19.67
N LEU Y 337 -3.94 52.48 20.71
CA LEU Y 337 -4.50 52.69 22.04
C LEU Y 337 -5.25 54.01 22.22
N PRO Y 338 -4.67 55.19 21.96
CA PRO Y 338 -5.34 56.41 22.42
C PRO Y 338 -6.56 56.80 21.61
N LEU Y 339 -6.89 56.09 20.54
CA LEU Y 339 -8.09 56.40 19.79
C LEU Y 339 -9.28 55.53 20.17
N THR Y 340 -9.54 55.43 21.47
CA THR Y 340 -10.76 54.82 21.98
C THR Y 340 -12.08 55.60 21.76
N PRO Y 341 -12.12 56.92 21.62
CA PRO Y 341 -13.35 57.53 21.10
C PRO Y 341 -13.53 57.40 19.59
N ILE Y 342 -12.78 56.52 18.96
CA ILE Y 342 -13.03 56.03 17.61
C ILE Y 342 -13.68 54.67 17.82
N LEU Y 343 -14.29 54.50 18.99
CA LEU Y 343 -15.39 53.56 19.14
C LEU Y 343 -16.55 53.93 18.22
N SER Y 344 -17.00 55.18 18.29
CA SER Y 344 -18.24 55.59 17.66
C SER Y 344 -18.13 55.82 16.16
N ILE Y 345 -17.00 55.51 15.53
CA ILE Y 345 -16.98 55.42 14.08
C ILE Y 345 -17.85 54.29 13.62
N LEU Y 346 -17.88 53.20 14.38
CA LEU Y 346 -18.61 52.02 13.99
C LEU Y 346 -20.09 52.18 14.23
N GLU Y 347 -20.47 53.11 15.09
CA GLU Y 347 -21.86 53.46 15.30
C GLU Y 347 -21.86 54.89 15.80
N ALA Z 1 -31.37 20.68 35.31
CA ALA Z 1 -32.51 21.53 35.00
C ALA Z 1 -32.71 22.62 36.03
N LYS Z 2 -33.19 23.76 35.53
CA LYS Z 2 -33.46 24.92 36.35
C LYS Z 2 -34.51 24.61 37.40
N THR Z 3 -35.45 23.72 37.07
CA THR Z 3 -36.48 23.36 38.03
C THR Z 3 -35.94 22.59 39.23
N LEU Z 4 -35.01 21.65 39.04
CA LEU Z 4 -34.58 20.94 40.23
C LEU Z 4 -33.43 21.62 40.95
N LEU Z 5 -32.62 22.44 40.27
CA LEU Z 5 -31.71 23.26 41.05
C LEU Z 5 -32.48 24.35 41.78
N HIS Z 6 -33.63 24.77 41.24
CA HIS Z 6 -34.53 25.63 41.96
C HIS Z 6 -35.14 24.91 43.15
N GLN Z 7 -35.40 23.61 43.01
CA GLN Z 7 -35.82 22.81 44.15
C GLN Z 7 -34.72 22.71 45.20
N TYR Z 8 -33.46 22.68 44.77
CA TYR Z 8 -32.38 22.64 45.75
C TYR Z 8 -32.24 23.98 46.47
N TRP Z 9 -32.36 25.09 45.75
CA TRP Z 9 -32.28 26.37 46.42
C TRP Z 9 -33.50 26.63 47.27
N ASP Z 10 -34.64 26.07 46.90
CA ASP Z 10 -35.89 26.37 47.58
C ASP Z 10 -36.12 25.48 48.79
N ILE Z 11 -35.20 24.55 49.07
CA ILE Z 11 -35.17 23.89 50.37
C ILE Z 11 -34.82 24.95 51.40
N PRO Z 12 -35.68 25.21 52.37
CA PRO Z 12 -35.36 26.23 53.37
C PRO Z 12 -34.31 25.74 54.34
N GLU Z 13 -33.66 26.69 55.00
CA GLU Z 13 -32.45 26.44 55.76
C GLU Z 13 -32.57 26.93 57.21
N GLY Z 14 -33.58 26.51 58.00
CA GLY Z 14 -34.48 25.38 57.78
C GLY Z 14 -33.85 24.01 57.82
N THR Z 15 -34.70 22.99 57.89
CA THR Z 15 -34.23 21.61 57.80
C THR Z 15 -35.34 20.79 57.18
N GLU Z 16 -35.13 20.36 55.95
CA GLU Z 16 -35.94 19.33 55.32
C GLU Z 16 -34.93 18.27 54.94
N CYS Z 17 -34.15 17.86 55.93
CA CYS Z 17 -32.98 17.03 55.67
C CYS Z 17 -33.38 15.67 55.16
N HIS Z 18 -32.39 15.04 54.51
CA HIS Z 18 -32.38 13.83 53.66
C HIS Z 18 -33.00 14.11 52.30
N ARG Z 19 -33.73 15.22 52.17
CA ARG Z 19 -34.36 15.63 50.92
C ARG Z 19 -33.51 16.65 50.20
N LYS Z 20 -32.89 17.54 50.97
CA LYS Z 20 -31.76 18.30 50.45
C LYS Z 20 -30.66 17.37 49.95
N THR Z 21 -30.41 16.29 50.68
CA THR Z 21 -29.36 15.37 50.27
C THR Z 21 -29.80 14.58 49.04
N TYR Z 22 -31.09 14.24 48.94
CA TYR Z 22 -31.57 13.56 47.74
C TYR Z 22 -31.46 14.44 46.52
N ALA Z 23 -31.77 15.74 46.67
CA ALA Z 23 -31.60 16.68 45.58
C ALA Z 23 -30.13 16.83 45.19
N ALA Z 24 -29.24 16.82 46.19
CA ALA Z 24 -27.81 16.93 45.91
C ALA Z 24 -27.30 15.71 45.16
N THR Z 25 -27.81 14.53 45.53
CA THR Z 25 -27.47 13.33 44.77
C THR Z 25 -27.99 13.39 43.35
N SER Z 26 -29.17 13.97 43.16
CA SER Z 26 -29.71 14.08 41.79
C SER Z 26 -28.87 15.02 40.94
N ILE Z 27 -28.41 16.13 41.52
CA ILE Z 27 -27.54 17.07 40.80
C ILE Z 27 -26.22 16.40 40.45
N GLY Z 28 -25.64 15.68 41.41
CA GLY Z 28 -24.38 15.01 41.16
C GLY Z 28 -24.49 13.91 40.12
N GLY Z 29 -25.60 13.16 40.13
CA GLY Z 29 -25.81 12.12 39.14
C GLY Z 29 -26.06 12.68 37.76
N ALA Z 30 -26.76 13.81 37.67
CA ALA Z 30 -26.96 14.47 36.38
C ALA Z 30 -25.63 14.93 35.81
N SER Z 31 -24.79 15.55 36.66
CA SER Z 31 -23.48 16.00 36.23
C SER Z 31 -22.59 14.83 35.81
N GLY Z 32 -22.71 13.72 36.55
CA GLY Z 32 -21.94 12.53 36.20
C GLY Z 32 -22.37 11.92 34.89
N LEU Z 33 -23.68 11.93 34.61
CA LEU Z 33 -24.15 11.42 33.33
C LEU Z 33 -23.70 12.30 32.18
N VAL Z 34 -23.64 13.62 32.40
CA VAL Z 34 -23.10 14.52 31.38
C VAL Z 34 -21.64 14.16 31.05
N VAL Z 35 -20.80 14.12 32.08
CA VAL Z 35 -19.37 13.88 31.90
C VAL Z 35 -19.12 12.50 31.31
N SER Z 36 -19.89 11.52 31.76
CA SER Z 36 -19.72 10.16 31.28
C SER Z 36 -20.20 9.99 29.85
N ALA Z 37 -21.25 10.73 29.47
CA ALA Z 37 -21.72 10.68 28.09
C ALA Z 37 -20.67 11.24 27.14
N TYR Z 38 -20.05 12.37 27.49
CA TYR Z 38 -18.97 12.90 26.66
C TYR Z 38 -17.78 11.94 26.60
N SER Z 39 -17.37 11.41 27.76
CA SER Z 39 -16.15 10.62 27.81
C SER Z 39 -16.33 9.24 27.20
N VAL Z 40 -17.55 8.74 27.09
CA VAL Z 40 -17.76 7.53 26.30
C VAL Z 40 -18.03 7.90 24.84
N ALA Z 41 -18.42 9.16 24.57
CA ALA Z 41 -18.63 9.54 23.19
C ALA Z 41 -17.31 9.74 22.46
N LEU Z 42 -16.26 10.08 23.18
CA LEU Z 42 -15.00 10.38 22.52
C LEU Z 42 -13.89 9.40 22.93
N LYS Z 43 -14.24 8.14 23.15
CA LYS Z 43 -13.18 7.20 23.48
C LYS Z 43 -13.28 5.89 22.71
N THR Z 44 -14.51 5.51 22.29
CA THR Z 44 -14.86 4.20 21.72
C THR Z 44 -14.36 3.11 22.65
N PRO Z 45 -15.10 2.83 23.73
CA PRO Z 45 -14.51 2.14 24.89
C PRO Z 45 -14.03 0.72 24.65
N THR Z 46 -14.46 0.06 23.55
CA THR Z 46 -14.12 -1.29 23.08
C THR Z 46 -14.09 -2.34 24.21
N SER Z 47 -15.25 -2.65 24.78
CA SER Z 47 -16.54 -2.54 24.11
C SER Z 47 -17.63 -1.96 24.99
N PHE Z 48 -18.88 -2.21 24.55
CA PHE Z 48 -20.07 -1.61 25.15
C PHE Z 48 -20.19 -1.91 26.63
N LEU Z 49 -19.78 -3.11 27.06
CA LEU Z 49 -19.76 -3.42 28.47
C LEU Z 49 -18.76 -2.53 29.22
N GLU Z 50 -17.59 -2.30 28.64
CA GLU Z 50 -16.63 -1.41 29.27
C GLU Z 50 -17.10 0.03 29.27
N GLY Z 51 -17.91 0.42 28.29
CA GLY Z 51 -18.49 1.75 28.30
C GLY Z 51 -19.48 1.93 29.43
N VAL Z 52 -20.32 0.92 29.65
CA VAL Z 52 -21.24 0.95 30.79
C VAL Z 52 -20.44 0.96 32.10
N ALA Z 53 -19.31 0.24 32.12
CA ALA Z 53 -18.47 0.21 33.32
C ALA Z 53 -17.84 1.59 33.61
N ARG Z 54 -17.38 2.27 32.56
CA ARG Z 54 -16.78 3.60 32.73
C ARG Z 54 -17.81 4.63 33.15
N THR Z 55 -18.99 4.61 32.52
CA THR Z 55 -20.05 5.54 32.90
C THR Z 55 -20.54 5.26 34.31
N GLY Z 56 -20.58 3.99 34.69
CA GLY Z 56 -20.92 3.64 36.06
C GLY Z 56 -19.89 4.15 37.05
N ARG Z 57 -18.61 4.09 36.67
CA ARG Z 57 -17.56 4.61 37.54
C ARG Z 57 -17.68 6.12 37.73
N TYR Z 58 -17.90 6.85 36.65
CA TYR Z 58 -17.92 8.31 36.76
C TYR Z 58 -19.18 8.80 37.46
N THR Z 59 -20.33 8.23 37.12
CA THR Z 59 -21.56 8.58 37.85
C THR Z 59 -21.50 8.11 39.29
N PHE Z 60 -20.79 7.01 39.55
CA PHE Z 60 -20.60 6.51 40.90
C PHE Z 60 -19.83 7.51 41.75
N THR Z 61 -18.72 8.03 41.21
CA THR Z 61 -17.93 9.02 41.93
C THR Z 61 -18.70 10.32 42.10
N ALA Z 62 -19.38 10.80 41.07
CA ALA Z 62 -20.06 12.09 41.17
C ALA Z 62 -21.27 12.00 42.10
N ALA Z 63 -21.97 10.87 42.09
CA ALA Z 63 -23.08 10.68 43.02
C ALA Z 63 -22.57 10.55 44.45
N ALA Z 64 -21.37 9.96 44.63
CA ALA Z 64 -20.75 9.95 45.94
C ALA Z 64 -20.41 11.37 46.40
N ILE Z 65 -19.96 12.21 45.47
CA ILE Z 65 -19.67 13.61 45.78
C ILE Z 65 -20.93 14.32 46.24
N GLY Z 66 -22.02 14.13 45.49
CA GLY Z 66 -23.28 14.78 45.84
C GLY Z 66 -23.83 14.32 47.18
N ALA Z 67 -23.74 13.01 47.44
CA ALA Z 67 -24.23 12.46 48.70
C ALA Z 67 -23.45 12.98 49.88
N ILE Z 68 -22.11 12.94 49.79
CA ILE Z 68 -21.27 13.32 50.91
C ILE Z 68 -21.37 14.81 51.18
N PHE Z 69 -21.51 15.61 50.11
CA PHE Z 69 -21.68 17.05 50.28
C PHE Z 69 -23.03 17.37 50.92
N GLY Z 70 -24.10 16.69 50.53
CA GLY Z 70 -25.39 16.93 51.15
C GLY Z 70 -25.42 16.52 52.59
N LEU Z 71 -24.74 15.41 52.93
CA LEU Z 71 -24.67 14.95 54.31
C LEU Z 71 -23.92 15.93 55.20
N THR Z 72 -22.75 16.40 54.76
CA THR Z 72 -22.02 17.33 55.62
C THR Z 72 -22.66 18.71 55.65
N SER Z 73 -23.40 19.09 54.60
CA SER Z 73 -24.20 20.30 54.64
C SER Z 73 -25.29 20.22 55.70
N CYS Z 74 -26.02 19.10 55.72
CA CYS Z 74 -27.10 18.94 56.69
C CYS Z 74 -26.57 18.83 58.11
N ILE Z 75 -25.44 18.14 58.30
CA ILE Z 75 -24.85 17.99 59.62
C ILE Z 75 -24.35 19.33 60.15
N SER Z 76 -23.70 20.12 59.30
CA SER Z 76 -23.23 21.44 59.73
C SER Z 76 -24.39 22.37 60.06
N ALA Z 77 -25.43 22.36 59.23
CA ALA Z 77 -26.58 23.21 59.49
C ALA Z 77 -27.40 22.72 60.69
N GLN Z 78 -27.29 21.45 61.07
CA GLN Z 78 -27.98 21.05 62.29
C GLN Z 78 -27.16 21.34 63.53
N VAL Z 79 -25.84 21.20 63.45
CA VAL Z 79 -24.98 21.42 64.60
C VAL Z 79 -24.94 22.89 64.96
N ARG Z 80 -24.53 23.74 64.01
CA ARG Z 80 -24.31 25.12 64.38
C ARG Z 80 -25.53 26.01 64.16
N GLU Z 81 -26.37 25.65 63.19
CA GLU Z 81 -27.64 26.34 62.89
C GLU Z 81 -27.45 27.82 62.61
N LYS Z 82 -26.54 28.11 61.68
CA LYS Z 82 -26.33 29.47 61.21
C LYS Z 82 -26.28 29.47 59.69
N PRO Z 83 -27.36 29.86 59.02
CA PRO Z 83 -27.37 29.90 57.56
C PRO Z 83 -26.64 31.09 56.96
N ASP Z 84 -26.15 32.02 57.79
CA ASP Z 84 -25.49 33.21 57.27
C ASP Z 84 -24.10 32.89 56.72
N ASP Z 85 -23.28 32.22 57.50
CA ASP Z 85 -21.88 32.09 57.16
C ASP Z 85 -21.69 30.96 56.15
N PRO Z 86 -20.81 31.14 55.16
CA PRO Z 86 -20.55 30.08 54.19
C PRO Z 86 -19.55 29.04 54.67
N LEU Z 87 -19.21 29.06 55.96
CA LEU Z 87 -18.19 28.17 56.50
C LEU Z 87 -18.69 26.73 56.51
N ASN Z 88 -20.00 26.54 56.68
CA ASN Z 88 -20.60 25.22 56.57
C ASN Z 88 -20.42 24.64 55.17
N TYR Z 89 -20.66 25.44 54.14
CA TYR Z 89 -20.43 24.92 52.80
C TYR Z 89 -18.95 24.86 52.45
N LEU Z 90 -18.11 25.62 53.15
CA LEU Z 90 -16.66 25.48 52.98
C LEU Z 90 -16.19 24.11 53.46
N ILE Z 91 -16.64 23.72 54.65
CA ILE Z 91 -16.43 22.35 55.14
C ILE Z 91 -17.03 21.35 54.17
N GLY Z 92 -18.17 21.70 53.56
CA GLY Z 92 -18.80 20.81 52.59
C GLY Z 92 -17.97 20.57 51.35
N GLY Z 93 -17.43 21.65 50.76
CA GLY Z 93 -16.63 21.50 49.56
C GLY Z 93 -15.32 20.80 49.82
N CYS Z 94 -14.71 21.06 50.99
CA CYS Z 94 -13.48 20.34 51.30
C CYS Z 94 -13.75 18.86 51.55
N ALA Z 95 -14.89 18.54 52.17
CA ALA Z 95 -15.25 17.14 52.35
C ALA Z 95 -15.48 16.44 51.02
N GLY Z 96 -16.15 17.12 50.08
CA GLY Z 96 -16.34 16.56 48.76
C GLY Z 96 -15.03 16.34 48.02
N GLY Z 97 -14.09 17.27 48.16
CA GLY Z 97 -12.80 17.12 47.51
C GLY Z 97 -11.98 15.99 48.10
N LEU Z 98 -12.00 15.85 49.42
CA LEU Z 98 -11.29 14.74 50.05
C LEU Z 98 -11.91 13.40 49.69
N THR Z 99 -13.23 13.35 49.53
CA THR Z 99 -13.82 12.08 49.16
C THR Z 99 -13.62 11.77 47.68
N LEU Z 100 -13.48 12.79 46.84
CA LEU Z 100 -13.06 12.56 45.46
C LEU Z 100 -11.65 12.00 45.42
N GLY Z 101 -10.76 12.53 46.27
CA GLY Z 101 -9.44 11.97 46.40
C GLY Z 101 -9.45 10.55 46.93
N ALA Z 102 -10.44 10.22 47.76
CA ALA Z 102 -10.61 8.86 48.22
C ALA Z 102 -11.06 7.95 47.09
N ARG Z 103 -11.96 8.43 46.23
CA ARG Z 103 -12.40 7.61 45.10
C ARG Z 103 -11.32 7.45 44.05
N THR Z 104 -10.32 8.33 44.01
CA THR Z 104 -9.19 8.12 43.09
C THR Z 104 -7.94 7.59 43.78
N ARG Z 105 -7.89 7.60 45.11
CA ARG Z 105 -6.79 7.05 45.92
C ARG Z 105 -5.44 7.71 45.63
N SER Z 106 -5.47 8.99 45.25
CA SER Z 106 -4.31 9.87 45.26
C SER Z 106 -4.54 10.98 46.27
N TYR Z 107 -3.47 11.50 46.83
CA TYR Z 107 -3.62 12.37 47.99
C TYR Z 107 -3.45 13.85 47.67
N GLY Z 108 -2.45 14.20 46.84
CA GLY Z 108 -2.25 15.60 46.51
C GLY Z 108 -3.36 16.18 45.66
N ILE Z 109 -3.86 15.40 44.70
CA ILE Z 109 -4.99 15.82 43.88
C ILE Z 109 -6.24 15.92 44.73
N GLY Z 110 -6.38 15.04 45.72
CA GLY Z 110 -7.49 15.16 46.66
C GLY Z 110 -7.39 16.40 47.52
N ALA Z 111 -6.18 16.80 47.90
CA ALA Z 111 -6.03 18.00 48.74
C ALA Z 111 -6.33 19.26 47.95
N ALA Z 112 -5.84 19.33 46.70
CA ALA Z 112 -6.19 20.47 45.85
C ALA Z 112 -7.67 20.49 45.52
N ALA Z 113 -8.29 19.31 45.43
CA ALA Z 113 -9.73 19.22 45.24
C ALA Z 113 -10.48 19.79 46.44
N CYS Z 114 -10.02 19.44 47.66
CA CYS Z 114 -10.55 20.05 48.88
C CYS Z 114 -10.49 21.57 48.83
N ALA Z 115 -9.33 22.12 48.48
CA ALA Z 115 -9.14 23.57 48.50
C ALA Z 115 -10.05 24.28 47.50
N TYR Z 116 -9.97 23.86 46.22
CA TYR Z 116 -10.73 24.53 45.18
C TYR Z 116 -12.24 24.34 45.35
N MET Z 117 -12.68 23.12 45.66
CA MET Z 117 -14.10 22.86 45.79
C MET Z 117 -14.68 23.53 47.04
N GLY Z 118 -13.90 23.61 48.13
CA GLY Z 118 -14.37 24.32 49.30
C GLY Z 118 -14.55 25.80 49.04
N LEU Z 119 -13.55 26.42 48.38
CA LEU Z 119 -13.67 27.85 48.08
C LEU Z 119 -14.81 28.14 47.12
N THR Z 120 -14.99 27.31 46.10
CA THR Z 120 -16.05 27.58 45.14
C THR Z 120 -17.43 27.36 45.74
N ALA Z 121 -17.59 26.35 46.60
CA ALA Z 121 -18.90 26.12 47.19
C ALA Z 121 -19.26 27.20 48.20
N ALA Z 122 -18.28 27.62 49.02
CA ALA Z 122 -18.52 28.72 49.95
C ALA Z 122 -18.78 30.02 49.20
N LEU Z 123 -18.15 30.21 48.04
CA LEU Z 123 -18.45 31.36 47.21
C LEU Z 123 -19.86 31.32 46.65
N VAL Z 124 -20.34 30.14 46.27
CA VAL Z 124 -21.70 30.00 45.73
C VAL Z 124 -22.72 30.36 46.80
N LYS Z 125 -22.53 29.84 48.01
CA LYS Z 125 -23.38 30.22 49.13
C LYS Z 125 -23.30 31.69 49.42
N MET Z 126 -22.09 32.24 49.33
CA MET Z 126 -21.81 33.60 49.74
C MET Z 126 -22.47 34.58 48.80
N GLY Z 127 -22.41 34.28 47.51
CA GLY Z 127 -23.07 35.12 46.53
C GLY Z 127 -24.57 34.94 46.51
N GLN Z 128 -25.07 33.75 46.84
CA GLN Z 128 -26.52 33.59 46.83
C GLN Z 128 -27.15 34.23 48.05
N LEU Z 129 -26.50 34.10 49.21
CA LEU Z 129 -27.00 34.74 50.43
C LEU Z 129 -26.85 36.25 50.33
N GLU Z 130 -25.77 36.72 49.72
CA GLU Z 130 -25.62 38.15 49.52
C GLU Z 130 -26.55 38.64 48.43
N GLY Z 131 -26.77 37.82 47.42
CA GLY Z 131 -27.71 38.09 46.35
C GLY Z 131 -26.97 38.61 45.14
N TRP Z 132 -26.60 37.71 44.25
CA TRP Z 132 -26.00 38.02 42.97
C TRP Z 132 -26.82 37.31 41.91
N LYS Z 133 -26.83 37.85 40.71
CA LYS Z 133 -27.81 37.34 39.78
C LYS Z 133 -27.30 36.11 39.04
N VAL Z 134 -28.24 35.41 38.43
CA VAL Z 134 -27.93 34.28 37.56
C VAL Z 134 -27.53 34.87 36.22
N PHE Z 135 -26.24 35.19 36.10
CA PHE Z 135 -25.51 35.42 34.86
C PHE Z 135 -25.84 36.70 34.12
N ALA Z 136 -26.87 37.44 34.51
CA ALA Z 136 -27.33 38.53 33.67
C ALA Z 136 -28.21 39.47 34.46
N GLU Z 137 -28.40 40.66 33.90
CA GLU Z 137 -29.51 41.50 34.35
C GLU Z 137 -30.84 41.08 33.73
N PRO Z 138 -30.95 40.86 32.38
CA PRO Z 138 -30.16 41.04 31.16
C PRO Z 138 -30.34 42.42 30.57
N LYS Z 139 -30.99 43.28 31.34
CA LYS Z 139 -31.30 44.65 30.93
C LYS Z 139 -30.04 45.51 31.00
N VAL Z 140 -30.19 46.80 30.76
CA VAL Z 140 -29.10 47.74 31.00
C VAL Z 140 -29.60 48.84 31.90
N GLY AA 5 70.88 46.51 54.14
CA GLY AA 5 69.63 46.46 53.41
C GLY AA 5 68.41 46.47 54.31
N LYS AA 6 68.24 47.57 55.04
CA LYS AA 6 67.15 47.68 56.01
C LYS AA 6 65.80 47.77 55.32
N ARG AA 7 65.65 48.77 54.44
CA ARG AA 7 64.38 48.97 53.78
C ARG AA 7 64.12 47.89 52.74
N LEU AA 8 62.84 47.56 52.58
CA LEU AA 8 62.41 46.58 51.59
C LEU AA 8 61.26 47.17 50.80
N PHE AA 9 60.87 46.47 49.74
CA PHE AA 9 59.79 46.90 48.90
C PHE AA 9 58.49 46.25 49.36
N ILE AA 10 57.63 47.03 49.95
CA ILE AA 10 56.31 46.56 50.32
C ILE AA 10 55.41 46.77 49.11
N ILE AA 11 54.35 45.97 49.02
CA ILE AA 11 53.53 45.90 47.80
C ILE AA 11 52.20 46.59 48.09
N LYS AA 12 52.08 47.82 47.65
CA LYS AA 12 50.78 48.45 47.59
C LYS AA 12 49.96 47.81 46.47
N PRO AA 13 48.63 47.83 46.56
CA PRO AA 13 47.82 47.30 45.47
C PRO AA 13 47.95 48.10 44.19
N SER AA 14 47.55 49.37 44.25
CA SER AA 14 47.62 50.39 43.21
C SER AA 14 47.12 51.68 43.80
N GLY AA 15 47.66 52.79 43.34
CA GLY AA 15 47.24 54.04 43.94
C GLY AA 15 46.62 55.01 42.99
N PHE AA 16 47.05 54.96 41.73
CA PHE AA 16 46.85 56.10 40.86
C PHE AA 16 45.42 56.22 40.38
N TYR AA 17 44.76 55.10 40.10
CA TYR AA 17 43.35 55.14 39.70
C TYR AA 17 42.48 55.70 40.80
N ASP AA 18 42.72 55.25 42.03
CA ASP AA 18 41.94 55.69 43.18
C ASP AA 18 42.13 57.17 43.45
N LYS AA 19 43.39 57.59 43.52
CA LYS AA 19 43.71 59.00 43.74
C LYS AA 19 43.22 59.86 42.59
N ARG AA 20 43.24 59.32 41.36
CA ARG AA 20 42.75 60.08 40.21
C ARG AA 20 41.27 60.30 40.32
N PHE AA 21 40.53 59.27 40.76
CA PHE AA 21 39.09 59.45 40.92
C PHE AA 21 38.77 60.46 42.00
N LEU AA 22 39.43 60.36 43.16
CA LEU AA 22 39.14 61.29 44.25
C LEU AA 22 39.54 62.72 43.90
N LYS AA 23 40.64 62.85 43.15
CA LYS AA 23 41.11 64.15 42.70
C LYS AA 23 40.09 64.79 41.77
N LEU AA 24 39.61 64.01 40.78
CA LEU AA 24 38.61 64.53 39.87
C LEU AA 24 37.30 64.83 40.57
N LEU AA 25 36.95 64.02 41.57
CA LEU AA 25 35.70 64.24 42.31
C LEU AA 25 35.72 65.56 43.05
N ARG AA 26 36.77 65.78 43.85
CA ARG AA 26 36.81 67.01 44.63
C ARG AA 26 37.04 68.22 43.73
N PHE AA 27 37.77 68.07 42.62
CA PHE AA 27 38.02 69.21 41.75
C PHE AA 27 36.77 69.60 40.97
N TYR AA 28 36.02 68.62 40.49
CA TYR AA 28 34.85 68.88 39.69
C TYR AA 28 33.58 68.89 40.52
N ILE AA 29 33.70 68.88 41.83
CA ILE AA 29 32.68 69.51 42.67
C ILE AA 29 33.09 70.94 43.02
N LEU AA 30 34.39 71.13 43.28
CA LEU AA 30 34.91 72.42 43.71
C LEU AA 30 34.82 73.46 42.62
N LEU AA 31 34.69 73.03 41.35
CA LEU AA 31 34.59 73.96 40.22
C LEU AA 31 33.36 74.84 40.31
N THR AA 32 32.27 74.34 40.86
CA THR AA 32 31.14 75.19 41.23
C THR AA 32 30.82 75.05 42.71
N GLY AA 33 31.83 74.80 43.53
CA GLY AA 33 31.63 74.86 44.96
C GLY AA 33 32.07 76.19 45.49
N ILE AA 34 33.27 76.59 45.08
CA ILE AA 34 33.76 77.94 45.38
C ILE AA 34 32.89 79.05 44.79
N PRO AA 35 32.51 79.04 43.48
CA PRO AA 35 31.72 80.18 42.99
C PRO AA 35 30.33 80.29 43.60
N VAL AA 36 29.69 79.16 43.92
CA VAL AA 36 28.33 79.22 44.44
C VAL AA 36 28.31 79.75 45.87
N VAL AA 37 29.19 79.21 46.72
CA VAL AA 37 29.20 79.63 48.13
C VAL AA 37 29.72 81.05 48.26
N ILE AA 38 30.74 81.41 47.48
CA ILE AA 38 31.21 82.79 47.53
C ILE AA 38 30.18 83.73 46.91
N GLY AA 39 29.40 83.26 45.93
CA GLY AA 39 28.35 84.08 45.37
C GLY AA 39 27.24 84.34 46.35
N ILE AA 40 26.82 83.33 47.11
CA ILE AA 40 25.77 83.56 48.09
C ILE AA 40 26.31 84.33 49.30
N THR AA 41 27.61 84.24 49.57
CA THR AA 41 28.21 85.12 50.56
C THR AA 41 28.14 86.56 50.11
N LEU AA 42 28.35 86.81 48.81
CA LEU AA 42 28.18 88.14 48.26
C LEU AA 42 26.72 88.58 48.30
N ILE AA 43 25.80 87.63 48.18
CA ILE AA 43 24.38 87.93 48.31
C ILE AA 43 24.07 88.44 49.70
N ASN AA 44 24.36 87.64 50.73
CA ASN AA 44 23.99 88.13 52.05
C ASN AA 44 25.01 89.08 52.68
N VAL AA 45 26.04 89.51 51.94
CA VAL AA 45 26.86 90.64 52.38
C VAL AA 45 26.54 91.91 51.59
N PHE AA 46 25.81 91.81 50.48
CA PHE AA 46 25.41 93.00 49.76
C PHE AA 46 23.91 93.29 49.83
N ILE AA 47 23.04 92.36 49.43
CA ILE AA 47 21.64 92.74 49.24
C ILE AA 47 20.79 92.48 50.50
N GLY AA 48 21.01 91.41 51.25
CA GLY AA 48 20.29 91.19 52.48
C GLY AA 48 18.86 90.75 52.21
N GLU AA 49 18.14 90.47 53.30
CA GLU AA 49 16.86 89.79 53.12
C GLU AA 49 15.75 90.74 52.73
N ALA AA 50 15.21 91.46 53.70
CA ALA AA 50 13.97 92.23 53.56
C ALA AA 50 13.68 92.87 54.90
N GLU AA 51 12.65 93.70 54.93
CA GLU AA 51 12.10 94.18 56.18
C GLU AA 51 10.80 93.44 56.49
N LEU AA 52 10.42 93.51 57.77
CA LEU AA 52 9.35 92.70 58.33
C LEU AA 52 8.00 93.36 58.23
N ALA AA 53 7.81 94.22 57.24
CA ALA AA 53 6.70 95.17 57.24
C ALA AA 53 5.38 94.48 56.93
N GLU AA 54 4.32 95.27 56.87
CA GLU AA 54 2.97 94.77 56.71
C GLU AA 54 2.40 95.25 55.40
N ILE AA 55 1.27 94.65 55.02
CA ILE AA 55 0.62 94.99 53.76
C ILE AA 55 -0.03 96.35 53.94
N PRO AA 56 0.29 97.33 53.11
CA PRO AA 56 -0.33 98.65 53.22
C PRO AA 56 -1.75 98.63 52.67
N GLU AA 57 -2.46 99.72 52.92
CA GLU AA 57 -3.79 99.89 52.36
C GLU AA 57 -3.71 100.32 50.91
N GLY AA 58 -4.71 99.92 50.13
CA GLY AA 58 -4.78 100.24 48.72
C GLY AA 58 -3.66 99.60 47.94
N TYR AA 59 -3.53 98.29 48.07
CA TYR AA 59 -2.32 97.63 47.61
C TYR AA 59 -2.65 96.22 47.15
N VAL AA 60 -2.27 95.89 45.93
CA VAL AA 60 -2.46 94.54 45.42
C VAL AA 60 -1.10 93.85 45.31
N PRO AA 61 -0.74 93.01 46.27
CA PRO AA 61 0.60 92.42 46.27
C PRO AA 61 0.75 91.34 45.23
N GLU AA 62 1.97 91.22 44.72
CA GLU AA 62 2.34 90.05 43.94
C GLU AA 62 2.40 88.83 44.84
N HIS AA 63 2.41 87.65 44.21
CA HIS AA 63 2.59 86.44 44.98
C HIS AA 63 4.04 86.21 45.38
N TRP AA 64 4.99 86.90 44.78
CA TRP AA 64 6.29 87.01 45.40
C TRP AA 64 6.29 88.28 46.22
N GLU AA 65 7.45 88.62 46.78
CA GLU AA 65 7.62 89.64 47.83
C GLU AA 65 6.73 89.36 49.05
N TYR AA 66 6.41 88.09 49.28
CA TYR AA 66 6.06 87.57 50.58
C TYR AA 66 7.24 86.92 51.26
N PHE AA 67 8.40 86.92 50.61
CA PHE AA 67 9.51 86.08 50.99
C PHE AA 67 10.68 86.88 51.51
N LYS AA 68 11.30 86.37 52.56
CA LYS AA 68 12.45 87.01 53.14
C LYS AA 68 13.62 86.97 52.19
N HIS AA 69 14.07 85.79 51.84
CA HIS AA 69 15.36 85.66 51.20
C HIS AA 69 15.27 86.05 49.73
N PRO AA 70 16.21 86.85 49.24
CA PRO AA 70 16.06 87.39 47.89
C PRO AA 70 16.26 86.38 46.79
N ILE AA 71 17.09 85.37 47.02
CA ILE AA 71 17.25 84.32 46.02
C ILE AA 71 15.98 83.49 45.93
N SER AA 72 15.40 83.17 47.08
CA SER AA 72 14.11 82.50 47.12
C SER AA 72 13.01 83.38 46.53
N ARG AA 73 13.10 84.69 46.76
CA ARG AA 73 12.16 85.61 46.13
C ARG AA 73 12.28 85.58 44.61
N TRP AA 74 13.51 85.54 44.10
CA TRP AA 74 13.71 85.48 42.66
C TRP AA 74 13.23 84.17 42.07
N ILE AA 75 13.43 83.07 42.80
CA ILE AA 75 12.96 81.77 42.36
C ILE AA 75 11.44 81.76 42.26
N ALA AA 76 10.76 82.27 43.28
CA ALA AA 76 9.31 82.34 43.20
C ALA AA 76 8.83 83.35 42.18
N ARG AA 77 9.65 84.35 41.86
CA ARG AA 77 9.22 85.34 40.87
C ARG AA 77 9.28 84.75 39.47
N THR AA 78 10.43 84.25 39.06
CA THR AA 78 10.68 84.00 37.65
C THR AA 78 10.46 82.55 37.22
N PHE AA 79 10.27 81.63 38.15
CA PHE AA 79 10.17 80.23 37.80
C PHE AA 79 8.87 79.56 38.23
N PHE AA 80 7.95 80.28 38.86
CA PHE AA 80 6.82 79.63 39.52
C PHE AA 80 5.51 80.33 39.22
N ASP AA 81 4.42 79.58 39.37
CA ASP AA 81 3.07 80.06 39.21
C ASP AA 81 2.51 80.53 40.55
N ALA AA 82 1.60 81.45 40.46
CA ALA AA 82 0.98 82.07 41.61
C ALA AA 82 -0.02 81.12 42.26
N PRO AA 83 -0.19 81.22 43.58
CA PRO AA 83 -1.25 80.44 44.25
C PRO AA 83 -2.64 80.77 43.79
N GLU AA 84 -2.87 81.98 43.34
CA GLU AA 84 -4.19 82.28 42.81
C GLU AA 84 -4.38 81.63 41.44
N LYS AA 85 -3.31 81.52 40.65
CA LYS AA 85 -3.37 80.85 39.35
C LYS AA 85 -3.66 79.38 39.52
N ASN AA 86 -2.93 78.72 40.42
CA ASN AA 86 -3.20 77.33 40.74
C ASN AA 86 -4.58 77.16 41.34
N TYR AA 87 -5.02 78.14 42.15
CA TYR AA 87 -6.29 78.03 42.83
C TYR AA 87 -7.45 78.09 41.85
N GLU AA 88 -7.42 79.05 40.93
CA GLU AA 88 -8.49 79.15 39.96
C GLU AA 88 -8.44 78.02 38.95
N ARG AA 89 -7.23 77.48 38.69
CA ARG AA 89 -7.16 76.28 37.88
C ARG AA 89 -7.85 75.09 38.56
N THR AA 90 -7.66 74.96 39.87
CA THR AA 90 -8.32 73.88 40.61
C THR AA 90 -9.83 74.04 40.60
N MET AA 91 -10.33 75.27 40.77
CA MET AA 91 -11.76 75.47 40.76
C MET AA 91 -12.36 75.18 39.38
N ALA AA 92 -11.64 75.58 38.32
CA ALA AA 92 -12.12 75.33 36.96
C ALA AA 92 -12.16 73.84 36.65
N ILE AA 93 -11.08 73.12 36.98
CA ILE AA 93 -11.03 71.69 36.68
C ILE AA 93 -12.06 70.92 37.50
N LEU AA 94 -12.35 71.38 38.72
CA LEU AA 94 -13.33 70.66 39.52
C LEU AA 94 -14.75 70.92 39.04
N GLN AA 95 -15.03 72.13 38.52
CA GLN AA 95 -16.35 72.36 37.94
C GLN AA 95 -16.54 71.54 36.67
N ILE AA 96 -15.49 71.43 35.86
CA ILE AA 96 -15.55 70.60 34.64
C ILE AA 96 -15.84 69.15 34.98
N GLU AA 97 -15.11 68.60 35.94
CA GLU AA 97 -15.31 67.20 36.26
C GLU AA 97 -16.58 66.94 37.03
N SER AA 98 -17.12 67.93 37.74
CA SER AA 98 -18.44 67.73 38.35
C SER AA 98 -19.52 67.63 37.28
N GLU AA 99 -19.45 68.51 36.26
CA GLU AA 99 -20.42 68.39 35.16
C GLU AA 99 -20.27 67.06 34.43
N LYS AA 100 -19.02 66.61 34.22
CA LYS AA 100 -18.78 65.35 33.55
C LYS AA 100 -19.36 64.17 34.32
N ALA AA 101 -19.15 64.15 35.64
CA ALA AA 101 -19.63 63.04 36.44
C ALA AA 101 -21.15 62.99 36.49
N GLU AA 102 -21.80 64.15 36.68
CA GLU AA 102 -23.26 64.13 36.72
C GLU AA 102 -23.86 63.82 35.36
N LEU AA 103 -23.20 64.21 34.27
CA LEU AA 103 -23.71 63.83 32.97
C LEU AA 103 -23.55 62.34 32.72
N ARG AA 104 -22.50 61.72 33.25
CA ARG AA 104 -22.33 60.28 33.06
C ARG AA 104 -23.37 59.49 33.85
N LEU AA 105 -23.65 59.92 35.08
CA LEU AA 105 -24.65 59.22 35.89
C LEU AA 105 -26.05 59.42 35.33
N LYS AA 106 -26.34 60.63 34.87
CA LYS AA 106 -27.61 60.91 34.20
C LYS AA 106 -27.74 60.08 32.93
N GLU AA 107 -26.63 59.89 32.22
CA GLU AA 107 -26.60 59.05 31.02
C GLU AA 107 -27.03 57.62 31.32
N LEU AA 108 -26.40 57.00 32.32
CA LEU AA 108 -26.70 55.60 32.56
C LEU AA 108 -28.11 55.42 33.13
N GLU AA 109 -28.63 56.40 33.87
CA GLU AA 109 -30.02 56.31 34.30
C GLU AA 109 -30.98 56.42 33.13
N VAL AA 110 -30.74 57.38 32.22
CA VAL AA 110 -31.55 57.51 31.02
C VAL AA 110 -31.53 56.22 30.21
N ARG AA 111 -30.35 55.60 30.12
CA ARG AA 111 -30.23 54.40 29.32
C ARG AA 111 -30.98 53.22 29.93
N ARG AA 112 -30.89 53.06 31.25
CA ARG AA 112 -31.57 51.92 31.85
C ARG AA 112 -33.09 52.09 31.84
N LEU AA 113 -33.58 53.31 32.08
CA LEU AA 113 -35.02 53.50 32.01
C LEU AA 113 -35.53 53.45 30.59
N MET AA 114 -34.68 53.77 29.62
CA MET AA 114 -35.09 53.75 28.23
C MET AA 114 -35.18 52.32 27.71
N ARG AA 115 -34.22 51.48 28.07
CA ARG AA 115 -34.30 50.06 27.69
C ARG AA 115 -35.42 49.37 28.44
N ALA AA 116 -35.75 49.84 29.65
CA ALA AA 116 -36.86 49.26 30.38
C ALA AA 116 -38.20 49.62 29.74
N LYS AA 117 -38.53 50.92 29.73
CA LYS AA 117 -39.87 51.32 29.30
C LYS AA 117 -40.04 51.19 27.79
N GLY AA 118 -38.97 51.38 27.04
CA GLY AA 118 -39.04 51.26 25.61
C GLY AA 118 -39.55 52.47 24.87
N ASP AA 119 -40.06 53.49 25.58
CA ASP AA 119 -40.61 54.65 24.90
C ASP AA 119 -39.56 55.56 24.29
N GLY AA 120 -38.29 55.30 24.52
CA GLY AA 120 -37.24 56.17 24.05
C GLY AA 120 -36.95 55.98 22.58
N PRO AA 121 -36.25 56.95 21.97
CA PRO AA 121 -35.97 56.85 20.54
C PRO AA 121 -34.66 56.17 20.23
N TRP AA 122 -34.08 55.46 21.20
CA TRP AA 122 -32.83 54.76 20.94
C TRP AA 122 -33.05 53.31 20.53
N PHE AA 123 -33.63 52.51 21.40
CA PHE AA 123 -33.56 51.07 21.20
C PHE AA 123 -34.72 50.56 20.35
N GLN AA 124 -34.98 51.23 19.23
CA GLN AA 124 -36.07 50.86 18.35
C GLN AA 124 -35.52 49.92 17.29
N TYR AA 125 -35.67 48.65 17.53
CA TYR AA 125 -35.33 47.67 16.52
C TYR AA 125 -36.43 47.62 15.46
N PRO AA 126 -36.05 47.55 14.18
CA PRO AA 126 -36.99 47.90 13.10
C PRO AA 126 -38.10 46.89 12.92
N THR AA 127 -39.33 47.36 13.00
CA THR AA 127 -40.51 46.58 12.65
C THR AA 127 -40.83 46.81 11.19
N ILE AA 128 -42.05 46.47 10.79
CA ILE AA 128 -42.47 46.58 9.40
C ILE AA 128 -42.72 48.05 9.07
N ASP AA 129 -42.36 48.45 7.85
CA ASP AA 129 -42.82 49.70 7.27
C ASP AA 129 -43.82 49.40 6.17
N LYS AA 130 -44.84 50.25 6.02
CA LYS AA 130 -45.86 49.94 5.01
C LYS AA 130 -45.56 50.57 3.67
N ALA AA 131 -44.31 50.47 3.23
CA ALA AA 131 -43.98 50.73 1.84
C ALA AA 131 -44.22 49.52 0.97
N LEU AA 132 -44.50 48.38 1.57
CA LEU AA 132 -44.86 47.16 0.88
C LEU AA 132 -46.31 46.76 1.13
N ILE AA 133 -47.13 47.70 1.56
CA ILE AA 133 -48.55 47.46 1.82
C ILE AA 133 -49.36 48.30 0.86
N ASP AA 134 -50.29 47.67 0.17
CA ASP AA 134 -51.20 48.36 -0.73
C ASP AA 134 -52.57 47.74 -0.58
N HIS AA 135 -53.51 48.52 -0.08
CA HIS AA 135 -54.90 48.10 0.00
C HIS AA 135 -55.62 48.49 -1.29
N SER AA 136 -56.16 47.48 -1.97
CA SER AA 136 -56.83 47.62 -3.26
C SER AA 136 -57.82 46.46 -3.37
N PRO AA 137 -58.86 46.60 -4.19
CA PRO AA 137 -59.85 45.52 -4.30
C PRO AA 137 -59.29 44.25 -4.93
N LYS AA 138 -59.50 43.13 -4.23
CA LYS AA 138 -58.94 41.83 -4.57
C LYS AA 138 -59.74 41.09 -5.62
N ALA AA 139 -59.52 39.78 -5.72
CA ALA AA 139 -60.38 38.88 -6.47
C ALA AA 139 -61.32 38.10 -5.57
N THR AA 140 -61.22 38.27 -4.25
CA THR AA 140 -62.16 37.67 -3.31
C THR AA 140 -62.42 38.68 -2.19
N PRO AA 141 -63.68 39.04 -1.95
CA PRO AA 141 -63.95 40.07 -0.93
C PRO AA 141 -63.74 39.59 0.49
N ASP AA 142 -63.84 38.27 0.74
CA ASP AA 142 -63.51 37.72 2.05
C ASP AA 142 -61.98 37.57 2.10
N ASN AA 143 -61.33 38.68 2.44
CA ASN AA 143 -59.91 38.84 2.23
C ASN AA 143 -59.06 38.10 3.25
N ASP BA 2 60.95 46.18 66.56
CA ASP BA 2 59.95 45.25 66.02
C ASP BA 2 60.51 44.52 64.81
N ALA BA 3 61.82 44.71 64.57
CA ALA BA 3 62.54 43.99 63.53
C ALA BA 3 64.00 43.90 63.95
N PRO BA 4 64.34 42.88 64.75
CA PRO BA 4 65.73 42.76 65.20
C PRO BA 4 66.62 42.26 64.07
N PRO BA 5 67.90 42.57 64.11
CA PRO BA 5 68.81 42.08 63.07
C PRO BA 5 69.10 40.59 63.22
N LEU BA 6 68.90 39.85 62.14
CA LEU BA 6 69.05 38.39 62.15
C LEU BA 6 69.93 37.97 61.00
N THR BA 7 70.93 37.14 61.28
CA THR BA 7 71.79 36.55 60.26
C THR BA 7 71.71 35.03 60.33
N LEU BA 8 72.14 34.38 59.24
CA LEU BA 8 72.22 32.93 59.24
C LEU BA 8 73.32 32.44 60.17
N GLU BA 9 74.45 33.15 60.20
CA GLU BA 9 75.54 32.78 61.09
C GLU BA 9 75.15 32.97 62.54
N GLY BA 10 74.49 34.09 62.86
CA GLY BA 10 74.08 34.34 64.22
C GLY BA 10 73.07 33.32 64.71
N ILE BA 11 72.10 32.97 63.85
CA ILE BA 11 71.08 32.04 64.28
C ILE BA 11 71.63 30.62 64.30
N LYS BA 12 72.64 30.33 63.48
CA LYS BA 12 73.27 29.03 63.49
C LYS BA 12 74.08 28.83 64.75
N ASP BA 13 74.84 29.85 65.14
CA ASP BA 13 75.60 29.79 66.38
C ASP BA 13 74.68 29.76 67.60
N ARG BA 14 73.53 30.43 67.54
CA ARG BA 14 72.61 30.36 68.67
C ARG BA 14 71.98 28.99 68.82
N VAL BA 15 71.60 28.35 67.71
CA VAL BA 15 71.05 27.00 67.78
C VAL BA 15 72.11 26.01 68.26
N LEU BA 16 73.35 26.17 67.79
CA LEU BA 16 74.42 25.28 68.24
C LEU BA 16 74.76 25.51 69.72
N TYR BA 17 74.65 26.76 70.18
CA TYR BA 17 74.83 27.10 71.58
C TYR BA 17 73.82 26.38 72.46
N VAL BA 18 72.54 26.57 72.17
CA VAL BA 18 71.50 25.98 73.01
C VAL BA 18 71.38 24.48 72.82
N LEU BA 19 71.95 23.93 71.76
CA LEU BA 19 72.21 22.50 71.74
C LEU BA 19 73.28 22.13 72.74
N LYS BA 20 74.39 22.86 72.73
CA LYS BA 20 75.55 22.48 73.54
C LYS BA 20 75.31 22.64 75.04
N LEU BA 21 74.31 23.42 75.43
CA LEU BA 21 73.95 23.48 76.84
C LEU BA 21 73.23 22.23 77.33
N TYR BA 22 72.60 21.47 76.43
CA TYR BA 22 71.85 20.28 76.82
C TYR BA 22 72.78 19.18 77.34
N ASP BA 23 72.24 18.33 78.23
CA ASP BA 23 73.08 17.48 79.07
C ASP BA 23 73.68 16.30 78.30
N LYS BA 24 72.83 15.39 77.83
CA LYS BA 24 73.33 14.06 77.49
C LYS BA 24 73.98 13.98 76.13
N ILE BA 25 74.04 15.05 75.39
CA ILE BA 25 74.94 15.10 74.24
C ILE BA 25 76.26 15.67 74.71
N ASP BA 26 77.32 15.23 74.10
CA ASP BA 26 78.58 15.81 74.49
C ASP BA 26 78.77 17.17 73.83
N PRO BA 27 79.47 18.09 74.49
CA PRO BA 27 79.93 19.30 73.79
C PRO BA 27 81.04 19.01 72.81
N GLU BA 28 81.64 17.83 72.90
CA GLU BA 28 82.75 17.40 72.07
C GLU BA 28 82.29 17.19 70.64
N LYS BA 29 81.41 16.22 70.44
CA LYS BA 29 80.94 15.86 69.11
C LYS BA 29 79.62 16.55 68.88
N LEU BA 30 79.71 17.85 68.63
CA LEU BA 30 78.58 18.64 68.18
C LEU BA 30 78.97 19.32 66.87
N SER BA 31 78.22 19.02 65.83
CA SER BA 31 78.53 19.50 64.50
C SER BA 31 77.29 20.11 63.87
N VAL BA 32 77.50 21.08 63.00
CA VAL BA 32 76.38 21.64 62.25
C VAL BA 32 75.82 20.60 61.29
N ASN BA 33 76.68 19.80 60.70
CA ASN BA 33 76.28 18.61 59.99
C ASN BA 33 76.46 17.44 60.95
N SER BA 34 75.39 17.06 61.62
CA SER BA 34 75.46 15.96 62.58
C SER BA 34 74.07 15.36 62.73
N HIS BA 35 73.89 14.13 62.23
CA HIS BA 35 72.57 13.50 62.24
C HIS BA 35 72.19 13.08 63.65
N PHE BA 36 71.04 13.56 64.10
CA PHE BA 36 70.56 13.21 65.43
C PHE BA 36 70.16 11.75 65.47
N MET BA 37 69.64 11.24 64.37
CA MET BA 37 69.21 9.86 64.30
C MET BA 37 70.34 8.91 63.95
N LYS BA 38 71.16 9.29 62.96
CA LYS BA 38 72.05 8.30 62.37
C LYS BA 38 73.33 8.12 63.20
N ASP BA 39 74.16 9.17 63.30
CA ASP BA 39 75.54 8.99 63.75
C ASP BA 39 75.86 9.64 65.09
N LEU BA 40 74.84 10.12 65.81
CA LEU BA 40 75.00 10.54 67.20
C LEU BA 40 74.42 9.56 68.19
N GLY BA 41 73.39 8.83 67.81
CA GLY BA 41 72.82 7.84 68.68
C GLY BA 41 71.94 8.36 69.79
N LEU BA 42 71.68 9.65 69.86
CA LEU BA 42 70.74 10.12 70.86
C LEU BA 42 69.32 9.79 70.42
N ASP BA 43 68.44 9.64 71.41
CA ASP BA 43 67.13 9.06 71.21
C ASP BA 43 66.20 10.04 70.51
N SER BA 44 65.20 9.49 69.84
CA SER BA 44 64.24 10.34 69.14
C SER BA 44 63.36 11.11 70.12
N LEU BA 45 63.09 10.51 71.28
CA LEU BA 45 62.26 11.14 72.30
C LEU BA 45 62.93 12.40 72.83
N ASP BA 46 64.21 12.31 73.17
CA ASP BA 46 64.94 13.50 73.58
C ASP BA 46 65.19 14.42 72.40
N GLN BA 47 65.17 13.92 71.17
CA GLN BA 47 65.19 14.80 70.01
C GLN BA 47 63.93 15.63 69.92
N VAL BA 48 62.81 15.10 70.41
CA VAL BA 48 61.60 15.92 70.48
C VAL BA 48 61.62 16.85 71.68
N GLU BA 49 62.34 16.50 72.73
CA GLU BA 49 62.65 17.47 73.77
C GLU BA 49 63.46 18.64 73.21
N ILE BA 50 64.44 18.34 72.32
CA ILE BA 50 65.19 19.36 71.60
C ILE BA 50 64.25 20.25 70.78
N ILE BA 51 63.35 19.61 70.02
CA ILE BA 51 62.37 20.33 69.22
C ILE BA 51 61.54 21.26 70.10
N MET BA 52 61.11 20.76 71.27
CA MET BA 52 60.29 21.54 72.19
C MET BA 52 61.03 22.76 72.71
N ALA BA 53 62.28 22.57 73.14
CA ALA BA 53 63.01 23.69 73.71
C ALA BA 53 63.39 24.73 72.67
N MET BA 54 63.70 24.33 71.44
CA MET BA 54 64.01 25.33 70.43
C MET BA 54 62.76 26.06 69.95
N GLU BA 55 61.62 25.37 69.88
CA GLU BA 55 60.34 26.04 69.68
C GLU BA 55 60.10 27.10 70.74
N ASP BA 56 60.33 26.73 72.01
CA ASP BA 56 60.11 27.65 73.12
C ASP BA 56 61.06 28.83 73.09
N GLU BA 57 62.27 28.64 72.58
CA GLU BA 57 63.18 29.77 72.49
C GLU BA 57 62.78 30.71 71.37
N PHE BA 58 62.55 30.19 70.17
CA PHE BA 58 62.25 31.08 69.06
C PHE BA 58 60.79 31.52 69.02
N GLY BA 59 59.93 30.96 69.86
CA GLY BA 59 58.61 31.52 70.04
C GLY BA 59 57.60 31.20 68.96
N PHE BA 60 57.75 30.07 68.28
CA PHE BA 60 56.73 29.61 67.35
C PHE BA 60 56.78 28.10 67.30
N GLU BA 61 55.62 27.47 67.22
CA GLU BA 61 55.59 26.02 67.08
C GLU BA 61 55.92 25.66 65.64
N ILE BA 62 56.94 24.82 65.49
CA ILE BA 62 57.13 24.11 64.24
C ILE BA 62 56.12 22.98 64.34
N PRO BA 63 55.54 22.51 63.24
CA PRO BA 63 54.43 21.56 63.33
C PRO BA 63 54.89 20.17 63.73
N ASP BA 64 53.89 19.32 63.94
CA ASP BA 64 54.16 17.91 64.17
C ASP BA 64 54.72 17.25 62.93
N ILE BA 65 54.28 17.70 61.75
CA ILE BA 65 54.70 17.05 60.52
C ILE BA 65 56.14 17.43 60.18
N ASP BA 66 56.64 18.54 60.71
CA ASP BA 66 58.06 18.85 60.71
C ASP BA 66 58.71 18.57 62.05
N ALA BA 67 58.00 17.88 62.95
CA ALA BA 67 58.63 17.27 64.11
C ALA BA 67 59.07 15.84 63.83
N GLU BA 68 59.34 15.54 62.59
CA GLU BA 68 59.64 14.19 62.15
C GLU BA 68 60.96 14.11 61.41
N LYS BA 69 61.27 15.10 60.59
CA LYS BA 69 62.13 14.88 59.43
C LYS BA 69 63.14 16.01 59.26
N LEU BA 70 63.80 16.38 60.36
CA LEU BA 70 64.89 17.34 60.28
C LEU BA 70 66.22 16.72 60.68
N MET BA 71 66.33 16.23 61.92
CA MET BA 71 67.39 15.35 62.42
C MET BA 71 68.80 15.94 62.34
N CYS BA 72 68.96 17.21 62.00
CA CYS BA 72 70.30 17.78 61.86
C CYS BA 72 70.17 19.29 62.01
N PRO BA 73 71.20 19.96 62.53
CA PRO BA 73 71.10 21.40 62.76
C PRO BA 73 70.96 22.23 61.51
N GLN BA 74 71.48 21.75 60.38
CA GLN BA 74 71.43 22.55 59.16
C GLN BA 74 70.02 22.65 58.61
N GLU BA 75 69.29 21.54 58.59
CA GLU BA 75 67.89 21.63 58.20
C GLU BA 75 67.04 22.32 59.26
N ILE BA 76 67.49 22.33 60.52
CA ILE BA 76 66.81 23.13 61.52
C ILE BA 76 66.93 24.61 61.20
N VAL BA 77 68.15 25.04 60.84
CA VAL BA 77 68.36 26.42 60.40
C VAL BA 77 67.58 26.70 59.12
N ASP BA 78 67.43 25.70 58.26
CA ASP BA 78 66.60 25.84 57.05
C ASP BA 78 65.14 26.10 57.40
N TYR BA 79 64.59 25.32 58.34
CA TYR BA 79 63.16 25.49 58.60
C TYR BA 79 62.88 26.77 59.40
N ILE BA 80 63.78 27.15 60.31
CA ILE BA 80 63.60 28.39 61.04
C ILE BA 80 63.80 29.59 60.10
N ALA BA 81 64.70 29.47 59.12
CA ALA BA 81 64.80 30.51 58.11
C ALA BA 81 63.61 30.51 57.16
N ASP BA 82 62.87 29.40 57.07
CA ASP BA 82 61.64 29.41 56.30
C ASP BA 82 60.50 30.09 57.05
N LYS BA 83 60.39 29.84 58.35
CA LYS BA 83 59.33 30.48 59.11
C LYS BA 83 59.61 31.96 59.33
N LYS BA 84 60.86 32.32 59.60
CA LYS BA 84 61.21 33.69 59.91
C LYS BA 84 61.49 34.55 58.70
N ASP BA 85 61.78 33.93 57.54
CA ASP BA 85 62.17 34.60 56.30
C ASP BA 85 63.40 35.47 56.51
N VAL BA 86 64.51 34.80 56.81
CA VAL BA 86 65.75 35.52 57.03
C VAL BA 86 66.72 35.23 55.89
N TYR BA 87 66.67 36.06 54.86
CA TYR BA 87 67.77 36.25 53.93
C TYR BA 87 67.80 37.73 53.59
N GLU BA 88 68.82 38.14 52.87
CA GLU BA 88 69.01 39.56 52.68
C GLU BA 88 68.94 39.96 51.22
N PRO CA 1 -63.79 34.23 23.44
CA PRO CA 1 -63.92 35.68 23.63
C PRO CA 1 -65.26 36.23 23.13
N GLY CA 2 -65.26 36.93 21.98
CA GLY CA 2 -66.45 37.58 21.52
C GLY CA 2 -67.47 36.62 20.94
N ILE CA 3 -68.72 37.05 20.93
CA ILE CA 3 -69.84 36.25 20.43
C ILE CA 3 -70.29 36.79 19.08
N VAL CA 4 -70.96 35.92 18.32
CA VAL CA 4 -71.51 36.30 17.02
C VAL CA 4 -73.02 36.07 17.06
N GLU CA 5 -73.71 36.73 16.13
CA GLU CA 5 -75.15 36.57 15.98
C GLU CA 5 -75.42 36.25 14.51
N LEU CA 6 -75.50 34.97 14.23
CA LEU CA 6 -75.84 34.45 12.91
C LEU CA 6 -77.36 34.43 12.75
N PRO CA 7 -77.89 35.05 11.71
CA PRO CA 7 -79.34 35.05 11.53
C PRO CA 7 -79.83 33.67 11.12
N SER CA 8 -81.04 33.35 11.55
CA SER CA 8 -81.57 32.00 11.44
C SER CA 8 -82.09 31.75 10.02
N LEU CA 9 -82.85 30.67 9.85
CA LEU CA 9 -83.47 30.33 8.58
C LEU CA 9 -84.70 31.16 8.30
N GLU CA 10 -84.95 32.21 9.08
CA GLU CA 10 -86.09 33.08 8.86
C GLU CA 10 -85.93 33.92 7.61
N ASP CA 11 -84.89 34.74 7.54
CA ASP CA 11 -84.72 35.61 6.39
C ASP CA 11 -84.10 34.91 5.19
N LEU CA 12 -83.45 33.78 5.41
CA LEU CA 12 -82.78 33.09 4.32
C LEU CA 12 -83.67 32.04 3.68
N LYS CA 13 -84.89 32.45 3.33
CA LYS CA 13 -85.79 31.62 2.54
C LYS CA 13 -86.13 32.40 1.28
N VAL CA 14 -85.21 32.32 0.33
CA VAL CA 14 -85.40 32.84 -1.02
C VAL CA 14 -85.35 31.63 -1.94
N GLN CA 15 -86.27 31.59 -2.91
CA GLN CA 15 -86.36 30.46 -3.81
C GLN CA 15 -85.11 30.38 -4.70
N GLU CA 16 -84.46 29.22 -4.70
CA GLU CA 16 -83.22 29.07 -5.45
C GLU CA 16 -83.51 28.98 -6.93
N VAL CA 17 -82.69 29.68 -7.71
CA VAL CA 17 -82.87 29.68 -9.16
C VAL CA 17 -82.33 28.37 -9.70
N LYS CA 18 -83.19 27.37 -9.73
CA LYS CA 18 -82.73 26.01 -10.00
C LYS CA 18 -82.78 25.69 -11.47
N VAL CA 19 -82.11 26.51 -12.27
CA VAL CA 19 -81.49 25.99 -13.46
C VAL CA 19 -80.21 25.29 -13.06
N SER CA 20 -79.74 24.41 -13.91
CA SER CA 20 -78.44 23.81 -13.65
C SER CA 20 -77.38 24.72 -14.24
N SER CA 21 -76.18 24.20 -14.38
CA SER CA 21 -75.04 25.07 -14.64
C SER CA 21 -74.86 25.40 -16.11
N SER CA 22 -75.25 24.47 -16.99
CA SER CA 22 -74.92 24.61 -18.40
C SER CA 22 -75.72 25.73 -19.05
N VAL CA 23 -77.04 25.72 -18.89
CA VAL CA 23 -77.90 26.76 -19.44
C VAL CA 23 -77.61 28.11 -18.81
N LEU CA 24 -77.25 28.10 -17.53
CA LEU CA 24 -76.93 29.32 -16.81
C LEU CA 24 -75.67 29.96 -17.36
N LYS CA 25 -74.65 29.14 -17.61
CA LYS CA 25 -73.40 29.64 -18.18
C LYS CA 25 -73.57 30.00 -19.65
N ALA CA 26 -74.53 29.38 -20.31
CA ALA CA 26 -74.76 29.70 -21.71
C ALA CA 26 -75.47 31.04 -21.88
N ALA CA 27 -76.34 31.40 -20.94
CA ALA CA 27 -77.12 32.63 -21.11
C ALA CA 27 -76.47 33.84 -20.47
N ALA CA 28 -75.15 33.84 -20.30
CA ALA CA 28 -74.51 34.84 -19.45
C ALA CA 28 -74.44 36.21 -20.09
N HIS CA 29 -74.34 36.27 -21.41
CA HIS CA 29 -74.25 37.55 -22.11
C HIS CA 29 -75.50 38.39 -21.93
N HIS CA 30 -76.65 37.82 -22.28
CA HIS CA 30 -77.90 38.55 -22.21
C HIS CA 30 -78.31 38.79 -20.77
N TYR CA 31 -77.93 37.88 -19.87
CA TYR CA 31 -78.16 38.11 -18.45
C TYR CA 31 -77.31 39.25 -17.92
N GLY CA 32 -76.13 39.45 -18.49
CA GLY CA 32 -75.41 40.69 -18.22
C GLY CA 32 -76.07 41.89 -18.85
N ALA CA 33 -76.78 41.69 -19.96
CA ALA CA 33 -77.35 42.81 -20.70
C ALA CA 33 -78.58 43.37 -19.99
N GLN CA 34 -79.62 42.56 -19.84
CA GLN CA 34 -80.89 43.05 -19.30
C GLN CA 34 -80.79 43.37 -17.83
N CYS CA 35 -80.49 42.37 -17.01
CA CYS CA 35 -80.24 42.59 -15.60
C CYS CA 35 -78.81 43.01 -15.42
N ASP CA 36 -78.32 42.86 -14.20
CA ASP CA 36 -76.92 43.06 -13.80
C ASP CA 36 -76.48 44.51 -13.84
N LYS CA 37 -77.43 45.44 -13.88
CA LYS CA 37 -77.25 46.77 -13.31
C LYS CA 37 -77.51 46.84 -11.81
N PRO CA 38 -78.63 46.35 -11.24
CA PRO CA 38 -78.83 46.59 -9.81
C PRO CA 38 -78.07 45.63 -8.92
N ASN CA 39 -77.49 44.57 -9.45
CA ASN CA 39 -76.77 43.65 -8.58
C ASN CA 39 -75.39 44.15 -8.21
N LYS CA 40 -74.86 45.11 -8.97
CA LYS CA 40 -73.58 45.71 -8.60
C LYS CA 40 -73.69 46.52 -7.33
N GLU CA 41 -74.91 46.91 -6.94
CA GLU CA 41 -75.15 47.41 -5.60
C GLU CA 41 -74.80 46.36 -4.55
N PHE CA 42 -75.25 45.12 -4.77
CA PHE CA 42 -74.89 43.99 -3.90
C PHE CA 42 -73.39 43.74 -3.94
N MET CA 43 -72.80 43.82 -5.13
CA MET CA 43 -71.37 43.52 -5.26
C MET CA 43 -70.53 44.60 -4.58
N LEU CA 44 -70.92 45.87 -4.74
CA LEU CA 44 -70.23 46.96 -4.08
C LEU CA 44 -70.38 46.86 -2.57
N CYS CA 45 -71.56 46.44 -2.10
CA CYS CA 45 -71.77 46.22 -0.68
C CYS CA 45 -70.84 45.13 -0.16
N ARG CA 46 -70.69 44.05 -0.92
CA ARG CA 46 -69.86 42.95 -0.48
C ARG CA 46 -68.39 43.31 -0.49
N TRP CA 47 -67.94 44.08 -1.49
CA TRP CA 47 -66.54 44.45 -1.53
C TRP CA 47 -66.18 45.54 -0.55
N GLU CA 48 -67.10 46.46 -0.26
CA GLU CA 48 -66.78 47.54 0.64
C GLU CA 48 -67.05 47.19 2.10
N GLU CA 49 -67.79 46.12 2.37
CA GLU CA 49 -68.08 45.78 3.75
C GLU CA 49 -67.47 44.47 4.23
N LYS CA 50 -67.14 43.55 3.32
CA LYS CA 50 -66.53 42.25 3.53
C LYS CA 50 -67.08 41.46 4.72
N ASP CA 51 -68.40 41.52 4.91
CA ASP CA 51 -69.07 40.77 5.97
C ASP CA 51 -70.45 40.40 5.47
N PRO CA 52 -70.60 39.22 4.88
CA PRO CA 52 -71.95 38.70 4.63
C PRO CA 52 -72.59 38.35 5.95
N ARG CA 53 -73.93 38.37 5.95
CA ARG CA 53 -74.95 38.64 7.01
C ARG CA 53 -75.20 40.13 7.16
N ARG CA 54 -74.67 40.95 6.25
CA ARG CA 54 -75.02 42.37 6.24
C ARG CA 54 -75.69 42.82 4.96
N CYS CA 55 -75.32 42.25 3.81
CA CYS CA 55 -75.79 42.74 2.52
C CYS CA 55 -76.94 41.91 1.93
N LEU CA 56 -77.48 40.95 2.68
CA LEU CA 56 -78.27 39.89 2.06
C LEU CA 56 -79.65 40.33 1.57
N GLU CA 57 -80.12 41.53 1.92
CA GLU CA 57 -81.29 42.11 1.27
C GLU CA 57 -81.06 42.25 -0.22
N GLU CA 58 -79.88 42.73 -0.60
CA GLU CA 58 -79.55 42.79 -2.01
C GLU CA 58 -79.22 41.42 -2.58
N GLY CA 59 -78.97 40.43 -1.72
CA GLY CA 59 -78.98 39.05 -2.19
C GLY CA 59 -80.35 38.60 -2.63
N LYS CA 60 -81.38 38.97 -1.88
CA LYS CA 60 -82.75 38.74 -2.33
C LYS CA 60 -83.02 39.51 -3.62
N LEU CA 61 -82.45 40.72 -3.73
CA LEU CA 61 -82.66 41.54 -4.91
C LEU CA 61 -82.05 40.91 -6.16
N VAL CA 62 -80.82 40.40 -6.07
CA VAL CA 62 -80.19 39.79 -7.22
C VAL CA 62 -80.87 38.47 -7.57
N ASN CA 63 -81.36 37.74 -6.54
CA ASN CA 63 -82.01 36.47 -6.82
C ASN CA 63 -83.35 36.70 -7.51
N GLN CA 64 -84.09 37.73 -7.11
CA GLN CA 64 -85.34 38.00 -7.80
C GLN CA 64 -85.12 38.59 -9.18
N CYS CA 65 -84.01 39.31 -9.40
CA CYS CA 65 -83.74 39.83 -10.74
C CYS CA 65 -83.42 38.70 -11.70
N ALA CA 66 -82.61 37.73 -11.25
CA ALA CA 66 -82.28 36.59 -12.10
C ALA CA 66 -83.50 35.73 -12.38
N LEU CA 67 -84.35 35.53 -11.37
CA LEU CA 67 -85.51 34.67 -11.58
C LEU CA 67 -86.56 35.34 -12.47
N GLU CA 68 -86.71 36.67 -12.37
CA GLU CA 68 -87.59 37.36 -13.30
C GLU CA 68 -87.04 37.35 -14.71
N PHE CA 69 -85.71 37.42 -14.85
CA PHE CA 69 -85.08 37.32 -16.16
C PHE CA 69 -85.35 35.97 -16.82
N PHE CA 70 -85.17 34.89 -16.06
CA PHE CA 70 -85.46 33.58 -16.65
C PHE CA 70 -86.95 33.34 -16.83
N ARG CA 71 -87.79 33.99 -16.02
CA ARG CA 71 -89.22 33.97 -16.28
C ARG CA 71 -89.53 34.57 -17.63
N GLN CA 72 -88.94 35.72 -17.93
CA GLN CA 72 -89.25 36.38 -19.20
C GLN CA 72 -88.59 35.68 -20.37
N ILE CA 73 -87.50 34.95 -20.14
CA ILE CA 73 -86.95 34.20 -21.26
C ILE CA 73 -87.66 32.86 -21.44
N LYS CA 74 -88.35 32.36 -20.42
CA LYS CA 74 -89.14 31.14 -20.63
C LYS CA 74 -90.46 31.47 -21.31
N ARG CA 75 -91.08 32.57 -20.90
CA ARG CA 75 -92.42 32.88 -21.38
C ARG CA 75 -92.47 33.38 -22.81
N HIS CA 76 -91.34 33.47 -23.52
CA HIS CA 76 -91.32 33.93 -24.88
C HIS CA 76 -90.29 33.11 -25.65
N CYS CA 77 -89.95 33.59 -26.84
CA CYS CA 77 -88.87 33.01 -27.63
C CYS CA 77 -87.55 33.13 -26.87
N ALA CA 78 -86.74 32.07 -26.86
CA ALA CA 78 -86.86 30.92 -27.75
C ALA CA 78 -87.21 29.61 -27.10
N GLU CA 79 -88.07 28.90 -27.80
CA GLU CA 79 -88.22 27.45 -27.65
C GLU CA 79 -87.04 26.69 -28.26
N PRO CA 80 -86.42 27.12 -29.37
CA PRO CA 80 -85.09 26.56 -29.71
C PRO CA 80 -83.97 26.96 -28.75
N PHE CA 81 -84.21 27.80 -27.76
CA PHE CA 81 -83.19 28.00 -26.71
C PHE CA 81 -83.01 26.74 -25.89
N THR CA 82 -84.07 25.92 -25.77
CA THR CA 82 -83.93 24.57 -25.25
C THR CA 82 -82.90 23.79 -26.04
N GLU CA 83 -83.01 23.86 -27.37
CA GLU CA 83 -82.06 23.19 -28.25
C GLU CA 83 -80.68 23.79 -28.12
N TYR CA 84 -80.59 25.10 -27.85
CA TYR CA 84 -79.29 25.76 -27.72
C TYR CA 84 -78.55 25.35 -26.44
N TRP CA 85 -79.25 25.34 -25.30
CA TRP CA 85 -78.52 24.92 -24.11
C TRP CA 85 -78.29 23.42 -24.11
N THR CA 86 -79.17 22.63 -24.72
CA THR CA 86 -78.81 21.21 -24.79
C THR CA 86 -77.77 20.94 -25.85
N CYS CA 87 -77.53 21.89 -26.74
CA CYS CA 87 -76.35 21.84 -27.58
C CYS CA 87 -75.09 22.14 -26.77
N ILE CA 88 -75.16 23.14 -25.89
CA ILE CA 88 -73.95 23.50 -25.16
C ILE CA 88 -73.66 22.50 -24.05
N ASP CA 89 -74.64 21.71 -23.63
CA ASP CA 89 -74.43 20.88 -22.45
C ASP CA 89 -73.59 19.65 -22.79
N TYR CA 90 -73.66 19.16 -24.02
CA TYR CA 90 -73.01 17.89 -24.31
C TYR CA 90 -71.51 18.04 -24.56
N SER CA 91 -71.02 19.23 -24.91
CA SER CA 91 -69.70 19.34 -25.50
C SER CA 91 -68.56 19.28 -24.50
N GLY CA 92 -68.56 18.30 -23.61
CA GLY CA 92 -67.56 18.27 -22.56
C GLY CA 92 -67.74 19.45 -21.64
N LEU CA 93 -66.70 20.26 -21.51
CA LEU CA 93 -66.85 21.52 -20.82
C LEU CA 93 -67.53 22.53 -21.74
N GLN CA 94 -67.69 23.74 -21.25
CA GLN CA 94 -68.57 24.70 -21.91
C GLN CA 94 -67.80 25.46 -22.98
N LEU CA 95 -67.49 24.74 -24.06
CA LEU CA 95 -66.85 25.33 -25.21
C LEU CA 95 -67.86 26.19 -25.94
N PHE CA 96 -67.67 27.51 -25.92
CA PHE CA 96 -68.61 28.39 -26.58
C PHE CA 96 -68.45 28.39 -28.10
N ARG CA 97 -67.48 27.65 -28.65
CA ARG CA 97 -67.22 27.73 -30.06
C ARG CA 97 -67.77 26.56 -30.86
N ARG CA 98 -68.12 25.45 -30.21
CA ARG CA 98 -68.57 24.30 -30.97
C ARG CA 98 -70.02 24.45 -31.38
N CYS CA 99 -70.78 25.23 -30.62
CA CYS CA 99 -72.21 25.42 -30.83
C CYS CA 99 -72.40 26.86 -31.29
N ARG CA 100 -72.60 27.05 -32.59
CA ARG CA 100 -72.58 28.38 -33.19
C ARG CA 100 -73.88 28.74 -33.89
N LYS CA 101 -74.42 27.81 -34.69
CA LYS CA 101 -75.62 28.09 -35.46
C LYS CA 101 -76.82 28.31 -34.56
N GLU CA 102 -76.93 27.52 -33.52
CA GLU CA 102 -78.06 27.69 -32.61
C GLU CA 102 -77.87 28.91 -31.74
N GLN CA 103 -76.63 29.35 -31.54
CA GLN CA 103 -76.39 30.64 -30.90
C GLN CA 103 -76.93 31.76 -31.76
N ALA CA 104 -76.69 31.68 -33.07
CA ALA CA 104 -77.22 32.69 -33.98
C ALA CA 104 -78.74 32.66 -34.01
N GLN CA 105 -79.32 31.46 -33.93
CA GLN CA 105 -80.78 31.33 -33.90
C GLN CA 105 -81.37 31.97 -32.65
N PHE CA 106 -80.81 31.68 -31.48
CA PHE CA 106 -81.35 32.21 -30.24
C PHE CA 106 -81.13 33.72 -30.13
N ASP CA 107 -79.97 34.21 -30.55
CA ASP CA 107 -79.72 35.64 -30.43
C ASP CA 107 -80.54 36.43 -31.43
N LYS CA 108 -80.76 35.90 -32.64
CA LYS CA 108 -81.59 36.63 -33.58
C LYS CA 108 -83.07 36.55 -33.22
N CYS CA 109 -83.51 35.42 -32.65
CA CYS CA 109 -84.81 35.33 -31.99
C CYS CA 109 -85.04 36.42 -30.98
N VAL CA 110 -84.14 36.54 -30.01
CA VAL CA 110 -84.38 37.48 -28.93
C VAL CA 110 -84.15 38.91 -29.41
N LEU CA 111 -83.34 39.10 -30.46
CA LEU CA 111 -83.11 40.44 -30.98
C LEU CA 111 -84.31 40.93 -31.76
N ASP CA 112 -84.95 40.03 -32.51
CA ASP CA 112 -86.16 40.41 -33.22
C ASP CA 112 -87.31 40.62 -32.24
N LYS CA 113 -87.65 39.60 -31.47
CA LYS CA 113 -88.88 39.69 -30.69
C LYS CA 113 -88.73 40.55 -29.45
N LEU CA 114 -87.53 40.69 -28.91
CA LEU CA 114 -87.47 41.57 -27.76
C LEU CA 114 -86.34 42.59 -27.83
N GLY CA 115 -85.18 42.20 -28.36
CA GLY CA 115 -84.02 43.07 -28.31
C GLY CA 115 -82.87 42.41 -27.59
N TRP CA 116 -82.34 43.09 -26.55
CA TRP CA 116 -81.24 42.59 -25.73
C TRP CA 116 -80.01 42.28 -26.59
N VAL CA 117 -79.41 43.36 -27.08
CA VAL CA 117 -78.17 43.27 -27.87
C VAL CA 117 -77.10 42.48 -27.13
N ARG CA 118 -76.43 41.58 -27.86
CA ARG CA 118 -75.38 40.78 -27.25
C ARG CA 118 -74.21 41.67 -26.86
N PRO CA 119 -73.77 41.65 -25.60
CA PRO CA 119 -72.62 42.46 -25.19
C PRO CA 119 -71.34 41.96 -25.88
N ASP CA 120 -70.72 42.87 -26.61
CA ASP CA 120 -69.59 42.53 -27.45
C ASP CA 120 -68.37 42.21 -26.61
N LEU CA 121 -67.45 41.43 -27.18
CA LEU CA 121 -66.18 41.22 -26.50
C LEU CA 121 -65.34 42.48 -26.59
N GLY CA 122 -64.90 43.00 -25.43
CA GLY CA 122 -65.05 42.36 -24.14
C GLY CA 122 -65.88 43.10 -23.10
N GLU CA 123 -67.07 43.59 -23.48
CA GLU CA 123 -67.82 44.60 -22.73
C GLU CA 123 -68.26 44.25 -21.31
N LEU CA 124 -67.98 43.03 -20.85
CA LEU CA 124 -68.04 42.78 -19.41
C LEU CA 124 -66.67 42.98 -18.79
N SER CA 125 -66.26 44.24 -18.89
CA SER CA 125 -65.03 44.85 -18.43
C SER CA 125 -65.50 46.26 -18.15
N LYS CA 126 -64.59 47.24 -18.24
CA LYS CA 126 -64.94 48.67 -18.18
C LYS CA 126 -65.55 49.02 -16.84
N VAL CA 127 -64.69 49.11 -15.83
CA VAL CA 127 -64.95 49.39 -14.42
C VAL CA 127 -66.05 50.43 -14.22
N THR CA 128 -66.94 50.20 -13.26
CA THR CA 128 -68.28 50.75 -13.27
C THR CA 128 -68.50 51.70 -12.10
N LYS CA 129 -69.16 52.83 -12.38
CA LYS CA 129 -69.71 53.67 -11.33
C LYS CA 129 -71.17 53.30 -11.08
N VAL CA 130 -71.62 53.51 -9.84
CA VAL CA 130 -72.99 53.22 -9.44
C VAL CA 130 -73.35 54.02 -8.19
N LYS CA 131 -74.53 54.64 -8.18
CA LYS CA 131 -74.95 55.42 -7.04
C LYS CA 131 -75.66 54.55 -6.00
N THR CA 132 -75.60 54.99 -4.75
CA THR CA 132 -75.85 54.14 -3.59
C THR CA 132 -76.91 54.69 -2.63
N ASP CA 133 -76.98 54.05 -1.46
CA ASP CA 133 -77.75 54.52 -0.31
C ASP CA 133 -76.86 55.33 0.64
N ARG CA 134 -75.85 54.68 1.19
CA ARG CA 134 -74.94 55.17 2.21
C ARG CA 134 -73.64 55.70 1.59
N PRO CA 135 -73.04 56.69 2.22
CA PRO CA 135 -71.61 56.96 1.97
C PRO CA 135 -70.77 55.91 2.67
N LEU CA 136 -69.52 55.80 2.23
CA LEU CA 136 -68.69 54.66 2.58
C LEU CA 136 -68.36 54.69 4.08
N PRO CA 137 -68.35 53.54 4.73
CA PRO CA 137 -68.19 53.52 6.19
C PRO CA 137 -66.74 53.73 6.59
N GLU CA 138 -66.57 54.08 7.86
CA GLU CA 138 -65.26 54.14 8.46
C GLU CA 138 -64.96 52.80 9.10
N ASN CA 139 -63.68 52.37 9.01
CA ASN CA 139 -62.99 51.23 9.64
C ASN CA 139 -63.87 50.02 9.97
N PRO CA 140 -64.41 49.32 8.96
CA PRO CA 140 -65.23 48.13 9.26
C PRO CA 140 -64.44 47.01 9.90
N TYR CA 141 -63.12 47.04 9.74
CA TYR CA 141 -62.18 46.37 10.61
C TYR CA 141 -62.45 46.82 12.04
N HIS CA 142 -62.93 45.92 12.90
CA HIS CA 142 -63.20 46.28 14.29
C HIS CA 142 -61.86 46.42 15.00
N SER CA 143 -61.26 47.61 14.86
CA SER CA 143 -59.88 47.85 15.23
C SER CA 143 -59.77 49.17 15.95
N ARG CA 144 -58.54 49.51 16.33
CA ARG CA 144 -58.21 50.75 16.99
C ARG CA 144 -57.05 51.42 16.27
N ALA CA 145 -56.78 52.68 16.66
CA ALA CA 145 -55.69 53.43 16.08
C ALA CA 145 -54.37 53.03 16.74
N ARG CA 146 -53.30 53.74 16.38
CA ARG CA 146 -52.01 53.46 17.00
C ARG CA 146 -52.01 53.96 18.44
N PRO CA 147 -51.31 53.29 19.34
CA PRO CA 147 -51.27 53.76 20.74
C PRO CA 147 -50.52 55.06 20.93
N GLU CA 148 -49.25 55.10 20.53
CA GLU CA 148 -48.39 56.26 20.70
C GLU CA 148 -47.37 56.30 19.57
N PRO CA 149 -47.40 57.31 18.73
CA PRO CA 149 -46.41 57.39 17.65
C PRO CA 149 -45.03 57.77 18.13
N ASN CA 150 -44.13 57.99 17.18
CA ASN CA 150 -42.73 58.25 17.50
C ASN CA 150 -42.57 59.72 17.86
N PRO CA 151 -42.01 60.05 19.03
CA PRO CA 151 -41.77 61.46 19.37
C PRO CA 151 -40.73 62.07 18.45
N GLU CA 152 -41.12 63.13 17.74
CA GLU CA 152 -40.18 63.83 16.86
C GLU CA 152 -39.14 64.53 17.70
N VAL CA 153 -37.92 63.98 17.70
CA VAL CA 153 -36.79 64.61 18.36
C VAL CA 153 -36.07 65.42 17.29
N GLU CA 154 -36.29 66.73 17.30
CA GLU CA 154 -35.68 67.64 16.34
C GLU CA 154 -35.26 68.90 17.08
N GLY CA 155 -34.98 69.96 16.32
CA GLY CA 155 -34.41 71.17 16.86
C GLY CA 155 -32.94 71.28 16.53
N ASP CA 156 -32.39 72.46 16.84
CA ASP CA 156 -30.97 72.72 16.64
C ASP CA 156 -30.18 71.87 17.62
N LEU CA 157 -29.41 70.93 17.09
CA LEU CA 157 -28.69 70.00 17.95
C LEU CA 157 -27.55 70.71 18.65
N LYS CA 158 -27.37 70.37 19.92
CA LYS CA 158 -26.29 70.96 20.70
C LYS CA 158 -24.95 70.52 20.16
N PRO CA 159 -23.93 71.35 20.28
CA PRO CA 159 -22.57 70.93 19.95
C PRO CA 159 -21.98 69.97 20.96
N ALA CA 160 -20.69 69.68 20.82
CA ALA CA 160 -20.03 68.70 21.66
C ALA CA 160 -20.05 69.11 23.12
N ARG CA 161 -20.22 68.13 24.01
CA ARG CA 161 -20.44 68.38 25.43
C ARG CA 161 -19.28 67.78 26.21
N HIS CA 162 -18.24 68.60 26.42
CA HIS CA 162 -17.11 68.31 27.31
C HIS CA 162 -16.38 67.03 26.90
N GLY CA 163 -16.11 66.90 25.60
CA GLY CA 163 -15.39 65.74 25.10
C GLY CA 163 -16.28 64.54 24.92
N SER CA 164 -15.67 63.36 25.00
CA SER CA 164 -16.38 62.11 24.77
C SER CA 164 -17.29 61.72 25.92
N ARG CA 165 -17.06 62.32 27.10
CA ARG CA 165 -17.58 61.85 28.39
C ARG CA 165 -17.27 60.38 28.62
N LEU CA 166 -16.12 59.95 28.15
CA LEU CA 166 -15.59 58.63 28.45
C LEU CA 166 -14.69 58.80 29.68
N PHE CA 167 -13.84 57.83 29.97
CA PHE CA 167 -12.94 57.89 31.14
C PHE CA 167 -12.03 59.11 31.09
N PHE CA 168 -11.40 59.32 29.95
CA PHE CA 168 -10.70 60.55 29.63
C PHE CA 168 -10.83 60.68 28.13
N TRP CA 169 -9.88 61.35 27.47
CA TRP CA 169 -9.97 61.84 26.08
C TRP CA 169 -11.09 62.89 25.98
N THR CA 170 -10.83 64.00 26.66
CA THR CA 170 -11.38 65.27 26.21
C THR CA 170 -10.46 65.83 25.15
N MET CA 171 -10.66 67.09 24.78
CA MET CA 171 -9.78 67.86 23.89
C MET CA 171 -9.72 67.22 22.50
N SER DA 3 14.81 91.28 67.73
CA SER DA 3 13.81 91.11 68.77
C SER DA 3 12.78 90.05 68.42
N TRP DA 4 11.73 90.01 69.22
CA TRP DA 4 10.58 89.19 68.93
C TRP DA 4 9.37 89.83 69.59
N ASP DA 5 8.28 89.10 69.65
CA ASP DA 5 7.07 89.56 70.31
C ASP DA 5 7.04 88.99 71.72
N LYS DA 6 7.26 89.83 72.71
CA LYS DA 6 7.11 89.39 74.10
C LYS DA 6 5.66 89.19 74.49
N ASP DA 7 4.73 89.69 73.67
CA ASP DA 7 3.32 89.32 73.79
C ASP DA 7 3.17 87.81 73.72
N VAL DA 8 3.71 87.19 72.67
CA VAL DA 8 3.54 85.76 72.50
C VAL DA 8 4.59 84.98 73.29
N TYR DA 9 5.73 85.59 73.60
CA TYR DA 9 6.85 84.90 74.24
C TYR DA 9 7.20 85.65 75.52
N PRO DA 10 6.50 85.37 76.62
CA PRO DA 10 6.76 86.08 77.86
C PRO DA 10 8.02 85.57 78.53
N GLU DA 11 8.71 86.48 79.22
CA GLU DA 11 9.93 86.13 79.92
C GLU DA 11 9.92 86.68 81.33
N PRO DA 12 10.42 85.93 82.29
CA PRO DA 12 10.41 86.37 83.69
C PRO DA 12 11.40 87.51 83.92
N PRO DA 13 11.25 88.26 85.02
CA PRO DA 13 12.20 89.34 85.30
C PRO DA 13 13.56 88.79 85.67
N ARG DA 14 14.59 89.49 85.21
CA ARG DA 14 15.96 89.06 85.47
C ARG DA 14 16.32 89.29 86.92
N ARG DA 15 16.96 88.29 87.53
CA ARG DA 15 17.38 88.35 88.94
C ARG DA 15 18.81 87.86 89.00
N THR DA 16 19.76 88.78 88.92
CA THR DA 16 21.17 88.43 88.86
C THR DA 16 21.84 88.77 90.19
N PRO DA 17 22.39 87.79 90.90
CA PRO DA 17 23.12 88.07 92.13
C PRO DA 17 24.51 88.63 91.82
N ALA DA 18 25.19 89.08 92.88
CA ALA DA 18 26.51 89.65 92.74
C ALA DA 18 27.51 88.91 93.63
N PRO DA 19 28.72 88.66 93.15
CA PRO DA 19 29.70 87.91 93.95
C PRO DA 19 30.28 88.76 95.07
N SER DA 20 31.05 88.09 95.93
CA SER DA 20 31.75 88.78 97.02
C SER DA 20 33.00 88.04 97.49
N PRO DA 21 34.14 88.16 96.81
CA PRO DA 21 35.42 87.81 97.44
C PRO DA 21 35.92 89.00 98.26
N GLN DA 22 36.44 88.81 99.50
CA GLN DA 22 36.69 87.63 100.39
C GLN DA 22 37.67 86.57 99.88
N THR DA 23 38.46 86.91 98.85
CA THR DA 23 39.65 86.16 98.47
C THR DA 23 40.76 87.14 98.09
N SER DA 24 41.99 86.63 98.03
CA SER DA 24 43.05 87.30 97.28
C SER DA 24 43.69 86.22 96.40
N LEU DA 25 43.04 85.93 95.29
CA LEU DA 25 43.60 85.03 94.28
C LEU DA 25 44.52 85.76 93.30
N PRO DA 26 44.16 86.94 92.74
CA PRO DA 26 42.91 87.70 92.56
C PRO DA 26 42.16 87.46 91.24
N ASN DA 27 41.01 86.78 91.35
CA ASN DA 27 39.94 86.71 90.35
C ASN DA 27 40.39 86.30 88.95
N PRO DA 28 40.68 85.03 88.70
CA PRO DA 28 41.13 84.62 87.36
C PRO DA 28 40.02 84.69 86.32
N ILE DA 29 38.78 84.37 86.70
CA ILE DA 29 37.72 84.25 85.73
C ILE DA 29 37.28 85.61 85.22
N THR DA 30 37.41 86.65 86.05
CA THR DA 30 37.12 87.99 85.57
C THR DA 30 38.17 88.46 84.58
N TYR DA 31 39.44 88.14 84.85
CA TYR DA 31 40.53 88.38 83.90
C TYR DA 31 40.24 87.71 82.57
N LEU DA 32 39.80 86.46 82.60
CA LEU DA 32 39.57 85.76 81.35
C LEU DA 32 38.29 86.23 80.64
N THR DA 33 37.24 86.62 81.36
CA THR DA 33 36.05 87.08 80.65
C THR DA 33 36.26 88.47 80.07
N LYS DA 34 37.08 89.31 80.70
CA LYS DA 34 37.43 90.56 80.04
C LYS DA 34 38.32 90.31 78.84
N ALA DA 35 39.17 89.27 78.92
CA ALA DA 35 39.96 88.88 77.75
C ALA DA 35 39.06 88.44 76.60
N PHE DA 36 38.03 87.64 76.90
CA PHE DA 36 37.12 87.18 75.86
C PHE DA 36 36.35 88.32 75.22
N ASP DA 37 35.85 89.25 76.04
CA ASP DA 37 35.10 90.38 75.49
C ASP DA 37 35.99 91.27 74.64
N LEU DA 38 37.14 91.69 75.17
CA LEU DA 38 37.98 92.61 74.43
C LEU DA 38 38.67 91.94 73.24
N LEU DA 39 38.73 90.61 73.21
CA LEU DA 39 39.25 89.94 72.01
C LEU DA 39 38.17 89.71 70.96
N VAL DA 40 37.15 88.92 71.29
CA VAL DA 40 36.20 88.47 70.29
C VAL DA 40 35.13 89.52 70.01
N ASP DA 41 34.68 90.23 71.05
CA ASP DA 41 33.44 90.98 70.93
C ASP DA 41 33.60 92.26 70.10
N ARG DA 42 34.82 92.80 70.00
CA ARG DA 42 34.98 94.02 69.20
C ARG DA 42 34.84 93.76 67.70
N PRO DA 43 35.64 92.88 67.05
CA PRO DA 43 35.55 92.83 65.58
C PRO DA 43 34.28 92.17 65.08
N VAL DA 44 33.67 91.30 65.88
CA VAL DA 44 32.40 90.69 65.48
C VAL DA 44 31.29 91.74 65.46
N THR DA 45 31.29 92.64 66.45
CA THR DA 45 30.38 93.78 66.43
C THR DA 45 30.67 94.71 65.27
N LEU DA 46 31.94 94.89 64.92
CA LEU DA 46 32.27 95.73 63.77
C LEU DA 46 31.80 95.11 62.45
N VAL DA 47 31.90 93.78 62.34
CA VAL DA 47 31.39 93.08 61.17
C VAL DA 47 29.88 93.21 61.09
N ARG DA 48 29.20 93.13 62.24
CA ARG DA 48 27.77 93.40 62.32
C ARG DA 48 27.44 94.80 61.81
N GLU DA 49 28.25 95.78 62.19
CA GLU DA 49 28.04 97.17 61.79
C GLU DA 49 28.20 97.34 60.27
N PHE DA 50 29.24 96.70 59.72
CA PHE DA 50 29.51 96.73 58.28
C PHE DA 50 28.36 96.14 57.48
N ILE DA 51 27.86 94.98 57.94
CA ILE DA 51 26.76 94.29 57.27
C ILE DA 51 25.48 95.11 57.34
N GLU DA 52 25.22 95.74 58.50
CA GLU DA 52 24.04 96.58 58.65
C GLU DA 52 24.05 97.75 57.68
N ARG DA 53 25.21 98.41 57.52
CA ARG DA 53 25.27 99.53 56.59
C ARG DA 53 25.11 99.08 55.14
N GLN DA 54 25.84 98.03 54.74
CA GLN DA 54 25.82 97.60 53.35
C GLN DA 54 24.49 96.99 52.94
N HIS DA 55 23.67 96.52 53.88
CA HIS DA 55 22.30 96.23 53.50
C HIS DA 55 21.36 97.40 53.75
N ALA DA 56 21.82 98.41 54.47
CA ALA DA 56 21.03 99.61 54.66
C ALA DA 56 21.12 100.58 53.49
N LYS DA 57 21.91 100.25 52.47
CA LYS DA 57 21.77 100.98 51.20
C LYS DA 57 20.36 100.86 50.62
N ASN DA 58 19.96 99.67 50.19
CA ASN DA 58 18.61 99.48 49.66
C ASN DA 58 17.94 98.30 50.36
N LYS DA 59 16.61 98.32 50.35
CA LYS DA 59 15.82 97.43 51.17
C LYS DA 59 14.87 96.61 50.30
N TYR DA 60 14.46 95.49 50.87
CA TYR DA 60 13.36 94.67 50.39
C TYR DA 60 12.29 94.60 51.48
N TYR DA 61 11.17 93.95 51.15
CA TYR DA 61 10.07 93.84 52.09
C TYR DA 61 9.39 92.50 51.87
N TYR DA 62 9.12 91.80 52.96
CA TYR DA 62 8.23 90.65 52.91
C TYR DA 62 7.09 90.91 53.87
N TYR DA 63 5.93 90.37 53.55
CA TYR DA 63 4.71 90.62 54.31
C TYR DA 63 4.24 89.31 54.93
N HIS DA 64 3.08 89.36 55.58
CA HIS DA 64 2.39 88.16 56.02
C HIS DA 64 1.15 87.97 55.16
N ARG DA 65 0.95 86.76 54.68
CA ARG DA 65 -0.21 86.48 53.82
C ARG DA 65 -1.46 86.37 54.69
N GLU DA 66 -2.36 87.35 54.58
CA GLU DA 66 -3.63 87.31 55.28
C GLU DA 66 -4.74 86.98 54.29
N PHE DA 67 -5.91 86.65 54.83
CA PHE DA 67 -6.96 85.96 54.08
C PHE DA 67 -8.30 86.66 54.19
N ARG DA 68 -9.25 86.13 53.42
CA ARG DA 68 -10.66 86.37 53.60
C ARG DA 68 -11.25 85.21 54.41
N ARG DA 69 -12.57 85.14 54.49
CA ARG DA 69 -13.24 84.03 55.15
C ARG DA 69 -14.33 83.49 54.23
N VAL DA 70 -14.17 82.26 53.76
CA VAL DA 70 -15.24 81.55 53.07
C VAL DA 70 -16.14 80.96 54.14
N PRO DA 71 -17.48 80.95 53.95
CA PRO DA 71 -18.40 80.84 55.08
C PRO DA 71 -18.38 79.54 55.87
N ASP DA 72 -18.66 78.39 55.27
CA ASP DA 72 -18.90 77.21 56.10
C ASP DA 72 -18.81 75.97 55.21
N ILE DA 73 -18.96 74.81 55.86
CA ILE DA 73 -19.12 73.52 55.19
C ILE DA 73 -20.57 73.08 55.34
N THR DA 74 -21.19 73.38 56.48
CA THR DA 74 -22.60 73.09 56.66
C THR DA 74 -23.50 74.10 55.97
N GLU DA 75 -22.92 75.15 55.38
CA GLU DA 75 -23.63 75.98 54.42
C GLU DA 75 -23.33 75.56 52.98
N CYS DA 76 -22.83 74.35 52.78
CA CYS DA 76 -22.70 73.74 51.48
C CYS DA 76 -23.57 72.49 51.44
N HIS DA 77 -24.08 72.15 50.27
CA HIS DA 77 -25.00 71.03 50.14
C HIS DA 77 -24.25 69.71 49.96
N GLU DA 78 -24.96 68.68 49.51
CA GLU DA 78 -24.41 67.34 49.45
C GLU DA 78 -23.33 67.16 48.39
N LYS DA 79 -23.31 67.99 47.34
CA LYS DA 79 -22.34 67.81 46.27
C LYS DA 79 -21.34 68.96 46.19
N ASP DA 80 -21.79 70.18 45.82
CA ASP DA 80 -21.15 71.50 45.97
C ASP DA 80 -19.63 71.54 45.94
N VAL DA 81 -19.04 71.05 44.85
CA VAL DA 81 -17.59 70.93 44.78
C VAL DA 81 -16.93 72.30 44.78
N LEU DA 82 -17.58 73.28 44.18
CA LEU DA 82 -17.15 74.66 44.21
C LEU DA 82 -17.44 75.37 45.54
N CYS DA 83 -17.99 74.67 46.54
CA CYS DA 83 -18.20 75.19 47.88
C CYS DA 83 -17.40 74.40 48.91
N MET DA 84 -17.42 73.07 48.80
CA MET DA 84 -16.69 72.21 49.71
C MET DA 84 -15.19 72.41 49.60
N PHE DA 85 -14.72 72.79 48.40
CA PHE DA 85 -13.30 73.01 48.22
C PHE DA 85 -12.79 74.18 49.05
N GLU DA 86 -13.53 75.30 49.00
CA GLU DA 86 -13.22 76.45 49.83
C GLU DA 86 -13.29 76.09 51.31
N ALA DA 87 -14.33 75.34 51.69
CA ALA DA 87 -14.50 74.95 53.09
C ALA DA 87 -13.34 74.09 53.57
N GLU DA 88 -12.90 73.14 52.75
CA GLU DA 88 -11.84 72.24 53.18
C GLU DA 88 -10.49 72.95 53.23
N MET DA 89 -10.22 73.84 52.28
CA MET DA 89 -8.92 74.49 52.31
C MET DA 89 -8.81 75.44 53.48
N GLN DA 90 -9.91 76.13 53.81
CA GLN DA 90 -9.93 76.98 54.99
C GLN DA 90 -9.78 76.15 56.26
N TRP DA 91 -10.42 74.98 56.28
CA TRP DA 91 -10.33 74.08 57.42
C TRP DA 91 -8.92 73.52 57.60
N LYS DA 92 -8.28 73.15 56.50
CA LYS DA 92 -6.97 72.53 56.62
C LYS DA 92 -5.90 73.55 56.99
N ARG DA 93 -6.06 74.80 56.54
CA ARG DA 93 -5.13 75.82 57.00
C ARG DA 93 -5.32 76.13 58.48
N ASP DA 94 -6.58 76.08 58.96
CA ASP DA 94 -6.82 76.17 60.40
C ASP DA 94 -6.14 75.02 61.15
N TYR DA 95 -6.15 73.83 60.56
CA TYR DA 95 -5.49 72.69 61.19
C TYR DA 95 -3.99 72.91 61.30
N LYS DA 96 -3.36 73.43 60.25
CA LYS DA 96 -1.93 73.63 60.28
C LYS DA 96 -1.52 74.69 61.31
N VAL DA 97 -2.26 75.79 61.35
CA VAL DA 97 -1.90 76.82 62.32
C VAL DA 97 -2.20 76.36 63.74
N ASP DA 98 -3.14 75.42 63.92
CA ASP DA 98 -3.37 74.86 65.24
C ASP DA 98 -2.25 73.91 65.66
N GLN DA 99 -1.67 73.17 64.71
CA GLN DA 99 -0.43 72.43 64.99
C GLN DA 99 0.64 73.35 65.52
N GLU DA 100 0.82 74.52 64.90
CA GLU DA 100 1.86 75.40 65.40
C GLU DA 100 1.49 76.03 66.74
N ILE DA 101 0.21 76.15 67.04
CA ILE DA 101 -0.23 76.56 68.38
C ILE DA 101 0.27 75.58 69.43
N VAL DA 102 0.07 74.28 69.17
CA VAL DA 102 0.53 73.27 70.13
C VAL DA 102 2.05 73.26 70.22
N ASN DA 103 2.72 73.55 69.10
CA ASN DA 103 4.18 73.68 69.10
C ASN DA 103 4.65 74.79 70.04
N ILE DA 104 4.01 75.96 69.95
CA ILE DA 104 4.42 77.11 70.77
C ILE DA 104 4.16 76.85 72.24
N ILE DA 105 3.06 76.18 72.56
CA ILE DA 105 2.79 75.87 73.97
C ILE DA 105 3.79 74.85 74.51
N GLN DA 106 4.21 73.90 73.69
CA GLN DA 106 5.23 72.97 74.14
C GLN DA 106 6.58 73.66 74.34
N GLU DA 107 6.89 74.63 73.49
CA GLU DA 107 8.11 75.42 73.66
C GLU DA 107 8.08 76.21 74.95
N ARG DA 108 6.91 76.74 75.32
CA ARG DA 108 6.79 77.40 76.61
C ARG DA 108 6.97 76.43 77.76
N LEU DA 109 6.49 75.20 77.60
CA LEU DA 109 6.65 74.22 78.67
C LEU DA 109 8.13 73.83 78.85
N LYS DA 110 8.85 73.68 77.74
CA LYS DA 110 10.29 73.46 77.81
C LYS DA 110 10.99 74.61 78.51
N ALA DA 111 10.57 75.84 78.21
CA ALA DA 111 11.14 77.01 78.85
C ALA DA 111 10.88 77.01 80.35
N CYS DA 112 9.68 76.57 80.75
CA CYS DA 112 9.35 76.55 82.17
C CYS DA 112 10.14 75.48 82.90
N GLN DA 113 10.37 74.35 82.26
CA GLN DA 113 11.24 73.35 82.87
C GLN DA 113 12.66 73.85 82.98
N GLN DA 114 13.12 74.65 82.01
CA GLN DA 114 14.53 74.99 82.04
C GLN DA 114 14.83 76.12 83.01
N ARG DA 115 13.98 77.16 83.06
CA ARG DA 115 14.28 78.31 83.92
C ARG DA 115 14.16 77.98 85.40
N GLU DA 116 13.23 77.09 85.77
CA GLU DA 116 13.02 76.78 87.18
C GLU DA 116 14.16 75.98 87.78
N GLY DA 117 14.92 75.26 86.97
CA GLY DA 117 15.93 74.40 87.55
C GLY DA 117 15.31 73.19 88.22
N GLU DA 118 15.34 73.16 89.55
CA GLU DA 118 14.77 72.04 90.28
C GLU DA 118 13.57 72.45 91.13
N SER DA 119 13.04 73.64 90.92
CA SER DA 119 11.75 74.03 91.48
C SER DA 119 10.67 73.68 90.47
N HIS DA 120 10.49 72.37 90.29
CA HIS DA 120 9.60 71.85 89.26
C HIS DA 120 8.15 72.14 89.59
N ARG DA 121 7.80 72.01 90.86
CA ARG DA 121 6.40 72.05 91.27
C ARG DA 121 5.96 73.42 91.69
N GLN DA 122 6.70 74.45 91.30
CA GLN DA 122 6.36 75.83 91.60
C GLN DA 122 6.59 76.66 90.36
N ASN DA 123 5.63 77.54 90.07
CA ASN DA 123 5.61 78.46 88.93
C ASN DA 123 5.68 77.75 87.59
N CYS DA 124 5.35 76.46 87.55
CA CYS DA 124 5.05 75.77 86.31
C CYS DA 124 3.68 75.11 86.38
N ALA DA 125 2.92 75.37 87.43
CA ALA DA 125 1.54 74.89 87.47
C ALA DA 125 0.68 75.61 86.45
N LYS DA 126 0.92 76.91 86.26
CA LYS DA 126 0.14 77.70 85.30
C LYS DA 126 0.35 77.20 83.88
N GLU DA 127 1.60 77.07 83.48
CA GLU DA 127 1.89 76.84 82.08
C GLU DA 127 1.65 75.38 81.70
N LEU DA 128 2.02 74.45 82.58
CA LEU DA 128 1.63 73.05 82.35
C LEU DA 128 0.12 72.86 82.44
N GLN DA 129 -0.55 73.66 83.27
CA GLN DA 129 -2.00 73.50 83.40
C GLN DA 129 -2.72 73.95 82.13
N GLN DA 130 -2.30 75.09 81.57
CA GLN DA 130 -2.91 75.53 80.32
C GLN DA 130 -2.48 74.64 79.15
N PHE DA 131 -1.30 74.02 79.25
CA PHE DA 131 -0.88 73.01 78.30
C PHE DA 131 -1.81 71.81 78.31
N THR DA 132 -2.12 71.31 79.51
CA THR DA 132 -3.08 70.20 79.64
C THR DA 132 -4.45 70.58 79.14
N GLN DA 133 -4.84 71.85 79.32
CA GLN DA 133 -6.14 72.31 78.85
C GLN DA 133 -6.22 72.30 77.32
N VAL DA 134 -5.22 72.90 76.66
CA VAL DA 134 -5.25 72.96 75.20
C VAL DA 134 -5.03 71.56 74.62
N VAL DA 135 -4.30 70.69 75.30
CA VAL DA 135 -4.09 69.38 74.72
C VAL DA 135 -5.29 68.48 74.98
N LYS DA 136 -6.08 68.75 76.02
CA LYS DA 136 -7.34 68.05 76.19
C LYS DA 136 -8.31 68.45 75.09
N ALA DA 137 -8.31 69.74 74.74
CA ALA DA 137 -9.09 70.21 73.60
C ALA DA 137 -8.64 69.54 72.30
N TYR DA 138 -7.34 69.39 72.10
CA TYR DA 138 -6.83 68.86 70.84
C TYR DA 138 -7.09 67.37 70.73
N GLN DA 139 -6.94 66.66 71.85
CA GLN DA 139 -7.31 65.26 71.93
C GLN DA 139 -8.80 65.07 71.66
N ASP DA 140 -9.63 65.99 72.14
CA ASP DA 140 -11.05 65.82 71.88
C ASP DA 140 -11.42 66.17 70.46
N ARG DA 141 -10.68 67.05 69.81
CA ARG DA 141 -11.19 67.59 68.56
C ARG DA 141 -10.49 67.06 67.33
N TYR DA 142 -9.16 66.91 67.33
CA TYR DA 142 -8.46 66.57 66.10
C TYR DA 142 -7.77 65.22 66.16
N HIS DA 143 -8.03 64.41 67.18
CA HIS DA 143 -7.20 63.24 67.39
C HIS DA 143 -7.78 62.00 66.73
N ASP DA 144 -8.96 61.58 67.14
CA ASP DA 144 -9.48 60.27 66.74
C ASP DA 144 -10.18 60.37 65.39
N LEU DA 145 -9.41 60.77 64.37
CA LEU DA 145 -9.93 60.89 63.01
C LEU DA 145 -9.10 60.17 61.96
N GLY DA 146 -7.90 59.72 62.29
CA GLY DA 146 -7.15 58.93 61.33
C GLY DA 146 -6.38 59.77 60.33
N ALA DA 147 -6.16 59.18 59.16
CA ALA DA 147 -5.19 59.67 58.20
C ALA DA 147 -5.81 60.46 57.07
N HIS DA 148 -6.76 59.86 56.35
CA HIS DA 148 -7.39 60.54 55.22
C HIS DA 148 -8.49 61.49 55.70
N TYR DA 149 -8.11 62.52 56.42
CA TYR DA 149 -9.08 63.53 56.79
C TYR DA 149 -9.39 64.41 55.59
N SER DA 150 -10.67 64.72 55.38
CA SER DA 150 -11.06 65.58 54.29
C SER DA 150 -11.59 66.91 54.80
N ALA DA 151 -12.81 66.95 55.33
CA ALA DA 151 -13.19 67.80 56.44
C ALA DA 151 -14.35 67.13 57.15
N ARG DA 152 -15.02 66.26 56.41
CA ARG DA 152 -16.33 65.78 56.81
C ARG DA 152 -16.23 64.76 57.91
N LYS DA 153 -15.08 64.09 58.01
CA LYS DA 153 -14.85 63.17 59.10
C LYS DA 153 -14.77 63.92 60.43
N CYS DA 154 -14.22 65.13 60.41
CA CYS DA 154 -14.18 65.97 61.61
C CYS DA 154 -15.58 66.33 62.06
N LEU DA 155 -16.45 66.68 61.13
CA LEU DA 155 -17.78 67.11 61.53
C LEU DA 155 -18.66 65.94 61.93
N ALA DA 156 -18.43 64.78 61.32
CA ALA DA 156 -19.14 63.59 61.77
C ALA DA 156 -18.68 63.21 63.17
N LYS DA 157 -17.39 63.36 63.46
CA LYS DA 157 -16.89 63.22 64.82
C LYS DA 157 -17.54 64.24 65.74
N GLN DA 158 -17.78 65.44 65.23
CA GLN DA 158 -18.35 66.51 66.03
C GLN DA 158 -19.77 66.18 66.45
N LYS DA 159 -20.59 65.75 65.49
CA LYS DA 159 -21.96 65.33 65.81
C LYS DA 159 -21.96 64.12 66.72
N GLN DA 160 -21.03 63.20 66.51
CA GLN DA 160 -20.96 61.99 67.33
C GLN DA 160 -20.66 62.34 68.78
N ARG DA 161 -19.69 63.22 69.00
CA ARG DA 161 -19.30 63.61 70.34
C ARG DA 161 -20.42 64.38 71.05
N MET DA 162 -20.99 65.40 70.38
CA MET DA 162 -21.98 66.19 71.10
C MET DA 162 -23.28 65.44 71.28
N LEU DA 163 -23.60 64.51 70.37
CA LEU DA 163 -24.79 63.69 70.53
C LEU DA 163 -24.63 62.73 71.71
N ALA DA 164 -23.45 62.09 71.82
CA ALA DA 164 -23.23 61.14 72.90
C ALA DA 164 -23.20 61.84 74.24
N GLU DA 165 -22.50 62.97 74.35
CA GLU DA 165 -22.44 63.68 75.62
C GLU DA 165 -23.77 64.33 75.96
N ARG DA 166 -24.56 64.71 74.94
CA ARG DA 166 -25.90 65.23 75.18
C ARG DA 166 -26.79 64.16 75.79
N LYS DA 167 -26.75 62.94 75.24
CA LYS DA 167 -27.60 61.90 75.80
C LYS DA 167 -27.12 61.45 77.17
N ALA DA 168 -25.80 61.43 77.39
CA ALA DA 168 -25.28 61.02 78.68
C ALA DA 168 -25.64 62.02 79.77
N THR DA 169 -25.46 63.32 79.51
CA THR DA 169 -25.90 64.31 80.50
C THR DA 169 -27.42 64.44 80.54
N LYS DA 170 -28.12 63.97 79.51
CA LYS DA 170 -29.57 63.93 79.55
C LYS DA 170 -30.05 62.91 80.56
N GLU DA 171 -29.53 61.69 80.48
CA GLU DA 171 -29.95 60.66 81.42
C GLU DA 171 -29.38 60.89 82.81
N ALA DA 172 -28.23 61.55 82.91
CA ALA DA 172 -27.60 61.79 84.20
C ALA DA 172 -27.90 63.18 84.74
N ALA DA 173 -28.78 63.93 84.10
CA ALA DA 173 -29.18 65.22 84.62
C ALA DA 173 -30.08 65.07 85.84
N LEU EA 1 11.36 44.96 -11.37
CA LEU EA 1 10.72 44.21 -12.44
C LEU EA 1 9.20 44.30 -12.34
N GLN EA 2 8.49 43.61 -13.24
CA GLN EA 2 7.04 43.65 -13.25
C GLN EA 2 6.54 42.31 -13.81
N TYR EA 3 6.25 41.37 -12.92
CA TYR EA 3 5.70 40.07 -13.31
C TYR EA 3 4.73 39.60 -12.25
N GLY EA 4 3.94 38.59 -12.63
CA GLY EA 4 2.95 38.02 -11.76
C GLY EA 4 1.75 37.53 -12.51
N PRO EA 5 0.65 37.30 -11.80
CA PRO EA 5 -0.56 36.80 -12.48
C PRO EA 5 -1.26 37.85 -13.31
N LEU EA 6 -1.28 39.11 -12.84
CA LEU EA 6 -1.97 40.17 -13.56
C LEU EA 6 -1.31 40.47 -14.90
N ALA EA 7 0.02 40.50 -14.90
CA ALA EA 7 0.74 40.69 -16.16
C ALA EA 7 0.62 39.47 -17.05
N TYR EA 8 0.42 38.29 -16.46
CA TYR EA 8 0.16 37.11 -17.27
C TYR EA 8 -1.21 37.15 -17.93
N ILE EA 9 -2.20 37.75 -17.26
CA ILE EA 9 -3.53 37.86 -17.86
C ILE EA 9 -3.56 38.96 -18.92
N LEU EA 10 -2.99 40.13 -18.59
CA LEU EA 10 -2.99 41.23 -19.55
C LEU EA 10 -2.03 40.98 -20.70
N GLY EA 11 -1.03 40.12 -20.51
CA GLY EA 11 -0.27 39.57 -21.60
C GLY EA 11 -0.94 38.33 -22.16
N GLU EA 12 -0.37 37.82 -23.24
CA GLU EA 12 -1.08 36.80 -24.00
C GLU EA 12 -0.90 35.41 -23.40
N LYS EA 13 0.31 34.87 -23.42
CA LYS EA 13 0.56 33.49 -23.01
C LYS EA 13 1.95 33.36 -22.43
N THR EA 14 2.40 32.10 -22.29
CA THR EA 14 3.78 31.77 -21.93
C THR EA 14 4.28 30.57 -22.72
N THR EA 15 3.64 30.23 -23.83
CA THR EA 15 3.90 29.02 -24.58
C THR EA 15 4.60 29.26 -25.90
N LYS EA 16 4.31 30.37 -26.56
CA LYS EA 16 4.68 30.63 -27.95
C LYS EA 16 6.17 30.77 -28.18
N LYS EA 17 6.98 30.82 -27.14
CA LYS EA 17 8.43 30.76 -27.30
C LYS EA 17 8.93 29.33 -27.18
N MET EA 18 8.35 28.44 -27.98
CA MET EA 18 8.70 27.03 -28.02
C MET EA 18 8.57 26.57 -29.48
N THR EA 19 9.41 25.62 -29.93
CA THR EA 19 10.47 24.91 -29.20
C THR EA 19 11.64 24.57 -30.14
N GLU EA 20 12.49 23.64 -29.70
CA GLU EA 20 13.70 23.11 -30.35
C GLU EA 20 14.82 24.11 -30.53
N ASN EA 21 14.62 25.39 -30.19
CA ASN EA 21 15.74 26.20 -29.76
C ASN EA 21 15.77 26.28 -28.24
N SER EA 22 14.60 26.26 -27.62
CA SER EA 22 14.45 26.25 -26.18
C SER EA 22 14.38 24.80 -25.72
N LYS EA 23 15.47 24.29 -25.15
CA LYS EA 23 15.50 22.93 -24.65
C LYS EA 23 16.55 22.82 -23.55
N LEU EA 24 16.52 21.68 -22.84
CA LEU EA 24 17.45 21.39 -21.76
C LEU EA 24 18.32 20.19 -22.14
N ILE EA 25 19.54 20.47 -22.55
CA ILE EA 25 20.54 19.43 -22.70
C ILE EA 25 21.41 19.45 -21.46
N THR EA 26 21.72 18.29 -20.92
CA THR EA 26 22.47 18.27 -19.66
C THR EA 26 23.57 17.24 -19.72
N VAL EA 27 24.82 17.70 -19.63
CA VAL EA 27 25.98 16.85 -19.76
C VAL EA 27 26.33 16.34 -18.37
N ASP EA 28 25.95 15.10 -18.10
CA ASP EA 28 26.34 14.42 -16.88
C ASP EA 28 27.55 13.55 -17.16
N GLY EA 29 28.52 13.60 -16.27
CA GLY EA 29 29.72 12.80 -16.48
C GLY EA 29 30.37 12.45 -15.16
N ASN EA 30 31.46 11.70 -15.28
CA ASN EA 30 32.31 11.42 -14.13
C ASN EA 30 33.02 12.69 -13.71
N ILE EA 31 33.43 12.72 -12.44
CA ILE EA 31 34.27 13.81 -11.95
C ILE EA 31 35.60 13.77 -12.67
N CYS EA 32 36.16 14.95 -12.96
CA CYS EA 32 37.45 15.24 -13.59
C CYS EA 32 37.49 14.87 -15.08
N SER EA 33 36.46 14.24 -15.64
CA SER EA 33 36.42 13.95 -17.08
C SER EA 33 35.24 14.56 -17.78
N GLY EA 34 34.02 14.30 -17.32
CA GLY EA 34 32.85 14.93 -17.89
C GLY EA 34 32.82 16.37 -17.42
N LYS EA 35 33.15 17.30 -18.31
CA LYS EA 35 33.52 18.62 -17.86
C LYS EA 35 33.01 19.64 -18.87
N SER EA 36 33.53 20.86 -18.76
CA SER EA 36 33.10 21.99 -19.56
C SER EA 36 33.52 21.91 -21.01
N LYS EA 37 34.37 20.96 -21.40
CA LYS EA 37 34.84 20.91 -22.78
C LYS EA 37 33.70 20.53 -23.73
N LEU EA 38 33.11 19.35 -23.52
CA LEU EA 38 31.99 18.90 -24.33
C LEU EA 38 30.80 19.84 -24.23
N ALA EA 39 30.59 20.41 -23.04
CA ALA EA 39 29.48 21.33 -22.81
C ALA EA 39 29.66 22.63 -23.58
N LYS EA 40 30.85 23.21 -23.54
CA LYS EA 40 31.08 24.44 -24.27
C LYS EA 40 31.12 24.19 -25.77
N GLU EA 41 31.53 23.00 -26.20
CA GLU EA 41 31.52 22.70 -27.63
C GLU EA 41 30.10 22.56 -28.18
N VAL EA 42 29.21 21.90 -27.43
CA VAL EA 42 27.83 21.82 -27.91
C VAL EA 42 27.13 23.17 -27.75
N ALA EA 43 27.58 23.98 -26.79
CA ALA EA 43 27.03 25.32 -26.64
C ALA EA 43 27.44 26.21 -27.79
N GLU EA 44 28.67 26.04 -28.27
CA GLU EA 44 29.11 26.73 -29.48
C GLU EA 44 28.32 26.30 -30.69
N LYS EA 45 28.44 25.03 -31.07
CA LYS EA 45 27.94 24.60 -32.36
C LYS EA 45 26.43 24.43 -32.40
N LEU EA 46 25.75 24.53 -31.25
CA LEU EA 46 24.30 24.60 -31.27
C LEU EA 46 23.79 26.02 -31.14
N GLY EA 47 24.59 26.95 -30.63
CA GLY EA 47 24.17 28.32 -30.45
C GLY EA 47 23.15 28.48 -29.34
N LEU EA 48 23.61 28.30 -28.10
CA LEU EA 48 22.73 28.02 -26.97
C LEU EA 48 23.55 28.14 -25.69
N LYS EA 49 22.96 28.75 -24.67
CA LYS EA 49 23.74 29.25 -23.54
C LYS EA 49 24.26 28.12 -22.65
N HIS EA 50 25.16 28.51 -21.75
CA HIS EA 50 26.02 27.60 -21.01
C HIS EA 50 26.26 28.16 -19.62
N PHE EA 51 26.53 27.26 -18.67
CA PHE EA 51 26.85 27.67 -17.31
C PHE EA 51 28.11 26.97 -16.83
N PRO EA 52 28.98 27.67 -16.09
CA PRO EA 52 30.28 27.09 -15.70
C PRO EA 52 30.17 26.04 -14.62
N GLU EA 53 31.33 25.59 -14.12
CA GLU EA 53 31.39 24.61 -13.03
C GLU EA 53 30.72 25.15 -11.77
N ALA EA 54 29.56 24.58 -11.43
CA ALA EA 54 28.79 25.07 -10.29
C ALA EA 54 29.49 24.62 -9.01
N GLY EA 55 30.49 25.40 -8.61
CA GLY EA 55 31.26 25.10 -7.42
C GLY EA 55 30.65 25.70 -6.17
N ILE EA 56 31.49 26.31 -5.34
CA ILE EA 56 31.02 26.81 -4.05
C ILE EA 56 30.21 28.08 -4.22
N HIS EA 57 30.85 29.13 -4.71
CA HIS EA 57 30.34 30.49 -4.58
C HIS EA 57 29.61 30.97 -5.82
N TYR EA 58 28.83 30.07 -6.43
CA TYR EA 58 27.86 30.50 -7.45
C TYR EA 58 26.85 31.48 -6.87
N ALA EA 59 26.46 31.29 -5.61
CA ALA EA 59 25.58 32.24 -4.94
C ALA EA 59 26.28 33.57 -4.66
N ASP EA 60 27.61 33.59 -4.68
CA ASP EA 60 28.32 34.87 -4.70
C ASP EA 60 28.37 35.44 -6.11
N SER EA 61 28.45 34.58 -7.12
CA SER EA 61 28.55 35.03 -8.50
C SER EA 61 27.19 35.41 -9.10
N THR EA 62 26.10 35.14 -8.41
CA THR EA 62 24.79 35.42 -9.00
C THR EA 62 24.39 36.88 -8.83
N THR EA 63 24.99 37.60 -7.90
CA THR EA 63 24.62 38.99 -7.67
C THR EA 63 25.78 39.70 -6.99
N GLY EA 64 25.67 41.02 -6.95
CA GLY EA 64 26.75 41.83 -6.41
C GLY EA 64 27.95 41.74 -7.32
N ASP EA 65 29.11 41.53 -6.73
CA ASP EA 65 30.31 41.29 -7.51
C ASP EA 65 30.46 39.80 -7.75
N GLY EA 66 31.21 39.46 -8.80
CA GLY EA 66 31.47 38.07 -9.14
C GLY EA 66 32.54 37.39 -8.33
N LYS EA 67 33.14 38.11 -7.42
CA LYS EA 67 34.23 37.59 -6.65
C LYS EA 67 33.74 36.63 -5.57
N PRO EA 68 34.53 35.62 -5.23
CA PRO EA 68 34.14 34.74 -4.13
C PRO EA 68 34.20 35.44 -2.79
N LEU EA 69 33.05 35.58 -2.16
CA LEU EA 69 33.04 35.98 -0.76
C LEU EA 69 33.58 34.81 0.06
N PRO EA 70 34.45 35.06 1.03
CA PRO EA 70 35.24 33.98 1.62
C PRO EA 70 34.41 33.03 2.46
N VAL EA 71 35.07 31.93 2.87
CA VAL EA 71 34.38 30.76 3.38
C VAL EA 71 33.77 30.97 4.75
N ARG EA 72 34.08 32.10 5.40
CA ARG EA 72 33.28 32.49 6.55
C ARG EA 72 31.87 32.83 6.15
N PHE EA 73 31.68 33.39 4.95
CA PHE EA 73 30.37 33.81 4.49
C PHE EA 73 29.70 32.82 3.57
N SER EA 74 30.47 32.01 2.84
CA SER EA 74 29.92 31.12 1.83
C SER EA 74 30.31 29.67 2.07
N GLY EA 75 30.84 29.34 3.23
CA GLY EA 75 31.29 28.00 3.48
C GLY EA 75 30.32 27.23 4.34
N ASN EA 76 30.86 26.39 5.23
CA ASN EA 76 32.30 26.24 5.43
C ASN EA 76 32.77 25.00 4.71
N CYS EA 77 33.02 25.16 3.41
CA CYS EA 77 33.17 24.01 2.53
C CYS EA 77 34.50 23.29 2.77
N SER EA 78 35.61 24.00 2.53
CA SER EA 78 36.97 23.49 2.58
C SER EA 78 37.13 22.25 1.69
N LEU EA 79 36.95 22.49 0.40
CA LEU EA 79 36.99 21.42 -0.60
C LEU EA 79 38.34 20.73 -0.62
N GLU EA 80 39.40 21.49 -0.45
CA GLU EA 80 40.74 20.90 -0.44
C GLU EA 80 40.97 20.11 0.83
N LYS EA 81 40.40 20.55 1.95
CA LYS EA 81 40.47 19.76 3.16
C LYS EA 81 39.60 18.52 3.08
N PHE EA 82 38.55 18.56 2.25
CA PHE EA 82 37.77 17.36 2.01
C PHE EA 82 38.54 16.35 1.18
N TYR EA 83 39.24 16.83 0.14
CA TYR EA 83 40.04 15.91 -0.64
C TYR EA 83 41.24 15.38 0.15
N ASP EA 84 41.70 16.13 1.15
CA ASP EA 84 42.77 15.62 1.99
C ASP EA 84 42.25 14.58 2.97
N ASP EA 85 41.38 14.98 3.90
CA ASP EA 85 40.98 14.12 5.01
C ASP EA 85 39.47 14.11 5.16
N PRO EA 86 38.78 13.24 4.45
CA PRO EA 86 37.31 13.20 4.50
C PRO EA 86 36.74 12.29 5.59
N LYS EA 87 37.29 12.39 6.81
CA LYS EA 87 36.75 11.62 7.93
C LYS EA 87 36.73 12.41 9.24
N SER EA 88 36.71 13.73 9.19
CA SER EA 88 36.93 14.51 10.38
C SER EA 88 35.71 14.50 11.28
N ASN EA 89 35.93 14.86 12.54
CA ASN EA 89 34.87 14.92 13.54
C ASN EA 89 34.21 16.29 13.60
N ASP EA 90 34.81 17.30 12.97
CA ASP EA 90 34.17 18.60 12.86
C ASP EA 90 32.98 18.55 11.92
N GLY EA 91 33.00 17.63 10.95
CA GLY EA 91 31.91 17.49 10.03
C GLY EA 91 32.21 18.33 8.81
N ASN EA 92 32.67 17.70 7.74
CA ASN EA 92 33.07 18.49 6.58
C ASN EA 92 32.64 17.87 5.27
N SER EA 93 32.14 16.64 5.28
CA SER EA 93 31.56 16.08 4.06
C SER EA 93 30.23 16.72 3.76
N TYR EA 94 29.27 16.58 4.68
CA TYR EA 94 27.90 16.90 4.34
C TYR EA 94 27.63 18.39 4.30
N ARG EA 95 28.38 19.20 5.07
CA ARG EA 95 28.25 20.65 4.95
C ARG EA 95 28.55 21.10 3.54
N LEU EA 96 29.64 20.58 2.99
CA LEU EA 96 29.98 20.79 1.60
C LEU EA 96 28.92 20.23 0.66
N GLN EA 97 28.37 19.05 1.00
CA GLN EA 97 27.42 18.41 0.12
C GLN EA 97 26.11 19.18 0.02
N ALA EA 98 25.54 19.55 1.16
CA ALA EA 98 24.30 20.31 1.18
C ALA EA 98 24.49 21.69 0.57
N TRP EA 99 25.67 22.29 0.75
CA TRP EA 99 25.96 23.58 0.14
C TRP EA 99 25.97 23.48 -1.38
N LEU EA 100 26.69 22.48 -1.91
CA LEU EA 100 26.70 22.27 -3.34
C LEU EA 100 25.32 21.90 -3.88
N TYR EA 101 24.54 21.19 -3.08
CA TYR EA 101 23.19 20.83 -3.49
C TYR EA 101 22.31 22.05 -3.63
N ALA EA 102 22.42 22.98 -2.69
CA ALA EA 102 21.65 24.22 -2.80
C ALA EA 102 22.13 25.07 -3.98
N SER EA 103 23.43 25.07 -4.24
CA SER EA 103 23.93 25.85 -5.37
C SER EA 103 23.48 25.28 -6.71
N ARG EA 104 23.54 23.95 -6.85
CA ARG EA 104 23.08 23.30 -8.08
C ARG EA 104 21.58 23.46 -8.27
N LEU EA 105 20.82 23.41 -7.18
CA LEU EA 105 19.39 23.63 -7.28
C LEU EA 105 19.08 25.07 -7.69
N LEU EA 106 19.86 26.02 -7.20
CA LEU EA 106 19.66 27.42 -7.58
C LEU EA 106 19.96 27.65 -9.05
N GLN EA 107 21.09 27.16 -9.54
CA GLN EA 107 21.41 27.38 -10.95
C GLN EA 107 20.50 26.58 -11.87
N TYR EA 108 19.97 25.46 -11.38
CA TYR EA 108 18.93 24.75 -12.14
C TYR EA 108 17.68 25.60 -12.28
N ALA EA 109 17.25 26.23 -11.17
CA ALA EA 109 16.09 27.11 -11.25
C ALA EA 109 16.37 28.31 -12.15
N ASP EA 110 17.60 28.83 -12.11
CA ASP EA 110 17.94 29.99 -12.93
C ASP EA 110 17.93 29.65 -14.41
N ALA EA 111 18.48 28.49 -14.76
CA ALA EA 111 18.48 28.07 -16.15
C ALA EA 111 17.07 27.77 -16.63
N LEU EA 112 16.23 27.23 -15.75
CA LEU EA 112 14.84 26.99 -16.13
C LEU EA 112 14.08 28.31 -16.30
N GLU EA 113 14.45 29.33 -15.52
CA GLU EA 113 13.81 30.64 -15.66
C GLU EA 113 14.21 31.29 -16.96
N HIS EA 114 15.47 31.17 -17.35
CA HIS EA 114 15.89 31.68 -18.64
C HIS EA 114 15.30 30.87 -19.80
N LEU EA 115 15.03 29.59 -19.57
CA LEU EA 115 14.33 28.77 -20.55
C LEU EA 115 12.91 29.26 -20.77
N LEU EA 116 12.18 29.51 -19.68
CA LEU EA 116 10.81 30.01 -19.80
C LEU EA 116 10.80 31.43 -20.34
N SER EA 117 11.84 32.21 -20.05
CA SER EA 117 11.91 33.58 -20.53
C SER EA 117 12.51 33.55 -21.93
N THR EA 118 11.65 33.21 -22.90
CA THR EA 118 11.77 33.49 -24.33
C THR EA 118 12.81 32.60 -25.02
N GLY EA 119 13.56 31.84 -24.27
CA GLY EA 119 14.65 31.06 -24.82
C GLY EA 119 15.98 31.62 -24.37
N GLN EA 120 17.06 31.04 -24.90
CA GLN EA 120 17.02 30.11 -26.02
C GLN EA 120 17.56 28.74 -25.66
N GLY EA 121 17.10 28.18 -24.55
CA GLY EA 121 17.55 26.87 -24.14
C GLY EA 121 18.96 26.88 -23.57
N VAL EA 122 19.25 25.89 -22.72
CA VAL EA 122 20.57 25.83 -22.10
C VAL EA 122 21.10 24.40 -22.05
N VAL EA 123 22.42 24.34 -21.95
CA VAL EA 123 23.13 23.16 -21.47
C VAL EA 123 23.42 23.37 -19.99
N LEU EA 124 23.17 22.33 -19.22
CA LEU EA 124 23.51 22.31 -17.81
C LEU EA 124 24.43 21.13 -17.57
N GLU EA 125 24.91 21.03 -16.35
CA GLU EA 125 25.81 19.97 -15.98
C GLU EA 125 25.59 19.63 -14.51
N ARG EA 126 25.90 18.39 -14.17
CA ARG EA 126 25.81 17.86 -12.81
C ARG EA 126 24.37 17.98 -12.29
N SER EA 127 23.52 17.13 -12.88
CA SER EA 127 22.12 16.99 -12.45
C SER EA 127 22.02 16.69 -10.96
N ILE EA 128 20.90 17.11 -10.37
CA ILE EA 128 20.69 16.95 -8.94
C ILE EA 128 20.53 15.48 -8.58
N TYR EA 129 20.05 14.68 -9.53
CA TYR EA 129 20.02 13.23 -9.39
C TYR EA 129 21.43 12.69 -9.19
N SER EA 130 22.37 13.22 -9.96
CA SER EA 130 23.75 12.79 -9.84
C SER EA 130 24.37 13.26 -8.53
N ASP EA 131 23.87 14.37 -7.97
CA ASP EA 131 24.35 14.78 -6.65
C ASP EA 131 23.85 13.83 -5.57
N PHE EA 132 22.61 13.36 -5.70
CA PHE EA 132 22.11 12.28 -4.84
C PHE EA 132 22.97 11.03 -4.97
N VAL EA 133 23.34 10.68 -6.21
CA VAL EA 133 24.24 9.55 -6.46
C VAL EA 133 25.59 9.76 -5.79
N PHE EA 134 26.13 10.97 -5.89
CA PHE EA 134 27.44 11.32 -5.35
C PHE EA 134 27.47 11.15 -3.83
N LEU EA 135 26.42 11.61 -3.16
CA LEU EA 135 26.35 11.46 -1.71
C LEU EA 135 26.10 10.01 -1.31
N GLU EA 136 25.30 9.29 -2.07
CA GLU EA 136 25.11 7.88 -1.76
C GLU EA 136 26.39 7.08 -1.94
N ALA EA 137 27.20 7.47 -2.92
CA ALA EA 137 28.49 6.82 -3.14
C ALA EA 137 29.44 7.06 -1.99
N MET EA 138 29.63 8.33 -1.61
CA MET EA 138 30.56 8.54 -0.51
C MET EA 138 29.95 8.20 0.84
N TYR EA 139 28.65 7.88 0.89
CA TYR EA 139 28.12 7.14 2.02
C TYR EA 139 28.59 5.69 1.99
N ARG EA 140 28.60 5.08 0.80
CA ARG EA 140 29.09 3.71 0.71
C ARG EA 140 30.59 3.61 0.93
N GLN EA 141 31.33 4.71 0.81
CA GLN EA 141 32.73 4.67 1.20
C GLN EA 141 32.91 4.57 2.71
N GLY EA 142 31.95 5.07 3.48
CA GLY EA 142 32.03 5.01 4.93
C GLY EA 142 32.36 6.35 5.54
N PHE EA 143 31.82 7.43 4.96
CA PHE EA 143 32.14 8.78 5.39
C PHE EA 143 31.02 9.49 6.11
N ILE EA 144 29.78 9.05 5.97
CA ILE EA 144 28.63 9.78 6.52
C ILE EA 144 27.81 8.82 7.35
N ARG EA 145 27.49 9.22 8.58
CA ARG EA 145 26.57 8.46 9.40
C ARG EA 145 25.17 8.51 8.80
N LYS EA 146 24.47 7.38 8.84
CA LYS EA 146 23.29 7.16 8.00
C LYS EA 146 22.12 8.07 8.36
N GLN EA 147 22.08 8.60 9.59
CA GLN EA 147 21.06 9.57 9.95
C GLN EA 147 21.14 10.83 9.09
N CYS EA 148 22.35 11.26 8.79
CA CYS EA 148 22.55 12.40 7.91
C CYS EA 148 22.15 12.09 6.48
N VAL EA 149 22.32 10.84 6.06
CA VAL EA 149 21.83 10.41 4.75
C VAL EA 149 20.31 10.45 4.73
N ASP EA 150 19.68 10.10 5.85
CA ASP EA 150 18.22 10.17 5.95
C ASP EA 150 17.75 11.61 5.85
N HIS EA 151 18.51 12.54 6.45
CA HIS EA 151 18.23 13.96 6.29
C HIS EA 151 18.26 14.38 4.83
N TYR EA 152 19.34 14.01 4.12
CA TYR EA 152 19.46 14.43 2.73
C TYR EA 152 18.38 13.80 1.86
N ASN EA 153 18.01 12.56 2.16
CA ASN EA 153 17.02 11.91 1.33
C ASN EA 153 15.64 12.49 1.60
N GLN EA 154 15.40 12.96 2.82
CA GLN EA 154 14.18 13.69 3.10
C GLN EA 154 14.15 15.03 2.35
N VAL EA 155 15.31 15.69 2.26
CA VAL EA 155 15.42 16.91 1.46
C VAL EA 155 15.11 16.63 0.00
N LYS EA 156 15.63 15.53 -0.53
CA LYS EA 156 15.42 15.21 -1.94
C LYS EA 156 13.98 14.80 -2.20
N LYS EA 157 13.32 14.17 -1.22
CA LYS EA 157 11.89 13.91 -1.35
C LYS EA 157 11.09 15.20 -1.36
N VAL EA 158 11.54 16.20 -0.63
CA VAL EA 158 10.74 17.42 -0.56
C VAL EA 158 10.96 18.30 -1.80
N THR EA 159 12.20 18.50 -2.20
CA THR EA 159 12.50 19.54 -3.19
C THR EA 159 12.17 19.10 -4.62
N VAL EA 160 12.67 17.94 -5.03
CA VAL EA 160 12.75 17.62 -6.45
C VAL EA 160 11.40 17.24 -7.01
N CYS EA 161 10.54 16.61 -6.21
CA CYS EA 161 9.37 15.90 -6.68
C CYS EA 161 8.27 16.80 -7.27
N GLU EA 162 8.45 18.12 -7.31
CA GLU EA 162 7.42 18.99 -7.89
C GLU EA 162 8.00 19.92 -8.94
N TYR EA 163 9.10 19.53 -9.58
CA TYR EA 163 9.69 20.26 -10.69
C TYR EA 163 9.66 19.39 -11.94
N LEU EA 164 10.35 19.82 -12.96
CA LEU EA 164 10.44 19.01 -14.15
C LEU EA 164 11.84 18.45 -14.32
N PRO EA 165 11.96 17.20 -14.74
CA PRO EA 165 13.23 16.69 -15.21
C PRO EA 165 13.64 17.35 -16.52
N PRO EA 166 14.91 17.31 -16.88
CA PRO EA 166 15.35 17.94 -18.14
C PRO EA 166 14.83 17.20 -19.36
N HIS EA 167 15.12 17.79 -20.52
CA HIS EA 167 14.77 17.14 -21.78
C HIS EA 167 15.67 15.94 -22.04
N VAL EA 168 16.97 16.16 -22.20
CA VAL EA 168 17.86 15.06 -22.56
C VAL EA 168 19.17 15.13 -21.81
N VAL EA 169 19.75 13.95 -21.57
CA VAL EA 169 20.95 13.80 -20.75
C VAL EA 169 22.04 13.17 -21.59
N ILE EA 170 23.18 13.85 -21.68
CA ILE EA 170 24.38 13.32 -22.32
C ILE EA 170 25.19 12.65 -21.22
N TYR EA 171 25.27 11.32 -21.25
CA TYR EA 171 26.06 10.60 -20.27
C TYR EA 171 27.47 10.42 -20.81
N VAL EA 172 28.47 10.70 -19.98
CA VAL EA 172 29.87 10.44 -20.29
C VAL EA 172 30.31 9.23 -19.48
N ASP EA 173 31.03 8.31 -20.13
CA ASP EA 173 31.49 7.06 -19.53
C ASP EA 173 33.00 7.01 -19.73
N VAL EA 174 33.76 7.23 -18.65
CA VAL EA 174 35.20 7.12 -18.67
C VAL EA 174 35.60 6.16 -17.55
N PRO EA 175 36.45 5.16 -17.81
CA PRO EA 175 36.80 4.18 -16.76
C PRO EA 175 37.69 4.73 -15.67
N VAL EA 176 38.17 3.85 -14.79
CA VAL EA 176 38.82 4.29 -13.55
C VAL EA 176 40.21 4.83 -13.83
N SER EA 177 41.05 4.00 -14.46
CA SER EA 177 42.46 4.34 -14.64
C SER EA 177 42.65 5.51 -15.60
N GLU EA 178 41.71 5.70 -16.53
CA GLU EA 178 41.80 6.84 -17.43
C GLU EA 178 41.51 8.14 -16.71
N VAL EA 179 40.54 8.13 -15.79
CA VAL EA 179 40.29 9.29 -14.94
C VAL EA 179 41.48 9.52 -14.01
N GLN EA 180 42.13 8.45 -13.56
CA GLN EA 180 43.31 8.64 -12.72
C GLN EA 180 44.48 9.20 -13.52
N SER EA 181 44.60 8.82 -14.80
CA SER EA 181 45.61 9.40 -15.66
C SER EA 181 45.34 10.88 -15.92
N ARG EA 182 44.07 11.23 -16.11
CA ARG EA 182 43.73 12.63 -16.34
C ARG EA 182 43.91 13.46 -15.09
N ILE EA 183 43.68 12.88 -13.92
CA ILE EA 183 43.89 13.64 -12.70
C ILE EA 183 45.37 13.70 -12.35
N GLN EA 184 46.17 12.77 -12.87
CA GLN EA 184 47.62 12.92 -12.78
C GLN EA 184 48.13 13.95 -13.77
N LYS EA 185 47.48 14.07 -14.93
CA LYS EA 185 47.80 15.16 -15.85
C LYS EA 185 47.38 16.52 -15.30
N LYS EA 186 46.37 16.54 -14.44
CA LYS EA 186 45.89 17.81 -13.92
C LYS EA 186 46.84 18.35 -12.85
N GLY EA 187 47.44 17.46 -12.07
CA GLY EA 187 48.57 17.82 -11.24
C GLY EA 187 48.24 18.54 -9.95
N ASN EA 188 46.97 18.74 -9.64
CA ASN EA 188 46.59 19.32 -8.35
C ASN EA 188 46.81 18.26 -7.28
N PRO EA 189 47.68 18.49 -6.29
CA PRO EA 189 48.00 17.42 -5.34
C PRO EA 189 46.83 17.04 -4.46
N HIS EA 190 46.01 18.02 -4.11
CA HIS EA 190 44.82 17.76 -3.30
C HIS EA 190 43.87 16.82 -4.01
N GLU EA 191 43.74 16.97 -5.33
CA GLU EA 191 42.98 16.00 -6.10
C GLU EA 191 43.74 14.71 -6.35
N MET EA 192 45.08 14.76 -6.35
CA MET EA 192 45.86 13.54 -6.45
C MET EA 192 45.68 12.63 -5.25
N LYS EA 193 45.30 13.19 -4.11
CA LYS EA 193 45.16 12.41 -2.89
C LYS EA 193 43.86 11.60 -2.82
N ILE EA 194 43.06 11.54 -3.90
CA ILE EA 194 41.81 10.80 -3.88
C ILE EA 194 42.10 9.34 -4.21
N THR EA 195 41.27 8.45 -3.68
CA THR EA 195 41.48 7.01 -3.80
C THR EA 195 40.63 6.41 -4.91
N SER EA 196 41.02 5.21 -5.32
CA SER EA 196 40.42 4.59 -6.48
C SER EA 196 39.04 4.02 -6.18
N ALA EA 197 38.85 3.50 -4.96
CA ALA EA 197 37.57 2.88 -4.59
C ALA EA 197 36.45 3.89 -4.51
N TYR EA 198 36.78 5.13 -4.16
CA TYR EA 198 35.86 6.25 -4.22
C TYR EA 198 35.31 6.43 -5.63
N LEU EA 199 36.21 6.49 -6.61
CA LEU EA 199 35.83 6.62 -8.01
C LEU EA 199 35.06 5.41 -8.50
N GLN EA 200 35.44 4.22 -8.04
CA GLN EA 200 34.77 2.99 -8.44
C GLN EA 200 33.33 2.96 -7.92
N ASP EA 201 33.12 3.41 -6.68
CA ASP EA 201 31.76 3.46 -6.16
C ASP EA 201 30.93 4.56 -6.80
N ILE EA 202 31.56 5.68 -7.20
CA ILE EA 202 30.82 6.68 -7.96
C ILE EA 202 30.37 6.11 -9.29
N GLU EA 203 31.24 5.34 -9.96
CA GLU EA 203 30.83 4.61 -11.16
C GLU EA 203 29.70 3.64 -10.89
N ASN EA 204 29.75 2.92 -9.77
CA ASN EA 204 28.74 1.90 -9.48
C ASN EA 204 27.37 2.52 -9.25
N VAL EA 205 27.31 3.52 -8.37
CA VAL EA 205 26.05 4.17 -8.06
C VAL EA 205 25.59 5.06 -9.22
N TYR EA 206 26.50 5.44 -10.10
CA TYR EA 206 26.20 6.34 -11.19
C TYR EA 206 25.85 5.62 -12.47
N LYS EA 207 26.11 4.32 -12.55
CA LYS EA 207 25.65 3.46 -13.62
C LYS EA 207 24.40 2.70 -13.25
N GLY EA 208 24.46 1.94 -12.14
CA GLY EA 208 23.38 1.01 -11.85
C GLY EA 208 22.13 1.63 -11.27
N THR EA 209 22.15 2.92 -10.99
CA THR EA 209 21.00 3.58 -10.36
C THR EA 209 20.49 4.75 -11.17
N PHE EA 210 21.39 5.56 -11.71
CA PHE EA 210 21.02 6.83 -12.37
C PHE EA 210 20.25 6.60 -13.65
N LEU EA 211 20.91 5.98 -14.63
CA LEU EA 211 20.24 5.62 -15.88
C LEU EA 211 19.03 4.69 -15.72
N PRO EA 212 19.00 3.70 -14.80
CA PRO EA 212 17.72 2.98 -14.60
C PRO EA 212 16.62 3.86 -14.04
N GLU EA 213 16.92 4.70 -13.06
CA GLU EA 213 15.89 5.57 -12.49
C GLU EA 213 15.60 6.80 -13.33
N MET EA 214 16.18 6.90 -14.53
CA MET EA 214 15.65 7.86 -15.50
C MET EA 214 14.23 7.52 -15.92
N SER EA 215 13.85 6.23 -15.86
CA SER EA 215 12.48 5.74 -16.05
C SER EA 215 11.94 6.11 -17.42
N GLU EA 216 12.81 6.03 -18.43
CA GLU EA 216 12.61 6.36 -19.85
C GLU EA 216 12.38 7.84 -20.10
N LYS EA 217 12.33 8.67 -19.07
CA LYS EA 217 12.38 10.12 -19.21
C LYS EA 217 13.84 10.55 -19.15
N CYS EA 218 14.09 11.78 -19.60
CA CYS EA 218 15.43 12.31 -19.84
C CYS EA 218 16.22 11.37 -20.74
N GLU EA 219 15.78 11.32 -22.01
CA GLU EA 219 16.36 10.38 -22.95
C GLU EA 219 17.82 10.72 -23.24
N VAL EA 220 18.59 9.69 -23.55
CA VAL EA 220 20.01 9.70 -23.24
C VAL EA 220 20.86 9.66 -24.50
N LEU EA 221 22.06 10.20 -24.37
CA LEU EA 221 23.13 10.07 -25.35
C LEU EA 221 24.29 9.50 -24.55
N GLN EA 222 24.35 8.18 -24.46
CA GLN EA 222 25.33 7.49 -23.62
C GLN EA 222 26.61 7.31 -24.43
N TYR EA 223 27.67 7.98 -24.02
CA TYR EA 223 28.92 7.99 -24.78
C TYR EA 223 30.04 7.43 -23.93
N SER EA 224 31.00 6.79 -24.59
CA SER EA 224 32.19 6.32 -23.90
C SER EA 224 33.24 7.42 -23.91
N ALA EA 225 34.40 7.11 -23.33
CA ALA EA 225 35.47 8.08 -23.17
C ALA EA 225 36.06 8.48 -24.51
N TRP EA 226 36.07 7.57 -25.47
CA TRP EA 226 36.54 7.91 -26.82
C TRP EA 226 35.57 8.86 -27.50
N GLU EA 227 34.27 8.71 -27.25
CA GLU EA 227 33.28 9.52 -27.94
C GLU EA 227 33.28 10.89 -27.29
N ALA EA 228 34.14 11.75 -27.79
CA ALA EA 228 34.30 13.12 -27.34
C ALA EA 228 34.95 13.87 -28.51
N GLU EA 229 35.51 15.05 -28.21
CA GLU EA 229 36.26 15.95 -29.10
C GLU EA 229 35.63 16.19 -30.48
N ASP EA 230 34.30 16.16 -30.54
CA ASP EA 230 33.59 16.38 -31.80
C ASP EA 230 32.19 16.87 -31.45
N ALA EA 231 31.97 18.17 -31.59
CA ALA EA 231 30.66 18.75 -31.34
C ALA EA 231 29.67 18.46 -32.45
N GLU EA 232 30.18 18.23 -33.68
CA GLU EA 232 29.32 18.01 -34.84
C GLU EA 232 28.44 16.79 -34.64
N LYS EA 233 29.05 15.65 -34.31
CA LYS EA 233 28.34 14.37 -34.24
C LYS EA 233 27.36 14.34 -33.07
N VAL EA 234 27.75 14.90 -31.93
CA VAL EA 234 26.88 14.87 -30.76
C VAL EA 234 25.70 15.84 -30.92
N VAL EA 235 25.92 16.99 -31.55
CA VAL EA 235 24.79 17.90 -31.76
C VAL EA 235 23.85 17.36 -32.84
N GLU EA 236 24.39 16.64 -33.81
CA GLU EA 236 23.52 15.92 -34.75
C GLU EA 236 22.77 14.77 -34.07
N ASP EA 237 23.38 14.12 -33.08
CA ASP EA 237 22.68 13.16 -32.25
C ASP EA 237 21.57 13.81 -31.43
N ILE EA 238 21.77 15.07 -31.01
CA ILE EA 238 20.73 15.80 -30.32
C ILE EA 238 19.55 16.05 -31.25
N GLN EA 239 19.83 16.48 -32.48
CA GLN EA 239 18.72 16.70 -33.40
C GLN EA 239 18.12 15.43 -33.97
N TYR EA 240 18.73 14.26 -33.72
CA TYR EA 240 18.04 13.01 -34.02
C TYR EA 240 16.82 12.82 -33.13
N LEU EA 241 16.86 13.36 -31.92
CA LEU EA 241 15.92 13.01 -30.88
C LEU EA 241 14.53 13.52 -31.19
N LYS EA 242 13.52 12.68 -30.97
CA LYS EA 242 12.13 13.10 -30.98
C LYS EA 242 11.60 13.13 -29.55
N TYR EA 243 10.81 14.16 -29.25
CA TYR EA 243 10.36 14.39 -27.88
C TYR EA 243 9.10 13.57 -27.67
N ASP EA 244 9.26 12.43 -27.01
CA ASP EA 244 8.21 11.44 -26.85
C ASP EA 244 7.93 11.08 -25.40
N LYS EA 245 8.95 10.97 -24.57
CA LYS EA 245 8.79 10.64 -23.16
C LYS EA 245 9.26 11.80 -22.30
N GLY EA 246 8.56 12.03 -21.19
CA GLY EA 246 8.84 13.16 -20.36
C GLY EA 246 7.59 13.85 -19.88
N PRO EA 247 7.71 14.72 -18.87
CA PRO EA 247 6.57 15.55 -18.49
C PRO EA 247 6.34 16.67 -19.48
N TRP EA 248 7.36 17.07 -20.22
CA TRP EA 248 7.35 18.22 -21.11
C TRP EA 248 6.42 18.06 -22.30
N LEU EA 249 5.94 16.85 -22.56
CA LEU EA 249 4.94 16.67 -23.60
C LEU EA 249 3.57 17.19 -23.17
N ASP EA 250 3.27 17.14 -21.88
CA ASP EA 250 1.96 17.54 -21.38
C ASP EA 250 2.14 18.56 -20.25
N GLN EA 251 1.88 19.84 -20.52
CA GLN EA 251 1.97 20.82 -19.45
C GLN EA 251 0.63 21.42 -19.04
N ASP EA 252 -0.22 22.02 -19.91
CA ASP EA 252 -0.06 22.46 -21.30
C ASP EA 252 0.54 23.86 -21.25
N ASP EA 253 -0.10 24.71 -20.45
CA ASP EA 253 0.34 26.09 -20.23
C ASP EA 253 0.40 26.40 -18.74
N ARG EA 254 -0.47 25.72 -17.97
CA ARG EA 254 -0.71 26.14 -16.60
C ARG EA 254 0.45 25.76 -15.69
N LYS EA 255 1.05 24.59 -15.92
CA LYS EA 255 2.27 24.23 -15.21
C LYS EA 255 3.41 25.18 -15.55
N LEU EA 256 3.44 25.68 -16.79
CA LEU EA 256 4.46 26.66 -17.16
C LEU EA 256 4.26 27.97 -16.43
N HIS EA 257 3.00 28.39 -16.27
CA HIS EA 257 2.73 29.58 -15.47
C HIS EA 257 3.12 29.36 -14.01
N ASN EA 258 2.86 28.16 -13.49
CA ASN EA 258 3.21 27.85 -12.11
C ASN EA 258 4.71 27.84 -11.90
N LEU EA 259 5.46 27.34 -12.87
CA LEU EA 259 6.91 27.31 -12.73
C LEU EA 259 7.52 28.69 -12.91
N ARG EA 260 6.98 29.49 -13.83
CA ARG EA 260 7.50 30.84 -14.03
C ARG EA 260 7.25 31.71 -12.82
N MET EA 261 6.11 31.56 -12.18
CA MET EA 261 5.89 32.33 -10.97
C MET EA 261 6.39 31.60 -9.73
N LEU EA 262 6.93 30.39 -9.86
CA LEU EA 262 7.53 29.70 -8.74
C LEU EA 262 9.02 29.96 -8.64
N VAL EA 263 9.71 30.06 -9.77
CA VAL EA 263 11.16 30.23 -9.74
C VAL EA 263 11.54 31.65 -9.34
N GLN EA 264 10.82 32.64 -9.86
CA GLN EA 264 11.00 34.03 -9.43
C GLN EA 264 10.72 34.17 -7.94
N ASP EA 265 11.33 35.21 -7.35
CA ASP EA 265 11.44 35.42 -5.90
C ASP EA 265 12.08 34.20 -5.24
N LYS EA 266 13.35 33.99 -5.60
CA LYS EA 266 14.00 32.68 -5.53
C LYS EA 266 14.09 32.08 -4.13
N LEU EA 267 13.79 32.85 -3.08
CA LEU EA 267 13.57 32.25 -1.78
C LEU EA 267 12.31 31.37 -1.75
N GLU EA 268 11.36 31.61 -2.67
CA GLU EA 268 10.25 30.67 -2.86
C GLU EA 268 10.74 29.28 -3.22
N VAL EA 269 11.77 29.21 -4.07
CA VAL EA 269 12.44 27.94 -4.33
C VAL EA 269 13.16 27.47 -3.08
N LEU EA 270 13.79 28.39 -2.37
CA LEU EA 270 14.60 28.06 -1.20
C LEU EA 270 13.79 27.83 0.08
N ASN EA 271 12.46 27.73 0.01
CA ASN EA 271 11.67 27.56 1.22
C ASN EA 271 11.96 26.24 1.92
N TYR EA 272 12.37 25.23 1.17
CA TYR EA 272 12.52 23.88 1.69
C TYR EA 272 13.98 23.43 1.70
N THR EA 273 14.88 24.37 1.95
CA THR EA 273 16.30 24.02 2.00
C THR EA 273 16.65 23.35 3.32
N SER EA 274 16.48 24.07 4.42
CA SER EA 274 16.63 23.49 5.75
C SER EA 274 15.29 22.93 6.18
N ILE EA 275 15.30 21.72 6.70
CA ILE EA 275 14.04 21.02 7.00
C ILE EA 275 13.35 21.65 8.22
N PRO EA 276 13.98 21.79 9.41
CA PRO EA 276 15.24 21.41 10.04
C PRO EA 276 15.11 20.15 10.91
N VAL EA 277 16.20 19.36 10.95
CA VAL EA 277 16.23 18.13 11.73
C VAL EA 277 17.17 18.25 12.92
N PHE EA 278 18.20 19.11 12.83
CA PHE EA 278 19.18 19.57 13.83
C PHE EA 278 20.38 18.67 14.08
N LEU EA 279 20.64 17.66 13.26
CA LEU EA 279 21.93 17.48 12.57
C LEU EA 279 23.19 17.94 13.30
N PRO EA 280 23.72 17.15 14.25
CA PRO EA 280 24.89 17.59 15.03
C PRO EA 280 26.15 17.89 14.22
N GLU EA 281 26.22 17.52 12.95
CA GLU EA 281 27.32 18.00 12.12
C GLU EA 281 27.11 19.42 11.63
N VAL EA 282 25.86 19.82 11.44
CA VAL EA 282 25.51 20.89 10.52
C VAL EA 282 25.17 22.18 11.25
N THR EA 283 24.31 22.10 12.28
CA THR EA 283 23.75 23.29 12.88
C THR EA 283 24.74 24.01 13.77
N ILE EA 284 24.55 25.32 13.89
CA ILE EA 284 25.57 26.22 14.41
C ILE EA 284 24.98 26.98 15.60
N GLY EA 285 25.74 27.06 16.69
CA GLY EA 285 25.34 27.91 17.80
C GLY EA 285 25.29 29.37 17.43
N ALA EA 286 24.48 30.11 18.17
CA ALA EA 286 24.00 31.40 17.70
C ALA EA 286 25.07 32.48 17.68
N HIS EA 287 26.13 32.35 18.47
CA HIS EA 287 27.12 33.42 18.60
C HIS EA 287 27.93 33.57 17.31
N GLN EA 288 28.35 32.43 16.76
CA GLN EA 288 29.04 32.40 15.48
C GLN EA 288 28.19 32.98 14.37
N SER EA 289 26.90 32.63 14.34
CA SER EA 289 25.99 33.15 13.33
C SER EA 289 25.80 34.65 13.48
N ASP EA 290 25.77 35.14 14.72
CA ASP EA 290 25.68 36.57 14.99
C ASP EA 290 26.86 37.32 14.39
N ARG EA 291 28.07 36.85 14.69
CA ARG EA 291 29.24 37.60 14.24
C ARG EA 291 29.42 37.49 12.73
N VAL EA 292 29.05 36.37 12.14
CA VAL EA 292 29.18 36.23 10.69
C VAL EA 292 28.14 37.07 9.97
N PHE EA 293 26.92 37.14 10.51
CA PHE EA 293 25.90 37.96 9.87
C PHE EA 293 26.21 39.44 9.97
N GLN EA 294 26.79 39.86 11.11
CA GLN EA 294 27.21 41.25 11.23
C GLN EA 294 28.33 41.57 10.25
N GLU EA 295 29.33 40.70 10.18
CA GLU EA 295 30.41 40.93 9.23
C GLU EA 295 29.97 40.73 7.78
N PHE EA 296 28.80 40.15 7.55
CA PHE EA 296 28.25 40.16 6.21
C PHE EA 296 27.51 41.44 5.92
N THR EA 297 26.88 42.02 6.92
CA THR EA 297 26.22 43.29 6.61
C THR EA 297 27.21 44.45 6.59
N GLU EA 298 28.48 44.26 6.95
CA GLU EA 298 29.45 45.32 6.64
C GLU EA 298 30.17 45.14 5.29
N LEU EA 299 29.80 44.15 4.46
CA LEU EA 299 30.40 44.18 3.13
C LEU EA 299 29.67 45.17 2.22
N PRO EA 300 30.40 45.86 1.33
CA PRO EA 300 29.81 47.03 0.66
C PRO EA 300 28.76 46.70 -0.38
N GLY EA 301 28.70 45.46 -0.86
CA GLY EA 301 27.76 45.14 -1.91
C GLY EA 301 26.44 44.62 -1.40
N ARG EA 302 26.50 43.78 -0.37
CA ARG EA 302 25.33 43.12 0.17
C ARG EA 302 24.71 43.90 1.31
N LYS EA 303 24.80 45.22 1.26
CA LYS EA 303 24.36 46.08 2.35
C LYS EA 303 22.96 46.59 1.99
N TYR EA 304 21.96 45.74 2.27
CA TYR EA 304 20.54 46.04 2.19
C TYR EA 304 20.05 46.54 0.83
N ARG EA 305 19.83 45.61 -0.11
CA ARG EA 305 19.14 45.86 -1.37
C ARG EA 305 19.91 46.84 -2.23
N ALA EA 306 20.98 46.34 -2.84
CA ALA EA 306 21.96 47.09 -3.62
C ALA EA 306 21.42 48.00 -4.71
N GLY EA 307 20.14 47.86 -5.07
CA GLY EA 307 19.43 48.90 -5.79
C GLY EA 307 19.21 50.19 -5.00
N TYR EA 308 19.50 50.20 -3.69
CA TYR EA 308 19.51 51.47 -2.96
C TYR EA 308 20.69 51.55 -2.01
N ASN EA 309 21.79 50.87 -2.33
CA ASN EA 309 22.96 50.84 -1.46
C ASN EA 309 23.68 52.18 -1.53
N GLU EA 310 23.73 52.89 -0.40
CA GLU EA 310 24.43 54.17 -0.35
C GLU EA 310 25.93 53.96 -0.47
N ASP EA 311 26.59 54.96 -1.10
CA ASP EA 311 28.00 54.95 -1.50
C ASP EA 311 28.34 53.81 -2.45
N VAL EA 312 27.33 53.26 -3.13
CA VAL EA 312 27.50 52.47 -4.33
C VAL EA 312 26.61 53.16 -5.35
N GLY EA 313 25.59 53.84 -4.85
CA GLY EA 313 24.66 54.60 -5.65
C GLY EA 313 23.44 54.96 -4.82
N ASP EA 314 22.29 55.06 -5.49
CA ASP EA 314 22.18 55.06 -6.95
C ASP EA 314 21.78 56.45 -7.41
N LYS EA 315 22.21 57.44 -6.63
CA LYS EA 315 22.04 58.86 -6.91
C LYS EA 315 20.57 59.26 -7.02
N TRP EA 316 19.69 58.47 -6.39
CA TRP EA 316 18.26 58.78 -6.40
C TRP EA 316 17.70 58.33 -5.05
N ILE EA 317 17.69 59.26 -4.10
CA ILE EA 317 16.95 59.11 -2.86
C ILE EA 317 16.11 60.37 -2.72
N TRP EA 318 16.00 61.11 -3.82
CA TRP EA 318 15.05 62.21 -4.03
C TRP EA 318 15.26 63.35 -3.02
N LEU EA 319 16.42 64.00 -3.17
CA LEU EA 319 16.87 65.12 -2.34
C LEU EA 319 16.96 64.73 -0.85
N PRO FA 1 -23.13 43.59 10.94
CA PRO FA 1 -23.89 44.78 10.57
C PRO FA 1 -25.09 44.43 9.72
N PHE FA 2 -26.01 45.37 9.60
CA PHE FA 2 -27.19 45.22 8.78
C PHE FA 2 -27.29 46.43 7.88
N PHE FA 3 -27.12 46.22 6.58
CA PHE FA 3 -27.04 47.33 5.65
C PHE FA 3 -28.28 47.37 4.77
N ASP FA 4 -28.74 48.59 4.48
CA ASP FA 4 -29.93 48.82 3.68
C ASP FA 4 -29.61 49.75 2.52
N VAL FA 5 -28.54 49.40 1.81
CA VAL FA 5 -28.30 49.99 0.50
C VAL FA 5 -29.44 49.62 -0.44
N GLN FA 6 -30.04 48.44 -0.21
CA GLN FA 6 -31.40 48.10 -0.64
C GLN FA 6 -32.39 49.24 -0.52
N LYS FA 7 -32.50 49.82 0.67
CA LYS FA 7 -33.44 50.93 0.87
C LYS FA 7 -32.90 52.22 0.27
N LYS FA 8 -31.58 52.41 0.30
CA LYS FA 8 -31.00 53.70 -0.06
C LYS FA 8 -31.03 53.94 -1.56
N LEU FA 9 -30.69 52.91 -2.35
CA LEU FA 9 -30.59 53.08 -3.79
C LEU FA 9 -31.94 53.17 -4.50
N GLY FA 10 -33.06 53.17 -3.77
CA GLY FA 10 -34.34 53.42 -4.38
C GLY FA 10 -34.90 52.27 -5.18
N VAL FA 11 -34.38 51.07 -5.01
CA VAL FA 11 -34.87 49.89 -5.70
C VAL FA 11 -35.28 48.87 -4.64
N ASP FA 12 -36.55 48.44 -4.68
CA ASP FA 12 -37.01 47.31 -3.86
C ASP FA 12 -36.86 46.04 -4.68
N LEU FA 13 -35.62 45.59 -4.77
CA LEU FA 13 -35.30 44.37 -5.48
C LEU FA 13 -35.47 43.13 -4.62
N ASP FA 14 -35.76 43.27 -3.34
CA ASP FA 14 -35.91 42.11 -2.47
C ASP FA 14 -37.23 42.14 -1.71
N HIS FA 15 -37.73 43.34 -1.43
CA HIS FA 15 -38.76 43.45 -0.42
C HIS FA 15 -40.16 43.12 -0.93
N TRP FA 16 -40.33 42.85 -2.23
CA TRP FA 16 -41.61 42.36 -2.68
C TRP FA 16 -41.84 40.91 -2.26
N MET FA 17 -40.76 40.14 -2.11
CA MET FA 17 -40.74 38.74 -1.71
C MET FA 17 -41.17 38.49 -0.28
N THR FA 18 -41.57 39.52 0.45
CA THR FA 18 -41.42 39.49 1.89
C THR FA 18 -42.70 39.11 2.64
N ILE FA 19 -43.75 39.91 2.52
CA ILE FA 19 -44.94 39.72 3.33
C ILE FA 19 -46.14 39.69 2.39
N GLN FA 20 -47.20 39.01 2.83
CA GLN FA 20 -48.54 39.22 2.31
C GLN FA 20 -48.94 40.68 2.48
N SER FA 21 -49.97 41.07 1.70
CA SER FA 21 -50.52 42.40 1.44
C SER FA 21 -49.62 43.21 0.51
N ALA FA 22 -48.45 42.69 0.15
CA ALA FA 22 -47.79 43.16 -1.06
C ALA FA 22 -48.55 42.62 -2.26
N GLU FA 23 -48.40 43.29 -3.40
CA GLU FA 23 -49.28 43.00 -4.52
C GLU FA 23 -48.86 41.72 -5.22
N GLN FA 24 -49.75 40.73 -5.19
CA GLN FA 24 -49.59 39.41 -5.80
C GLN FA 24 -49.57 39.54 -7.34
N PRO FA 25 -49.20 38.47 -8.07
CA PRO FA 25 -49.16 38.60 -9.55
C PRO FA 25 -50.51 38.93 -10.18
N HIS FA 26 -51.57 38.29 -9.72
CA HIS FA 26 -52.91 38.81 -9.93
C HIS FA 26 -53.43 39.22 -8.57
N ARG FA 27 -54.24 40.28 -8.54
CA ARG FA 27 -54.54 40.94 -7.27
C ARG FA 27 -55.51 40.08 -6.49
N ILE FA 28 -54.95 39.08 -5.80
CA ILE FA 28 -55.70 38.06 -5.10
C ILE FA 28 -55.31 38.11 -3.63
N PRO FA 29 -56.18 37.76 -2.71
CA PRO FA 29 -55.81 37.82 -1.30
C PRO FA 29 -55.08 36.56 -0.88
N ALA FA 30 -54.35 36.70 0.21
CA ALA FA 30 -53.88 35.55 0.95
C ALA FA 30 -55.00 35.10 1.90
N ARG FA 31 -54.70 34.16 2.78
CA ARG FA 31 -55.75 33.69 3.68
C ARG FA 31 -55.97 34.65 4.83
N CYS FA 32 -54.89 35.23 5.35
CA CYS FA 32 -54.98 36.08 6.53
C CYS FA 32 -54.50 37.50 6.20
N HIS FA 33 -55.01 38.05 5.10
CA HIS FA 33 -54.64 39.39 4.65
C HIS FA 33 -54.98 40.45 5.68
N ALA FA 34 -56.26 40.49 6.07
CA ALA FA 34 -56.76 41.55 6.94
C ALA FA 34 -56.13 41.51 8.32
N PHE FA 35 -55.71 40.33 8.77
CA PHE FA 35 -55.10 40.24 10.08
C PHE FA 35 -53.69 40.78 10.09
N GLU FA 36 -52.93 40.55 9.01
CA GLU FA 36 -51.64 41.21 8.89
C GLU FA 36 -51.80 42.71 8.78
N LYS FA 37 -52.84 43.16 8.07
CA LYS FA 37 -53.12 44.58 7.98
C LYS FA 37 -53.39 45.16 9.36
N GLU FA 38 -54.15 44.44 10.18
CA GLU FA 38 -54.39 44.78 11.58
C GLU FA 38 -53.08 44.90 12.36
N TRP FA 39 -52.22 43.90 12.24
CA TRP FA 39 -51.05 43.86 13.11
C TRP FA 39 -50.01 44.90 12.70
N ILE FA 40 -49.86 45.15 11.41
CA ILE FA 40 -48.95 46.21 10.97
C ILE FA 40 -49.49 47.58 11.32
N GLU FA 41 -50.78 47.81 11.10
CA GLU FA 41 -51.36 49.10 11.49
C GLU FA 41 -51.47 49.28 12.99
N CYS FA 42 -51.30 48.22 13.78
CA CYS FA 42 -51.01 48.44 15.18
C CYS FA 42 -49.55 48.77 15.40
N ALA FA 43 -48.65 48.16 14.63
CA ALA FA 43 -47.22 48.24 14.98
C ALA FA 43 -46.35 48.81 13.88
N HIS FA 44 -46.75 49.94 13.30
CA HIS FA 44 -45.97 50.52 12.20
C HIS FA 44 -44.86 51.45 12.67
N GLY FA 45 -45.19 52.52 13.37
CA GLY FA 45 -44.19 53.44 13.86
C GLY FA 45 -43.76 53.13 15.28
N ILE FA 46 -43.43 51.86 15.54
CA ILE FA 46 -43.26 51.33 16.88
C ILE FA 46 -41.91 50.64 16.94
N GLY FA 47 -41.23 50.74 18.08
CA GLY FA 47 -39.89 50.21 18.20
C GLY FA 47 -39.74 48.83 18.81
N SER FA 48 -40.64 47.90 18.47
CA SER FA 48 -40.51 46.46 18.68
C SER FA 48 -40.39 46.03 20.13
N ILE FA 49 -40.66 46.92 21.08
CA ILE FA 49 -40.70 46.56 22.50
C ILE FA 49 -42.04 46.93 23.11
N ARG FA 50 -42.53 48.14 22.86
CA ARG FA 50 -43.93 48.38 23.16
C ARG FA 50 -44.84 47.75 22.12
N ALA FA 51 -44.28 47.29 20.99
CA ALA FA 51 -44.99 46.33 20.16
C ALA FA 51 -45.24 45.03 20.91
N GLU FA 52 -44.23 44.56 21.66
CA GLU FA 52 -44.45 43.41 22.52
C GLU FA 52 -45.42 43.73 23.65
N LYS FA 53 -45.41 44.96 24.15
CA LYS FA 53 -46.27 45.28 25.28
C LYS FA 53 -47.73 45.39 24.87
N GLU FA 54 -48.02 46.13 23.80
CA GLU FA 54 -49.33 46.72 23.62
C GLU FA 54 -50.09 46.23 22.41
N CYS FA 55 -49.42 45.80 21.35
CA CYS FA 55 -50.09 45.19 20.21
C CYS FA 55 -50.19 43.69 20.34
N LYS FA 56 -50.24 43.18 21.57
CA LYS FA 56 -50.13 41.75 21.82
C LYS FA 56 -51.40 41.01 21.46
N ILE FA 57 -52.55 41.67 21.65
CA ILE FA 57 -53.85 41.06 21.38
C ILE FA 57 -54.02 40.80 19.90
N GLU FA 58 -53.76 41.80 19.07
CA GLU FA 58 -53.98 41.64 17.64
C GLU FA 58 -52.92 40.77 17.01
N PHE FA 59 -51.73 40.71 17.62
CA PHE FA 59 -50.74 39.74 17.18
C PHE FA 59 -51.19 38.31 17.48
N GLU FA 60 -51.81 38.11 18.65
CA GLU FA 60 -52.36 36.79 18.94
C GLU FA 60 -53.52 36.46 18.02
N ASP FA 61 -54.29 37.46 17.62
CA ASP FA 61 -55.37 37.26 16.66
C ASP FA 61 -54.82 36.82 15.31
N PHE FA 62 -53.68 37.39 14.92
CA PHE FA 62 -53.05 36.96 13.67
C PHE FA 62 -52.50 35.55 13.77
N ARG FA 63 -51.87 35.21 14.89
CA ARG FA 63 -51.33 33.86 15.05
C ARG FA 63 -52.44 32.82 15.04
N GLU FA 64 -53.58 33.16 15.62
CA GLU FA 64 -54.71 32.25 15.57
C GLU FA 64 -55.48 32.32 14.26
N CYS FA 65 -55.22 33.32 13.42
CA CYS FA 65 -55.67 33.20 12.04
C CYS FA 65 -54.82 32.19 11.30
N LEU FA 66 -53.51 32.24 11.51
CA LEU FA 66 -52.59 31.41 10.74
C LEU FA 66 -52.71 29.95 11.13
N LEU FA 67 -52.74 29.67 12.43
CA LEU FA 67 -52.76 28.28 12.85
C LEU FA 67 -54.15 27.74 13.11
N ARG FA 68 -55.06 28.59 13.60
CA ARG FA 68 -56.39 28.20 14.11
C ARG FA 68 -56.26 27.09 15.15
N GLN FA 69 -55.30 27.25 16.04
CA GLN FA 69 -55.00 26.19 16.99
C GLN FA 69 -56.07 26.07 18.06
N LYS FA 70 -56.55 27.20 18.59
CA LYS FA 70 -57.63 27.15 19.56
C LYS FA 70 -58.94 26.69 18.94
N THR FA 71 -59.15 27.01 17.67
CA THR FA 71 -60.37 26.58 17.02
C THR FA 71 -60.38 25.08 16.82
N MET FA 72 -59.23 24.51 16.46
CA MET FA 72 -59.13 23.06 16.37
C MET FA 72 -59.17 22.41 17.74
N LYS FA 73 -58.69 23.09 18.77
CA LYS FA 73 -58.85 22.62 20.14
C LYS FA 73 -60.33 22.48 20.48
N ARG FA 74 -61.10 23.52 20.16
CA ARG FA 74 -62.53 23.54 20.44
C ARG FA 74 -63.25 22.46 19.64
N LEU FA 75 -62.92 22.35 18.35
CA LEU FA 75 -63.60 21.40 17.49
C LEU FA 75 -63.23 19.96 17.84
N ASN FA 76 -61.99 19.73 18.29
CA ASN FA 76 -61.61 18.39 18.70
C ASN FA 76 -62.31 18.00 19.99
N ALA FA 77 -62.45 18.97 20.91
CA ALA FA 77 -63.19 18.72 22.13
C ALA FA 77 -64.65 18.38 21.83
N ILE FA 78 -65.24 19.09 20.88
CA ILE FA 78 -66.63 18.84 20.51
C ILE FA 78 -66.79 17.48 19.85
N LYS FA 79 -65.85 17.10 18.97
CA LYS FA 79 -65.96 15.78 18.34
C LYS FA 79 -65.74 14.65 19.32
N ARG FA 80 -64.83 14.81 20.28
CA ARG FA 80 -64.61 13.73 21.22
C ARG FA 80 -65.76 13.60 22.20
N GLN FA 81 -66.40 14.71 22.56
CA GLN FA 81 -67.59 14.61 23.41
C GLN FA 81 -68.76 14.03 22.64
N ARG FA 82 -68.88 14.36 21.35
CA ARG FA 82 -69.90 13.75 20.51
C ARG FA 82 -69.71 12.25 20.42
N ASP FA 83 -68.46 11.81 20.22
CA ASP FA 83 -68.18 10.39 20.09
C ASP FA 83 -68.43 9.64 21.40
N LYS FA 84 -68.08 10.24 22.54
CA LYS FA 84 -68.35 9.54 23.79
C LYS FA 84 -69.85 9.49 24.10
N LEU FA 85 -70.62 10.50 23.72
CA LEU FA 85 -72.04 10.36 24.01
C LEU FA 85 -72.77 9.53 22.95
N ILE FA 86 -72.19 9.34 21.76
CA ILE FA 86 -72.84 8.43 20.82
C ILE FA 86 -72.44 6.99 21.13
N LYS FA 87 -71.26 6.77 21.73
CA LYS FA 87 -70.94 5.46 22.27
C LYS FA 87 -71.81 5.15 23.48
N GLU FA 88 -72.12 6.18 24.27
CA GLU FA 88 -73.07 6.10 25.37
C GLU FA 88 -74.45 5.67 24.88
N GLY FA 89 -75.08 6.50 24.06
CA GLY FA 89 -76.40 6.19 23.57
C GLY FA 89 -77.45 7.17 24.06
N LYS FA 90 -77.00 8.30 24.61
CA LYS FA 90 -77.91 9.34 25.06
C LYS FA 90 -78.10 10.36 23.95
N TYR FA 91 -79.32 10.42 23.42
CA TYR FA 91 -79.81 11.39 22.44
C TYR FA 91 -78.86 11.57 21.25
N THR FA 92 -78.73 10.47 20.50
CA THR FA 92 -77.99 10.44 19.25
C THR FA 92 -78.60 11.42 18.26
N PRO FA 93 -77.89 12.48 17.89
CA PRO FA 93 -78.52 13.56 17.12
C PRO FA 93 -78.53 13.26 15.63
N PRO FA 94 -79.67 13.40 14.98
CA PRO FA 94 -79.72 13.29 13.51
C PRO FA 94 -79.82 14.59 12.72
N PRO FA 95 -79.57 15.83 13.25
CA PRO FA 95 -80.06 17.00 12.50
C PRO FA 95 -79.28 17.33 11.23
N HIS FA 96 -78.07 16.81 11.06
CA HIS FA 96 -77.42 16.85 9.77
C HIS FA 96 -78.12 15.88 8.83
N HIS FA 97 -78.37 16.32 7.59
CA HIS FA 97 -78.94 15.55 6.49
C HIS FA 97 -80.41 15.14 6.74
N SER FA 98 -80.99 15.50 7.89
CA SER FA 98 -82.34 15.10 8.22
C SER FA 98 -82.91 16.11 9.19
N GLY FA 99 -84.05 15.77 9.78
CA GLY FA 99 -84.61 16.58 10.85
C GLY FA 99 -83.79 16.43 12.11
N ASN GA 10 -14.46 27.32 -44.91
CA ASN GA 10 -13.82 28.32 -44.07
C ASN GA 10 -14.08 28.06 -42.58
N VAL GA 11 -14.64 29.05 -41.89
CA VAL GA 11 -15.00 28.94 -40.48
C VAL GA 11 -16.26 28.08 -40.28
N TRP GA 12 -16.86 27.59 -41.37
CA TRP GA 12 -18.20 27.02 -41.34
C TRP GA 12 -18.24 25.59 -40.80
N ALA GA 13 -17.67 24.63 -41.53
CA ALA GA 13 -17.99 23.23 -41.32
C ALA GA 13 -16.91 22.46 -40.58
N LYS GA 14 -16.20 23.14 -39.68
CA LYS GA 14 -15.44 22.39 -38.69
C LYS GA 14 -16.39 21.66 -37.75
N GLU GA 15 -17.33 22.39 -37.16
CA GLU GA 15 -18.36 21.85 -36.26
C GLU GA 15 -19.66 22.60 -36.52
N PRO GA 16 -20.21 22.49 -37.75
CA PRO GA 16 -21.10 23.54 -38.26
C PRO GA 16 -22.45 23.65 -37.58
N VAL GA 17 -22.88 22.63 -36.84
CA VAL GA 17 -24.11 22.74 -36.10
C VAL GA 17 -23.97 23.78 -34.99
N LEU GA 18 -22.73 24.00 -34.52
CA LEU GA 18 -22.48 25.06 -33.56
C LEU GA 18 -22.68 26.43 -34.19
N VAL GA 19 -22.21 26.61 -35.42
CA VAL GA 19 -22.41 27.86 -36.14
C VAL GA 19 -23.89 28.10 -36.40
N ALA GA 20 -24.62 27.02 -36.70
CA ALA GA 20 -26.07 27.12 -36.87
C ALA GA 20 -26.74 27.55 -35.58
N SER GA 21 -26.28 27.00 -34.45
CA SER GA 21 -26.86 27.33 -33.15
C SER GA 21 -26.58 28.77 -32.77
N PHE GA 22 -25.33 29.22 -32.94
CA PHE GA 22 -25.00 30.62 -32.64
C PHE GA 22 -25.75 31.58 -33.55
N ALA GA 23 -26.00 31.19 -34.81
CA ALA GA 23 -26.70 32.08 -35.72
C ALA GA 23 -28.16 32.24 -35.33
N ILE GA 24 -28.86 31.11 -35.11
CA ILE GA 24 -30.28 31.23 -34.79
C ILE GA 24 -30.47 31.79 -33.38
N ALA GA 25 -29.50 31.56 -32.48
CA ALA GA 25 -29.55 32.19 -31.16
C ALA GA 25 -29.33 33.69 -31.24
N GLY GA 26 -28.40 34.13 -32.09
CA GLY GA 26 -28.13 35.56 -32.21
C GLY GA 26 -29.29 36.31 -32.83
N LEU GA 27 -29.95 35.71 -33.81
CA LEU GA 27 -31.13 36.38 -34.35
C LEU GA 27 -32.30 36.32 -33.36
N ALA GA 28 -32.32 35.30 -32.49
CA ALA GA 28 -33.30 35.29 -31.43
C ALA GA 28 -33.06 36.39 -30.40
N VAL GA 29 -31.81 36.78 -30.21
CA VAL GA 29 -31.52 37.90 -29.34
C VAL GA 29 -31.88 39.23 -30.02
N ILE GA 30 -31.47 39.37 -31.27
CA ILE GA 30 -31.59 40.66 -31.97
C ILE GA 30 -33.05 40.97 -32.28
N LEU GA 31 -33.83 39.95 -32.61
CA LEU GA 31 -35.16 40.16 -33.17
C LEU GA 31 -36.19 40.88 -32.28
N PRO GA 32 -36.21 40.78 -30.94
CA PRO GA 32 -37.15 41.61 -30.17
C PRO GA 32 -36.83 43.09 -30.14
N THR GA 33 -35.73 43.56 -30.72
CA THR GA 33 -35.52 45.00 -30.82
C THR GA 33 -36.52 45.62 -31.77
N LEU GA 34 -36.66 45.06 -32.96
CA LEU GA 34 -37.55 45.60 -33.97
C LEU GA 34 -38.70 44.64 -34.19
N SER GA 35 -39.93 45.13 -33.97
CA SER GA 35 -41.18 44.42 -34.21
C SER GA 35 -42.36 45.37 -34.11
N PRO GA 36 -43.39 45.18 -34.92
CA PRO GA 36 -44.63 45.97 -34.75
C PRO GA 36 -45.65 45.32 -33.83
N TYR GA 37 -45.35 44.15 -33.24
CA TYR GA 37 -46.31 43.38 -32.49
C TYR GA 37 -46.06 43.40 -30.98
N THR GA 38 -45.00 44.07 -30.53
CA THR GA 38 -44.63 44.00 -29.11
C THR GA 38 -45.64 44.73 -28.24
N LYS GA 39 -46.01 45.95 -28.63
CA LYS GA 39 -46.99 46.68 -27.85
C LYS GA 39 -48.39 46.08 -28.01
N TYR GA 40 -48.64 45.37 -29.12
CA TYR GA 40 -49.85 44.57 -29.23
C TYR GA 40 -49.86 43.48 -28.18
N SER GA 41 -48.71 42.81 -27.99
CA SER GA 41 -48.60 41.76 -26.98
C SER GA 41 -48.79 42.34 -25.59
N LEU GA 42 -48.25 43.53 -25.36
CA LEU GA 42 -48.41 44.24 -24.10
C LEU GA 42 -49.89 44.54 -23.81
N MET GA 43 -50.60 45.09 -24.80
CA MET GA 43 -51.98 45.50 -24.55
C MET GA 43 -52.92 44.30 -24.45
N ILE GA 44 -52.66 43.23 -25.20
CA ILE GA 44 -53.44 42.01 -25.05
C ILE GA 44 -53.20 41.41 -23.68
N ASN GA 45 -51.94 41.31 -23.28
CA ASN GA 45 -51.60 40.60 -22.07
C ASN GA 45 -51.83 41.45 -20.82
N ARG GA 46 -52.20 42.72 -20.98
CA ARG GA 46 -52.78 43.46 -19.88
C ARG GA 46 -54.30 43.42 -19.89
N ALA GA 47 -54.92 43.45 -21.07
CA ALA GA 47 -56.35 43.68 -21.20
C ALA GA 47 -57.20 42.45 -20.96
N THR GA 48 -56.63 41.33 -20.53
CA THR GA 48 -57.38 40.08 -20.36
C THR GA 48 -57.25 39.62 -18.90
N PRO GA 49 -58.18 40.01 -18.03
CA PRO GA 49 -58.06 39.67 -16.61
C PRO GA 49 -58.81 38.40 -16.22
N TYR GA 50 -58.16 37.61 -15.35
CA TYR GA 50 -58.86 36.54 -14.66
C TYR GA 50 -59.86 37.07 -13.66
N ASN GA 51 -59.61 38.27 -13.15
CA ASN GA 51 -60.22 38.75 -11.93
C ASN GA 51 -61.41 39.64 -12.26
N TYR GA 52 -61.93 40.29 -11.24
CA TYR GA 52 -63.22 40.95 -11.38
C TYR GA 52 -63.07 42.45 -11.45
N PRO GA 53 -63.72 43.11 -12.40
CA PRO GA 53 -63.78 44.58 -12.37
C PRO GA 53 -64.72 45.06 -11.29
N VAL GA 54 -64.13 45.56 -10.21
CA VAL GA 54 -64.82 46.00 -9.01
C VAL GA 54 -65.59 47.28 -9.35
N PRO GA 55 -66.71 47.55 -8.71
CA PRO GA 55 -67.30 48.88 -8.79
C PRO GA 55 -66.56 49.82 -7.85
N LEU GA 56 -66.96 51.09 -7.85
CA LEU GA 56 -66.41 52.05 -6.91
C LEU GA 56 -67.48 53.07 -6.58
N ARG GA 57 -67.14 53.98 -5.66
CA ARG GA 57 -68.10 54.90 -5.05
C ARG GA 57 -68.65 55.86 -6.09
N ASP GA 58 -69.88 56.34 -5.85
CA ASP GA 58 -70.85 56.80 -6.85
C ASP GA 58 -70.28 57.68 -7.95
N ASP GA 59 -69.79 58.86 -7.58
CA ASP GA 59 -68.55 59.52 -7.99
C ASP GA 59 -68.53 60.90 -7.35
N GLY GA 60 -67.44 61.64 -7.56
CA GLY GA 60 -67.48 63.07 -7.45
C GLY GA 60 -67.70 63.67 -8.83
N ASN GA 61 -68.59 63.05 -9.59
CA ASN GA 61 -68.81 63.30 -11.01
C ASN GA 61 -67.51 63.22 -11.81
N MET GA 62 -66.94 62.03 -11.81
CA MET GA 62 -65.73 61.80 -12.59
C MET GA 62 -66.12 61.67 -14.06
N PRO GA 63 -65.48 62.43 -14.96
CA PRO GA 63 -65.83 62.35 -16.39
C PRO GA 63 -65.15 61.21 -17.12
N ASP GA 64 -65.18 60.04 -16.51
CA ASP GA 64 -64.62 58.78 -16.97
C ASP GA 64 -65.56 57.69 -16.47
N VAL GA 65 -65.06 56.45 -16.44
CA VAL GA 65 -65.50 55.29 -15.66
C VAL GA 65 -67.02 55.11 -15.68
N PRO GA 66 -67.57 54.60 -16.78
CA PRO GA 66 -69.01 54.76 -17.05
C PRO GA 66 -69.92 53.97 -16.12
N SER GA 67 -71.22 54.21 -16.27
CA SER GA 67 -72.25 53.61 -15.41
C SER GA 67 -72.88 52.38 -16.02
N HIS GA 68 -73.04 52.33 -17.30
CA HIS GA 68 -73.46 51.10 -17.93
C HIS GA 68 -72.27 50.52 -18.67
N PRO GA 69 -72.06 49.21 -18.63
CA PRO GA 69 -71.03 48.60 -19.48
C PRO GA 69 -71.27 48.75 -20.98
N GLN GA 70 -72.46 49.16 -21.42
CA GLN GA 70 -72.67 49.45 -22.83
C GLN GA 70 -72.15 50.84 -23.20
N ASP GA 71 -72.11 51.77 -22.24
CA ASP GA 71 -71.67 53.15 -22.46
C ASP GA 71 -70.23 53.22 -22.93
N PRO GA 72 -69.94 53.81 -24.10
CA PRO GA 72 -68.57 53.78 -24.63
C PRO GA 72 -67.63 54.83 -24.06
N GLN GA 73 -67.93 55.40 -22.89
CA GLN GA 73 -67.03 56.35 -22.26
C GLN GA 73 -65.74 55.68 -21.78
N GLY GA 74 -65.78 54.40 -21.46
CA GLY GA 74 -64.67 53.73 -20.84
C GLY GA 74 -63.68 53.12 -21.82
N PRO GA 75 -62.49 52.75 -21.31
CA PRO GA 75 -61.47 52.10 -22.16
C PRO GA 75 -61.78 50.61 -22.35
N SER GA 76 -62.23 50.27 -23.54
CA SER GA 76 -62.59 48.90 -23.88
C SER GA 76 -61.52 48.29 -24.78
N LEU GA 77 -61.76 47.06 -25.22
CA LEU GA 77 -60.92 46.40 -26.20
C LEU GA 77 -61.70 46.31 -27.51
N GLU GA 78 -61.11 46.78 -28.59
CA GLU GA 78 -61.78 46.88 -29.88
C GLU GA 78 -60.93 46.41 -31.04
N TRP GA 79 -59.61 46.42 -30.92
CA TRP GA 79 -58.70 46.10 -32.00
C TRP GA 79 -58.57 44.61 -32.27
N LEU GA 80 -59.27 43.76 -31.52
CA LEU GA 80 -59.15 42.33 -31.74
C LEU GA 80 -59.86 41.94 -33.02
N LYS GA 81 -61.13 42.26 -33.09
CA LYS GA 81 -61.92 42.04 -34.29
C LYS GA 81 -61.58 43.04 -35.39
N ARG GA 82 -60.84 44.10 -35.05
CA ARG GA 82 -60.30 45.06 -36.01
C ARG GA 82 -58.86 44.71 -36.37
N LEU GA 83 -58.58 43.42 -36.56
CA LEU GA 83 -57.25 42.85 -36.85
C LEU GA 83 -56.34 43.06 -35.65
N SER HA 11 75.60 43.13 63.62
CA SER HA 11 75.28 43.32 65.03
C SER HA 11 76.10 42.38 65.90
N LYS HA 12 76.92 42.94 66.77
CA LYS HA 12 77.67 42.16 67.73
C LYS HA 12 76.74 41.65 68.83
N MET HA 13 77.02 40.44 69.29
CA MET HA 13 76.22 39.82 70.35
C MET HA 13 77.09 39.24 71.45
N GLU HA 14 78.33 38.86 71.14
CA GLU HA 14 79.40 38.33 71.99
C GLU HA 14 79.14 36.91 72.49
N LEU HA 15 77.90 36.39 72.33
CA LEU HA 15 77.45 35.05 72.68
C LEU HA 15 77.93 34.59 74.04
N PRO HA 16 77.35 35.08 75.14
CA PRO HA 16 77.82 34.70 76.48
C PRO HA 16 77.75 33.20 76.70
N ASP HA 17 78.93 32.62 76.92
CA ASP HA 17 79.21 31.24 76.52
C ASP HA 17 78.49 30.22 77.39
N TYR HA 18 78.57 28.97 76.95
CA TYR HA 18 78.09 27.86 77.73
C TYR HA 18 79.06 27.57 78.86
N LYS HA 19 78.65 26.66 79.75
CA LYS HA 19 79.34 26.13 80.94
C LYS HA 19 79.79 27.22 81.92
N GLN HA 20 79.36 28.46 81.69
CA GLN HA 20 79.72 29.62 82.46
C GLN HA 20 78.97 29.65 83.77
N TRP HA 21 77.83 28.99 83.80
CA TRP HA 21 76.81 29.28 84.79
C TRP HA 21 77.15 28.68 86.15
N LYS HA 22 77.78 27.49 86.14
CA LYS HA 22 78.34 26.85 87.34
C LYS HA 22 77.24 26.67 88.39
N ILE HA 23 76.30 25.77 88.04
CA ILE HA 23 74.87 25.99 88.17
C ILE HA 23 74.38 26.47 89.53
N GLU HA 24 74.48 25.66 90.60
CA GLU HA 24 74.47 26.11 92.00
C GLU HA 24 73.17 26.80 92.47
N GLY HA 25 72.20 27.01 91.58
CA GLY HA 25 71.04 27.81 91.90
C GLY HA 25 70.07 27.06 92.79
N THR HA 26 69.20 27.83 93.46
CA THR HA 26 68.35 27.22 94.47
C THR HA 26 67.24 26.31 93.92
N PRO HA 27 66.41 26.71 92.93
CA PRO HA 27 65.35 25.78 92.53
C PRO HA 27 65.87 24.59 91.76
N LEU HA 28 66.84 24.84 90.87
CA LEU HA 28 67.46 23.78 90.12
C LEU HA 28 68.26 22.85 91.01
N GLU HA 29 68.83 23.40 92.08
CA GLU HA 29 69.57 22.58 93.03
C GLU HA 29 68.63 21.68 93.83
N THR HA 30 67.48 22.23 94.24
CA THR HA 30 66.50 21.41 94.95
C THR HA 30 65.93 20.32 94.08
N VAL HA 31 65.66 20.62 92.80
CA VAL HA 31 65.07 19.60 91.96
C VAL HA 31 66.11 18.54 91.59
N GLN HA 32 67.38 18.94 91.45
CA GLN HA 32 68.44 17.97 91.20
C GLN HA 32 68.64 17.04 92.40
N GLU HA 33 68.61 17.59 93.62
CA GLU HA 33 68.84 16.76 94.79
C GLU HA 33 67.65 15.84 95.06
N LYS HA 34 66.42 16.36 94.97
CA LYS HA 34 65.26 15.52 95.19
C LYS HA 34 65.12 14.46 94.11
N LEU HA 35 65.46 14.79 92.89
CA LEU HA 35 65.27 13.85 91.81
C LEU HA 35 66.45 12.91 91.65
N ALA HA 36 67.60 13.26 92.23
CA ALA HA 36 68.66 12.28 92.42
C ALA HA 36 68.31 11.32 93.56
N ALA HA 37 67.61 11.81 94.58
CA ALA HA 37 67.09 10.91 95.60
C ALA HA 37 66.03 9.98 95.03
N ARG HA 38 65.25 10.49 94.09
CA ARG HA 38 64.38 9.61 93.33
C ARG HA 38 65.19 8.65 92.47
N GLY HA 39 66.33 9.11 91.96
CA GLY HA 39 67.29 8.22 91.32
C GLY HA 39 67.32 8.29 89.82
N LEU HA 40 67.19 9.49 89.26
CA LEU HA 40 67.19 9.65 87.81
C LEU HA 40 68.31 10.54 87.30
N ARG HA 41 68.46 11.74 87.87
CA ARG HA 41 69.54 12.70 87.57
C ARG HA 41 69.56 13.15 86.12
N ASP HA 42 68.48 13.03 85.37
CA ASP HA 42 68.46 13.42 83.96
C ASP HA 42 67.41 14.49 83.72
N PRO HA 43 67.71 15.74 84.05
CA PRO HA 43 66.82 16.81 83.61
C PRO HA 43 67.23 17.26 82.23
N TRP HA 44 66.54 18.27 81.69
CA TRP HA 44 67.15 19.06 80.64
C TRP HA 44 68.45 19.67 81.14
N GLY HA 45 68.43 20.20 82.35
CA GLY HA 45 69.61 20.65 83.03
C GLY HA 45 69.66 22.13 83.29
N ARG HA 46 70.73 22.75 82.81
CA ARG HA 46 71.14 24.08 83.22
C ARG HA 46 70.68 25.13 82.24
N ASN HA 47 69.48 24.96 81.68
CA ASN HA 47 69.03 25.87 80.64
C ASN HA 47 68.67 27.25 81.20
N GLU HA 48 68.40 27.34 82.50
CA GLU HA 48 67.70 28.51 83.02
C GLU HA 48 68.44 29.14 84.19
N ALA HA 49 69.76 29.01 84.21
CA ALA HA 49 70.54 29.74 85.21
C ALA HA 49 70.49 31.23 84.95
N TRP HA 50 70.46 31.64 83.68
CA TRP HA 50 70.28 33.04 83.36
C TRP HA 50 68.88 33.53 83.70
N ARG HA 51 67.91 32.63 83.81
CA ARG HA 51 66.61 33.01 84.32
C ARG HA 51 66.56 33.01 85.84
N TYR HA 52 67.44 32.29 86.50
CA TYR HA 52 67.36 32.21 87.95
C TYR HA 52 68.36 33.07 88.69
N MET HA 53 69.38 33.62 88.03
CA MET HA 53 70.35 34.41 88.75
C MET HA 53 71.01 35.44 87.84
N GLY HA 54 71.79 36.30 88.47
CA GLY HA 54 72.40 37.45 87.83
C GLY HA 54 71.99 38.70 88.59
N GLY HA 55 71.36 39.66 87.89
CA GLY HA 55 70.56 40.67 88.56
C GLY HA 55 69.25 40.15 89.09
N PHE HA 56 68.95 38.89 88.79
CA PHE HA 56 67.87 38.07 89.31
C PHE HA 56 68.34 37.50 90.64
N ALA HA 57 67.70 36.42 91.14
CA ALA HA 57 68.08 35.74 92.38
C ALA HA 57 67.95 36.64 93.61
N ASN HA 58 66.72 36.71 94.14
CA ASN HA 58 66.13 37.69 95.05
C ASN HA 58 65.84 38.98 94.31
N ASN HA 59 65.05 38.85 93.25
CA ASN HA 59 64.07 39.88 92.91
C ASN HA 59 63.09 40.00 94.07
N VAL HA 60 62.51 41.19 94.22
CA VAL HA 60 61.92 41.62 95.48
C VAL HA 60 60.66 40.82 95.80
N SER HA 61 60.41 40.62 97.09
CA SER HA 61 59.28 39.85 97.57
C SER HA 61 58.06 40.75 97.65
N PHE HA 62 57.04 40.30 98.41
CA PHE HA 62 55.69 40.85 98.34
C PHE HA 62 55.65 42.31 98.80
N VAL HA 63 55.98 42.55 100.07
CA VAL HA 63 55.78 43.87 100.63
C VAL HA 63 56.77 44.88 100.10
N GLY HA 64 57.92 44.45 99.58
CA GLY HA 64 58.81 45.38 98.91
C GLY HA 64 58.27 45.79 97.56
N ALA HA 65 57.65 44.86 96.85
CA ALA HA 65 57.06 45.15 95.55
C ALA HA 65 55.87 46.09 95.69
N LEU HA 66 54.96 45.78 96.61
CA LEU HA 66 53.82 46.65 96.85
C LEU HA 66 54.23 47.95 97.53
N LEU HA 67 55.36 47.98 98.21
CA LEU HA 67 55.77 49.13 99.01
C LEU HA 67 57.16 49.59 98.63
N LYS HA 68 57.41 49.75 97.33
CA LYS HA 68 58.66 50.34 96.89
C LYS HA 68 58.75 51.84 97.19
N GLY HA 69 57.65 52.49 97.58
CA GLY HA 69 57.64 53.93 97.71
C GLY HA 69 58.26 54.51 98.97
N PHE HA 70 58.14 53.83 100.11
CA PHE HA 70 58.45 54.50 101.38
C PHE HA 70 59.94 54.62 101.67
N LYS HA 71 60.81 54.17 100.77
CA LYS HA 71 62.24 54.34 100.98
C LYS HA 71 62.71 55.77 100.77
N TRP HA 72 61.85 56.65 100.27
CA TRP HA 72 62.16 58.06 100.21
C TRP HA 72 61.02 58.95 100.65
N GLY HA 73 59.79 58.43 100.75
CA GLY HA 73 58.65 59.27 101.07
C GLY HA 73 58.51 59.67 102.52
N PHE HA 74 59.08 58.88 103.45
CA PHE HA 74 58.95 59.18 104.87
C PHE HA 74 59.64 60.50 105.23
N ALA HA 75 60.80 60.77 104.63
CA ALA HA 75 61.49 62.01 104.92
C ALA HA 75 60.73 63.21 104.37
N ALA HA 76 60.07 63.04 103.23
CA ALA HA 76 59.21 64.09 102.71
C ALA HA 76 58.01 64.33 103.61
N PHE HA 77 57.48 63.25 104.21
CA PHE HA 77 56.41 63.44 105.18
C PHE HA 77 56.90 64.08 106.45
N VAL HA 78 58.17 63.85 106.81
CA VAL HA 78 58.77 64.55 107.93
C VAL HA 78 58.87 66.04 107.65
N VAL HA 79 59.20 66.40 106.40
CA VAL HA 79 59.18 67.80 105.98
C VAL HA 79 57.77 68.36 106.05
N ALA HA 80 56.77 67.56 105.67
CA ALA HA 80 55.38 68.00 105.73
C ALA HA 80 54.91 68.20 107.16
N VAL HA 81 55.38 67.37 108.09
CA VAL HA 81 55.16 67.61 109.51
C VAL HA 81 55.86 68.90 109.93
N GLY HA 82 57.04 69.15 109.37
CA GLY HA 82 57.78 70.37 109.63
C GLY HA 82 57.10 71.63 109.12
N ALA HA 83 56.20 71.49 108.16
CA ALA HA 83 55.38 72.63 107.74
C ALA HA 83 54.33 72.94 108.82
N MET IA 2 -27.40 51.40 20.75
CA MET IA 2 -28.31 52.42 20.26
C MET IA 2 -28.60 52.04 18.80
N THR IA 3 -29.68 52.56 18.23
CA THR IA 3 -30.05 52.25 16.85
C THR IA 3 -30.68 53.48 16.22
N GLY IA 4 -30.30 53.77 14.98
CA GLY IA 4 -30.71 54.95 14.23
C GLY IA 4 -32.20 55.29 14.22
N ARG IA 5 -32.68 56.55 14.27
CA ARG IA 5 -32.00 57.89 14.25
C ARG IA 5 -31.17 58.04 12.98
N GLN IA 6 -31.89 58.18 11.86
CA GLN IA 6 -31.40 57.96 10.49
C GLN IA 6 -30.96 56.51 10.35
N ALA IA 7 -31.91 55.62 10.63
CA ALA IA 7 -31.91 54.28 10.05
C ALA IA 7 -32.78 54.25 8.80
N ARG IA 8 -32.56 55.26 7.94
CA ARG IA 8 -33.25 55.39 6.67
C ARG IA 8 -32.24 55.45 5.53
N ALA IA 9 -31.20 56.28 5.69
CA ALA IA 9 -30.00 56.25 4.86
C ALA IA 9 -28.88 55.72 5.74
N PRO IA 10 -28.67 54.40 5.78
CA PRO IA 10 -27.68 53.86 6.73
C PRO IA 10 -26.25 54.14 6.32
N LEU IA 11 -25.99 54.18 5.02
CA LEU IA 11 -24.65 54.47 4.54
C LEU IA 11 -24.33 55.95 4.54
N GLN IA 12 -25.25 56.80 4.99
CA GLN IA 12 -25.01 58.23 5.03
C GLN IA 12 -23.97 58.51 6.10
N PHE IA 13 -22.73 58.68 5.67
CA PHE IA 13 -21.62 58.73 6.61
C PHE IA 13 -21.58 60.04 7.37
N LEU IA 14 -22.13 61.08 6.79
CA LEU IA 14 -22.36 62.30 7.53
C LEU IA 14 -23.66 62.91 6.99
N PRO IA 15 -24.67 63.03 7.83
CA PRO IA 15 -25.95 63.54 7.34
C PRO IA 15 -25.98 65.04 7.19
N ASP IA 16 -27.15 65.56 6.88
CA ASP IA 16 -27.36 67.00 6.79
C ASP IA 16 -27.24 67.65 8.16
N GLU IA 17 -27.49 66.89 9.23
CA GLU IA 17 -27.37 67.38 10.59
C GLU IA 17 -25.94 67.50 11.06
N ALA IA 18 -24.95 67.06 10.28
CA ALA IA 18 -23.53 67.18 10.61
C ALA IA 18 -22.93 68.47 10.10
N ARG IA 19 -23.76 69.45 9.80
CA ARG IA 19 -23.33 70.71 9.23
C ARG IA 19 -23.64 71.86 10.19
N SER IA 20 -23.61 71.56 11.48
CA SER IA 20 -24.06 72.47 12.53
C SER IA 20 -23.04 72.57 13.65
N LEU IA 21 -22.28 71.54 13.82
CA LEU IA 21 -21.22 71.48 14.81
C LEU IA 21 -19.90 71.91 14.17
N PRO IA 22 -18.92 72.34 14.95
CA PRO IA 22 -17.65 72.77 14.35
C PRO IA 22 -16.86 71.60 13.81
N PRO IA 23 -16.18 71.79 12.68
CA PRO IA 23 -15.34 70.74 12.12
C PRO IA 23 -14.04 70.61 12.91
N PRO IA 24 -13.30 69.51 12.75
CA PRO IA 24 -12.03 69.37 13.49
C PRO IA 24 -10.99 70.35 12.99
N LYS IA 25 -10.38 71.07 13.91
CA LYS IA 25 -9.57 72.23 13.58
C LYS IA 25 -8.19 71.79 13.11
N LEU IA 26 -7.39 72.76 12.71
CA LEU IA 26 -6.02 72.48 12.34
C LEU IA 26 -5.22 72.19 13.60
N THR IA 27 -4.17 71.39 13.43
CA THR IA 27 -3.25 70.83 14.45
C THR IA 27 -3.93 70.41 15.76
N ASP IA 28 -5.10 69.80 15.65
CA ASP IA 28 -5.70 69.11 16.78
C ASP IA 28 -4.82 67.91 17.15
N PRO IA 29 -4.75 67.55 18.45
CA PRO IA 29 -3.74 66.56 18.85
C PRO IA 29 -4.01 65.16 18.32
N ARG IA 30 -5.27 64.81 18.07
CA ARG IA 30 -5.54 63.46 17.59
C ARG IA 30 -5.12 63.30 16.12
N LEU IA 31 -5.40 64.30 15.29
CA LEU IA 31 -4.95 64.22 13.90
C LEU IA 31 -3.44 64.38 13.80
N ALA IA 32 -2.84 65.06 14.77
CA ALA IA 32 -1.39 65.08 14.86
C ALA IA 32 -0.83 63.70 15.15
N TYR IA 33 -1.49 62.95 16.06
CA TYR IA 33 -1.05 61.59 16.34
C TYR IA 33 -1.27 60.68 15.14
N ILE IA 34 -2.32 60.93 14.37
CA ILE IA 34 -2.56 60.19 13.14
C ILE IA 34 -1.42 60.40 12.15
N GLY IA 35 -1.01 61.66 11.97
CA GLY IA 35 0.11 61.95 11.10
C GLY IA 35 1.41 61.35 11.61
N PHE IA 36 1.58 61.29 12.92
CA PHE IA 36 2.75 60.64 13.49
C PHE IA 36 2.73 59.14 13.22
N LEU IA 37 1.54 58.55 13.25
CA LEU IA 37 1.44 57.13 12.95
C LEU IA 37 1.71 56.86 11.49
N GLY IA 38 1.32 57.79 10.61
CA GLY IA 38 1.64 57.64 9.21
C GLY IA 38 3.14 57.74 8.95
N TYR IA 39 3.80 58.65 9.66
CA TYR IA 39 5.24 58.76 9.58
C TYR IA 39 5.94 57.50 10.07
N CYS IA 40 5.46 56.92 11.17
CA CYS IA 40 6.06 55.67 11.65
C CYS IA 40 5.72 54.50 10.75
N SER IA 41 4.55 54.52 10.11
CA SER IA 41 4.17 53.49 9.16
C SER IA 41 5.10 53.49 7.95
N GLY IA 42 5.38 54.66 7.42
CA GLY IA 42 6.31 54.76 6.31
C GLY IA 42 7.72 54.37 6.71
N LEU IA 43 8.12 54.71 7.94
CA LEU IA 43 9.43 54.29 8.44
C LEU IA 43 9.55 52.78 8.50
N ILE IA 44 8.54 52.11 9.03
CA ILE IA 44 8.64 50.65 9.12
C ILE IA 44 8.44 50.00 7.75
N ASP IA 45 7.75 50.67 6.82
CA ASP IA 45 7.61 50.12 5.48
C ASP IA 45 8.95 50.16 4.75
N ASN IA 46 9.70 51.26 4.91
CA ASN IA 46 11.06 51.28 4.40
C ASN IA 46 11.96 50.30 5.14
N ALA IA 47 11.63 50.01 6.40
CA ALA IA 47 12.41 49.01 7.13
C ALA IA 47 12.15 47.59 6.64
N ILE IA 48 10.99 47.33 6.04
CA ILE IA 48 10.69 45.98 5.57
C ILE IA 48 11.54 45.61 4.37
N ARG IA 49 11.52 46.44 3.33
CA ARG IA 49 12.05 46.08 2.02
C ARG IA 49 13.56 46.23 1.92
N ARG IA 50 14.27 46.28 3.05
CA ARG IA 50 15.73 46.38 3.11
C ARG IA 50 16.25 47.62 2.39
N ARG IA 51 15.48 48.66 2.38
CA ARG IA 51 15.94 49.93 1.86
C ARG IA 51 16.22 50.86 3.04
N PRO IA 52 17.08 51.88 2.89
CA PRO IA 52 17.49 52.68 4.04
C PRO IA 52 16.35 53.47 4.66
N VAL IA 53 16.33 53.48 6.00
CA VAL IA 53 15.32 54.22 6.75
C VAL IA 53 15.50 55.71 6.53
N LEU IA 54 14.36 56.42 6.44
CA LEU IA 54 14.29 57.87 6.22
C LEU IA 54 14.92 58.27 4.90
N SER IA 55 14.89 57.36 3.93
CA SER IA 55 15.63 57.52 2.69
C SER IA 55 14.89 56.76 1.61
N ALA IA 56 14.83 57.35 0.42
CA ALA IA 56 14.32 56.76 -0.82
C ALA IA 56 12.85 56.34 -0.74
N GLY IA 57 12.11 56.80 0.25
CA GLY IA 57 10.70 56.50 0.35
C GLY IA 57 9.94 57.72 0.81
N LEU IA 58 10.51 58.90 0.51
CA LEU IA 58 9.94 60.14 1.01
C LEU IA 58 8.61 60.44 0.35
N HIS IA 59 8.44 60.03 -0.90
CA HIS IA 59 7.12 60.10 -1.53
C HIS IA 59 6.15 59.14 -0.85
N ARG IA 60 6.63 57.99 -0.38
CA ARG IA 60 5.75 57.09 0.36
C ARG IA 60 5.43 57.64 1.74
N GLN IA 61 6.38 58.38 2.34
CA GLN IA 61 6.09 59.12 3.56
C GLN IA 61 4.93 60.08 3.35
N PHE IA 62 5.01 60.85 2.25
CA PHE IA 62 3.99 61.82 1.91
C PHE IA 62 2.65 61.15 1.66
N LEU IA 63 2.66 60.03 0.95
CA LEU IA 63 1.43 59.33 0.60
C LEU IA 63 0.76 58.71 1.82
N TYR IA 64 1.53 58.05 2.68
CA TYR IA 64 0.97 57.44 3.87
C TYR IA 64 0.43 58.49 4.84
N ILE IA 65 1.16 59.58 5.03
CA ILE IA 65 0.70 60.64 5.92
C ILE IA 65 -0.57 61.29 5.37
N THR IA 66 -0.62 61.51 4.06
CA THR IA 66 -1.81 62.09 3.45
C THR IA 66 -3.01 61.17 3.58
N SER IA 67 -2.80 59.87 3.36
CA SER IA 67 -3.90 58.90 3.45
C SER IA 67 -4.46 58.83 4.86
N PHE IA 68 -3.58 58.74 5.86
CA PHE IA 68 -4.05 58.62 7.23
C PHE IA 68 -4.70 59.92 7.71
N VAL IA 69 -4.15 61.07 7.32
CA VAL IA 69 -4.75 62.33 7.75
C VAL IA 69 -6.12 62.52 7.13
N PHE IA 70 -6.29 62.11 5.88
CA PHE IA 70 -7.59 62.21 5.22
C PHE IA 70 -8.62 61.29 5.87
N VAL IA 71 -8.22 60.05 6.13
CA VAL IA 71 -9.12 59.08 6.76
C VAL IA 71 -9.52 59.56 8.15
N GLY IA 72 -8.54 59.91 8.98
CA GLY IA 72 -8.80 60.41 10.32
C GLY IA 72 -9.60 61.70 10.35
N TYR IA 73 -9.52 62.50 9.29
CA TYR IA 73 -10.35 63.69 9.18
C TYR IA 73 -11.83 63.30 9.11
N TYR IA 74 -12.15 62.37 8.21
CA TYR IA 74 -13.54 61.92 8.15
C TYR IA 74 -13.98 61.18 9.42
N LEU IA 75 -13.05 60.46 10.05
CA LEU IA 75 -13.40 59.73 11.27
C LEU IA 75 -13.73 60.70 12.40
N LEU IA 76 -12.95 61.77 12.52
CA LEU IA 76 -13.19 62.77 13.56
C LEU IA 76 -14.51 63.48 13.33
N LYS IA 77 -14.85 63.72 12.07
CA LYS IA 77 -16.16 64.32 11.80
C LYS IA 77 -17.30 63.38 12.19
N ARG IA 78 -17.12 62.07 11.96
CA ARG IA 78 -18.14 61.10 12.38
C ARG IA 78 -18.25 61.04 13.90
N GLN IA 79 -17.11 61.07 14.59
CA GLN IA 79 -17.08 61.06 16.05
C GLN IA 79 -17.86 62.22 16.64
N ASP IA 80 -17.60 63.42 16.12
CA ASP IA 80 -18.30 64.59 16.63
C ASP IA 80 -19.78 64.52 16.35
N TYR IA 81 -20.17 64.00 15.19
CA TYR IA 81 -21.60 63.89 14.89
C TYR IA 81 -22.30 62.89 15.81
N MET IA 82 -21.65 61.76 16.09
CA MET IA 82 -22.28 60.75 16.92
C MET IA 82 -22.43 61.24 18.36
N TYR IA 83 -21.42 61.93 18.89
CA TYR IA 83 -21.59 62.39 20.28
C TYR IA 83 -22.56 63.56 20.36
N ALA IA 84 -22.66 64.37 19.30
CA ALA IA 84 -23.64 65.44 19.32
C ALA IA 84 -25.07 64.91 19.26
N VAL IA 85 -25.31 63.89 18.44
CA VAL IA 85 -26.68 63.38 18.36
C VAL IA 85 -27.04 62.61 19.61
N ARG IA 86 -26.04 62.00 20.28
CA ARG IA 86 -26.32 61.34 21.54
C ARG IA 86 -26.70 62.35 22.61
N ASP IA 87 -25.97 63.47 22.68
CA ASP IA 87 -26.30 64.50 23.67
C ASP IA 87 -27.66 65.13 23.42
N HIS IA 88 -27.99 65.34 22.14
CA HIS IA 88 -29.26 65.96 21.82
C HIS IA 88 -30.44 65.04 22.13
N ASP IA 89 -30.30 63.75 21.83
CA ASP IA 89 -31.37 62.80 22.14
C ASP IA 89 -31.55 62.64 23.64
N MET IA 90 -30.42 62.66 24.37
CA MET IA 90 -30.49 62.58 25.82
C MET IA 90 -31.25 63.78 26.40
N PHE IA 91 -30.93 64.97 25.92
CA PHE IA 91 -31.59 66.16 26.46
C PHE IA 91 -33.05 66.24 26.06
N SER IA 92 -33.40 65.70 24.90
CA SER IA 92 -34.82 65.66 24.54
C SER IA 92 -35.57 64.72 25.47
N TYR IA 93 -34.96 63.59 25.82
CA TYR IA 93 -35.63 62.69 26.74
C TYR IA 93 -35.62 63.23 28.18
N ILE IA 94 -34.64 64.08 28.51
CA ILE IA 94 -34.64 64.74 29.82
C ILE IA 94 -35.79 65.73 29.90
N LYS IA 95 -35.89 66.63 28.92
CA LYS IA 95 -36.95 67.63 28.89
C LYS IA 95 -38.33 67.01 28.74
N SER IA 96 -38.41 65.81 28.16
CA SER IA 96 -39.70 65.19 27.88
C SER IA 96 -40.42 64.77 29.16
N HIS IA 97 -39.72 64.09 30.06
CA HIS IA 97 -40.38 63.54 31.25
C HIS IA 97 -39.94 64.29 32.49
N PRO IA 98 -40.77 65.18 33.04
CA PRO IA 98 -40.35 65.91 34.24
C PRO IA 98 -40.39 65.06 35.49
N GLU IA 99 -41.50 64.34 35.67
CA GLU IA 99 -41.80 63.67 36.93
C GLU IA 99 -41.00 62.39 37.09
N ASP IA 100 -40.49 61.83 36.01
CA ASP IA 100 -39.82 60.54 36.07
C ASP IA 100 -38.37 60.67 36.51
N PHE IA 101 -37.81 61.87 36.43
CA PHE IA 101 -36.44 62.18 36.87
C PHE IA 101 -36.51 63.20 37.99
N PRO IA 102 -36.70 62.76 39.22
CA PRO IA 102 -36.90 63.71 40.31
C PRO IA 102 -35.60 64.36 40.75
N GLU IA 103 -35.66 65.66 40.96
CA GLU IA 103 -34.55 66.40 41.55
C GLU IA 103 -34.65 66.29 43.05
N LYS IA 104 -33.66 65.66 43.67
CA LYS IA 104 -33.64 65.51 45.11
C LYS IA 104 -33.39 66.85 45.78
N ASP IA 105 -33.93 67.00 46.99
CA ASP IA 105 -33.62 68.16 47.82
C ASP IA 105 -32.21 67.98 48.33
N LYS IA 106 -31.23 68.57 47.64
CA LYS IA 106 -29.85 68.42 48.05
C LYS IA 106 -29.59 69.24 49.30
N LYS IA 107 -29.83 68.63 50.46
CA LYS IA 107 -29.80 69.34 51.73
C LYS IA 107 -28.37 69.62 52.15
N THR IA 108 -28.20 70.64 52.97
CA THR IA 108 -26.88 70.97 53.46
C THR IA 108 -26.55 70.12 54.69
N TYR IA 109 -25.30 70.19 55.10
CA TYR IA 109 -24.75 69.27 56.08
C TYR IA 109 -24.97 69.69 57.53
N ARG IA 110 -25.72 70.75 57.77
CA ARG IA 110 -26.01 71.12 59.16
C ARG IA 110 -26.96 70.12 59.81
N GLU IA 111 -27.74 69.42 59.01
CA GLU IA 111 -28.67 68.43 59.53
C GLU IA 111 -28.55 67.06 58.87
N VAL IA 112 -27.81 66.94 57.77
CA VAL IA 112 -27.59 65.63 57.15
C VAL IA 112 -26.60 64.87 58.01
N PHE IA 113 -27.06 63.81 58.66
CA PHE IA 113 -26.22 63.04 59.54
C PHE IA 113 -25.46 61.98 58.76
N GLU IA 114 -24.27 61.65 59.25
CA GLU IA 114 -23.56 60.46 58.80
C GLU IA 114 -23.10 59.67 60.01
N GLU IA 115 -23.19 58.35 59.92
CA GLU IA 115 -22.52 57.52 60.89
C GLU IA 115 -21.02 57.58 60.64
N PHE IA 116 -20.25 57.64 61.71
CA PHE IA 116 -18.84 57.96 61.55
C PHE IA 116 -17.93 56.74 61.55
N HIS IA 117 -17.99 55.90 62.60
CA HIS IA 117 -17.22 54.67 62.76
C HIS IA 117 -15.72 54.95 62.61
N PRO IA 118 -15.09 55.54 63.62
CA PRO IA 118 -13.70 56.01 63.46
C PRO IA 118 -12.72 54.87 63.37
N VAL IA 119 -11.47 55.24 63.06
CA VAL IA 119 -10.33 54.37 63.19
C VAL IA 119 -9.44 54.92 64.30
N ARG IA 120 -8.86 54.02 65.08
CA ARG IA 120 -8.02 54.43 66.20
C ARG IA 120 -6.59 53.99 65.91
N SER JA 1 37.21 6.53 85.36
CA SER JA 1 38.15 7.66 85.38
C SER JA 1 37.47 8.92 84.91
N PHE JA 2 36.56 8.79 83.95
CA PHE JA 2 36.10 9.93 83.18
C PHE JA 2 34.81 9.54 82.48
N PRO JA 3 33.93 10.49 82.21
CA PRO JA 3 32.68 10.17 81.49
C PRO JA 3 32.84 9.90 80.00
N LYS JA 4 34.08 9.80 79.51
CA LYS JA 4 34.43 9.25 78.20
C LYS JA 4 33.89 10.09 77.04
N TYR JA 5 33.65 11.39 77.27
CA TYR JA 5 33.41 12.38 76.22
C TYR JA 5 32.18 12.03 75.38
N GLU JA 6 31.00 12.27 75.98
CA GLU JA 6 29.74 11.88 75.35
C GLU JA 6 29.58 12.58 74.00
N PRO JA 7 28.99 11.89 73.01
CA PRO JA 7 28.76 12.53 71.72
C PRO JA 7 27.57 13.47 71.81
N SER JA 8 27.57 14.45 70.91
CA SER JA 8 26.48 15.40 70.82
C SER JA 8 26.42 15.93 69.39
N ARG JA 9 25.47 16.82 69.15
CA ARG JA 9 25.41 17.54 67.90
C ARG JA 9 26.39 18.72 67.87
N LEU JA 10 27.10 18.94 68.97
CA LEU JA 10 28.20 19.87 69.04
C LEU JA 10 29.53 19.19 69.34
N ALA JA 11 29.48 18.01 69.96
CA ALA JA 11 30.69 17.37 70.47
C ALA JA 11 31.51 16.82 69.31
N SER JA 12 32.58 17.52 68.96
CA SER JA 12 33.54 16.99 68.01
C SER JA 12 34.27 15.83 68.67
N LEU JA 13 33.95 14.61 68.27
CA LEU JA 13 34.68 13.44 68.75
C LEU JA 13 36.09 13.51 68.20
N PRO JA 14 37.11 13.67 69.05
CA PRO JA 14 38.45 13.98 68.54
C PRO JA 14 39.08 12.77 67.89
N THR JA 15 40.21 13.02 67.23
CA THR JA 15 40.90 11.98 66.49
C THR JA 15 41.76 11.08 67.36
N THR JA 16 41.76 11.29 68.68
CA THR JA 16 42.56 10.48 69.58
C THR JA 16 41.76 9.35 70.22
N LEU JA 17 40.73 9.70 71.00
CA LEU JA 17 39.97 8.69 71.72
C LEU JA 17 38.68 8.43 70.95
N ASP JA 18 38.72 7.44 70.07
CA ASP JA 18 37.52 7.09 69.32
C ASP JA 18 36.58 6.18 70.11
N PRO JA 19 37.03 5.05 70.72
CA PRO JA 19 38.25 4.23 70.71
C PRO JA 19 38.14 3.15 69.64
N ALA JA 20 37.18 3.32 68.73
CA ALA JA 20 36.78 2.28 67.79
C ALA JA 20 37.78 2.08 66.64
N GLU JA 21 38.88 2.85 66.60
CA GLU JA 21 39.80 2.74 65.48
C GLU JA 21 40.87 1.69 65.71
N TYR JA 22 41.36 1.57 66.94
CA TYR JA 22 42.73 1.13 67.20
C TYR JA 22 43.01 -0.33 66.91
N ASP JA 23 42.04 -1.14 66.52
CA ASP JA 23 42.35 -2.35 65.77
C ASP JA 23 42.08 -2.09 64.29
N ILE JA 24 43.01 -1.35 63.69
CA ILE JA 24 42.89 -0.93 62.31
C ILE JA 24 43.06 -2.15 61.41
N SER JA 25 42.09 -2.39 60.55
CA SER JA 25 42.20 -3.49 59.60
C SER JA 25 43.12 -3.11 58.45
N SER JA 26 43.54 -4.13 57.71
CA SER JA 26 44.41 -3.91 56.56
C SER JA 26 43.69 -3.20 55.43
N GLU JA 27 42.43 -3.58 55.20
CA GLU JA 27 41.66 -3.01 54.11
C GLU JA 27 41.22 -1.59 54.42
N THR JA 28 41.11 -1.24 55.69
CA THR JA 28 40.90 0.15 56.07
C THR JA 28 42.13 1.00 55.78
N ARG JA 29 43.32 0.43 55.97
CA ARG JA 29 44.53 1.11 55.53
C ARG JA 29 44.56 1.25 54.01
N LYS JA 30 44.05 0.24 53.31
CA LYS JA 30 43.93 0.34 51.85
C LYS JA 30 42.98 1.46 51.45
N ALA JA 31 41.89 1.63 52.20
CA ALA JA 31 40.96 2.71 51.94
C ALA JA 31 41.60 4.07 52.21
N GLN JA 32 42.42 4.16 53.27
CA GLN JA 32 43.10 5.43 53.54
C GLN JA 32 44.12 5.75 52.45
N ALA JA 33 44.77 4.71 51.92
CA ALA JA 33 45.68 4.93 50.79
C ALA JA 33 44.92 5.39 49.55
N GLU JA 34 43.71 4.85 49.34
CA GLU JA 34 42.87 5.31 48.23
C GLU JA 34 42.51 6.78 48.39
N ARG JA 35 42.15 7.18 49.61
CA ARG JA 35 41.78 8.56 49.88
C ARG JA 35 42.96 9.50 49.64
N LEU JA 36 44.15 9.05 50.05
CA LEU JA 36 45.37 9.79 49.79
C LEU JA 36 45.61 9.93 48.28
N ALA JA 37 45.34 8.87 47.53
CA ALA JA 37 45.54 8.92 46.09
C ALA JA 37 44.57 9.88 45.42
N ILE JA 38 43.33 9.91 45.88
CA ILE JA 38 42.31 10.77 45.27
C ILE JA 38 42.66 12.23 45.50
N ARG JA 39 43.01 12.58 46.74
CA ARG JA 39 43.44 13.96 47.01
C ARG JA 39 44.72 14.30 46.28
N SER JA 40 45.60 13.31 46.07
CA SER JA 40 46.83 13.54 45.33
C SER JA 40 46.54 13.92 43.88
N ARG JA 41 45.66 13.15 43.22
CA ARG JA 41 45.37 13.42 41.82
C ARG JA 41 44.61 14.74 41.66
N LEU JA 42 43.73 15.05 42.60
CA LEU JA 42 43.01 16.31 42.53
C LEU JA 42 43.94 17.50 42.71
N LYS JA 43 44.88 17.42 43.64
CA LYS JA 43 45.83 18.51 43.78
C LYS JA 43 46.77 18.60 42.60
N ARG JA 44 47.04 17.48 41.93
CA ARG JA 44 47.85 17.54 40.73
C ARG JA 44 47.13 18.28 39.61
N GLU JA 45 45.84 17.99 39.42
CA GLU JA 45 45.06 18.73 38.44
C GLU JA 45 44.93 20.19 38.81
N TYR JA 46 44.87 20.48 40.11
CA TYR JA 46 44.83 21.85 40.59
C TYR JA 46 46.10 22.60 40.25
N GLN JA 47 47.26 21.98 40.49
CA GLN JA 47 48.53 22.63 40.21
C GLN JA 47 48.74 22.80 38.71
N LEU JA 48 48.27 21.84 37.91
CA LEU JA 48 48.41 21.95 36.46
C LEU JA 48 47.54 23.06 35.90
N GLN JA 49 46.29 23.17 36.35
CA GLN JA 49 45.49 24.32 35.94
C GLN JA 49 45.89 25.59 36.65
N TYR JA 50 46.75 25.51 37.65
CA TYR JA 50 47.05 26.62 38.53
C TYR JA 50 48.31 27.38 38.14
N ASN JA 51 49.37 26.67 37.80
CA ASN JA 51 50.66 27.30 37.58
C ASN JA 51 50.91 27.68 36.14
N ASP JA 52 49.89 27.72 35.31
CA ASP JA 52 50.09 28.33 34.00
C ASP JA 52 50.23 29.83 34.18
N PRO JA 53 51.33 30.42 33.73
CA PRO JA 53 51.56 31.84 34.00
C PRO JA 53 50.70 32.75 33.16
N SER JA 54 50.27 32.32 31.99
CA SER JA 54 49.48 33.17 31.12
C SER JA 54 47.99 33.00 31.33
N ARG JA 55 47.57 32.07 32.16
CA ARG JA 55 46.16 31.91 32.50
C ARG JA 55 45.69 33.11 33.30
N ARG JA 56 44.88 33.95 32.69
CA ARG JA 56 44.44 35.19 33.32
C ARG JA 56 43.16 34.99 34.14
N GLY JA 57 42.35 33.98 33.80
CA GLY JA 57 41.10 33.75 34.50
C GLY JA 57 41.28 33.09 35.85
N VAL JA 58 40.14 32.70 36.42
CA VAL JA 58 40.08 32.05 37.74
C VAL JA 58 40.34 30.56 37.59
N VAL JA 59 40.45 29.85 38.72
CA VAL JA 59 40.75 28.42 38.69
C VAL JA 59 39.57 27.59 38.19
N GLU JA 60 38.36 28.17 38.14
CA GLU JA 60 37.15 27.59 37.56
C GLU JA 60 36.77 26.26 38.23
N ASP JA 61 36.43 26.35 39.52
CA ASP JA 61 36.11 25.16 40.33
C ASP JA 61 34.83 24.50 39.84
N PRO JA 62 34.85 23.22 39.52
CA PRO JA 62 33.59 22.54 39.22
C PRO JA 62 32.87 22.09 40.48
N ALA JA 63 33.61 21.87 41.56
CA ALA JA 63 33.00 21.34 42.77
C ALA JA 63 32.10 22.36 43.44
N LEU JA 64 32.53 23.61 43.46
CA LEU JA 64 31.76 24.67 44.09
C LEU JA 64 30.50 24.97 43.31
N ILE JA 65 30.60 25.04 41.98
CA ILE JA 65 29.43 25.30 41.15
C ILE JA 65 28.47 24.13 41.22
N ARG JA 66 29.01 22.92 41.35
CA ARG JA 66 28.21 21.73 41.58
C ARG JA 66 27.40 21.86 42.87
N TRP JA 67 28.06 22.30 43.94
CA TRP JA 67 27.37 22.46 45.21
C TRP JA 67 26.34 23.60 45.18
N THR JA 68 26.65 24.68 44.47
CA THR JA 68 25.74 25.81 44.40
C THR JA 68 24.48 25.46 43.62
N CYS JA 69 24.63 24.80 42.47
CA CYS JA 69 23.46 24.35 41.73
C CYS JA 69 22.71 23.27 42.50
N ALA JA 70 23.43 22.48 43.31
CA ALA JA 70 22.76 21.50 44.15
C ALA JA 70 21.90 22.18 45.21
N ARG JA 71 22.38 23.31 45.72
CA ARG JA 71 21.71 23.93 46.85
C ARG JA 71 20.57 24.84 46.41
N SER JA 72 20.75 25.59 45.34
CA SER JA 72 19.82 26.67 45.04
C SER JA 72 18.58 26.17 44.32
N ALA JA 73 18.74 25.69 43.10
CA ALA JA 73 17.62 25.54 42.19
C ALA JA 73 17.26 24.10 41.89
N ASN JA 74 18.06 23.15 42.34
CA ASN JA 74 17.80 21.74 42.05
C ASN JA 74 17.20 21.06 43.26
N VAL JA 75 16.29 21.75 43.94
CA VAL JA 75 15.57 21.19 45.06
C VAL JA 75 14.19 20.70 44.63
N TYR JA 76 13.48 21.53 43.88
CA TYR JA 76 12.09 21.30 43.55
C TYR JA 76 11.92 20.10 42.62
N PRO JA 77 12.77 19.89 41.60
CA PRO JA 77 13.10 18.50 41.27
C PRO JA 77 14.37 18.10 42.00
N ASN JA 78 14.41 16.94 42.64
CA ASN JA 78 13.25 16.09 42.83
C ASN JA 78 12.52 16.42 44.11
N PHE JA 79 11.20 16.23 44.08
CA PHE JA 79 10.41 16.35 45.29
C PHE JA 79 9.16 15.50 45.17
N ARG JA 80 8.83 14.82 46.26
CA ARG JA 80 7.52 14.23 46.37
C ARG JA 80 6.89 14.69 47.66
N PRO JA 81 5.60 14.98 47.66
CA PRO JA 81 4.96 15.41 48.91
C PRO JA 81 4.76 14.24 49.85
N ASN JA 82 5.60 14.18 50.88
CA ASN JA 82 5.57 13.07 51.81
C ASN JA 82 4.83 13.47 53.08
N THR JA 83 4.74 12.51 53.99
CA THR JA 83 4.03 12.76 55.24
C THR JA 83 4.85 13.66 56.15
N LYS JA 84 6.16 13.41 56.24
CA LYS JA 84 7.02 14.21 57.10
C LYS JA 84 7.17 15.61 56.54
N THR JA 85 7.20 15.74 55.21
CA THR JA 85 7.25 17.04 54.55
C THR JA 85 6.01 17.86 54.87
N SER JA 86 4.83 17.23 54.76
CA SER JA 86 3.58 17.91 55.01
C SER JA 86 3.43 18.32 56.47
N LEU JA 87 3.84 17.43 57.39
CA LEU JA 87 3.79 17.75 58.81
C LEU JA 87 4.70 18.91 59.16
N LEU JA 88 5.93 18.89 58.66
CA LEU JA 88 6.85 19.95 59.02
C LEU JA 88 6.48 21.26 58.34
N GLY JA 89 5.88 21.18 57.16
CA GLY JA 89 5.39 22.39 56.51
C GLY JA 89 4.21 23.00 57.23
N ALA JA 90 3.32 22.17 57.76
CA ALA JA 90 2.22 22.71 58.55
C ALA JA 90 2.71 23.30 59.86
N LEU JA 91 3.71 22.66 60.48
CA LEU JA 91 4.17 23.15 61.77
C LEU JA 91 4.98 24.41 61.64
N PHE JA 92 5.62 24.63 60.49
CA PHE JA 92 6.33 25.88 60.28
C PHE JA 92 5.58 26.88 59.43
N GLY JA 93 4.37 26.56 58.98
CA GLY JA 93 3.61 27.55 58.26
C GLY JA 93 2.49 28.17 59.03
N ILE JA 94 1.69 27.33 59.70
CA ILE JA 94 0.40 27.76 60.20
C ILE JA 94 0.41 28.00 61.70
N GLY JA 95 1.23 27.27 62.46
CA GLY JA 95 1.32 27.40 63.89
C GLY JA 95 1.64 28.78 64.44
N PRO JA 96 2.85 29.31 64.16
CA PRO JA 96 3.20 30.63 64.67
C PRO JA 96 2.33 31.75 64.14
N LEU JA 97 1.91 31.63 62.88
CA LEU JA 97 1.03 32.63 62.28
C LEU JA 97 -0.31 32.67 63.00
N ILE JA 98 -0.92 31.52 63.23
CA ILE JA 98 -2.22 31.52 63.88
C ILE JA 98 -2.07 31.91 65.34
N PHE JA 99 -0.89 31.69 65.94
CA PHE JA 99 -0.68 32.06 67.33
C PHE JA 99 -0.61 33.58 67.51
N TRP JA 100 0.22 34.24 66.69
CA TRP JA 100 0.28 35.69 66.81
C TRP JA 100 -1.01 36.34 66.34
N TYR JA 101 -1.77 35.67 65.47
CA TYR JA 101 -3.08 36.19 65.10
C TYR JA 101 -4.05 36.12 66.27
N TYR JA 102 -3.95 35.07 67.08
CA TYR JA 102 -4.76 34.98 68.30
C TYR JA 102 -4.41 36.10 69.26
N VAL JA 103 -3.12 36.38 69.45
CA VAL JA 103 -2.80 37.39 70.43
C VAL JA 103 -3.13 38.79 69.92
N PHE JA 104 -3.16 38.99 68.60
CA PHE JA 104 -3.60 40.30 68.15
C PHE JA 104 -5.12 40.46 68.22
N LYS JA 105 -5.87 39.35 68.04
CA LYS JA 105 -7.29 39.35 68.39
C LYS JA 105 -7.52 39.81 69.81
N THR JA 106 -6.79 39.20 70.75
CA THR JA 106 -6.99 39.49 72.17
C THR JA 106 -6.59 40.93 72.49
N ASP JA 107 -5.50 41.41 71.89
CA ASP JA 107 -5.06 42.78 72.14
C ASP JA 107 -6.04 43.80 71.58
N ARG JA 108 -6.59 43.57 70.40
CA ARG JA 108 -7.54 44.55 69.86
C ARG JA 108 -8.83 44.54 70.65
N ASP JA 109 -9.26 43.34 71.09
CA ASP JA 109 -10.49 43.26 71.88
C ASP JA 109 -10.35 43.98 73.22
N ARG JA 110 -9.22 43.74 73.92
CA ARG JA 110 -9.00 44.43 75.19
C ARG JA 110 -8.83 45.94 75.00
N LYS JA 111 -8.13 46.35 73.94
CA LYS JA 111 -7.85 47.77 73.77
C LYS JA 111 -9.10 48.54 73.38
N GLU JA 112 -9.88 48.03 72.42
CA GLU JA 112 -11.09 48.77 72.05
C GLU JA 112 -12.19 48.61 73.09
N LYS JA 113 -12.22 47.51 73.85
CA LYS JA 113 -13.11 47.41 74.99
C LYS JA 113 -12.77 48.44 76.06
N LEU JA 114 -11.48 48.64 76.32
CA LEU JA 114 -11.13 49.50 77.43
C LEU JA 114 -11.24 50.97 77.03
N ILE JA 115 -11.00 51.31 75.76
CA ILE JA 115 -11.24 52.68 75.34
C ILE JA 115 -12.70 52.89 74.99
N GLN JA 116 -13.46 51.82 74.79
CA GLN JA 116 -14.91 51.91 74.81
C GLN JA 116 -15.38 52.34 76.19
N GLU JA 117 -14.77 51.79 77.24
CA GLU JA 117 -15.07 52.25 78.59
C GLU JA 117 -14.59 53.68 78.81
N GLY JA 118 -13.29 53.90 78.74
CA GLY JA 118 -12.78 55.24 78.97
C GLY JA 118 -11.91 55.35 80.20
N LYS JA 119 -11.61 54.22 80.84
CA LYS JA 119 -10.65 54.20 81.95
C LYS JA 119 -9.24 53.90 81.46
N LEU JA 120 -8.86 54.61 80.40
CA LEU JA 120 -7.59 54.38 79.72
C LEU JA 120 -6.74 55.63 79.86
N ASP JA 121 -5.43 55.47 79.70
CA ASP JA 121 -4.43 56.45 80.11
C ASP JA 121 -4.20 57.51 79.05
N ARG JA 122 -5.22 57.86 78.28
CA ARG JA 122 -5.10 58.77 77.15
C ARG JA 122 -5.43 60.20 77.51
N THR JA 123 -4.99 60.66 78.69
CA THR JA 123 -5.12 62.06 79.08
C THR JA 123 -4.52 62.99 78.03
N PHE JA 124 -3.38 62.63 77.48
CA PHE JA 124 -2.90 63.25 76.25
C PHE JA 124 -2.11 62.20 75.49
N ASN JA 125 -2.62 61.88 74.31
CA ASN JA 125 -2.26 60.67 73.59
C ASN JA 125 -2.09 61.04 72.12
N ILE JA 126 -1.32 62.11 71.90
CA ILE JA 126 -1.53 62.98 70.75
C ILE JA 126 -1.08 62.32 69.47
N SER JA 127 0.17 61.88 69.43
CA SER JA 127 0.75 61.32 68.23
C SER JA 127 0.21 59.95 67.93
N TYR JA 128 -1.06 59.86 67.53
CA TYR JA 128 -1.70 58.59 67.24
C TYR JA 128 -1.13 58.06 65.95
N SER KA 1 62.01 9.83 61.38
CA SER KA 1 61.91 9.61 59.96
C SER KA 1 63.11 10.17 59.20
N GLY KA 2 62.87 11.19 58.40
CA GLY KA 2 63.92 11.75 57.59
C GLY KA 2 63.47 11.94 56.15
N TYR KA 3 64.18 12.78 55.41
CA TYR KA 3 63.85 13.03 54.02
C TYR KA 3 64.37 11.91 53.13
N THR KA 4 64.13 12.06 51.85
CA THR KA 4 64.92 11.40 50.84
C THR KA 4 66.04 12.34 50.41
N PRO KA 5 67.08 11.85 49.74
CA PRO KA 5 68.04 12.78 49.12
C PRO KA 5 67.42 13.69 48.09
N ASP KA 6 66.39 13.22 47.37
CA ASP KA 6 65.72 14.05 46.40
C ASP KA 6 64.92 15.15 47.07
N GLU KA 7 64.28 14.85 48.21
CA GLU KA 7 63.54 15.87 48.94
C GLU KA 7 64.46 16.94 49.50
N LYS KA 8 65.61 16.52 50.02
CA LYS KA 8 66.63 17.46 50.47
C LYS KA 8 67.13 18.32 49.31
N LEU KA 9 67.34 17.71 48.15
CA LEU KA 9 67.83 18.45 46.99
C LEU KA 9 66.82 19.46 46.50
N ARG KA 10 65.54 19.06 46.48
CA ARG KA 10 64.42 19.93 46.16
C ARG KA 10 64.35 21.11 47.12
N LEU KA 11 64.53 20.83 48.41
CA LEU KA 11 64.60 21.89 49.41
C LEU KA 11 65.80 22.80 49.19
N GLN KA 12 66.91 22.25 48.72
CA GLN KA 12 68.09 23.08 48.44
C GLN KA 12 67.85 24.01 47.27
N GLN KA 13 67.20 23.53 46.21
CA GLN KA 13 66.86 24.44 45.12
C GLN KA 13 65.89 25.50 45.57
N LEU KA 14 64.97 25.14 46.47
CA LEU KA 14 64.09 26.16 47.05
C LEU KA 14 64.85 27.15 47.92
N ARG KA 15 65.93 26.69 48.56
CA ARG KA 15 66.78 27.62 49.29
C ARG KA 15 67.45 28.60 48.35
N GLU KA 16 67.99 28.11 47.24
CA GLU KA 16 68.67 28.98 46.28
C GLU KA 16 67.71 30.00 45.69
N LEU KA 17 66.54 29.55 45.27
CA LEU KA 17 65.58 30.45 44.65
C LEU KA 17 64.99 31.42 45.67
N ARG KA 18 64.84 30.99 46.91
CA ARG KA 18 64.27 31.88 47.91
C ARG KA 18 65.29 32.92 48.33
N ARG KA 19 66.59 32.54 48.37
CA ARG KA 19 67.65 33.53 48.58
C ARG KA 19 67.67 34.56 47.47
N ARG KA 20 67.54 34.12 46.22
CA ARG KA 20 67.58 35.06 45.11
C ARG KA 20 66.36 35.96 45.08
N TRP KA 21 65.20 35.43 45.44
CA TRP KA 21 64.00 36.26 45.42
C TRP KA 21 64.02 37.27 46.55
N LEU KA 22 64.46 36.87 47.74
CA LEU KA 22 64.47 37.83 48.83
C LEU KA 22 65.61 38.82 48.67
N LYS KA 23 66.70 38.42 48.02
CA LYS KA 23 67.75 39.38 47.71
C LYS KA 23 67.30 40.36 46.65
N ASP KA 24 66.40 39.92 45.76
CA ASP KA 24 65.79 40.86 44.83
C ASP KA 24 64.84 41.80 45.56
N GLN KA 25 64.16 41.31 46.58
CA GLN KA 25 63.30 42.17 47.38
C GLN KA 25 64.08 43.20 48.19
N GLU KA 26 65.38 42.98 48.38
CA GLU KA 26 66.24 44.02 48.90
C GLU KA 26 66.40 45.12 47.86
N LEU KA 27 66.18 46.36 48.28
CA LEU KA 27 66.43 47.47 47.39
C LEU KA 27 66.86 48.68 48.21
N SER KA 28 67.88 49.34 47.71
CA SER KA 28 68.32 50.67 48.10
C SER KA 28 69.19 51.22 46.97
N PRO KA 29 68.60 51.67 45.86
CA PRO KA 29 69.41 52.12 44.75
C PRO KA 29 69.99 53.51 44.93
N ARG KA 30 69.72 54.12 46.08
CA ARG KA 30 69.88 55.54 46.39
C ARG KA 30 69.05 56.45 45.47
N GLU KA 31 68.11 55.88 44.73
CA GLU KA 31 66.93 56.58 44.23
C GLU KA 31 65.76 55.59 44.18
N PRO KA 32 65.26 55.15 45.36
CA PRO KA 32 64.15 54.19 45.38
C PRO KA 32 62.87 54.83 44.88
N VAL KA 33 62.40 55.88 45.53
CA VAL KA 33 61.33 56.69 45.01
C VAL KA 33 61.98 57.86 44.30
N LEU KA 34 61.18 58.59 43.54
CA LEU KA 34 61.66 59.75 42.84
C LEU KA 34 60.50 60.71 42.69
N PRO KA 35 60.72 62.00 42.88
CA PRO KA 35 59.67 62.97 42.58
C PRO KA 35 59.45 63.07 41.08
N PRO KA 36 58.23 62.87 40.61
CA PRO KA 36 57.93 62.91 39.17
C PRO KA 36 58.05 64.31 38.58
N SER KA 67 53.76 78.49 65.38
CA SER KA 67 52.44 77.93 65.61
C SER KA 67 51.37 78.98 65.37
N ILE KA 68 51.70 79.99 64.56
CA ILE KA 68 50.73 81.04 64.24
C ILE KA 68 49.60 80.49 63.39
N PHE KA 69 49.91 79.50 62.54
CA PHE KA 69 48.88 78.71 61.85
C PHE KA 69 47.98 78.01 62.84
N ALA KA 70 48.57 77.45 63.90
CA ALA KA 70 47.81 76.70 64.89
C ALA KA 70 46.88 77.61 65.68
N PHE KA 71 47.36 78.76 66.16
CA PHE KA 71 46.40 79.55 66.92
C PHE KA 71 45.49 80.41 66.06
N THR KA 72 45.78 80.64 64.77
CA THR KA 72 44.71 81.24 63.98
C THR KA 72 43.66 80.19 63.64
N HIS KA 73 44.07 78.92 63.57
CA HIS KA 73 43.11 77.83 63.53
C HIS KA 73 42.30 77.74 64.82
N VAL KA 74 42.90 78.11 65.95
CA VAL KA 74 42.14 78.22 67.19
C VAL KA 74 41.13 79.35 67.09
N LEU KA 75 41.58 80.51 66.62
CA LEU KA 75 40.79 81.73 66.73
C LEU KA 75 39.61 81.77 65.77
N ILE KA 76 39.79 81.36 64.51
CA ILE KA 76 38.79 81.74 63.50
C ILE KA 76 37.43 81.01 63.59
N PRO KA 77 37.29 79.72 63.96
CA PRO KA 77 35.93 79.20 64.13
C PRO KA 77 35.29 79.69 65.40
N VAL KA 78 36.07 80.08 66.40
CA VAL KA 78 35.53 80.75 67.58
C VAL KA 78 34.82 82.04 67.16
N TRP KA 79 35.46 82.80 66.28
CA TRP KA 79 34.87 84.04 65.78
C TRP KA 79 33.62 83.76 64.94
N ILE KA 80 33.68 82.76 64.07
CA ILE KA 80 32.52 82.48 63.21
C ILE KA 80 31.35 81.96 64.04
N ILE KA 81 31.60 81.11 65.02
CA ILE KA 81 30.47 80.58 65.77
C ILE KA 81 29.99 81.59 66.79
N HIS KA 82 30.81 82.56 67.20
CA HIS KA 82 30.24 83.58 68.05
C HIS KA 82 29.44 84.59 67.25
N TYR KA 83 29.86 84.83 66.00
CA TYR KA 83 29.05 85.62 65.07
C TYR KA 83 27.71 84.96 64.85
N TYR KA 84 27.72 83.64 64.67
CA TYR KA 84 26.48 82.91 64.50
C TYR KA 84 25.68 82.85 65.78
N LEU KA 85 26.34 82.93 66.92
CA LEU KA 85 25.70 82.60 68.17
C LEU KA 85 25.11 83.82 68.86
N LYS KA 86 25.57 85.02 68.54
CA LYS KA 86 24.76 86.15 68.98
C LYS KA 86 23.55 86.34 68.10
N TYR KA 87 23.75 86.43 66.79
CA TYR KA 87 22.83 87.20 65.96
C TYR KA 87 21.61 86.40 65.54
N HIS KA 88 21.80 85.32 64.77
CA HIS KA 88 20.67 84.49 64.35
C HIS KA 88 20.04 83.79 65.54
N VAL KA 89 20.90 83.27 66.43
CA VAL KA 89 20.48 82.56 67.64
C VAL KA 89 19.68 83.46 68.55
N THR KA 90 20.07 84.73 68.67
CA THR KA 90 19.35 85.65 69.52
C THR KA 90 18.05 86.09 68.89
N THR KA 91 18.06 86.43 67.59
CA THR KA 91 16.84 86.86 66.92
C THR KA 91 15.81 85.75 66.82
N LYS KA 92 16.21 84.49 66.87
CA LYS KA 92 15.24 83.48 67.20
C LYS KA 92 14.95 83.56 68.70
N PRO KA 93 13.73 83.83 69.12
CA PRO KA 93 13.45 84.02 70.55
C PRO KA 93 13.64 82.83 71.46
N TYR KA 94 12.90 81.74 71.25
CA TYR KA 94 13.08 80.58 72.09
C TYR KA 94 14.26 79.82 71.54
N THR KA 95 15.39 80.02 72.18
CA THR KA 95 16.67 79.51 71.74
C THR KA 95 17.38 79.23 73.05
N ILE KA 96 18.71 79.31 73.05
CA ILE KA 96 19.61 79.04 74.17
C ILE KA 96 19.11 79.71 75.44
N VAL KA 97 18.89 78.90 76.47
CA VAL KA 97 18.28 79.38 77.72
C VAL KA 97 18.98 78.69 78.89
N GLU KA 98 18.58 79.08 80.09
CA GLU KA 98 19.39 78.86 81.27
C GLU KA 98 18.58 78.34 82.44
N LYS KA 99 19.24 77.54 83.26
CA LYS KA 99 18.91 77.47 84.67
C LYS KA 99 19.58 78.64 85.35
N LYS KA 100 18.75 79.41 86.06
CA LYS KA 100 19.03 80.72 86.61
C LYS KA 100 20.16 80.63 87.63
N PRO KA 101 20.99 81.67 87.72
CA PRO KA 101 21.92 81.76 88.85
C PRO KA 101 21.18 81.83 90.17
N ARG KA 102 21.82 81.26 91.19
CA ARG KA 102 21.16 81.03 92.47
C ARG KA 102 21.39 82.22 93.39
N ILE KA 103 20.31 82.84 93.82
CA ILE KA 103 20.40 83.97 94.72
C ILE KA 103 20.40 83.49 96.15
N PHE KA 104 20.80 84.38 97.06
CA PHE KA 104 21.11 84.00 98.42
C PHE KA 104 20.34 84.83 99.44
N PRO KA 105 20.02 84.25 100.60
CA PRO KA 105 19.14 84.96 101.55
C PRO KA 105 19.80 86.13 102.25
N GLY KA 106 21.13 86.18 102.31
CA GLY KA 106 21.82 87.28 102.94
C GLY KA 106 22.59 88.18 102.02
N ASP KA 107 22.40 88.08 100.71
CA ASP KA 107 23.19 88.82 99.75
C ASP KA 107 22.33 89.80 98.99
N THR KA 108 22.94 90.48 98.02
CA THR KA 108 22.27 91.49 97.23
C THR KA 108 22.15 91.04 95.78
N ILE KA 109 21.42 91.86 95.01
CA ILE KA 109 21.14 91.60 93.60
C ILE KA 109 21.88 92.65 92.79
N LEU KA 110 22.59 92.22 91.75
CA LEU KA 110 23.39 93.16 90.99
C LEU KA 110 22.52 94.10 90.16
N GLU KA 111 21.35 93.64 89.71
CA GLU KA 111 20.52 94.53 88.90
C GLU KA 111 19.64 95.43 89.77
N THR KA 112 18.76 94.83 90.57
CA THR KA 112 17.85 95.65 91.37
C THR KA 112 18.57 96.24 92.57
N GLY KA 113 19.01 95.38 93.49
CA GLY KA 113 19.79 95.83 94.62
C GLY KA 113 18.95 96.00 95.86
N GLU KA 114 18.94 94.96 96.69
CA GLU KA 114 18.26 94.97 97.98
C GLU KA 114 18.75 93.75 98.74
N VAL KA 115 18.53 93.75 100.02
CA VAL KA 115 18.81 92.57 100.81
C VAL KA 115 17.54 91.74 100.90
N ILE KA 116 17.73 90.44 100.78
CA ILE KA 116 16.70 89.48 101.15
C ILE KA 116 16.83 89.43 102.66
N PRO KA 117 15.73 89.32 103.41
CA PRO KA 117 15.83 89.08 104.86
C PRO KA 117 16.63 87.83 105.16
N PRO KA 118 17.70 87.95 105.93
CA PRO KA 118 18.70 86.87 106.01
C PRO KA 118 18.26 85.66 106.83
N MET KA 119 19.21 84.75 107.02
CA MET KA 119 18.96 83.50 107.71
C MET KA 119 18.61 83.77 109.17
N LYS KA 120 17.81 82.88 109.75
CA LYS KA 120 17.28 83.08 111.09
C LYS KA 120 18.28 82.70 112.17
N GLU KA 121 17.77 82.47 113.37
CA GLU KA 121 18.59 82.33 114.56
C GLU KA 121 19.57 81.17 114.45
N PHE KA 122 20.79 81.44 114.86
CA PHE KA 122 21.94 80.53 114.82
C PHE KA 122 22.04 79.36 115.80
N PRO KA 123 21.46 79.38 117.07
CA PRO KA 123 22.12 78.66 118.18
C PRO KA 123 22.12 77.14 118.14
N ASP KA 124 22.66 76.57 119.23
CA ASP KA 124 23.01 75.15 119.39
C ASP KA 124 24.06 74.72 118.35
N GLN KA 125 25.23 75.34 118.45
CA GLN KA 125 26.30 75.11 117.51
C GLN KA 125 27.55 74.60 118.19
N GLY LA 1 23.16 43.41 109.84
CA GLY LA 1 23.51 44.03 111.10
C GLY LA 1 23.16 43.20 112.32
N ALA LA 2 22.54 43.85 113.32
CA ALA LA 2 22.13 43.22 114.56
C ALA LA 2 20.62 43.23 114.76
N HIS LA 3 20.01 44.42 114.62
CA HIS LA 3 18.56 44.56 114.67
C HIS LA 3 17.88 43.72 113.59
N LEU LA 4 18.53 43.57 112.44
CA LEU LA 4 17.95 42.84 111.33
C LEU LA 4 17.87 41.36 111.64
N ALA LA 5 18.97 40.78 112.15
CA ALA LA 5 18.99 39.38 112.49
C ALA LA 5 18.10 39.09 113.70
N ARG LA 6 18.01 40.05 114.63
CA ARG LA 6 17.08 39.87 115.75
C ARG LA 6 15.63 39.90 115.27
N ARG LA 7 15.31 40.74 114.28
CA ARG LA 7 13.94 40.79 113.79
C ARG LA 7 13.62 39.54 112.98
N TYR LA 8 14.57 39.06 112.18
CA TYR LA 8 14.29 37.90 111.35
C TYR LA 8 14.34 36.59 112.11
N LEU LA 9 15.03 36.54 113.25
CA LEU LA 9 14.92 35.37 114.12
C LEU LA 9 13.76 35.46 115.08
N GLY LA 10 13.29 36.67 115.40
CA GLY LA 10 12.17 36.85 116.28
C GLY LA 10 10.85 36.93 115.52
N ASP LA 11 9.76 36.91 116.29
CA ASP LA 11 8.44 36.96 115.71
C ASP LA 11 8.10 38.39 115.29
N ALA LA 12 7.13 38.49 114.38
CA ALA LA 12 6.88 39.72 113.64
C ALA LA 12 6.32 40.85 114.49
N SER LA 13 5.86 40.57 115.71
CA SER LA 13 5.28 41.63 116.51
C SER LA 13 6.37 42.44 117.20
N VAL LA 14 7.16 41.80 118.07
CA VAL LA 14 7.98 42.52 119.05
C VAL LA 14 9.16 43.27 118.44
N GLU LA 15 9.44 43.08 117.17
CA GLU LA 15 10.46 43.85 116.46
C GLU LA 15 9.81 44.49 115.26
N PRO LA 16 9.33 45.72 115.38
CA PRO LA 16 8.59 46.34 114.26
C PRO LA 16 9.51 46.77 113.13
N GLU LA 17 8.88 47.15 112.02
CA GLU LA 17 9.53 47.37 110.75
C GLU LA 17 9.39 48.82 110.28
N PRO LA 18 10.24 49.27 109.35
CA PRO LA 18 9.96 50.51 108.63
C PRO LA 18 8.90 50.33 107.56
N LEU LA 19 8.71 51.39 106.75
CA LEU LA 19 7.75 51.59 105.66
C LEU LA 19 6.28 51.55 106.10
N ARG LA 20 6.03 51.30 107.38
CA ARG LA 20 4.74 51.45 108.03
C ARG LA 20 4.98 52.10 109.38
N MET LA 21 5.69 53.23 109.35
CA MET LA 21 6.31 53.79 110.55
C MET LA 21 5.35 54.35 111.61
N PRO LA 22 4.25 55.08 111.30
CA PRO LA 22 3.34 55.40 112.42
C PRO LA 22 2.58 54.18 112.89
N THR LA 23 3.05 53.60 113.99
CA THR LA 23 2.51 52.36 114.52
C THR LA 23 1.85 52.59 115.87
N PHE LA 24 2.59 53.10 116.83
CA PHE LA 24 1.92 53.72 117.95
C PHE LA 24 1.69 55.18 117.62
N PRO LA 25 0.48 55.68 117.90
CA PRO LA 25 0.06 56.98 117.35
C PRO LA 25 0.87 58.11 117.95
N PRO LA 26 0.93 59.25 117.27
CA PRO LA 26 1.60 60.42 117.84
C PRO LA 26 0.85 60.95 119.05
N ASP LA 27 1.51 61.91 119.74
CA ASP LA 27 1.24 62.46 121.07
C ASP LA 27 0.65 61.44 122.05
N TYR LA 28 1.36 60.31 122.19
CA TYR LA 28 0.96 59.24 123.09
C TYR LA 28 0.97 59.70 124.54
N GLY LA 29 2.14 60.05 125.06
CA GLY LA 29 2.26 60.50 126.44
C GLY LA 29 3.20 61.68 126.58
N PHE LA 30 3.22 62.55 125.57
CA PHE LA 30 4.28 63.55 125.46
C PHE LA 30 4.09 64.65 126.50
N PRO LA 31 5.14 65.02 127.26
CA PRO LA 31 5.06 66.16 128.17
C PRO LA 31 5.33 67.52 127.49
N GLU LA 32 4.68 67.72 126.34
CA GLU LA 32 4.68 68.97 125.56
C GLU LA 32 6.08 69.39 125.12
N ARG LA 33 6.91 68.41 124.75
CA ARG LA 33 8.22 68.68 124.19
C ARG LA 33 8.10 68.61 122.68
N LYS LA 34 7.82 69.75 122.05
CA LYS LA 34 7.78 69.85 120.60
C LYS LA 34 8.07 71.29 120.24
N GLU LA 35 9.23 71.54 119.62
CA GLU LA 35 9.54 72.85 119.10
C GLU LA 35 9.58 72.86 117.59
N ARG LA 36 10.19 71.84 116.98
CA ARG LA 36 10.24 71.63 115.53
C ARG LA 36 10.85 72.85 114.83
N GLU LA 37 12.17 72.97 115.06
CA GLU LA 37 12.98 74.18 114.97
C GLU LA 37 12.63 75.11 113.81
N MET LA 38 12.59 74.56 112.59
CA MET LA 38 12.09 75.22 111.38
C MET LA 38 12.84 76.52 111.11
N VAL LA 39 14.13 76.37 110.87
CA VAL LA 39 14.99 77.49 110.54
C VAL LA 39 15.09 77.62 109.01
N ALA LA 40 14.14 77.03 108.31
CA ALA LA 40 14.27 76.81 106.87
C ALA LA 40 14.09 78.09 106.07
N THR LA 41 13.14 78.94 106.47
CA THR LA 41 12.65 80.07 105.68
C THR LA 41 12.27 79.60 104.28
N GLN LA 42 11.21 78.80 104.26
CA GLN LA 42 10.93 77.90 103.13
C GLN LA 42 10.67 78.68 101.84
N GLN LA 43 10.12 79.87 101.94
CA GLN LA 43 10.00 80.74 100.77
C GLN LA 43 11.36 81.18 100.27
N GLU LA 44 12.23 81.61 101.20
CA GLU LA 44 13.60 81.97 100.83
C GLU LA 44 14.39 80.76 100.36
N MET LA 45 14.02 79.57 100.86
CA MET LA 45 14.64 78.33 100.42
C MET LA 45 14.31 78.01 98.97
N ASN LA 46 13.03 78.11 98.61
CA ASN LA 46 12.64 77.91 97.23
C ASN LA 46 13.21 79.01 96.34
N ASP LA 47 13.41 80.21 96.90
CA ASP LA 47 14.14 81.24 96.17
C ASP LA 47 15.59 80.87 95.95
N ALA LA 48 16.20 80.14 96.89
CA ALA LA 48 17.61 79.80 96.76
C ALA LA 48 17.87 78.54 95.95
N GLN LA 49 16.83 77.97 95.33
CA GLN LA 49 16.92 76.91 94.32
C GLN LA 49 17.60 75.64 94.85
N LEU LA 50 16.98 75.05 95.84
CA LEU LA 50 17.54 73.85 96.46
C LEU LA 50 16.98 72.62 95.78
N VAL LA 51 17.20 71.47 96.41
CA VAL LA 51 16.92 70.17 95.82
C VAL LA 51 15.78 69.52 96.61
N LEU LA 52 14.92 68.80 95.90
CA LEU LA 52 14.00 67.88 96.55
C LEU LA 52 14.78 66.84 97.32
N GLN LA 53 14.21 66.42 98.46
CA GLN LA 53 14.85 65.61 99.49
C GLN LA 53 16.10 66.26 100.07
N GLN LA 54 16.23 67.58 99.91
CA GLN LA 54 17.10 68.41 100.70
C GLN LA 54 16.35 69.52 101.42
N ARG LA 55 15.08 69.75 101.08
CA ARG LA 55 14.25 70.72 101.80
C ARG LA 55 13.87 70.10 103.14
N ASP LA 56 14.84 70.09 104.05
CA ASP LA 56 14.75 69.24 105.22
C ASP LA 56 14.93 70.07 106.48
N TYR LA 57 15.15 69.41 107.60
CA TYR LA 57 15.74 70.13 108.70
C TYR LA 57 17.25 70.26 108.44
N CYS LA 58 17.89 71.11 109.25
CA CYS LA 58 19.34 71.38 109.21
C CYS LA 58 19.79 71.98 107.87
N ALA LA 59 18.87 72.62 107.16
CA ALA LA 59 19.17 73.04 105.80
C ALA LA 59 19.82 74.41 105.72
N HIS LA 60 19.68 75.23 106.76
CA HIS LA 60 20.32 76.53 106.77
C HIS LA 60 21.83 76.41 106.89
N TYR LA 61 22.34 75.32 107.49
CA TYR LA 61 23.76 75.04 107.45
C TYR LA 61 24.23 74.78 106.02
N LEU LA 62 23.41 74.06 105.25
CA LEU LA 62 23.70 73.84 103.84
C LEU LA 62 23.65 75.15 103.06
N ILE LA 63 22.73 76.03 103.43
CA ILE LA 63 22.65 77.35 102.82
C ILE LA 63 23.92 78.13 103.04
N ARG LA 64 24.42 78.13 104.27
CA ARG LA 64 25.66 78.83 104.58
C ARG LA 64 26.85 78.19 103.88
N PHE LA 65 26.83 76.87 103.72
CA PHE LA 65 27.91 76.18 103.01
C PHE LA 65 27.95 76.56 101.55
N LEU LA 66 26.78 76.58 100.90
CA LEU LA 66 26.70 77.05 99.52
C LEU LA 66 27.09 78.51 99.40
N LYS LA 67 26.78 79.31 100.42
CA LYS LA 67 27.11 80.72 100.41
C LYS LA 67 28.62 80.93 100.48
N CYS LA 68 29.31 80.24 101.38
CA CYS LA 68 30.75 80.42 101.50
C CYS LA 68 31.48 79.84 100.30
N LYS LA 69 31.00 78.71 99.77
CA LYS LA 69 31.61 78.13 98.58
C LYS LA 69 31.44 79.03 97.37
N ARG LA 70 30.31 79.73 97.28
CA ARG LA 70 30.14 80.68 96.18
C ARG LA 70 31.03 81.89 96.39
N ASP LA 71 31.17 82.33 97.65
CA ASP LA 71 31.89 83.56 97.92
C ASP LA 71 33.40 83.41 97.76
N SER LA 72 33.95 82.22 98.01
CA SER LA 72 35.37 81.98 97.78
C SER LA 72 35.49 80.75 96.89
N PHE LA 73 35.37 80.96 95.58
CA PHE LA 73 35.33 79.81 94.70
C PHE LA 73 36.70 79.19 94.39
N PRO LA 74 37.76 79.92 94.02
CA PRO LA 74 39.04 79.23 93.82
C PRO LA 74 39.72 78.81 95.12
N ASN LA 75 39.21 79.23 96.27
CA ASN LA 75 39.59 78.61 97.52
C ASN LA 75 39.00 77.22 97.57
N PHE LA 76 39.72 76.28 96.97
CA PHE LA 76 39.26 74.92 96.77
C PHE LA 76 39.16 74.15 98.08
N LEU LA 77 39.88 74.59 99.11
CA LEU LA 77 39.94 73.89 100.37
C LEU LA 77 39.54 74.83 101.51
N ALA LA 78 38.44 75.54 101.34
CA ALA LA 78 38.02 76.51 102.35
C ALA LA 78 36.92 75.96 103.25
N CYS LA 79 35.78 75.62 102.66
CA CYS LA 79 34.56 75.45 103.45
C CYS LA 79 34.50 74.04 104.02
N LYS LA 80 34.93 73.90 105.26
CA LYS LA 80 34.74 72.66 106.00
C LYS LA 80 34.22 72.86 107.41
N HIS LA 81 34.27 74.07 107.97
CA HIS LA 81 33.65 74.28 109.26
C HIS LA 81 32.14 74.26 109.15
N GLU LA 82 31.59 74.97 108.16
CA GLU LA 82 30.16 74.95 107.97
C GLU LA 82 29.70 73.65 107.33
N GLN LA 83 30.57 73.01 106.54
CA GLN LA 83 30.27 71.66 106.06
C GLN LA 83 30.21 70.67 107.22
N HIS LA 84 31.13 70.82 108.17
CA HIS LA 84 31.13 69.97 109.35
C HIS LA 84 29.92 70.25 110.22
N ASP LA 85 29.46 71.50 110.26
CA ASP LA 85 28.26 71.80 111.03
C ASP LA 85 27.03 71.18 110.39
N TRP LA 86 26.97 71.20 109.06
CA TRP LA 86 25.88 70.54 108.35
C TRP LA 86 25.91 69.04 108.59
N ASP LA 87 27.10 68.45 108.60
CA ASP LA 87 27.26 67.04 108.93
C ASP LA 87 26.84 66.75 110.36
N TYR LA 88 27.18 67.65 111.28
CA TYR LA 88 26.83 67.50 112.68
C TYR LA 88 25.32 67.55 112.87
N CYS LA 89 24.65 68.43 112.14
CA CYS LA 89 23.21 68.55 112.33
C CYS LA 89 22.48 67.36 111.72
N GLU LA 90 22.94 66.88 110.56
CA GLU LA 90 22.33 65.68 110.01
C GLU LA 90 22.68 64.44 110.83
N HIS LA 91 23.82 64.47 111.51
CA HIS LA 91 24.16 63.47 112.52
C HIS LA 91 23.16 63.48 113.67
N LEU LA 92 22.77 64.67 114.11
CA LEU LA 92 21.74 64.80 115.14
C LEU LA 92 20.40 64.28 114.65
N ASP LA 93 20.07 64.55 113.39
CA ASP LA 93 18.82 64.04 112.81
C ASP LA 93 18.85 62.51 112.75
N TYR LA 94 20.02 61.95 112.46
CA TYR LA 94 20.17 60.50 112.43
C TYR LA 94 19.98 59.90 113.83
N VAL LA 95 20.50 60.59 114.84
CA VAL LA 95 20.25 60.23 116.23
C VAL LA 95 18.75 60.23 116.52
N LYS LA 96 18.05 61.24 116.00
CA LYS LA 96 16.62 61.36 116.24
C LYS LA 96 15.85 60.23 115.59
N ARG LA 97 16.24 59.84 114.37
CA ARG LA 97 15.53 58.76 113.70
C ARG LA 97 15.79 57.42 114.38
N MET LA 98 17.01 57.24 114.89
CA MET LA 98 17.31 56.04 115.66
C MET LA 98 16.50 56.01 116.96
N LYS LA 99 16.34 57.18 117.59
CA LYS LA 99 15.54 57.27 118.82
C LYS LA 99 14.09 56.91 118.56
N GLU LA 100 13.55 57.36 117.43
CA GLU LA 100 12.17 57.04 117.09
C GLU LA 100 12.00 55.55 116.86
N PHE LA 101 12.96 54.93 116.16
CA PHE LA 101 12.91 53.49 115.88
C PHE LA 101 12.91 52.68 117.16
N GLU LA 102 13.93 52.89 118.00
CA GLU LA 102 14.01 52.03 119.18
C GLU LA 102 13.00 52.43 120.26
N ARG LA 103 12.44 53.64 120.18
CA ARG LA 103 11.32 53.97 121.05
C ARG LA 103 10.09 53.17 120.67
N GLU LA 104 9.78 53.06 119.37
CA GLU LA 104 8.68 52.19 118.96
C GLU LA 104 8.96 50.73 119.29
N ARG LA 105 10.23 50.34 119.22
CA ARG LA 105 10.64 48.98 119.61
C ARG LA 105 10.30 48.68 121.07
N ARG LA 106 10.72 49.57 121.97
CA ARG LA 106 10.45 49.34 123.39
C ARG LA 106 8.98 49.52 123.72
N LEU LA 107 8.27 50.41 123.01
CA LEU LA 107 6.83 50.51 123.14
C LEU LA 107 6.14 49.21 122.82
N LEU LA 108 6.54 48.56 121.72
CA LEU LA 108 5.82 47.36 121.33
C LEU LA 108 6.21 46.20 122.23
N GLN LA 109 7.46 46.17 122.70
CA GLN LA 109 7.87 45.11 123.62
C GLN LA 109 7.12 45.22 124.94
N ARG LA 110 7.03 46.43 125.50
CA ARG LA 110 6.28 46.63 126.74
C ARG LA 110 4.79 46.43 126.54
N LYS LA 111 4.26 46.75 125.36
CA LYS LA 111 2.84 46.58 125.13
C LYS LA 111 2.47 45.10 125.05
N LYS LA 112 3.34 44.30 124.41
CA LYS LA 112 3.05 42.88 124.38
C LYS LA 112 3.31 42.22 125.72
N ARG LA 113 4.31 42.70 126.47
CA ARG LA 113 4.50 42.27 127.85
C ARG LA 113 3.26 42.57 128.70
N ARG LA 114 2.73 43.78 128.59
CA ARG LA 114 1.62 44.20 129.44
C ARG LA 114 0.31 43.52 129.05
N GLU LA 115 0.10 43.24 127.77
CA GLU LA 115 -1.10 42.49 127.42
C GLU LA 115 -0.97 41.02 127.79
N GLN LA 116 0.25 40.47 127.79
CA GLN LA 116 0.45 39.11 128.28
C GLN LA 116 0.20 39.02 129.78
N ARG LA 117 0.57 40.05 130.54
CA ARG LA 117 0.40 39.99 131.99
C ARG LA 117 -1.00 40.41 132.43
N GLU LA 118 -1.69 41.21 131.62
CA GLU LA 118 -3.09 41.51 131.88
C GLU LA 118 -4.01 40.41 131.37
N ALA LA 119 -3.54 39.59 130.44
CA ALA LA 119 -4.33 38.47 129.94
C ALA LA 119 -3.51 37.17 129.95
N PHE MA 2 46.33 11.09 57.19
CA PHE MA 2 46.12 12.50 56.92
C PHE MA 2 47.44 13.25 57.02
N LEU MA 3 48.32 13.01 56.05
CA LEU MA 3 49.67 13.55 56.01
C LEU MA 3 50.18 13.46 54.59
N PRO MA 4 51.03 14.39 54.15
CA PRO MA 4 51.44 14.43 52.73
C PRO MA 4 52.35 13.29 52.28
N SER MA 5 52.88 12.49 53.20
CA SER MA 5 53.79 11.43 52.78
C SER MA 5 53.07 10.11 52.56
N ALA MA 6 52.26 9.68 53.53
CA ALA MA 6 51.61 8.38 53.50
C ALA MA 6 50.19 8.57 54.05
N ALA MA 7 49.57 7.46 54.44
CA ALA MA 7 48.23 7.48 55.02
C ALA MA 7 48.22 7.12 56.50
N TYR MA 8 48.76 5.95 56.84
CA TYR MA 8 48.99 5.59 58.23
C TYR MA 8 49.98 6.57 58.85
N LEU MA 9 49.77 6.91 60.12
CA LEU MA 9 50.70 7.87 60.70
C LEU MA 9 51.95 7.16 61.19
N THR MA 10 51.82 6.48 62.33
CA THR MA 10 52.49 5.29 62.85
C THR MA 10 51.97 5.13 64.26
N HIS MA 11 52.38 4.06 64.92
CA HIS MA 11 52.32 4.05 66.37
C HIS MA 11 53.22 5.12 66.97
N GLN MA 12 54.43 5.24 66.44
CA GLN MA 12 55.43 6.10 67.03
C GLN MA 12 55.07 7.57 66.89
N GLN MA 13 54.45 7.94 65.76
CA GLN MA 13 54.04 9.32 65.56
C GLN MA 13 52.92 9.70 66.52
N LYS MA 14 51.97 8.79 66.76
CA LYS MA 14 50.87 9.09 67.65
C LYS MA 14 51.34 9.22 69.09
N VAL MA 15 52.25 8.31 69.50
CA VAL MA 15 52.88 8.41 70.82
C VAL MA 15 53.62 9.72 70.97
N LEU MA 16 54.32 10.12 69.92
CA LEU MA 16 55.16 11.31 70.01
C LEU MA 16 54.31 12.58 70.04
N GLN MA 17 53.19 12.59 69.32
CA GLN MA 17 52.29 13.73 69.37
C GLN MA 17 51.60 13.83 70.72
N LEU MA 18 51.27 12.68 71.34
CA LEU MA 18 50.77 12.71 72.71
C LEU MA 18 51.81 13.27 73.67
N TYR MA 19 53.08 12.94 73.42
CA TYR MA 19 54.16 13.46 74.25
C TYR MA 19 54.26 14.97 74.17
N LYS MA 20 54.21 15.50 72.95
CA LYS MA 20 54.30 16.95 72.76
C LYS MA 20 53.09 17.66 73.35
N ARG MA 21 51.89 17.07 73.22
CA ARG MA 21 50.69 17.70 73.77
C ARG MA 21 50.67 17.67 75.29
N ALA MA 22 51.05 16.53 75.89
CA ALA MA 22 51.03 16.44 77.35
C ALA MA 22 52.09 17.34 77.96
N LEU MA 23 53.23 17.47 77.31
CA LEU MA 23 54.27 18.32 77.83
C LEU MA 23 53.88 19.80 77.69
N ARG MA 24 53.22 20.16 76.59
CA ARG MA 24 52.76 21.53 76.42
C ARG MA 24 51.66 21.89 77.42
N HIS MA 25 50.71 20.97 77.64
CA HIS MA 25 49.71 21.14 78.68
C HIS MA 25 50.35 21.27 80.05
N LEU MA 26 51.43 20.55 80.31
CA LEU MA 26 52.08 20.66 81.60
C LEU MA 26 52.77 22.01 81.77
N GLU MA 27 53.33 22.56 80.68
CA GLU MA 27 53.82 23.94 80.68
C GLU MA 27 52.72 24.90 81.08
N SER MA 28 51.52 24.70 80.56
CA SER MA 28 50.43 25.62 80.87
C SER MA 28 49.92 25.43 82.29
N ARG MA 29 49.85 24.19 82.76
CA ARG MA 29 49.32 23.92 84.10
C ARG MA 29 50.28 24.34 85.20
N CYS MA 30 51.58 24.32 84.93
CA CYS MA 30 52.56 24.10 85.99
C CYS MA 30 53.59 25.22 86.01
N VAL MA 31 53.13 26.46 86.15
CA VAL MA 31 53.97 27.67 86.12
C VAL MA 31 54.99 27.69 87.26
N HIS MA 32 55.91 28.67 87.20
CA HIS MA 32 57.17 28.90 87.92
C HIS MA 32 58.31 28.07 87.36
N ARG MA 33 58.05 27.16 86.42
CA ARG MA 33 59.00 26.46 85.55
C ARG MA 33 59.90 25.44 86.27
N ASP MA 34 60.01 25.51 87.59
CA ASP MA 34 60.90 24.57 88.27
C ASP MA 34 60.19 23.27 88.63
N LYS MA 35 59.00 23.38 89.24
CA LYS MA 35 58.17 22.21 89.44
C LYS MA 35 57.67 21.67 88.11
N TYR MA 36 57.59 22.53 87.10
CA TYR MA 36 57.42 22.06 85.72
C TYR MA 36 58.57 21.16 85.29
N ARG MA 37 59.81 21.59 85.53
CA ARG MA 37 60.96 20.81 85.10
C ARG MA 37 61.00 19.47 85.83
N TYR MA 38 60.62 19.52 87.10
CA TYR MA 38 60.39 18.32 87.92
C TYR MA 38 59.37 17.39 87.27
N PHE MA 39 58.18 17.89 86.98
CA PHE MA 39 57.14 17.06 86.38
C PHE MA 39 57.45 16.65 84.95
N ALA MA 40 58.31 17.38 84.26
CA ALA MA 40 58.73 16.96 82.93
C ALA MA 40 59.61 15.72 83.03
N CYS MA 41 60.49 15.70 84.03
CA CYS MA 41 61.25 14.48 84.29
C CYS MA 41 60.34 13.36 84.76
N LEU MA 42 59.29 13.69 85.50
CA LEU MA 42 58.31 12.69 85.91
C LEU MA 42 57.57 12.08 84.72
N LEU MA 43 57.19 12.91 83.74
CA LEU MA 43 56.50 12.40 82.57
C LEU MA 43 57.44 11.57 81.69
N ARG MA 44 58.69 12.02 81.57
CA ARG MA 44 59.66 11.28 80.77
C ARG MA 44 59.98 9.94 81.43
N ALA MA 45 59.99 9.89 82.76
CA ALA MA 45 60.10 8.63 83.48
C ALA MA 45 58.86 7.76 83.29
N ARG MA 46 57.67 8.35 83.22
CA ARG MA 46 56.47 7.55 83.07
C ARG MA 46 56.36 6.96 81.67
N PHE MA 47 56.95 7.62 80.68
CA PHE MA 47 57.16 6.94 79.41
C PHE MA 47 58.26 5.89 79.52
N ASP MA 48 59.26 6.12 80.36
CA ASP MA 48 60.32 5.13 80.51
C ASP MA 48 59.96 3.96 81.42
N GLU MA 49 58.74 3.93 81.97
CA GLU MA 49 58.30 2.81 82.80
C GLU MA 49 58.16 1.54 81.98
N HIS MA 50 57.60 1.64 80.78
CA HIS MA 50 57.55 0.50 79.89
C HIS MA 50 57.91 0.93 78.47
N LYS MA 51 59.05 1.61 78.35
CA LYS MA 51 59.68 1.80 77.04
C LYS MA 51 60.17 0.46 76.49
N ASN MA 52 60.46 -0.50 77.36
CA ASN MA 52 61.10 -1.77 77.04
C ASN MA 52 60.20 -2.72 76.26
N GLU MA 53 58.95 -2.34 75.99
CA GLU MA 53 57.99 -3.26 75.41
C GLU MA 53 58.31 -3.55 73.96
N LYS MA 54 58.56 -4.82 73.66
CA LYS MA 54 58.63 -5.26 72.28
C LYS MA 54 57.26 -5.44 71.67
N ASP MA 55 56.22 -5.55 72.48
CA ASP MA 55 54.89 -5.88 72.00
C ASP MA 55 54.26 -4.72 71.25
N MET MA 56 53.20 -5.03 70.52
CA MET MA 56 52.44 -4.03 69.78
C MET MA 56 51.08 -3.79 70.38
N VAL MA 57 50.34 -4.87 70.69
CA VAL MA 57 49.01 -4.71 71.24
C VAL MA 57 49.08 -4.18 72.66
N LYS MA 58 50.14 -4.53 73.41
CA LYS MA 58 50.37 -3.96 74.72
C LYS MA 58 50.66 -2.47 74.62
N ALA MA 59 51.46 -2.08 73.62
CA ALA MA 59 51.81 -0.68 73.42
C ALA MA 59 50.59 0.16 73.06
N THR MA 60 49.78 -0.31 72.11
CA THR MA 60 48.63 0.49 71.69
C THR MA 60 47.51 0.46 72.73
N GLN MA 61 47.41 -0.60 73.53
CA GLN MA 61 46.41 -0.64 74.59
C GLN MA 61 46.77 0.34 75.70
N LEU MA 62 48.04 0.36 76.11
CA LEU MA 62 48.45 1.32 77.11
C LEU MA 62 48.49 2.74 76.55
N LEU MA 63 48.67 2.88 75.24
CA LEU MA 63 48.55 4.18 74.60
C LEU MA 63 47.12 4.69 74.67
N ARG MA 64 46.14 3.80 74.47
CA ARG MA 64 44.74 4.20 74.56
C ARG MA 64 44.37 4.60 75.99
N GLU MA 65 44.85 3.84 76.97
CA GLU MA 65 44.63 4.23 78.36
C GLU MA 65 45.34 5.54 78.69
N ALA MA 66 46.49 5.78 78.07
CA ALA MA 66 47.19 7.04 78.29
C ALA MA 66 46.46 8.20 77.64
N GLU MA 67 45.76 7.96 76.53
CA GLU MA 67 44.94 9.00 75.94
C GLU MA 67 43.78 9.36 76.84
N LYS MA 68 43.19 8.34 77.48
CA LYS MA 68 42.19 8.59 78.52
C LYS MA 68 42.76 9.45 79.63
N GLU MA 69 43.98 9.13 80.08
CA GLU MA 69 44.63 9.87 81.14
C GLU MA 69 44.99 11.28 80.72
N PHE MA 70 45.28 11.49 79.44
CA PHE MA 70 45.62 12.83 78.97
C PHE MA 70 44.39 13.71 78.86
N TRP MA 71 43.30 13.17 78.33
CA TRP MA 71 42.08 13.96 78.26
C TRP MA 71 41.45 14.13 79.63
N HIS MA 72 41.81 13.27 80.58
CA HIS MA 72 41.34 13.38 81.95
C HIS MA 72 41.81 14.67 82.61
N GLY MA 73 43.01 15.13 82.26
CA GLY MA 73 43.58 16.28 82.92
C GLY MA 73 44.13 17.32 81.98
N GLN MA 74 43.47 17.53 80.85
CA GLN MA 74 43.88 18.61 79.96
C GLN MA 74 43.47 19.96 80.54
N HIS MA 75 43.84 21.02 79.83
CA HIS MA 75 43.70 22.38 80.31
C HIS MA 75 42.81 23.19 79.38
N PRO MA 76 42.01 24.11 79.91
CA PRO MA 76 41.12 24.90 79.04
C PRO MA 76 41.79 25.85 78.05
N GLN MA 77 42.61 26.81 78.51
CA GLN MA 77 43.27 27.76 77.61
C GLN MA 77 44.77 27.56 77.75
N PRO MA 78 45.38 26.67 76.99
CA PRO MA 78 46.80 26.38 77.15
C PRO MA 78 47.65 27.53 76.65
N TYR MA 79 48.94 27.48 77.00
CA TYR MA 79 49.90 28.48 76.52
C TYR MA 79 50.20 28.17 75.05
N ILE MA 80 49.30 28.59 74.22
CA ILE MA 80 49.52 28.49 72.79
C ILE MA 80 50.26 29.74 72.37
N PHE MA 81 51.14 29.57 71.40
CA PHE MA 81 52.09 30.62 71.09
C PHE MA 81 51.41 31.75 70.35
N PRO MA 82 51.89 32.97 70.51
CA PRO MA 82 51.36 34.07 69.70
C PRO MA 82 51.97 34.11 68.30
N GLU MA 83 52.13 32.94 67.67
CA GLU MA 83 52.18 32.80 66.22
C GLU MA 83 51.41 31.60 65.73
N SER MA 84 51.08 30.65 66.59
CA SER MA 84 50.45 29.41 66.21
C SER MA 84 48.96 29.65 65.98
N PRO MA 85 48.33 28.83 65.13
CA PRO MA 85 46.89 29.00 64.90
C PRO MA 85 46.10 28.66 66.14
N GLY MA 86 45.07 29.47 66.38
CA GLY MA 86 44.44 29.53 67.66
C GLY MA 86 45.05 30.55 68.60
N GLY MA 87 46.33 30.88 68.40
CA GLY MA 87 47.05 31.75 69.29
C GLY MA 87 46.72 33.22 69.10
N THR MA 88 47.59 34.06 69.66
CA THR MA 88 47.28 35.48 69.73
C THR MA 88 47.45 36.16 68.38
N SER MA 89 48.47 35.79 67.61
CA SER MA 89 48.63 36.50 66.33
C SER MA 89 47.73 35.91 65.25
N TYR MA 90 48.07 34.70 64.77
CA TYR MA 90 47.38 33.95 63.72
C TYR MA 90 46.96 34.83 62.54
N GLU MA 91 47.96 35.28 61.78
CA GLU MA 91 47.80 36.29 60.73
C GLU MA 91 47.27 37.58 61.32
N ARG MA 92 47.81 37.92 62.49
CA ARG MA 92 47.88 39.30 62.95
C ARG MA 92 48.34 40.21 61.83
N TYR MA 93 49.55 39.97 61.36
CA TYR MA 93 50.14 40.77 60.29
C TYR MA 93 49.73 40.23 58.93
N GLU MA 94 48.42 40.08 58.74
CA GLU MA 94 47.84 39.84 57.43
C GLU MA 94 47.33 41.13 56.83
N CYS MA 95 47.73 42.26 57.41
CA CYS MA 95 47.29 43.55 56.94
C CYS MA 95 47.92 43.90 55.61
N TYR MA 96 49.08 43.35 55.29
CA TYR MA 96 49.75 43.64 54.04
C TYR MA 96 50.39 42.40 53.44
N LYS MA 97 49.67 41.28 53.45
CA LYS MA 97 50.05 40.12 52.65
C LYS MA 97 49.38 40.20 51.29
N VAL MA 98 49.73 41.24 50.55
CA VAL MA 98 49.24 41.42 49.18
C VAL MA 98 49.84 40.34 48.29
N PRO MA 99 49.05 39.63 47.50
CA PRO MA 99 49.60 38.55 46.68
C PRO MA 99 50.48 39.05 45.55
N GLU MA 100 51.43 38.21 45.17
CA GLU MA 100 52.53 38.62 44.31
C GLU MA 100 52.19 38.53 42.84
N TRP MA 101 51.02 38.01 42.48
CA TRP MA 101 50.62 38.08 41.08
C TRP MA 101 50.24 39.49 40.67
N CYS MA 102 49.98 40.36 41.64
CA CYS MA 102 49.58 41.73 41.34
C CYS MA 102 50.81 42.54 40.95
N LEU MA 103 50.65 43.87 40.95
CA LEU MA 103 51.64 44.89 40.60
C LEU MA 103 51.87 44.95 39.09
N ASP MA 104 51.27 44.02 38.33
CA ASP MA 104 51.17 44.19 36.90
C ASP MA 104 50.31 45.38 36.55
N ASP MA 105 49.26 45.61 37.34
CA ASP MA 105 48.30 46.66 37.04
C ASP MA 105 48.62 47.92 37.82
N TRP MA 106 49.79 48.48 37.55
CA TRP MA 106 50.11 49.82 38.01
C TRP MA 106 50.21 50.77 36.83
N HIS MA 107 49.84 52.01 37.10
CA HIS MA 107 49.98 53.08 36.12
C HIS MA 107 51.46 53.32 35.83
N PRO MA 108 51.83 53.59 34.57
CA PRO MA 108 53.25 53.68 34.23
C PRO MA 108 54.01 54.84 34.84
N SER MA 109 53.33 55.79 35.50
CA SER MA 109 54.05 56.74 36.33
C SER MA 109 54.67 56.05 37.54
N GLU MA 110 53.90 55.18 38.20
CA GLU MA 110 54.44 54.42 39.33
C GLU MA 110 55.48 53.41 38.88
N LYS MA 111 55.36 52.91 37.65
CA LYS MA 111 56.42 52.07 37.12
C LYS MA 111 57.59 52.88 36.58
N ALA MA 112 57.43 54.19 36.45
CA ALA MA 112 58.58 55.05 36.29
C ALA MA 112 59.20 55.40 37.64
N MET MA 113 58.47 55.24 38.73
CA MET MA 113 59.04 55.55 40.04
C MET MA 113 60.02 54.49 40.53
N TYR MA 114 59.80 53.22 40.20
CA TYR MA 114 60.58 52.10 40.72
C TYR MA 114 61.23 51.34 39.56
N PRO MA 115 62.24 51.92 38.90
CA PRO MA 115 62.67 51.38 37.61
C PRO MA 115 63.38 50.03 37.65
N ASP MA 116 64.41 49.92 38.48
CA ASP MA 116 65.29 48.76 38.39
C ASP MA 116 64.63 47.53 38.98
N TYR MA 117 63.84 47.70 40.03
CA TYR MA 117 63.11 46.58 40.61
C TYR MA 117 62.10 46.02 39.62
N PHE MA 118 61.45 46.88 38.85
CA PHE MA 118 60.47 46.37 37.89
C PHE MA 118 61.14 45.77 36.68
N ALA MA 119 62.32 46.27 36.31
CA ALA MA 119 63.10 45.57 35.28
C ALA MA 119 63.53 44.20 35.77
N LYS MA 120 63.83 44.08 37.06
CA LYS MA 120 64.16 42.78 37.61
C LYS MA 120 62.94 41.86 37.68
N ARG MA 121 61.76 42.42 37.95
CA ARG MA 121 60.57 41.57 37.92
C ARG MA 121 60.25 41.14 36.50
N GLU MA 122 60.55 41.99 35.52
CA GLU MA 122 60.36 41.65 34.11
C GLU MA 122 61.25 40.48 33.71
N GLN MA 123 62.51 40.51 34.14
CA GLN MA 123 63.38 39.40 33.78
C GLN MA 123 63.11 38.15 34.60
N TRP MA 124 62.56 38.28 35.83
CA TRP MA 124 62.04 37.10 36.53
C TRP MA 124 60.86 36.49 35.82
N LYS MA 125 59.97 37.33 35.31
CA LYS MA 125 58.76 36.82 34.68
C LYS MA 125 59.09 36.16 33.35
N LYS MA 126 60.07 36.73 32.63
CA LYS MA 126 60.59 36.03 31.46
C LYS MA 126 61.34 34.77 31.82
N LEU MA 127 61.96 34.73 33.01
CA LEU MA 127 62.59 33.49 33.47
C LEU MA 127 61.55 32.44 33.80
N ARG MA 128 60.39 32.87 34.27
CA ARG MA 128 59.29 31.93 34.49
C ARG MA 128 58.76 31.38 33.18
N ARG MA 129 58.43 32.27 32.25
CA ARG MA 129 57.75 31.84 31.03
C ARG MA 129 58.70 31.10 30.09
N GLU MA 130 59.97 31.51 30.08
CA GLU MA 130 60.96 30.85 29.23
C GLU MA 130 61.26 29.44 29.71
N SER MA 131 61.12 29.18 31.01
CA SER MA 131 61.45 27.90 31.60
C SER MA 131 60.21 27.21 32.14
N TRP MA 132 59.12 27.23 31.36
CA TRP MA 132 57.92 26.48 31.70
C TRP MA 132 57.61 25.36 30.74
N GLU MA 133 57.94 25.52 29.46
CA GLU MA 133 57.52 24.56 28.45
C GLU MA 133 58.31 23.27 28.57
N ARG MA 134 59.60 23.32 28.29
CA ARG MA 134 60.41 22.14 28.04
C ARG MA 134 60.54 21.24 29.25
N GLU MA 135 61.21 21.73 30.30
CA GLU MA 135 61.55 20.89 31.42
C GLU MA 135 60.32 20.58 32.28
N VAL MA 136 59.51 21.60 32.55
CA VAL MA 136 58.38 21.41 33.45
C VAL MA 136 57.30 20.57 32.78
N LYS MA 137 56.97 20.87 31.52
CA LYS MA 137 55.97 20.07 30.83
C LYS MA 137 56.48 18.66 30.54
N GLN MA 138 57.79 18.49 30.37
CA GLN MA 138 58.33 17.15 30.14
C GLN MA 138 58.30 16.33 31.42
N LEU MA 139 58.69 16.93 32.55
CA LEU MA 139 58.61 16.20 33.81
C LEU MA 139 57.18 16.06 34.31
N GLN MA 140 56.24 16.81 33.77
CA GLN MA 140 54.86 16.55 34.11
C GLN MA 140 54.16 15.63 33.13
N GLU MA 141 54.79 15.35 31.99
CA GLU MA 141 54.36 14.19 31.21
C GLU MA 141 54.89 12.90 31.83
N GLU MA 142 56.20 12.84 32.02
CA GLU MA 142 56.87 11.55 32.26
C GLU MA 142 56.68 11.07 33.69
N THR MA 143 57.19 11.85 34.65
CA THR MA 143 57.22 11.40 36.03
C THR MA 143 55.87 11.17 36.73
N PRO MA 144 54.74 11.82 36.38
CA PRO MA 144 53.48 11.38 37.00
C PRO MA 144 53.04 10.01 36.50
N VAL MA 145 52.81 9.10 37.46
CA VAL MA 145 52.25 7.78 37.24
C VAL MA 145 50.74 8.00 37.15
N GLY MA 146 49.99 6.98 36.68
CA GLY MA 146 48.54 7.10 36.56
C GLY MA 146 47.82 7.35 37.87
N GLY MA 147 48.41 6.91 38.98
CA GLY MA 147 48.05 7.40 40.29
C GLY MA 147 49.26 8.04 40.93
N PRO MA 148 49.19 9.36 41.18
CA PRO MA 148 50.36 10.05 41.76
C PRO MA 148 50.69 9.60 43.16
N ARG MA 149 49.67 9.42 44.01
CA ARG MA 149 49.73 8.69 45.28
C ARG MA 149 50.66 9.33 46.30
N THR MA 150 50.95 10.61 46.13
CA THR MA 150 51.73 11.37 47.12
C THR MA 150 51.40 12.83 46.94
N GLU MA 151 51.80 13.63 47.93
CA GLU MA 151 51.60 15.06 47.88
C GLU MA 151 52.94 15.79 47.82
N ALA MA 152 53.93 15.17 47.18
CA ALA MA 152 55.25 15.74 47.05
C ALA MA 152 55.91 15.24 45.78
N LEU MA 153 56.51 16.17 44.99
CA LEU MA 153 57.16 15.97 43.71
C LEU MA 153 58.67 15.93 43.86
N PRO MA 154 59.36 15.22 42.97
CA PRO MA 154 60.82 15.24 42.98
C PRO MA 154 61.35 16.47 42.28
N PRO MA 155 62.56 16.91 42.59
CA PRO MA 155 63.13 18.08 41.91
C PRO MA 155 63.58 17.73 40.50
N ALA MA 156 64.01 18.75 39.77
CA ALA MA 156 64.56 18.55 38.44
C ALA MA 156 66.03 18.15 38.56
N ARG MA 157 66.23 16.95 39.08
CA ARG MA 157 67.56 16.39 39.24
C ARG MA 157 68.09 15.75 37.97
N LYS MA 158 67.31 15.81 36.89
CA LYS MA 158 67.67 15.19 35.62
C LYS MA 158 68.94 15.77 35.04
N GLN MA 159 68.90 17.01 34.56
CA GLN MA 159 70.16 17.62 34.14
C GLN MA 159 70.37 19.00 34.75
N GLY MA 160 69.43 19.90 34.50
CA GLY MA 160 69.71 21.33 34.57
C GLY MA 160 68.94 22.16 35.56
N ASP MA 161 67.99 22.92 35.02
CA ASP MA 161 67.36 24.07 35.66
C ASP MA 161 66.30 23.69 36.68
N LEU MA 162 65.44 24.66 36.98
CA LEU MA 162 64.66 24.72 38.21
C LEU MA 162 63.72 23.52 38.36
N PRO MA 163 63.48 23.09 39.58
CA PRO MA 163 62.44 22.09 39.81
C PRO MA 163 61.07 22.68 39.50
N PRO MA 164 60.10 21.85 39.13
CA PRO MA 164 58.81 22.40 38.73
C PRO MA 164 58.03 22.93 39.92
N LEU MA 165 57.00 23.72 39.60
CA LEU MA 165 56.05 24.30 40.56
C LEU MA 165 56.74 25.22 41.55
N TRP MA 166 57.79 25.91 41.11
CA TRP MA 166 58.51 26.74 42.05
C TRP MA 166 57.79 28.03 42.37
N TRP MA 167 56.85 28.44 41.51
CA TRP MA 167 56.41 29.83 41.49
C TRP MA 167 55.59 30.24 42.70
N HIS MA 168 54.39 29.70 42.86
CA HIS MA 168 53.57 30.03 44.01
C HIS MA 168 53.96 29.26 45.26
N ILE MA 169 55.15 28.66 45.31
CA ILE MA 169 55.74 28.16 46.54
C ILE MA 169 56.86 29.07 47.01
N VAL MA 170 57.82 29.37 46.12
CA VAL MA 170 58.91 30.25 46.49
C VAL MA 170 58.41 31.67 46.63
N THR MA 171 57.72 32.17 45.61
CA THR MA 171 57.34 33.58 45.54
C THR MA 171 56.09 33.84 46.38
N ARG MA 172 56.23 33.65 47.68
CA ARG MA 172 55.26 33.94 48.71
C ARG MA 172 55.65 35.24 49.42
N PRO MA 173 54.69 35.99 49.96
CA PRO MA 173 55.02 37.26 50.61
C PRO MA 173 55.86 37.10 51.86
N ARG MA 174 56.48 38.21 52.26
CA ARG MA 174 57.52 38.22 53.29
C ARG MA 174 57.02 37.92 54.69
N GLU MA 175 55.69 37.81 54.86
CA GLU MA 175 55.03 37.63 56.17
C GLU MA 175 55.34 38.78 57.13
N ARG MA 176 55.65 39.93 56.57
CA ARG MA 176 56.20 41.05 57.32
C ARG MA 176 56.00 42.33 56.54
N PRO MA 177 55.05 43.18 56.93
CA PRO MA 177 54.95 44.50 56.32
C PRO MA 177 56.06 45.42 56.81
N ALA NA 5 73.28 58.00 72.54
CA ALA NA 5 73.45 56.65 72.01
C ALA NA 5 72.10 55.99 71.71
N HIS NA 6 72.17 54.78 71.15
CA HIS NA 6 70.98 54.02 70.79
C HIS NA 6 70.58 53.11 71.93
N ILE NA 7 69.70 52.15 71.64
CA ILE NA 7 69.40 51.08 72.57
C ILE NA 7 69.81 49.78 71.90
N GLU NA 8 70.16 48.79 72.70
CA GLU NA 8 70.68 47.53 72.21
C GLU NA 8 70.01 46.34 72.88
N PRO NA 9 69.78 45.27 72.16
CA PRO NA 9 69.31 44.04 72.80
C PRO NA 9 70.47 43.31 73.45
N ARG NA 10 70.14 42.32 74.26
CA ARG NA 10 71.17 41.47 74.81
C ARG NA 10 70.61 40.08 75.04
N TYR NA 11 71.50 39.10 74.99
CA TYR NA 11 71.15 37.69 75.05
C TYR NA 11 71.29 37.21 76.48
N ARG NA 12 70.17 36.85 77.08
CA ARG NA 12 70.09 36.13 78.35
C ARG NA 12 70.70 36.90 79.51
N GLN NA 13 70.69 38.23 79.46
CA GLN NA 13 71.23 39.01 80.54
C GLN NA 13 70.17 39.96 81.08
N PHE NA 14 70.42 40.45 82.29
CA PHE NA 14 69.59 41.49 82.85
C PHE NA 14 69.74 42.74 81.99
N PRO NA 15 68.65 43.38 81.59
CA PRO NA 15 68.74 44.45 80.59
C PRO NA 15 69.34 45.73 81.17
N GLN NA 16 69.91 46.54 80.29
CA GLN NA 16 70.46 47.81 80.74
C GLN NA 16 69.35 48.82 80.95
N LEU NA 17 69.65 49.83 81.75
CA LEU NA 17 68.70 50.88 82.06
C LEU NA 17 69.40 52.23 82.02
N THR NA 18 68.64 53.26 81.67
CA THR NA 18 69.05 54.63 81.91
C THR NA 18 68.70 55.02 83.33
N ARG NA 19 69.40 56.02 83.86
CA ARG NA 19 69.09 56.49 85.19
C ARG NA 19 67.86 57.38 85.23
N SER NA 20 67.45 57.92 84.09
CA SER NA 20 66.38 58.91 84.07
C SER NA 20 65.01 58.27 84.26
N GLN NA 21 64.74 57.17 83.54
CA GLN NA 21 63.45 56.52 83.67
C GLN NA 21 63.28 55.89 85.04
N VAL NA 22 64.35 55.34 85.61
CA VAL NA 22 64.23 54.73 86.93
C VAL NA 22 64.16 55.82 88.01
N ILE NA 23 64.75 57.00 87.76
CA ILE NA 23 64.59 58.01 88.80
C ILE NA 23 63.20 58.65 88.73
N GLN NA 24 62.57 58.74 87.54
CA GLN NA 24 61.18 59.16 87.53
C GLN NA 24 60.26 58.08 88.12
N ALA NA 25 60.64 56.81 87.99
CA ALA NA 25 59.83 55.74 88.59
C ALA NA 25 59.84 55.82 90.11
N GLU NA 26 61.03 55.97 90.69
CA GLU NA 26 61.14 56.14 92.14
C GLU NA 26 60.46 57.43 92.59
N PHE NA 27 60.59 58.49 91.77
CA PHE NA 27 59.93 59.76 92.05
C PHE NA 27 58.43 59.62 92.12
N PHE NA 28 57.84 58.88 91.18
CA PHE NA 28 56.39 58.78 91.14
C PHE NA 28 55.83 57.87 92.22
N SER NA 29 56.51 56.74 92.49
CA SER NA 29 56.05 55.87 93.57
C SER NA 29 56.19 56.56 94.92
N ALA NA 30 57.28 57.30 95.12
CA ALA NA 30 57.45 58.01 96.38
C ALA NA 30 56.49 59.18 96.49
N THR NA 31 56.08 59.79 95.38
CA THR NA 31 55.05 60.81 95.50
C THR NA 31 53.67 60.22 95.75
N MET NA 32 53.41 59.01 95.26
CA MET NA 32 52.17 58.33 95.63
C MET NA 32 52.15 58.06 97.12
N TRP NA 33 53.28 57.58 97.64
CA TRP NA 33 53.35 57.28 99.05
C TRP NA 33 53.32 58.55 99.89
N PHE NA 34 53.88 59.63 99.35
CA PHE NA 34 53.80 60.92 100.03
C PHE NA 34 52.38 61.46 100.01
N TRP NA 35 51.64 61.21 98.93
CA TRP NA 35 50.25 61.65 98.87
C TRP NA 35 49.38 60.87 99.83
N ILE NA 36 49.62 59.55 99.95
CA ILE NA 36 48.79 58.79 100.88
C ILE NA 36 49.18 59.12 102.32
N LEU NA 37 50.43 59.53 102.57
CA LEU NA 37 50.75 59.95 103.92
C LEU NA 37 50.25 61.37 104.23
N TRP NA 38 50.48 62.31 103.30
CA TRP NA 38 50.04 63.70 103.43
C TRP NA 38 48.54 63.85 103.20
N ARG NA 39 47.86 62.76 102.92
CA ARG NA 39 46.43 62.70 102.97
C ARG NA 39 45.93 61.91 104.17
N PHE NA 40 46.77 61.01 104.69
CA PHE NA 40 46.35 60.09 105.73
C PHE NA 40 46.47 60.67 107.14
N TRP NA 41 47.25 61.71 107.32
CA TRP NA 41 47.32 62.40 108.60
C TRP NA 41 46.79 63.82 108.54
N HIS NA 42 46.96 64.50 107.41
CA HIS NA 42 47.05 65.96 107.38
C HIS NA 42 45.73 66.62 107.67
N ASP NA 43 44.63 66.10 107.14
CA ASP NA 43 43.32 66.66 107.38
C ASP NA 43 42.28 65.60 107.77
N SER NA 44 42.62 64.33 107.67
CA SER NA 44 41.76 63.17 107.87
C SER NA 44 42.69 61.97 107.90
N ASP NA 45 42.31 60.83 108.53
CA ASP NA 45 41.16 60.41 109.38
C ASP NA 45 39.74 60.54 108.83
N ALA NA 46 39.55 60.05 107.61
CA ALA NA 46 38.24 59.96 107.00
C ALA NA 46 37.70 58.54 106.97
N VAL NA 47 38.58 57.54 107.09
CA VAL NA 47 38.15 56.15 107.18
C VAL NA 47 37.47 55.91 108.52
N LEU NA 48 37.81 56.72 109.52
CA LEU NA 48 37.03 56.81 110.74
C LEU NA 48 36.25 58.13 110.66
N GLY NA 49 34.93 58.02 110.62
CA GLY NA 49 34.10 59.07 110.02
C GLY NA 49 33.64 60.24 110.86
N HIS NA 50 34.56 60.85 111.60
CA HIS NA 50 34.44 62.16 112.23
C HIS NA 50 33.30 62.28 113.24
N PHE NA 51 32.70 61.17 113.65
CA PHE NA 51 31.58 61.20 114.55
C PHE NA 51 31.60 59.95 115.40
N PRO NA 52 31.50 60.08 116.73
CA PRO NA 52 31.36 58.89 117.57
C PRO NA 52 30.03 58.22 117.27
N TYR NA 53 30.05 56.91 117.14
CA TYR NA 53 28.83 56.19 116.81
C TYR NA 53 27.89 56.17 118.00
N PRO NA 54 26.70 56.76 117.88
CA PRO NA 54 25.77 56.74 119.01
C PRO NA 54 25.23 55.35 119.26
N ASP NA 55 25.00 55.05 120.53
CA ASP NA 55 24.62 53.75 121.06
C ASP NA 55 23.21 53.35 120.65
N PRO NA 56 22.71 52.16 121.03
CA PRO NA 56 21.26 51.99 121.10
C PRO NA 56 20.62 53.10 121.92
N SER NA 57 19.58 53.70 121.34
CA SER NA 57 19.39 55.15 121.18
C SER NA 57 19.98 56.01 122.28
N GLN NA 58 19.63 55.74 123.53
CA GLN NA 58 20.31 56.38 124.65
C GLN NA 58 20.68 55.40 125.75
N TRP NA 59 20.18 54.16 125.70
CA TRP NA 59 20.17 53.21 126.83
C TRP NA 59 19.52 53.82 128.08
N THR NA 60 18.57 54.73 127.87
CA THR NA 60 17.83 55.33 128.95
C THR NA 60 16.35 55.19 128.64
N ASP NA 61 15.55 55.11 129.68
CA ASP NA 61 14.11 55.30 129.56
C ASP NA 61 13.82 56.79 129.73
N GLU NA 62 12.56 57.14 130.05
CA GLU NA 62 12.07 58.51 130.10
C GLU NA 62 12.23 59.15 128.71
N GLU NA 63 11.53 58.57 127.75
CA GLU NA 63 11.60 59.04 126.37
C GLU NA 63 10.17 59.31 125.91
N LEU NA 64 9.69 60.51 126.27
CA LEU NA 64 8.43 61.07 125.76
C LEU NA 64 7.23 60.17 126.07
N GLY NA 65 7.07 59.83 127.33
CA GLY NA 65 5.93 59.04 127.74
C GLY NA 65 6.05 57.56 127.48
N ILE NA 66 7.16 56.95 127.90
CA ILE NA 66 7.36 55.51 127.86
C ILE NA 66 6.43 54.85 128.87
N PRO NA 67 5.99 53.61 128.66
CA PRO NA 67 5.01 53.00 129.58
C PRO NA 67 5.66 52.53 130.86
N PRO NA 68 5.20 53.02 132.03
CA PRO NA 68 5.72 52.45 133.27
C PRO NA 68 5.00 51.15 133.66
N SER OA 2 29.63 27.04 30.39
CA SER OA 2 29.88 25.84 29.59
C SER OA 2 30.28 24.68 30.50
N HIS OA 3 29.41 23.68 30.60
CA HIS OA 3 29.63 22.56 31.50
C HIS OA 3 28.77 21.38 31.06
N ILE OA 4 29.21 20.18 31.41
CA ILE OA 4 28.49 18.97 31.05
C ILE OA 4 27.23 18.85 31.90
N THR OA 5 26.10 18.58 31.25
CA THR OA 5 24.83 18.38 31.96
C THR OA 5 24.88 17.16 32.86
N LYS OA 6 25.62 16.13 32.45
CA LYS OA 6 25.68 14.87 33.15
C LYS OA 6 26.43 14.95 34.47
N ASP OA 7 27.16 16.03 34.73
CA ASP OA 7 27.83 16.21 36.01
C ASP OA 7 27.01 17.00 37.01
N MET OA 8 25.74 17.26 36.73
CA MET OA 8 24.80 17.72 37.73
C MET OA 8 24.19 16.51 38.44
N LEU OA 9 23.13 16.73 39.21
CA LEU OA 9 22.68 15.73 40.19
C LEU OA 9 21.17 15.51 40.24
N PRO OA 10 20.60 14.86 39.23
CA PRO OA 10 19.18 14.50 39.33
C PRO OA 10 18.99 13.20 40.06
N GLY OA 11 17.84 13.07 40.69
CA GLY OA 11 17.42 11.81 41.25
C GLY OA 11 18.13 11.41 42.53
N PRO OA 12 17.57 10.46 43.24
CA PRO OA 12 18.27 9.90 44.41
C PRO OA 12 19.23 8.81 44.03
N TYR OA 13 19.68 8.10 45.05
CA TYR OA 13 20.64 7.00 44.90
C TYR OA 13 20.29 5.84 43.95
N PRO OA 14 19.04 5.30 43.84
CA PRO OA 14 18.89 4.08 43.04
C PRO OA 14 19.02 4.37 41.55
N LYS OA 15 19.59 3.42 40.79
CA LYS OA 15 19.91 2.05 41.21
C LYS OA 15 21.29 1.86 41.85
N THR OA 16 21.32 0.90 42.77
CA THR OA 16 22.46 0.78 43.66
C THR OA 16 23.79 0.35 43.02
N PRO OA 17 23.86 -0.46 41.94
CA PRO OA 17 25.17 -0.54 41.27
C PRO OA 17 25.54 0.72 40.52
N GLU OA 18 24.72 1.11 39.55
CA GLU OA 18 25.21 2.02 38.53
C GLU OA 18 25.10 3.47 38.93
N GLU OA 19 24.02 3.86 39.59
CA GLU OA 19 23.89 5.26 39.98
C GLU OA 19 24.81 5.60 41.13
N ARG OA 20 25.03 4.66 42.06
CA ARG OA 20 26.04 4.84 43.07
C ARG OA 20 27.44 4.88 42.45
N ALA OA 21 27.68 4.04 41.44
CA ALA OA 21 28.98 4.05 40.78
C ALA OA 21 29.24 5.38 40.08
N ALA OA 22 28.25 5.85 39.31
CA ALA OA 22 28.39 7.09 38.57
C ALA OA 22 28.44 8.30 39.48
N ALA OA 23 27.70 8.28 40.60
CA ALA OA 23 27.77 9.41 41.52
C ALA OA 23 29.07 9.40 42.32
N ALA OA 24 29.59 8.22 42.65
CA ALA OA 24 30.88 8.14 43.33
C ALA OA 24 32.01 8.60 42.42
N LYS OA 25 31.90 8.31 41.13
CA LYS OA 25 32.88 8.85 40.20
C LYS OA 25 32.59 10.30 39.85
N LYS OA 26 31.38 10.78 40.11
CA LYS OA 26 31.02 12.16 39.80
C LYS OA 26 31.43 13.12 40.90
N TYR OA 27 31.39 12.68 42.15
CA TYR OA 27 31.77 13.56 43.25
C TYR OA 27 33.16 13.26 43.78
N ASN OA 28 33.77 12.15 43.36
CA ASN OA 28 35.11 11.70 43.76
C ASN OA 28 35.21 11.51 45.28
N MET OA 29 34.49 10.50 45.76
CA MET OA 29 34.66 10.12 47.15
C MET OA 29 34.95 8.64 47.27
N ARG OA 30 34.99 8.14 48.50
CA ARG OA 30 35.05 6.70 48.73
C ARG OA 30 33.74 6.08 48.25
N VAL OA 31 33.84 4.91 47.63
CA VAL OA 31 32.74 4.38 46.84
C VAL OA 31 31.61 3.88 47.73
N GLU OA 32 31.91 2.95 48.62
CA GLU OA 32 30.86 2.40 49.46
C GLU OA 32 30.48 3.32 50.62
N ASP OA 33 31.30 4.33 50.91
CA ASP OA 33 30.98 5.28 51.97
C ASP OA 33 30.34 6.54 51.43
N TYR OA 34 30.08 6.60 50.13
CA TYR OA 34 29.23 7.62 49.55
C TYR OA 34 27.81 7.49 50.08
N GLU OA 35 27.33 8.51 50.79
CA GLU OA 35 26.03 8.35 51.40
C GLU OA 35 24.96 9.14 50.68
N PRO OA 36 23.86 8.50 50.31
CA PRO OA 36 22.60 9.22 50.19
C PRO OA 36 22.02 9.43 51.59
N TYR OA 37 21.01 10.27 51.68
CA TYR OA 37 20.58 10.73 53.00
C TYR OA 37 19.75 9.83 53.91
N PRO OA 38 18.89 8.89 53.44
CA PRO OA 38 18.45 8.30 52.15
C PRO OA 38 17.47 9.18 51.42
N ASP OA 39 16.65 8.58 50.55
CA ASP OA 39 15.66 9.33 49.77
C ASP OA 39 14.57 9.80 50.74
N ASP OA 40 14.87 10.88 51.44
CA ASP OA 40 14.01 11.45 52.46
C ASP OA 40 12.89 12.30 51.88
N GLY OA 41 12.92 12.54 50.58
CA GLY OA 41 11.93 13.38 49.94
C GLY OA 41 12.06 14.85 50.25
N MET OA 42 13.15 15.26 50.90
CA MET OA 42 13.35 16.64 51.31
C MET OA 42 14.10 17.45 50.27
N GLY OA 43 13.89 17.15 48.99
CA GLY OA 43 14.83 17.60 47.99
C GLY OA 43 16.06 16.74 48.12
N TYR OA 44 17.22 17.37 48.36
CA TYR OA 44 18.48 16.76 48.76
C TYR OA 44 19.14 15.84 47.73
N GLY OA 45 18.43 15.54 46.63
CA GLY OA 45 18.93 14.78 45.51
C GLY OA 45 19.66 13.49 45.81
N ASP OA 46 20.95 13.49 45.53
CA ASP OA 46 21.86 12.39 45.81
C ASP OA 46 23.18 12.96 46.30
N TYR OA 47 23.11 13.88 47.15
CA TYR OA 47 24.23 14.64 47.65
C TYR OA 47 24.75 14.02 48.94
N PRO OA 48 26.04 14.05 49.23
CA PRO OA 48 26.58 13.25 50.35
C PRO OA 48 26.35 13.89 51.72
N LYS OA 49 26.58 13.06 52.73
CA LYS OA 49 26.53 13.45 54.14
C LYS OA 49 27.88 13.22 54.77
N LEU OA 50 28.33 14.19 55.56
CA LEU OA 50 29.69 14.26 56.08
C LEU OA 50 29.66 14.29 57.61
N PRO OA 51 30.80 14.13 58.34
CA PRO OA 51 30.72 14.09 59.82
C PRO OA 51 30.48 15.42 60.54
N ASP OA 52 30.02 16.45 59.82
CA ASP OA 52 29.27 17.60 60.33
C ASP OA 52 30.07 18.59 61.17
N ARG OA 53 31.37 18.40 61.39
CA ARG OA 53 32.08 19.33 62.27
C ARG OA 53 33.10 20.16 61.51
N SER OA 54 34.09 19.51 60.92
CA SER OA 54 34.82 19.92 59.72
C SER OA 54 35.69 21.17 59.80
N GLN OA 55 35.67 21.91 60.91
CA GLN OA 55 36.42 23.16 60.81
C GLN OA 55 37.39 23.41 61.95
N GLN OA 56 37.05 23.01 63.16
CA GLN OA 56 38.03 23.04 64.22
C GLN OA 56 38.66 21.68 64.42
N GLU OA 57 38.29 20.72 63.59
CA GLU OA 57 39.19 19.69 63.11
C GLU OA 57 39.94 20.30 61.92
N ARG OA 58 40.69 19.48 61.17
CA ARG OA 58 41.48 19.91 60.01
C ARG OA 58 42.48 21.00 60.43
N ASP OA 59 43.42 20.59 61.26
CA ASP OA 59 44.37 21.51 61.87
C ASP OA 59 45.22 22.20 60.81
N PRO OA 60 45.54 23.50 60.98
CA PRO OA 60 46.14 24.27 59.89
C PRO OA 60 47.59 23.93 59.55
N TRP OA 61 48.13 22.92 60.20
CA TRP OA 61 49.45 22.43 59.85
C TRP OA 61 49.42 21.33 58.80
N TYR OA 62 48.24 20.94 58.30
CA TYR OA 62 48.23 20.03 57.17
C TYR OA 62 48.60 20.73 55.88
N ASP OA 63 48.36 22.05 55.83
CA ASP OA 63 48.89 22.95 54.80
C ASP OA 63 48.36 22.59 53.42
N TRP OA 64 47.05 22.57 53.31
CA TRP OA 64 46.33 22.39 52.06
C TRP OA 64 46.23 23.72 51.32
N ASP OA 65 45.33 23.79 50.34
CA ASP OA 65 45.26 24.99 49.51
C ASP OA 65 44.59 26.17 50.18
N HIS OA 66 43.28 26.07 50.44
CA HIS OA 66 42.51 27.27 50.80
C HIS OA 66 42.80 27.69 52.23
N PRO OA 67 42.87 29.00 52.49
CA PRO OA 67 43.46 29.47 53.74
C PRO OA 67 42.54 29.31 54.93
N ASP OA 68 41.27 29.58 54.73
CA ASP OA 68 40.35 29.66 55.83
C ASP OA 68 39.09 28.85 55.65
N LEU OA 69 38.85 28.31 54.45
CA LEU OA 69 37.70 27.43 54.28
C LEU OA 69 37.99 26.02 54.74
N ARG OA 70 39.26 25.68 54.95
CA ARG OA 70 39.72 24.31 55.20
C ARG OA 70 39.33 23.40 54.04
N LEU OA 71 39.46 23.93 52.83
CA LEU OA 71 39.00 23.31 51.59
C LEU OA 71 40.17 23.08 50.64
N ASN OA 72 40.00 22.13 49.72
CA ASN OA 72 41.10 21.82 48.82
C ASN OA 72 40.58 21.54 47.41
N TRP OA 73 39.56 22.29 46.99
CA TRP OA 73 39.10 22.52 45.62
C TRP OA 73 38.46 21.31 44.95
N GLY OA 74 38.74 20.10 45.41
CA GLY OA 74 37.88 19.00 45.08
C GLY OA 74 37.57 18.27 46.36
N GLU OA 75 36.38 18.51 46.87
CA GLU OA 75 35.90 18.00 48.15
C GLU OA 75 34.40 17.88 48.00
N PRO OA 76 33.72 17.19 48.91
CA PRO OA 76 32.25 17.11 48.77
C PRO OA 76 31.53 18.43 48.93
N MET OA 77 32.17 19.47 49.50
CA MET OA 77 31.58 20.80 49.69
C MET OA 77 30.27 20.69 50.48
N HIS OA 78 30.44 20.33 51.76
CA HIS OA 78 29.37 19.79 52.61
C HIS OA 78 28.11 20.64 52.58
N TRP OA 79 26.96 19.96 52.57
CA TRP OA 79 25.66 20.58 52.40
C TRP OA 79 25.38 21.66 53.43
N ASP OA 80 25.87 21.47 54.64
CA ASP OA 80 25.65 22.43 55.70
C ASP OA 80 26.90 23.24 56.01
N LEU OA 81 27.77 23.43 55.01
CA LEU OA 81 28.97 24.26 55.20
C LEU OA 81 28.59 25.70 55.51
N ASP OA 82 27.44 26.16 55.02
CA ASP OA 82 26.98 27.53 55.24
C ASP OA 82 26.66 27.82 56.70
N MET OA 83 26.46 26.80 57.51
CA MET OA 83 26.41 26.95 58.95
C MET OA 83 27.73 26.58 59.60
N TYR OA 84 28.66 25.99 58.86
CA TYR OA 84 29.83 25.41 59.50
C TYR OA 84 31.08 26.26 59.42
N ILE OA 85 31.08 27.40 58.72
CA ILE OA 85 32.31 28.15 58.44
C ILE OA 85 32.91 28.65 59.74
N ARG OA 86 34.24 28.66 59.83
CA ARG OA 86 34.86 29.45 60.86
C ARG OA 86 34.50 30.91 60.64
N ASN OA 87 34.35 31.62 61.76
CA ASN OA 87 33.65 32.85 62.12
C ASN OA 87 32.16 32.61 62.37
N ARG OA 88 31.62 31.44 62.09
CA ARG OA 88 30.20 31.23 62.31
C ARG OA 88 29.90 30.18 63.36
N VAL OA 89 30.35 28.94 63.19
CA VAL OA 89 30.19 27.90 64.22
C VAL OA 89 31.52 27.16 64.31
N ASP OA 90 32.20 27.30 65.45
CA ASP OA 90 33.45 26.61 65.70
C ASP OA 90 33.11 25.32 66.45
N THR OA 91 33.06 24.22 65.72
CA THR OA 91 32.76 22.91 66.31
C THR OA 91 34.03 22.29 66.91
N SER OA 92 34.57 22.98 67.91
CA SER OA 92 35.75 22.48 68.58
C SER OA 92 35.38 21.28 69.45
N PRO OA 93 36.32 20.37 69.68
CA PRO OA 93 36.12 19.38 70.74
C PRO OA 93 36.07 20.08 72.08
N THR OA 94 35.01 19.76 72.83
CA THR OA 94 34.72 20.51 74.05
C THR OA 94 35.73 20.19 75.13
N PRO OA 95 36.12 21.17 75.94
CA PRO OA 95 37.10 20.91 77.00
C PRO OA 95 36.60 20.02 78.13
N VAL OA 96 35.30 19.93 78.36
CA VAL OA 96 34.83 19.04 79.42
C VAL OA 96 33.85 17.98 78.93
N ASN OA 97 32.65 18.38 78.57
CA ASN OA 97 31.53 17.51 78.22
C ASN OA 97 30.53 18.34 77.42
N TRP OA 98 29.29 17.90 77.36
CA TRP OA 98 28.19 18.77 76.99
C TRP OA 98 27.13 18.84 78.08
N ASN OA 99 26.73 17.67 78.58
CA ASN OA 99 25.71 17.59 79.63
C ASN OA 99 26.17 18.25 80.91
N LEU OA 100 27.45 18.07 81.24
CA LEU OA 100 28.03 18.70 82.42
C LEU OA 100 27.94 20.22 82.33
N MET OA 101 28.28 20.77 81.16
CA MET OA 101 28.22 22.21 80.90
C MET OA 101 26.80 22.75 81.08
N CYS OA 102 25.84 22.15 80.38
CA CYS OA 102 24.48 22.69 80.40
C CYS OA 102 23.83 22.54 81.78
N LYS OA 103 24.07 21.41 82.45
CA LYS OA 103 23.45 21.22 83.75
C LYS OA 103 24.03 22.16 84.81
N HIS OA 104 25.36 22.33 84.82
CA HIS OA 104 25.93 23.24 85.81
C HIS OA 104 25.57 24.69 85.55
N LEU OA 105 25.43 25.08 84.28
CA LEU OA 105 25.07 26.47 84.00
C LEU OA 105 23.63 26.78 84.39
N PHE OA 106 22.69 25.93 83.98
CA PHE OA 106 21.29 26.20 84.32
C PHE OA 106 21.05 26.06 85.83
N GLY OA 107 21.76 25.13 86.48
CA GLY OA 107 21.64 25.02 87.92
C GLY OA 107 22.17 26.23 88.65
N PHE OA 108 23.28 26.81 88.17
CA PHE OA 108 23.81 27.99 88.83
C PHE OA 108 22.91 29.19 88.64
N VAL OA 109 22.32 29.32 87.44
CA VAL OA 109 21.39 30.42 87.22
C VAL OA 109 20.16 30.27 88.11
N ALA OA 110 19.67 29.04 88.27
CA ALA OA 110 18.51 28.81 89.13
C ALA OA 110 18.85 29.06 90.59
N PHE OA 111 20.06 28.71 91.01
CA PHE OA 111 20.50 28.96 92.37
C PHE OA 111 20.59 30.46 92.66
N MET OA 112 21.14 31.22 91.73
CA MET OA 112 21.24 32.66 91.92
C MET OA 112 19.88 33.34 91.90
N LEU OA 113 18.98 32.88 91.03
CA LEU OA 113 17.66 33.51 90.98
C LEU OA 113 16.79 33.11 92.18
N PHE OA 114 16.99 31.90 92.70
CA PHE OA 114 16.31 31.48 93.92
C PHE OA 114 16.75 32.33 95.10
N MET OA 115 18.05 32.57 95.23
CA MET OA 115 18.48 33.46 96.30
C MET OA 115 18.16 34.91 96.00
N PHE OA 116 17.95 35.27 94.74
CA PHE OA 116 17.43 36.59 94.44
C PHE OA 116 16.00 36.74 94.93
N TRP OA 117 15.18 35.69 94.80
CA TRP OA 117 13.84 35.75 95.39
C TRP OA 117 13.90 35.82 96.90
N VAL OA 118 14.89 35.15 97.50
CA VAL OA 118 15.14 35.28 98.94
C VAL OA 118 15.49 36.72 99.28
N GLY OA 119 16.27 37.39 98.43
CA GLY OA 119 16.56 38.80 98.64
C GLY OA 119 15.36 39.69 98.42
N GLU OA 120 14.50 39.33 97.48
CA GLU OA 120 13.29 40.11 97.22
C GLU OA 120 12.30 39.99 98.36
N THR OA 121 12.27 38.86 99.07
CA THR OA 121 11.33 38.72 100.18
C THR OA 121 11.91 39.13 101.52
N TYR OA 122 13.23 39.14 101.69
CA TYR OA 122 13.87 39.53 102.95
C TYR OA 122 14.74 40.74 102.68
N PRO OA 123 14.24 41.94 102.86
CA PRO OA 123 15.08 43.13 102.69
C PRO OA 123 16.00 43.29 103.89
N THR OA 124 16.91 44.25 103.77
CA THR OA 124 17.59 44.81 104.91
C THR OA 124 17.18 46.25 105.11
N TYR OA 125 17.42 46.72 106.32
CA TYR OA 125 17.19 48.12 106.66
C TYR OA 125 18.06 48.46 107.84
N GLN OA 126 18.09 49.73 108.16
CA GLN OA 126 18.80 50.25 109.30
C GLN OA 126 17.81 50.90 110.27
N PRO OA 127 18.14 50.97 111.59
CA PRO OA 127 17.12 51.33 112.58
C PRO OA 127 16.65 52.78 112.49
N VAL OA 128 15.92 53.07 111.40
CA VAL OA 128 15.72 54.43 110.92
C VAL OA 128 14.23 54.63 110.68
N GLY OA 129 13.70 55.78 111.10
CA GLY OA 129 12.35 56.16 110.78
C GLY OA 129 12.27 57.00 109.52
N PRO OA 130 11.21 57.78 109.38
CA PRO OA 130 11.07 58.66 108.22
C PRO OA 130 11.95 59.89 108.36
N LYS OA 131 12.05 60.65 107.28
CA LYS OA 131 12.53 62.00 107.43
C LYS OA 131 11.43 62.89 107.98
N GLN OA 132 11.78 64.14 108.24
CA GLN OA 132 10.86 65.11 108.81
C GLN OA 132 10.76 66.28 107.85
N TYR OA 133 9.93 66.12 106.83
CA TYR OA 133 9.71 67.20 105.88
C TYR OA 133 8.78 68.24 106.49
N PRO OA 134 9.07 69.53 106.28
CA PRO OA 134 8.37 70.58 107.05
C PRO OA 134 6.88 70.70 106.80
N TYR OA 135 6.46 70.90 105.56
CA TYR OA 135 5.09 71.33 105.31
C TYR OA 135 4.23 70.11 104.99
N ASN OA 136 3.86 69.40 106.07
CA ASN OA 136 2.88 68.31 106.05
C ASN OA 136 3.34 67.19 105.11
N ASN OA 137 4.56 66.72 105.34
CA ASN OA 137 5.31 65.84 104.43
C ASN OA 137 5.40 66.46 103.05
N LEU OA 138 5.87 67.71 103.03
CA LEU OA 138 6.29 68.46 101.84
C LEU OA 138 5.14 68.65 100.85
N TYR OA 139 4.20 69.46 101.28
CA TYR OA 139 3.22 70.02 100.38
C TYR OA 139 3.88 71.10 99.52
N LEU OA 140 3.22 71.45 98.41
CA LEU OA 140 3.63 72.40 97.37
C LEU OA 140 4.86 71.97 96.57
N GLU OA 141 5.47 70.85 96.88
CA GLU OA 141 6.52 70.27 96.05
C GLU OA 141 6.17 68.85 95.66
N ARG OA 142 5.03 68.36 96.13
CA ARG OA 142 4.25 67.33 95.46
C ARG OA 142 3.37 68.03 94.43
N GLY OA 143 2.35 67.35 93.93
CA GLY OA 143 1.42 67.80 92.90
C GLY OA 143 0.89 69.23 92.92
N GLY OA 144 0.73 69.82 94.10
CA GLY OA 144 0.38 71.23 94.14
C GLY OA 144 -0.86 71.58 94.90
N ASP OA 145 -1.90 72.05 94.19
CA ASP OA 145 -3.08 72.74 94.72
C ASP OA 145 -2.66 73.89 95.62
N PRO OA 146 -2.19 75.01 95.05
CA PRO OA 146 -1.63 76.08 95.88
C PRO OA 146 -2.65 76.84 96.72
N ASN OA 147 -3.95 76.60 96.56
CA ASN OA 147 -4.93 77.29 97.38
C ASN OA 147 -6.09 76.41 97.84
N LYS OA 148 -5.99 75.09 97.70
CA LYS OA 148 -7.16 74.24 97.89
C LYS OA 148 -7.06 73.31 99.10
N GLU OA 149 -6.05 72.45 99.15
CA GLU OA 149 -6.10 71.26 100.02
C GLU OA 149 -4.94 71.18 101.00
N PRO OA 150 -5.06 71.77 102.18
CA PRO OA 150 -4.16 71.40 103.27
C PRO OA 150 -4.73 70.28 104.11
N GLU OA 151 -3.88 69.33 104.47
CA GLU OA 151 -4.26 68.25 105.38
C GLU OA 151 -3.38 68.32 106.61
N PRO OA 152 -3.87 68.86 107.72
CA PRO OA 152 -3.01 69.06 108.90
C PRO OA 152 -2.57 67.78 109.56
N VAL OA 153 -1.26 67.51 109.46
CA VAL OA 153 -0.58 66.49 110.23
C VAL OA 153 0.86 66.95 110.44
N VAL OA 154 1.30 66.94 111.68
CA VAL OA 154 2.52 67.64 112.07
C VAL OA 154 3.61 66.68 112.48
N HIS OA 155 4.77 67.20 112.85
CA HIS OA 155 5.87 66.41 113.40
C HIS OA 155 6.05 66.71 114.88
N TYR OA 156 6.36 65.66 115.64
CA TYR OA 156 6.58 65.74 117.07
C TYR OA 156 7.98 65.23 117.39
N GLU OA 157 8.65 65.87 118.34
CA GLU OA 157 10.03 65.53 118.60
C GLU OA 157 10.15 64.40 119.62
N ILE OA 158 11.25 63.68 119.53
CA ILE OA 158 11.67 62.75 120.56
C ILE OA 158 13.05 63.16 121.04
N PRO PA 22 32.10 9.81 17.74
CA PRO PA 22 32.12 10.95 16.83
C PRO PA 22 30.86 11.80 16.95
N THR PA 23 30.71 12.51 18.07
CA THR PA 23 29.56 13.37 18.28
C THR PA 23 29.99 14.62 19.04
N LEU PA 24 29.46 15.77 18.63
CA LEU PA 24 29.75 17.08 19.18
C LEU PA 24 28.50 17.84 19.61
N ARG PA 25 27.41 17.71 18.85
CA ARG PA 25 26.15 18.44 18.91
C ARG PA 25 26.27 19.92 18.55
N TRP PA 26 27.48 20.43 18.34
CA TRP PA 26 27.68 21.85 18.13
C TRP PA 26 28.87 22.05 17.20
N GLN PA 27 29.06 23.29 16.80
CA GLN PA 27 30.17 23.65 15.95
C GLN PA 27 30.86 24.94 16.38
N GLU PA 28 30.21 25.78 17.18
CA GLU PA 28 30.79 27.04 17.64
C GLU PA 28 31.96 26.78 18.59
N ASP PA 29 32.76 27.82 18.78
CA ASP PA 29 34.01 27.73 19.53
C ASP PA 29 33.83 28.31 20.93
N PRO PA 30 34.68 27.92 21.90
CA PRO PA 30 34.66 28.62 23.19
C PRO PA 30 35.21 30.02 23.06
N GLU PA 31 34.29 30.98 23.04
CA GLU PA 31 34.51 32.34 22.64
C GLU PA 31 33.84 33.27 23.65
N PRO PA 32 34.38 34.48 23.85
CA PRO PA 32 35.68 34.94 23.41
C PRO PA 32 36.71 34.69 24.48
N GLU PA 33 37.80 35.43 24.38
CA GLU PA 33 38.69 35.66 25.51
C GLU PA 33 38.06 36.69 26.44
N ASP PA 34 38.37 36.58 27.72
CA ASP PA 34 37.91 37.60 28.66
C ASP PA 34 38.76 38.84 28.47
N GLU PA 35 38.35 39.70 27.54
CA GLU PA 35 39.21 40.79 27.07
C GLU PA 35 39.26 41.89 28.11
N ASN PA 36 40.42 42.04 28.76
CA ASN PA 36 40.63 43.11 29.71
C ASN PA 36 40.73 44.44 28.98
N LEU PA 37 40.14 45.49 29.58
CA LEU PA 37 40.15 46.80 28.96
C LEU PA 37 41.48 47.51 29.16
N TYR PA 38 42.27 47.10 30.14
CA TYR PA 38 43.59 47.67 30.32
C TYR PA 38 44.56 46.96 29.39
N GLU PA 39 45.86 47.17 29.64
CA GLU PA 39 47.02 46.64 28.93
C GLU PA 39 47.15 47.19 27.50
N LYS PA 40 46.27 48.11 27.09
CA LYS PA 40 46.33 48.73 25.76
C LYS PA 40 46.49 50.24 25.86
N ASN PA 41 45.62 50.92 26.59
CA ASN PA 41 45.79 52.32 26.97
C ASN PA 41 45.47 52.40 28.45
N PRO PA 42 46.47 52.17 29.32
CA PRO PA 42 46.17 52.15 30.76
C PRO PA 42 45.85 53.52 31.34
N ASP PA 43 46.09 54.61 30.59
CA ASP PA 43 45.63 55.91 31.04
C ASP PA 43 44.13 56.09 30.89
N SER PA 44 43.48 55.25 30.09
CA SER PA 44 42.07 55.40 29.81
C SER PA 44 41.22 55.08 31.03
N HIS PA 45 40.01 55.61 31.02
CA HIS PA 45 39.06 55.45 32.10
C HIS PA 45 38.22 54.20 31.84
N GLY PA 46 37.09 54.11 32.54
CA GLY PA 46 36.46 52.82 32.78
C GLY PA 46 35.93 52.11 31.54
N TYR PA 47 35.39 52.86 30.59
CA TYR PA 47 34.77 52.25 29.43
C TYR PA 47 35.73 52.33 28.23
N ASP PA 48 35.20 52.11 27.01
CA ASP PA 48 35.91 51.76 25.78
C ASP PA 48 37.13 52.55 25.34
N LYS PA 49 37.87 51.96 24.39
CA LYS PA 49 39.25 52.31 24.08
C LYS PA 49 39.41 53.68 23.43
N ASP PA 50 38.35 54.26 22.89
CA ASP PA 50 38.45 55.48 22.11
C ASP PA 50 38.80 56.67 23.01
N PRO PA 51 40.01 57.22 22.90
CA PRO PA 51 40.51 58.09 23.96
C PRO PA 51 39.91 59.48 23.97
N ALA PA 52 39.35 59.94 22.86
CA ALA PA 52 38.77 61.27 22.82
C ALA PA 52 37.46 61.30 23.60
N VAL PA 53 36.52 60.43 23.21
CA VAL PA 53 35.20 60.42 23.83
C VAL PA 53 35.24 59.92 25.27
N ASP PA 54 36.31 59.24 25.69
CA ASP PA 54 36.49 58.91 27.10
C ASP PA 54 36.69 60.16 27.93
N VAL PA 55 37.55 61.07 27.45
CA VAL PA 55 37.74 62.34 28.11
C VAL PA 55 36.48 63.19 28.01
N TRP PA 56 35.72 63.04 26.91
CA TRP PA 56 34.41 63.68 26.82
C TRP PA 56 33.44 63.17 27.88
N ASN PA 57 33.41 61.85 28.09
CA ASN PA 57 32.50 61.27 29.08
C ASN PA 57 32.89 61.69 30.48
N MET PA 58 34.18 61.70 30.78
CA MET PA 58 34.67 62.21 32.06
C MET PA 58 34.23 63.65 32.27
N ARG PA 59 34.38 64.49 31.23
CA ARG PA 59 34.02 65.90 31.35
C ARG PA 59 32.53 66.08 31.59
N VAL PA 60 31.70 65.34 30.84
CA VAL PA 60 30.26 65.55 30.97
C VAL PA 60 29.71 64.93 32.25
N VAL PA 61 30.30 63.82 32.73
CA VAL PA 61 29.77 63.24 33.95
C VAL PA 61 30.29 64.00 35.17
N PHE PA 62 31.44 64.67 35.06
CA PHE PA 62 31.96 65.38 36.22
C PHE PA 62 31.62 66.85 36.26
N PHE PA 63 31.18 67.45 35.16
CA PHE PA 63 30.57 68.78 35.26
C PHE PA 63 29.05 68.68 35.24
N PHE PA 64 28.49 68.08 34.19
CA PHE PA 64 27.06 67.98 34.05
C PHE PA 64 26.45 66.85 34.85
N GLY PA 65 27.18 66.23 35.77
CA GLY PA 65 26.57 65.25 36.63
C GLY PA 65 26.80 65.55 38.09
N PHE PA 66 27.86 66.28 38.38
CA PHE PA 66 28.34 66.40 39.74
C PHE PA 66 28.49 67.86 40.15
N SER PA 67 28.76 68.73 39.19
CA SER PA 67 29.00 70.12 39.49
C SER PA 67 27.73 70.95 39.35
N ILE PA 68 27.20 71.03 38.13
CA ILE PA 68 26.04 71.86 37.84
C ILE PA 68 24.76 71.24 38.37
N VAL PA 69 24.82 69.97 38.78
CA VAL PA 69 23.64 69.21 39.16
C VAL PA 69 23.55 69.11 40.67
N LEU PA 70 24.57 68.51 41.27
CA LEU PA 70 24.50 68.09 42.65
C LEU PA 70 24.49 69.29 43.60
N VAL PA 71 25.51 70.14 43.51
CA VAL PA 71 25.60 71.21 44.49
C VAL PA 71 24.63 72.35 44.16
N LEU PA 72 24.26 72.54 42.88
CA LEU PA 72 23.22 73.52 42.57
C LEU PA 72 21.86 73.03 43.05
N GLY PA 73 21.60 71.73 42.93
CA GLY PA 73 20.40 71.19 43.51
C GLY PA 73 20.41 71.30 45.02
N SER PA 74 21.58 71.14 45.64
CA SER PA 74 21.69 71.28 47.09
C SER PA 74 21.41 72.71 47.54
N THR PA 75 21.89 73.70 46.80
CA THR PA 75 21.59 75.09 47.15
C THR PA 75 20.16 75.45 46.81
N PHE PA 76 19.58 74.81 45.80
CA PHE PA 76 18.19 75.11 45.48
C PHE PA 76 17.24 74.48 46.49
N VAL PA 77 17.63 73.38 47.14
CA VAL PA 77 16.72 72.73 48.06
C VAL PA 77 17.04 72.98 49.54
N ALA PA 78 18.25 73.42 49.86
CA ALA PA 78 18.57 73.71 51.25
C ALA PA 78 17.88 74.98 51.71
N TYR PA 79 17.66 75.91 50.78
CA TYR PA 79 16.70 76.99 50.95
C TYR PA 79 15.90 77.06 49.67
N LEU PA 80 14.60 77.07 49.81
CA LEU PA 80 13.64 77.10 48.72
C LEU PA 80 12.48 77.84 49.38
N PRO PA 81 11.36 78.17 48.70
CA PRO PA 81 10.27 78.85 49.41
C PRO PA 81 9.62 78.07 50.55
N ASP PA 82 8.70 78.72 51.27
CA ASP PA 82 8.18 78.15 52.51
C ASP PA 82 7.29 76.93 52.23
N TYR PA 83 7.92 75.76 52.25
CA TYR PA 83 7.23 74.53 51.93
C TYR PA 83 6.26 74.22 53.05
N ARG PA 84 5.01 73.93 52.67
CA ARG PA 84 3.87 73.71 53.56
C ARG PA 84 3.62 74.94 54.45
N MET PA 85 3.91 76.12 53.90
CA MET PA 85 3.52 77.44 54.45
C MET PA 85 4.02 77.65 55.88
N GLN PA 86 5.26 77.22 56.13
CA GLN PA 86 5.65 76.88 57.49
C GLN PA 86 5.89 78.11 58.35
N GLU PA 87 6.81 78.98 57.95
CA GLU PA 87 7.11 80.17 58.75
C GLU PA 87 5.95 81.15 58.70
N TRP PA 88 5.18 81.13 57.61
CA TRP PA 88 3.87 81.74 57.57
C TRP PA 88 3.00 81.27 58.72
N ALA PA 89 2.95 79.95 58.93
CA ALA PA 89 2.14 79.40 60.00
C ALA PA 89 2.72 79.73 61.37
N ARG PA 90 4.05 79.85 61.47
CA ARG PA 90 4.69 80.29 62.71
C ARG PA 90 4.20 81.67 63.11
N ARG PA 91 4.32 82.63 62.19
CA ARG PA 91 3.92 84.00 62.48
C ARG PA 91 2.42 84.12 62.70
N GLU PA 92 1.64 83.30 61.98
CA GLU PA 92 0.18 83.38 62.14
C GLU PA 92 -0.26 82.79 63.48
N ALA PA 93 0.36 81.69 63.91
CA ALA PA 93 0.02 81.14 65.22
C ALA PA 93 0.49 82.07 66.34
N GLU PA 94 1.61 82.76 66.15
CA GLU PA 94 2.08 83.73 67.12
C GLU PA 94 1.08 84.88 67.28
N ARG PA 95 0.63 85.43 66.15
CA ARG PA 95 -0.29 86.55 66.23
C ARG PA 95 -1.66 86.13 66.75
N LEU PA 96 -2.08 84.88 66.49
CA LEU PA 96 -3.37 84.45 67.02
C LEU PA 96 -3.30 84.13 68.50
N VAL PA 97 -2.13 83.65 68.97
CA VAL PA 97 -1.95 83.50 70.41
C VAL PA 97 -1.94 84.86 71.08
N LYS PA 98 -1.35 85.86 70.42
CA LYS PA 98 -1.43 87.25 70.91
C LYS PA 98 -2.87 87.73 70.98
N TYR PA 99 -3.66 87.41 69.96
CA TYR PA 99 -5.08 87.75 69.89
C TYR PA 99 -5.84 87.17 71.07
N ARG PA 100 -5.79 85.84 71.23
CA ARG PA 100 -6.54 85.18 72.29
C ARG PA 100 -5.95 85.39 73.68
N GLU PA 101 -4.74 85.94 73.79
CA GLU PA 101 -4.29 86.38 75.11
C GLU PA 101 -4.83 87.77 75.44
N ALA PA 102 -4.67 88.72 74.52
CA ALA PA 102 -5.07 90.09 74.81
C ALA PA 102 -6.58 90.31 74.76
N HIS PA 103 -7.35 89.33 74.29
CA HIS PA 103 -8.80 89.47 74.28
C HIS PA 103 -9.47 88.70 75.41
N GLY PA 104 -8.70 88.00 76.24
CA GLY PA 104 -9.24 87.39 77.43
C GLY PA 104 -9.86 86.01 77.27
N LEU PA 105 -10.40 85.73 76.09
CA LEU PA 105 -11.10 84.47 75.87
C LEU PA 105 -10.10 83.32 75.77
N PRO PA 106 -10.49 82.10 76.18
CA PRO PA 106 -9.52 81.00 76.21
C PRO PA 106 -9.15 80.51 74.82
N LEU PA 107 -7.92 80.03 74.71
CA LEU PA 107 -7.38 79.62 73.42
C LEU PA 107 -7.81 78.21 73.06
N MET PA 108 -8.16 78.01 71.79
CA MET PA 108 -8.54 76.75 71.18
C MET PA 108 -9.76 76.13 71.89
N GLU PA 109 -10.89 76.80 71.69
CA GLU PA 109 -12.16 76.23 72.12
C GLU PA 109 -12.57 75.11 71.16
N SER PA 110 -13.20 74.07 71.72
CA SER PA 110 -13.78 73.01 70.91
C SER PA 110 -15.01 73.51 70.17
N ASN PA 111 -15.66 72.57 69.46
CA ASN PA 111 -16.66 72.85 68.43
C ASN PA 111 -16.10 73.84 67.41
N CYS PA 112 -15.08 73.38 66.68
CA CYS PA 112 -14.41 74.23 65.70
C CYS PA 112 -15.34 74.62 64.56
N PHE PA 113 -16.33 73.79 64.27
CA PHE PA 113 -17.48 74.25 63.50
C PHE PA 113 -18.58 74.65 64.47
N ASP PA 114 -19.43 75.56 64.02
CA ASP PA 114 -20.36 76.34 64.84
C ASP PA 114 -21.37 75.44 65.55
N PRO PA 115 -21.27 75.30 66.88
CA PRO PA 115 -22.23 74.47 67.60
C PRO PA 115 -23.63 75.02 67.62
N SER PA 116 -23.81 76.31 67.35
CA SER PA 116 -25.16 76.80 67.10
C SER PA 116 -25.69 76.31 65.76
N LYS PA 117 -24.79 76.02 64.82
CA LYS PA 117 -25.19 75.48 63.52
C LYS PA 117 -25.00 73.97 63.54
N ILE PA 118 -25.94 73.29 64.18
CA ILE PA 118 -25.94 71.84 64.21
C ILE PA 118 -27.38 71.37 64.43
N GLN PA 119 -27.67 70.16 63.98
CA GLN PA 119 -28.95 69.51 64.20
C GLN PA 119 -28.69 68.06 64.52
N LEU PA 120 -29.15 67.59 65.68
CA LEU PA 120 -28.95 66.22 66.07
C LEU PA 120 -30.24 65.44 65.89
N PRO PA 121 -30.28 64.46 65.00
CA PRO PA 121 -31.46 63.57 64.94
C PRO PA 121 -31.50 62.61 66.12
N GLU PA 122 -32.45 62.83 67.02
CA GLU PA 122 -32.52 62.17 68.31
C GLU PA 122 -33.31 60.87 68.18
N ASP PA 123 -33.74 60.30 69.31
CA ASP PA 123 -34.60 59.12 69.32
C ASP PA 123 -35.98 59.46 68.76
N LYS QA 1 28.79 49.09 -13.46
CA LYS QA 1 29.55 49.25 -12.23
C LYS QA 1 29.10 48.26 -11.19
N PHE QA 2 29.96 47.27 -10.91
CA PHE QA 2 29.94 46.44 -9.71
C PHE QA 2 28.81 45.41 -9.69
N TYR QA 3 27.86 45.48 -10.61
CA TYR QA 3 26.75 44.55 -10.60
C TYR QA 3 26.94 43.43 -11.61
N ILE QA 4 26.02 42.49 -11.56
CA ILE QA 4 25.99 41.34 -12.45
C ILE QA 4 24.59 41.19 -12.98
N GLN QA 5 24.41 41.47 -14.27
CA GLN QA 5 23.38 40.92 -15.17
C GLN QA 5 21.96 41.38 -14.87
N GLU QA 6 21.76 42.04 -13.73
CA GLU QA 6 20.45 42.46 -13.25
C GLU QA 6 20.57 43.61 -12.26
N PRO QA 7 20.06 44.78 -12.58
CA PRO QA 7 19.35 45.55 -11.58
C PRO QA 7 17.88 45.22 -11.62
N PRO QA 8 17.32 44.68 -10.52
CA PRO QA 8 15.86 44.55 -10.48
C PRO QA 8 15.18 45.88 -10.29
N HIS QA 9 15.82 46.77 -9.54
CA HIS QA 9 15.53 48.19 -9.54
C HIS QA 9 16.82 48.91 -9.13
N GLY QA 10 16.73 50.21 -8.93
CA GLY QA 10 17.92 51.02 -8.72
C GLY QA 10 17.87 52.26 -9.58
N SER QA 11 17.33 52.10 -10.79
CA SER QA 11 16.90 53.22 -11.60
C SER QA 11 15.39 53.30 -11.47
N PRO QA 12 14.85 54.22 -10.69
CA PRO QA 12 13.44 54.16 -10.33
C PRO QA 12 12.52 54.54 -11.47
N ASN QA 13 11.33 53.95 -11.46
CA ASN QA 13 10.34 54.16 -12.51
C ASN QA 13 9.84 55.60 -12.51
N TRP QA 14 9.41 56.06 -13.67
CA TRP QA 14 8.92 57.42 -13.81
C TRP QA 14 7.44 57.41 -14.14
N LEU QA 15 6.75 56.42 -13.62
CA LEU QA 15 5.30 56.30 -13.72
C LEU QA 15 4.67 56.38 -12.35
N LYS QA 16 5.10 55.52 -11.43
CA LYS QA 16 4.39 55.31 -10.18
C LYS QA 16 4.58 56.50 -9.25
N VAL QA 17 5.79 57.05 -9.19
CA VAL QA 17 6.07 58.14 -8.27
C VAL QA 17 5.36 59.41 -8.71
N GLY QA 18 5.29 59.64 -10.03
CA GLY QA 18 4.55 60.78 -10.52
C GLY QA 18 3.07 60.64 -10.29
N LEU QA 19 2.54 59.43 -10.47
CA LEU QA 19 1.11 59.21 -10.26
C LEU QA 19 0.73 59.34 -8.79
N THR QA 20 1.57 58.81 -7.89
CA THR QA 20 1.29 58.87 -6.46
C THR QA 20 1.40 60.29 -5.93
N LEU QA 21 2.42 61.04 -6.37
CA LEU QA 21 2.50 62.43 -5.96
C LEU QA 21 1.37 63.26 -6.55
N GLY QA 22 0.93 62.94 -7.76
CA GLY QA 22 -0.17 63.69 -8.37
C GLY QA 22 -1.48 63.48 -7.62
N THR QA 23 -1.81 62.23 -7.31
CA THR QA 23 -3.03 62.00 -6.55
C THR QA 23 -2.90 62.42 -5.10
N SER QA 24 -1.68 62.47 -4.54
CA SER QA 24 -1.56 62.91 -3.17
C SER QA 24 -1.68 64.43 -3.06
N ALA QA 25 -1.13 65.17 -4.03
CA ALA QA 25 -1.36 66.61 -4.09
C ALA QA 25 -2.82 66.91 -4.34
N PHE QA 26 -3.49 66.08 -5.16
CA PHE QA 26 -4.93 66.19 -5.34
C PHE QA 26 -5.68 66.01 -4.03
N LEU QA 27 -5.24 65.05 -3.21
CA LEU QA 27 -5.94 64.80 -1.96
C LEU QA 27 -5.72 65.94 -0.96
N TRP QA 28 -4.52 66.52 -0.95
CA TRP QA 28 -4.30 67.68 -0.09
C TRP QA 28 -5.13 68.88 -0.50
N ILE QA 29 -5.20 69.14 -1.82
CA ILE QA 29 -6.05 70.22 -2.34
C ILE QA 29 -7.50 70.01 -1.94
N TYR QA 30 -7.98 68.77 -2.07
CA TYR QA 30 -9.38 68.51 -1.76
C TYR QA 30 -9.66 68.60 -0.27
N LEU QA 31 -8.71 68.21 0.59
CA LEU QA 31 -8.99 68.29 2.02
C LEU QA 31 -8.95 69.73 2.51
N ILE QA 32 -8.06 70.55 1.95
CA ILE QA 32 -8.06 71.98 2.29
C ILE QA 32 -9.36 72.62 1.84
N LYS QA 33 -9.84 72.23 0.66
CA LYS QA 33 -11.13 72.70 0.17
C LYS QA 33 -12.26 72.26 1.09
N GLN QA 34 -12.19 71.03 1.60
CA GLN QA 34 -13.21 70.49 2.50
C GLN QA 34 -13.26 71.26 3.81
N HIS QA 35 -12.08 71.56 4.37
CA HIS QA 35 -12.06 72.23 5.66
C HIS QA 35 -12.49 73.68 5.54
N ASN QA 36 -12.16 74.33 4.42
CA ASN QA 36 -12.66 75.68 4.18
C ASN QA 36 -14.18 75.69 4.00
N GLU QA 37 -14.70 74.70 3.27
CA GLU QA 37 -16.15 74.56 3.13
C GLU QA 37 -16.82 74.32 4.48
N ASP QA 38 -16.16 73.57 5.36
CA ASP QA 38 -16.77 73.23 6.64
C ASP QA 38 -16.80 74.44 7.57
N VAL QA 39 -15.73 75.25 7.57
CA VAL QA 39 -15.75 76.48 8.38
C VAL QA 39 -16.82 77.42 7.86
N LEU QA 40 -16.93 77.54 6.53
CA LEU QA 40 -17.99 78.35 5.93
C LEU QA 40 -19.37 77.79 6.24
N GLU QA 41 -19.50 76.46 6.32
CA GLU QA 41 -20.79 75.85 6.57
C GLU QA 41 -21.24 76.06 8.00
N TYR QA 42 -20.32 75.95 8.95
CA TYR QA 42 -20.64 76.21 10.35
C TYR QA 42 -21.02 77.66 10.56
N LYS QA 43 -20.21 78.58 10.04
CA LYS QA 43 -20.54 79.99 10.20
C LYS QA 43 -21.67 80.44 9.27
N ARG QA 44 -22.11 79.57 8.37
CA ARG QA 44 -23.31 79.84 7.60
C ARG QA 44 -24.55 79.43 8.38
N ARG QA 45 -24.55 78.21 8.94
CA ARG QA 45 -25.73 77.75 9.67
C ARG QA 45 -25.89 78.47 11.00
N ASN QA 46 -24.80 78.98 11.56
CA ASN QA 46 -24.93 79.84 12.72
C ASN QA 46 -24.50 81.26 12.37
N VAL RA 6 27.96 76.13 12.86
CA VAL RA 6 28.23 75.35 14.06
C VAL RA 6 26.99 74.54 14.47
N VAL RA 7 25.81 75.10 14.29
CA VAL RA 7 24.59 74.36 14.62
C VAL RA 7 24.30 73.35 13.51
N ARG RA 8 24.58 73.71 12.27
CA ARG RA 8 24.48 72.74 11.18
C ARG RA 8 25.64 71.75 11.16
N ASP RA 9 26.70 72.02 11.92
CA ASP RA 9 27.74 71.01 12.13
C ASP RA 9 27.21 69.84 12.92
N HIS RA 10 26.79 70.07 14.16
CA HIS RA 10 26.02 69.10 14.91
C HIS RA 10 24.72 69.76 15.36
N TRP RA 11 23.61 69.26 14.84
CA TRP RA 11 22.29 69.61 15.32
C TRP RA 11 21.77 68.57 16.30
N ILE RA 12 22.71 67.94 17.01
CA ILE RA 12 22.40 66.86 17.91
C ILE RA 12 21.68 67.38 19.15
N HIS RA 13 22.36 68.22 19.92
CA HIS RA 13 21.94 68.57 21.25
C HIS RA 13 20.97 69.73 21.27
N VAL RA 14 20.33 70.01 20.13
CA VAL RA 14 19.39 71.11 20.04
C VAL RA 14 17.95 70.63 20.20
N LEU RA 15 17.72 69.31 20.26
CA LEU RA 15 16.37 68.79 20.13
C LEU RA 15 15.55 69.02 21.40
N VAL RA 16 15.95 68.39 22.50
CA VAL RA 16 15.17 68.45 23.73
C VAL RA 16 15.11 69.78 24.48
N PRO RA 17 16.07 70.73 24.41
CA PRO RA 17 15.74 72.05 24.97
C PRO RA 17 14.64 72.78 24.20
N VAL RA 18 14.64 72.67 22.88
CA VAL RA 18 13.54 73.22 22.08
C VAL RA 18 12.26 72.48 22.40
N GLY RA 19 12.36 71.18 22.66
CA GLY RA 19 11.19 70.43 23.10
C GLY RA 19 10.66 70.91 24.44
N PHE RA 20 11.56 71.27 25.36
CA PHE RA 20 11.12 71.79 26.64
C PHE RA 20 10.44 73.16 26.51
N VAL RA 21 11.01 74.04 25.70
CA VAL RA 21 10.41 75.35 25.52
C VAL RA 21 9.06 75.22 24.78
N PHE RA 22 8.97 74.25 23.88
CA PHE RA 22 7.72 73.95 23.19
C PHE RA 22 6.65 73.46 24.17
N GLY RA 23 7.04 72.57 25.09
CA GLY RA 23 6.10 72.09 26.08
C GLY RA 23 5.68 73.17 27.06
N TYR RA 24 6.59 74.08 27.37
CA TYR RA 24 6.24 75.20 28.23
C TYR RA 24 5.24 76.13 27.55
N TYR RA 25 5.42 76.34 26.23
CA TYR RA 25 4.44 77.11 25.50
C TYR RA 25 3.10 76.40 25.43
N LEU RA 26 3.12 75.08 25.38
CA LEU RA 26 1.88 74.34 25.35
C LEU RA 26 1.19 74.40 26.71
N ASP RA 27 1.96 74.49 27.79
CA ASP RA 27 1.37 74.68 29.10
C ASP RA 27 0.77 76.07 29.26
N ARG RA 28 1.43 77.09 28.69
CA ARG RA 28 0.85 78.42 28.74
C ARG RA 28 -0.41 78.53 27.88
N LYS RA 29 -0.42 77.84 26.74
CA LYS RA 29 -1.63 77.80 25.92
C LYS RA 29 -2.74 77.02 26.62
N ASN RA 30 -2.38 76.01 27.40
CA ASN RA 30 -3.36 75.30 28.22
C ASN RA 30 -3.91 76.20 29.31
N ASP RA 31 -3.06 77.07 29.86
CA ASP RA 31 -3.53 78.07 30.81
C ASP RA 31 -4.52 79.02 30.15
N GLU RA 32 -4.22 79.43 28.92
CA GLU RA 32 -5.14 80.31 28.19
C GLU RA 32 -6.42 79.59 27.81
N LYS RA 33 -6.35 78.27 27.60
CA LYS RA 33 -7.52 77.50 27.20
C LYS RA 33 -8.37 77.16 28.41
N LEU RA 34 -7.79 77.13 29.60
CA LEU RA 34 -8.53 76.89 30.82
C LEU RA 34 -8.74 78.20 31.58
N ALA RA 35 -8.99 79.28 30.84
CA ALA RA 35 -9.07 80.61 31.45
C ALA RA 35 -10.47 80.91 31.98
N ALA RA 36 -11.02 80.02 32.78
CA ALA RA 36 -12.31 80.24 33.43
C ALA RA 36 -12.09 80.66 34.87
N PHE RA 37 -13.01 81.49 35.36
CA PHE RA 37 -13.02 82.04 36.73
C PHE RA 37 -11.74 82.82 37.01
N ARG RA 38 -11.56 83.93 36.28
CA ARG RA 38 -10.32 84.69 36.40
C ARG RA 38 -10.26 85.47 37.71
N ASN RA 39 -11.41 85.88 38.25
CA ASN RA 39 -11.51 86.41 39.60
C ASN RA 39 -12.78 85.93 40.28
N LYS RA 40 -13.24 84.74 39.92
CA LYS RA 40 -14.56 84.26 40.33
C LYS RA 40 -14.46 83.20 41.41
N SER RA 41 -13.57 83.40 42.38
CA SER RA 41 -13.62 82.67 43.63
C SER RA 41 -14.23 83.55 44.71
N LEU RA 42 -14.38 82.99 45.90
CA LEU RA 42 -14.78 83.79 47.06
C LEU RA 42 -13.61 84.24 47.89
N LEU RA 43 -12.58 83.42 48.00
CA LEU RA 43 -11.45 83.77 48.82
C LEU RA 43 -10.41 84.56 48.06
N TYR RA 44 -10.24 84.26 46.78
CA TYR RA 44 -9.37 85.04 45.90
C TYR RA 44 -10.26 85.85 44.99
N LYS RA 45 -10.65 87.03 45.48
CA LYS RA 45 -11.56 87.90 44.75
C LYS RA 45 -11.25 89.33 45.15
N ARG RA 46 -10.70 90.09 44.21
CA ARG RA 46 -10.28 91.46 44.46
C ARG RA 46 -10.60 92.30 43.24
N GLU RA 47 -10.25 93.58 43.29
CA GLU RA 47 -10.53 94.49 42.20
C GLU RA 47 -9.40 94.44 41.18
N LEU RA 48 -9.78 94.36 39.91
CA LEU RA 48 -8.81 94.51 38.82
C LEU RA 48 -8.37 95.96 38.80
N LYS RA 49 -7.18 96.22 39.35
CA LYS RA 49 -6.71 97.58 39.56
C LYS RA 49 -5.20 97.55 39.80
N PRO RA 50 -4.47 98.64 39.51
CA PRO RA 50 -4.86 99.81 38.72
C PRO RA 50 -4.03 99.96 37.46
N ASN RA 51 -3.18 98.99 37.13
CA ASN RA 51 -2.24 99.20 36.04
C ASN RA 51 -2.90 98.96 34.69
N GLU RA 52 -3.20 97.69 34.37
CA GLU RA 52 -3.80 97.33 33.08
C GLU RA 52 -4.53 95.99 33.25
N GLU RA 53 -5.85 96.06 33.38
CA GLU RA 53 -6.82 95.11 32.82
C GLU RA 53 -6.50 93.62 32.84
N VAL RA 54 -5.88 93.12 33.91
CA VAL RA 54 -5.56 91.70 34.04
C VAL RA 54 -5.37 91.43 35.52
N THR RA 55 -5.44 90.15 35.91
CA THR RA 55 -5.13 89.78 37.28
C THR RA 55 -4.04 88.70 37.36
N TRP RA 56 -3.97 87.84 36.35
CA TRP RA 56 -2.90 86.86 36.20
C TRP RA 56 -2.91 86.35 34.77
N LYS RA 57 -1.75 85.89 34.32
CA LYS RA 57 -1.60 85.34 32.98
C LYS RA 57 -1.14 83.89 33.05
N MET SA 1 -43.86 -9.21 -51.68
CA MET SA 1 -44.23 -7.93 -51.11
C MET SA 1 -44.89 -8.09 -49.76
N TRP SA 2 -45.61 -7.07 -49.33
CA TRP SA 2 -46.22 -7.01 -48.01
C TRP SA 2 -47.53 -7.74 -47.92
N PHE SA 3 -47.90 -8.56 -48.91
CA PHE SA 3 -49.23 -9.15 -48.96
C PHE SA 3 -49.47 -10.13 -47.81
N GLU SA 4 -48.42 -10.67 -47.22
CA GLU SA 4 -48.56 -11.69 -46.19
C GLU SA 4 -48.38 -11.15 -44.78
N VAL SA 5 -48.26 -9.84 -44.62
CA VAL SA 5 -48.11 -9.27 -43.28
C VAL SA 5 -49.34 -8.47 -42.85
N LEU SA 6 -50.17 -8.04 -43.78
CA LEU SA 6 -51.35 -7.23 -43.45
C LEU SA 6 -52.38 -7.83 -42.50
N PRO SA 7 -52.60 -9.16 -42.42
CA PRO SA 7 -53.45 -9.64 -41.32
C PRO SA 7 -52.90 -9.37 -39.94
N GLY SA 8 -51.58 -9.47 -39.77
CA GLY SA 8 -50.99 -9.12 -38.49
C GLY SA 8 -51.16 -7.65 -38.16
N ILE SA 9 -51.00 -6.78 -39.16
CA ILE SA 9 -51.15 -5.36 -38.95
C ILE SA 9 -52.59 -5.01 -38.65
N ALA SA 10 -53.53 -5.68 -39.33
CA ALA SA 10 -54.95 -5.40 -39.12
C ALA SA 10 -55.42 -5.86 -37.74
N VAL SA 11 -54.99 -7.06 -37.32
CA VAL SA 11 -55.38 -7.55 -36.01
C VAL SA 11 -54.76 -6.70 -34.91
N MET SA 12 -53.49 -6.36 -35.04
CA MET SA 12 -52.86 -5.52 -34.03
C MET SA 12 -53.41 -4.09 -34.05
N GLY SA 13 -53.90 -3.64 -35.20
CA GLY SA 13 -54.52 -2.33 -35.26
C GLY SA 13 -55.86 -2.29 -34.58
N VAL SA 14 -56.63 -3.38 -34.71
CA VAL SA 14 -57.86 -3.51 -33.92
C VAL SA 14 -57.51 -3.62 -32.44
N CYS SA 15 -56.37 -4.23 -32.12
CA CYS SA 15 -55.88 -4.23 -30.75
C CYS SA 15 -55.48 -2.84 -30.26
N LEU SA 16 -55.18 -1.92 -31.18
CA LEU SA 16 -55.12 -0.50 -30.79
C LEU SA 16 -56.35 0.30 -31.17
N PHE SA 17 -57.28 -0.29 -31.93
CA PHE SA 17 -58.52 0.44 -32.19
C PHE SA 17 -59.49 0.33 -31.03
N ILE SA 18 -59.42 -0.78 -30.28
CA ILE SA 18 -60.36 -1.01 -29.20
C ILE SA 18 -60.31 -0.01 -28.04
N PRO SA 19 -59.15 0.41 -27.48
CA PRO SA 19 -59.23 0.99 -26.13
C PRO SA 19 -59.83 2.38 -26.07
N GLY SA 20 -59.54 3.25 -27.04
CA GLY SA 20 -60.18 4.55 -27.07
C GLY SA 20 -61.66 4.45 -27.42
N MET SA 21 -62.00 3.51 -28.29
CA MET SA 21 -63.40 3.31 -28.68
C MET SA 21 -64.24 2.86 -27.50
N ALA SA 22 -63.77 1.85 -26.79
CA ALA SA 22 -64.45 1.39 -25.60
C ALA SA 22 -64.43 2.44 -24.50
N THR SA 23 -63.36 3.25 -24.44
CA THR SA 23 -63.27 4.33 -23.45
C THR SA 23 -64.37 5.36 -23.66
N ALA SA 24 -64.49 5.87 -24.88
CA ALA SA 24 -65.50 6.90 -25.14
C ALA SA 24 -66.90 6.32 -25.12
N ARG SA 25 -67.06 5.05 -25.50
CA ARG SA 25 -68.38 4.44 -25.42
C ARG SA 25 -68.80 4.26 -23.97
N ILE SA 26 -67.86 3.92 -23.09
CA ILE SA 26 -68.15 3.83 -21.66
C ILE SA 26 -68.46 5.20 -21.07
N HIS SA 27 -67.71 6.23 -21.47
CA HIS SA 27 -67.97 7.56 -20.93
C HIS SA 27 -69.30 8.13 -21.39
N ARG SA 28 -69.76 7.77 -22.60
CA ARG SA 28 -71.10 8.17 -22.98
C ARG SA 28 -72.15 7.33 -22.27
N PHE SA 29 -71.84 6.07 -21.98
CA PHE SA 29 -72.75 5.22 -21.21
C PHE SA 29 -72.82 5.63 -19.74
N SER SA 30 -71.79 6.31 -19.24
CA SER SA 30 -71.62 6.52 -17.82
C SER SA 30 -72.28 7.79 -17.31
N ASN SA 31 -72.94 8.56 -18.18
CA ASN SA 31 -73.64 9.74 -17.73
C ASN SA 31 -74.97 9.91 -18.45
N GLY SA 32 -75.59 8.79 -18.82
CA GLY SA 32 -76.92 8.84 -19.39
C GLY SA 32 -76.97 9.39 -20.79
N GLY SA 33 -75.91 9.19 -21.57
CA GLY SA 33 -75.86 9.72 -22.92
C GLY SA 33 -75.17 11.06 -23.04
N ARG SA 34 -74.75 11.66 -21.94
CA ARG SA 34 -74.00 12.90 -21.99
C ARG SA 34 -72.53 12.60 -21.77
N GLU SA 35 -71.70 13.53 -22.21
CA GLU SA 35 -70.26 13.36 -22.10
C GLU SA 35 -69.84 13.56 -20.64
N LYS SA 36 -68.75 12.89 -20.26
CA LYS SA 36 -68.15 13.11 -18.96
C LYS SA 36 -67.68 14.54 -18.81
N ARG SA 37 -68.32 15.27 -17.90
CA ARG SA 37 -67.95 16.64 -17.60
C ARG SA 37 -66.59 16.65 -16.93
N VAL SA 38 -65.60 17.21 -17.61
CA VAL SA 38 -64.27 17.38 -17.02
C VAL SA 38 -64.32 18.58 -16.09
N ALA SA 39 -63.28 18.75 -15.27
CA ALA SA 39 -63.20 19.90 -14.39
C ALA SA 39 -61.73 20.26 -14.20
N HIS SA 40 -61.30 21.34 -14.86
CA HIS SA 40 -59.91 21.73 -14.75
C HIS SA 40 -59.66 22.50 -13.47
N TYR SA 41 -60.42 23.55 -13.23
CA TYR SA 41 -60.09 24.54 -12.23
C TYR SA 41 -61.15 24.60 -11.14
N SER SA 42 -60.92 25.46 -10.16
CA SER SA 42 -61.81 25.53 -9.00
C SER SA 42 -63.16 26.10 -9.37
N TYR SA 43 -63.20 27.02 -10.31
CA TYR SA 43 -64.44 27.66 -10.71
C TYR SA 43 -65.38 26.67 -11.39
N GLN SA 44 -64.85 25.92 -12.36
CA GLN SA 44 -65.63 24.89 -13.02
C GLN SA 44 -65.96 23.76 -12.07
N TRP SA 45 -65.13 23.53 -11.06
CA TRP SA 45 -65.47 22.54 -10.05
C TRP SA 45 -66.67 22.98 -9.23
N TYR SA 46 -66.72 24.25 -8.84
CA TYR SA 46 -67.88 24.68 -8.06
C TYR SA 46 -69.12 24.73 -8.91
N LEU SA 47 -68.95 25.01 -10.19
CA LEU SA 47 -70.08 24.97 -11.12
C LEU SA 47 -70.63 23.55 -11.26
N MET SA 48 -69.75 22.56 -11.39
CA MET SA 48 -70.19 21.17 -11.42
C MET SA 48 -70.73 20.72 -10.07
N GLU SA 49 -70.26 21.32 -8.99
CA GLU SA 49 -70.75 20.93 -7.68
C GLU SA 49 -72.14 21.49 -7.41
N ARG SA 50 -72.42 22.69 -7.87
CA ARG SA 50 -73.81 23.11 -7.76
C ARG SA 50 -74.68 22.37 -8.76
N ASP SA 51 -74.10 21.87 -9.85
CA ASP SA 51 -74.84 21.00 -10.76
C ASP SA 51 -75.28 19.72 -10.07
N ARG SA 52 -74.36 19.02 -9.41
CA ARG SA 52 -74.75 17.83 -8.65
C ARG SA 52 -75.55 18.18 -7.41
N ARG SA 53 -75.56 19.45 -6.99
CA ARG SA 53 -76.44 19.84 -5.91
C ARG SA 53 -77.89 19.98 -6.36
N VAL SA 54 -78.14 20.62 -7.50
CA VAL SA 54 -79.50 20.99 -7.87
C VAL SA 54 -80.17 19.96 -8.78
N SER SA 55 -79.69 18.72 -8.76
CA SER SA 55 -80.43 17.67 -9.46
C SER SA 55 -81.25 16.78 -8.52
N GLY SA 56 -81.01 16.86 -7.22
CA GLY SA 56 -81.74 16.08 -6.22
C GLY SA 56 -81.20 14.68 -5.96
N VAL SA 57 -80.81 13.99 -7.03
CA VAL SA 57 -80.24 12.64 -6.94
C VAL SA 57 -78.82 12.66 -6.41
N ASN SA 58 -78.20 13.85 -6.37
CA ASN SA 58 -76.76 14.04 -6.27
C ASN SA 58 -76.05 13.25 -7.36
N ARG SA 59 -76.59 13.36 -8.57
CA ARG SA 59 -75.91 12.95 -9.79
C ARG SA 59 -76.09 14.07 -10.79
N TYR SA 60 -74.98 14.67 -11.20
CA TYR SA 60 -75.00 15.96 -11.89
C TYR SA 60 -75.56 15.86 -13.29
N TYR SA 61 -75.46 14.71 -13.94
CA TYR SA 61 -75.66 14.62 -15.38
C TYR SA 61 -77.11 14.75 -15.82
N VAL SA 62 -78.07 14.88 -14.91
CA VAL SA 62 -79.46 15.12 -15.31
C VAL SA 62 -79.62 16.56 -15.77
N SER SA 63 -79.23 17.50 -14.91
CA SER SA 63 -78.99 18.91 -15.21
C SER SA 63 -80.25 19.69 -15.62
N LYS SA 64 -81.44 19.17 -15.28
CA LYS SA 64 -82.66 19.89 -14.88
C LYS SA 64 -82.87 21.25 -15.55
N GLY SA 65 -82.95 21.25 -16.88
CA GLY SA 65 -82.98 22.51 -17.61
C GLY SA 65 -84.38 23.06 -17.81
N LEU SA 66 -84.55 24.33 -17.45
CA LEU SA 66 -85.70 25.19 -17.74
C LEU SA 66 -86.98 24.70 -17.07
N GLU SA 67 -86.90 23.74 -16.15
CA GLU SA 67 -88.06 23.19 -15.47
C GLU SA 67 -88.39 23.91 -14.18
N ASN SA 68 -87.38 24.24 -13.39
CA ASN SA 68 -87.56 25.00 -12.17
C ASN SA 68 -87.31 26.48 -12.40
N ILE SA 69 -87.66 26.97 -13.59
CA ILE SA 69 -87.75 28.41 -13.80
C ILE SA 69 -88.73 29.01 -12.81
N ASP SA 70 -89.93 28.43 -12.73
CA ASP SA 70 -90.90 28.77 -11.71
C ASP SA 70 -90.53 28.00 -10.44
FE1 SF4 TA . 12.19 -67.89 -76.16
FE2 SF4 TA . 14.66 -68.70 -76.82
FE3 SF4 TA . 14.07 -67.84 -74.31
FE4 SF4 TA . 13.13 -70.22 -75.18
S1 SF4 TA . 15.34 -69.67 -74.85
S2 SF4 TA . 11.95 -68.65 -74.01
S3 SF4 TA . 12.70 -69.77 -77.39
S4 SF4 TA . 14.06 -66.57 -76.22
N1 FMN UA . 22.30 -74.73 -87.39
C2 FMN UA . 21.96 -75.42 -88.49
O2 FMN UA . 22.78 -76.08 -89.12
N3 FMN UA . 20.66 -75.40 -88.92
C4 FMN UA . 19.62 -74.71 -88.34
O4 FMN UA . 18.49 -74.79 -88.81
C4A FMN UA . 20.00 -73.96 -87.18
N5 FMN UA . 19.10 -73.25 -86.59
C5A FMN UA . 19.48 -72.50 -85.49
C6 FMN UA . 18.55 -71.66 -84.89
C7 FMN UA . 18.91 -70.83 -83.84
C7M FMN UA . 17.90 -69.86 -83.30
C8 FMN UA . 20.21 -70.88 -83.33
C8M FMN UA . 20.61 -70.04 -82.15
C9 FMN UA . 21.15 -71.71 -83.93
C9A FMN UA . 20.80 -72.51 -85.01
N10 FMN UA . 21.73 -73.32 -85.66
C10 FMN UA . 21.37 -74.04 -86.77
C1' FMN UA . 23.03 -73.54 -85.00
C2' FMN UA . 24.17 -72.71 -85.56
O2' FMN UA . 24.14 -72.74 -86.99
C3' FMN UA . 25.50 -73.29 -85.09
O3' FMN UA . 25.67 -72.94 -83.71
C4' FMN UA . 26.70 -72.79 -85.89
O4' FMN UA . 26.39 -72.86 -87.27
C5' FMN UA . 27.94 -73.59 -85.61
O5' FMN UA . 29.12 -72.79 -85.85
P FMN UA . 29.56 -72.26 -87.28
O1P FMN UA . 29.15 -70.84 -87.40
O2P FMN UA . 31.06 -72.47 -87.36
O3P FMN UA . 28.89 -73.15 -88.31
FE1 FES VA . 6.59 -76.71 -95.97
FE2 FES VA . 9.44 -75.99 -95.45
S1 FES VA . 8.49 -77.52 -96.67
S2 FES VA . 7.55 -74.95 -95.08
FE1 SF4 WA . 0.07 -59.64 -58.10
FE2 SF4 WA . -2.38 -58.81 -58.80
FE3 SF4 WA . -1.41 -61.08 -59.87
FE4 SF4 WA . -2.10 -61.00 -57.28
S1 SF4 WA . -3.52 -60.77 -59.06
S2 SF4 WA . -0.18 -61.92 -58.12
S3 SF4 WA . -1.55 -58.86 -56.67
S4 SF4 WA . -0.57 -58.99 -60.21
FE1 SF4 XA . 6.57 -69.39 -60.05
FE2 SF4 XA . 4.25 -70.30 -61.12
FE3 SF4 XA . 5.67 -71.91 -59.57
FE4 SF4 XA . 4.41 -69.74 -58.50
S1 SF4 XA . 3.42 -71.59 -59.42
S2 SF4 XA . 6.52 -70.46 -58.02
S3 SF4 XA . 4.61 -68.22 -60.21
S4 SF4 XA . 6.37 -71.06 -61.59
FE1 FES YA . 15.69 -64.20 -62.70
FE2 FES YA . 18.36 -63.28 -63.59
S1 FES YA . 16.63 -64.06 -64.66
S2 FES YA . 17.28 -63.08 -61.71
P 3PE ZA . 8.80 24.16 31.93
N 3PE ZA . 10.38 23.93 27.47
O11 3PE ZA . 8.30 25.54 32.54
O12 3PE ZA . 10.11 23.86 32.57
O13 3PE ZA . 9.10 24.50 30.40
O14 3PE ZA . 7.72 23.15 32.01
C11 3PE ZA . 8.80 23.59 29.33
C12 3PE ZA . 9.09 24.34 28.06
C1 3PE ZA . 7.10 26.17 32.03
C2 3PE ZA . 6.07 26.23 33.14
C3 3PE ZA . 6.58 26.98 34.33
O31 3PE ZA . 5.42 27.47 35.02
O32 3PE ZA . 6.21 29.56 34.88
C31 3PE ZA . 5.33 28.79 35.19
C32 3PE ZA . 4.03 29.19 35.79
C33 3PE ZA . 3.40 30.39 35.08
C34 3PE ZA . 2.15 30.87 35.77
C35 3PE ZA . 2.40 31.30 37.19
C36 3PE ZA . 1.14 31.62 37.95
C37 3PE ZA . 0.22 32.55 37.21
C38 3PE ZA . -0.27 33.68 38.07
C39 3PE ZA . -1.06 33.23 39.27
C3A 3PE ZA . -1.30 34.34 40.28
C3B 3PE ZA . -2.11 33.93 41.49
C3C 3PE ZA . -2.31 35.05 42.51
C3D 3PE ZA . -2.94 34.60 43.81
O21 3PE ZA . 4.93 27.00 32.64
O22 3PE ZA . 3.61 25.18 32.74
C21 3PE ZA . 3.76 26.36 32.54
C22 3PE ZA . 2.65 27.31 32.17
C23 3PE ZA . 1.28 26.69 32.36
C24 3PE ZA . 0.14 27.67 32.13
C25 3PE ZA . 0.00 28.74 33.19
C26 3PE ZA . -0.99 29.83 32.80
C27 3PE ZA . -1.13 30.98 33.79
C28 3PE ZA . -2.18 30.77 34.87
C29 3PE ZA . -3.61 30.89 34.40
C2A 3PE ZA . -4.62 30.19 35.30
C2B 3PE ZA . -5.96 29.89 34.63
C2C 3PE ZA . -6.85 28.96 35.42
FE1 SF4 AB . -16.54 -31.37 -37.34
FE2 SF4 AB . -17.43 -31.65 -39.85
FE3 SF4 AB . -18.91 -30.17 -38.11
FE4 SF4 AB . -16.64 -29.22 -39.00
S1 SF4 AB . -18.47 -29.66 -40.30
S2 SF4 AB . -17.28 -29.26 -36.78
S3 SF4 AB . -15.30 -31.08 -39.23
S4 SF4 AB . -18.48 -32.42 -37.95
FE1 SF4 BB . -14.57 -41.46 -45.99
FE2 SF4 BB . -16.81 -42.19 -44.73
FE3 SF4 BB . -16.06 -43.65 -46.84
FE4 SF4 BB . -14.57 -43.69 -44.56
S1 SF4 BB . -16.71 -44.48 -44.80
S2 SF4 BB . -13.78 -43.48 -46.71
S3 SF4 BB . -14.85 -41.58 -43.73
S4 SF4 BB . -16.67 -41.46 -46.91
FE1 SF4 CB . -15.64 -52.19 -52.39
FE2 SF4 CB . -14.66 -52.19 -49.81
FE3 SF4 CB . -15.89 -54.33 -50.80
FE4 SF4 CB . -13.46 -53.62 -51.79
S1 SF4 CB . -13.89 -54.33 -49.66
S2 SF4 CB . -15.26 -54.36 -53.00
S3 SF4 CB . -13.64 -51.33 -51.67
S4 SF4 CB . -16.85 -52.28 -50.45
ZN ZN DB . -16.89 -61.63 -64.11
PA NDP EB . -37.95 -44.22 -5.76
O1A NDP EB . -37.35 -43.21 -6.64
O2A NDP EB . -37.24 -45.52 -5.97
O5B NDP EB . -39.52 -44.37 -6.04
C5B NDP EB . -40.10 -45.62 -6.49
C4B NDP EB . -39.87 -45.74 -7.98
O4B NDP EB . -40.82 -46.68 -8.54
C3B NDP EB . -40.07 -44.44 -8.76
O3B NDP EB . -39.21 -44.38 -9.90
C2B NDP EB . -41.52 -44.52 -9.20
O2B NDP EB . -41.72 -43.92 -10.50
C1B NDP EB . -41.83 -46.01 -9.25
N9A NDP EB . -43.10 -46.34 -8.63
C8A NDP EB . -43.54 -45.98 -7.38
N7A NDP EB . -44.77 -46.34 -7.11
C5A NDP EB . -45.17 -47.00 -8.26
C6A NDP EB . -46.39 -47.59 -8.62
N6A NDP EB . -47.48 -47.59 -7.86
N1A NDP EB . -46.46 -48.16 -9.86
C2A NDP EB . -45.39 -48.11 -10.65
N3A NDP EB . -44.20 -47.57 -10.41
C4A NDP EB . -44.15 -47.02 -9.19
O3 NDP EB . -37.79 -43.80 -4.24
PN NDP EB . -37.02 -42.66 -3.45
O1N NDP EB . -36.39 -41.72 -4.38
O2N NDP EB . -38.00 -41.96 -2.52
O5D NDP EB . -35.97 -43.41 -2.58
C5D NDP EB . -34.97 -44.20 -3.24
C4D NDP EB . -35.00 -45.59 -2.67
O4D NDP EB . -34.70 -45.54 -1.25
C3D NDP EB . -36.33 -46.35 -2.81
O3D NDP EB . -36.12 -47.67 -3.29
C2D NDP EB . -36.88 -46.35 -1.38
O2D NDP EB . -37.67 -47.50 -1.08
C1D NDP EB . -35.61 -46.37 -0.56
N1N NDP EB . -35.77 -45.86 0.78
C2N NDP EB . -35.01 -46.37 1.81
C3N NDP EB . -35.12 -45.93 3.08
C7N NDP EB . -34.23 -46.51 4.05
O7N NDP EB . -34.02 -47.72 4.04
N7N NDP EB . -33.67 -45.69 4.93
C4N NDP EB . -36.08 -44.86 3.43
C5N NDP EB . -36.81 -44.35 2.25
C6N NDP EB . -36.63 -44.85 1.04
P2B NDP EB . -41.57 -42.35 -10.91
O1X NDP EB . -40.80 -41.51 -9.94
O2X NDP EB . -40.89 -42.36 -12.25
O3X NDP EB . -42.98 -41.83 -11.11
O7 ZMP FB . 15.49 -31.23 1.64
P1 ZMP FB . 14.95 -32.22 2.78
O6 ZMP FB . 15.83 -33.41 2.82
O5 ZMP FB . 13.55 -32.67 2.14
C21 ZMP FB . 12.98 -31.92 1.07
C18 ZMP FB . 13.02 -32.72 -0.22
C19 ZMP FB . 12.57 -34.15 0.08
C20 ZMP FB . 12.06 -32.06 -1.20
C17 ZMP FB . 14.46 -32.68 -0.75
O4 ZMP FB . 14.86 -31.31 -0.87
C16 ZMP FB . 14.66 -33.39 -2.10
O3 ZMP FB . 14.87 -34.60 -2.17
N2 ZMP FB . 14.70 -32.61 -3.18
C15 ZMP FB . 14.92 -33.16 -4.51
C14 ZMP FB . 13.67 -32.94 -5.36
C13 ZMP FB . 12.54 -33.79 -4.78
O2 ZMP FB . 12.81 -34.82 -4.17
N1 ZMP FB . 11.29 -33.37 -5.00
C12 ZMP FB . 10.94 -32.15 -5.73
C11 ZMP FB . 9.42 -31.97 -5.76
S1 ZMP FB . 8.94 -30.53 -6.79
C10 ZMP FB . 7.35 -31.00 -7.28
O1 ZMP FB . 6.62 -31.74 -6.61
C9 ZMP FB . 6.89 -30.44 -8.63
C8 ZMP FB . 5.39 -30.61 -8.77
C7 ZMP FB . 4.64 -29.51 -8.03
C6 ZMP FB . 3.13 -29.69 -8.23
C5 ZMP FB . 2.36 -28.58 -7.53
C4 ZMP FB . 1.10 -29.19 -6.93
C3 ZMP FB . 0.22 -28.11 -6.33
C2 ZMP FB . -0.90 -28.80 -5.55
C1 ZMP FB . -2.06 -27.84 -5.28
C22 ZMP FB . -3.35 -28.66 -5.11
C23 ZMP FB . -4.56 -27.88 -4.61
P 3PE GB . 31.73 32.26 68.64
N 3PE GB . 34.59 31.89 70.70
O11 3PE GB . 30.84 33.31 67.83
O12 3PE GB . 31.12 30.92 68.42
O13 3PE GB . 33.14 32.25 67.88
O14 3PE GB . 31.92 32.75 70.02
C11 3PE GB . 34.34 32.83 68.44
C12 3PE GB . 34.98 31.76 69.28
C1 3PE GB . 30.33 32.96 66.53
C2 3PE GB . 29.27 33.96 66.13
C3 3PE GB . 28.83 33.76 64.72
O31 3PE GB . 27.41 33.46 64.71
O32 3PE GB . 27.01 35.40 63.67
C31 3PE GB . 26.61 34.39 64.20
C32 3PE GB . 25.17 34.04 64.38
C33 3PE GB . 24.25 34.94 63.57
C34 3PE GB . 22.78 34.71 63.88
C35 3PE GB . 22.39 35.05 65.30
C36 3PE GB . 20.89 35.04 65.53
C37 3PE GB . 20.45 35.63 66.87
C38 3PE GB . 18.96 35.81 67.00
C39 3PE GB . 18.51 36.40 68.33
C3A 3PE GB . 17.01 36.39 68.52
C3B 3PE GB . 16.57 36.88 69.89
O21 3PE GB . 28.14 33.68 67.01
O22 3PE GB . 27.63 35.84 67.18
C21 3PE GB . 27.43 34.70 67.47
C22 3PE GB . 26.33 34.24 68.39
C23 3PE GB . 25.15 35.19 68.43
C24 3PE GB . 25.16 36.08 69.66
C25 3PE GB . 24.33 35.55 70.82
C26 3PE GB . 22.87 35.36 70.47
C27 3PE GB . 21.94 35.39 71.67
C28 3PE GB . 21.94 36.73 72.40
C29 3PE GB . 20.87 36.82 73.46
C2A 3PE GB . 20.99 35.77 74.53
C2B 3PE GB . 19.86 35.81 75.54
C2C 3PE GB . 19.64 37.19 76.14
O12 PC1 HB . -21.40 44.20 42.38
P PC1 HB . -22.40 43.30 43.00
O14 PC1 HB . -23.56 42.88 42.21
O13 PC1 HB . -22.93 44.06 44.30
C11 PC1 HB . -23.92 45.11 44.17
C12 PC1 HB . -24.86 44.90 45.33
N PC1 HB . -26.17 45.66 45.26
C13 PC1 HB . -27.03 45.28 46.43
C14 PC1 HB . -25.91 47.12 45.30
C15 PC1 HB . -26.90 45.32 43.99
O11 PC1 HB . -21.60 42.02 43.51
C1 PC1 HB . -20.93 41.17 42.55
C2 PC1 HB . -19.44 41.28 42.69
O21 PC1 HB . -18.89 39.96 43.01
C21 PC1 HB . -17.70 39.64 42.48
O22 PC1 HB . -17.12 40.35 41.71
C22 PC1 HB . -17.21 38.31 42.95
C23 PC1 HB . -15.70 38.17 42.86
C3 PC1 HB . -19.03 42.25 43.77
O31 PC1 HB . -17.63 42.55 43.67
C31 PC1 HB . -17.28 43.64 42.97
O32 PC1 HB . -18.05 44.27 42.31
C32 PC1 HB . -15.83 43.97 43.15
C33 PC1 HB . -15.05 44.00 41.84
C34 PC1 HB . -14.69 42.61 41.33
C35 PC1 HB . -13.77 41.82 42.24
C36 PC1 HB . -13.19 40.58 41.58
C37 PC1 HB . -12.27 39.77 42.48
O7 ZMP IB . 63.78 6.27 68.34
P1 ZMP IB . 62.83 7.23 69.18
O6 ZMP IB . 63.38 7.45 70.54
O5 ZMP IB . 61.44 6.41 69.25
C21 ZMP IB . 60.68 6.32 70.45
C18 ZMP IB . 60.43 4.85 70.75
C19 ZMP IB . 59.75 4.21 69.55
C20 ZMP IB . 61.79 4.20 70.99
C17 ZMP IB . 59.52 4.71 71.99
O4 ZMP IB . 60.19 5.26 73.12
C16 ZMP IB . 59.09 3.26 72.29
O3 ZMP IB . 59.84 2.46 72.86
N2 ZMP IB . 57.82 2.96 71.98
C15 ZMP IB . 57.26 1.62 72.23
C14 ZMP IB . 55.82 1.76 72.71
C13 ZMP IB . 55.75 1.54 74.22
O2 ZMP IB . 56.49 0.72 74.75
N1 ZMP IB . 54.85 2.27 74.90
C12 ZMP IB . 53.94 3.24 74.26
C11 ZMP IB . 52.87 3.67 75.25
S1 ZMP IB . 53.45 4.96 76.40
C10 ZMP IB . 52.19 4.87 77.57
O1 ZMP IB . 51.35 3.97 77.60
C9 ZMP IB . 52.17 6.03 78.57
C8 ZMP IB . 52.01 5.58 80.03
C7 ZMP IB . 51.11 6.57 80.78
C6 ZMP IB . 51.54 8.03 80.57
C5 ZMP IB . 50.30 8.92 80.41
C4 ZMP IB . 50.49 10.27 81.10
C3 ZMP IB . 49.14 11.01 81.12
C2 ZMP IB . 49.23 12.27 81.99
#